data_7TJM
#
_entry.id   7TJM
#
_cell.length_a   286.627
_cell.length_b   286.627
_cell.length_c   662.678
_cell.angle_alpha   90.000
_cell.angle_beta   90.000
_cell.angle_gamma   120.000
#
_symmetry.space_group_name_H-M   'H 3'
#
_entity_poly.entity_id   1
_entity_poly.type   'polypeptide(L)'
_entity_poly.pdbx_seq_one_letter_code
;AKLETVTLGNIGKDGKQTLVLNPRGVNPTNGVASLSQAGAVPALEKRVTVSVSQPSRNRKNYKVQVKIQNPTACTANGSC
DPSVTRQAYADVTFSFTQYSTDEERAFVRTELAALLASPLLIDAIDQLNPAY
;
_entity_poly.pdbx_strand_id   A,a,B,b,C,c,D,d,E,e,1,U,F,f,G,g,H,h,I,i,J,j,5,Y,K,k,L,l,M,m,N,n,O,o,9,v,P,p,Q,q,R,r,S,s,T,t,w,x,2,V,3,W,4,X,6,Z,7,u,8,0
#
# COMPACT_ATOMS: atom_id res chain seq x y z
N ALA A 1 -79.71 -16.32 1.09
CA ALA A 1 -79.60 -16.47 2.53
C ALA A 1 -79.15 -15.17 3.17
N LYS A 2 -80.11 -14.36 3.63
CA LYS A 2 -79.77 -13.13 4.32
C LYS A 2 -79.25 -13.46 5.72
N LEU A 3 -78.30 -12.66 6.19
CA LEU A 3 -77.70 -12.86 7.51
C LEU A 3 -78.62 -12.23 8.55
N GLU A 4 -79.63 -12.99 8.99
CA GLU A 4 -80.58 -12.48 9.96
C GLU A 4 -80.16 -12.87 11.38
N THR A 5 -80.93 -12.43 12.35
CA THR A 5 -80.78 -12.85 13.74
C THR A 5 -81.57 -14.15 13.92
N VAL A 6 -80.86 -15.26 14.03
CA VAL A 6 -81.51 -16.57 14.11
C VAL A 6 -81.79 -16.90 15.57
N THR A 7 -82.95 -17.51 15.81
CA THR A 7 -83.39 -17.87 17.15
C THR A 7 -83.94 -19.30 17.10
N LEU A 8 -83.21 -20.24 17.68
CA LEU A 8 -83.66 -21.62 17.73
C LEU A 8 -84.45 -21.83 19.02
N GLY A 9 -85.70 -22.28 18.90
CA GLY A 9 -86.55 -22.53 20.03
C GLY A 9 -86.83 -24.02 20.24
N ASN A 10 -87.37 -24.31 21.41
CA ASN A 10 -87.70 -25.68 21.84
C ASN A 10 -86.48 -26.58 21.62
N ILE A 11 -85.41 -26.24 22.35
CA ILE A 11 -84.08 -26.78 22.13
C ILE A 11 -83.52 -27.30 23.45
N GLY A 12 -82.53 -28.18 23.34
CA GLY A 12 -81.84 -28.65 24.52
C GLY A 12 -82.27 -30.06 24.92
N LYS A 13 -81.59 -30.58 25.93
CA LYS A 13 -81.92 -31.89 26.47
C LYS A 13 -83.39 -31.90 26.90
N ASP A 14 -83.81 -30.87 27.63
CA ASP A 14 -85.21 -30.78 28.05
C ASP A 14 -86.12 -30.64 26.85
N GLY A 15 -85.69 -29.87 25.85
CA GLY A 15 -86.51 -29.54 24.70
C GLY A 15 -87.37 -28.32 24.91
N LYS A 16 -87.25 -27.66 26.06
CA LYS A 16 -88.04 -26.49 26.41
C LYS A 16 -87.16 -25.27 26.65
N GLN A 17 -86.09 -25.13 25.86
CA GLN A 17 -85.18 -24.01 25.94
C GLN A 17 -85.20 -23.22 24.62
N THR A 18 -84.52 -22.09 24.63
CA THR A 18 -84.43 -21.22 23.46
C THR A 18 -83.05 -20.61 23.40
N LEU A 19 -82.61 -20.27 22.19
CA LEU A 19 -81.27 -19.74 22.00
C LEU A 19 -81.29 -18.70 20.90
N VAL A 20 -80.83 -17.49 21.20
CA VAL A 20 -80.82 -16.38 20.26
C VAL A 20 -79.38 -16.14 19.81
N LEU A 21 -79.18 -16.03 18.50
CA LEU A 21 -77.85 -15.85 17.92
C LEU A 21 -77.92 -14.66 16.96
N ASN A 22 -77.35 -13.54 17.36
CA ASN A 22 -77.34 -12.34 16.54
C ASN A 22 -76.23 -12.38 15.49
N PRO A 23 -76.45 -11.78 14.33
CA PRO A 23 -75.43 -11.79 13.27
C PRO A 23 -74.24 -10.93 13.63
N ARG A 24 -73.07 -11.36 13.14
CA ARG A 24 -71.83 -10.62 13.35
C ARG A 24 -71.09 -10.33 12.05
N GLY A 25 -71.77 -10.46 10.91
CA GLY A 25 -71.19 -10.11 9.64
C GLY A 25 -70.50 -11.26 8.96
N VAL A 26 -69.90 -10.98 7.81
CA VAL A 26 -69.19 -11.98 7.03
C VAL A 26 -67.69 -11.71 7.11
N ASN A 27 -66.90 -12.72 6.71
CA ASN A 27 -65.44 -12.63 6.66
C ASN A 27 -65.03 -12.79 5.21
N PRO A 28 -64.86 -11.69 4.47
CA PRO A 28 -64.63 -11.79 3.02
C PRO A 28 -63.34 -12.48 2.62
N THR A 29 -62.43 -12.73 3.55
CA THR A 29 -61.22 -13.50 3.25
C THR A 29 -61.44 -14.99 3.46
N ASN A 30 -62.01 -15.36 4.60
CA ASN A 30 -62.28 -16.76 4.90
C ASN A 30 -63.50 -17.29 4.16
N GLY A 31 -64.32 -16.41 3.61
CA GLY A 31 -65.55 -16.82 2.94
C GLY A 31 -66.52 -17.50 3.88
N VAL A 32 -66.57 -17.05 5.14
CA VAL A 32 -67.44 -17.64 6.15
C VAL A 32 -68.23 -16.53 6.82
N ALA A 33 -69.55 -16.68 6.84
CA ALA A 33 -70.37 -15.82 7.67
C ALA A 33 -70.35 -16.36 9.08
N SER A 34 -70.52 -15.47 10.04
CA SER A 34 -70.45 -15.90 11.42
C SER A 34 -71.45 -15.11 12.25
N LEU A 35 -71.97 -15.78 13.27
CA LEU A 35 -72.88 -15.16 14.21
C LEU A 35 -72.84 -15.95 15.52
N SER A 36 -73.07 -15.24 16.62
CA SER A 36 -72.82 -15.76 17.95
C SER A 36 -73.89 -15.20 18.88
N GLN A 37 -74.18 -15.95 19.94
CA GLN A 37 -75.07 -15.39 20.94
C GLN A 37 -74.32 -14.25 21.64
N ALA A 38 -74.91 -13.07 21.62
CA ALA A 38 -74.27 -11.85 22.11
C ALA A 38 -74.06 -11.91 23.62
N GLY A 39 -72.79 -12.03 24.04
CA GLY A 39 -72.44 -12.09 25.44
C GLY A 39 -71.47 -10.97 25.76
N ALA A 40 -71.27 -10.74 27.06
CA ALA A 40 -70.42 -9.64 27.50
C ALA A 40 -69.01 -9.81 26.94
N VAL A 41 -68.32 -10.86 27.34
CA VAL A 41 -66.96 -11.14 26.91
C VAL A 41 -67.03 -12.06 25.69
N PRO A 42 -66.29 -11.76 24.63
CA PRO A 42 -66.33 -12.63 23.43
C PRO A 42 -65.94 -14.07 23.67
N ALA A 43 -65.12 -14.35 24.67
CA ALA A 43 -64.64 -15.73 24.85
C ALA A 43 -65.73 -16.63 25.41
N LEU A 44 -66.60 -16.11 26.27
CA LEU A 44 -67.60 -16.95 26.90
C LEU A 44 -68.72 -17.37 25.94
N GLU A 45 -68.98 -16.58 24.91
CA GLU A 45 -70.20 -16.75 24.12
C GLU A 45 -70.13 -17.97 23.21
N LYS A 46 -71.31 -18.58 22.96
CA LYS A 46 -71.44 -19.59 21.92
C LYS A 46 -71.47 -18.93 20.55
N ARG A 47 -71.08 -19.69 19.53
CA ARG A 47 -70.97 -19.17 18.18
C ARG A 47 -71.26 -20.30 17.18
N VAL A 48 -71.77 -19.92 16.00
CA VAL A 48 -71.94 -20.85 14.88
C VAL A 48 -71.55 -20.12 13.60
N THR A 49 -71.05 -20.89 12.62
CA THR A 49 -70.52 -20.33 11.38
C THR A 49 -70.93 -21.19 10.19
N VAL A 50 -71.33 -20.55 9.09
CA VAL A 50 -71.76 -21.21 7.87
C VAL A 50 -70.90 -20.74 6.72
N SER A 51 -70.54 -21.66 5.83
CA SER A 51 -69.68 -21.31 4.71
C SER A 51 -69.97 -22.24 3.53
N VAL A 52 -69.98 -21.67 2.32
CA VAL A 52 -70.14 -22.44 1.10
C VAL A 52 -69.00 -22.12 0.15
N SER A 53 -68.56 -23.14 -0.59
CA SER A 53 -67.48 -22.98 -1.56
C SER A 53 -67.89 -23.52 -2.93
N GLN A 54 -67.69 -22.71 -3.97
CA GLN A 54 -67.90 -23.13 -5.35
C GLN A 54 -66.74 -24.02 -5.80
N PRO A 55 -66.91 -24.80 -6.88
CA PRO A 55 -65.85 -25.74 -7.25
C PRO A 55 -64.66 -24.98 -7.81
N SER A 56 -63.47 -25.26 -7.26
CA SER A 56 -62.35 -24.50 -7.72
C SER A 56 -61.43 -25.38 -8.56
N ARG A 57 -60.14 -25.10 -8.52
CA ARG A 57 -59.18 -25.86 -9.31
C ARG A 57 -58.71 -27.09 -8.56
N ASN A 58 -58.88 -27.11 -7.23
CA ASN A 58 -58.60 -28.29 -6.43
C ASN A 58 -59.69 -29.35 -6.68
N ARG A 59 -60.89 -29.11 -6.16
CA ARG A 59 -62.03 -30.00 -6.32
C ARG A 59 -63.12 -29.35 -7.17
N LYS A 60 -63.72 -30.12 -8.06
CA LYS A 60 -64.83 -29.64 -8.87
C LYS A 60 -66.16 -30.09 -8.28
N ASN A 61 -66.32 -29.92 -6.97
CA ASN A 61 -67.54 -30.19 -6.23
C ASN A 61 -67.83 -29.08 -5.25
N TYR A 62 -69.10 -28.99 -4.87
CA TYR A 62 -69.56 -28.04 -3.88
C TYR A 62 -69.31 -28.59 -2.48
N LYS A 63 -68.98 -27.69 -1.55
CA LYS A 63 -68.80 -28.09 -0.16
C LYS A 63 -69.32 -26.99 0.74
N VAL A 64 -70.22 -27.35 1.65
CA VAL A 64 -70.77 -26.44 2.64
C VAL A 64 -70.58 -27.05 4.02
N GLN A 65 -70.23 -26.22 4.99
CA GLN A 65 -69.89 -26.68 6.34
C GLN A 65 -70.39 -25.67 7.36
N VAL A 66 -70.99 -26.19 8.42
CA VAL A 66 -71.39 -25.39 9.58
C VAL A 66 -70.65 -25.93 10.79
N LYS A 67 -70.20 -25.02 11.65
CA LYS A 67 -69.52 -25.39 12.88
C LYS A 67 -70.30 -24.85 14.06
N ILE A 68 -70.29 -25.59 15.15
CA ILE A 68 -70.88 -25.16 16.41
C ILE A 68 -69.81 -25.26 17.49
N GLN A 69 -69.71 -24.22 18.30
CA GLN A 69 -68.68 -24.14 19.35
C GLN A 69 -69.32 -23.52 20.59
N ASN A 70 -69.59 -24.35 21.60
CA ASN A 70 -70.24 -23.88 22.82
C ASN A 70 -69.30 -24.01 24.01
N PRO A 71 -68.72 -22.92 24.48
CA PRO A 71 -67.86 -22.98 25.67
C PRO A 71 -68.67 -22.86 26.95
N THR A 72 -67.98 -23.09 28.07
CA THR A 72 -68.57 -22.99 29.40
C THR A 72 -67.52 -22.42 30.35
N ALA A 73 -68.01 -21.80 31.43
CA ALA A 73 -67.16 -21.01 32.32
C ALA A 73 -67.33 -21.46 33.77
N CYS A 74 -66.57 -20.82 34.65
CA CYS A 74 -66.59 -21.09 36.08
C CYS A 74 -66.57 -19.75 36.80
N THR A 75 -67.24 -19.69 37.96
CA THR A 75 -67.48 -18.42 38.64
C THR A 75 -66.46 -18.11 39.75
N ALA A 76 -66.51 -18.85 40.86
CA ALA A 76 -65.76 -18.52 42.08
C ALA A 76 -64.26 -18.85 42.02
N ASN A 77 -63.60 -18.81 40.87
CA ASN A 77 -62.15 -19.06 40.88
C ASN A 77 -61.30 -17.80 40.95
N GLY A 78 -61.78 -16.68 40.41
CA GLY A 78 -61.05 -15.43 40.40
C GLY A 78 -61.91 -14.33 41.00
N SER A 79 -63.14 -14.71 41.34
CA SER A 79 -64.12 -13.82 41.94
C SER A 79 -64.37 -12.53 41.16
N CYS A 80 -63.72 -12.36 39.99
CA CYS A 80 -63.99 -11.20 39.14
C CYS A 80 -64.49 -11.61 37.77
N ASP A 81 -63.63 -12.22 36.95
CA ASP A 81 -63.96 -12.58 35.58
C ASP A 81 -63.98 -14.09 35.38
N PRO A 82 -65.12 -14.69 35.01
CA PRO A 82 -65.13 -16.13 34.73
C PRO A 82 -64.25 -16.50 33.54
N SER A 83 -63.57 -17.64 33.65
CA SER A 83 -62.70 -18.17 32.61
C SER A 83 -63.30 -19.45 32.03
N VAL A 84 -63.00 -19.72 30.76
CA VAL A 84 -63.54 -20.89 30.09
C VAL A 84 -62.75 -22.13 30.53
N THR A 85 -63.48 -23.14 31.02
CA THR A 85 -62.88 -24.36 31.55
C THR A 85 -62.85 -25.50 30.54
N ARG A 86 -63.89 -25.65 29.74
CA ARG A 86 -63.98 -26.71 28.74
C ARG A 86 -64.90 -26.22 27.64
N GLN A 87 -64.86 -26.90 26.49
CA GLN A 87 -65.66 -26.49 25.35
C GLN A 87 -66.45 -27.68 24.82
N ALA A 88 -67.35 -27.40 23.88
CA ALA A 88 -68.13 -28.43 23.21
C ALA A 88 -68.15 -28.12 21.72
N TYR A 89 -67.80 -29.10 20.90
CA TYR A 89 -67.57 -28.87 19.48
C TYR A 89 -68.53 -29.68 18.62
N ALA A 90 -68.89 -29.10 17.48
CA ALA A 90 -69.70 -29.76 16.47
C ALA A 90 -69.30 -29.20 15.11
N ASP A 91 -69.19 -30.07 14.12
CA ASP A 91 -68.86 -29.62 12.77
C ASP A 91 -69.40 -30.60 11.75
N VAL A 92 -70.16 -30.08 10.78
CA VAL A 92 -70.66 -30.89 9.68
C VAL A 92 -69.98 -30.42 8.41
N THR A 93 -70.03 -31.26 7.38
CA THR A 93 -69.56 -30.87 6.05
C THR A 93 -70.36 -31.62 5.01
N PHE A 94 -71.07 -30.87 4.17
CA PHE A 94 -71.83 -31.44 3.06
C PHE A 94 -71.04 -31.23 1.76
N SER A 95 -71.18 -32.18 0.84
CA SER A 95 -70.53 -32.06 -0.46
C SER A 95 -71.40 -32.74 -1.50
N PHE A 96 -71.96 -31.95 -2.41
CA PHE A 96 -72.82 -32.47 -3.47
C PHE A 96 -72.11 -32.31 -4.81
N THR A 97 -72.59 -33.08 -5.79
CA THR A 97 -72.01 -33.06 -7.12
C THR A 97 -72.41 -31.77 -7.84
N GLN A 98 -71.64 -31.44 -8.88
CA GLN A 98 -71.96 -30.27 -9.67
C GLN A 98 -73.31 -30.44 -10.38
N TYR A 99 -73.62 -31.67 -10.80
CA TYR A 99 -74.91 -32.01 -11.38
C TYR A 99 -75.92 -32.52 -10.35
N SER A 100 -75.74 -32.19 -9.07
CA SER A 100 -76.65 -32.67 -8.04
C SER A 100 -77.99 -31.95 -8.11
N THR A 101 -79.07 -32.68 -7.83
CA THR A 101 -80.41 -32.11 -7.89
C THR A 101 -80.77 -31.37 -6.60
N ASP A 102 -81.72 -30.44 -6.75
CA ASP A 102 -82.18 -29.66 -5.60
C ASP A 102 -82.79 -30.53 -4.51
N GLU A 103 -83.66 -31.47 -4.88
CA GLU A 103 -84.32 -32.31 -3.88
C GLU A 103 -83.31 -33.19 -3.14
N GLU A 104 -82.31 -33.71 -3.85
CA GLU A 104 -81.28 -34.52 -3.21
C GLU A 104 -80.63 -33.75 -2.07
N ARG A 105 -80.41 -32.45 -2.28
CA ARG A 105 -79.71 -31.64 -1.30
C ARG A 105 -80.52 -31.49 -0.02
N ALA A 106 -81.81 -31.17 -0.17
CA ALA A 106 -82.69 -31.05 0.99
C ALA A 106 -82.87 -32.39 1.70
N PHE A 107 -82.85 -33.50 0.95
CA PHE A 107 -83.04 -34.80 1.57
C PHE A 107 -81.88 -35.11 2.51
N VAL A 108 -80.64 -34.90 2.05
CA VAL A 108 -79.48 -35.08 2.92
C VAL A 108 -79.52 -34.11 4.09
N ARG A 109 -80.21 -32.98 3.91
CA ARG A 109 -80.33 -31.98 4.96
C ARG A 109 -81.33 -32.42 6.03
N THR A 110 -82.53 -32.79 5.62
CA THR A 110 -83.53 -33.22 6.59
C THR A 110 -83.21 -34.59 7.16
N GLU A 111 -82.52 -35.43 6.38
CA GLU A 111 -82.08 -36.71 6.91
C GLU A 111 -81.18 -36.52 8.12
N LEU A 112 -80.29 -35.53 8.07
CA LEU A 112 -79.40 -35.26 9.20
C LEU A 112 -80.19 -34.71 10.39
N ALA A 113 -81.17 -33.83 10.13
CA ALA A 113 -81.95 -33.26 11.23
C ALA A 113 -82.77 -34.34 11.93
N ALA A 114 -83.42 -35.22 11.16
CA ALA A 114 -84.19 -36.30 11.76
C ALA A 114 -83.30 -37.35 12.40
N LEU A 115 -82.12 -37.61 11.81
CA LEU A 115 -81.21 -38.59 12.39
C LEU A 115 -80.66 -38.10 13.71
N LEU A 116 -80.59 -36.79 13.92
CA LEU A 116 -80.16 -36.23 15.20
C LEU A 116 -81.21 -36.43 16.29
N ALA A 117 -82.40 -36.90 15.95
CA ALA A 117 -83.46 -37.12 16.93
C ALA A 117 -83.82 -38.59 17.08
N SER A 118 -83.12 -39.49 16.40
CA SER A 118 -83.40 -40.91 16.52
C SER A 118 -82.88 -41.46 17.85
N PRO A 119 -83.64 -42.34 18.50
CA PRO A 119 -83.17 -42.95 19.76
C PRO A 119 -81.71 -43.37 19.76
N LEU A 120 -81.24 -43.88 18.62
CA LEU A 120 -79.86 -44.35 18.53
C LEU A 120 -78.88 -43.20 18.74
N LEU A 121 -79.08 -42.08 18.05
CA LEU A 121 -78.16 -40.96 18.18
C LEU A 121 -78.32 -40.25 19.52
N ILE A 122 -79.47 -40.38 20.19
CA ILE A 122 -79.60 -39.79 21.52
C ILE A 122 -78.65 -40.45 22.50
N ASP A 123 -78.66 -41.78 22.55
CA ASP A 123 -77.76 -42.51 23.45
C ASP A 123 -76.33 -42.57 22.90
N ALA A 124 -76.15 -42.33 21.60
CA ALA A 124 -74.81 -42.26 21.04
C ALA A 124 -74.12 -40.95 21.41
N ILE A 125 -74.90 -39.89 21.62
CA ILE A 125 -74.36 -38.57 21.90
C ILE A 125 -74.44 -38.23 23.38
N ASP A 126 -75.60 -38.47 23.98
CA ASP A 126 -75.84 -38.02 25.34
C ASP A 126 -75.28 -39.00 26.36
N GLN A 127 -75.42 -40.30 26.09
CA GLN A 127 -74.88 -41.34 26.95
C GLN A 127 -73.52 -41.82 26.46
N LEU A 128 -73.11 -41.40 25.26
CA LEU A 128 -71.82 -41.74 24.66
C LEU A 128 -71.57 -43.24 24.71
N ASN A 129 -72.56 -44.01 24.25
CA ASN A 129 -72.41 -45.44 24.10
C ASN A 129 -72.70 -45.85 22.66
N PRO A 130 -71.86 -46.69 22.06
CA PRO A 130 -72.02 -47.02 20.64
C PRO A 130 -73.28 -47.85 20.44
N ALA A 131 -73.59 -48.09 19.17
CA ALA A 131 -74.64 -49.04 18.86
C ALA A 131 -74.21 -50.44 19.26
N TYR A 132 -75.06 -51.13 20.01
CA TYR A 132 -74.77 -52.47 20.51
C TYR A 132 -76.04 -53.33 20.47
N ALA B 1 -77.26 -46.53 21.88
CA ALA B 1 -78.26 -47.50 22.30
C ALA B 1 -78.19 -48.77 21.46
N LYS B 2 -79.30 -49.49 21.43
CA LYS B 2 -79.41 -50.69 20.63
C LYS B 2 -79.52 -50.32 19.16
N LEU B 3 -78.94 -51.17 18.30
CA LEU B 3 -78.96 -50.95 16.85
C LEU B 3 -80.31 -51.43 16.33
N GLU B 4 -81.30 -50.55 16.41
CA GLU B 4 -82.66 -50.89 15.99
C GLU B 4 -82.86 -50.48 14.53
N THR B 5 -84.04 -50.77 14.01
CA THR B 5 -84.44 -50.30 12.69
C THR B 5 -85.05 -48.90 12.82
N VAL B 6 -84.30 -47.90 12.41
CA VAL B 6 -84.73 -46.51 12.53
C VAL B 6 -85.46 -46.11 11.25
N THR B 7 -86.53 -45.35 11.42
CA THR B 7 -87.37 -44.91 10.30
C THR B 7 -87.63 -43.42 10.48
N LEU B 8 -87.06 -42.61 9.61
CA LEU B 8 -87.22 -41.16 9.68
C LEU B 8 -88.45 -40.74 8.88
N GLY B 9 -89.37 -40.05 9.55
CA GLY B 9 -90.57 -39.54 8.92
C GLY B 9 -90.59 -38.02 8.83
N ASN B 10 -91.53 -37.52 8.03
CA ASN B 10 -91.69 -36.08 7.77
C ASN B 10 -90.34 -35.48 7.37
N ILE B 11 -89.81 -36.01 6.28
CA ILE B 11 -88.45 -35.77 5.85
C ILE B 11 -88.44 -35.38 4.38
N GLY B 12 -87.39 -34.72 3.96
CA GLY B 12 -87.23 -34.41 2.55
C GLY B 12 -87.54 -32.97 2.23
N LYS B 13 -87.29 -32.65 0.95
CA LYS B 13 -87.61 -31.32 0.43
C LYS B 13 -89.08 -31.00 0.65
N ASP B 14 -89.97 -31.92 0.27
CA ASP B 14 -91.40 -31.73 0.45
C ASP B 14 -91.76 -31.65 1.93
N GLY B 15 -91.14 -32.49 2.75
CA GLY B 15 -91.47 -32.63 4.15
C GLY B 15 -92.55 -33.66 4.41
N LYS B 16 -93.02 -34.34 3.36
CA LYS B 16 -94.05 -35.36 3.44
C LYS B 16 -93.50 -36.69 2.92
N GLN B 17 -92.24 -36.99 3.24
CA GLN B 17 -91.61 -38.24 2.84
C GLN B 17 -91.23 -39.05 4.06
N THR B 18 -90.78 -40.29 3.81
CA THR B 18 -90.37 -41.20 4.87
C THR B 18 -89.21 -42.05 4.36
N LEU B 19 -88.39 -42.52 5.30
CA LEU B 19 -87.19 -43.28 4.95
C LEU B 19 -86.95 -44.34 6.01
N VAL B 20 -86.85 -45.60 5.60
CA VAL B 20 -86.69 -46.74 6.50
C VAL B 20 -85.25 -47.24 6.41
N LEU B 21 -84.64 -47.47 7.58
CA LEU B 21 -83.24 -47.88 7.69
C LEU B 21 -83.13 -49.10 8.60
N ASN B 22 -82.90 -50.28 8.01
CA ASN B 22 -82.69 -51.43 8.86
C ASN B 22 -81.24 -51.47 9.33
N PRO B 23 -80.99 -51.97 10.54
CA PRO B 23 -79.62 -51.99 11.03
C PRO B 23 -78.77 -53.00 10.26
N ARG B 24 -77.49 -52.67 10.09
CA ARG B 24 -76.57 -53.61 9.45
C ARG B 24 -75.32 -53.91 10.25
N GLY B 25 -75.30 -53.61 11.53
CA GLY B 25 -74.23 -54.08 12.38
C GLY B 25 -73.05 -53.15 12.50
N VAL B 26 -72.02 -53.62 13.18
CA VAL B 26 -70.80 -52.85 13.37
C VAL B 26 -69.70 -53.48 12.52
N ASN B 27 -68.59 -52.77 12.46
CA ASN B 27 -67.41 -53.23 11.73
C ASN B 27 -66.34 -53.53 12.78
N PRO B 28 -66.21 -54.79 13.22
CA PRO B 28 -65.37 -55.07 14.39
C PRO B 28 -63.89 -54.74 14.19
N THR B 29 -63.46 -54.44 12.97
CA THR B 29 -62.12 -53.93 12.73
C THR B 29 -62.08 -52.40 12.76
N ASN B 30 -63.03 -51.77 12.06
CA ASN B 30 -63.11 -50.32 11.99
C ASN B 30 -63.73 -49.69 13.25
N GLY B 31 -64.44 -50.47 14.06
CA GLY B 31 -65.11 -49.91 15.22
C GLY B 31 -66.18 -48.90 14.86
N VAL B 32 -66.91 -49.15 13.77
CA VAL B 32 -67.94 -48.24 13.28
C VAL B 32 -69.21 -49.03 13.04
N ALA B 33 -70.33 -48.54 13.59
CA ALA B 33 -71.63 -49.11 13.29
C ALA B 33 -72.13 -48.57 11.95
N SER B 34 -72.94 -49.38 11.27
CA SER B 34 -73.46 -49.01 9.95
C SER B 34 -74.87 -49.55 9.78
N LEU B 35 -75.68 -48.82 9.02
CA LEU B 35 -77.03 -49.28 8.71
C LEU B 35 -77.46 -48.64 7.40
N SER B 36 -78.42 -49.25 6.74
CA SER B 36 -78.68 -49.01 5.33
C SER B 36 -80.18 -48.92 5.06
N GLN B 37 -80.51 -48.31 3.91
CA GLN B 37 -81.89 -48.15 3.44
C GLN B 37 -82.58 -49.49 3.19
N ALA B 38 -83.90 -49.40 3.04
CA ALA B 38 -84.78 -50.53 2.79
C ALA B 38 -84.57 -51.16 1.42
N GLY B 39 -83.95 -50.44 0.48
CA GLY B 39 -83.74 -50.94 -0.86
C GLY B 39 -82.92 -52.21 -0.89
N ALA B 40 -83.44 -53.26 -1.54
CA ALA B 40 -82.78 -54.56 -1.59
C ALA B 40 -81.42 -54.54 -2.27
N VAL B 41 -81.07 -53.48 -2.98
CA VAL B 41 -79.84 -53.40 -3.76
C VAL B 41 -78.75 -52.76 -2.89
N PRO B 42 -77.55 -53.36 -2.80
CA PRO B 42 -76.50 -52.75 -1.97
C PRO B 42 -75.76 -51.55 -2.57
N ALA B 43 -75.61 -51.48 -3.90
CA ALA B 43 -74.88 -50.34 -4.46
C ALA B 43 -75.73 -49.07 -4.47
N LEU B 44 -77.03 -49.21 -4.73
CA LEU B 44 -77.92 -48.06 -4.82
C LEU B 44 -78.25 -47.48 -3.46
N GLU B 45 -78.12 -48.27 -2.40
CA GLU B 45 -78.75 -47.93 -1.13
C GLU B 45 -78.07 -46.74 -0.46
N LYS B 46 -78.88 -45.92 0.21
CA LYS B 46 -78.36 -44.89 1.07
C LYS B 46 -77.92 -45.53 2.37
N ARG B 47 -76.96 -44.90 3.04
CA ARG B 47 -76.45 -45.49 4.27
C ARG B 47 -75.93 -44.40 5.19
N VAL B 48 -75.93 -44.70 6.49
CA VAL B 48 -75.36 -43.81 7.50
C VAL B 48 -74.59 -44.66 8.49
N THR B 49 -73.57 -44.06 9.13
CA THR B 49 -72.66 -44.78 10.00
C THR B 49 -72.42 -43.97 11.27
N VAL B 50 -72.44 -44.64 12.42
CA VAL B 50 -72.28 -44.02 13.73
C VAL B 50 -71.09 -44.66 14.45
N SER B 51 -70.31 -43.85 15.15
CA SER B 51 -69.14 -44.33 15.88
C SER B 51 -68.84 -43.43 17.08
N VAL B 52 -68.52 -44.05 18.22
CA VAL B 52 -68.08 -43.32 19.41
C VAL B 52 -66.75 -43.92 19.86
N SER B 53 -65.84 -43.06 20.35
CA SER B 53 -64.53 -43.49 20.81
C SER B 53 -64.18 -42.92 22.18
N GLN B 54 -63.68 -43.79 23.08
CA GLN B 54 -63.17 -43.34 24.37
C GLN B 54 -61.77 -42.72 24.22
N PRO B 55 -61.35 -41.88 25.17
CA PRO B 55 -60.09 -41.16 25.03
C PRO B 55 -58.87 -42.04 25.28
N SER B 56 -57.89 -41.95 24.38
CA SER B 56 -56.66 -42.71 24.48
C SER B 56 -55.50 -41.74 24.72
N ARG B 57 -54.32 -42.05 24.16
CA ARG B 57 -53.15 -41.21 24.34
C ARG B 57 -53.05 -40.11 23.29
N ASN B 58 -53.79 -40.23 22.18
CA ASN B 58 -53.83 -39.23 21.14
C ASN B 58 -54.62 -38.02 21.65
N ARG B 59 -55.94 -38.14 21.73
CA ARG B 59 -56.79 -37.10 22.29
C ARG B 59 -57.46 -37.63 23.55
N LYS B 60 -57.44 -36.83 24.61
CA LYS B 60 -58.09 -37.21 25.86
C LYS B 60 -59.45 -36.54 25.94
N ASN B 61 -60.19 -36.63 24.82
CA ASN B 61 -61.55 -36.13 24.67
C ASN B 61 -62.38 -37.16 23.92
N TYR B 62 -63.68 -37.09 24.13
CA TYR B 62 -64.61 -38.00 23.48
C TYR B 62 -64.90 -37.48 22.09
N LYS B 63 -65.09 -38.39 21.13
CA LYS B 63 -65.41 -37.98 19.77
C LYS B 63 -66.42 -38.95 19.19
N VAL B 64 -67.53 -38.42 18.70
CA VAL B 64 -68.58 -39.18 18.02
C VAL B 64 -68.82 -38.54 16.66
N GLN B 65 -69.01 -39.37 15.65
CA GLN B 65 -69.13 -38.89 14.27
C GLN B 65 -70.11 -39.77 13.51
N VAL B 66 -71.04 -39.13 12.80
CA VAL B 66 -72.00 -39.80 11.94
C VAL B 66 -71.81 -39.31 10.52
N LYS B 67 -71.91 -40.22 9.56
CA LYS B 67 -71.78 -39.90 8.14
C LYS B 67 -73.05 -40.33 7.41
N ILE B 68 -73.40 -39.59 6.38
CA ILE B 68 -74.55 -39.88 5.52
C ILE B 68 -74.05 -39.96 4.09
N GLN B 69 -74.50 -40.96 3.34
CA GLN B 69 -74.10 -41.14 1.95
C GLN B 69 -75.32 -41.53 1.13
N ASN B 70 -75.83 -40.60 0.34
CA ASN B 70 -76.99 -40.86 -0.51
C ASN B 70 -76.57 -40.78 -1.96
N PRO B 71 -76.34 -41.92 -2.61
CA PRO B 71 -76.01 -41.91 -4.04
C PRO B 71 -77.30 -41.90 -4.86
N THR B 72 -77.13 -41.75 -6.16
CA THR B 72 -78.25 -41.79 -7.08
C THR B 72 -77.81 -42.57 -8.31
N ALA B 73 -78.78 -43.20 -8.96
CA ALA B 73 -78.52 -44.18 -9.99
C ALA B 73 -79.30 -43.82 -11.25
N CYS B 74 -79.11 -44.62 -12.29
CA CYS B 74 -79.78 -44.40 -13.54
C CYS B 74 -80.24 -45.72 -14.12
N THR B 75 -81.38 -45.69 -14.81
CA THR B 75 -81.85 -46.87 -15.52
C THR B 75 -81.25 -46.62 -16.88
N ALA B 76 -80.06 -47.17 -17.08
CA ALA B 76 -79.21 -46.75 -18.17
C ALA B 76 -79.80 -47.15 -19.51
N ASN B 77 -79.13 -46.69 -20.57
CA ASN B 77 -79.58 -46.96 -21.93
C ASN B 77 -79.69 -48.46 -22.18
N GLY B 78 -78.83 -49.27 -21.53
CA GLY B 78 -78.84 -50.71 -21.68
C GLY B 78 -79.91 -51.45 -20.87
N SER B 79 -80.66 -50.75 -20.00
CA SER B 79 -81.77 -51.31 -19.20
C SER B 79 -81.43 -52.69 -18.62
N CYS B 80 -80.19 -52.88 -18.15
CA CYS B 80 -79.87 -54.15 -17.53
C CYS B 80 -79.60 -53.99 -16.04
N ASP B 81 -78.50 -53.36 -15.65
CA ASP B 81 -78.20 -53.11 -14.24
C ASP B 81 -78.04 -51.61 -14.03
N PRO B 82 -78.87 -50.97 -13.20
CA PRO B 82 -78.72 -49.52 -12.99
C PRO B 82 -77.36 -49.17 -12.42
N SER B 83 -76.78 -48.09 -12.91
CA SER B 83 -75.47 -47.63 -12.48
C SER B 83 -75.58 -46.32 -11.70
N VAL B 84 -74.66 -46.15 -10.74
CA VAL B 84 -74.61 -44.95 -9.91
C VAL B 84 -73.94 -43.83 -10.68
N THR B 85 -74.61 -42.68 -10.74
CA THR B 85 -74.13 -41.53 -11.52
C THR B 85 -73.38 -40.51 -10.67
N ARG B 86 -73.87 -40.22 -9.47
CA ARG B 86 -73.24 -39.26 -8.57
C ARG B 86 -73.65 -39.63 -7.15
N GLN B 87 -72.98 -39.01 -6.18
CA GLN B 87 -73.31 -39.25 -4.78
C GLN B 87 -73.55 -37.92 -4.07
N ALA B 88 -74.04 -38.01 -2.84
CA ALA B 88 -74.28 -36.86 -1.99
C ALA B 88 -73.77 -37.20 -0.60
N TYR B 89 -72.96 -36.31 -0.03
CA TYR B 89 -72.21 -36.63 1.18
C TYR B 89 -72.65 -35.75 2.33
N ALA B 90 -72.60 -36.33 3.52
CA ALA B 90 -72.83 -35.61 4.76
C ALA B 90 -72.05 -36.29 5.87
N ASP B 91 -71.39 -35.50 6.71
CA ASP B 91 -70.67 -36.05 7.85
C ASP B 91 -70.58 -35.00 8.94
N VAL B 92 -70.91 -35.40 10.16
CA VAL B 92 -70.79 -34.51 11.31
C VAL B 92 -69.62 -35.02 12.13
N THR B 93 -69.12 -34.18 13.02
CA THR B 93 -68.11 -34.63 13.97
C THR B 93 -68.29 -33.84 15.25
N PHE B 94 -68.64 -34.55 16.32
CA PHE B 94 -68.77 -33.99 17.66
C PHE B 94 -67.57 -34.38 18.49
N SER B 95 -67.16 -33.49 19.39
CA SER B 95 -66.05 -33.77 20.28
C SER B 95 -66.28 -33.04 21.59
N PHE B 96 -66.52 -33.77 22.66
CA PHE B 96 -66.73 -33.19 23.98
C PHE B 96 -65.56 -33.55 24.89
N THR B 97 -65.38 -32.73 25.92
CA THR B 97 -64.33 -32.92 26.90
C THR B 97 -64.67 -34.07 27.85
N GLN B 98 -63.64 -34.58 28.54
CA GLN B 98 -63.87 -35.60 29.55
C GLN B 98 -64.76 -35.09 30.67
N TYR B 99 -64.67 -33.81 31.01
CA TYR B 99 -65.51 -33.18 32.02
C TYR B 99 -66.79 -32.57 31.46
N SER B 100 -67.25 -33.03 30.30
CA SER B 100 -68.46 -32.50 29.71
C SER B 100 -69.69 -33.02 30.45
N THR B 101 -70.68 -32.15 30.61
CA THR B 101 -71.93 -32.51 31.28
C THR B 101 -72.91 -33.14 30.30
N ASP B 102 -73.85 -33.91 30.86
CA ASP B 102 -74.83 -34.58 30.02
C ASP B 102 -75.64 -33.59 29.20
N GLU B 103 -76.16 -32.53 29.84
CA GLU B 103 -76.98 -31.57 29.13
C GLU B 103 -76.18 -30.80 28.07
N GLU B 104 -74.93 -30.47 28.37
CA GLU B 104 -74.10 -29.77 27.38
C GLU B 104 -74.06 -30.55 26.07
N ARG B 105 -73.97 -31.88 26.17
CA ARG B 105 -73.86 -32.72 24.99
C ARG B 105 -75.14 -32.67 24.17
N ALA B 106 -76.30 -32.82 24.84
CA ALA B 106 -77.59 -32.76 24.17
C ALA B 106 -77.87 -31.38 23.60
N PHE B 107 -77.39 -30.33 24.26
CA PHE B 107 -77.64 -28.98 23.77
C PHE B 107 -77.01 -28.78 22.38
N VAL B 108 -75.74 -29.15 22.24
CA VAL B 108 -75.09 -29.09 20.94
C VAL B 108 -75.77 -30.03 19.96
N ARG B 109 -76.44 -31.06 20.46
CA ARG B 109 -77.11 -32.01 19.58
C ARG B 109 -78.38 -31.41 18.99
N THR B 110 -79.25 -30.88 19.84
CA THR B 110 -80.48 -30.28 19.33
C THR B 110 -80.22 -28.95 18.63
N GLU B 111 -79.15 -28.25 19.02
CA GLU B 111 -78.79 -27.03 18.30
C GLU B 111 -78.54 -27.33 16.83
N LEU B 112 -77.86 -28.44 16.55
CA LEU B 112 -77.64 -28.83 15.16
C LEU B 112 -78.96 -29.22 14.51
N ALA B 113 -79.83 -29.90 15.25
CA ALA B 113 -81.13 -30.29 14.70
C ALA B 113 -81.98 -29.07 14.37
N ALA B 114 -82.01 -28.09 15.28
CA ALA B 114 -82.78 -26.87 15.02
C ALA B 114 -82.10 -25.98 13.98
N LEU B 115 -80.76 -25.96 13.97
CA LEU B 115 -80.04 -25.14 13.01
C LEU B 115 -80.22 -25.66 11.59
N LEU B 116 -80.47 -26.96 11.43
CA LEU B 116 -80.71 -27.53 10.12
C LEU B 116 -82.03 -27.06 9.50
N ALA B 117 -82.88 -26.38 10.27
CA ALA B 117 -84.16 -25.90 9.75
C ALA B 117 -84.27 -24.38 9.73
N SER B 118 -83.21 -23.66 10.09
CA SER B 118 -83.27 -22.21 10.07
C SER B 118 -83.22 -21.70 8.63
N PRO B 119 -83.99 -20.66 8.30
CA PRO B 119 -83.97 -20.08 6.94
C PRO B 119 -82.57 -19.97 6.35
N LEU B 120 -81.61 -19.60 7.21
CA LEU B 120 -80.24 -19.41 6.76
C LEU B 120 -79.63 -20.70 6.20
N LEU B 121 -79.78 -21.80 6.94
CA LEU B 121 -79.21 -23.07 6.48
C LEU B 121 -79.98 -23.65 5.29
N ILE B 122 -81.22 -23.23 5.08
CA ILE B 122 -81.98 -23.70 3.91
C ILE B 122 -81.32 -23.24 2.62
N ASP B 123 -81.02 -21.94 2.50
CA ASP B 123 -80.38 -21.45 1.28
C ASP B 123 -78.91 -21.79 1.20
N ALA B 124 -78.29 -22.13 2.33
CA ALA B 124 -76.90 -22.57 2.28
C ALA B 124 -76.80 -23.99 1.75
N ILE B 125 -77.85 -24.79 1.94
CA ILE B 125 -77.85 -26.18 1.56
C ILE B 125 -78.63 -26.41 0.27
N ASP B 126 -79.82 -25.82 0.14
CA ASP B 126 -80.68 -26.15 -0.99
C ASP B 126 -80.33 -25.33 -2.22
N GLN B 127 -80.08 -24.03 -2.07
CA GLN B 127 -79.68 -23.16 -3.16
C GLN B 127 -78.17 -22.92 -3.18
N LEU B 128 -77.48 -23.35 -2.12
CA LEU B 128 -76.03 -23.26 -1.96
C LEU B 128 -75.57 -21.84 -2.24
N ASN B 129 -76.25 -20.89 -1.59
CA ASN B 129 -75.83 -19.51 -1.62
C ASN B 129 -75.56 -19.09 -0.19
N PRO B 130 -74.42 -18.49 0.09
CA PRO B 130 -74.02 -18.24 1.47
C PRO B 130 -74.89 -17.19 2.14
N ALA B 131 -74.63 -17.05 3.42
CA ALA B 131 -75.17 -15.93 4.18
C ALA B 131 -74.57 -14.63 3.69
N TYR B 132 -75.43 -13.64 3.51
CA TYR B 132 -75.03 -12.36 2.96
C TYR B 132 -75.67 -11.21 3.72
N ALA C 1 -71.31 -64.09 30.42
CA ALA C 1 -72.74 -64.22 30.15
C ALA C 1 -73.28 -62.97 29.48
N LYS C 2 -74.58 -62.75 29.63
CA LYS C 2 -75.23 -61.58 29.04
C LYS C 2 -74.79 -60.32 29.78
N LEU C 3 -74.69 -59.21 29.03
CA LEU C 3 -74.26 -57.95 29.62
C LEU C 3 -75.46 -57.31 30.30
N GLU C 4 -75.70 -57.74 31.53
CA GLU C 4 -76.82 -57.27 32.33
C GLU C 4 -76.36 -56.11 33.23
N THR C 5 -77.30 -55.56 33.99
CA THR C 5 -76.95 -54.58 35.01
C THR C 5 -76.55 -55.34 36.27
N VAL C 6 -75.24 -55.36 36.55
CA VAL C 6 -74.72 -56.08 37.69
C VAL C 6 -74.67 -55.15 38.88
N THR C 7 -75.02 -55.67 40.06
CA THR C 7 -75.08 -54.90 41.29
C THR C 7 -74.41 -55.71 42.39
N LEU C 8 -73.27 -55.22 42.88
CA LEU C 8 -72.54 -55.88 43.95
C LEU C 8 -73.05 -55.38 45.29
N GLY C 9 -73.48 -56.31 46.14
CA GLY C 9 -73.98 -56.00 47.46
C GLY C 9 -73.01 -56.46 48.54
N ASN C 10 -73.27 -55.98 49.76
CA ASN C 10 -72.42 -56.26 50.92
C ASN C 10 -70.96 -55.95 50.58
N ILE C 11 -70.73 -54.68 50.28
CA ILE C 11 -69.47 -54.22 49.71
C ILE C 11 -68.93 -53.06 50.53
N GLY C 12 -67.64 -52.83 50.43
CA GLY C 12 -67.03 -51.70 51.08
C GLY C 12 -66.30 -52.08 52.36
N LYS C 13 -65.63 -51.06 52.91
CA LYS C 13 -64.94 -51.24 54.19
C LYS C 13 -65.94 -51.72 55.25
N ASP C 14 -67.10 -51.07 55.32
CA ASP C 14 -68.12 -51.47 56.28
C ASP C 14 -68.62 -52.87 55.98
N GLY C 15 -68.78 -53.20 54.71
CA GLY C 15 -69.37 -54.44 54.27
C GLY C 15 -70.87 -54.37 54.17
N LYS C 16 -71.46 -53.21 54.44
CA LYS C 16 -72.90 -52.99 54.36
C LYS C 16 -73.24 -51.89 53.36
N GLN C 17 -72.51 -51.85 52.26
CA GLN C 17 -72.74 -50.90 51.17
C GLN C 17 -73.14 -51.67 49.91
N THR C 18 -73.51 -50.92 48.88
CA THR C 18 -73.93 -51.50 47.62
C THR C 18 -73.44 -50.63 46.47
N LEU C 19 -73.28 -51.26 45.30
CA LEU C 19 -72.73 -50.60 44.13
C LEU C 19 -73.43 -51.12 42.88
N VAL C 20 -73.98 -50.20 42.09
CA VAL C 20 -74.73 -50.52 40.88
C VAL C 20 -73.88 -50.18 39.68
N LEU C 21 -73.77 -51.12 38.74
CA LEU C 21 -72.96 -50.98 37.53
C LEU C 21 -73.80 -51.36 36.32
N ASN C 22 -74.24 -50.35 35.55
CA ASN C 22 -75.02 -50.57 34.34
C ASN C 22 -74.10 -50.87 33.14
N PRO C 23 -74.59 -51.67 32.19
CA PRO C 23 -73.78 -52.02 31.02
C PRO C 23 -73.58 -50.85 30.08
N ARG C 24 -72.42 -50.84 29.42
CA ARG C 24 -72.09 -49.82 28.42
C ARG C 24 -71.65 -50.43 27.09
N GLY C 25 -71.90 -51.73 26.89
CA GLY C 25 -71.64 -52.37 25.62
C GLY C 25 -70.26 -52.98 25.54
N VAL C 26 -69.97 -53.53 24.36
CA VAL C 26 -68.68 -54.15 24.10
C VAL C 26 -67.91 -53.29 23.10
N ASN C 27 -66.60 -53.54 23.03
CA ASN C 27 -65.71 -52.86 22.08
C ASN C 27 -65.16 -53.93 21.15
N PRO C 28 -65.80 -54.18 20.00
CA PRO C 28 -65.37 -55.28 19.13
C PRO C 28 -63.99 -55.09 18.53
N THR C 29 -63.36 -53.92 18.69
CA THR C 29 -61.99 -53.74 18.23
C THR C 29 -60.99 -54.14 19.30
N ASN C 30 -61.19 -53.66 20.53
CA ASN C 30 -60.34 -54.06 21.64
C ASN C 30 -60.74 -55.43 22.18
N GLY C 31 -61.91 -55.92 21.81
CA GLY C 31 -62.40 -57.18 22.33
C GLY C 31 -62.63 -57.15 23.82
N VAL C 32 -63.10 -56.01 24.34
CA VAL C 32 -63.30 -55.83 25.77
C VAL C 32 -64.70 -55.32 26.02
N ALA C 33 -65.44 -56.00 26.89
CA ALA C 33 -66.70 -55.47 27.37
C ALA C 33 -66.44 -54.49 28.50
N SER C 34 -67.32 -53.51 28.62
CA SER C 34 -67.14 -52.52 29.66
C SER C 34 -68.50 -52.12 30.18
N LEU C 35 -68.54 -51.77 31.47
CA LEU C 35 -69.76 -51.29 32.09
C LEU C 35 -69.34 -50.46 33.29
N SER C 36 -70.19 -49.49 33.64
CA SER C 36 -69.77 -48.42 34.53
C SER C 36 -70.87 -48.06 35.50
N GLN C 37 -70.45 -47.56 36.66
CA GLN C 37 -71.38 -46.98 37.62
C GLN C 37 -71.95 -45.70 37.02
N ALA C 38 -73.27 -45.59 36.99
CA ALA C 38 -73.93 -44.49 36.30
C ALA C 38 -73.65 -43.12 36.91
N GLY C 39 -72.80 -42.33 36.25
CA GLY C 39 -72.46 -41.02 36.73
C GLY C 39 -72.71 -39.95 35.67
N ALA C 40 -72.75 -38.71 36.13
CA ALA C 40 -73.01 -37.57 35.25
C ALA C 40 -71.89 -37.42 34.24
N VAL C 41 -70.69 -37.13 34.72
CA VAL C 41 -69.51 -36.85 33.90
C VAL C 41 -68.74 -38.15 33.67
N PRO C 42 -68.28 -38.42 32.44
CA PRO C 42 -67.56 -39.68 32.18
C PRO C 42 -66.32 -39.88 33.04
N ALA C 43 -65.67 -38.79 33.47
CA ALA C 43 -64.45 -38.94 34.27
C ALA C 43 -64.76 -39.39 35.69
N LEU C 44 -65.89 -38.93 36.24
CA LEU C 44 -66.21 -39.25 37.64
C LEU C 44 -66.62 -40.69 37.82
N GLU C 45 -67.20 -41.32 36.81
CA GLU C 45 -67.89 -42.59 37.04
C GLU C 45 -66.90 -43.73 37.28
N LYS C 46 -67.32 -44.68 38.10
CA LYS C 46 -66.57 -45.91 38.28
C LYS C 46 -66.72 -46.78 37.03
N ARG C 47 -65.75 -47.65 36.79
CA ARG C 47 -65.83 -48.52 35.61
C ARG C 47 -65.15 -49.84 35.91
N VAL C 48 -65.63 -50.89 35.25
CA VAL C 48 -65.02 -52.22 35.27
C VAL C 48 -65.11 -52.79 33.87
N THR C 49 -64.14 -53.63 33.49
CA THR C 49 -64.06 -54.16 32.14
C THR C 49 -63.70 -55.63 32.18
N VAL C 50 -64.41 -56.44 31.39
CA VAL C 50 -64.19 -57.88 31.33
C VAL C 50 -63.92 -58.26 29.88
N SER C 51 -62.96 -59.16 29.68
CA SER C 51 -62.59 -59.58 28.34
C SER C 51 -62.00 -60.98 28.37
N VAL C 52 -62.32 -61.79 27.36
CA VAL C 52 -61.73 -63.11 27.20
C VAL C 52 -61.11 -63.18 25.80
N SER C 53 -59.96 -63.85 25.72
CA SER C 53 -59.27 -64.02 24.44
C SER C 53 -58.94 -65.49 24.23
N GLN C 54 -59.29 -66.01 23.06
CA GLN C 54 -58.93 -67.37 22.70
C GLN C 54 -57.46 -67.46 22.31
N PRO C 55 -56.87 -68.66 22.39
CA PRO C 55 -55.44 -68.79 22.05
C PRO C 55 -55.24 -68.68 20.55
N SER C 56 -54.34 -67.80 20.13
CA SER C 56 -54.10 -67.59 18.72
C SER C 56 -52.72 -68.15 18.39
N ARG C 57 -52.04 -67.52 17.44
CA ARG C 57 -50.70 -67.96 17.07
C ARG C 57 -49.63 -67.34 17.95
N ASN C 58 -50.04 -66.39 18.79
CA ASN C 58 -49.15 -65.78 19.78
C ASN C 58 -48.93 -66.76 20.94
N ARG C 59 -49.95 -66.94 21.79
CA ARG C 59 -49.90 -67.88 22.91
C ARG C 59 -50.89 -69.01 22.72
N LYS C 60 -50.55 -70.18 23.24
CA LYS C 60 -51.41 -71.35 23.19
C LYS C 60 -52.15 -71.55 24.50
N ASN C 61 -52.50 -70.45 25.17
CA ASN C 61 -53.22 -70.43 26.44
C ASN C 61 -54.35 -69.40 26.40
N TYR C 62 -55.39 -69.69 27.17
CA TYR C 62 -56.53 -68.79 27.25
C TYR C 62 -56.17 -67.68 28.22
N LYS C 63 -56.71 -66.49 27.99
CA LYS C 63 -56.44 -65.39 28.92
C LYS C 63 -57.71 -64.55 29.09
N VAL C 64 -58.13 -64.38 30.34
CA VAL C 64 -59.26 -63.53 30.71
C VAL C 64 -58.80 -62.57 31.79
N GLN C 65 -59.25 -61.32 31.68
CA GLN C 65 -58.80 -60.26 32.59
C GLN C 65 -59.94 -59.29 32.87
N VAL C 66 -60.10 -58.93 34.14
CA VAL C 66 -61.05 -57.89 34.52
C VAL C 66 -60.26 -56.77 35.20
N LYS C 67 -60.63 -55.54 34.89
CA LYS C 67 -59.99 -54.36 35.46
C LYS C 67 -61.04 -53.53 36.21
N ILE C 68 -60.59 -52.86 37.27
CA ILE C 68 -61.42 -51.95 38.04
C ILE C 68 -60.71 -50.61 38.10
N GLN C 69 -61.45 -49.53 37.88
CA GLN C 69 -60.90 -48.17 37.89
C GLN C 69 -61.90 -47.26 38.60
N ASN C 70 -61.59 -46.87 39.83
CA ASN C 70 -62.46 -46.02 40.64
C ASN C 70 -61.78 -44.70 40.93
N PRO C 71 -62.14 -43.63 40.24
CA PRO C 71 -61.56 -42.32 40.54
C PRO C 71 -62.32 -41.61 41.66
N THR C 72 -61.74 -40.49 42.11
CA THR C 72 -62.34 -39.66 43.14
C THR C 72 -62.06 -38.20 42.82
N ALA C 73 -62.93 -37.32 43.30
CA ALA C 73 -62.91 -35.91 42.89
C ALA C 73 -62.93 -35.00 44.11
N CYS C 74 -62.82 -33.69 43.84
CA CYS C 74 -62.88 -32.64 44.85
C CYS C 74 -63.74 -31.52 44.29
N THR C 75 -64.51 -30.88 45.16
CA THR C 75 -65.61 -30.01 44.73
C THR C 75 -65.25 -28.53 44.63
N ALA C 76 -65.00 -27.86 45.76
CA ALA C 76 -64.86 -26.41 45.74
C ALA C 76 -63.53 -25.90 45.16
N ASN C 77 -62.93 -26.59 44.19
CA ASN C 77 -61.70 -26.10 43.56
C ASN C 77 -61.97 -25.33 42.27
N GLY C 78 -63.05 -25.67 41.56
CA GLY C 78 -63.36 -25.02 40.30
C GLY C 78 -64.78 -24.50 40.33
N SER C 79 -65.47 -24.78 41.44
CA SER C 79 -66.86 -24.37 41.74
C SER C 79 -67.76 -24.47 40.53
N CYS C 80 -67.45 -25.39 39.62
CA CYS C 80 -68.29 -25.68 38.47
C CYS C 80 -68.65 -27.15 38.43
N ASP C 81 -67.64 -28.01 38.24
CA ASP C 81 -67.71 -29.46 38.20
C ASP C 81 -66.43 -30.01 38.81
N PRO C 82 -66.54 -30.83 39.86
CA PRO C 82 -65.34 -31.33 40.53
C PRO C 82 -64.39 -32.07 39.58
N SER C 83 -63.10 -31.94 39.86
CA SER C 83 -62.05 -32.56 39.08
C SER C 83 -61.46 -33.74 39.84
N VAL C 84 -61.02 -34.75 39.11
CA VAL C 84 -60.48 -35.95 39.72
C VAL C 84 -59.05 -35.69 40.18
N THR C 85 -58.79 -35.98 41.46
CA THR C 85 -57.50 -35.72 42.07
C THR C 85 -56.60 -36.94 42.09
N ARG C 86 -57.17 -38.13 42.30
CA ARG C 86 -56.41 -39.36 42.38
C ARG C 86 -57.32 -40.49 41.94
N GLN C 87 -56.72 -41.63 41.63
CA GLN C 87 -57.49 -42.80 41.20
C GLN C 87 -57.09 -44.02 42.02
N ALA C 88 -57.84 -45.10 41.83
CA ALA C 88 -57.58 -46.38 42.48
C ALA C 88 -57.73 -47.48 41.44
N TYR C 89 -56.73 -48.35 41.35
CA TYR C 89 -56.64 -49.30 40.26
C TYR C 89 -56.71 -50.73 40.80
N ALA C 90 -57.28 -51.60 39.99
CA ALA C 90 -57.32 -53.03 40.27
C ALA C 90 -57.31 -53.75 38.92
N ASP C 91 -56.54 -54.82 38.82
CA ASP C 91 -56.46 -55.54 37.56
C ASP C 91 -56.10 -56.98 37.84
N VAL C 92 -56.89 -57.92 37.34
CA VAL C 92 -56.59 -59.34 37.42
C VAL C 92 -56.31 -59.84 36.01
N THR C 93 -55.64 -60.98 35.93
CA THR C 93 -55.47 -61.66 34.66
C THR C 93 -55.38 -63.15 34.93
N PHE C 94 -56.33 -63.91 34.38
CA PHE C 94 -56.33 -65.36 34.48
C PHE C 94 -55.81 -65.97 33.19
N SER C 95 -55.13 -67.10 33.32
CA SER C 95 -54.62 -67.80 32.14
C SER C 95 -54.62 -69.30 32.44
N PHE C 96 -55.49 -70.03 31.76
CA PHE C 96 -55.59 -71.46 31.93
C PHE C 96 -55.12 -72.17 30.66
N THR C 97 -54.77 -73.43 30.81
CA THR C 97 -54.30 -74.23 29.68
C THR C 97 -55.48 -74.56 28.78
N GLN C 98 -55.18 -74.93 27.54
CA GLN C 98 -56.24 -75.30 26.60
C GLN C 98 -57.00 -76.53 27.09
N TYR C 99 -56.31 -77.48 27.73
CA TYR C 99 -56.94 -78.64 28.32
C TYR C 99 -57.38 -78.44 29.77
N SER C 100 -57.59 -77.20 30.20
CA SER C 100 -57.97 -76.95 31.59
C SER C 100 -59.41 -77.40 31.83
N THR C 101 -59.66 -77.93 33.03
CA THR C 101 -60.98 -78.43 33.36
C THR C 101 -61.90 -77.31 33.85
N ASP C 102 -63.21 -77.55 33.70
CA ASP C 102 -64.20 -76.59 34.13
C ASP C 102 -64.11 -76.33 35.64
N GLU C 103 -64.03 -77.39 36.43
CA GLU C 103 -63.99 -77.24 37.89
C GLU C 103 -62.72 -76.50 38.34
N GLU C 104 -61.58 -76.80 37.72
CA GLU C 104 -60.33 -76.11 38.08
C GLU C 104 -60.48 -74.60 37.96
N ARG C 105 -61.22 -74.15 36.95
CA ARG C 105 -61.35 -72.72 36.68
C ARG C 105 -62.11 -72.04 37.82
N ALA C 106 -63.21 -72.64 38.26
CA ALA C 106 -63.94 -72.09 39.40
C ALA C 106 -63.12 -72.12 40.67
N PHE C 107 -62.24 -73.11 40.82
CA PHE C 107 -61.40 -73.22 42.01
C PHE C 107 -60.48 -72.02 42.13
N VAL C 108 -59.82 -71.66 41.02
CA VAL C 108 -58.96 -70.48 41.01
C VAL C 108 -59.76 -69.21 41.27
N ARG C 109 -61.05 -69.22 40.95
CA ARG C 109 -61.90 -68.05 41.14
C ARG C 109 -62.30 -67.87 42.61
N THR C 110 -62.81 -68.93 43.23
CA THR C 110 -63.21 -68.81 44.63
C THR C 110 -61.99 -68.72 45.55
N GLU C 111 -60.87 -69.31 45.12
CA GLU C 111 -59.63 -69.12 45.88
C GLU C 111 -59.25 -67.65 45.93
N LEU C 112 -59.37 -66.94 44.81
CA LEU C 112 -59.07 -65.52 44.79
C LEU C 112 -60.10 -64.72 45.56
N ALA C 113 -61.39 -65.06 45.43
CA ALA C 113 -62.43 -64.33 46.14
C ALA C 113 -62.31 -64.52 47.64
N ALA C 114 -62.09 -65.76 48.09
CA ALA C 114 -61.92 -66.02 49.52
C ALA C 114 -60.59 -65.47 50.02
N LEU C 115 -59.55 -65.52 49.19
CA LEU C 115 -58.27 -64.96 49.60
C LEU C 115 -58.35 -63.46 49.76
N LEU C 116 -59.26 -62.81 49.04
CA LEU C 116 -59.43 -61.37 49.15
C LEU C 116 -60.07 -60.96 50.47
N ALA C 117 -60.58 -61.92 51.26
CA ALA C 117 -61.20 -61.61 52.53
C ALA C 117 -60.44 -62.19 53.73
N SER C 118 -59.31 -62.85 53.50
CA SER C 118 -58.52 -63.39 54.60
C SER C 118 -57.77 -62.27 55.31
N PRO C 119 -57.68 -62.32 56.65
CA PRO C 119 -56.94 -61.31 57.42
C PRO C 119 -55.63 -60.88 56.78
N LEU C 120 -54.93 -61.83 56.16
CA LEU C 120 -53.64 -61.53 55.55
C LEU C 120 -53.78 -60.47 54.46
N LEU C 121 -54.75 -60.64 53.56
CA LEU C 121 -54.93 -59.68 52.49
C LEU C 121 -55.54 -58.37 52.97
N ILE C 122 -56.21 -58.35 54.12
CA ILE C 122 -56.74 -57.10 54.63
C ILE C 122 -55.62 -56.12 54.94
N ASP C 123 -54.62 -56.56 55.71
CA ASP C 123 -53.50 -55.69 56.01
C ASP C 123 -52.56 -55.54 54.83
N ALA C 124 -52.63 -56.47 53.86
CA ALA C 124 -51.86 -56.31 52.63
C ALA C 124 -52.48 -55.26 51.73
N ILE C 125 -53.79 -55.09 51.81
CA ILE C 125 -54.52 -54.17 50.93
C ILE C 125 -54.87 -52.88 51.65
N ASP C 126 -55.44 -52.99 52.84
CA ASP C 126 -56.01 -51.85 53.55
C ASP C 126 -54.96 -51.06 54.33
N GLN C 127 -54.08 -51.76 55.05
CA GLN C 127 -52.99 -51.14 55.78
C GLN C 127 -51.67 -51.22 55.03
N LEU C 128 -51.63 -51.99 53.95
CA LEU C 128 -50.46 -52.11 53.06
C LEU C 128 -49.20 -52.41 53.86
N ASN C 129 -49.27 -53.44 54.69
CA ASN C 129 -48.10 -53.92 55.37
C ASN C 129 -47.85 -55.38 55.02
N PRO C 130 -46.61 -55.75 54.71
CA PRO C 130 -46.34 -57.11 54.26
C PRO C 130 -46.50 -58.10 55.40
N ALA C 131 -46.42 -59.38 55.05
CA ALA C 131 -46.33 -60.41 56.06
C ALA C 131 -44.98 -60.31 56.78
N TYR C 132 -45.02 -60.38 58.11
CA TYR C 132 -43.81 -60.24 58.91
C TYR C 132 -43.84 -61.32 59.98
N ALA D 1 -50.25 -58.16 57.82
CA ALA D 1 -50.29 -58.76 59.15
C ALA D 1 -49.28 -59.89 59.27
N LYS D 2 -49.53 -60.79 60.22
CA LYS D 2 -48.69 -61.95 60.42
C LYS D 2 -48.94 -62.99 59.34
N LEU D 3 -47.89 -63.71 58.97
CA LEU D 3 -47.95 -64.77 57.97
C LEU D 3 -48.49 -66.01 58.66
N GLU D 4 -49.81 -66.13 58.73
CA GLU D 4 -50.44 -67.23 59.42
C GLU D 4 -50.74 -68.38 58.45
N THR D 5 -51.26 -69.47 59.00
CA THR D 5 -51.79 -70.57 58.19
C THR D 5 -53.23 -70.24 57.82
N VAL D 6 -53.46 -69.88 56.57
CA VAL D 6 -54.76 -69.45 56.11
C VAL D 6 -55.55 -70.66 55.62
N THR D 7 -56.85 -70.65 55.90
CA THR D 7 -57.74 -71.75 55.54
C THR D 7 -58.96 -71.15 54.85
N LEU D 8 -59.09 -71.38 53.56
CA LEU D 8 -60.20 -70.83 52.79
C LEU D 8 -61.38 -71.78 52.81
N GLY D 9 -62.54 -71.27 53.23
CA GLY D 9 -63.77 -72.02 53.24
C GLY D 9 -64.73 -71.51 52.16
N ASN D 10 -65.78 -72.30 51.93
CA ASN D 10 -66.77 -72.01 50.89
C ASN D 10 -66.07 -71.74 49.56
N ILE D 11 -65.35 -72.76 49.10
CA ILE D 11 -64.45 -72.66 47.97
C ILE D 11 -64.79 -73.77 47.00
N GLY D 12 -64.41 -73.57 45.74
CA GLY D 12 -64.60 -74.61 44.75
C GLY D 12 -65.82 -74.38 43.88
N LYS D 13 -65.95 -75.24 42.88
CA LYS D 13 -67.12 -75.20 42.01
C LYS D 13 -68.39 -75.38 42.83
N ASP D 14 -68.41 -76.39 43.71
CA ASP D 14 -69.58 -76.69 44.54
C ASP D 14 -69.89 -75.56 45.52
N GLY D 15 -68.86 -74.96 46.10
CA GLY D 15 -68.98 -74.04 47.20
C GLY D 15 -68.94 -74.73 48.54
N LYS D 16 -68.78 -76.05 48.55
CA LYS D 16 -68.64 -76.88 49.75
C LYS D 16 -67.28 -77.55 49.72
N GLN D 17 -66.22 -76.73 49.75
CA GLN D 17 -64.88 -77.24 49.76
C GLN D 17 -64.05 -76.35 50.69
N THR D 18 -62.82 -76.80 50.98
CA THR D 18 -61.92 -76.01 51.82
C THR D 18 -60.49 -76.27 51.37
N LEU D 19 -59.62 -75.30 51.63
CA LEU D 19 -58.23 -75.37 51.20
C LEU D 19 -57.37 -74.74 52.29
N VAL D 20 -56.41 -75.50 52.80
CA VAL D 20 -55.55 -75.07 53.90
C VAL D 20 -54.17 -74.76 53.33
N LEU D 21 -53.62 -73.61 53.73
CA LEU D 21 -52.34 -73.13 53.23
C LEU D 21 -51.45 -72.71 54.41
N ASN D 22 -50.43 -73.51 54.71
CA ASN D 22 -49.50 -73.15 55.77
C ASN D 22 -48.47 -72.14 55.26
N PRO D 23 -47.95 -71.28 56.14
CA PRO D 23 -46.99 -70.27 55.68
C PRO D 23 -45.67 -70.89 55.28
N ARG D 24 -45.03 -70.27 54.29
CA ARG D 24 -43.72 -70.71 53.82
C ARG D 24 -42.69 -69.58 53.82
N GLY D 25 -42.96 -68.46 54.49
CA GLY D 25 -41.95 -67.43 54.63
C GLY D 25 -41.98 -66.42 53.50
N VAL D 26 -41.00 -65.52 53.53
CA VAL D 26 -40.87 -64.51 52.49
C VAL D 26 -39.64 -64.85 51.66
N ASN D 27 -39.49 -64.13 50.56
CA ASN D 27 -38.34 -64.32 49.68
C ASN D 27 -37.49 -63.05 49.80
N PRO D 28 -36.46 -63.04 50.65
CA PRO D 28 -35.74 -61.79 50.93
C PRO D 28 -35.06 -61.17 49.71
N THR D 29 -35.03 -61.85 48.56
CA THR D 29 -34.52 -61.22 47.35
C THR D 29 -35.63 -60.46 46.62
N ASN D 30 -36.75 -61.14 46.37
CA ASN D 30 -37.89 -60.51 45.72
C ASN D 30 -38.75 -59.68 46.68
N GLY D 31 -38.59 -59.88 47.99
CA GLY D 31 -39.46 -59.19 48.93
C GLY D 31 -40.91 -59.61 48.81
N VAL D 32 -41.16 -60.91 48.60
CA VAL D 32 -42.49 -61.44 48.39
C VAL D 32 -42.73 -62.57 49.37
N ALA D 33 -43.86 -62.53 50.06
CA ALA D 33 -44.27 -63.62 50.93
C ALA D 33 -44.89 -64.75 50.11
N SER D 34 -44.77 -65.96 50.63
CA SER D 34 -45.28 -67.13 49.94
C SER D 34 -45.83 -68.14 50.93
N LEU D 35 -46.84 -68.88 50.49
CA LEU D 35 -47.44 -69.95 51.27
C LEU D 35 -48.14 -70.90 50.32
N SER D 36 -48.28 -72.16 50.73
CA SER D 36 -48.59 -73.26 49.83
C SER D 36 -49.58 -74.21 50.50
N GLN D 37 -50.24 -75.02 49.65
CA GLN D 37 -51.20 -76.02 50.12
C GLN D 37 -50.62 -76.92 51.20
N ALA D 38 -51.40 -77.14 52.25
CA ALA D 38 -50.97 -78.12 53.23
C ALA D 38 -50.94 -79.45 52.49
N GLY D 39 -49.77 -79.82 51.98
CA GLY D 39 -49.60 -81.07 51.27
C GLY D 39 -48.13 -81.38 51.09
N ALA D 40 -47.86 -82.66 50.81
CA ALA D 40 -46.48 -83.14 50.79
C ALA D 40 -45.58 -82.48 49.75
N VAL D 41 -45.81 -82.73 48.47
CA VAL D 41 -44.72 -82.50 47.53
C VAL D 41 -44.68 -81.10 46.92
N PRO D 42 -43.52 -80.44 46.97
CA PRO D 42 -43.41 -79.09 46.38
C PRO D 42 -43.63 -79.01 44.88
N ALA D 43 -43.37 -80.07 44.13
CA ALA D 43 -43.48 -79.97 42.68
C ALA D 43 -44.94 -79.88 42.25
N LEU D 44 -45.83 -80.57 42.96
CA LEU D 44 -47.25 -80.53 42.61
C LEU D 44 -48.00 -80.04 43.83
N GLU D 45 -48.14 -78.72 43.94
CA GLU D 45 -48.76 -78.10 45.10
C GLU D 45 -49.23 -76.74 44.65
N LYS D 46 -50.41 -76.33 45.12
CA LYS D 46 -50.84 -74.98 44.87
C LYS D 46 -50.09 -74.03 45.79
N ARG D 47 -49.93 -72.80 45.33
CA ARG D 47 -49.18 -71.81 46.09
C ARG D 47 -49.71 -70.45 45.70
N VAL D 48 -49.60 -69.50 46.63
CA VAL D 48 -49.98 -68.11 46.38
C VAL D 48 -48.91 -67.21 46.98
N THR D 49 -48.75 -66.04 46.39
CA THR D 49 -47.69 -65.11 46.78
C THR D 49 -48.27 -63.70 46.84
N VAL D 50 -47.94 -62.98 47.91
CA VAL D 50 -48.43 -61.64 48.15
C VAL D 50 -47.24 -60.71 48.28
N SER D 51 -47.36 -59.48 47.77
CA SER D 51 -46.27 -58.53 47.84
C SER D 51 -46.82 -57.11 47.90
N VAL D 52 -46.22 -56.29 48.77
CA VAL D 52 -46.53 -54.87 48.88
C VAL D 52 -45.23 -54.10 48.72
N SER D 53 -45.29 -52.97 48.02
CA SER D 53 -44.09 -52.15 47.80
C SER D 53 -44.36 -50.67 48.04
N GLN D 54 -43.46 -50.03 48.79
CA GLN D 54 -43.48 -48.59 48.95
C GLN D 54 -42.99 -47.92 47.67
N PRO D 55 -43.28 -46.64 47.45
CA PRO D 55 -42.96 -46.04 46.15
C PRO D 55 -41.46 -45.84 46.00
N SER D 56 -40.92 -46.36 44.91
CA SER D 56 -39.50 -46.31 44.66
C SER D 56 -39.23 -45.40 43.46
N ARG D 57 -38.20 -45.72 42.68
CA ARG D 57 -37.79 -44.94 41.53
C ARG D 57 -38.50 -45.36 40.26
N ASN D 58 -39.14 -46.52 40.27
CA ASN D 58 -39.95 -46.97 39.13
C ASN D 58 -41.20 -46.11 39.05
N ARG D 59 -42.16 -46.38 39.94
CA ARG D 59 -43.37 -45.57 40.04
C ARG D 59 -43.40 -44.88 41.40
N LYS D 60 -44.11 -43.75 41.46
CA LYS D 60 -44.23 -42.99 42.70
C LYS D 60 -45.57 -43.26 43.37
N ASN D 61 -46.13 -44.45 43.20
CA ASN D 61 -47.37 -44.89 43.82
C ASN D 61 -47.18 -46.27 44.45
N TYR D 62 -48.16 -46.66 45.24
CA TYR D 62 -48.12 -47.95 45.90
C TYR D 62 -48.62 -49.03 44.96
N LYS D 63 -48.06 -50.23 45.09
CA LYS D 63 -48.50 -51.35 44.27
C LYS D 63 -48.45 -52.62 45.10
N VAL D 64 -49.59 -53.31 45.19
CA VAL D 64 -49.71 -54.59 45.88
C VAL D 64 -50.31 -55.61 44.90
N GLN D 65 -49.77 -56.83 44.93
CA GLN D 65 -50.17 -57.86 43.98
C GLN D 65 -50.11 -59.23 44.65
N VAL D 66 -51.13 -60.03 44.36
CA VAL D 66 -51.19 -61.42 44.81
C VAL D 66 -51.24 -62.31 43.57
N LYS D 67 -50.55 -63.43 43.65
CA LYS D 67 -50.52 -64.41 42.56
C LYS D 67 -51.05 -65.75 43.05
N ILE D 68 -51.70 -66.48 42.15
CA ILE D 68 -52.17 -67.84 42.41
C ILE D 68 -51.62 -68.75 41.32
N GLN D 69 -51.13 -69.92 41.72
CA GLN D 69 -50.56 -70.88 40.78
C GLN D 69 -51.01 -72.27 41.22
N ASN D 70 -51.96 -72.85 40.49
CA ASN D 70 -52.50 -74.17 40.81
C ASN D 70 -52.16 -75.15 39.71
N PRO D 71 -51.18 -76.02 39.90
CA PRO D 71 -50.87 -77.03 38.88
C PRO D 71 -51.78 -78.24 39.05
N THR D 72 -51.69 -79.16 38.09
CA THR D 72 -52.43 -80.41 38.13
C THR D 72 -51.53 -81.52 37.62
N ALA D 73 -51.76 -82.71 38.14
CA ALA D 73 -50.85 -83.83 37.93
C ALA D 73 -51.62 -85.06 37.47
N CYS D 74 -50.86 -86.12 37.20
CA CYS D 74 -51.44 -87.40 36.89
C CYS D 74 -50.60 -88.46 37.60
N THR D 75 -51.28 -89.46 38.13
CA THR D 75 -50.63 -90.54 38.87
C THR D 75 -50.44 -91.77 38.01
N ALA D 76 -50.68 -91.63 36.71
CA ALA D 76 -50.79 -92.74 35.77
C ALA D 76 -49.44 -93.34 35.40
N ASN D 77 -49.45 -94.05 34.27
CA ASN D 77 -48.31 -94.79 33.75
C ASN D 77 -47.02 -93.99 33.83
N GLY D 78 -45.93 -94.71 34.09
CA GLY D 78 -44.61 -94.14 34.24
C GLY D 78 -44.08 -94.47 35.63
N SER D 79 -43.33 -93.49 36.16
CA SER D 79 -42.90 -93.68 37.54
C SER D 79 -44.08 -93.46 38.48
N CYS D 80 -44.00 -94.00 39.69
CA CYS D 80 -45.11 -93.83 40.63
C CYS D 80 -45.10 -92.47 41.35
N ASP D 81 -44.29 -91.51 40.88
CA ASP D 81 -44.27 -90.18 41.47
C ASP D 81 -44.86 -89.22 40.42
N PRO D 82 -46.03 -88.65 40.68
CA PRO D 82 -46.79 -87.94 39.66
C PRO D 82 -46.11 -86.75 39.02
N SER D 83 -46.41 -86.56 37.73
CA SER D 83 -45.91 -85.46 36.92
C SER D 83 -47.03 -84.47 36.62
N VAL D 84 -46.66 -83.20 36.50
CA VAL D 84 -47.59 -82.10 36.26
C VAL D 84 -47.96 -82.03 34.78
N THR D 85 -49.25 -82.00 34.49
CA THR D 85 -49.73 -81.98 33.12
C THR D 85 -50.02 -80.57 32.61
N ARG D 86 -50.64 -79.71 33.42
CA ARG D 86 -50.93 -78.34 33.01
C ARG D 86 -51.06 -77.51 34.28
N GLN D 87 -51.07 -76.19 34.12
CA GLN D 87 -51.22 -75.31 35.26
C GLN D 87 -52.33 -74.30 34.99
N ALA D 88 -52.75 -73.60 36.05
CA ALA D 88 -53.78 -72.56 35.96
C ALA D 88 -53.38 -71.39 36.84
N TYR D 89 -53.42 -70.18 36.28
CA TYR D 89 -52.88 -68.98 36.91
C TYR D 89 -53.95 -67.95 37.21
N ALA D 90 -53.67 -67.15 38.24
CA ALA D 90 -54.47 -66.00 38.62
C ALA D 90 -53.49 -64.97 39.19
N ASP D 91 -53.70 -63.71 38.82
CA ASP D 91 -52.83 -62.64 39.28
C ASP D 91 -53.61 -61.33 39.31
N VAL D 92 -53.56 -60.64 40.46
CA VAL D 92 -54.18 -59.33 40.60
C VAL D 92 -53.07 -58.30 40.74
N THR D 93 -53.42 -57.03 40.50
CA THR D 93 -52.51 -55.93 40.78
C THR D 93 -53.32 -54.71 41.17
N PHE D 94 -53.12 -54.26 42.41
CA PHE D 94 -53.74 -53.06 42.93
C PHE D 94 -52.69 -51.95 42.99
N SER D 95 -53.11 -50.71 42.74
CA SER D 95 -52.18 -49.59 42.81
C SER D 95 -52.93 -48.34 43.22
N PHE D 96 -52.64 -47.84 44.42
CA PHE D 96 -53.27 -46.64 44.94
C PHE D 96 -52.24 -45.51 45.07
N THR D 97 -52.74 -44.28 45.08
CA THR D 97 -51.91 -43.11 45.24
C THR D 97 -51.49 -42.96 46.70
N GLN D 98 -50.45 -42.16 46.96
CA GLN D 98 -50.04 -41.90 48.33
C GLN D 98 -51.14 -41.19 49.11
N TYR D 99 -51.97 -40.38 48.45
CA TYR D 99 -53.09 -39.73 49.11
C TYR D 99 -54.36 -40.58 49.13
N SER D 100 -54.24 -41.89 48.96
CA SER D 100 -55.41 -42.76 48.98
C SER D 100 -55.89 -42.96 50.41
N THR D 101 -57.21 -43.00 50.58
CA THR D 101 -57.82 -43.19 51.89
C THR D 101 -57.92 -44.67 52.23
N ASP D 102 -58.02 -44.95 53.53
CA ASP D 102 -58.14 -46.33 53.99
C ASP D 102 -59.39 -46.98 53.41
N GLU D 103 -60.53 -46.28 53.47
CA GLU D 103 -61.78 -46.85 52.98
C GLU D 103 -61.73 -47.10 51.47
N GLU D 104 -61.11 -46.20 50.72
CA GLU D 104 -60.98 -46.38 49.27
C GLU D 104 -60.31 -47.70 48.93
N ARG D 105 -59.30 -48.08 49.71
CA ARG D 105 -58.54 -49.29 49.42
C ARG D 105 -59.40 -50.53 49.61
N ALA D 106 -60.13 -50.59 50.73
CA ALA D 106 -61.00 -51.73 50.99
C ALA D 106 -62.13 -51.83 49.98
N PHE D 107 -62.61 -50.69 49.49
CA PHE D 107 -63.72 -50.71 48.53
C PHE D 107 -63.31 -51.42 47.25
N VAL D 108 -62.13 -51.07 46.70
CA VAL D 108 -61.60 -51.75 45.54
C VAL D 108 -61.34 -53.21 45.83
N ARG D 109 -61.12 -53.56 47.10
CA ARG D 109 -60.86 -54.94 47.49
C ARG D 109 -62.14 -55.76 47.48
N THR D 110 -63.19 -55.28 48.14
CA THR D 110 -64.44 -56.03 48.19
C THR D 110 -65.16 -55.99 46.85
N GLU D 111 -64.96 -54.93 46.07
CA GLU D 111 -65.53 -54.87 44.72
C GLU D 111 -65.03 -56.03 43.88
N LEU D 112 -63.73 -56.32 43.96
CA LEU D 112 -63.18 -57.45 43.22
C LEU D 112 -63.67 -58.76 43.81
N ALA D 113 -63.78 -58.84 45.14
CA ALA D 113 -64.27 -60.06 45.78
C ALA D 113 -65.71 -60.35 45.37
N ALA D 114 -66.56 -59.33 45.36
CA ALA D 114 -67.94 -59.53 44.92
C ALA D 114 -68.00 -59.76 43.41
N LEU D 115 -67.13 -59.11 42.65
CA LEU D 115 -67.12 -59.28 41.20
C LEU D 115 -66.66 -60.67 40.79
N LEU D 116 -65.86 -61.35 41.62
CA LEU D 116 -65.42 -62.69 41.29
C LEU D 116 -66.55 -63.72 41.37
N ALA D 117 -67.69 -63.37 41.94
CA ALA D 117 -68.84 -64.27 42.04
C ALA D 117 -70.07 -63.76 41.30
N SER D 118 -69.96 -62.63 40.59
CA SER D 118 -71.09 -62.07 39.88
C SER D 118 -71.38 -62.89 38.62
N PRO D 119 -72.67 -63.09 38.29
CA PRO D 119 -73.06 -63.86 37.09
C PRO D 119 -72.22 -63.60 35.85
N LEU D 120 -71.84 -62.34 35.64
CA LEU D 120 -71.07 -61.98 34.45
C LEU D 120 -69.71 -62.69 34.44
N LEU D 121 -69.00 -62.64 35.56
CA LEU D 121 -67.70 -63.28 35.67
C LEU D 121 -67.80 -64.81 35.71
N ILE D 122 -69.00 -65.35 35.97
CA ILE D 122 -69.16 -66.80 35.99
C ILE D 122 -68.82 -67.40 34.63
N ASP D 123 -69.42 -66.86 33.56
CA ASP D 123 -69.11 -67.36 32.23
C ASP D 123 -67.77 -66.86 31.69
N ALA D 124 -67.23 -65.78 32.27
CA ALA D 124 -65.92 -65.31 31.86
C ALA D 124 -64.79 -66.16 32.42
N ILE D 125 -65.00 -66.78 33.58
CA ILE D 125 -63.98 -67.57 34.25
C ILE D 125 -64.18 -69.06 34.00
N ASP D 126 -65.41 -69.54 34.19
CA ASP D 126 -65.68 -70.97 34.12
C ASP D 126 -65.98 -71.46 32.72
N GLN D 127 -66.79 -70.72 31.96
CA GLN D 127 -67.14 -71.09 30.60
C GLN D 127 -66.33 -70.34 29.54
N LEU D 128 -65.58 -69.32 29.96
CA LEU D 128 -64.70 -68.54 29.10
C LEU D 128 -65.43 -68.08 27.85
N ASN D 129 -66.61 -67.49 28.06
CA ASN D 129 -67.35 -66.86 26.99
C ASN D 129 -67.57 -65.41 27.39
N PRO D 130 -67.33 -64.45 26.49
CA PRO D 130 -67.34 -63.04 26.88
C PRO D 130 -68.73 -62.53 27.21
N ALA D 131 -68.76 -61.31 27.72
CA ALA D 131 -70.00 -60.57 27.87
C ALA D 131 -70.57 -60.22 26.50
N TYR D 132 -71.86 -60.43 26.34
CA TYR D 132 -72.50 -60.17 25.05
C TYR D 132 -73.82 -59.45 25.27
N ALA E 1 -34.25 -54.92 68.78
CA ALA E 1 -35.06 -55.85 69.55
C ALA E 1 -36.32 -56.23 68.80
N LYS E 2 -37.36 -56.66 69.52
CA LYS E 2 -38.62 -57.03 68.90
C LYS E 2 -39.34 -55.77 68.44
N LEU E 3 -40.08 -55.89 67.33
CA LEU E 3 -40.78 -54.75 66.73
C LEU E 3 -42.06 -54.49 67.49
N GLU E 4 -41.96 -53.71 68.56
CA GLU E 4 -43.11 -53.38 69.37
C GLU E 4 -43.70 -52.04 68.91
N THR E 5 -44.81 -51.64 69.54
CA THR E 5 -45.37 -50.32 69.34
C THR E 5 -44.70 -49.36 70.34
N VAL E 6 -43.82 -48.50 69.82
CA VAL E 6 -43.05 -47.59 70.66
C VAL E 6 -43.82 -46.29 70.82
N THR E 7 -43.78 -45.73 72.02
CA THR E 7 -44.48 -44.49 72.35
C THR E 7 -43.52 -43.58 73.11
N LEU E 8 -43.13 -42.48 72.47
CA LEU E 8 -42.25 -41.50 73.12
C LEU E 8 -43.12 -40.48 73.85
N GLY E 9 -42.88 -40.32 75.15
CA GLY E 9 -43.60 -39.37 75.96
C GLY E 9 -42.72 -38.20 76.36
N ASN E 10 -43.38 -37.16 76.87
CA ASN E 10 -42.70 -35.94 77.29
C ASN E 10 -41.80 -35.43 76.16
N ILE E 11 -42.45 -35.10 75.04
CA ILE E 11 -41.78 -34.84 73.78
C ILE E 11 -42.24 -33.50 73.24
N GLY E 12 -41.43 -32.92 72.37
CA GLY E 12 -41.81 -31.69 71.71
C GLY E 12 -41.14 -30.47 72.31
N LYS E 13 -41.39 -29.34 71.66
CA LYS E 13 -40.90 -28.07 72.17
C LYS E 13 -41.40 -27.84 73.59
N ASP E 14 -42.70 -28.06 73.80
CA ASP E 14 -43.29 -27.90 75.13
C ASP E 14 -42.68 -28.88 76.13
N GLY E 15 -42.48 -30.12 75.70
CA GLY E 15 -42.02 -31.18 76.56
C GLY E 15 -43.14 -31.91 77.26
N LYS E 16 -44.39 -31.55 76.96
CA LYS E 16 -45.57 -32.15 77.55
C LYS E 16 -46.46 -32.78 76.47
N GLN E 17 -45.86 -33.37 75.45
CA GLN E 17 -46.56 -34.05 74.37
C GLN E 17 -46.21 -35.53 74.37
N THR E 18 -46.88 -36.27 73.49
CA THR E 18 -46.66 -37.70 73.35
C THR E 18 -46.80 -38.08 71.89
N LEU E 19 -46.14 -39.17 71.52
CA LEU E 19 -46.10 -39.62 70.13
C LEU E 19 -46.11 -41.14 70.09
N VAL E 20 -47.08 -41.71 69.39
CA VAL E 20 -47.25 -43.16 69.29
C VAL E 20 -46.81 -43.61 67.90
N LEU E 21 -45.99 -44.67 67.85
CA LEU E 21 -45.44 -45.20 66.60
C LEU E 21 -45.67 -46.70 66.57
N ASN E 22 -46.63 -47.14 65.74
CA ASN E 22 -47.00 -48.54 65.56
C ASN E 22 -46.08 -49.25 64.58
N PRO E 23 -45.88 -50.57 64.77
CA PRO E 23 -44.99 -51.31 63.86
C PRO E 23 -45.59 -51.46 62.47
N ARG E 24 -44.70 -51.52 61.48
CA ARG E 24 -45.06 -51.70 60.08
C ARG E 24 -44.33 -52.88 59.45
N GLY E 25 -43.70 -53.72 60.26
CA GLY E 25 -43.03 -54.91 59.75
C GLY E 25 -41.61 -54.57 59.40
N VAL E 26 -40.91 -55.56 58.85
CA VAL E 26 -39.54 -55.36 58.40
C VAL E 26 -39.52 -55.41 56.89
N ASN E 27 -38.42 -54.93 56.32
CA ASN E 27 -38.22 -54.94 54.87
C ASN E 27 -37.04 -55.86 54.57
N PRO E 28 -37.28 -57.15 54.32
CA PRO E 28 -36.16 -58.09 54.17
C PRO E 28 -35.31 -57.85 52.94
N THR E 29 -35.71 -56.95 52.03
CA THR E 29 -34.86 -56.64 50.88
C THR E 29 -33.88 -55.52 51.20
N ASN E 30 -34.37 -54.42 51.76
CA ASN E 30 -33.50 -53.32 52.15
C ASN E 30 -32.78 -53.59 53.47
N GLY E 31 -33.23 -54.58 54.23
CA GLY E 31 -32.67 -54.81 55.55
C GLY E 31 -32.92 -53.65 56.47
N VAL E 32 -34.08 -53.02 56.35
CA VAL E 32 -34.45 -51.84 57.14
C VAL E 32 -35.80 -52.09 57.79
N ALA E 33 -35.86 -51.91 59.10
CA ALA E 33 -37.13 -51.94 59.79
C ALA E 33 -37.81 -50.58 59.66
N SER E 34 -39.13 -50.59 59.71
CA SER E 34 -39.88 -49.36 59.59
C SER E 34 -41.11 -49.45 60.47
N LEU E 35 -41.50 -48.30 61.02
CA LEU E 35 -42.70 -48.19 61.82
C LEU E 35 -43.13 -46.72 61.80
N SER E 36 -44.43 -46.49 61.91
CA SER E 36 -44.98 -45.18 61.58
C SER E 36 -46.11 -44.82 62.54
N GLN E 37 -46.30 -43.52 62.72
CA GLN E 37 -47.47 -43.05 63.46
C GLN E 37 -48.71 -43.30 62.63
N ALA E 38 -49.71 -43.95 63.23
CA ALA E 38 -50.93 -44.35 62.54
C ALA E 38 -51.73 -43.12 62.11
N GLY E 39 -51.76 -42.85 60.81
CA GLY E 39 -52.49 -41.73 60.27
C GLY E 39 -53.48 -42.22 59.22
N ALA E 40 -54.42 -41.34 58.87
CA ALA E 40 -55.47 -41.71 57.92
C ALA E 40 -54.85 -42.08 56.57
N VAL E 41 -54.22 -41.11 55.92
CA VAL E 41 -53.62 -41.31 54.61
C VAL E 41 -52.15 -41.69 54.80
N PRO E 42 -51.64 -42.71 54.11
CA PRO E 42 -50.23 -43.12 54.31
C PRO E 42 -49.22 -42.04 53.99
N ALA E 43 -49.50 -41.12 53.07
CA ALA E 43 -48.53 -40.09 52.76
C ALA E 43 -48.44 -39.06 53.88
N LEU E 44 -49.56 -38.79 54.54
CA LEU E 44 -49.62 -37.76 55.57
C LEU E 44 -48.91 -38.19 56.84
N GLU E 45 -48.82 -39.50 57.10
CA GLU E 45 -48.43 -39.97 58.42
C GLU E 45 -46.94 -39.76 58.68
N LYS E 46 -46.61 -39.57 59.96
CA LYS E 46 -45.21 -39.56 60.37
C LYS E 46 -44.64 -40.97 60.32
N ARG E 47 -43.33 -41.07 60.14
CA ARG E 47 -42.70 -42.38 60.06
C ARG E 47 -41.24 -42.28 60.50
N VAL E 48 -40.72 -43.39 61.04
CA VAL E 48 -39.31 -43.51 61.41
C VAL E 48 -38.84 -44.91 61.04
N THR E 49 -37.53 -45.03 60.76
CA THR E 49 -36.94 -46.26 60.26
C THR E 49 -35.62 -46.56 60.95
N VAL E 50 -35.42 -47.82 61.33
CA VAL E 50 -34.21 -48.29 62.01
C VAL E 50 -33.60 -49.43 61.20
N SER E 51 -32.27 -49.46 61.11
CA SER E 51 -31.59 -50.48 60.34
C SER E 51 -30.20 -50.74 60.89
N VAL E 52 -29.80 -52.01 60.96
CA VAL E 52 -28.43 -52.38 61.31
C VAL E 52 -27.87 -53.31 60.21
N SER E 53 -26.59 -53.13 59.88
CA SER E 53 -25.92 -53.95 58.89
C SER E 53 -24.59 -54.47 59.43
N GLN E 54 -24.36 -55.77 59.29
CA GLN E 54 -23.09 -56.37 59.67
C GLN E 54 -22.02 -56.06 58.61
N PRO E 55 -20.74 -56.17 58.98
CA PRO E 55 -19.69 -55.80 58.03
C PRO E 55 -19.58 -56.84 56.92
N SER E 56 -19.58 -56.36 55.67
CA SER E 56 -19.54 -57.26 54.54
C SER E 56 -18.19 -57.10 53.85
N ARG E 57 -18.17 -57.22 52.53
CA ARG E 57 -16.94 -57.13 51.76
C ARG E 57 -16.59 -55.70 51.39
N ASN E 58 -17.54 -54.77 51.50
CA ASN E 58 -17.27 -53.37 51.22
C ASN E 58 -16.41 -52.79 52.35
N ARG E 59 -17.03 -52.50 53.51
CA ARG E 59 -16.30 -52.04 54.68
C ARG E 59 -16.45 -53.06 55.81
N LYS E 60 -15.41 -53.15 56.64
CA LYS E 60 -15.38 -54.09 57.75
C LYS E 60 -15.74 -53.40 59.05
N ASN E 61 -16.82 -52.62 59.04
CA ASN E 61 -17.37 -51.91 60.19
C ASN E 61 -18.89 -52.03 60.23
N TYR E 62 -19.42 -51.90 61.44
CA TYR E 62 -20.86 -51.97 61.65
C TYR E 62 -21.47 -50.60 61.38
N LYS E 63 -22.73 -50.60 60.95
CA LYS E 63 -23.49 -49.37 60.71
C LYS E 63 -24.92 -49.55 61.18
N VAL E 64 -25.36 -48.64 62.05
CA VAL E 64 -26.75 -48.54 62.47
C VAL E 64 -27.19 -47.11 62.21
N GLN E 65 -28.39 -46.96 61.65
CA GLN E 65 -28.88 -45.67 61.21
C GLN E 65 -30.39 -45.62 61.39
N VAL E 66 -30.88 -44.52 61.93
CA VAL E 66 -32.30 -44.28 62.04
C VAL E 66 -32.63 -43.00 61.28
N LYS E 67 -33.76 -43.02 60.58
CA LYS E 67 -34.23 -41.86 59.85
C LYS E 67 -35.59 -41.45 60.41
N ILE E 68 -35.82 -40.15 60.44
CA ILE E 68 -37.10 -39.59 60.87
C ILE E 68 -37.62 -38.68 59.77
N GLN E 69 -38.90 -38.81 59.46
CA GLN E 69 -39.51 -38.01 58.41
C GLN E 69 -40.90 -37.60 58.89
N ASN E 70 -41.04 -36.34 59.25
CA ASN E 70 -42.30 -35.80 59.75
C ASN E 70 -42.85 -34.79 58.75
N PRO E 71 -43.84 -35.15 57.94
CA PRO E 71 -44.43 -34.18 57.03
C PRO E 71 -45.50 -33.38 57.75
N THR E 72 -45.94 -32.33 57.07
CA THR E 72 -47.05 -31.51 57.55
C THR E 72 -47.85 -31.12 56.33
N ALA E 73 -49.13 -30.88 56.53
CA ALA E 73 -50.07 -30.68 55.43
C ALA E 73 -50.94 -29.46 55.69
N CYS E 74 -51.73 -29.11 54.70
CA CYS E 74 -52.65 -28.00 54.82
C CYS E 74 -53.95 -28.45 54.17
N THR E 75 -55.07 -28.09 54.77
CA THR E 75 -56.38 -28.60 54.35
C THR E 75 -57.18 -27.67 53.46
N ALA E 76 -56.99 -26.35 53.57
CA ALA E 76 -57.86 -25.41 52.89
C ALA E 76 -57.60 -25.29 51.39
N ASN E 77 -56.69 -26.11 50.84
CA ASN E 77 -56.33 -25.98 49.43
C ASN E 77 -57.35 -26.62 48.49
N GLY E 78 -57.39 -27.94 48.44
CA GLY E 78 -58.33 -28.66 47.56
C GLY E 78 -59.73 -28.81 48.08
N SER E 79 -60.01 -28.31 49.29
CA SER E 79 -61.26 -28.56 50.02
C SER E 79 -61.64 -30.03 49.97
N CYS E 80 -60.62 -30.88 49.83
CA CYS E 80 -60.74 -32.33 49.89
C CYS E 80 -59.70 -32.85 50.87
N ASP E 81 -59.06 -33.96 50.53
CA ASP E 81 -58.00 -34.53 51.35
C ASP E 81 -56.75 -33.64 51.28
N PRO E 82 -56.26 -33.14 52.42
CA PRO E 82 -55.10 -32.24 52.43
C PRO E 82 -53.85 -32.84 51.83
N SER E 83 -53.04 -31.96 51.23
CA SER E 83 -51.77 -32.32 50.61
C SER E 83 -50.63 -31.81 51.48
N VAL E 84 -49.50 -32.52 51.42
CA VAL E 84 -48.32 -32.18 52.22
C VAL E 84 -47.61 -31.00 51.59
N THR E 85 -47.35 -29.97 52.39
CA THR E 85 -46.74 -28.73 51.93
C THR E 85 -45.23 -28.72 52.11
N ARG E 86 -44.74 -29.28 53.21
CA ARG E 86 -43.32 -29.29 53.50
C ARG E 86 -43.04 -30.51 54.37
N GLN E 87 -41.75 -30.85 54.50
CA GLN E 87 -41.32 -31.98 55.29
C GLN E 87 -40.29 -31.56 56.32
N ALA E 88 -39.98 -32.48 57.23
CA ALA E 88 -38.94 -32.28 58.22
C ALA E 88 -38.16 -33.58 58.29
N TYR E 89 -36.84 -33.49 58.15
CA TYR E 89 -36.02 -34.67 57.97
C TYR E 89 -35.04 -34.79 59.12
N ALA E 90 -34.73 -36.03 59.48
CA ALA E 90 -33.72 -36.35 60.47
C ALA E 90 -33.11 -37.69 60.07
N ASP E 91 -31.78 -37.77 60.18
CA ASP E 91 -31.09 -38.99 59.83
C ASP E 91 -29.79 -39.08 60.63
N VAL E 92 -29.61 -40.21 61.31
CA VAL E 92 -28.39 -40.46 62.05
C VAL E 92 -27.65 -41.60 61.36
N THR E 93 -26.36 -41.71 61.66
CA THR E 93 -25.58 -42.87 61.22
C THR E 93 -24.49 -43.12 62.24
N PHE E 94 -24.53 -44.28 62.88
CA PHE E 94 -23.51 -44.73 63.80
C PHE E 94 -22.64 -45.76 63.11
N SER E 95 -21.36 -45.79 63.46
CA SER E 95 -20.44 -46.76 62.86
C SER E 95 -19.39 -47.12 63.90
N PHE E 96 -19.43 -48.36 64.36
CA PHE E 96 -18.47 -48.84 65.35
C PHE E 96 -17.55 -49.88 64.72
N THR E 97 -16.39 -50.06 65.35
CA THR E 97 -15.41 -51.03 64.88
C THR E 97 -15.88 -52.44 65.22
N GLN E 98 -15.30 -53.43 64.54
CA GLN E 98 -15.63 -54.82 64.81
C GLN E 98 -15.26 -55.19 66.25
N TYR E 99 -14.14 -54.65 66.75
CA TYR E 99 -13.71 -54.84 68.14
C TYR E 99 -14.24 -53.78 69.10
N SER E 100 -15.34 -53.12 68.75
CA SER E 100 -15.89 -52.10 69.64
C SER E 100 -16.55 -52.76 70.84
N THR E 101 -16.42 -52.13 72.01
CA THR E 101 -16.99 -52.72 73.21
C THR E 101 -18.46 -52.37 73.36
N ASP E 102 -19.16 -53.21 74.13
CA ASP E 102 -20.58 -53.00 74.37
C ASP E 102 -20.83 -51.65 75.05
N GLU E 103 -20.09 -51.35 76.12
CA GLU E 103 -20.31 -50.10 76.85
C GLU E 103 -19.94 -48.88 76.00
N GLU E 104 -18.87 -48.97 75.20
CA GLU E 104 -18.49 -47.84 74.35
C GLU E 104 -19.66 -47.37 73.49
N ARG E 105 -20.46 -48.33 73.00
CA ARG E 105 -21.54 -48.01 72.08
C ARG E 105 -22.63 -47.20 72.79
N ALA E 106 -23.00 -47.61 74.00
CA ALA E 106 -24.03 -46.88 74.75
C ALA E 106 -23.59 -45.47 75.07
N PHE E 107 -22.29 -45.25 75.27
CA PHE E 107 -21.81 -43.91 75.57
C PHE E 107 -22.09 -42.96 74.40
N VAL E 108 -21.75 -43.39 73.19
CA VAL E 108 -22.07 -42.59 72.01
C VAL E 108 -23.57 -42.44 71.85
N ARG E 109 -24.33 -43.40 72.40
CA ARG E 109 -25.78 -43.36 72.31
C ARG E 109 -26.35 -42.32 73.27
N THR E 110 -25.94 -42.36 74.54
CA THR E 110 -26.43 -41.40 75.50
C THR E 110 -25.83 -40.01 75.28
N GLU E 111 -24.61 -39.95 74.73
CA GLU E 111 -24.02 -38.67 74.40
C GLU E 111 -24.86 -37.92 73.39
N LEU E 112 -25.38 -38.62 72.38
CA LEU E 112 -26.23 -37.98 71.38
C LEU E 112 -27.56 -37.53 71.99
N ALA E 113 -28.14 -38.34 72.87
CA ALA E 113 -29.40 -37.99 73.50
C ALA E 113 -29.27 -36.75 74.39
N ALA E 114 -28.22 -36.70 75.20
CA ALA E 114 -28.01 -35.54 76.06
C ALA E 114 -27.57 -34.32 75.27
N LEU E 115 -26.81 -34.52 74.20
CA LEU E 115 -26.36 -33.39 73.39
C LEU E 115 -27.52 -32.71 72.68
N LEU E 116 -28.60 -33.44 72.41
CA LEU E 116 -29.77 -32.84 71.79
C LEU E 116 -30.53 -31.92 72.75
N ALA E 117 -30.15 -31.89 74.04
CA ALA E 117 -30.80 -31.04 75.02
C ALA E 117 -29.86 -29.98 75.58
N SER E 118 -28.64 -29.90 75.07
CA SER E 118 -27.72 -28.88 75.55
C SER E 118 -28.11 -27.52 75.00
N PRO E 119 -28.00 -26.46 75.82
CA PRO E 119 -28.35 -25.10 75.37
C PRO E 119 -27.88 -24.78 73.96
N LEU E 120 -26.69 -25.28 73.61
CA LEU E 120 -26.12 -25.01 72.29
C LEU E 120 -27.00 -25.59 71.18
N LEU E 121 -27.41 -26.85 71.32
CA LEU E 121 -28.22 -27.48 70.29
C LEU E 121 -29.65 -26.95 70.23
N ILE E 122 -30.14 -26.31 71.30
CA ILE E 122 -31.47 -25.70 71.23
C ILE E 122 -31.48 -24.60 70.18
N ASP E 123 -30.51 -23.67 70.27
CA ASP E 123 -30.41 -22.59 69.30
C ASP E 123 -29.81 -23.04 67.98
N ALA E 124 -29.14 -24.19 67.95
CA ALA E 124 -28.66 -24.74 66.68
C ALA E 124 -29.80 -25.33 65.87
N ILE E 125 -30.84 -25.82 66.55
CA ILE E 125 -31.96 -26.49 65.90
C ILE E 125 -33.18 -25.59 65.81
N ASP E 126 -33.54 -24.95 66.93
CA ASP E 126 -34.81 -24.25 67.02
C ASP E 126 -34.76 -22.84 66.46
N GLN E 127 -33.70 -22.09 66.74
CA GLN E 127 -33.53 -20.75 66.22
C GLN E 127 -32.65 -20.72 64.98
N LEU E 128 -32.03 -21.85 64.65
CA LEU E 128 -31.18 -21.98 63.46
C LEU E 128 -30.15 -20.87 63.41
N ASN E 129 -29.44 -20.69 64.52
CA ASN E 129 -28.34 -19.76 64.58
C ASN E 129 -27.04 -20.47 64.98
N PRO E 130 -25.95 -20.19 64.30
CA PRO E 130 -24.69 -20.90 64.58
C PRO E 130 -24.16 -20.51 65.95
N ALA E 131 -23.11 -21.19 66.37
CA ALA E 131 -22.40 -20.74 67.56
C ALA E 131 -21.74 -19.40 67.25
N TYR E 132 -21.96 -18.43 68.12
CA TYR E 132 -21.44 -17.08 67.90
C TYR E 132 -20.96 -16.47 69.22
N ALA F 1 -26.42 -20.86 69.94
CA ALA F 1 -26.15 -19.89 71.00
C ALA F 1 -24.67 -19.66 71.15
N LYS F 2 -24.27 -19.22 72.34
CA LYS F 2 -22.86 -18.99 72.63
C LYS F 2 -22.15 -20.33 72.80
N LEU F 3 -20.88 -20.36 72.39
CA LEU F 3 -20.06 -21.57 72.46
C LEU F 3 -19.53 -21.68 73.88
N GLU F 4 -20.33 -22.29 74.77
CA GLU F 4 -19.96 -22.42 76.17
C GLU F 4 -19.27 -23.76 76.41
N THR F 5 -18.86 -23.98 77.65
CA THR F 5 -18.38 -25.29 78.08
C THR F 5 -19.59 -26.13 78.48
N VAL F 6 -19.95 -27.09 77.65
CA VAL F 6 -21.13 -27.92 77.86
C VAL F 6 -20.76 -29.13 78.69
N THR F 7 -21.65 -29.52 79.59
CA THR F 7 -21.43 -30.65 80.49
C THR F 7 -22.67 -31.53 80.48
N LEU F 8 -22.56 -32.72 79.89
CA LEU F 8 -23.67 -33.66 79.83
C LEU F 8 -23.62 -34.58 81.06
N GLY F 9 -24.73 -34.63 81.79
CA GLY F 9 -24.86 -35.48 82.95
C GLY F 9 -25.81 -36.63 82.67
N ASN F 10 -25.78 -37.60 83.59
CA ASN F 10 -26.60 -38.82 83.50
C ASN F 10 -26.40 -39.48 82.14
N ILE F 11 -25.14 -39.90 81.91
CA ILE F 11 -24.69 -40.36 80.61
C ILE F 11 -24.01 -41.71 80.80
N GLY F 12 -23.95 -42.48 79.73
CA GLY F 12 -23.25 -43.76 79.77
C GLY F 12 -24.20 -44.93 79.86
N LYS F 13 -23.60 -46.13 79.79
CA LYS F 13 -24.37 -47.36 79.90
C LYS F 13 -25.13 -47.39 81.22
N ASP F 14 -24.44 -47.10 82.33
CA ASP F 14 -25.10 -47.07 83.63
C ASP F 14 -26.14 -45.96 83.71
N GLY F 15 -25.85 -44.82 83.11
CA GLY F 15 -26.67 -43.64 83.23
C GLY F 15 -26.29 -42.75 84.39
N LYS F 16 -25.21 -43.07 85.11
CA LYS F 16 -24.73 -42.28 86.24
C LYS F 16 -23.32 -41.76 86.00
N GLN F 17 -22.99 -41.40 84.76
CA GLN F 17 -21.69 -40.84 84.43
C GLN F 17 -21.86 -39.42 83.89
N THR F 18 -20.74 -38.73 83.67
CA THR F 18 -20.76 -37.35 83.22
C THR F 18 -19.59 -37.09 82.26
N LEU F 19 -19.77 -36.06 81.43
CA LEU F 19 -18.79 -35.71 80.40
C LEU F 19 -18.74 -34.19 80.25
N VAL F 20 -17.56 -33.61 80.40
CA VAL F 20 -17.35 -32.16 80.36
C VAL F 20 -16.64 -31.81 79.05
N LEU F 21 -17.12 -30.76 78.38
CA LEU F 21 -16.60 -30.36 77.06
C LEU F 21 -16.32 -28.86 77.01
N ASN F 22 -15.02 -28.46 77.00
CA ASN F 22 -14.75 -27.03 76.82
C ASN F 22 -14.83 -26.65 75.34
N PRO F 23 -15.20 -25.41 75.04
CA PRO F 23 -15.27 -24.99 73.64
C PRO F 23 -13.90 -24.91 73.00
N ARG F 24 -13.86 -25.18 71.70
CA ARG F 24 -12.64 -25.09 70.91
C ARG F 24 -12.78 -24.20 69.69
N GLY F 25 -13.84 -23.41 69.59
CA GLY F 25 -13.94 -22.44 68.52
C GLY F 25 -14.60 -23.00 67.29
N VAL F 26 -14.62 -22.17 66.26
CA VAL F 26 -15.17 -22.56 64.96
C VAL F 26 -14.00 -22.68 64.00
N ASN F 27 -14.28 -23.21 62.82
CA ASN F 27 -13.28 -23.31 61.77
C ASN F 27 -13.70 -22.33 60.69
N PRO F 28 -13.18 -21.10 60.70
CA PRO F 28 -13.72 -20.05 59.83
C PRO F 28 -13.59 -20.34 58.34
N THR F 29 -12.82 -21.36 57.96
CA THR F 29 -12.78 -21.78 56.57
C THR F 29 -13.82 -22.88 56.31
N ASN F 30 -13.86 -23.88 57.19
CA ASN F 30 -14.81 -24.98 57.06
C ASN F 30 -16.20 -24.59 57.53
N GLY F 31 -16.33 -23.50 58.29
CA GLY F 31 -17.62 -23.09 58.83
C GLY F 31 -18.26 -24.08 59.77
N VAL F 32 -17.47 -24.72 60.62
CA VAL F 32 -17.97 -25.74 61.54
C VAL F 32 -17.48 -25.40 62.95
N ALA F 33 -18.40 -25.37 63.90
CA ALA F 33 -18.02 -25.21 65.30
C ALA F 33 -17.57 -26.54 65.86
N SER F 34 -16.68 -26.48 66.85
CA SER F 34 -16.14 -27.70 67.45
C SER F 34 -15.87 -27.45 68.92
N LEU F 35 -16.01 -28.53 69.71
CA LEU F 35 -15.70 -28.52 71.13
C LEU F 35 -15.40 -29.95 71.57
N SER F 36 -14.61 -30.07 72.64
CA SER F 36 -13.93 -31.32 72.95
C SER F 36 -13.96 -31.58 74.45
N GLN F 37 -13.80 -32.86 74.81
CA GLN F 37 -13.78 -33.24 76.21
C GLN F 37 -12.59 -32.67 76.97
N ALA F 38 -12.90 -32.06 78.11
CA ALA F 38 -11.95 -31.45 79.03
C ALA F 38 -11.09 -32.53 79.65
N GLY F 39 -9.86 -32.66 79.20
CA GLY F 39 -8.97 -33.63 79.82
C GLY F 39 -8.05 -34.26 78.81
N ALA F 40 -7.02 -34.90 79.37
CA ALA F 40 -5.99 -35.55 78.58
C ALA F 40 -5.50 -34.67 77.45
N VAL F 41 -5.02 -35.32 76.40
CA VAL F 41 -4.37 -34.68 75.25
C VAL F 41 -5.35 -34.57 74.08
N PRO F 42 -5.17 -33.65 73.12
CA PRO F 42 -6.09 -33.63 71.96
C PRO F 42 -6.14 -34.93 71.17
N ALA F 43 -5.09 -35.75 71.20
CA ALA F 43 -5.15 -37.00 70.45
C ALA F 43 -6.09 -37.99 71.14
N LEU F 44 -6.12 -37.99 72.47
CA LEU F 44 -6.99 -38.88 73.22
C LEU F 44 -8.46 -38.43 73.19
N GLU F 45 -8.71 -37.14 73.08
CA GLU F 45 -10.04 -36.62 73.40
C GLU F 45 -11.07 -36.97 72.34
N LYS F 46 -12.30 -37.17 72.80
CA LYS F 46 -13.46 -37.16 71.93
C LYS F 46 -13.82 -35.71 71.59
N ARG F 47 -14.58 -35.55 70.51
CA ARG F 47 -14.95 -34.23 70.03
C ARG F 47 -16.32 -34.29 69.38
N VAL F 48 -16.99 -33.14 69.37
CA VAL F 48 -18.28 -32.98 68.70
C VAL F 48 -18.27 -31.67 67.94
N THR F 49 -19.04 -31.64 66.85
CA THR F 49 -19.05 -30.53 65.92
C THR F 49 -20.48 -30.20 65.50
N VAL F 50 -20.80 -28.92 65.46
CA VAL F 50 -22.13 -28.44 65.09
C VAL F 50 -22.00 -27.47 63.93
N SER F 51 -22.94 -27.53 62.99
CA SER F 51 -22.91 -26.65 61.83
C SER F 51 -24.31 -26.35 61.34
N VAL F 52 -24.57 -25.08 61.02
CA VAL F 52 -25.82 -24.64 60.41
C VAL F 52 -25.49 -23.82 59.16
N SER F 53 -26.31 -23.97 58.11
CA SER F 53 -26.08 -23.27 56.85
C SER F 53 -27.32 -22.48 56.42
N GLN F 54 -27.12 -21.24 56.01
CA GLN F 54 -28.18 -20.43 55.41
C GLN F 54 -28.51 -20.96 54.01
N PRO F 55 -29.66 -20.62 53.43
CA PRO F 55 -30.02 -21.22 52.13
C PRO F 55 -29.11 -20.67 51.05
N SER F 56 -28.48 -21.57 50.30
CA SER F 56 -27.53 -21.22 49.26
C SER F 56 -28.11 -21.54 47.89
N ARG F 57 -27.26 -21.58 46.86
CA ARG F 57 -27.79 -21.81 45.52
C ARG F 57 -27.87 -23.31 45.25
N ASN F 58 -27.08 -24.11 45.96
CA ASN F 58 -27.19 -25.56 45.82
C ASN F 58 -28.59 -26.00 46.20
N ARG F 59 -28.95 -25.82 47.47
CA ARG F 59 -30.28 -26.11 47.97
C ARG F 59 -30.69 -25.03 48.97
N LYS F 60 -31.91 -24.51 48.81
CA LYS F 60 -32.43 -23.46 49.70
C LYS F 60 -33.30 -24.07 50.79
N ASN F 61 -32.73 -25.08 51.45
CA ASN F 61 -33.28 -25.76 52.61
C ASN F 61 -32.17 -25.83 53.65
N TYR F 62 -32.55 -25.75 54.91
CA TYR F 62 -31.56 -25.68 55.96
C TYR F 62 -31.02 -27.07 56.27
N LYS F 63 -29.76 -27.10 56.67
CA LYS F 63 -29.07 -28.33 57.03
C LYS F 63 -28.23 -28.05 58.25
N VAL F 64 -28.49 -28.81 59.32
CA VAL F 64 -27.70 -28.77 60.53
C VAL F 64 -27.25 -30.19 60.82
N GLN F 65 -26.00 -30.34 61.20
CA GLN F 65 -25.43 -31.67 61.38
C GLN F 65 -24.42 -31.63 62.51
N VAL F 66 -24.52 -32.61 63.41
CA VAL F 66 -23.56 -32.76 64.50
C VAL F 66 -22.90 -34.12 64.37
N LYS F 67 -21.60 -34.16 64.67
CA LYS F 67 -20.82 -35.39 64.64
C LYS F 67 -20.27 -35.68 66.02
N ILE F 68 -20.15 -36.96 66.33
CA ILE F 68 -19.53 -37.42 67.57
C ILE F 68 -18.42 -38.38 67.16
N GLN F 69 -17.26 -38.23 67.78
CA GLN F 69 -16.10 -39.06 67.47
C GLN F 69 -15.42 -39.39 68.77
N ASN F 70 -15.57 -40.64 69.22
CA ASN F 70 -15.00 -41.09 70.48
C ASN F 70 -13.93 -42.12 70.20
N PRO F 71 -12.65 -41.77 70.29
CA PRO F 71 -11.61 -42.76 70.13
C PRO F 71 -11.37 -43.50 71.44
N THR F 72 -10.57 -44.55 71.36
CA THR F 72 -10.21 -45.33 72.52
C THR F 72 -8.74 -45.70 72.38
N ALA F 73 -8.09 -45.87 73.52
CA ALA F 73 -6.64 -45.94 73.61
C ALA F 73 -6.21 -47.24 74.27
N CYS F 74 -4.90 -47.38 74.42
CA CYS F 74 -4.24 -48.56 74.92
C CYS F 74 -3.20 -48.15 75.94
N THR F 75 -2.95 -49.01 76.93
CA THR F 75 -2.04 -48.64 78.00
C THR F 75 -0.63 -49.14 77.64
N ALA F 76 -0.34 -50.41 77.94
CA ALA F 76 0.97 -51.01 77.75
C ALA F 76 1.28 -51.38 76.29
N ASN F 77 0.80 -50.62 75.29
CA ASN F 77 1.11 -51.00 73.91
C ASN F 77 2.40 -50.36 73.42
N GLY F 78 2.73 -49.16 73.91
CA GLY F 78 3.96 -48.47 73.54
C GLY F 78 4.64 -48.06 74.83
N SER F 79 3.96 -48.34 75.95
CA SER F 79 4.40 -48.05 77.32
C SER F 79 5.03 -46.68 77.45
N CYS F 80 4.62 -45.75 76.60
CA CYS F 80 5.05 -44.36 76.73
C CYS F 80 3.86 -43.44 76.49
N ASP F 81 3.38 -43.41 75.24
CA ASP F 81 2.24 -42.63 74.83
C ASP F 81 1.13 -43.55 74.36
N PRO F 82 -0.04 -43.56 75.00
CA PRO F 82 -1.13 -44.44 74.53
C PRO F 82 -1.53 -44.12 73.10
N SER F 83 -1.82 -45.17 72.33
CA SER F 83 -2.23 -45.04 70.94
C SER F 83 -3.68 -45.44 70.77
N VAL F 84 -4.34 -44.83 69.79
CA VAL F 84 -5.75 -45.13 69.52
C VAL F 84 -5.85 -46.43 68.73
N THR F 85 -6.65 -47.37 69.22
CA THR F 85 -6.77 -48.67 68.58
C THR F 85 -7.98 -48.72 67.64
N ARG F 86 -9.07 -48.09 68.04
CA ARG F 86 -10.30 -48.06 67.27
C ARG F 86 -11.06 -46.81 67.67
N GLN F 87 -12.05 -46.44 66.87
CA GLN F 87 -12.85 -45.26 67.16
C GLN F 87 -14.33 -45.63 67.16
N ALA F 88 -15.16 -44.67 67.56
CA ALA F 88 -16.60 -44.83 67.54
C ALA F 88 -17.21 -43.55 66.99
N TYR F 89 -18.06 -43.69 65.98
CA TYR F 89 -18.56 -42.54 65.24
C TYR F 89 -20.06 -42.40 65.39
N ALA F 90 -20.51 -41.15 65.35
CA ALA F 90 -21.91 -40.81 65.35
C ALA F 90 -22.06 -39.52 64.56
N ASP F 91 -23.07 -39.46 63.71
CA ASP F 91 -23.30 -38.26 62.93
C ASP F 91 -24.77 -38.20 62.58
N VAL F 92 -25.42 -37.08 62.88
CA VAL F 92 -26.82 -36.87 62.55
C VAL F 92 -26.87 -35.80 61.46
N THR F 93 -28.01 -35.73 60.78
CA THR F 93 -28.22 -34.66 59.82
C THR F 93 -29.70 -34.30 59.80
N PHE F 94 -30.00 -33.07 60.19
CA PHE F 94 -31.34 -32.52 60.14
C PHE F 94 -31.46 -31.60 58.93
N SER F 95 -32.65 -31.57 58.35
CA SER F 95 -32.89 -30.69 57.21
C SER F 95 -34.35 -30.29 57.23
N PHE F 96 -34.61 -29.00 57.46
CA PHE F 96 -35.96 -28.47 57.48
C PHE F 96 -36.16 -27.58 56.27
N THR F 97 -37.43 -27.39 55.90
CA THR F 97 -37.73 -26.54 54.76
C THR F 97 -37.54 -25.08 55.15
N GLN F 98 -37.41 -24.22 54.14
CA GLN F 98 -37.27 -22.79 54.40
C GLN F 98 -38.50 -22.23 55.09
N TYR F 99 -39.69 -22.80 54.81
CA TYR F 99 -40.94 -22.40 55.44
C TYR F 99 -41.27 -23.19 56.71
N SER F 100 -40.28 -23.77 57.37
CA SER F 100 -40.53 -24.58 58.56
C SER F 100 -40.83 -23.72 59.79
N THR F 101 -41.73 -24.21 60.64
CA THR F 101 -42.12 -23.57 61.89
C THR F 101 -41.19 -23.96 63.02
N ASP F 102 -41.16 -23.13 64.06
CA ASP F 102 -40.27 -23.36 65.20
C ASP F 102 -40.56 -24.67 65.92
N GLU F 103 -41.82 -24.93 66.27
CA GLU F 103 -42.14 -26.13 67.02
C GLU F 103 -41.86 -27.39 66.21
N GLU F 104 -42.15 -27.37 64.91
CA GLU F 104 -41.82 -28.51 64.07
C GLU F 104 -40.36 -28.87 64.21
N ARG F 105 -39.50 -27.86 64.30
CA ARG F 105 -38.06 -28.07 64.38
C ARG F 105 -37.69 -28.76 65.69
N ALA F 106 -38.23 -28.25 66.80
CA ALA F 106 -37.95 -28.85 68.11
C ALA F 106 -38.52 -30.26 68.24
N PHE F 107 -39.66 -30.52 67.59
CA PHE F 107 -40.27 -31.84 67.70
C PHE F 107 -39.36 -32.92 67.13
N VAL F 108 -38.82 -32.68 65.92
CA VAL F 108 -37.91 -33.65 65.32
C VAL F 108 -36.68 -33.84 66.19
N ARG F 109 -36.32 -32.84 66.98
CA ARG F 109 -35.16 -32.94 67.85
C ARG F 109 -35.46 -33.80 69.07
N THR F 110 -36.55 -33.50 69.77
CA THR F 110 -36.89 -34.26 70.97
C THR F 110 -37.35 -35.66 70.59
N GLU F 111 -37.93 -35.82 69.41
CA GLU F 111 -38.25 -37.17 68.93
C GLU F 111 -36.99 -38.02 68.84
N LEU F 112 -35.90 -37.43 68.33
CA LEU F 112 -34.63 -38.14 68.25
C LEU F 112 -34.03 -38.38 69.63
N ALA F 113 -34.15 -37.39 70.52
CA ALA F 113 -33.61 -37.55 71.87
C ALA F 113 -34.33 -38.67 72.62
N ALA F 114 -35.66 -38.70 72.54
CA ALA F 114 -36.42 -39.77 73.17
C ALA F 114 -36.25 -41.10 72.45
N LEU F 115 -36.10 -41.06 71.12
CA LEU F 115 -35.93 -42.29 70.34
C LEU F 115 -34.61 -42.98 70.67
N LEU F 116 -33.59 -42.23 71.10
CA LEU F 116 -32.32 -42.84 71.46
C LEU F 116 -32.42 -43.63 72.77
N ALA F 117 -33.52 -43.50 73.50
CA ALA F 117 -33.68 -44.22 74.77
C ALA F 117 -34.79 -45.25 74.73
N SER F 118 -35.44 -45.43 73.59
CA SER F 118 -36.49 -46.43 73.48
C SER F 118 -35.86 -47.83 73.42
N PRO F 119 -36.47 -48.82 74.08
CA PRO F 119 -35.94 -50.20 74.05
C PRO F 119 -35.45 -50.68 72.69
N LEU F 120 -36.14 -50.28 71.61
CA LEU F 120 -35.77 -50.72 70.27
C LEU F 120 -34.37 -50.25 69.91
N LEU F 121 -34.08 -48.98 70.15
CA LEU F 121 -32.75 -48.45 69.83
C LEU F 121 -31.68 -48.96 70.78
N ILE F 122 -32.06 -49.43 71.96
CA ILE F 122 -31.08 -50.00 72.89
C ILE F 122 -30.44 -51.25 72.30
N ASP F 123 -31.26 -52.20 71.83
CA ASP F 123 -30.70 -53.41 71.23
C ASP F 123 -30.17 -53.17 69.82
N ALA F 124 -30.59 -52.08 69.16
CA ALA F 124 -30.03 -51.75 67.87
C ALA F 124 -28.64 -51.17 67.99
N ILE F 125 -28.35 -50.50 69.11
CA ILE F 125 -27.08 -49.83 69.31
C ILE F 125 -26.16 -50.62 70.22
N ASP F 126 -26.66 -51.12 71.34
CA ASP F 126 -25.80 -51.76 72.32
C ASP F 126 -25.55 -53.23 72.01
N GLN F 127 -26.60 -53.96 71.62
CA GLN F 127 -26.48 -55.36 71.26
C GLN F 127 -26.40 -55.58 69.77
N LEU F 128 -26.61 -54.53 68.98
CA LEU F 128 -26.49 -54.53 67.53
C LEU F 128 -27.27 -55.69 66.92
N ASN F 129 -28.53 -55.79 67.29
CA ASN F 129 -29.45 -56.73 66.69
C ASN F 129 -30.62 -55.96 66.09
N PRO F 130 -31.03 -56.28 64.87
CA PRO F 130 -32.07 -55.48 64.21
C PRO F 130 -33.42 -55.65 64.86
N ALA F 131 -34.36 -54.81 64.43
CA ALA F 131 -35.76 -54.99 64.78
C ALA F 131 -36.31 -56.24 64.10
N TYR F 132 -37.04 -57.04 64.88
CA TYR F 132 -37.60 -58.28 64.37
C TYR F 132 -39.03 -58.48 64.86
N ALA G 1 -19.10 -2.40 65.47
CA ALA G 1 -19.13 -2.48 66.93
C ALA G 1 -19.69 -3.81 67.40
N LYS G 2 -20.21 -3.83 68.62
CA LYS G 2 -20.79 -5.04 69.19
C LYS G 2 -22.10 -5.38 68.49
N LEU G 3 -22.36 -6.69 68.34
CA LEU G 3 -23.59 -7.16 67.71
C LEU G 3 -24.71 -7.15 68.76
N GLU G 4 -25.33 -5.99 68.92
CA GLU G 4 -26.38 -5.81 69.89
C GLU G 4 -27.74 -6.04 69.24
N THR G 5 -28.80 -5.96 70.04
CA THR G 5 -30.15 -5.94 69.50
C THR G 5 -30.47 -4.50 69.11
N VAL G 6 -30.47 -4.23 67.82
CA VAL G 6 -30.65 -2.87 67.31
C VAL G 6 -32.13 -2.62 67.10
N THR G 7 -32.56 -1.40 67.43
CA THR G 7 -33.97 -1.00 67.32
C THR G 7 -34.02 0.35 66.63
N LEU G 8 -34.53 0.38 65.40
CA LEU G 8 -34.67 1.61 64.65
C LEU G 8 -36.04 2.20 64.94
N GLY G 9 -36.07 3.46 65.40
CA GLY G 9 -37.30 4.15 65.69
C GLY G 9 -37.58 5.28 64.70
N ASN G 10 -38.83 5.76 64.74
CA ASN G 10 -39.29 6.81 63.85
C ASN G 10 -38.98 6.46 62.40
N ILE G 11 -39.57 5.35 61.96
CA ILE G 11 -39.26 4.68 60.71
C ILE G 11 -40.55 4.48 59.95
N GLY G 12 -40.42 4.30 58.64
CA GLY G 12 -41.59 3.99 57.83
C GLY G 12 -42.07 5.19 57.03
N LYS G 13 -43.08 4.90 56.19
CA LYS G 13 -43.70 5.96 55.40
C LYS G 13 -44.23 7.06 56.29
N ASP G 14 -44.99 6.70 57.34
CA ASP G 14 -45.51 7.68 58.28
C ASP G 14 -44.39 8.36 59.05
N GLY G 15 -43.36 7.60 59.42
CA GLY G 15 -42.30 8.09 60.27
C GLY G 15 -42.57 7.89 61.74
N LYS G 16 -43.67 7.23 62.08
CA LYS G 16 -44.06 6.95 63.46
C LYS G 16 -44.16 5.45 63.69
N GLN G 17 -43.25 4.68 63.11
CA GLN G 17 -43.15 3.24 63.28
C GLN G 17 -41.81 2.90 63.93
N THR G 18 -41.64 1.61 64.28
CA THR G 18 -40.43 1.14 64.92
C THR G 18 -40.13 -0.27 64.45
N LEU G 19 -38.86 -0.65 64.53
CA LEU G 19 -38.40 -1.95 64.04
C LEU G 19 -37.30 -2.48 64.93
N VAL G 20 -37.49 -3.69 65.45
CA VAL G 20 -36.54 -4.34 66.36
C VAL G 20 -35.85 -5.47 65.61
N LEU G 21 -34.53 -5.54 65.72
CA LEU G 21 -33.70 -6.53 65.01
C LEU G 21 -32.76 -7.21 66.00
N ASN G 22 -33.06 -8.46 66.35
CA ASN G 22 -32.18 -9.20 67.25
C ASN G 22 -31.00 -9.83 66.48
N PRO G 23 -29.84 -9.94 67.13
CA PRO G 23 -28.68 -10.52 66.45
C PRO G 23 -28.81 -12.01 66.24
N ARG G 24 -28.22 -12.48 65.14
CA ARG G 24 -28.19 -13.90 64.82
C ARG G 24 -26.77 -14.39 64.52
N GLY G 25 -25.75 -13.62 64.90
CA GLY G 25 -24.38 -14.06 64.80
C GLY G 25 -23.70 -13.66 63.51
N VAL G 26 -22.46 -14.13 63.38
CA VAL G 26 -21.63 -13.85 62.22
C VAL G 26 -21.48 -15.12 61.38
N ASN G 27 -21.00 -14.93 60.15
CA ASN G 27 -20.71 -16.03 59.23
C ASN G 27 -19.21 -16.01 59.01
N PRO G 28 -18.46 -16.77 59.81
CA PRO G 28 -16.99 -16.69 59.73
C PRO G 28 -16.40 -17.18 58.42
N THR G 29 -17.18 -17.82 57.56
CA THR G 29 -16.72 -18.23 56.24
C THR G 29 -16.95 -17.14 55.20
N ASN G 30 -18.16 -16.57 55.16
CA ASN G 30 -18.43 -15.49 54.23
C ASN G 30 -17.87 -14.17 54.75
N GLY G 31 -17.56 -14.10 56.04
CA GLY G 31 -17.13 -12.87 56.66
C GLY G 31 -18.21 -11.81 56.68
N VAL G 32 -19.45 -12.21 56.93
CA VAL G 32 -20.60 -11.31 56.93
C VAL G 32 -21.36 -11.50 58.24
N ALA G 33 -21.61 -10.41 58.95
CA ALA G 33 -22.50 -10.46 60.09
C ALA G 33 -23.94 -10.35 59.59
N SER G 34 -24.85 -10.97 60.35
CA SER G 34 -26.24 -10.92 59.95
C SER G 34 -27.11 -10.86 61.19
N LEU G 35 -28.24 -10.18 61.06
CA LEU G 35 -29.21 -10.08 62.13
C LEU G 35 -30.55 -9.76 61.49
N SER G 36 -31.62 -10.17 62.17
CA SER G 36 -32.92 -10.23 61.52
C SER G 36 -34.02 -9.82 62.49
N GLN G 37 -35.11 -9.31 61.94
CA GLN G 37 -36.31 -9.10 62.73
C GLN G 37 -36.86 -10.48 63.10
N ALA G 38 -37.07 -10.70 64.39
CA ALA G 38 -37.48 -12.00 64.90
C ALA G 38 -38.88 -12.35 64.40
N GLY G 39 -38.96 -13.29 63.45
CA GLY G 39 -40.23 -13.71 62.89
C GLY G 39 -40.41 -15.22 63.04
N ALA G 40 -41.67 -15.65 62.86
CA ALA G 40 -42.01 -17.06 63.06
C ALA G 40 -41.25 -17.94 62.07
N VAL G 41 -41.54 -17.78 60.78
CA VAL G 41 -40.95 -18.60 59.73
C VAL G 41 -39.71 -17.88 59.22
N PRO G 42 -38.59 -18.59 59.01
CA PRO G 42 -37.37 -17.93 58.54
C PRO G 42 -37.54 -17.16 57.24
N ALA G 43 -38.47 -17.57 56.38
CA ALA G 43 -38.66 -16.89 55.10
C ALA G 43 -39.38 -15.54 55.28
N LEU G 44 -40.31 -15.47 56.23
CA LEU G 44 -41.09 -14.26 56.42
C LEU G 44 -40.28 -13.13 57.02
N GLU G 45 -39.24 -13.44 57.78
CA GLU G 45 -38.60 -12.43 58.62
C GLU G 45 -37.78 -11.45 57.79
N LYS G 46 -37.70 -10.22 58.30
CA LYS G 46 -36.82 -9.20 57.74
C LYS G 46 -35.37 -9.53 58.09
N ARG G 47 -34.44 -9.01 57.29
CA ARG G 47 -33.03 -9.25 57.56
C ARG G 47 -32.22 -8.06 57.07
N VAL G 48 -31.09 -7.81 57.75
CA VAL G 48 -30.09 -6.85 57.33
C VAL G 48 -28.73 -7.48 57.62
N THR G 49 -27.74 -7.13 56.80
CA THR G 49 -26.43 -7.76 56.89
C THR G 49 -25.35 -6.71 56.72
N VAL G 50 -24.33 -6.77 57.58
CA VAL G 50 -23.22 -5.83 57.56
C VAL G 50 -21.93 -6.60 57.36
N SER G 51 -21.04 -6.05 56.53
CA SER G 51 -19.79 -6.72 56.21
C SER G 51 -18.72 -5.69 55.89
N VAL G 52 -17.50 -5.95 56.35
CA VAL G 52 -16.34 -5.13 56.03
C VAL G 52 -15.28 -6.05 55.43
N SER G 53 -14.54 -5.53 54.46
CA SER G 53 -13.51 -6.31 53.79
C SER G 53 -12.17 -5.60 53.85
N GLN G 54 -11.12 -6.33 54.23
CA GLN G 54 -9.77 -5.80 54.24
C GLN G 54 -9.21 -5.75 52.82
N PRO G 55 -8.20 -4.92 52.57
CA PRO G 55 -7.67 -4.79 51.21
C PRO G 55 -6.84 -6.03 50.88
N SER G 56 -7.14 -6.67 49.75
CA SER G 56 -6.40 -7.88 49.47
C SER G 56 -5.46 -7.63 48.28
N ARG G 57 -5.27 -8.67 47.46
CA ARG G 57 -4.39 -8.59 46.31
C ARG G 57 -5.13 -8.06 45.10
N ASN G 58 -6.45 -8.10 45.13
CA ASN G 58 -7.29 -7.56 44.08
C ASN G 58 -7.23 -6.03 44.11
N ARG G 59 -7.90 -5.42 45.07
CA ARG G 59 -7.87 -3.97 45.25
C ARG G 59 -7.28 -3.59 46.60
N LYS G 60 -6.44 -2.55 46.61
CA LYS G 60 -5.87 -2.04 47.86
C LYS G 60 -6.74 -0.93 48.41
N ASN G 61 -8.05 -1.18 48.44
CA ASN G 61 -9.07 -0.27 48.92
C ASN G 61 -10.06 -1.00 49.82
N TYR G 62 -10.64 -0.22 50.72
CA TYR G 62 -11.58 -0.72 51.69
C TYR G 62 -12.97 -0.79 51.05
N LYS G 63 -13.76 -1.77 51.48
CA LYS G 63 -15.14 -1.89 51.01
C LYS G 63 -16.00 -2.37 52.17
N VAL G 64 -17.05 -1.61 52.49
CA VAL G 64 -18.03 -1.98 53.50
C VAL G 64 -19.42 -1.85 52.87
N GLN G 65 -20.28 -2.81 53.15
CA GLN G 65 -21.60 -2.87 52.51
C GLN G 65 -22.64 -3.40 53.49
N VAL G 66 -23.81 -2.78 53.50
CA VAL G 66 -24.94 -3.28 54.27
C VAL G 66 -26.06 -3.58 53.28
N LYS G 67 -26.77 -4.68 53.52
CA LYS G 67 -27.88 -5.09 52.68
C LYS G 67 -29.14 -5.16 53.52
N ILE G 68 -30.27 -4.86 52.88
CA ILE G 68 -31.58 -4.96 53.50
C ILE G 68 -32.45 -5.85 52.62
N GLN G 69 -33.19 -6.76 53.24
CA GLN G 69 -34.04 -7.70 52.52
C GLN G 69 -35.35 -7.84 53.28
N ASN G 70 -36.41 -7.22 52.75
CA ASN G 70 -37.73 -7.22 53.39
C ASN G 70 -38.73 -7.99 52.55
N PRO G 71 -39.07 -9.22 52.89
CA PRO G 71 -40.11 -9.94 52.16
C PRO G 71 -41.49 -9.60 52.70
N THR G 72 -42.50 -10.04 51.96
CA THR G 72 -43.88 -9.85 52.36
C THR G 72 -44.68 -11.09 51.96
N ALA G 73 -45.78 -11.32 52.68
CA ALA G 73 -46.53 -12.57 52.57
C ALA G 73 -48.01 -12.34 52.29
N CYS G 74 -48.77 -13.43 52.25
CA CYS G 74 -50.20 -13.38 52.01
C CYS G 74 -50.89 -14.16 53.13
N THR G 75 -52.06 -13.68 53.53
CA THR G 75 -52.77 -14.27 54.66
C THR G 75 -53.33 -15.64 54.31
N ALA G 76 -54.07 -15.72 53.22
CA ALA G 76 -54.78 -16.93 52.81
C ALA G 76 -54.77 -16.99 51.28
N ASN G 77 -54.22 -18.07 50.74
CA ASN G 77 -54.16 -18.24 49.29
C ASN G 77 -54.62 -19.64 48.89
N GLY G 78 -53.96 -20.21 47.87
CA GLY G 78 -54.26 -21.57 47.44
C GLY G 78 -54.07 -22.61 48.53
N SER G 79 -53.55 -22.20 49.68
CA SER G 79 -53.41 -23.07 50.85
C SER G 79 -53.68 -22.22 52.09
N CYS G 80 -53.01 -22.56 53.19
CA CYS G 80 -53.18 -21.87 54.46
C CYS G 80 -51.91 -21.20 54.97
N ASP G 81 -50.85 -21.96 55.23
CA ASP G 81 -49.58 -21.40 55.67
C ASP G 81 -49.17 -20.25 54.76
N PRO G 82 -48.98 -19.04 55.31
CA PRO G 82 -48.63 -17.89 54.46
C PRO G 82 -47.32 -18.07 53.71
N SER G 83 -47.32 -17.67 52.44
CA SER G 83 -46.16 -17.74 51.55
C SER G 83 -45.70 -16.34 51.17
N VAL G 84 -44.40 -16.21 50.90
CA VAL G 84 -43.84 -14.91 50.51
C VAL G 84 -44.17 -14.65 49.04
N THR G 85 -44.77 -13.50 48.77
CA THR G 85 -45.22 -13.16 47.43
C THR G 85 -44.23 -12.28 46.66
N ARG G 86 -43.61 -11.31 47.33
CA ARG G 86 -42.67 -10.40 46.69
C ARG G 86 -41.69 -9.93 47.75
N GLN G 87 -40.58 -9.34 47.30
CA GLN G 87 -39.58 -8.86 48.23
C GLN G 87 -39.23 -7.41 47.89
N ALA G 88 -38.46 -6.79 48.78
CA ALA G 88 -37.99 -5.42 48.61
C ALA G 88 -36.52 -5.38 48.99
N TYR G 89 -35.70 -4.80 48.12
CA TYR G 89 -34.26 -4.91 48.25
C TYR G 89 -33.62 -3.56 48.49
N ALA G 90 -32.53 -3.57 49.23
CA ALA G 90 -31.69 -2.41 49.45
C ALA G 90 -30.27 -2.92 49.60
N ASP G 91 -29.33 -2.22 48.96
CA ASP G 91 -27.93 -2.62 49.03
C ASP G 91 -27.05 -1.39 48.85
N VAL G 92 -26.15 -1.15 49.80
CA VAL G 92 -25.18 -0.06 49.71
C VAL G 92 -23.80 -0.67 49.56
N THR G 93 -22.86 0.16 49.10
CA THR G 93 -21.46 -0.23 49.10
C THR G 93 -20.60 1.02 49.23
N PHE G 94 -19.82 1.07 50.32
CA PHE G 94 -18.85 2.13 50.54
C PHE G 94 -17.46 1.62 50.19
N SER G 95 -16.62 2.52 49.70
CA SER G 95 -15.23 2.14 49.41
C SER G 95 -14.36 3.37 49.63
N PHE G 96 -13.54 3.32 50.67
CA PHE G 96 -12.62 4.39 51.01
C PHE G 96 -11.18 3.95 50.75
N THR G 97 -10.29 4.95 50.65
CA THR G 97 -8.89 4.67 50.43
C THR G 97 -8.27 4.14 51.72
N GLN G 98 -7.14 3.46 51.59
CA GLN G 98 -6.43 2.97 52.76
C GLN G 98 -5.92 4.15 53.60
N TYR G 99 -5.56 5.25 52.96
CA TYR G 99 -5.19 6.50 53.62
C TYR G 99 -6.37 7.45 53.85
N SER G 100 -7.61 6.95 53.84
CA SER G 100 -8.76 7.82 54.01
C SER G 100 -8.88 8.28 55.46
N THR G 101 -9.36 9.52 55.64
CA THR G 101 -9.48 10.07 56.99
C THR G 101 -10.76 9.61 57.67
N ASP G 102 -10.72 9.65 59.00
CA ASP G 102 -11.89 9.30 59.80
C ASP G 102 -13.06 10.23 59.50
N GLU G 103 -12.81 11.54 59.48
CA GLU G 103 -13.88 12.51 59.25
C GLU G 103 -14.48 12.37 57.86
N GLU G 104 -13.63 12.11 56.85
CA GLU G 104 -14.15 11.87 55.51
C GLU G 104 -15.18 10.75 55.51
N ARG G 105 -14.92 9.71 56.29
CA ARG G 105 -15.77 8.52 56.32
C ARG G 105 -17.15 8.85 56.86
N ALA G 106 -17.20 9.55 58.00
CA ALA G 106 -18.49 9.93 58.59
C ALA G 106 -19.26 10.88 57.70
N PHE G 107 -18.55 11.74 56.95
CA PHE G 107 -19.23 12.68 56.06
C PHE G 107 -20.01 11.92 54.99
N VAL G 108 -19.36 10.94 54.36
CA VAL G 108 -20.05 10.07 53.40
C VAL G 108 -21.17 9.29 54.07
N ARG G 109 -21.04 9.05 55.38
CA ARG G 109 -22.05 8.30 56.10
C ARG G 109 -23.29 9.14 56.38
N THR G 110 -23.11 10.34 56.94
CA THR G 110 -24.26 11.19 57.21
C THR G 110 -24.82 11.80 55.93
N GLU G 111 -23.98 12.00 54.92
CA GLU G 111 -24.49 12.47 53.62
C GLU G 111 -25.51 11.49 53.05
N LEU G 112 -25.23 10.19 53.16
CA LEU G 112 -26.18 9.20 52.66
C LEU G 112 -27.45 9.20 53.51
N ALA G 113 -27.32 9.31 54.82
CA ALA G 113 -28.50 9.34 55.68
C ALA G 113 -29.33 10.58 55.42
N ALA G 114 -28.67 11.75 55.28
CA ALA G 114 -29.39 12.98 55.01
C ALA G 114 -29.93 13.02 53.58
N LEU G 115 -29.19 12.45 52.63
CA LEU G 115 -29.69 12.44 51.25
C LEU G 115 -30.91 11.54 51.11
N LEU G 116 -31.02 10.52 51.96
CA LEU G 116 -32.20 9.66 51.94
C LEU G 116 -33.44 10.36 52.46
N ALA G 117 -33.32 11.55 53.04
CA ALA G 117 -34.48 12.28 53.55
C ALA G 117 -34.75 13.56 52.79
N SER G 118 -34.00 13.85 51.74
CA SER G 118 -34.21 15.03 50.92
C SER G 118 -35.41 14.84 50.01
N PRO G 119 -36.22 15.89 49.80
CA PRO G 119 -37.38 15.79 48.90
C PRO G 119 -37.12 15.02 47.61
N LEU G 120 -35.93 15.19 47.03
CA LEU G 120 -35.60 14.53 45.78
C LEU G 120 -35.64 13.01 45.89
N LEU G 121 -35.00 12.47 46.93
CA LEU G 121 -34.99 11.01 47.10
C LEU G 121 -36.36 10.48 47.53
N ILE G 122 -37.23 11.31 48.08
CA ILE G 122 -38.57 10.86 48.43
C ILE G 122 -39.33 10.48 47.16
N ASP G 123 -39.35 11.37 46.17
CA ASP G 123 -40.04 11.07 44.92
C ASP G 123 -39.25 10.11 44.04
N ALA G 124 -37.94 9.97 44.26
CA ALA G 124 -37.17 8.99 43.52
C ALA G 124 -37.40 7.58 44.03
N ILE G 125 -37.73 7.43 45.32
CA ILE G 125 -37.87 6.13 45.94
C ILE G 125 -39.34 5.77 46.13
N ASP G 126 -40.13 6.71 46.65
CA ASP G 126 -41.51 6.43 47.02
C ASP G 126 -42.45 6.58 45.84
N GLN G 127 -42.26 7.62 45.02
CA GLN G 127 -43.06 7.83 43.83
C GLN G 127 -42.36 7.33 42.57
N LEU G 128 -41.09 6.96 42.69
CA LEU G 128 -40.28 6.38 41.62
C LEU G 128 -40.38 7.19 40.33
N ASN G 129 -40.19 8.50 40.44
CA ASN G 129 -40.10 9.34 39.24
C ASN G 129 -38.77 10.09 39.31
N PRO G 130 -38.00 10.12 38.24
CA PRO G 130 -36.69 10.77 38.29
C PRO G 130 -36.85 12.28 38.36
N ALA G 131 -35.73 12.96 38.60
CA ALA G 131 -35.73 14.41 38.50
C ALA G 131 -35.88 14.85 37.04
N TYR G 132 -36.76 15.81 36.81
CA TYR G 132 -36.98 16.31 35.45
C TYR G 132 -37.11 17.83 35.55
N ALA H 1 -38.62 14.01 41.45
CA ALA H 1 -39.20 15.33 41.65
C ALA H 1 -38.51 16.38 40.81
N LYS H 2 -38.62 17.64 41.23
CA LYS H 2 -37.92 18.71 40.56
C LYS H 2 -36.45 18.64 40.96
N LEU H 3 -35.57 18.98 40.02
CA LEU H 3 -34.14 18.96 40.33
C LEU H 3 -33.82 20.30 41.00
N GLU H 4 -34.03 20.34 42.31
CA GLU H 4 -33.84 21.55 43.08
C GLU H 4 -32.42 21.61 43.65
N THR H 5 -32.13 22.71 44.34
CA THR H 5 -30.88 22.84 45.09
C THR H 5 -31.08 22.21 46.46
N VAL H 6 -30.49 21.03 46.66
CA VAL H 6 -30.64 20.31 47.91
C VAL H 6 -29.52 20.71 48.85
N THR H 7 -29.86 20.89 50.13
CA THR H 7 -28.91 21.31 51.16
C THR H 7 -29.12 20.42 52.38
N LEU H 8 -28.17 19.55 52.66
CA LEU H 8 -28.26 18.67 53.82
C LEU H 8 -27.64 19.37 55.03
N GLY H 9 -28.41 19.46 56.12
CA GLY H 9 -27.95 20.06 57.34
C GLY H 9 -27.75 19.04 58.44
N ASN H 10 -27.09 19.49 59.51
CA ASN H 10 -26.74 18.64 60.65
C ASN H 10 -26.03 17.38 60.16
N ILE H 11 -24.90 17.61 59.50
CA ILE H 11 -24.20 16.60 58.74
C ILE H 11 -22.74 16.59 59.14
N GLY H 12 -22.07 15.48 58.87
CA GLY H 12 -20.65 15.39 59.10
C GLY H 12 -20.31 14.59 60.35
N LYS H 13 -19.00 14.38 60.53
CA LYS H 13 -18.50 13.67 61.70
C LYS H 13 -18.98 14.35 62.98
N ASP H 14 -18.81 15.68 63.05
CA ASP H 14 -19.28 16.44 64.21
C ASP H 14 -20.80 16.40 64.31
N GLY H 15 -21.48 16.46 63.17
CA GLY H 15 -22.93 16.54 63.12
C GLY H 15 -23.45 17.96 63.12
N LYS H 16 -22.57 18.95 63.09
CA LYS H 16 -22.94 20.36 63.09
C LYS H 16 -22.45 21.06 61.83
N GLN H 17 -22.48 20.37 60.68
CA GLN H 17 -22.06 20.93 59.41
C GLN H 17 -23.21 20.96 58.41
N THR H 18 -22.96 21.58 57.26
CA THR H 18 -23.95 21.71 56.21
C THR H 18 -23.27 21.57 54.86
N LEU H 19 -24.05 21.16 53.85
CA LEU H 19 -23.53 20.91 52.51
C LEU H 19 -24.58 21.34 51.50
N VAL H 20 -24.19 22.24 50.58
CA VAL H 20 -25.09 22.81 49.58
C VAL H 20 -24.76 22.20 48.23
N LEU H 21 -25.79 21.74 47.51
CA LEU H 21 -25.63 21.05 46.23
C LEU H 21 -26.57 21.63 45.18
N ASN H 22 -26.02 22.39 44.22
CA ASN H 22 -26.87 22.88 43.14
C ASN H 22 -27.04 21.81 42.06
N PRO H 23 -28.18 21.81 41.38
CA PRO H 23 -28.42 20.80 40.34
C PRO H 23 -27.56 21.02 39.11
N ARG H 24 -27.23 19.91 38.45
CA ARG H 24 -26.47 19.95 37.21
C ARG H 24 -27.18 19.20 36.07
N GLY H 25 -28.45 18.86 36.23
CA GLY H 25 -29.19 18.27 35.12
C GLY H 25 -29.11 16.77 35.06
N VAL H 26 -29.68 16.23 33.98
CA VAL H 26 -29.64 14.79 33.73
C VAL H 26 -28.69 14.56 32.58
N ASN H 27 -28.39 13.28 32.33
CA ASN H 27 -27.50 12.90 31.26
C ASN H 27 -28.36 12.22 30.20
N PRO H 28 -28.79 12.94 29.16
CA PRO H 28 -29.79 12.37 28.25
C PRO H 28 -29.32 11.12 27.53
N THR H 29 -28.04 10.78 27.65
CA THR H 29 -27.56 9.49 27.16
C THR H 29 -27.61 8.44 28.27
N ASN H 30 -27.10 8.78 29.44
CA ASN H 30 -27.09 7.87 30.58
C ASN H 30 -28.42 7.80 31.31
N GLY H 31 -29.29 8.78 31.13
CA GLY H 31 -30.54 8.81 31.89
C GLY H 31 -30.34 8.90 33.38
N VAL H 32 -29.34 9.66 33.82
CA VAL H 32 -29.00 9.77 35.24
C VAL H 32 -28.90 11.26 35.59
N ALA H 33 -29.60 11.65 36.66
CA ALA H 33 -29.48 13.00 37.17
C ALA H 33 -28.22 13.13 38.02
N SER H 34 -27.68 14.35 38.07
CA SER H 34 -26.46 14.63 38.81
C SER H 34 -26.54 16.03 39.40
N LEU H 35 -25.90 16.21 40.55
CA LEU H 35 -25.80 17.49 41.20
C LEU H 35 -24.57 17.48 42.11
N SER H 36 -24.03 18.67 42.37
CA SER H 36 -22.68 18.81 42.89
C SER H 36 -22.63 19.91 43.94
N GLN H 37 -21.61 19.83 44.79
CA GLN H 37 -21.38 20.82 45.83
C GLN H 37 -21.17 22.21 45.24
N ALA H 38 -21.86 23.20 45.82
CA ALA H 38 -21.78 24.57 45.36
C ALA H 38 -20.37 25.10 45.53
N GLY H 39 -19.45 24.63 44.68
CA GLY H 39 -18.06 25.02 44.77
C GLY H 39 -17.54 25.53 43.45
N ALA H 40 -16.40 26.22 43.54
CA ALA H 40 -15.78 26.84 42.38
C ALA H 40 -15.35 25.81 41.33
N VAL H 41 -14.41 24.94 41.70
CA VAL H 41 -13.76 24.05 40.74
C VAL H 41 -14.49 22.71 40.59
N PRO H 42 -14.72 22.26 39.35
CA PRO H 42 -15.38 20.96 39.15
C PRO H 42 -14.60 19.80 39.72
N ALA H 43 -13.27 19.89 39.77
CA ALA H 43 -12.47 18.75 40.24
C ALA H 43 -12.55 18.58 41.76
N LEU H 44 -12.58 19.69 42.50
CA LEU H 44 -12.63 19.60 43.96
C LEU H 44 -13.98 19.16 44.48
N GLU H 45 -15.05 19.46 43.74
CA GLU H 45 -16.38 19.41 44.31
C GLU H 45 -16.87 17.98 44.54
N LYS H 46 -17.69 17.84 45.58
CA LYS H 46 -18.42 16.60 45.82
C LYS H 46 -19.57 16.50 44.82
N ARG H 47 -20.00 15.27 44.55
CA ARG H 47 -21.10 15.08 43.62
C ARG H 47 -21.86 13.82 43.98
N VAL H 48 -23.15 13.80 43.63
CA VAL H 48 -24.02 12.64 43.80
C VAL H 48 -24.89 12.50 42.56
N THR H 49 -25.30 11.26 42.27
CA THR H 49 -26.05 10.97 41.05
C THR H 49 -27.20 10.05 41.40
N VAL H 50 -28.38 10.36 40.86
CA VAL H 50 -29.60 9.60 41.13
C VAL H 50 -30.18 9.11 39.81
N SER H 51 -30.70 7.89 39.81
CA SER H 51 -31.26 7.29 38.61
C SER H 51 -32.36 6.30 38.98
N VAL H 52 -33.44 6.30 38.21
CA VAL H 52 -34.52 5.32 38.35
C VAL H 52 -34.73 4.66 36.99
N SER H 53 -35.00 3.35 37.01
CA SER H 53 -35.19 2.60 35.77
C SER H 53 -36.48 1.77 35.77
N GLN H 54 -37.24 1.87 34.69
CA GLN H 54 -38.43 1.04 34.48
C GLN H 54 -38.03 -0.38 34.07
N PRO H 55 -38.93 -1.36 34.21
CA PRO H 55 -38.54 -2.77 33.98
C PRO H 55 -38.36 -3.06 32.50
N SER H 56 -37.22 -3.67 32.15
CA SER H 56 -36.97 -3.97 30.76
C SER H 56 -36.94 -5.48 30.52
N ARG H 57 -36.08 -5.91 29.59
CA ARG H 57 -35.94 -7.32 29.23
C ARG H 57 -34.93 -8.03 30.10
N ASN H 58 -34.00 -7.30 30.69
CA ASN H 58 -33.01 -7.85 31.61
C ASN H 58 -33.70 -8.18 32.94
N ARG H 59 -34.07 -7.15 33.68
CA ARG H 59 -34.77 -7.31 34.95
C ARG H 59 -36.18 -6.76 34.84
N LYS H 60 -37.15 -7.54 35.34
CA LYS H 60 -38.55 -7.15 35.32
C LYS H 60 -38.97 -6.57 36.66
N ASN H 61 -38.09 -5.77 37.27
CA ASN H 61 -38.28 -5.06 38.52
C ASN H 61 -37.81 -3.63 38.36
N TYR H 62 -38.17 -2.81 39.34
CA TYR H 62 -37.79 -1.41 39.33
C TYR H 62 -36.39 -1.31 39.97
N LYS H 63 -35.61 -0.32 39.54
CA LYS H 63 -34.29 -0.13 40.12
C LYS H 63 -34.00 1.36 40.25
N VAL H 64 -33.69 1.80 41.47
CA VAL H 64 -33.24 3.16 41.74
C VAL H 64 -31.94 3.07 42.54
N GLN H 65 -30.98 3.92 42.16
CA GLN H 65 -29.67 3.87 42.77
C GLN H 65 -29.07 5.26 42.82
N VAL H 66 -28.50 5.62 43.97
CA VAL H 66 -27.78 6.89 44.13
C VAL H 66 -26.33 6.58 44.48
N LYS H 67 -25.43 7.35 43.92
CA LYS H 67 -24.00 7.21 44.16
C LYS H 67 -23.47 8.50 44.77
N ILE H 68 -22.47 8.36 45.63
CA ILE H 68 -21.79 9.50 46.23
C ILE H 68 -20.31 9.36 45.92
N GLN H 69 -19.69 10.48 45.50
CA GLN H 69 -18.28 10.48 45.13
C GLN H 69 -17.68 11.76 45.69
N ASN H 70 -16.90 11.63 46.77
CA ASN H 70 -16.30 12.75 47.48
C ASN H 70 -14.79 12.72 47.35
N PRO H 71 -14.19 13.52 46.49
CA PRO H 71 -12.74 13.57 46.40
C PRO H 71 -12.17 14.53 47.43
N THR H 72 -10.84 14.48 47.57
CA THR H 72 -10.11 15.39 48.45
C THR H 72 -8.81 15.76 47.77
N ALA H 73 -8.31 16.95 48.10
CA ALA H 73 -7.19 17.54 47.38
C ALA H 73 -6.12 18.01 48.35
N CYS H 74 -5.04 18.51 47.76
CA CYS H 74 -3.92 19.10 48.48
C CYS H 74 -3.51 20.34 47.72
N THR H 75 -3.11 21.37 48.45
CA THR H 75 -2.83 22.67 47.84
C THR H 75 -1.34 22.90 47.58
N ALA H 76 -0.54 23.04 48.65
CA ALA H 76 0.87 23.43 48.50
C ALA H 76 1.79 22.31 48.02
N ASN H 77 1.30 21.33 47.25
CA ASN H 77 2.15 20.28 46.71
C ASN H 77 2.64 20.57 45.30
N GLY H 78 1.86 21.32 44.53
CA GLY H 78 2.22 21.70 43.17
C GLY H 78 2.17 23.20 43.15
N SER H 79 1.78 23.74 44.31
CA SER H 79 1.69 25.15 44.64
C SER H 79 1.05 25.98 43.53
N CYS H 80 0.25 25.37 42.65
CA CYS H 80 -0.48 26.18 41.69
C CYS H 80 -1.96 25.86 41.71
N ASP H 81 -2.29 24.67 41.23
CA ASP H 81 -3.65 24.16 41.13
C ASP H 81 -3.80 22.94 42.01
N PRO H 82 -4.71 22.93 42.99
CA PRO H 82 -4.82 21.76 43.86
C PRO H 82 -5.16 20.50 43.09
N SER H 83 -4.52 19.39 43.47
CA SER H 83 -4.72 18.10 42.83
C SER H 83 -5.42 17.12 43.78
N VAL H 84 -6.20 16.22 43.20
CA VAL H 84 -6.96 15.23 43.96
C VAL H 84 -6.04 14.09 44.39
N THR H 85 -6.03 13.81 45.69
CA THR H 85 -5.16 12.78 46.26
C THR H 85 -5.86 11.44 46.45
N ARG H 86 -7.11 11.45 46.89
CA ARG H 86 -7.88 10.23 47.09
C ARG H 86 -9.34 10.57 46.95
N GLN H 87 -10.18 9.54 46.87
CA GLN H 87 -11.61 9.73 46.74
C GLN H 87 -12.32 8.93 47.82
N ALA H 88 -13.62 9.16 47.94
CA ALA H 88 -14.46 8.41 48.85
C ALA H 88 -15.74 8.05 48.11
N TYR H 89 -16.11 6.77 48.12
CA TYR H 89 -17.19 6.29 47.28
C TYR H 89 -18.34 5.78 48.14
N ALA H 90 -19.54 5.96 47.62
CA ALA H 90 -20.75 5.45 48.23
C ALA H 90 -21.75 5.16 47.13
N ASP H 91 -22.45 4.04 47.25
CA ASP H 91 -23.43 3.67 46.25
C ASP H 91 -24.50 2.81 46.89
N VAL H 92 -25.76 3.20 46.73
CA VAL H 92 -26.88 2.37 47.19
C VAL H 92 -27.60 1.87 45.94
N THR H 93 -28.38 0.81 46.11
CA THR H 93 -29.22 0.34 45.01
C THR H 93 -30.48 -0.28 45.60
N PHE H 94 -31.62 0.31 45.27
CA PHE H 94 -32.91 -0.23 45.65
C PHE H 94 -33.55 -0.89 44.44
N SER H 95 -34.29 -1.96 44.70
CA SER H 95 -35.00 -2.65 43.63
C SER H 95 -36.25 -3.28 44.22
N PHE H 96 -37.41 -2.75 43.83
CA PHE H 96 -38.68 -3.28 44.29
C PHE H 96 -39.41 -3.94 43.13
N THR H 97 -40.31 -4.85 43.46
CA THR H 97 -41.08 -5.54 42.44
C THR H 97 -42.14 -4.60 41.86
N GLN H 98 -42.66 -4.99 40.70
CA GLN H 98 -43.71 -4.20 40.06
C GLN H 98 -44.97 -4.10 40.92
N TYR H 99 -45.24 -5.13 41.73
CA TYR H 99 -46.38 -5.12 42.65
C TYR H 99 -46.05 -4.53 44.02
N SER H 100 -45.01 -3.70 44.12
CA SER H 100 -44.64 -3.11 45.40
C SER H 100 -45.58 -1.98 45.80
N THR H 101 -45.88 -1.90 47.09
CA THR H 101 -46.75 -0.87 47.65
C THR H 101 -45.97 0.39 48.01
N ASP H 102 -46.70 1.51 48.09
CA ASP H 102 -46.07 2.79 48.43
C ASP H 102 -45.40 2.73 49.80
N GLU H 103 -46.10 2.23 50.81
CA GLU H 103 -45.54 2.20 52.16
C GLU H 103 -44.31 1.29 52.24
N GLU H 104 -44.35 0.16 51.53
CA GLU H 104 -43.20 -0.74 51.50
C GLU H 104 -41.95 -0.02 51.03
N ARG H 105 -42.10 0.85 50.04
CA ARG H 105 -40.96 1.53 49.43
C ARG H 105 -40.31 2.48 50.43
N ALA H 106 -41.13 3.31 51.09
CA ALA H 106 -40.61 4.23 52.08
C ALA H 106 -40.03 3.50 53.28
N PHE H 107 -40.59 2.33 53.61
CA PHE H 107 -40.10 1.59 54.77
C PHE H 107 -38.65 1.15 54.56
N VAL H 108 -38.35 0.59 53.39
CA VAL H 108 -36.97 0.25 53.04
C VAL H 108 -36.11 1.49 52.94
N ARG H 109 -36.71 2.65 52.66
CA ARG H 109 -35.97 3.89 52.56
C ARG H 109 -35.57 4.41 53.94
N THR H 110 -36.52 4.49 54.86
CA THR H 110 -36.21 4.98 56.20
C THR H 110 -35.41 3.96 56.99
N GLU H 111 -35.59 2.67 56.69
CA GLU H 111 -34.78 1.64 57.33
C GLU H 111 -33.30 1.85 57.05
N LEU H 112 -32.96 2.20 55.80
CA LEU H 112 -31.57 2.49 55.47
C LEU H 112 -31.11 3.78 56.13
N ALA H 113 -31.97 4.80 56.17
CA ALA H 113 -31.60 6.05 56.80
C ALA H 113 -31.36 5.85 58.29
N ALA H 114 -32.22 5.09 58.96
CA ALA H 114 -32.02 4.79 60.37
C ALA H 114 -30.86 3.84 60.59
N LEU H 115 -30.64 2.90 59.66
CA LEU H 115 -29.53 1.96 59.81
C LEU H 115 -28.19 2.65 59.68
N LEU H 116 -28.13 3.77 58.94
CA LEU H 116 -26.87 4.52 58.83
C LEU H 116 -26.49 5.22 60.13
N ALA H 117 -27.40 5.30 61.12
CA ALA H 117 -27.13 5.98 62.38
C ALA H 117 -27.11 5.04 63.58
N SER H 118 -27.27 3.75 63.36
CA SER H 118 -27.25 2.82 64.47
C SER H 118 -25.82 2.63 64.97
N PRO H 119 -25.62 2.52 66.28
CA PRO H 119 -24.28 2.31 66.85
C PRO H 119 -23.44 1.31 66.07
N LEU H 120 -24.07 0.25 65.57
CA LEU H 120 -23.34 -0.78 64.84
C LEU H 120 -22.68 -0.22 63.59
N LEU H 121 -23.44 0.52 62.79
CA LEU H 121 -22.89 1.08 61.56
C LEU H 121 -21.90 2.21 61.80
N ILE H 122 -21.92 2.83 62.98
CA ILE H 122 -20.94 3.87 63.28
C ILE H 122 -19.52 3.29 63.28
N ASP H 123 -19.31 2.21 64.04
CA ASP H 123 -18.00 1.57 64.05
C ASP H 123 -17.75 0.71 62.82
N ALA H 124 -18.81 0.32 62.09
CA ALA H 124 -18.61 -0.41 60.86
C ALA H 124 -18.13 0.51 59.74
N ILE H 125 -18.49 1.78 59.79
CA ILE H 125 -18.17 2.73 58.73
C ILE H 125 -16.99 3.62 59.11
N ASP H 126 -17.02 4.20 60.32
CA ASP H 126 -16.05 5.20 60.71
C ASP H 126 -14.77 4.60 61.27
N GLN H 127 -14.88 3.57 62.11
CA GLN H 127 -13.72 2.86 62.65
C GLN H 127 -13.39 1.60 61.87
N LEU H 128 -14.26 1.23 60.93
CA LEU H 128 -14.07 0.13 60.00
C LEU H 128 -13.72 -1.17 60.72
N ASN H 129 -14.51 -1.50 61.73
CA ASN H 129 -14.44 -2.78 62.38
C ASN H 129 -15.80 -3.46 62.30
N PRO H 130 -15.85 -4.74 61.93
CA PRO H 130 -17.14 -5.38 61.70
C PRO H 130 -17.90 -5.60 62.99
N ALA H 131 -19.14 -6.04 62.80
CA ALA H 131 -19.95 -6.51 63.91
C ALA H 131 -19.35 -7.78 64.50
N TYR H 132 -19.29 -7.82 65.83
CA TYR H 132 -18.69 -8.95 66.53
C TYR H 132 -19.54 -9.31 67.75
N ALA I 1 -46.71 20.90 24.65
CA ALA I 1 -46.65 21.96 25.66
C ALA I 1 -46.06 21.46 26.97
N LYS I 2 -46.39 22.14 28.06
CA LYS I 2 -45.89 21.76 29.37
C LYS I 2 -46.54 20.47 29.84
N LEU I 3 -45.78 19.68 30.59
CA LEU I 3 -46.25 18.39 31.11
C LEU I 3 -47.10 18.67 32.35
N GLU I 4 -48.36 18.98 32.10
CA GLU I 4 -49.30 19.30 33.17
C GLU I 4 -50.06 18.05 33.59
N THR I 5 -50.91 18.18 34.60
CA THR I 5 -51.84 17.13 34.97
C THR I 5 -53.09 17.25 34.12
N VAL I 6 -53.24 16.36 33.14
CA VAL I 6 -54.35 16.41 32.21
C VAL I 6 -55.49 15.56 32.78
N THR I 7 -56.72 16.04 32.60
CA THR I 7 -57.91 15.37 33.12
C THR I 7 -58.96 15.29 32.02
N LEU I 8 -59.23 14.08 31.54
CA LEU I 8 -60.24 13.86 30.51
C LEU I 8 -61.60 13.64 31.15
N GLY I 9 -62.58 14.44 30.75
CA GLY I 9 -63.94 14.31 31.24
C GLY I 9 -64.87 13.78 30.17
N ASN I 10 -66.06 13.38 30.62
CA ASN I 10 -67.09 12.81 29.74
C ASN I 10 -66.50 11.67 28.91
N ILE I 11 -66.07 10.63 29.64
CA ILE I 11 -65.27 9.55 29.09
C ILE I 11 -65.91 8.22 29.44
N GLY I 12 -65.58 7.19 28.67
CA GLY I 12 -66.05 5.86 28.98
C GLY I 12 -67.20 5.45 28.08
N LYS I 13 -67.60 4.17 28.26
CA LYS I 13 -68.77 3.65 27.55
C LYS I 13 -69.99 4.51 27.83
N ASP I 14 -70.21 4.84 29.11
CA ASP I 14 -71.35 5.66 29.49
C ASP I 14 -71.26 7.05 28.87
N GLY I 15 -70.05 7.62 28.85
CA GLY I 15 -69.81 8.97 28.40
C GLY I 15 -69.96 10.01 29.48
N LYS I 16 -70.23 9.59 30.71
CA LYS I 16 -70.43 10.46 31.86
C LYS I 16 -69.45 10.15 32.98
N GLN I 17 -68.20 9.83 32.62
CA GLN I 17 -67.12 9.54 33.58
C GLN I 17 -66.02 10.59 33.43
N THR I 18 -65.03 10.50 34.31
CA THR I 18 -63.89 11.41 34.31
C THR I 18 -62.63 10.62 34.66
N LEU I 19 -61.49 11.12 34.19
CA LEU I 19 -60.22 10.42 34.37
C LEU I 19 -59.09 11.43 34.56
N VAL I 20 -58.35 11.27 35.65
CA VAL I 20 -57.26 12.17 36.00
C VAL I 20 -55.94 11.47 35.73
N LEU I 21 -55.02 12.19 35.05
CA LEU I 21 -53.72 11.67 34.67
C LEU I 21 -52.65 12.68 35.08
N ASN I 22 -51.92 12.37 36.16
CA ASN I 22 -50.84 13.23 36.63
C ASN I 22 -49.55 12.98 35.85
N PRO I 23 -48.73 14.02 35.68
CA PRO I 23 -47.46 13.84 34.95
C PRO I 23 -46.47 13.00 35.74
N ARG I 24 -45.64 12.26 35.01
CA ARG I 24 -44.59 11.44 35.60
C ARG I 24 -43.23 11.78 35.00
N GLY I 25 -43.12 12.89 34.28
CA GLY I 25 -41.85 13.36 33.77
C GLY I 25 -41.55 12.84 32.38
N VAL I 26 -40.38 13.19 31.88
CA VAL I 26 -39.93 12.73 30.58
C VAL I 26 -38.77 11.76 30.78
N ASN I 27 -38.48 10.98 29.74
CA ASN I 27 -37.36 10.05 29.73
C ASN I 27 -36.44 10.52 28.62
N PRO I 28 -35.42 11.34 28.92
CA PRO I 28 -34.61 11.93 27.86
C PRO I 28 -33.80 10.92 27.04
N THR I 29 -33.79 9.64 27.42
CA THR I 29 -33.12 8.63 26.62
C THR I 29 -34.01 8.07 25.52
N ASN I 30 -35.23 7.67 25.88
CA ASN I 30 -36.19 7.19 24.89
C ASN I 30 -36.85 8.34 24.15
N GLY I 31 -36.72 9.57 24.65
CA GLY I 31 -37.40 10.70 24.06
C GLY I 31 -38.90 10.58 24.15
N VAL I 32 -39.40 10.04 25.26
CA VAL I 32 -40.83 9.81 25.45
C VAL I 32 -41.27 10.42 26.77
N ALA I 33 -42.28 11.28 26.71
CA ALA I 33 -42.92 11.72 27.93
C ALA I 33 -43.95 10.67 28.32
N SER I 34 -44.19 10.55 29.62
CA SER I 34 -45.15 9.59 30.11
C SER I 34 -45.85 10.19 31.32
N LEU I 35 -47.11 9.82 31.48
CA LEU I 35 -47.87 10.26 32.63
C LEU I 35 -48.98 9.26 32.86
N SER I 36 -49.39 9.13 34.12
CA SER I 36 -50.19 7.99 34.52
C SER I 36 -51.23 8.42 35.52
N GLN I 37 -52.34 7.69 35.55
CA GLN I 37 -53.34 7.88 36.60
C GLN I 37 -52.73 7.38 37.90
N ALA I 38 -52.74 8.22 38.93
CA ALA I 38 -52.07 7.93 40.19
C ALA I 38 -52.72 6.75 40.91
N GLY I 39 -51.99 5.63 40.98
CA GLY I 39 -52.49 4.45 41.66
C GLY I 39 -51.50 4.00 42.72
N ALA I 40 -51.99 3.13 43.60
CA ALA I 40 -51.18 2.64 44.72
C ALA I 40 -49.95 1.91 44.19
N VAL I 41 -50.17 0.81 43.50
CA VAL I 41 -49.10 -0.05 42.98
C VAL I 41 -48.76 0.41 41.57
N PRO I 42 -47.48 0.56 41.23
CA PRO I 42 -47.13 1.02 39.87
C PRO I 42 -47.58 0.09 38.76
N ALA I 43 -47.69 -1.22 39.01
CA ALA I 43 -48.09 -2.14 37.94
C ALA I 43 -49.57 -2.00 37.61
N LEU I 44 -50.38 -1.72 38.61
CA LEU I 44 -51.82 -1.68 38.44
C LEU I 44 -52.27 -0.42 37.70
N GLU I 45 -51.51 0.68 37.76
CA GLU I 45 -52.01 1.97 37.34
C GLU I 45 -52.13 2.09 35.82
N LYS I 46 -53.09 2.90 35.38
CA LYS I 46 -53.22 3.25 33.98
C LYS I 46 -52.12 4.23 33.59
N ARG I 47 -51.78 4.26 32.30
CA ARG I 47 -50.74 5.16 31.82
C ARG I 47 -50.94 5.52 30.36
N VAL I 48 -50.42 6.69 29.98
CA VAL I 48 -50.38 7.15 28.59
C VAL I 48 -49.01 7.78 28.35
N THR I 49 -48.54 7.71 27.11
CA THR I 49 -47.20 8.17 26.76
C THR I 49 -47.23 8.93 25.45
N VAL I 50 -46.51 10.06 25.40
CA VAL I 50 -46.43 10.92 24.23
C VAL I 50 -44.98 11.09 23.83
N SER I 51 -44.71 11.08 22.53
CA SER I 51 -43.34 11.22 22.03
C SER I 51 -43.36 11.84 20.64
N VAL I 52 -42.41 12.74 20.37
CA VAL I 52 -42.23 13.32 19.04
C VAL I 52 -40.77 13.13 18.61
N SER I 53 -40.56 12.84 17.33
CA SER I 53 -39.22 12.69 16.79
C SER I 53 -39.06 13.50 15.50
N GLN I 54 -38.00 14.30 15.44
CA GLN I 54 -37.67 15.04 14.23
C GLN I 54 -37.03 14.11 13.19
N PRO I 55 -37.02 14.50 11.93
CA PRO I 55 -36.48 13.59 10.90
C PRO I 55 -34.96 13.52 10.99
N SER I 56 -34.44 12.30 11.03
CA SER I 56 -33.02 12.10 11.12
C SER I 56 -32.56 11.50 9.78
N ARG I 57 -31.55 10.64 9.82
CA ARG I 57 -31.05 10.01 8.61
C ARG I 57 -31.81 8.74 8.27
N ASN I 58 -32.57 8.22 9.22
CA ASN I 58 -33.43 7.06 9.03
C ASN I 58 -34.63 7.46 8.16
N ARG I 59 -35.56 8.22 8.74
CA ARG I 59 -36.73 8.74 8.02
C ARG I 59 -36.66 10.26 7.93
N LYS I 60 -37.01 10.78 6.75
CA LYS I 60 -37.03 12.22 6.55
C LYS I 60 -38.46 12.77 6.68
N ASN I 61 -39.20 12.25 7.67
CA ASN I 61 -40.54 12.69 8.04
C ASN I 61 -40.64 12.81 9.55
N TYR I 62 -41.54 13.69 9.98
CA TYR I 62 -41.76 13.92 11.40
C TYR I 62 -42.67 12.79 11.90
N LYS I 63 -42.49 12.38 13.15
CA LYS I 63 -43.35 11.32 13.69
C LYS I 63 -43.66 11.60 15.15
N VAL I 64 -44.95 11.59 15.48
CA VAL I 64 -45.44 11.72 16.84
C VAL I 64 -46.30 10.51 17.14
N GLN I 65 -46.18 9.97 18.36
CA GLN I 65 -46.82 8.72 18.71
C GLN I 65 -47.31 8.78 20.15
N VAL I 66 -48.56 8.36 20.36
CA VAL I 66 -49.15 8.26 21.68
C VAL I 66 -49.57 6.81 21.92
N LYS I 67 -49.29 6.31 23.12
CA LYS I 67 -49.68 4.98 23.53
C LYS I 67 -50.56 5.07 24.78
N ILE I 68 -51.51 4.16 24.89
CA ILE I 68 -52.36 4.03 26.06
C ILE I 68 -52.30 2.60 26.54
N GLN I 69 -52.17 2.41 27.85
CA GLN I 69 -52.10 1.08 28.44
C GLN I 69 -52.91 1.08 29.73
N ASN I 70 -54.08 0.44 29.69
CA ASN I 70 -54.98 0.38 30.83
C ASN I 70 -55.10 -1.06 31.31
N PRO I 71 -54.44 -1.45 32.40
CA PRO I 71 -54.59 -2.81 32.91
C PRO I 71 -55.82 -2.95 33.81
N THR I 72 -56.11 -4.20 34.17
CA THR I 72 -57.22 -4.52 35.05
C THR I 72 -56.77 -5.66 35.96
N ALA I 73 -57.42 -5.73 37.14
CA ALA I 73 -56.94 -6.58 38.22
C ALA I 73 -58.03 -7.52 38.71
N CYS I 74 -57.66 -8.35 39.69
CA CYS I 74 -58.54 -9.33 40.33
C CYS I 74 -58.32 -9.22 41.83
N THR I 75 -59.39 -9.36 42.62
CA THR I 75 -59.26 -9.00 44.04
C THR I 75 -59.11 -10.16 45.01
N ALA I 76 -59.65 -11.35 44.74
CA ALA I 76 -59.69 -12.39 45.77
C ALA I 76 -58.89 -13.64 45.40
N ASN I 77 -57.83 -13.48 44.63
CA ASN I 77 -56.94 -14.58 44.29
C ASN I 77 -55.73 -14.67 45.21
N GLY I 78 -55.29 -13.53 45.76
CA GLY I 78 -54.12 -13.47 46.62
C GLY I 78 -54.42 -12.81 47.96
N SER I 79 -55.65 -12.34 48.13
CA SER I 79 -56.14 -11.72 49.36
C SER I 79 -55.24 -10.62 49.93
N CYS I 80 -54.13 -10.31 49.28
CA CYS I 80 -53.29 -9.19 49.71
C CYS I 80 -53.19 -8.13 48.63
N ASP I 81 -52.50 -8.41 47.52
CA ASP I 81 -52.36 -7.46 46.42
C ASP I 81 -53.02 -7.97 45.15
N PRO I 82 -53.99 -7.23 44.59
CA PRO I 82 -54.61 -7.67 43.34
C PRO I 82 -53.57 -7.78 42.21
N SER I 83 -53.75 -8.78 41.35
CA SER I 83 -52.85 -9.02 40.23
C SER I 83 -53.53 -8.66 38.92
N VAL I 84 -52.72 -8.24 37.95
CA VAL I 84 -53.24 -7.83 36.64
C VAL I 84 -53.57 -9.08 35.83
N THR I 85 -54.81 -9.16 35.34
CA THR I 85 -55.30 -10.30 34.60
C THR I 85 -55.17 -10.10 33.09
N ARG I 86 -55.45 -8.88 32.63
CA ARG I 86 -55.35 -8.55 31.22
C ARG I 86 -55.10 -7.05 31.12
N GLN I 87 -54.67 -6.62 29.96
CA GLN I 87 -54.43 -5.20 29.72
C GLN I 87 -55.18 -4.79 28.44
N ALA I 88 -55.22 -3.48 28.20
CA ALA I 88 -55.88 -2.95 27.01
C ALA I 88 -54.97 -1.91 26.39
N TYR I 89 -54.74 -2.03 25.09
CA TYR I 89 -53.69 -1.27 24.44
C TYR I 89 -54.29 -0.34 23.40
N ALA I 90 -53.61 0.80 23.21
CA ALA I 90 -53.95 1.77 22.18
C ALA I 90 -52.64 2.41 21.75
N ASP I 91 -52.50 2.63 20.45
CA ASP I 91 -51.28 3.21 19.93
C ASP I 91 -51.59 3.99 18.66
N VAL I 92 -51.16 5.26 18.62
CA VAL I 92 -51.30 6.07 17.42
C VAL I 92 -49.90 6.33 16.90
N THR I 93 -49.82 6.68 15.62
CA THR I 93 -48.57 7.14 15.03
C THR I 93 -48.91 8.09 13.90
N PHE I 94 -48.52 9.35 14.04
CA PHE I 94 -48.70 10.35 13.00
C PHE I 94 -47.36 10.59 12.31
N SER I 95 -47.41 10.91 11.02
CA SER I 95 -46.17 11.20 10.28
C SER I 95 -46.47 12.23 9.21
N PHE I 96 -45.93 13.43 9.38
CA PHE I 96 -46.11 14.52 8.45
C PHE I 96 -44.80 14.88 7.76
N THR I 97 -44.92 15.56 6.62
CA THR I 97 -43.78 15.97 5.83
C THR I 97 -43.06 17.15 6.50
N GLN I 98 -41.80 17.36 6.09
CA GLN I 98 -41.07 18.52 6.58
C GLN I 98 -41.73 19.82 6.14
N TYR I 99 -42.32 19.83 4.94
CA TYR I 99 -43.10 20.95 4.43
C TYR I 99 -44.58 20.84 4.76
N SER I 100 -44.95 20.08 5.78
CA SER I 100 -46.37 19.93 6.10
C SER I 100 -46.89 21.22 6.72
N THR I 101 -48.14 21.57 6.40
CA THR I 101 -48.67 22.83 6.90
C THR I 101 -49.24 22.66 8.30
N ASP I 102 -49.29 23.78 9.02
CA ASP I 102 -49.82 23.78 10.38
C ASP I 102 -51.29 23.33 10.40
N GLU I 103 -52.11 23.89 9.52
CA GLU I 103 -53.53 23.56 9.50
C GLU I 103 -53.78 22.11 9.13
N GLU I 104 -53.01 21.58 8.17
CA GLU I 104 -53.15 20.18 7.76
C GLU I 104 -53.02 19.23 8.94
N ARG I 105 -52.11 19.55 9.86
CA ARG I 105 -51.82 18.64 10.96
C ARG I 105 -53.02 18.50 11.88
N ALA I 106 -53.66 19.62 12.22
CA ALA I 106 -54.83 19.58 13.09
C ALA I 106 -56.00 18.85 12.43
N PHE I 107 -56.13 18.95 11.11
CA PHE I 107 -57.23 18.28 10.43
C PHE I 107 -57.11 16.77 10.59
N VAL I 108 -55.92 16.22 10.35
CA VAL I 108 -55.68 14.80 10.57
C VAL I 108 -55.87 14.44 12.03
N ARG I 109 -55.70 15.42 12.93
CA ARG I 109 -55.88 15.19 14.36
C ARG I 109 -57.36 15.10 14.73
N THR I 110 -58.17 16.07 14.30
CA THR I 110 -59.59 16.04 14.63
C THR I 110 -60.30 14.97 13.82
N GLU I 111 -59.80 14.66 12.62
CA GLU I 111 -60.37 13.56 11.85
C GLU I 111 -60.30 12.27 12.64
N LEU I 112 -59.18 12.04 13.33
CA LEU I 112 -59.08 10.86 14.18
C LEU I 112 -59.99 10.99 15.39
N ALA I 113 -60.08 12.19 15.97
CA ALA I 113 -60.95 12.39 17.12
C ALA I 113 -62.42 12.21 16.74
N ALA I 114 -62.84 12.77 15.60
CA ALA I 114 -64.21 12.61 15.16
C ALA I 114 -64.50 11.20 14.69
N LEU I 115 -63.52 10.53 14.06
CA LEU I 115 -63.75 9.17 13.59
C LEU I 115 -63.92 8.20 14.76
N LEU I 116 -63.33 8.51 15.92
CA LEU I 116 -63.52 7.66 17.10
C LEU I 116 -64.93 7.74 17.66
N ALA I 117 -65.76 8.66 17.18
CA ALA I 117 -67.12 8.80 17.65
C ALA I 117 -68.15 8.48 16.59
N SER I 118 -67.72 8.08 15.40
CA SER I 118 -68.62 7.71 14.32
C SER I 118 -69.22 6.33 14.59
N PRO I 119 -70.51 6.15 14.30
CA PRO I 119 -71.16 4.85 14.49
C PRO I 119 -70.32 3.66 14.04
N LEU I 120 -69.60 3.84 12.92
CA LEU I 120 -68.81 2.76 12.35
C LEU I 120 -67.72 2.30 13.32
N LEU I 121 -66.96 3.24 13.88
CA LEU I 121 -65.90 2.87 14.81
C LEU I 121 -66.44 2.35 16.14
N ILE I 122 -67.70 2.62 16.47
CA ILE I 122 -68.26 2.07 17.70
C ILE I 122 -68.30 0.54 17.62
N ASP I 123 -68.86 0.00 16.53
CA ASP I 123 -68.94 -1.44 16.39
C ASP I 123 -67.61 -2.07 15.98
N ALA I 124 -66.68 -1.28 15.44
CA ALA I 124 -65.35 -1.81 15.17
C ALA I 124 -64.53 -1.96 16.45
N ILE I 125 -64.84 -1.13 17.44
CA ILE I 125 -64.08 -1.09 18.69
C ILE I 125 -64.82 -1.80 19.81
N ASP I 126 -66.11 -1.52 19.95
CA ASP I 126 -66.87 -2.01 21.10
C ASP I 126 -67.43 -3.40 20.88
N GLN I 127 -67.98 -3.68 19.70
CA GLN I 127 -68.52 -5.00 19.38
C GLN I 127 -67.56 -5.84 18.55
N LEU I 128 -66.48 -5.23 18.03
CA LEU I 128 -65.45 -5.90 17.24
C LEU I 128 -66.08 -6.74 16.13
N ASN I 129 -66.97 -6.11 15.37
CA ASN I 129 -67.50 -6.73 14.18
C ASN I 129 -67.17 -5.83 12.99
N PRO I 130 -66.64 -6.39 11.91
CA PRO I 130 -66.17 -5.55 10.80
C PRO I 130 -67.32 -4.89 10.07
N ALA I 131 -66.95 -4.01 9.15
CA ALA I 131 -67.96 -3.47 8.25
C ALA I 131 -68.46 -4.60 7.34
N TYR I 132 -69.78 -4.73 7.25
CA TYR I 132 -70.38 -5.80 6.45
C TYR I 132 -71.59 -5.27 5.70
N ALA J 1 -70.13 -3.10 11.56
CA ALA J 1 -71.49 -2.63 11.31
C ALA J 1 -71.72 -2.32 9.85
N LYS J 2 -72.70 -1.46 9.59
CA LYS J 2 -73.00 -1.03 8.23
C LYS J 2 -71.94 -0.09 7.72
N LEU J 3 -71.59 -0.23 6.44
CA LEU J 3 -70.64 0.67 5.79
C LEU J 3 -71.46 1.84 5.25
N GLU J 4 -71.71 2.81 6.12
CA GLU J 4 -72.54 3.94 5.74
C GLU J 4 -71.69 5.07 5.19
N THR J 5 -72.36 6.13 4.73
CA THR J 5 -71.69 7.36 4.34
C THR J 5 -71.53 8.21 5.60
N VAL J 6 -70.31 8.25 6.12
CA VAL J 6 -70.03 8.97 7.36
C VAL J 6 -69.63 10.39 7.03
N THR J 7 -70.08 11.33 7.85
CA THR J 7 -69.81 12.75 7.68
C THR J 7 -69.37 13.30 9.04
N LEU J 8 -68.10 13.66 9.15
CA LEU J 8 -67.57 14.18 10.40
C LEU J 8 -67.75 15.70 10.45
N GLY J 9 -68.40 16.17 11.52
CA GLY J 9 -68.62 17.57 11.73
C GLY J 9 -67.78 18.11 12.88
N ASN J 10 -67.76 19.44 12.99
CA ASN J 10 -66.98 20.15 13.99
C ASN J 10 -65.53 19.67 13.96
N ILE J 11 -64.91 19.87 12.80
CA ILE J 11 -63.62 19.29 12.47
C ILE J 11 -62.70 20.37 11.92
N GLY J 12 -61.40 20.10 12.01
CA GLY J 12 -60.42 20.99 11.41
C GLY J 12 -59.69 21.83 12.44
N LYS J 13 -58.71 22.58 11.93
CA LYS J 13 -57.97 23.52 12.77
C LYS J 13 -58.94 24.49 13.44
N ASP J 14 -59.84 25.07 12.65
CA ASP J 14 -60.83 26.00 13.18
C ASP J 14 -61.77 25.30 14.16
N GLY J 15 -62.12 24.04 13.84
CA GLY J 15 -63.10 23.29 14.59
C GLY J 15 -64.51 23.49 14.08
N LYS J 16 -64.66 24.25 13.00
CA LYS J 16 -65.96 24.55 12.39
C LYS J 16 -66.01 24.10 10.93
N GLN J 17 -65.38 22.98 10.61
CA GLN J 17 -65.38 22.42 9.25
C GLN J 17 -66.07 21.05 9.26
N THR J 18 -66.23 20.50 8.06
CA THR J 18 -66.91 19.22 7.86
C THR J 18 -66.22 18.44 6.75
N LEU J 19 -66.39 17.12 6.81
CA LEU J 19 -65.77 16.19 5.86
C LEU J 19 -66.73 15.04 5.61
N VAL J 20 -67.07 14.81 4.33
CA VAL J 20 -68.03 13.79 3.93
C VAL J 20 -67.28 12.62 3.32
N LEU J 21 -67.62 11.40 3.76
CA LEU J 21 -66.92 10.18 3.35
C LEU J 21 -67.89 9.11 2.89
N ASN J 22 -67.93 8.85 1.58
CA ASN J 22 -68.76 7.76 1.07
C ASN J 22 -68.02 6.43 1.21
N PRO J 23 -68.77 5.33 1.44
CA PRO J 23 -68.12 4.03 1.59
C PRO J 23 -67.55 3.50 0.28
N ARG J 24 -66.47 2.73 0.39
CA ARG J 24 -65.86 2.12 -0.78
C ARG J 24 -65.69 0.61 -0.65
N GLY J 25 -66.37 -0.03 0.30
CA GLY J 25 -66.35 -1.47 0.33
C GLY J 25 -65.21 -2.02 1.15
N VAL J 26 -65.07 -3.34 1.11
CA VAL J 26 -64.00 -4.02 1.80
C VAL J 26 -63.03 -4.55 0.76
N ASN J 27 -61.90 -5.05 1.22
CA ASN J 27 -60.88 -5.63 0.36
C ASN J 27 -60.90 -7.13 0.63
N PRO J 28 -61.63 -7.92 -0.17
CA PRO J 28 -61.83 -9.34 0.18
C PRO J 28 -60.54 -10.15 0.22
N THR J 29 -59.43 -9.60 -0.25
CA THR J 29 -58.13 -10.24 -0.09
C THR J 29 -57.44 -9.74 1.18
N ASN J 30 -57.40 -8.42 1.37
CA ASN J 30 -56.78 -7.82 2.55
C ASN J 30 -57.69 -7.87 3.78
N GLY J 31 -58.99 -8.08 3.60
CA GLY J 31 -59.91 -8.07 4.72
C GLY J 31 -59.99 -6.74 5.45
N VAL J 32 -59.92 -5.64 4.71
CA VAL J 32 -59.93 -4.30 5.27
C VAL J 32 -60.98 -3.46 4.56
N ALA J 33 -61.83 -2.80 5.35
CA ALA J 33 -62.79 -1.87 4.78
C ALA J 33 -62.10 -0.54 4.47
N SER J 34 -62.64 0.17 3.48
CA SER J 34 -62.07 1.44 3.06
C SER J 34 -63.19 2.38 2.63
N LEU J 35 -62.95 3.68 2.85
CA LEU J 35 -63.88 4.71 2.44
C LEU J 35 -63.12 6.02 2.28
N SER J 36 -63.68 6.92 1.47
CA SER J 36 -62.91 8.03 0.92
C SER J 36 -63.72 9.32 0.96
N GLN J 37 -63.00 10.42 0.82
CA GLN J 37 -63.55 11.78 0.75
C GLN J 37 -64.55 11.93 -0.39
N ALA J 38 -65.60 12.71 -0.12
CA ALA J 38 -66.65 12.94 -1.10
C ALA J 38 -66.14 13.65 -2.35
N GLY J 39 -64.91 14.14 -2.34
CA GLY J 39 -64.36 14.80 -3.52
C GLY J 39 -64.36 13.80 -4.66
N ALA J 40 -64.81 14.25 -5.83
CA ALA J 40 -64.95 13.35 -6.97
C ALA J 40 -63.61 12.72 -7.36
N VAL J 41 -62.56 13.53 -7.45
CA VAL J 41 -61.26 13.04 -7.93
C VAL J 41 -60.76 11.93 -7.00
N PRO J 42 -60.29 10.78 -7.54
CA PRO J 42 -59.83 9.67 -6.68
C PRO J 42 -58.39 9.74 -6.22
N ALA J 43 -57.49 10.32 -7.01
CA ALA J 43 -56.10 10.38 -6.56
C ALA J 43 -55.92 11.47 -5.50
N LEU J 44 -56.65 12.58 -5.65
CA LEU J 44 -56.55 13.71 -4.72
C LEU J 44 -57.22 13.43 -3.38
N GLU J 45 -58.19 12.53 -3.33
CA GLU J 45 -59.09 12.45 -2.19
C GLU J 45 -58.39 11.90 -0.94
N LYS J 46 -58.87 12.36 0.22
CA LYS J 46 -58.48 11.75 1.48
C LYS J 46 -59.17 10.39 1.62
N ARG J 47 -58.60 9.55 2.47
CA ARG J 47 -59.15 8.22 2.65
C ARG J 47 -58.85 7.71 4.06
N VAL J 48 -59.71 6.82 4.54
CA VAL J 48 -59.53 6.17 5.83
C VAL J 48 -59.90 4.70 5.67
N THR J 49 -59.29 3.85 6.50
CA THR J 49 -59.44 2.41 6.39
C THR J 49 -59.62 1.82 7.79
N VAL J 50 -60.59 0.90 7.93
CA VAL J 50 -60.90 0.27 9.22
C VAL J 50 -60.83 -1.25 9.06
N SER J 51 -60.31 -1.94 10.07
CA SER J 51 -60.18 -3.40 10.02
C SER J 51 -60.22 -4.02 11.42
N VAL J 52 -60.94 -5.13 11.55
CA VAL J 52 -60.95 -5.94 12.77
C VAL J 52 -60.67 -7.39 12.38
N SER J 53 -59.93 -8.09 13.24
CA SER J 53 -59.56 -9.49 13.00
C SER J 53 -59.89 -10.37 14.19
N GLN J 54 -60.51 -11.53 13.95
CA GLN J 54 -60.73 -12.51 15.00
C GLN J 54 -59.40 -13.20 15.36
N PRO J 55 -59.31 -13.81 16.54
CA PRO J 55 -58.02 -14.37 16.97
C PRO J 55 -57.70 -15.66 16.22
N SER J 56 -56.51 -15.71 15.63
CA SER J 56 -56.17 -16.91 14.90
C SER J 56 -55.07 -17.66 15.66
N ARG J 57 -54.20 -18.35 14.92
CA ARG J 57 -53.12 -19.10 15.54
C ARG J 57 -51.88 -18.23 15.72
N ASN J 58 -51.88 -17.04 15.14
CA ASN J 58 -50.79 -16.09 15.36
C ASN J 58 -50.91 -15.52 16.77
N ARG J 59 -51.90 -14.65 16.98
CA ARG J 59 -52.17 -14.06 18.28
C ARG J 59 -53.51 -14.51 18.83
N LYS J 60 -53.59 -14.60 20.16
CA LYS J 60 -54.79 -14.98 20.89
C LYS J 60 -55.52 -13.76 21.43
N ASN J 61 -55.34 -12.61 20.78
CA ASN J 61 -55.94 -11.35 21.15
C ASN J 61 -56.59 -10.69 19.94
N TYR J 62 -57.54 -9.82 20.23
CA TYR J 62 -58.28 -9.13 19.19
C TYR J 62 -57.45 -7.92 18.75
N LYS J 63 -57.57 -7.55 17.48
CA LYS J 63 -56.83 -6.40 16.97
C LYS J 63 -57.68 -5.62 15.98
N VAL J 64 -57.83 -4.32 16.25
CA VAL J 64 -58.53 -3.40 15.36
C VAL J 64 -57.60 -2.23 15.08
N GLN J 65 -57.57 -1.79 13.82
CA GLN J 65 -56.66 -0.73 13.39
C GLN J 65 -57.34 0.12 12.33
N VAL J 66 -57.26 1.43 12.47
CA VAL J 66 -57.75 2.35 11.46
C VAL J 66 -56.60 3.24 11.01
N LYS J 67 -56.54 3.51 9.71
CA LYS J 67 -55.54 4.38 9.12
C LYS J 67 -56.22 5.56 8.44
N ILE J 68 -55.53 6.70 8.45
CA ILE J 68 -55.96 7.90 7.76
C ILE J 68 -54.84 8.33 6.83
N GLN J 69 -55.19 8.70 5.60
CA GLN J 69 -54.20 9.12 4.62
C GLN J 69 -54.79 10.30 3.86
N ASN J 70 -54.29 11.50 4.18
CA ASN J 70 -54.77 12.72 3.55
C ASN J 70 -53.64 13.32 2.72
N PRO J 71 -53.63 13.14 1.42
CA PRO J 71 -52.63 13.79 0.58
C PRO J 71 -53.09 15.20 0.23
N THR J 72 -52.18 15.94 -0.41
CA THR J 72 -52.45 17.30 -0.86
C THR J 72 -51.81 17.50 -2.21
N ALA J 73 -52.40 18.40 -3.00
CA ALA J 73 -52.03 18.53 -4.41
C ALA J 73 -51.69 19.99 -4.71
N CYS J 74 -51.21 20.19 -5.95
CA CYS J 74 -50.81 21.50 -6.43
C CYS J 74 -51.25 21.67 -7.87
N THR J 75 -50.96 22.83 -8.44
CA THR J 75 -51.32 23.17 -9.82
C THR J 75 -50.07 23.79 -10.42
N ALA J 76 -49.24 22.96 -11.06
CA ALA J 76 -47.93 23.35 -11.52
C ALA J 76 -48.03 24.29 -12.72
N ASN J 77 -46.91 24.50 -13.42
CA ASN J 77 -46.94 25.35 -14.62
C ASN J 77 -47.83 24.72 -15.68
N GLY J 78 -47.86 23.39 -15.74
CA GLY J 78 -48.78 22.69 -16.61
C GLY J 78 -50.05 22.51 -15.80
N SER J 79 -50.82 23.59 -15.66
CA SER J 79 -52.04 23.61 -14.87
C SER J 79 -53.16 22.79 -15.53
N CYS J 80 -52.92 21.48 -15.65
CA CYS J 80 -53.91 20.56 -16.18
C CYS J 80 -54.33 19.53 -15.15
N ASP J 81 -53.45 18.65 -14.75
CA ASP J 81 -53.78 17.62 -13.77
C ASP J 81 -53.02 17.89 -12.48
N PRO J 82 -53.71 18.18 -11.37
CA PRO J 82 -53.00 18.43 -10.11
C PRO J 82 -52.22 17.21 -9.65
N SER J 83 -51.01 17.44 -9.16
CA SER J 83 -50.15 16.38 -8.66
C SER J 83 -49.97 16.52 -7.15
N VAL J 84 -49.79 15.37 -6.49
CA VAL J 84 -49.62 15.33 -5.04
C VAL J 84 -48.19 15.72 -4.67
N THR J 85 -48.06 16.68 -3.77
CA THR J 85 -46.76 17.19 -3.36
C THR J 85 -46.25 16.54 -2.07
N ARG J 86 -47.13 16.29 -1.11
CA ARG J 86 -46.77 15.67 0.15
C ARG J 86 -48.01 14.99 0.71
N GLN J 87 -47.82 14.17 1.74
CA GLN J 87 -48.93 13.45 2.35
C GLN J 87 -48.96 13.72 3.84
N ALA J 88 -50.04 13.27 4.48
CA ALA J 88 -50.21 13.35 5.92
C ALA J 88 -50.80 12.04 6.40
N TYR J 89 -50.18 11.43 7.40
CA TYR J 89 -50.52 10.08 7.83
C TYR J 89 -51.01 10.06 9.27
N ALA J 90 -51.90 9.11 9.54
CA ALA J 90 -52.40 8.82 10.87
C ALA J 90 -52.70 7.34 10.94
N ASP J 91 -52.35 6.72 12.06
CA ASP J 91 -52.59 5.29 12.22
C ASP J 91 -52.74 4.94 13.70
N VAL J 92 -53.84 4.29 14.06
CA VAL J 92 -54.03 3.78 15.41
C VAL J 92 -54.03 2.26 15.34
N THR J 93 -53.80 1.63 16.50
CA THR J 93 -53.93 0.18 16.60
C THR J 93 -54.34 -0.19 18.02
N PHE J 94 -55.50 -0.79 18.18
CA PHE J 94 -55.98 -1.28 19.45
C PHE J 94 -55.82 -2.80 19.51
N SER J 95 -55.55 -3.32 20.70
CA SER J 95 -55.43 -4.75 20.90
C SER J 95 -55.89 -5.09 22.32
N PHE J 96 -57.01 -5.80 22.42
CA PHE J 96 -57.56 -6.19 23.70
C PHE J 96 -57.43 -7.70 23.87
N THR J 97 -57.49 -8.12 25.13
CA THR J 97 -57.37 -9.54 25.43
C THR J 97 -58.66 -10.26 25.04
N GLN J 98 -58.56 -11.58 24.90
CA GLN J 98 -59.72 -12.39 24.54
C GLN J 98 -60.80 -12.29 25.62
N TYR J 99 -60.41 -12.14 26.89
CA TYR J 99 -61.34 -11.96 28.00
C TYR J 99 -61.69 -10.48 28.27
N SER J 100 -61.54 -9.59 27.31
CA SER J 100 -61.81 -8.19 27.55
C SER J 100 -63.30 -7.91 27.63
N THR J 101 -63.68 -6.99 28.52
CA THR J 101 -65.07 -6.61 28.70
C THR J 101 -65.46 -5.52 27.72
N ASP J 102 -66.76 -5.43 27.45
CA ASP J 102 -67.26 -4.45 26.48
C ASP J 102 -66.96 -3.02 26.90
N GLU J 103 -67.28 -2.67 28.15
CA GLU J 103 -67.09 -1.28 28.57
C GLU J 103 -65.61 -0.90 28.60
N GLU J 104 -64.73 -1.83 29.02
CA GLU J 104 -63.30 -1.55 29.01
C GLU J 104 -62.83 -1.11 27.64
N ARG J 105 -63.40 -1.72 26.60
CA ARG J 105 -62.99 -1.43 25.24
C ARG J 105 -63.37 0.01 24.88
N ALA J 106 -64.60 0.41 25.22
CA ALA J 106 -65.06 1.76 24.95
C ALA J 106 -64.25 2.80 25.73
N PHE J 107 -63.76 2.44 26.91
CA PHE J 107 -62.99 3.39 27.71
C PHE J 107 -61.72 3.80 26.96
N VAL J 108 -60.99 2.81 26.43
CA VAL J 108 -59.82 3.11 25.61
C VAL J 108 -60.22 3.87 24.35
N ARG J 109 -61.48 3.74 23.93
CA ARG J 109 -61.93 4.43 22.72
C ARG J 109 -62.13 5.92 22.99
N THR J 110 -62.90 6.26 24.03
CA THR J 110 -63.14 7.66 24.34
C THR J 110 -61.92 8.32 24.93
N GLU J 111 -61.07 7.55 25.61
CA GLU J 111 -59.82 8.12 26.13
C GLU J 111 -58.95 8.65 25.00
N LEU J 112 -58.84 7.89 23.90
CA LEU J 112 -58.04 8.37 22.78
C LEU J 112 -58.70 9.54 22.09
N ALA J 113 -60.04 9.50 21.96
CA ALA J 113 -60.75 10.63 21.36
C ALA J 113 -60.60 11.88 22.22
N ALA J 114 -60.73 11.74 23.53
CA ALA J 114 -60.54 12.88 24.42
C ALA J 114 -59.08 13.29 24.49
N LEU J 115 -58.17 12.30 24.44
CA LEU J 115 -56.75 12.64 24.48
C LEU J 115 -56.31 13.36 23.21
N LEU J 116 -57.01 13.13 22.10
CA LEU J 116 -56.69 13.84 20.86
C LEU J 116 -57.05 15.31 20.93
N ALA J 117 -57.79 15.74 21.94
CA ALA J 117 -58.17 17.14 22.10
C ALA J 117 -57.57 17.79 23.33
N SER J 118 -56.74 17.07 24.09
CA SER J 118 -56.13 17.63 25.29
C SER J 118 -55.03 18.63 24.92
N PRO J 119 -54.94 19.76 25.66
CA PRO J 119 -53.89 20.76 25.40
C PRO J 119 -52.51 20.18 25.11
N LEU J 120 -52.16 19.10 25.81
CA LEU J 120 -50.85 18.50 25.65
C LEU J 120 -50.66 17.99 24.22
N LEU J 121 -51.65 17.27 23.70
CA LEU J 121 -51.56 16.72 22.35
C LEU J 121 -51.71 17.78 21.27
N ILE J 122 -52.28 18.95 21.58
CA ILE J 122 -52.41 20.00 20.57
C ILE J 122 -51.04 20.48 20.10
N ASP J 123 -50.16 20.83 21.04
CA ASP J 123 -48.82 21.27 20.66
C ASP J 123 -47.91 20.13 20.25
N ALA J 124 -48.25 18.90 20.64
CA ALA J 124 -47.49 17.74 20.19
C ALA J 124 -47.80 17.39 18.74
N ILE J 125 -49.01 17.72 18.27
CA ILE J 125 -49.45 17.35 16.94
C ILE J 125 -49.38 18.54 15.98
N ASP J 126 -49.86 19.70 16.40
CA ASP J 126 -49.99 20.82 15.47
C ASP J 126 -48.71 21.62 15.33
N GLN J 127 -48.04 21.92 16.44
CA GLN J 127 -46.76 22.60 16.42
C GLN J 127 -45.60 21.63 16.61
N LEU J 128 -45.91 20.37 16.88
CA LEU J 128 -44.92 19.29 17.03
C LEU J 128 -43.84 19.64 18.05
N ASN J 129 -44.26 20.00 19.25
CA ASN J 129 -43.32 20.18 20.34
C ASN J 129 -43.68 19.20 21.46
N PRO J 130 -42.69 18.48 22.02
CA PRO J 130 -43.01 17.44 23.00
C PRO J 130 -43.46 18.02 24.32
N ALA J 131 -43.92 17.12 25.18
CA ALA J 131 -44.19 17.48 26.56
C ALA J 131 -42.90 17.78 27.31
N TYR J 132 -42.91 18.85 28.08
CA TYR J 132 -41.73 19.27 28.83
C TYR J 132 -42.12 19.71 30.24
N ALA K 1 -16.02 48.34 11.11
CA ALA K 1 -15.59 49.72 10.95
C ALA K 1 -14.11 49.89 11.25
N LYS K 2 -13.73 51.12 11.62
CA LYS K 2 -12.37 51.46 11.97
C LYS K 2 -12.02 50.89 13.33
N LEU K 3 -10.74 50.57 13.53
CA LEU K 3 -10.28 49.99 14.80
C LEU K 3 -10.23 51.07 15.85
N GLU K 4 -11.35 51.33 16.52
CA GLU K 4 -11.33 52.32 17.58
C GLU K 4 -11.06 51.62 18.90
N THR K 5 -10.92 52.40 19.97
CA THR K 5 -10.76 51.85 21.31
C THR K 5 -12.15 51.58 21.90
N VAL K 6 -12.50 50.32 22.01
CA VAL K 6 -13.82 49.90 22.46
C VAL K 6 -13.80 49.73 23.98
N THR K 7 -14.89 50.12 24.62
CA THR K 7 -15.05 50.02 26.07
C THR K 7 -16.41 49.38 26.31
N LEU K 8 -16.40 48.14 26.76
CA LEU K 8 -17.61 47.39 27.06
C LEU K 8 -17.99 47.60 28.52
N GLY K 9 -19.27 47.93 28.76
CA GLY K 9 -19.78 48.10 30.09
C GLY K 9 -20.73 46.99 30.51
N ASN K 10 -21.02 46.95 31.81
CA ASN K 10 -21.94 45.98 32.42
C ASN K 10 -21.56 44.53 32.11
N ILE K 11 -20.40 44.12 32.64
CA ILE K 11 -19.84 42.81 32.37
C ILE K 11 -19.50 42.16 33.70
N GLY K 12 -19.41 40.84 33.67
CA GLY K 12 -19.11 40.06 34.86
C GLY K 12 -20.34 39.33 35.34
N LYS K 13 -20.13 38.50 36.37
CA LYS K 13 -21.23 37.73 36.93
C LYS K 13 -22.36 38.66 37.38
N ASP K 14 -22.03 39.65 38.21
CA ASP K 14 -22.99 40.66 38.62
C ASP K 14 -23.34 41.60 37.48
N GLY K 15 -22.39 41.92 36.60
CA GLY K 15 -22.63 42.93 35.60
C GLY K 15 -22.14 44.30 36.00
N LYS K 16 -21.26 44.40 36.99
CA LYS K 16 -20.79 45.68 37.48
C LYS K 16 -19.31 45.94 37.20
N GLN K 17 -18.75 45.33 36.17
CA GLN K 17 -17.37 45.60 35.79
C GLN K 17 -17.37 46.22 34.40
N THR K 18 -16.18 46.64 33.98
CA THR K 18 -16.01 47.28 32.69
C THR K 18 -14.69 46.78 32.12
N LEU K 19 -14.59 46.84 30.80
CA LEU K 19 -13.46 46.27 30.10
C LEU K 19 -13.09 47.19 28.95
N VAL K 20 -11.85 47.65 28.94
CA VAL K 20 -11.34 48.58 27.94
C VAL K 20 -10.42 47.81 27.01
N LEU K 21 -10.60 48.01 25.70
CA LEU K 21 -9.86 47.27 24.69
C LEU K 21 -9.26 48.25 23.69
N ASN K 22 -7.94 48.47 23.76
CA ASN K 22 -7.26 49.30 22.79
C ASN K 22 -6.96 48.49 21.53
N PRO K 23 -6.93 49.14 20.36
CA PRO K 23 -6.63 48.40 19.13
C PRO K 23 -5.18 47.96 19.12
N ARG K 24 -4.94 46.80 18.51
CA ARG K 24 -3.59 46.26 18.42
C ARG K 24 -3.20 45.91 16.99
N GLY K 25 -3.96 46.43 16.01
CA GLY K 25 -3.61 46.31 14.61
C GLY K 25 -4.23 45.13 13.90
N VAL K 26 -3.87 45.02 12.62
CA VAL K 26 -4.35 43.97 11.75
C VAL K 26 -3.21 42.99 11.44
N ASN K 27 -3.57 41.85 10.87
CA ASN K 27 -2.62 40.82 10.44
C ASN K 27 -2.73 40.72 8.92
N PRO K 28 -1.87 41.42 8.17
CA PRO K 28 -2.04 41.47 6.71
C PRO K 28 -1.88 40.13 6.00
N THR K 29 -1.44 39.08 6.69
CA THR K 29 -1.41 37.74 6.12
C THR K 29 -2.73 37.01 6.35
N ASN K 30 -3.19 37.00 7.60
CA ASN K 30 -4.45 36.35 7.95
C ASN K 30 -5.66 37.20 7.61
N GLY K 31 -5.48 38.50 7.40
CA GLY K 31 -6.62 39.38 7.19
C GLY K 31 -7.52 39.43 8.40
N VAL K 32 -6.94 39.40 9.59
CA VAL K 32 -7.69 39.37 10.85
C VAL K 32 -7.19 40.49 11.74
N ALA K 33 -8.12 41.29 12.24
CA ALA K 33 -7.80 42.31 13.23
C ALA K 33 -7.74 41.70 14.62
N SER K 34 -6.96 42.34 15.48
CA SER K 34 -6.81 41.89 16.85
C SER K 34 -6.68 43.11 17.74
N LEU K 35 -7.20 42.99 18.96
CA LEU K 35 -7.10 44.04 19.95
C LEU K 35 -7.28 43.43 21.33
N SER K 36 -6.67 44.06 22.32
CA SER K 36 -6.51 43.43 23.62
C SER K 36 -6.68 44.49 24.71
N GLN K 37 -7.14 44.03 25.87
CA GLN K 37 -7.19 44.90 27.03
C GLN K 37 -5.77 45.15 27.53
N ALA K 38 -5.43 46.43 27.71
CA ALA K 38 -4.08 46.82 28.11
C ALA K 38 -3.76 46.31 29.51
N GLY K 39 -2.83 45.35 29.59
CA GLY K 39 -2.45 44.75 30.86
C GLY K 39 -0.95 44.90 31.10
N ALA K 40 -0.54 44.61 32.34
CA ALA K 40 0.85 44.76 32.73
C ALA K 40 1.75 43.90 31.85
N VAL K 41 1.61 42.58 31.95
CA VAL K 41 2.42 41.64 31.17
C VAL K 41 1.62 41.30 29.91
N PRO K 42 2.24 41.30 28.73
CA PRO K 42 1.49 40.99 27.51
C PRO K 42 0.84 39.62 27.51
N ALA K 43 1.41 38.65 28.24
CA ALA K 43 0.84 37.30 28.24
C ALA K 43 -0.44 37.20 29.05
N LEU K 44 -0.51 37.94 30.16
CA LEU K 44 -1.67 37.82 31.05
C LEU K 44 -2.92 38.46 30.45
N GLU K 45 -2.76 39.45 29.58
CA GLU K 45 -3.91 40.28 29.23
C GLU K 45 -4.89 39.51 28.33
N LYS K 46 -6.17 39.85 28.48
CA LYS K 46 -7.21 39.32 27.62
C LYS K 46 -7.12 39.95 26.23
N ARG K 47 -7.61 39.22 25.23
CA ARG K 47 -7.58 39.71 23.86
C ARG K 47 -8.75 39.12 23.08
N VAL K 48 -9.18 39.85 22.05
CA VAL K 48 -10.23 39.41 21.14
C VAL K 48 -9.84 39.77 19.72
N THR K 49 -10.35 38.99 18.76
CA THR K 49 -9.98 39.14 17.36
C THR K 49 -11.22 39.07 16.48
N VAL K 50 -11.30 39.97 15.51
CA VAL K 50 -12.43 40.07 14.60
C VAL K 50 -11.93 39.90 13.17
N SER K 51 -12.70 39.18 12.36
CA SER K 51 -12.32 38.98 10.97
C SER K 51 -13.55 38.78 10.12
N VAL K 52 -13.56 39.43 8.95
CA VAL K 52 -14.58 39.21 7.95
C VAL K 52 -13.83 38.87 6.68
N SER K 53 -14.38 37.96 5.88
CA SER K 53 -13.72 37.55 4.66
C SER K 53 -14.65 37.72 3.47
N GLN K 54 -14.14 38.35 2.41
CA GLN K 54 -14.91 38.39 1.18
C GLN K 54 -14.87 37.03 0.50
N PRO K 55 -15.86 36.75 -0.34
CA PRO K 55 -15.93 35.43 -0.98
C PRO K 55 -14.87 35.31 -2.07
N SER K 56 -14.12 34.21 -2.04
CA SER K 56 -13.06 34.02 -3.01
C SER K 56 -13.49 32.94 -4.00
N ARG K 57 -12.54 32.14 -4.48
CA ARG K 57 -12.81 31.11 -5.46
C ARG K 57 -13.23 29.80 -4.79
N ASN K 58 -13.03 29.71 -3.48
CA ASN K 58 -13.48 28.56 -2.70
C ASN K 58 -15.00 28.60 -2.54
N ARG K 59 -15.50 29.47 -1.66
CA ARG K 59 -16.93 29.70 -1.46
C ARG K 59 -17.29 31.14 -1.81
N LYS K 60 -18.40 31.34 -2.51
CA LYS K 60 -18.81 32.71 -2.80
C LYS K 60 -19.92 33.14 -1.83
N ASN K 61 -19.62 32.94 -0.54
CA ASN K 61 -20.44 33.34 0.60
C ASN K 61 -19.58 34.02 1.66
N TYR K 62 -20.18 34.95 2.38
CA TYR K 62 -19.47 35.71 3.39
C TYR K 62 -19.41 34.91 4.69
N LYS K 63 -18.31 35.06 5.43
CA LYS K 63 -18.15 34.41 6.72
C LYS K 63 -17.38 35.36 7.65
N VAL K 64 -17.93 35.60 8.84
CA VAL K 64 -17.32 36.45 9.85
C VAL K 64 -17.22 35.67 11.16
N GLN K 65 -16.11 35.87 11.88
CA GLN K 65 -15.79 35.12 13.08
C GLN K 65 -15.07 36.03 14.07
N VAL K 66 -15.49 35.99 15.33
CA VAL K 66 -14.82 36.71 16.41
C VAL K 66 -14.36 35.68 17.45
N LYS K 67 -13.18 35.91 18.01
CA LYS K 67 -12.61 35.02 19.01
C LYS K 67 -12.39 35.77 20.32
N ILE K 68 -12.51 35.04 21.43
CA ILE K 68 -12.19 35.56 22.75
C ILE K 68 -11.21 34.59 23.41
N GLN K 69 -10.16 35.14 24.03
CA GLN K 69 -9.16 34.33 24.73
C GLN K 69 -8.80 35.08 26.01
N ASN K 70 -9.31 34.59 27.14
CA ASN K 70 -9.03 35.20 28.44
C ASN K 70 -8.24 34.23 29.29
N PRO K 71 -6.93 34.37 29.40
CA PRO K 71 -6.15 33.48 30.27
C PRO K 71 -6.11 34.01 31.70
N THR K 72 -5.63 33.15 32.59
CA THR K 72 -5.43 33.52 33.98
C THR K 72 -4.19 32.81 34.51
N ALA K 73 -3.54 33.44 35.48
CA ALA K 73 -2.25 32.97 35.98
C ALA K 73 -2.28 32.93 37.50
N CYS K 74 -1.20 32.41 38.07
CA CYS K 74 -0.99 32.32 39.52
C CYS K 74 0.47 32.63 39.77
N THR K 75 0.77 33.17 40.96
CA THR K 75 2.11 33.69 41.21
C THR K 75 3.06 32.69 41.86
N ALA K 76 2.55 31.75 42.66
CA ALA K 76 3.40 30.81 43.41
C ALA K 76 3.96 29.66 42.58
N ASN K 77 4.27 29.87 41.30
CA ASN K 77 4.78 28.79 40.46
C ASN K 77 6.31 28.71 40.45
N GLY K 78 6.95 29.76 39.95
CA GLY K 78 8.40 29.84 39.86
C GLY K 78 8.89 30.80 40.91
N SER K 79 7.92 31.33 41.65
CA SER K 79 8.11 32.34 42.68
C SER K 79 8.94 33.52 42.20
N CYS K 80 9.00 33.72 40.88
CA CYS K 80 9.62 34.89 40.27
C CYS K 80 8.64 35.55 39.31
N ASP K 81 8.31 34.84 38.22
CA ASP K 81 7.41 35.32 37.19
C ASP K 81 6.15 34.49 37.16
N PRO K 82 4.96 35.06 37.37
CA PRO K 82 3.73 34.26 37.31
C PRO K 82 3.56 33.63 35.93
N SER K 83 3.12 32.37 35.92
CA SER K 83 2.90 31.63 34.69
C SER K 83 1.40 31.35 34.51
N VAL K 84 0.99 31.27 33.24
CA VAL K 84 -0.42 31.03 32.92
C VAL K 84 -0.73 29.53 33.08
N THR K 85 -1.74 29.22 33.89
CA THR K 85 -2.14 27.85 34.18
C THR K 85 -3.30 27.38 33.32
N ARG K 86 -4.27 28.27 33.06
CA ARG K 86 -5.44 27.91 32.29
C ARG K 86 -5.97 29.15 31.59
N GLN K 87 -6.78 28.94 30.56
CA GLN K 87 -7.43 30.01 29.82
C GLN K 87 -8.91 29.69 29.69
N ALA K 88 -9.64 30.64 29.12
CA ALA K 88 -11.05 30.47 28.81
C ALA K 88 -11.27 30.98 27.40
N TYR K 89 -11.92 30.16 26.56
CA TYR K 89 -11.96 30.40 25.14
C TYR K 89 -13.40 30.64 24.69
N ALA K 90 -13.54 31.48 23.67
CA ALA K 90 -14.82 31.76 23.04
C ALA K 90 -14.55 32.05 21.58
N ASP K 91 -15.40 31.51 20.70
CA ASP K 91 -15.25 31.72 19.27
C ASP K 91 -16.63 31.58 18.65
N VAL K 92 -17.02 32.59 17.85
CA VAL K 92 -18.27 32.55 17.12
C VAL K 92 -17.91 32.40 15.65
N THR K 93 -18.88 31.96 14.86
CA THR K 93 -18.69 32.04 13.42
C THR K 93 -20.05 32.25 12.77
N PHE K 94 -20.21 33.37 12.11
CA PHE K 94 -21.40 33.69 11.37
C PHE K 94 -21.13 33.46 9.88
N SER K 95 -22.15 33.01 9.17
CA SER K 95 -22.01 32.77 7.74
C SER K 95 -23.34 33.03 7.07
N PHE K 96 -23.41 34.08 6.27
CA PHE K 96 -24.61 34.44 5.54
C PHE K 96 -24.40 34.22 4.05
N THR K 97 -25.52 34.09 3.33
CA THR K 97 -25.48 33.85 1.91
C THR K 97 -25.07 35.12 1.16
N GLN K 98 -24.65 34.92 -0.10
CA GLN K 98 -24.30 36.06 -0.94
C GLN K 98 -25.50 36.97 -1.16
N TYR K 99 -26.71 36.39 -1.22
CA TYR K 99 -27.94 37.16 -1.33
C TYR K 99 -28.58 37.47 0.03
N SER K 100 -27.81 37.48 1.11
CA SER K 100 -28.39 37.72 2.43
C SER K 100 -28.74 39.19 2.62
N THR K 101 -29.85 39.43 3.32
CA THR K 101 -30.34 40.78 3.55
C THR K 101 -29.69 41.41 4.78
N ASP K 102 -29.69 42.74 4.79
CA ASP K 102 -29.11 43.48 5.90
C ASP K 102 -29.83 43.19 7.22
N GLU K 103 -31.16 43.26 7.21
CA GLU K 103 -31.92 43.07 8.44
C GLU K 103 -31.76 41.65 8.99
N GLU K 104 -31.72 40.66 8.11
CA GLU K 104 -31.49 39.28 8.55
C GLU K 104 -30.22 39.16 9.38
N ARG K 105 -29.18 39.89 8.95
CA ARG K 105 -27.87 39.78 9.58
C ARG K 105 -27.91 40.29 11.02
N ALA K 106 -28.52 41.46 11.24
CA ALA K 106 -28.64 41.99 12.59
C ALA K 106 -29.52 41.11 13.47
N PHE K 107 -30.53 40.47 12.87
CA PHE K 107 -31.41 39.61 13.66
C PHE K 107 -30.64 38.45 14.25
N VAL K 108 -29.81 37.79 13.44
CA VAL K 108 -28.95 36.73 13.95
C VAL K 108 -27.96 37.27 14.98
N ARG K 109 -27.66 38.57 14.89
CA ARG K 109 -26.71 39.18 15.82
C ARG K 109 -27.33 39.41 17.18
N THR K 110 -28.49 40.06 17.23
CA THR K 110 -29.13 40.33 18.52
C THR K 110 -29.71 39.06 19.11
N GLU K 111 -30.09 38.10 18.27
CA GLU K 111 -30.53 36.81 18.79
C GLU K 111 -29.45 36.17 19.63
N LEU K 112 -28.20 36.23 19.16
CA LEU K 112 -27.10 35.69 19.94
C LEU K 112 -26.83 36.55 21.17
N ALA K 113 -26.93 37.87 21.02
CA ALA K 113 -26.71 38.76 22.15
C ALA K 113 -27.77 38.56 23.23
N ALA K 114 -29.03 38.45 22.84
CA ALA K 114 -30.08 38.19 23.81
C ALA K 114 -30.02 36.76 24.33
N LEU K 115 -29.61 35.81 23.48
CA LEU K 115 -29.51 34.42 23.91
C LEU K 115 -28.42 34.22 24.95
N LEU K 116 -27.38 35.06 24.92
CA LEU K 116 -26.32 34.96 25.92
C LEU K 116 -26.75 35.44 27.29
N ALA K 117 -27.91 36.07 27.42
CA ALA K 117 -28.39 36.54 28.71
C ALA K 117 -29.65 35.85 29.19
N SER K 118 -30.15 34.87 28.45
CA SER K 118 -31.34 34.15 28.87
C SER K 118 -31.01 33.18 30.00
N PRO K 119 -31.90 33.05 31.01
CA PRO K 119 -31.67 32.10 32.12
C PRO K 119 -31.12 30.75 31.66
N LEU K 120 -31.60 30.26 30.51
CA LEU K 120 -31.16 28.95 30.03
C LEU K 120 -29.66 28.93 29.73
N LEU K 121 -29.18 29.94 28.99
CA LEU K 121 -27.76 29.99 28.65
C LEU K 121 -26.89 30.36 29.85
N ILE K 122 -27.47 30.98 30.87
CA ILE K 122 -26.71 31.26 32.10
C ILE K 122 -26.31 29.95 32.76
N ASP K 123 -27.27 29.03 32.91
CA ASP K 123 -26.99 27.75 33.56
C ASP K 123 -26.22 26.80 32.65
N ALA K 124 -26.22 27.03 31.34
CA ALA K 124 -25.39 26.21 30.46
C ALA K 124 -23.92 26.60 30.54
N ILE K 125 -23.65 27.86 30.85
CA ILE K 125 -22.30 28.40 30.84
C ILE K 125 -21.72 28.52 32.24
N ASP K 126 -22.51 29.04 33.18
CA ASP K 126 -21.98 29.33 34.51
C ASP K 126 -22.00 28.08 35.40
N GLN K 127 -23.07 27.29 35.32
CA GLN K 127 -23.21 26.06 36.11
C GLN K 127 -22.82 24.81 35.33
N LEU K 128 -22.62 24.94 34.03
CA LEU K 128 -22.17 23.86 33.15
C LEU K 128 -23.07 22.64 33.30
N ASN K 129 -24.36 22.88 33.16
CA ASN K 129 -25.41 21.89 33.16
C ASN K 129 -26.19 21.96 31.86
N PRO K 130 -26.48 20.82 31.23
CA PRO K 130 -27.12 20.86 29.91
C PRO K 130 -28.56 21.34 30.00
N ALA K 131 -29.08 21.67 28.82
CA ALA K 131 -30.52 21.90 28.67
C ALA K 131 -31.19 20.54 28.78
N TYR K 132 -31.24 20.03 30.00
CA TYR K 132 -31.77 18.70 30.26
C TYR K 132 -33.29 18.67 30.21
N ALA L 1 -30.19 24.63 32.76
CA ALA L 1 -31.31 24.20 33.59
C ALA L 1 -32.31 23.39 32.79
N LYS L 2 -33.54 23.38 33.26
CA LYS L 2 -34.61 22.68 32.58
C LYS L 2 -34.95 23.40 31.27
N LEU L 3 -35.34 22.62 30.27
CA LEU L 3 -35.63 23.14 28.94
C LEU L 3 -37.02 23.78 28.94
N GLU L 4 -37.08 25.04 29.36
CA GLU L 4 -38.33 25.76 29.40
C GLU L 4 -38.50 26.57 28.11
N THR L 5 -39.63 27.26 27.98
CA THR L 5 -39.91 28.12 26.83
C THR L 5 -39.32 29.52 27.06
N VAL L 6 -38.24 29.82 26.33
CA VAL L 6 -37.52 31.09 26.44
C VAL L 6 -38.05 32.08 25.42
N THR L 7 -38.12 33.35 25.82
CA THR L 7 -38.59 34.44 24.96
C THR L 7 -37.61 35.60 25.06
N LEU L 8 -36.89 35.87 23.96
CA LEU L 8 -35.93 36.96 23.91
C LEU L 8 -36.61 38.24 23.44
N GLY L 9 -36.46 39.32 24.20
CA GLY L 9 -37.03 40.60 23.86
C GLY L 9 -36.00 41.63 23.43
N ASN L 10 -36.53 42.72 22.85
CA ASN L 10 -35.71 43.84 22.34
C ASN L 10 -34.63 43.33 21.39
N ILE L 11 -35.09 42.77 20.28
CA ILE L 11 -34.25 42.02 19.37
C ILE L 11 -34.41 42.57 17.96
N GLY L 12 -33.38 42.36 17.14
CA GLY L 12 -33.42 42.74 15.75
C GLY L 12 -32.65 44.03 15.48
N LYS L 13 -32.52 44.34 14.19
CA LYS L 13 -31.92 45.60 13.79
C LYS L 13 -32.68 46.76 14.39
N ASP L 14 -34.01 46.71 14.33
CA ASP L 14 -34.84 47.76 14.91
C ASP L 14 -34.63 47.84 16.42
N GLY L 15 -34.51 46.69 17.08
CA GLY L 15 -34.42 46.63 18.51
C GLY L 15 -35.76 46.58 19.20
N LYS L 16 -36.85 46.56 18.43
CA LYS L 16 -38.20 46.56 18.94
C LYS L 16 -38.96 45.30 18.52
N GLN L 17 -38.26 44.17 18.46
CA GLN L 17 -38.88 42.89 18.12
C GLN L 17 -38.76 41.92 19.29
N THR L 18 -39.41 40.77 19.14
CA THR L 18 -39.41 39.72 20.15
C THR L 18 -39.39 38.38 19.44
N LEU L 19 -38.90 37.37 20.13
CA LEU L 19 -38.71 36.05 19.54
C LEU L 19 -39.02 34.99 20.60
N VAL L 20 -39.98 34.12 20.29
CA VAL L 20 -40.45 33.08 21.20
C VAL L 20 -39.92 31.74 20.72
N LEU L 21 -39.37 30.96 21.66
CA LEU L 21 -38.75 29.68 21.34
C LEU L 21 -39.29 28.61 22.29
N ASN L 22 -40.15 27.73 21.78
CA ASN L 22 -40.67 26.61 22.57
C ASN L 22 -39.66 25.46 22.57
N PRO L 23 -39.63 24.66 23.63
CA PRO L 23 -38.69 23.54 23.67
C PRO L 23 -39.06 22.48 22.66
N ARG L 24 -38.04 21.84 22.10
CA ARG L 24 -38.23 20.77 21.13
C ARG L 24 -37.48 19.49 21.51
N GLY L 25 -37.02 19.38 22.75
CA GLY L 25 -36.45 18.13 23.24
C GLY L 25 -34.95 18.01 23.08
N VAL L 26 -34.46 16.84 23.46
CA VAL L 26 -33.05 16.51 23.40
C VAL L 26 -32.83 15.46 22.31
N ASN L 27 -31.57 15.25 21.95
CA ASN L 27 -31.16 14.23 20.99
C ASN L 27 -30.32 13.23 21.76
N PRO L 28 -30.92 12.14 22.27
CA PRO L 28 -30.19 11.26 23.20
C PRO L 28 -28.99 10.56 22.61
N THR L 29 -28.78 10.59 21.30
CA THR L 29 -27.57 10.05 20.71
C THR L 29 -26.48 11.11 20.61
N ASN L 30 -26.83 12.29 20.08
CA ASN L 30 -25.89 13.38 19.93
C ASN L 30 -25.63 14.12 21.24
N GLY L 31 -26.49 13.94 22.24
CA GLY L 31 -26.34 14.67 23.49
C GLY L 31 -26.48 16.16 23.31
N VAL L 32 -27.37 16.60 22.43
CA VAL L 32 -27.56 18.01 22.14
C VAL L 32 -29.04 18.34 22.28
N ALA L 33 -29.34 19.36 23.07
CA ALA L 33 -30.70 19.87 23.17
C ALA L 33 -31.00 20.81 22.01
N SER L 34 -32.29 20.90 21.67
CA SER L 34 -32.75 21.76 20.60
C SER L 34 -34.09 22.36 20.98
N LEU L 35 -34.32 23.56 20.49
CA LEU L 35 -35.59 24.24 20.70
C LEU L 35 -35.77 25.25 19.56
N SER L 36 -37.01 25.56 19.24
CA SER L 36 -37.29 26.23 17.98
C SER L 36 -38.37 27.29 18.14
N GLN L 37 -38.27 28.31 17.29
CA GLN L 37 -39.33 29.30 17.16
C GLN L 37 -40.52 28.67 16.44
N ALA L 38 -41.70 28.76 17.05
CA ALA L 38 -42.91 28.13 16.51
C ALA L 38 -43.34 28.80 15.22
N GLY L 39 -43.22 28.10 14.09
CA GLY L 39 -43.57 28.63 12.80
C GLY L 39 -44.62 27.78 12.09
N ALA L 40 -45.18 28.35 11.02
CA ALA L 40 -46.23 27.65 10.27
C ALA L 40 -45.70 26.32 9.73
N VAL L 41 -44.74 26.38 8.82
CA VAL L 41 -44.15 25.19 8.22
C VAL L 41 -42.91 24.82 9.05
N PRO L 42 -42.72 23.56 9.42
CA PRO L 42 -41.55 23.20 10.23
C PRO L 42 -40.22 23.52 9.57
N ALA L 43 -40.15 23.51 8.24
CA ALA L 43 -38.88 23.78 7.57
C ALA L 43 -38.51 25.26 7.62
N LEU L 44 -39.51 26.14 7.55
CA LEU L 44 -39.25 27.57 7.50
C LEU L 44 -38.80 28.13 8.86
N GLU L 45 -39.14 27.46 9.95
CA GLU L 45 -39.03 28.06 11.28
C GLU L 45 -37.57 28.22 11.71
N LYS L 46 -37.34 29.23 12.54
CA LYS L 46 -36.03 29.45 13.15
C LYS L 46 -35.76 28.40 14.22
N ARG L 47 -34.47 28.13 14.46
CA ARG L 47 -34.08 27.10 15.42
C ARG L 47 -32.72 27.42 16.05
N VAL L 48 -32.54 26.98 17.30
CA VAL L 48 -31.28 27.08 18.03
C VAL L 48 -31.07 25.82 18.87
N THR L 49 -29.81 25.47 19.13
CA THR L 49 -29.43 24.24 19.82
C THR L 49 -28.33 24.50 20.84
N VAL L 50 -28.45 23.90 22.03
CA VAL L 50 -27.49 24.07 23.12
C VAL L 50 -26.95 22.70 23.55
N SER L 51 -25.64 22.66 23.85
CA SER L 51 -24.99 21.43 24.32
C SER L 51 -23.79 21.79 25.19
N VAL L 52 -23.63 21.07 26.31
CA VAL L 52 -22.47 21.24 27.19
C VAL L 52 -21.81 19.89 27.46
N SER L 53 -21.31 19.23 26.41
CA SER L 53 -20.71 17.91 26.57
C SER L 53 -19.67 17.85 27.67
N GLN L 54 -19.76 16.82 28.53
CA GLN L 54 -18.79 16.59 29.59
C GLN L 54 -17.46 16.07 29.03
N PRO L 55 -16.38 16.21 29.80
CA PRO L 55 -15.06 15.76 29.31
C PRO L 55 -14.97 14.25 29.33
N SER L 56 -14.41 13.69 28.26
CA SER L 56 -14.35 12.24 28.23
C SER L 56 -12.90 11.77 28.35
N ARG L 57 -12.57 10.67 27.69
CA ARG L 57 -11.24 10.08 27.74
C ARG L 57 -10.32 10.69 26.69
N ASN L 58 -10.89 11.41 25.73
CA ASN L 58 -10.11 12.15 24.75
C ASN L 58 -9.48 13.38 25.41
N ARG L 59 -10.31 14.41 25.66
CA ARG L 59 -9.89 15.64 26.32
C ARG L 59 -10.61 15.81 27.65
N LYS L 60 -9.86 16.12 28.70
CA LYS L 60 -10.45 16.33 30.03
C LYS L 60 -10.61 17.82 30.31
N ASN L 61 -11.31 18.51 29.40
CA ASN L 61 -11.69 19.91 29.54
C ASN L 61 -13.18 20.04 29.22
N TYR L 62 -13.71 21.26 29.31
CA TYR L 62 -15.14 21.40 29.12
C TYR L 62 -15.38 22.17 27.82
N LYS L 63 -16.47 21.84 27.13
CA LYS L 63 -16.82 22.53 25.89
C LYS L 63 -18.33 22.68 25.78
N VAL L 64 -18.77 23.93 25.55
CA VAL L 64 -20.16 24.29 25.35
C VAL L 64 -20.29 25.06 24.03
N GLN L 65 -21.36 24.78 23.29
CA GLN L 65 -21.60 25.38 21.99
C GLN L 65 -23.09 25.59 21.80
N VAL L 66 -23.46 26.76 21.31
CA VAL L 66 -24.84 27.06 20.93
C VAL L 66 -24.83 27.38 19.44
N LYS L 67 -25.86 26.92 18.75
CA LYS L 67 -25.98 27.15 17.32
C LYS L 67 -27.25 27.95 17.04
N ILE L 68 -27.19 28.78 16.01
CA ILE L 68 -28.34 29.53 15.52
C ILE L 68 -28.49 29.24 14.03
N GLN L 69 -29.72 28.97 13.61
CA GLN L 69 -30.01 28.65 12.22
C GLN L 69 -31.33 29.32 11.85
N ASN L 70 -31.25 30.43 11.11
CA ASN L 70 -32.43 31.19 10.70
C ASN L 70 -32.56 31.14 9.19
N PRO L 71 -33.43 30.31 8.65
CA PRO L 71 -33.64 30.28 7.20
C PRO L 71 -34.69 31.30 6.77
N THR L 72 -34.77 31.49 5.46
CA THR L 72 -35.79 32.33 4.86
C THR L 72 -36.19 31.71 3.54
N ALA L 73 -37.44 31.93 3.14
CA ALA L 73 -38.00 31.29 1.97
C ALA L 73 -38.67 32.32 1.08
N CYS L 74 -38.71 32.03 -0.21
CA CYS L 74 -39.40 32.88 -1.18
C CYS L 74 -40.63 32.12 -1.66
N THR L 75 -41.71 32.86 -1.89
CA THR L 75 -42.98 32.23 -2.22
C THR L 75 -43.26 32.19 -3.71
N ALA L 76 -42.73 33.14 -4.46
CA ALA L 76 -42.99 33.26 -5.90
C ALA L 76 -42.21 32.18 -6.65
N ASN L 77 -42.80 30.99 -6.73
CA ASN L 77 -42.22 29.88 -7.45
C ASN L 77 -43.11 29.38 -8.58
N GLY L 78 -44.41 29.47 -8.45
CA GLY L 78 -45.35 28.82 -9.34
C GLY L 78 -45.84 27.52 -8.75
N SER L 79 -45.23 27.10 -7.65
CA SER L 79 -45.58 25.93 -6.87
C SER L 79 -46.13 26.43 -5.54
N CYS L 80 -47.13 25.71 -5.02
CA CYS L 80 -47.73 26.12 -3.75
C CYS L 80 -46.68 26.15 -2.63
N ASP L 81 -46.06 25.01 -2.31
CA ASP L 81 -45.12 25.02 -1.20
C ASP L 81 -43.85 25.80 -1.50
N PRO L 82 -43.64 26.95 -0.84
CA PRO L 82 -42.41 27.72 -1.04
C PRO L 82 -41.18 27.02 -0.47
N SER L 83 -40.05 27.22 -1.15
CA SER L 83 -38.79 26.59 -0.77
C SER L 83 -37.81 27.63 -0.20
N VAL L 84 -36.92 27.15 0.67
CA VAL L 84 -35.92 28.00 1.32
C VAL L 84 -34.80 28.30 0.35
N THR L 85 -34.49 29.59 0.18
CA THR L 85 -33.51 30.07 -0.79
C THR L 85 -32.14 30.30 -0.20
N ARG L 86 -32.07 30.81 1.03
CA ARG L 86 -30.81 31.13 1.68
C ARG L 86 -31.01 31.00 3.18
N GLN L 87 -29.91 30.90 3.91
CA GLN L 87 -29.97 30.75 5.35
C GLN L 87 -29.05 31.76 6.00
N ALA L 88 -29.14 31.85 7.33
CA ALA L 88 -28.24 32.69 8.11
C ALA L 88 -27.80 31.87 9.32
N TYR L 89 -26.49 31.79 9.52
CA TYR L 89 -25.94 30.88 10.51
C TYR L 89 -25.19 31.63 11.60
N ALA L 90 -25.22 31.05 12.79
CA ALA L 90 -24.45 31.52 13.93
C ALA L 90 -24.11 30.30 14.76
N ASP L 91 -22.88 30.23 15.23
CA ASP L 91 -22.45 29.11 16.06
C ASP L 91 -21.33 29.61 16.95
N VAL L 92 -21.47 29.38 18.26
CA VAL L 92 -20.45 29.76 19.22
C VAL L 92 -19.81 28.48 19.73
N THR L 93 -18.63 28.61 20.30
CA THR L 93 -18.07 27.48 21.04
C THR L 93 -17.22 28.03 22.16
N PHE L 94 -17.62 27.74 23.38
CA PHE L 94 -16.85 28.09 24.56
C PHE L 94 -16.14 26.82 25.04
N SER L 95 -14.94 27.01 25.59
CA SER L 95 -14.18 25.87 26.09
C SER L 95 -13.35 26.34 27.26
N PHE L 96 -13.67 25.88 28.46
CA PHE L 96 -12.95 26.23 29.66
C PHE L 96 -12.20 25.01 30.20
N THR L 97 -11.18 25.30 31.01
CA THR L 97 -10.36 24.24 31.59
C THR L 97 -11.12 23.52 32.70
N GLN L 98 -10.63 22.33 33.05
CA GLN L 98 -11.25 21.57 34.12
C GLN L 98 -11.18 22.31 35.45
N TYR L 99 -10.12 23.08 35.68
CA TYR L 99 -9.97 23.90 36.88
C TYR L 99 -10.51 25.31 36.74
N SER L 100 -11.42 25.55 35.80
CA SER L 100 -11.95 26.89 35.58
C SER L 100 -12.93 27.30 36.67
N THR L 101 -12.86 28.58 37.06
CA THR L 101 -13.71 29.16 38.10
C THR L 101 -15.04 29.65 37.53
N ASP L 102 -16.04 29.75 38.42
CA ASP L 102 -17.38 30.17 38.01
C ASP L 102 -17.39 31.57 37.42
N GLU L 103 -16.80 32.53 38.12
CA GLU L 103 -16.86 33.93 37.67
C GLU L 103 -16.12 34.13 36.34
N GLU L 104 -14.99 33.45 36.15
CA GLU L 104 -14.28 33.54 34.88
C GLU L 104 -15.19 33.21 33.72
N ARG L 105 -16.04 32.21 33.90
CA ARG L 105 -16.89 31.72 32.82
C ARG L 105 -17.92 32.77 32.41
N ALA L 106 -18.57 33.38 33.40
CA ALA L 106 -19.57 34.41 33.10
C ALA L 106 -18.90 35.62 32.44
N PHE L 107 -17.66 35.91 32.78
CA PHE L 107 -16.96 37.03 32.16
C PHE L 107 -16.78 36.79 30.67
N VAL L 108 -16.30 35.60 30.30
CA VAL L 108 -16.20 35.27 28.88
C VAL L 108 -17.57 35.24 28.23
N ARG L 109 -18.61 34.98 29.02
CA ARG L 109 -19.97 34.95 28.49
C ARG L 109 -20.49 36.35 28.25
N THR L 110 -20.41 37.22 29.26
CA THR L 110 -20.95 38.57 29.13
C THR L 110 -20.08 39.43 28.23
N GLU L 111 -18.78 39.15 28.17
CA GLU L 111 -17.92 39.89 27.25
C GLU L 111 -18.41 39.74 25.82
N LEU L 112 -18.81 38.53 25.43
CA LEU L 112 -19.37 38.31 24.10
C LEU L 112 -20.73 38.98 23.96
N ALA L 113 -21.54 38.96 25.02
CA ALA L 113 -22.85 39.61 24.96
C ALA L 113 -22.70 41.11 24.75
N ALA L 114 -21.78 41.74 25.48
CA ALA L 114 -21.53 43.15 25.27
C ALA L 114 -20.79 43.40 23.96
N LEU L 115 -19.90 42.48 23.56
CA LEU L 115 -19.16 42.63 22.32
C LEU L 115 -20.07 42.52 21.10
N LEU L 116 -21.16 41.77 21.21
CA LEU L 116 -22.11 41.70 20.10
C LEU L 116 -22.89 42.98 19.92
N ALA L 117 -22.79 43.93 20.86
CA ALA L 117 -23.50 45.20 20.77
C ALA L 117 -22.56 46.38 20.61
N SER L 118 -21.25 46.16 20.52
CA SER L 118 -20.32 47.26 20.34
C SER L 118 -20.36 47.74 18.88
N PRO L 119 -20.29 49.06 18.65
CA PRO L 119 -20.28 49.59 17.28
C PRO L 119 -19.40 48.82 16.31
N LEU L 120 -18.26 48.33 16.80
CA LEU L 120 -17.33 47.59 15.94
C LEU L 120 -17.97 46.33 15.38
N LEU L 121 -18.59 45.52 16.24
CA LEU L 121 -19.21 44.29 15.78
C LEU L 121 -20.49 44.56 15.00
N ILE L 122 -21.10 45.73 15.17
CA ILE L 122 -22.27 46.08 14.37
C ILE L 122 -21.89 46.18 12.90
N ASP L 123 -20.81 46.92 12.60
CA ASP L 123 -20.35 47.04 11.22
C ASP L 123 -19.64 45.78 10.73
N ALA L 124 -19.17 44.92 11.64
CA ALA L 124 -18.58 43.66 11.22
C ALA L 124 -19.65 42.68 10.76
N ILE L 125 -20.85 42.79 11.30
CA ILE L 125 -21.94 41.87 11.00
C ILE L 125 -22.93 42.49 10.04
N ASP L 126 -23.35 43.73 10.29
CA ASP L 126 -24.45 44.31 9.52
C ASP L 126 -23.97 44.91 8.21
N GLN L 127 -22.83 45.59 8.21
CA GLN L 127 -22.28 46.18 7.01
C GLN L 127 -21.23 45.30 6.35
N LEU L 128 -20.80 44.24 7.03
CA LEU L 128 -19.82 43.28 6.53
C LEU L 128 -18.59 44.01 6.02
N ASN L 129 -18.03 44.87 6.87
CA ASN L 129 -16.80 45.54 6.56
C ASN L 129 -15.75 45.16 7.60
N PRO L 130 -14.53 44.84 7.20
CA PRO L 130 -13.55 44.37 8.18
C PRO L 130 -13.14 45.50 9.10
N ALA L 131 -12.53 45.11 10.21
CA ALA L 131 -11.84 46.07 11.04
C ALA L 131 -10.58 46.48 10.29
N TYR L 132 -10.34 47.79 10.19
CA TYR L 132 -9.21 48.27 9.42
C TYR L 132 -8.46 49.44 10.06
N ALA M 1 -1.23 54.78 20.65
CA ALA M 1 -2.50 55.50 20.77
C ALA M 1 -3.05 55.92 19.43
N LYS M 2 -3.88 56.96 19.43
CA LYS M 2 -4.46 57.48 18.20
C LYS M 2 -3.39 58.21 17.39
N LEU M 3 -3.53 58.16 16.06
CA LEU M 3 -2.59 58.78 15.14
C LEU M 3 -2.90 60.28 15.11
N GLU M 4 -2.33 61.00 16.07
CA GLU M 4 -2.56 62.41 16.23
C GLU M 4 -1.49 63.21 15.49
N THR M 5 -1.64 64.53 15.51
CA THR M 5 -0.59 65.44 15.03
C THR M 5 0.37 65.71 16.18
N VAL M 6 1.54 65.10 16.12
CA VAL M 6 2.53 65.25 17.17
C VAL M 6 3.43 66.42 16.82
N THR M 7 3.82 67.19 17.82
CA THR M 7 4.64 68.39 17.64
C THR M 7 5.77 68.36 18.65
N LEU M 8 7.00 68.16 18.16
CA LEU M 8 8.17 68.14 19.03
C LEU M 8 8.71 69.56 19.19
N GLY M 9 8.82 70.01 20.44
CA GLY M 9 9.35 71.32 20.75
C GLY M 9 10.72 71.20 21.40
N ASN M 10 11.39 72.35 21.48
CA ASN M 10 12.74 72.44 22.05
C ASN M 10 13.65 71.41 21.37
N ILE M 11 13.83 71.59 20.07
CA ILE M 11 14.48 70.62 19.20
C ILE M 11 15.59 71.31 18.42
N GLY M 12 16.54 70.53 17.96
CA GLY M 12 17.61 71.07 17.14
C GLY M 12 18.90 71.22 17.93
N LYS M 13 19.95 71.62 17.20
CA LYS M 13 21.24 71.89 17.82
C LYS M 13 21.10 72.92 18.93
N ASP M 14 20.45 74.05 18.62
CA ASP M 14 20.26 75.11 19.60
C ASP M 14 19.35 74.66 20.73
N GLY M 15 18.32 73.89 20.43
CA GLY M 15 17.32 73.52 21.41
C GLY M 15 16.17 74.49 21.48
N LYS M 16 16.14 75.48 20.59
CA LYS M 16 15.08 76.49 20.57
C LYS M 16 14.28 76.43 19.27
N GLN M 17 14.05 75.23 18.74
CA GLN M 17 13.24 75.03 17.55
C GLN M 17 12.02 74.17 17.89
N THR M 18 11.14 74.03 16.90
CA THR M 18 9.93 73.25 17.04
C THR M 18 9.67 72.54 15.71
N LEU M 19 8.96 71.41 15.77
CA LEU M 19 8.73 70.59 14.60
C LEU M 19 7.34 69.98 14.67
N VAL M 20 6.55 70.21 13.63
CA VAL M 20 5.17 69.74 13.57
C VAL M 20 5.09 68.57 12.59
N LEU M 21 4.44 67.49 13.01
CA LEU M 21 4.32 66.26 12.23
C LEU M 21 2.84 65.86 12.21
N ASN M 22 2.18 66.07 11.07
CA ASN M 22 0.78 65.68 10.93
C ASN M 22 0.65 64.19 10.60
N PRO M 23 -0.43 63.56 11.03
CA PRO M 23 -0.62 62.14 10.73
C PRO M 23 -0.94 61.93 9.25
N ARG M 24 -0.50 60.78 8.73
CA ARG M 24 -0.75 60.42 7.34
C ARG M 24 -1.43 59.06 7.22
N GLY M 25 -1.94 58.52 8.33
CA GLY M 25 -2.69 57.28 8.30
C GLY M 25 -1.79 56.08 8.48
N VAL M 26 -2.38 54.90 8.41
CA VAL M 26 -1.63 53.66 8.53
C VAL M 26 -1.61 52.96 7.19
N ASN M 27 -0.67 52.02 7.05
CA ASN M 27 -0.56 51.20 5.85
C ASN M 27 -0.76 49.75 6.30
N PRO M 28 -2.00 49.25 6.26
CA PRO M 28 -2.29 47.92 6.82
C PRO M 28 -1.61 46.76 6.10
N THR M 29 -0.94 46.99 4.98
CA THR M 29 -0.21 45.89 4.33
C THR M 29 1.16 45.71 4.96
N ASN M 30 1.92 46.79 5.10
CA ASN M 30 3.21 46.74 5.77
C ASN M 30 3.05 46.72 7.29
N GLY M 31 1.86 47.03 7.79
CA GLY M 31 1.65 47.13 9.22
C GLY M 31 2.48 48.23 9.85
N VAL M 32 2.62 49.35 9.15
CA VAL M 32 3.44 50.46 9.62
C VAL M 32 2.61 51.73 9.57
N ALA M 33 2.55 52.42 10.71
CA ALA M 33 1.98 53.76 10.70
C ALA M 33 3.03 54.75 10.25
N SER M 34 2.59 55.83 9.64
CA SER M 34 3.53 56.82 9.16
C SER M 34 2.88 58.18 9.29
N LEU M 35 3.72 59.18 9.54
CA LEU M 35 3.26 60.56 9.61
C LEU M 35 4.44 61.45 9.31
N SER M 36 4.15 62.61 8.72
CA SER M 36 5.19 63.42 8.12
C SER M 36 4.89 64.89 8.34
N GLN M 37 5.95 65.69 8.36
CA GLN M 37 5.76 67.13 8.36
C GLN M 37 5.20 67.55 7.00
N ALA M 38 4.09 68.27 7.01
CA ALA M 38 3.39 68.64 5.79
C ALA M 38 4.24 69.60 4.95
N GLY M 39 4.74 69.12 3.80
CA GLY M 39 5.56 69.91 2.93
C GLY M 39 4.92 69.97 1.55
N ALA M 40 5.42 70.91 0.73
CA ALA M 40 4.86 71.12 -0.60
C ALA M 40 4.95 69.85 -1.43
N VAL M 41 6.17 69.42 -1.72
CA VAL M 41 6.43 68.25 -2.55
C VAL M 41 6.55 67.04 -1.64
N PRO M 42 5.90 65.92 -1.96
CA PRO M 42 6.01 64.73 -1.08
C PRO M 42 7.43 64.22 -0.93
N ALA M 43 8.28 64.40 -1.93
CA ALA M 43 9.65 63.91 -1.82
C ALA M 43 10.47 64.78 -0.88
N LEU M 44 10.17 66.08 -0.85
CA LEU M 44 10.95 67.02 -0.06
C LEU M 44 10.71 66.88 1.44
N GLU M 45 9.53 66.40 1.86
CA GLU M 45 9.16 66.48 3.26
C GLU M 45 9.90 65.46 4.10
N LYS M 46 10.18 65.82 5.35
CA LYS M 46 10.66 64.84 6.32
C LYS M 46 9.51 63.96 6.79
N ARG M 47 9.86 62.77 7.28
CA ARG M 47 8.86 61.78 7.66
C ARG M 47 9.39 60.93 8.81
N VAL M 48 8.44 60.38 9.60
CA VAL M 48 8.73 59.42 10.67
C VAL M 48 7.67 58.33 10.62
N THR M 49 8.05 57.13 11.04
CA THR M 49 7.21 55.94 10.92
C THR M 49 7.26 55.10 12.18
N VAL M 50 6.09 54.60 12.60
CA VAL M 50 5.97 53.76 13.80
C VAL M 50 5.30 52.44 13.42
N SER M 51 5.80 51.34 13.98
CA SER M 51 5.26 50.02 13.69
C SER M 51 5.52 49.08 14.85
N VAL M 52 4.53 48.23 15.18
CA VAL M 52 4.69 47.19 16.19
C VAL M 52 4.28 45.85 15.58
N SER M 53 5.00 44.78 15.94
CA SER M 53 4.70 43.44 15.45
C SER M 53 4.65 42.43 16.59
N GLN M 54 3.58 41.63 16.63
CA GLN M 54 3.41 40.53 17.58
C GLN M 54 4.26 39.34 17.17
N PRO M 55 4.52 38.39 18.09
CA PRO M 55 5.39 37.27 17.75
C PRO M 55 4.65 36.31 16.81
N SER M 56 5.29 36.01 15.67
CA SER M 56 4.69 35.16 14.67
C SER M 56 5.46 33.86 14.60
N ARG M 57 5.62 33.31 13.39
CA ARG M 57 6.30 32.05 13.20
C ARG M 57 7.79 32.25 13.06
N ASN M 58 8.22 33.46 12.71
CA ASN M 58 9.63 33.82 12.61
C ASN M 58 10.24 33.93 14.00
N ARG M 59 9.94 35.01 14.73
CA ARG M 59 10.44 35.19 16.08
C ARG M 59 9.30 35.17 17.10
N LYS M 60 9.64 34.73 18.31
CA LYS M 60 8.70 34.67 19.43
C LYS M 60 8.91 35.82 20.41
N ASN M 61 9.25 37.01 19.89
CA ASN M 61 9.45 38.23 20.67
C ASN M 61 8.74 39.39 19.99
N TYR M 62 8.43 40.39 20.81
CA TYR M 62 7.76 41.60 20.34
C TYR M 62 8.80 42.52 19.71
N LYS M 63 8.41 43.26 18.68
CA LYS M 63 9.36 44.19 18.09
C LYS M 63 8.61 45.46 17.66
N VAL M 64 9.12 46.61 18.10
CA VAL M 64 8.60 47.91 17.71
C VAL M 64 9.75 48.72 17.12
N GLN M 65 9.46 49.47 16.06
CA GLN M 65 10.50 50.13 15.29
C GLN M 65 10.01 51.50 14.81
N VAL M 66 10.85 52.51 14.99
CA VAL M 66 10.59 53.87 14.51
C VAL M 66 11.72 54.27 13.57
N LYS M 67 11.35 54.93 12.47
CA LYS M 67 12.31 55.44 11.50
C LYS M 67 12.14 56.95 11.34
N ILE M 68 13.25 57.63 11.08
CA ILE M 68 13.26 59.07 10.81
C ILE M 68 13.97 59.29 9.49
N GLN M 69 13.40 60.16 8.64
CA GLN M 69 13.97 60.44 7.31
C GLN M 69 13.81 61.92 7.03
N ASN M 70 14.92 62.66 7.08
CA ASN M 70 14.94 64.11 6.86
C ASN M 70 15.73 64.46 5.61
N PRO M 71 15.08 64.80 4.51
CA PRO M 71 15.81 65.19 3.29
C PRO M 71 16.21 66.66 3.31
N THR M 72 17.00 67.03 2.30
CA THR M 72 17.55 68.37 2.14
C THR M 72 17.53 68.76 0.67
N ALA M 73 17.57 70.06 0.40
CA ALA M 73 17.31 70.56 -0.95
C ALA M 73 18.46 71.46 -1.45
N CYS M 74 18.34 71.86 -2.72
CA CYS M 74 19.29 72.74 -3.40
C CYS M 74 18.49 73.74 -4.22
N THR M 75 19.00 74.97 -4.32
CA THR M 75 18.20 76.04 -4.91
C THR M 75 18.52 76.39 -6.36
N ALA M 76 19.75 76.22 -6.85
CA ALA M 76 20.03 76.80 -8.17
C ALA M 76 20.63 75.80 -9.16
N ASN M 77 20.29 74.52 -9.06
CA ASN M 77 20.70 73.57 -10.09
C ASN M 77 19.62 73.38 -11.15
N GLY M 78 18.36 73.59 -10.76
CA GLY M 78 17.23 73.40 -11.64
C GLY M 78 16.40 74.65 -11.78
N SER M 79 16.78 75.70 -11.04
CA SER M 79 16.15 77.02 -11.04
C SER M 79 14.64 76.98 -11.03
N CYS M 80 14.05 75.78 -10.92
CA CYS M 80 12.61 75.65 -10.84
C CYS M 80 12.16 75.02 -9.54
N ASP M 81 12.48 73.74 -9.33
CA ASP M 81 12.10 73.02 -8.12
C ASP M 81 13.30 72.35 -7.45
N PRO M 82 13.58 72.66 -6.19
CA PRO M 82 14.72 72.04 -5.52
C PRO M 82 14.68 70.52 -5.50
N SER M 83 15.85 69.91 -5.63
CA SER M 83 16.03 68.47 -5.64
C SER M 83 16.74 68.02 -4.36
N VAL M 84 16.48 66.79 -3.94
CA VAL M 84 17.09 66.28 -2.72
C VAL M 84 18.54 65.90 -3.04
N THR M 85 19.47 66.46 -2.27
CA THR M 85 20.89 66.24 -2.49
C THR M 85 21.45 65.15 -1.58
N ARG M 86 21.00 65.13 -0.33
CA ARG M 86 21.40 64.13 0.65
C ARG M 86 20.28 64.00 1.66
N GLN M 87 20.30 62.91 2.42
CA GLN M 87 19.28 62.66 3.41
C GLN M 87 19.94 62.33 4.74
N ALA M 88 19.12 62.24 5.79
CA ALA M 88 19.61 61.89 7.13
C ALA M 88 18.68 60.84 7.71
N TYR M 89 19.28 59.76 8.20
CA TYR M 89 18.51 58.57 8.55
C TYR M 89 18.63 58.29 10.04
N ALA M 90 17.55 57.75 10.59
CA ALA M 90 17.50 57.29 11.97
C ALA M 90 16.54 56.11 12.01
N ASP M 91 16.90 55.07 12.76
CA ASP M 91 16.06 53.89 12.85
C ASP M 91 16.29 53.22 14.20
N VAL M 92 15.22 52.98 14.94
CA VAL M 92 15.29 52.28 16.21
C VAL M 92 14.62 50.92 16.04
N THR M 93 14.97 50.00 16.94
CA THR M 93 14.29 48.70 17.00
C THR M 93 14.34 48.20 18.42
N PHE M 94 13.19 48.06 19.04
CA PHE M 94 13.08 47.49 20.37
C PHE M 94 12.56 46.06 20.25
N SER M 95 12.99 45.19 21.16
CA SER M 95 12.50 43.81 21.14
C SER M 95 12.46 43.30 22.58
N PHE M 96 11.24 43.08 23.08
CA PHE M 96 11.01 42.58 24.43
C PHE M 96 10.41 41.19 24.39
N THR M 97 10.53 40.50 25.52
CA THR M 97 10.01 39.15 25.66
C THR M 97 8.48 39.19 25.78
N GLN M 98 7.85 38.05 25.50
CA GLN M 98 6.41 37.94 25.66
C GLN M 98 6.01 38.11 27.13
N TYR M 99 6.85 37.67 28.06
CA TYR M 99 6.66 37.87 29.50
C TYR M 99 7.32 39.14 30.01
N SER M 100 7.58 40.12 29.14
CA SER M 100 8.24 41.34 29.60
C SER M 100 7.27 42.22 30.39
N THR M 101 7.80 42.89 31.41
CA THR M 101 6.95 43.72 32.25
C THR M 101 6.77 45.10 31.64
N ASP M 102 5.68 45.75 32.05
CA ASP M 102 5.38 47.10 31.59
C ASP M 102 6.49 48.07 31.98
N GLU M 103 6.93 48.01 33.24
CA GLU M 103 7.96 48.93 33.72
C GLU M 103 9.29 48.71 33.01
N GLU M 104 9.65 47.45 32.73
CA GLU M 104 10.90 47.18 32.03
C GLU M 104 10.97 47.95 30.71
N ARG M 105 9.83 48.03 30.02
CA ARG M 105 9.79 48.64 28.69
C ARG M 105 10.06 50.13 28.76
N ALA M 106 9.42 50.82 29.70
CA ALA M 106 9.60 52.27 29.83
C ALA M 106 11.02 52.64 30.22
N PHE M 107 11.67 51.80 31.04
CA PHE M 107 13.04 52.13 31.45
C PHE M 107 13.97 52.12 30.25
N VAL M 108 13.87 51.08 29.42
CA VAL M 108 14.64 51.01 28.17
C VAL M 108 14.27 52.16 27.25
N ARG M 109 13.06 52.69 27.39
CA ARG M 109 12.59 53.77 26.54
C ARG M 109 13.23 55.10 26.92
N THR M 110 13.17 55.46 28.20
CA THR M 110 13.76 56.73 28.62
C THR M 110 15.28 56.66 28.63
N GLU M 111 15.85 55.46 28.82
CA GLU M 111 17.29 55.31 28.73
C GLU M 111 17.80 55.77 27.38
N LEU M 112 17.09 55.43 26.31
CA LEU M 112 17.47 55.90 24.98
C LEU M 112 17.29 57.41 24.87
N ALA M 113 16.22 57.94 25.47
CA ALA M 113 16.00 59.39 25.44
C ALA M 113 17.09 60.14 26.19
N ALA M 114 17.46 59.64 27.38
CA ALA M 114 18.51 60.29 28.15
C ALA M 114 19.90 60.05 27.53
N LEU M 115 20.12 58.87 26.96
CA LEU M 115 21.42 58.58 26.34
C LEU M 115 21.65 59.44 25.11
N LEU M 116 20.58 59.84 24.43
CA LEU M 116 20.71 60.72 23.28
C LEU M 116 21.12 62.13 23.68
N ALA M 117 21.10 62.45 24.97
CA ALA M 117 21.49 63.76 25.46
C ALA M 117 22.73 63.70 26.34
N SER M 118 23.33 62.52 26.48
CA SER M 118 24.54 62.38 27.26
C SER M 118 25.73 62.94 26.49
N PRO M 119 26.65 63.64 27.16
CA PRO M 119 27.84 64.18 26.48
C PRO M 119 28.48 63.23 25.48
N LEU M 120 28.51 61.94 25.84
CA LEU M 120 29.17 60.94 25.01
C LEU M 120 28.49 60.82 23.64
N LEU M 121 27.16 60.69 23.62
CA LEU M 121 26.46 60.56 22.36
C LEU M 121 26.44 61.86 21.57
N ILE M 122 26.65 63.00 22.23
CA ILE M 122 26.71 64.27 21.49
C ILE M 122 27.89 64.26 20.53
N ASP M 123 29.08 63.92 21.02
CA ASP M 123 30.24 63.86 20.15
C ASP M 123 30.26 62.61 19.28
N ALA M 124 29.50 61.58 19.66
CA ALA M 124 29.39 60.39 18.80
C ALA M 124 28.47 60.67 17.61
N ILE M 125 27.53 61.59 17.77
CA ILE M 125 26.55 61.87 16.74
C ILE M 125 26.90 63.13 15.97
N ASP M 126 27.28 64.20 16.67
CA ASP M 126 27.49 65.49 16.02
C ASP M 126 28.91 65.65 15.48
N GLN M 127 29.93 65.24 16.24
CA GLN M 127 31.31 65.32 15.80
C GLN M 127 31.83 63.99 15.26
N LEU M 128 31.08 62.91 15.46
CA LEU M 128 31.40 61.56 14.97
C LEU M 128 32.83 61.15 15.32
N ASN M 129 33.17 61.25 16.60
CA ASN M 129 34.42 60.70 17.07
C ASN M 129 34.12 59.69 18.17
N PRO M 130 34.70 58.50 18.10
CA PRO M 130 34.37 57.46 19.08
C PRO M 130 34.91 57.81 20.45
N ALA M 131 34.60 56.99 21.46
CA ALA M 131 35.25 57.19 22.74
C ALA M 131 36.74 56.92 22.62
N TYR M 132 37.55 57.85 23.08
CA TYR M 132 39.00 57.75 22.99
C TYR M 132 39.68 58.31 24.25
N ALA N 1 33.87 60.89 22.15
CA ALA N 1 34.36 61.78 23.20
C ALA N 1 35.11 61.02 24.26
N LYS N 2 35.16 61.59 25.46
CA LYS N 2 35.80 60.92 26.59
C LYS N 2 34.92 59.78 27.08
N LEU N 3 35.56 58.67 27.47
CA LEU N 3 34.82 57.54 28.03
C LEU N 3 34.69 57.81 29.52
N GLU N 4 33.67 58.60 29.87
CA GLU N 4 33.46 58.99 31.24
C GLU N 4 32.47 58.04 31.91
N THR N 5 32.25 58.25 33.21
CA THR N 5 31.19 57.56 33.94
C THR N 5 29.92 58.38 33.73
N VAL N 6 29.04 57.88 32.88
CA VAL N 6 27.81 58.60 32.53
C VAL N 6 26.72 58.18 33.50
N THR N 7 25.90 59.14 33.92
CA THR N 7 24.81 58.89 34.86
C THR N 7 23.56 59.53 34.30
N LEU N 8 22.60 58.72 33.89
CA LEU N 8 21.35 59.21 33.35
C LEU N 8 20.37 59.41 34.50
N GLY N 9 19.84 60.63 34.62
CA GLY N 9 18.88 60.96 35.64
C GLY N 9 17.50 61.23 35.05
N ASN N 10 16.51 61.31 35.94
CA ASN N 10 15.12 61.55 35.59
C ASN N 10 14.65 60.53 34.55
N ILE N 11 14.72 59.27 34.95
CA ILE N 11 14.53 58.12 34.06
C ILE N 11 13.53 57.16 34.68
N GLY N 12 12.94 56.33 33.82
CA GLY N 12 12.01 55.32 34.28
C GLY N 12 10.56 55.67 33.97
N LYS N 13 9.68 54.72 34.32
CA LYS N 13 8.25 54.91 34.12
C LYS N 13 7.77 56.18 34.81
N ASP N 14 8.08 56.31 36.10
CA ASP N 14 7.74 57.52 36.84
C ASP N 14 8.54 58.72 36.35
N GLY N 15 9.81 58.51 35.99
CA GLY N 15 10.70 59.59 35.64
C GLY N 15 11.52 60.11 36.80
N LYS N 16 11.46 59.44 37.94
CA LYS N 16 12.18 59.86 39.13
C LYS N 16 13.24 58.85 39.56
N GLN N 17 13.87 58.19 38.59
CA GLN N 17 14.93 57.23 38.85
C GLN N 17 16.23 57.71 38.21
N THR N 18 17.30 56.98 38.49
CA THR N 18 18.63 57.29 38.00
C THR N 18 19.38 56.01 37.69
N LEU N 19 20.36 56.12 36.81
CA LEU N 19 21.13 54.97 36.34
C LEU N 19 22.58 55.42 36.17
N VAL N 20 23.49 54.74 36.84
CA VAL N 20 24.92 55.07 36.84
C VAL N 20 25.64 54.05 35.97
N LEU N 21 26.51 54.54 35.08
CA LEU N 21 27.20 53.71 34.10
C LEU N 21 28.70 54.00 34.09
N ASN N 22 29.49 53.06 34.63
CA ASN N 22 30.94 53.25 34.53
C ASN N 22 31.45 52.79 33.17
N PRO N 23 32.51 53.42 32.65
CA PRO N 23 33.04 53.01 31.35
C PRO N 23 33.72 51.65 31.42
N ARG N 24 33.66 50.92 30.30
CA ARG N 24 34.33 49.63 30.22
C ARG N 24 35.25 49.54 29.00
N GLY N 25 35.59 50.67 28.39
CA GLY N 25 36.60 50.65 27.35
C GLY N 25 36.00 50.40 25.98
N VAL N 26 36.91 50.26 25.00
CA VAL N 26 36.52 49.94 23.64
C VAL N 26 36.94 48.51 23.37
N ASN N 27 36.49 47.98 22.24
CA ASN N 27 36.87 46.63 21.85
C ASN N 27 37.77 46.80 20.64
N PRO N 28 39.10 46.81 20.82
CA PRO N 28 40.00 47.17 19.71
C PRO N 28 39.92 46.23 18.53
N THR N 29 39.25 45.10 18.65
CA THR N 29 39.01 44.24 17.49
C THR N 29 37.68 44.60 16.83
N ASN N 30 36.62 44.73 17.62
CA ASN N 30 35.30 45.09 17.11
C ASN N 30 35.17 46.58 16.83
N GLY N 31 36.04 47.42 17.38
CA GLY N 31 35.91 48.86 17.21
C GLY N 31 34.65 49.44 17.80
N VAL N 32 34.23 48.95 18.96
CA VAL N 32 32.99 49.38 19.60
C VAL N 32 33.29 49.76 21.04
N ALA N 33 32.85 50.94 21.45
CA ALA N 33 32.93 51.32 22.85
C ALA N 33 31.79 50.68 23.63
N SER N 34 32.03 50.42 24.90
CA SER N 34 31.04 49.77 25.75
C SER N 34 31.16 50.30 27.17
N LEU N 35 30.03 50.31 27.87
CA LEU N 35 29.98 50.72 29.27
C LEU N 35 28.76 50.08 29.92
N SER N 36 28.81 49.93 31.24
CA SER N 36 27.93 49.02 31.97
C SER N 36 27.41 49.67 33.25
N GLN N 37 26.33 49.07 33.78
CA GLN N 37 25.72 49.48 35.04
C GLN N 37 26.67 49.33 36.22
N ALA N 38 26.75 50.38 37.04
CA ALA N 38 27.58 50.35 38.23
C ALA N 38 27.08 49.38 39.30
N GLY N 39 25.90 48.81 39.13
CA GLY N 39 25.31 47.90 40.10
C GLY N 39 26.21 46.82 40.66
N ALA N 40 26.28 45.68 39.97
CA ALA N 40 27.06 44.56 40.50
C ALA N 40 27.55 43.62 39.40
N VAL N 41 27.49 42.32 39.69
CA VAL N 41 27.93 41.22 38.83
C VAL N 41 27.64 41.50 37.36
N PRO N 42 28.57 41.22 36.43
CA PRO N 42 28.31 41.52 35.02
C PRO N 42 27.06 40.84 34.44
N ALA N 43 26.60 39.73 35.00
CA ALA N 43 25.40 39.11 34.45
C ALA N 43 24.16 39.94 34.76
N LEU N 44 24.11 40.55 35.94
CA LEU N 44 22.97 41.37 36.33
C LEU N 44 22.95 42.72 35.61
N GLU N 45 24.11 43.24 35.24
CA GLU N 45 24.19 44.66 34.90
C GLU N 45 23.58 44.97 33.54
N LYS N 46 23.03 46.19 33.45
CA LYS N 46 22.63 46.76 32.18
C LYS N 46 23.88 47.21 31.41
N ARG N 47 23.75 47.30 30.10
CA ARG N 47 24.90 47.70 29.30
C ARG N 47 24.44 48.41 28.04
N VAL N 48 25.29 49.32 27.54
CA VAL N 48 25.05 50.03 26.29
C VAL N 48 26.38 50.12 25.53
N THR N 49 26.28 50.20 24.19
CA THR N 49 27.45 50.20 23.32
C THR N 49 27.29 51.25 22.23
N VAL N 50 28.34 52.02 21.97
CA VAL N 50 28.34 53.09 20.98
C VAL N 50 29.47 52.86 19.98
N SER N 51 29.22 53.17 18.70
CA SER N 51 30.22 52.97 17.66
C SER N 51 30.01 53.95 16.51
N VAL N 52 31.12 54.50 16.00
CA VAL N 52 31.12 55.34 14.80
C VAL N 52 32.17 54.81 13.84
N SER N 53 31.89 54.84 12.54
CA SER N 53 32.82 54.36 11.52
C SER N 53 32.93 55.31 10.33
N GLN N 54 34.16 55.59 9.89
CA GLN N 54 34.36 56.37 8.68
C GLN N 54 34.05 55.53 7.44
N PRO N 55 33.78 56.17 6.30
CA PRO N 55 33.39 55.40 5.10
C PRO N 55 34.61 54.70 4.50
N SER N 56 34.48 53.41 4.23
CA SER N 56 35.56 52.62 3.70
C SER N 56 35.20 52.23 2.26
N ARG N 57 35.58 51.02 1.85
CA ARG N 57 35.30 50.53 0.51
C ARG N 57 33.91 49.91 0.42
N ASN N 58 33.34 49.54 1.56
CA ASN N 58 32.00 48.97 1.63
C ASN N 58 30.95 50.06 1.36
N ARG N 59 30.75 50.96 2.32
CA ARG N 59 29.80 52.06 2.15
C ARG N 59 30.54 53.40 2.13
N LYS N 60 29.99 54.33 1.35
CA LYS N 60 30.54 55.67 1.19
C LYS N 60 29.80 56.68 2.05
N ASN N 61 29.26 56.25 3.19
CA ASN N 61 28.53 57.11 4.10
C ASN N 61 29.00 56.90 5.53
N TYR N 62 28.65 57.86 6.37
CA TYR N 62 29.00 57.81 7.79
C TYR N 62 27.93 56.99 8.51
N LYS N 63 28.34 56.25 9.55
CA LYS N 63 27.39 55.44 10.30
C LYS N 63 27.71 55.43 11.79
N VAL N 64 26.72 55.75 12.61
CA VAL N 64 26.81 55.65 14.06
C VAL N 64 25.64 54.84 14.57
N GLN N 65 25.91 53.95 15.53
CA GLN N 65 24.88 53.04 16.04
C GLN N 65 25.13 52.80 17.52
N VAL N 66 24.07 52.91 18.33
CA VAL N 66 24.15 52.61 19.76
C VAL N 66 23.14 51.52 20.07
N LYS N 67 23.55 50.59 20.93
CA LYS N 67 22.70 49.49 21.38
C LYS N 67 22.52 49.57 22.89
N ILE N 68 21.35 49.13 23.34
CA ILE N 68 21.02 49.02 24.76
C ILE N 68 20.60 47.59 25.03
N GLN N 69 21.11 47.00 26.11
CA GLN N 69 20.79 45.62 26.46
C GLN N 69 20.61 45.54 27.97
N ASN N 70 19.35 45.42 28.40
CA ASN N 70 18.96 45.39 29.80
C ASN N 70 18.40 44.03 30.17
N PRO N 71 19.17 43.18 30.83
CA PRO N 71 18.64 41.89 31.26
C PRO N 71 17.88 42.00 32.57
N THR N 72 17.24 40.90 32.95
CA THR N 72 16.51 40.81 34.21
C THR N 72 16.77 39.44 34.80
N ALA N 73 16.69 39.37 36.13
CA ALA N 73 17.12 38.22 36.90
C ALA N 73 16.01 37.77 37.83
N CYS N 74 16.27 36.70 38.56
CA CYS N 74 15.34 36.13 39.51
C CYS N 74 16.08 35.76 40.77
N THR N 75 15.41 35.90 41.91
CA THR N 75 16.05 35.65 43.19
C THR N 75 15.74 34.25 43.72
N ALA N 76 14.49 33.97 44.07
CA ALA N 76 14.13 32.70 44.71
C ALA N 76 14.01 31.49 43.80
N ASN N 77 14.73 31.43 42.68
CA ASN N 77 14.70 30.27 41.81
C ASN N 77 15.85 29.28 42.03
N GLY N 78 17.03 29.78 42.39
CA GLY N 78 18.20 28.95 42.62
C GLY N 78 18.77 29.32 43.98
N SER N 79 18.15 30.33 44.59
CA SER N 79 18.46 30.84 45.92
C SER N 79 19.93 31.07 46.20
N CYS N 80 20.80 30.86 45.21
CA CYS N 80 22.22 31.15 45.36
C CYS N 80 22.69 32.21 44.38
N ASP N 81 22.74 31.89 43.09
CA ASP N 81 23.19 32.84 42.07
C ASP N 81 22.00 33.18 41.19
N PRO N 82 21.56 34.44 41.15
CA PRO N 82 20.42 34.79 40.30
C PRO N 82 20.70 34.51 38.83
N SER N 83 19.69 33.99 38.14
CA SER N 83 19.78 33.67 36.73
C SER N 83 18.88 34.61 35.92
N VAL N 84 19.30 34.86 34.68
CA VAL N 84 18.55 35.75 33.79
C VAL N 84 17.38 34.98 33.18
N THR N 85 16.18 35.54 33.32
CA THR N 85 14.96 34.92 32.82
C THR N 85 14.58 35.44 31.44
N ARG N 86 14.73 36.74 31.21
CA ARG N 86 14.43 37.37 29.93
C ARG N 86 15.28 38.63 29.82
N GLN N 87 15.35 39.18 28.61
CA GLN N 87 16.12 40.37 28.35
C GLN N 87 15.24 41.41 27.69
N ALA N 88 15.77 42.62 27.57
CA ALA N 88 15.09 43.72 26.89
C ALA N 88 16.10 44.45 26.02
N TYR N 89 15.76 44.64 24.76
CA TYR N 89 16.71 45.12 23.76
C TYR N 89 16.28 46.47 23.21
N ALA N 90 17.28 47.27 22.86
CA ALA N 90 17.07 48.55 22.20
C ALA N 90 18.25 48.79 21.28
N ASP N 91 17.98 49.28 20.08
CA ASP N 91 19.06 49.54 19.12
C ASP N 91 18.63 50.61 18.12
N VAL N 92 19.45 51.66 17.98
CA VAL N 92 19.22 52.67 16.97
C VAL N 92 20.36 52.57 15.96
N THR N 93 20.14 53.14 14.78
CA THR N 93 21.22 53.25 13.80
C THR N 93 21.00 54.52 12.97
N PHE N 94 21.95 55.44 13.04
CA PHE N 94 21.95 56.65 12.24
C PHE N 94 22.94 56.51 11.10
N SER N 95 22.63 57.16 9.98
CA SER N 95 23.52 57.14 8.83
C SER N 95 23.36 58.47 8.10
N PHE N 96 24.42 59.28 8.12
CA PHE N 96 24.39 60.57 7.45
C PHE N 96 25.30 60.54 6.24
N THR N 97 25.03 61.45 5.30
CA THR N 97 25.81 61.49 4.08
C THR N 97 27.19 62.08 4.37
N GLN N 98 28.12 61.82 3.47
CA GLN N 98 29.47 62.34 3.61
C GLN N 98 29.47 63.87 3.58
N TYR N 99 28.55 64.47 2.82
CA TYR N 99 28.36 65.93 2.78
C TYR N 99 27.35 66.45 3.81
N SER N 100 27.07 65.71 4.87
CA SER N 100 26.09 66.16 5.85
C SER N 100 26.65 67.26 6.74
N THR N 101 25.81 68.24 7.08
CA THR N 101 26.19 69.35 7.94
C THR N 101 25.99 68.99 9.41
N ASP N 102 26.71 69.72 10.27
CA ASP N 102 26.66 69.48 11.71
C ASP N 102 25.26 69.69 12.27
N GLU N 103 24.61 70.80 11.92
CA GLU N 103 23.30 71.11 12.53
C GLU N 103 22.26 70.05 12.17
N GLU N 104 22.30 69.56 10.93
CA GLU N 104 21.38 68.50 10.52
C GLU N 104 21.50 67.29 11.42
N ARG N 105 22.73 66.97 11.81
CA ARG N 105 23.00 65.78 12.59
C ARG N 105 22.37 65.89 13.97
N ALA N 106 22.54 67.05 14.62
CA ALA N 106 21.96 67.26 15.94
C ALA N 106 20.44 67.27 15.88
N PHE N 107 19.85 67.71 14.77
CA PHE N 107 18.39 67.75 14.67
C PHE N 107 17.82 66.33 14.74
N VAL N 108 18.37 65.41 13.95
CA VAL N 108 17.94 64.02 14.00
C VAL N 108 18.19 63.42 15.37
N ARG N 109 19.16 63.98 16.11
CA ARG N 109 19.49 63.49 17.44
C ARG N 109 18.41 63.91 18.44
N THR N 110 18.08 65.20 18.47
CA THR N 110 17.06 65.66 19.40
C THR N 110 15.67 65.23 18.96
N GLU N 111 15.46 65.06 17.65
CA GLU N 111 14.19 64.53 17.19
C GLU N 111 13.91 63.15 17.76
N LEU N 112 14.93 62.29 17.78
CA LEU N 112 14.73 60.96 18.35
C LEU N 112 14.52 61.04 19.86
N ALA N 113 15.26 61.92 20.53
CA ALA N 113 15.08 62.09 21.97
C ALA N 113 13.68 62.62 22.28
N ALA N 114 13.22 63.61 21.51
CA ALA N 114 11.87 64.13 21.70
C ALA N 114 10.82 63.13 21.24
N LEU N 115 11.11 62.37 20.17
CA LEU N 115 10.15 61.39 19.70
C LEU N 115 9.99 60.24 20.69
N LEU N 116 11.03 59.96 21.49
CA LEU N 116 10.92 58.91 22.51
C LEU N 116 10.02 59.32 23.66
N ALA N 117 9.60 60.58 23.75
CA ALA N 117 8.73 61.04 24.82
C ALA N 117 7.36 61.49 24.32
N SER N 118 7.08 61.35 23.02
CA SER N 118 5.80 61.76 22.47
C SER N 118 4.70 60.78 22.87
N PRO N 119 3.48 61.28 23.18
CA PRO N 119 2.36 60.41 23.54
C PRO N 119 2.22 59.17 22.66
N LEU N 120 2.50 59.34 21.36
CA LEU N 120 2.37 58.24 20.41
C LEU N 120 3.31 57.09 20.76
N LEU N 121 4.58 57.41 21.00
CA LEU N 121 5.58 56.39 21.31
C LEU N 121 5.40 55.79 22.70
N ILE N 122 4.70 56.48 23.62
CA ILE N 122 4.47 55.92 24.94
C ILE N 122 3.64 54.65 24.86
N ASP N 123 2.51 54.70 24.15
CA ASP N 123 1.67 53.51 23.99
C ASP N 123 2.25 52.54 22.97
N ALA N 124 3.13 53.01 22.08
CA ALA N 124 3.79 52.12 21.13
C ALA N 124 4.88 51.30 21.80
N ILE N 125 5.49 51.83 22.85
CA ILE N 125 6.61 51.18 23.52
C ILE N 125 6.18 50.49 24.80
N ASP N 126 5.39 51.15 25.63
CA ASP N 126 5.07 50.63 26.96
C ASP N 126 3.91 49.65 26.94
N GLN N 127 2.83 49.98 26.22
CA GLN N 127 1.68 49.10 26.05
C GLN N 127 1.68 48.38 24.71
N LEU N 128 2.62 48.75 23.83
CA LEU N 128 2.84 48.11 22.53
C LEU N 128 1.56 48.00 21.71
N ASN N 129 0.88 49.12 21.54
CA ASN N 129 -0.23 49.19 20.61
C ASN N 129 0.09 50.23 19.56
N PRO N 130 -0.07 49.93 18.27
CA PRO N 130 0.39 50.85 17.22
C PRO N 130 -0.47 52.11 17.16
N ALA N 131 0.01 53.03 16.32
CA ALA N 131 -0.78 54.20 15.97
C ALA N 131 -2.00 53.80 15.17
N TYR N 132 -3.15 54.36 15.52
CA TYR N 132 -4.42 54.01 14.92
C TYR N 132 -5.30 55.22 14.65
N ALA O 1 53.46 60.93 20.71
CA ALA O 1 53.20 61.50 22.02
C ALA O 1 51.71 61.50 22.31
N LYS O 2 51.29 62.41 23.19
CA LYS O 2 49.87 62.54 23.50
C LYS O 2 49.16 63.17 22.32
N LEU O 3 47.89 62.78 22.12
CA LEU O 3 47.12 63.28 20.99
C LEU O 3 46.61 64.67 21.34
N GLU O 4 47.45 65.66 21.10
CA GLU O 4 47.12 67.04 21.40
C GLU O 4 46.57 67.72 20.15
N THR O 5 46.16 68.98 20.30
CA THR O 5 45.75 69.80 19.17
C THR O 5 47.01 70.45 18.57
N VAL O 6 47.41 69.96 17.41
CA VAL O 6 48.63 70.45 16.78
C VAL O 6 48.29 71.63 15.88
N THR O 7 49.14 72.64 15.92
CA THR O 7 48.96 73.86 15.14
C THR O 7 50.28 74.18 14.47
N LEU O 8 50.35 73.99 13.16
CA LEU O 8 51.55 74.28 12.38
C LEU O 8 51.50 75.71 11.89
N GLY O 9 52.56 76.48 12.18
CA GLY O 9 52.66 77.86 11.75
C GLY O 9 53.73 78.12 10.69
N ASN O 10 53.64 79.31 10.10
CA ASN O 10 54.54 79.80 9.05
C ASN O 10 54.65 78.79 7.91
N ILE O 11 53.50 78.53 7.27
CA ILE O 11 53.38 77.47 6.29
C ILE O 11 52.63 77.99 5.08
N GLY O 12 53.07 77.57 3.90
CA GLY O 12 52.44 78.01 2.68
C GLY O 12 53.47 78.39 1.65
N LYS O 13 52.99 78.70 0.44
CA LYS O 13 53.90 79.11 -0.61
C LYS O 13 54.71 80.31 -0.16
N ASP O 14 54.02 81.35 0.32
CA ASP O 14 54.70 82.51 0.89
C ASP O 14 55.39 82.13 2.20
N GLY O 15 54.77 81.26 2.99
CA GLY O 15 55.28 80.95 4.32
C GLY O 15 54.68 81.77 5.43
N LYS O 16 53.61 82.52 5.15
CA LYS O 16 53.00 83.43 6.12
C LYS O 16 51.60 82.98 6.54
N GLN O 17 51.34 81.68 6.60
CA GLN O 17 50.04 81.16 7.02
C GLN O 17 50.21 80.25 8.24
N THR O 18 49.07 79.79 8.76
CA THR O 18 49.00 78.93 9.92
C THR O 18 47.88 77.93 9.70
N LEU O 19 47.97 76.77 10.36
CA LEU O 19 47.00 75.70 10.16
C LEU O 19 46.76 74.98 11.47
N VAL O 20 45.50 74.92 11.89
CA VAL O 20 45.12 74.30 13.15
C VAL O 20 44.46 72.95 12.85
N LEU O 21 44.91 71.91 13.55
CA LEU O 21 44.42 70.55 13.36
C LEU O 21 44.10 69.99 14.74
N ASN O 22 42.81 69.91 15.06
CA ASN O 22 42.35 69.38 16.33
C ASN O 22 42.26 67.85 16.31
N PRO O 23 42.47 67.19 17.46
CA PRO O 23 42.43 65.73 17.49
C PRO O 23 41.03 65.18 17.31
N ARG O 24 40.96 64.00 16.69
CA ARG O 24 39.69 63.30 16.50
C ARG O 24 39.77 61.86 16.99
N GLY O 25 40.77 61.52 17.79
CA GLY O 25 40.85 60.21 18.41
C GLY O 25 41.64 59.20 17.59
N VAL O 26 41.68 57.97 18.11
CA VAL O 26 42.39 56.89 17.46
C VAL O 26 41.38 55.88 16.91
N ASN O 27 41.87 54.99 16.03
CA ASN O 27 41.06 53.92 15.44
C ASN O 27 41.68 52.60 15.93
N PRO O 28 41.18 52.04 17.03
CA PRO O 28 41.85 50.85 17.61
C PRO O 28 41.81 49.61 16.74
N THR O 29 41.04 49.62 15.64
CA THR O 29 41.06 48.52 14.69
C THR O 29 42.12 48.74 13.62
N ASN O 30 42.14 49.95 13.03
CA ASN O 30 43.12 50.29 12.02
C ASN O 30 44.48 50.60 12.63
N GLY O 31 44.53 50.84 13.94
CA GLY O 31 45.77 51.22 14.58
C GLY O 31 46.32 52.53 14.08
N VAL O 32 45.45 53.48 13.77
CA VAL O 32 45.84 54.77 13.22
C VAL O 32 45.19 55.87 14.04
N ALA O 33 46.00 56.81 14.51
CA ALA O 33 45.45 58.01 15.09
C ALA O 33 45.09 58.98 13.97
N SER O 34 44.09 59.80 14.22
CA SER O 34 43.65 60.72 13.18
C SER O 34 43.24 62.03 13.83
N LEU O 35 43.46 63.10 13.08
CA LEU O 35 43.05 64.43 13.49
C LEU O 35 42.92 65.28 12.23
N SER O 36 42.04 66.28 12.30
CA SER O 36 41.58 66.96 11.10
C SER O 36 41.41 68.43 11.38
N GLN O 37 41.52 69.23 10.32
CA GLN O 37 41.20 70.65 10.44
C GLN O 37 39.70 70.76 10.67
N ALA O 38 39.32 71.46 11.73
CA ALA O 38 37.92 71.52 12.17
C ALA O 38 37.06 72.25 11.14
N GLY O 39 36.26 71.49 10.40
CA GLY O 39 35.38 72.06 9.40
C GLY O 39 33.94 71.60 9.63
N ALA O 40 33.03 72.32 8.97
CA ALA O 40 31.60 72.02 9.12
C ALA O 40 31.30 70.62 8.62
N VAL O 41 31.50 70.38 7.34
CA VAL O 41 31.19 69.11 6.70
C VAL O 41 32.43 68.23 6.73
N PRO O 42 32.31 66.96 7.13
CA PRO O 42 33.51 66.09 7.21
C PRO O 42 34.25 65.89 5.91
N ALA O 43 33.58 65.98 4.75
CA ALA O 43 34.25 65.71 3.49
C ALA O 43 35.21 66.83 3.09
N LEU O 44 34.85 68.06 3.39
CA LEU O 44 35.63 69.21 2.96
C LEU O 44 36.94 69.35 3.74
N GLU O 45 36.98 68.83 4.96
CA GLU O 45 38.05 69.17 5.90
C GLU O 45 39.39 68.53 5.52
N LYS O 46 40.48 69.24 5.86
CA LYS O 46 41.81 68.67 5.78
C LYS O 46 42.03 67.70 6.93
N ARG O 47 42.90 66.73 6.73
CA ARG O 47 43.18 65.74 7.76
C ARG O 47 44.58 65.18 7.60
N VAL O 48 45.14 64.69 8.72
CA VAL O 48 46.40 63.98 8.72
C VAL O 48 46.26 62.81 9.68
N THR O 49 46.99 61.72 9.40
CA THR O 49 46.88 60.48 10.16
C THR O 49 48.25 59.89 10.41
N VAL O 50 48.49 59.42 11.64
CA VAL O 50 49.77 58.85 12.03
C VAL O 50 49.56 57.43 12.53
N SER O 51 50.48 56.54 12.18
CA SER O 51 50.36 55.14 12.57
C SER O 51 51.75 54.52 12.70
N VAL O 52 51.94 53.71 13.74
CA VAL O 52 53.18 52.97 13.95
C VAL O 52 52.84 51.49 14.12
N SER O 53 53.70 50.61 13.60
CA SER O 53 53.52 49.18 13.74
C SER O 53 54.77 48.51 14.29
N GLN O 54 54.60 47.69 15.33
CA GLN O 54 55.69 46.88 15.86
C GLN O 54 55.92 45.67 14.94
N PRO O 55 57.10 45.04 15.02
CA PRO O 55 57.37 43.95 14.09
C PRO O 55 56.56 42.72 14.46
N SER O 56 55.83 42.18 13.50
CA SER O 56 55.01 41.05 13.83
C SER O 56 55.56 39.81 13.13
N ARG O 57 54.67 38.90 12.73
CA ARG O 57 55.06 37.68 12.05
C ARG O 57 55.15 37.88 10.55
N ASN O 58 54.57 38.96 10.04
CA ASN O 58 54.73 39.33 8.63
C ASN O 58 56.15 39.85 8.41
N ARG O 59 56.42 41.07 8.89
CA ARG O 59 57.75 41.68 8.80
C ARG O 59 58.35 41.88 10.19
N LYS O 60 59.66 41.64 10.31
CA LYS O 60 60.38 41.86 11.54
C LYS O 60 61.11 43.19 11.53
N ASN O 61 60.46 44.23 10.98
CA ASN O 61 60.97 45.59 10.94
C ASN O 61 59.86 46.56 11.31
N TYR O 62 60.27 47.72 11.80
CA TYR O 62 59.33 48.74 12.22
C TYR O 62 58.88 49.55 11.00
N LYS O 63 57.63 50.01 11.03
CA LYS O 63 57.13 50.85 9.97
C LYS O 63 56.20 51.91 10.56
N VAL O 64 56.49 53.18 10.27
CA VAL O 64 55.66 54.31 10.68
C VAL O 64 55.31 55.12 9.44
N GLN O 65 54.06 55.57 9.37
CA GLN O 65 53.55 56.26 8.19
C GLN O 65 52.57 57.35 8.60
N VAL O 66 52.72 58.51 7.98
CA VAL O 66 51.78 59.62 8.11
C VAL O 66 51.26 59.94 6.72
N LYS O 67 49.96 60.23 6.65
CA LYS O 67 49.33 60.61 5.40
C LYS O 67 48.73 62.01 5.54
N ILE O 68 48.75 62.76 4.46
CA ILE O 68 48.13 64.07 4.39
C ILE O 68 47.16 64.07 3.22
N GLN O 69 45.95 64.59 3.45
CA GLN O 69 44.92 64.60 2.42
C GLN O 69 44.18 65.94 2.52
N ASN O 70 44.47 66.84 1.57
CA ASN O 70 43.85 68.17 1.55
C ASN O 70 42.97 68.34 0.32
N PRO O 71 41.66 68.23 0.45
CA PRO O 71 40.76 68.48 -0.69
C PRO O 71 40.43 69.96 -0.83
N THR O 72 39.75 70.28 -1.93
CA THR O 72 39.30 71.64 -2.17
C THR O 72 37.94 71.64 -2.86
N ALA O 73 37.14 72.67 -2.58
CA ALA O 73 35.77 72.77 -3.04
C ALA O 73 35.53 74.16 -3.64
N CYS O 74 34.35 74.33 -4.26
CA CYS O 74 33.98 75.61 -4.84
C CYS O 74 32.47 75.82 -4.72
N THR O 75 32.08 77.10 -4.69
CA THR O 75 30.70 77.53 -4.46
C THR O 75 29.96 77.83 -5.76
N ALA O 76 29.68 76.77 -6.54
CA ALA O 76 29.00 76.93 -7.82
C ALA O 76 28.17 75.70 -8.16
N ASN O 77 28.03 74.75 -7.24
CA ASN O 77 27.25 73.54 -7.50
C ASN O 77 25.81 73.77 -7.04
N GLY O 78 25.15 74.71 -7.70
CA GLY O 78 23.77 75.05 -7.40
C GLY O 78 23.58 75.92 -6.19
N SER O 79 24.48 76.89 -5.97
CA SER O 79 24.41 77.84 -4.87
C SER O 79 23.99 77.18 -3.56
N CYS O 80 24.36 75.92 -3.37
CA CYS O 80 24.09 75.24 -2.11
C CYS O 80 25.38 74.73 -1.50
N ASP O 81 25.38 73.51 -0.96
CA ASP O 81 26.55 72.94 -0.32
C ASP O 81 27.69 72.74 -1.32
N PRO O 82 28.85 73.38 -1.14
CA PRO O 82 29.97 73.19 -2.06
C PRO O 82 30.46 71.74 -2.09
N SER O 83 30.86 71.29 -3.27
CA SER O 83 31.34 69.93 -3.49
C SER O 83 32.84 69.93 -3.75
N VAL O 84 33.49 68.84 -3.38
CA VAL O 84 34.93 68.71 -3.56
C VAL O 84 35.22 68.38 -5.03
N THR O 85 36.08 69.19 -5.65
CA THR O 85 36.39 69.07 -7.07
C THR O 85 37.66 68.28 -7.34
N ARG O 86 38.69 68.46 -6.52
CA ARG O 86 39.96 67.77 -6.69
C ARG O 86 40.60 67.65 -5.31
N GLN O 87 41.60 66.79 -5.20
CA GLN O 87 42.24 66.57 -3.92
C GLN O 87 43.75 66.71 -4.05
N ALA O 88 44.44 66.70 -2.91
CA ALA O 88 45.89 66.75 -2.86
C ALA O 88 46.36 65.73 -1.84
N TYR O 89 47.29 64.87 -2.24
CA TYR O 89 47.66 63.72 -1.45
C TYR O 89 49.14 63.79 -1.05
N ALA O 90 49.42 63.27 0.14
CA ALA O 90 50.77 63.14 0.64
C ALA O 90 50.81 61.93 1.57
N ASP O 91 51.85 61.12 1.44
CA ASP O 91 51.98 59.95 2.30
C ASP O 91 53.46 59.59 2.42
N VAL O 92 53.93 59.45 3.65
CA VAL O 92 55.30 59.03 3.89
C VAL O 92 55.26 57.63 4.48
N THR O 93 56.41 56.96 4.42
CA THR O 93 56.57 55.68 5.11
C THR O 93 58.01 55.54 5.53
N PHE O 94 58.23 55.46 6.84
CA PHE O 94 59.54 55.20 7.40
C PHE O 94 59.59 53.75 7.86
N SER O 95 60.77 53.15 7.75
CA SER O 95 60.93 51.76 8.18
C SER O 95 62.36 51.57 8.68
N PHE O 96 62.50 51.36 9.99
CA PHE O 96 63.79 51.12 10.60
C PHE O 96 63.85 49.68 11.11
N THR O 97 65.06 49.18 11.26
CA THR O 97 65.28 47.82 11.72
C THR O 97 65.02 47.69 13.22
N GLN O 98 64.88 46.44 13.66
CA GLN O 98 64.63 46.16 15.07
C GLN O 98 65.79 46.66 15.94
N TYR O 99 67.03 46.58 15.44
CA TYR O 99 68.20 47.12 16.12
C TYR O 99 68.55 48.56 15.70
N SER O 100 67.58 49.33 15.21
CA SER O 100 67.87 50.69 14.76
C SER O 100 68.12 51.61 15.95
N THR O 101 69.05 52.54 15.77
CA THR O 101 69.43 53.49 16.81
C THR O 101 68.50 54.70 16.85
N ASP O 102 68.45 55.32 18.03
CA ASP O 102 67.61 56.50 18.23
C ASP O 102 68.03 57.65 17.32
N GLU O 103 69.34 57.96 17.28
CA GLU O 103 69.80 59.08 16.46
C GLU O 103 69.55 58.85 14.98
N GLU O 104 69.72 57.60 14.53
CA GLU O 104 69.46 57.28 13.13
C GLU O 104 68.04 57.69 12.74
N ARG O 105 67.09 57.47 13.65
CA ARG O 105 65.68 57.72 13.35
C ARG O 105 65.42 59.22 13.17
N ALA O 106 65.91 60.03 14.10
CA ALA O 106 65.73 61.48 14.01
C ALA O 106 66.45 62.06 12.80
N PHE O 107 67.60 61.49 12.44
CA PHE O 107 68.35 62.00 11.28
C PHE O 107 67.54 61.81 10.01
N VAL O 108 66.99 60.60 9.81
CA VAL O 108 66.14 60.37 8.65
C VAL O 108 64.90 61.27 8.69
N ARG O 109 64.49 61.70 9.88
CA ARG O 109 63.31 62.56 9.99
C ARG O 109 63.65 63.99 9.59
N THR O 110 64.73 64.56 10.15
CA THR O 110 65.09 65.92 9.81
C THR O 110 65.65 66.02 8.40
N GLU O 111 66.25 64.94 7.90
CA GLU O 111 66.70 64.92 6.51
C GLU O 111 65.51 65.12 5.57
N LEU O 112 64.39 64.48 5.87
CA LEU O 112 63.19 64.67 5.05
C LEU O 112 62.63 66.08 5.18
N ALA O 113 62.63 66.63 6.40
CA ALA O 113 62.11 67.97 6.61
C ALA O 113 62.96 69.01 5.87
N ALA O 114 64.28 68.90 5.97
CA ALA O 114 65.16 69.83 5.27
C ALA O 114 65.12 69.60 3.77
N LEU O 115 64.97 68.35 3.34
CA LEU O 115 64.91 68.05 1.90
C LEU O 115 63.65 68.64 1.28
N LEU O 116 62.58 68.79 2.07
CA LEU O 116 61.36 69.40 1.58
C LEU O 116 61.50 70.90 1.35
N ALA O 117 62.61 71.51 1.76
CA ALA O 117 62.83 72.94 1.56
C ALA O 117 63.97 73.26 0.62
N SER O 118 64.63 72.25 0.04
CA SER O 118 65.72 72.47 -0.90
C SER O 118 65.18 72.92 -2.24
N PRO O 119 65.84 73.89 -2.90
CA PRO O 119 65.42 74.36 -4.23
C PRO O 119 65.00 73.24 -5.17
N LEU O 120 65.70 72.11 -5.10
CA LEU O 120 65.41 70.99 -5.98
C LEU O 120 63.99 70.47 -5.77
N LEU O 121 63.61 70.25 -4.50
CA LEU O 121 62.26 69.77 -4.23
C LEU O 121 61.21 70.83 -4.45
N ILE O 122 61.59 72.12 -4.44
CA ILE O 122 60.62 73.17 -4.76
C ILE O 122 60.15 73.02 -6.21
N ASP O 123 61.08 72.90 -7.14
CA ASP O 123 60.73 72.71 -8.55
C ASP O 123 60.27 71.29 -8.83
N ALA O 124 60.59 70.34 -7.95
CA ALA O 124 60.06 68.99 -8.09
C ALA O 124 58.60 68.92 -7.68
N ILE O 125 58.17 69.77 -6.76
CA ILE O 125 56.81 69.75 -6.22
C ILE O 125 55.95 70.86 -6.82
N ASP O 126 56.47 72.09 -6.85
CA ASP O 126 55.64 73.23 -7.19
C ASP O 126 55.56 73.42 -8.71
N GLN O 127 56.68 73.28 -9.41
CA GLN O 127 56.70 73.41 -10.86
C GLN O 127 56.65 72.06 -11.56
N LEU O 128 56.80 70.97 -10.82
CA LEU O 128 56.70 69.60 -11.31
C LEU O 128 57.59 69.38 -12.54
N ASN O 129 58.86 69.77 -12.43
CA ASN O 129 59.83 69.48 -13.45
C ASN O 129 60.99 68.71 -12.84
N PRO O 130 61.44 67.63 -13.46
CA PRO O 130 62.49 66.82 -12.84
C PRO O 130 63.81 67.57 -12.81
N ALA O 131 64.78 66.99 -12.10
CA ALA O 131 66.13 67.53 -12.15
C ALA O 131 66.74 67.27 -13.52
N TYR O 132 67.31 68.32 -14.12
CA TYR O 132 67.91 68.19 -15.44
C TYR O 132 69.18 69.03 -15.52
N ALA P 1 64.45 71.52 -11.13
CA ALA P 1 65.49 72.45 -11.54
C ALA P 1 66.77 71.72 -11.91
N LYS P 2 67.89 72.43 -11.85
CA LYS P 2 69.17 71.81 -12.10
C LYS P 2 69.56 70.94 -10.92
N LEU P 3 70.23 69.82 -11.21
CA LEU P 3 70.68 68.89 -10.19
C LEU P 3 71.97 69.44 -9.60
N GLU P 4 71.82 70.29 -8.58
CA GLU P 4 72.96 70.93 -7.96
C GLU P 4 73.43 70.11 -6.76
N THR P 5 74.49 70.57 -6.11
CA THR P 5 74.95 69.97 -4.87
C THR P 5 74.15 70.55 -3.71
N VAL P 6 73.23 69.76 -3.17
CA VAL P 6 72.34 70.20 -2.10
C VAL P 6 73.00 69.92 -0.76
N THR P 7 72.86 70.86 0.17
CA THR P 7 73.47 70.77 1.49
C THR P 7 72.41 71.11 2.53
N LEU P 8 71.99 70.11 3.31
CA LEU P 8 70.99 70.33 4.36
C LEU P 8 71.70 70.68 5.65
N GLY P 9 71.33 71.83 6.23
CA GLY P 9 71.86 72.29 7.48
C GLY P 9 70.80 72.24 8.59
N ASN P 10 71.28 72.40 9.82
CA ASN P 10 70.43 72.32 11.01
C ASN P 10 69.62 71.04 10.99
N ILE P 11 70.35 69.93 11.00
CA ILE P 11 69.83 68.59 10.80
C ILE P 11 70.34 67.73 11.95
N GLY P 12 69.64 66.64 12.21
CA GLY P 12 70.09 65.73 13.24
C GLY P 12 69.27 65.81 14.51
N LYS P 13 69.60 64.90 15.43
CA LYS P 13 68.91 64.86 16.72
C LYS P 13 68.99 66.20 17.45
N ASP P 14 70.22 66.67 17.71
CA ASP P 14 70.39 67.99 18.34
C ASP P 14 70.00 69.10 17.39
N GLY P 15 70.24 68.93 16.09
CA GLY P 15 70.02 70.00 15.13
C GLY P 15 71.24 70.81 14.80
N LYS P 16 72.42 70.40 15.24
CA LYS P 16 73.65 71.12 14.95
C LYS P 16 74.56 70.33 14.03
N GLN P 17 73.98 69.63 13.07
CA GLN P 17 74.72 68.89 12.06
C GLN P 17 74.42 69.45 10.67
N THR P 18 75.18 68.96 9.70
CA THR P 18 75.05 69.36 8.32
C THR P 18 75.34 68.15 7.46
N LEU P 19 74.78 68.14 6.25
CA LEU P 19 74.92 66.99 5.35
C LEU P 19 75.04 67.50 3.93
N VAL P 20 76.11 67.09 3.25
CA VAL P 20 76.43 67.54 1.89
C VAL P 20 76.10 66.42 0.91
N LEU P 21 75.38 66.76 -0.15
CA LEU P 21 74.91 65.81 -1.16
C LEU P 21 75.24 66.32 -2.56
N ASN P 22 76.23 65.69 -3.21
CA ASN P 22 76.59 66.03 -4.58
C ASN P 22 75.65 65.35 -5.58
N PRO P 23 75.47 65.94 -6.76
CA PRO P 23 74.56 65.33 -7.74
C PRO P 23 75.12 64.02 -8.28
N ARG P 24 74.20 63.12 -8.59
CA ARG P 24 74.54 61.78 -9.09
C ARG P 24 73.84 61.45 -10.40
N GLY P 25 73.17 62.43 -11.04
CA GLY P 25 72.60 62.22 -12.35
C GLY P 25 71.20 61.66 -12.29
N VAL P 26 70.65 61.39 -13.48
CA VAL P 26 69.35 60.76 -13.59
C VAL P 26 69.55 59.36 -14.13
N ASN P 27 68.49 58.57 -14.12
CA ASN P 27 68.54 57.20 -14.61
C ASN P 27 67.70 57.11 -15.87
N PRO P 28 68.29 57.21 -17.06
CA PRO P 28 67.49 57.30 -18.30
C PRO P 28 66.63 56.08 -18.56
N THR P 29 66.81 54.99 -17.81
CA THR P 29 65.91 53.85 -17.90
C THR P 29 64.78 53.96 -16.90
N ASN P 30 65.12 54.23 -15.63
CA ASN P 30 64.14 54.36 -14.56
C ASN P 30 63.44 55.71 -14.57
N GLY P 31 64.00 56.72 -15.23
CA GLY P 31 63.42 58.04 -15.18
C GLY P 31 63.41 58.63 -13.78
N VAL P 32 64.48 58.38 -13.01
CA VAL P 32 64.57 58.80 -11.63
C VAL P 32 65.87 59.57 -11.44
N ALA P 33 65.77 60.75 -10.85
CA ALA P 33 66.97 61.47 -10.45
C ALA P 33 67.47 60.91 -9.14
N SER P 34 68.79 60.97 -8.95
CA SER P 34 69.39 60.45 -7.75
C SER P 34 70.58 61.32 -7.38
N LEU P 35 70.87 61.40 -6.09
CA LEU P 35 72.04 62.12 -5.62
C LEU P 35 72.45 61.51 -4.30
N SER P 36 73.72 61.65 -3.97
CA SER P 36 74.31 60.84 -2.92
C SER P 36 75.16 61.72 -2.01
N GLN P 37 75.32 61.24 -0.78
CA GLN P 37 76.12 61.91 0.23
C GLN P 37 77.59 61.97 -0.15
N ALA P 38 78.20 63.13 0.05
CA ALA P 38 79.60 63.31 -0.29
C ALA P 38 80.44 62.37 0.57
N GLY P 39 80.46 61.10 0.17
CA GLY P 39 81.20 60.09 0.89
C GLY P 39 82.12 59.35 -0.05
N ALA P 40 83.07 58.65 0.56
CA ALA P 40 84.07 57.89 -0.19
C ALA P 40 83.42 56.73 -0.95
N VAL P 41 82.81 55.81 -0.23
CA VAL P 41 82.37 54.53 -0.77
C VAL P 41 80.95 54.63 -1.32
N PRO P 42 80.69 54.14 -2.54
CA PRO P 42 79.30 54.11 -3.05
C PRO P 42 78.39 53.21 -2.24
N ALA P 43 78.91 52.12 -1.68
CA ALA P 43 78.08 51.20 -0.91
C ALA P 43 77.75 51.79 0.46
N LEU P 44 78.70 52.50 1.04
CA LEU P 44 78.53 53.08 2.37
C LEU P 44 77.59 54.28 2.37
N GLU P 45 77.50 54.99 1.24
CA GLU P 45 76.97 56.35 1.25
C GLU P 45 75.46 56.41 1.49
N LYS P 46 75.04 57.50 2.12
CA LYS P 46 73.62 57.82 2.15
C LYS P 46 73.20 58.31 0.77
N ARG P 47 71.92 58.14 0.44
CA ARG P 47 71.46 58.59 -0.86
C ARG P 47 69.99 58.95 -0.79
N VAL P 48 69.57 59.83 -1.70
CA VAL P 48 68.16 60.21 -1.86
C VAL P 48 67.86 60.29 -3.35
N THR P 49 66.60 60.03 -3.71
CA THR P 49 66.18 59.96 -5.11
C THR P 49 64.86 60.69 -5.29
N VAL P 50 64.76 61.49 -6.36
CA VAL P 50 63.58 62.29 -6.66
C VAL P 50 63.08 61.92 -8.05
N SER P 51 61.75 61.89 -8.21
CA SER P 51 61.15 61.51 -9.47
C SER P 51 59.81 62.22 -9.65
N VAL P 52 59.55 62.70 -10.86
CA VAL P 52 58.26 63.29 -11.22
C VAL P 52 57.74 62.57 -12.45
N SER P 53 56.43 62.33 -12.49
CA SER P 53 55.80 61.61 -13.60
C SER P 53 54.58 62.34 -14.13
N GLN P 54 54.51 62.51 -15.45
CA GLN P 54 53.34 63.05 -16.14
C GLN P 54 52.25 62.00 -16.29
N PRO P 55 50.99 62.41 -16.49
CA PRO P 55 49.88 61.44 -16.54
C PRO P 55 49.84 60.69 -17.87
N SER P 56 49.74 59.36 -17.78
CA SER P 56 49.68 58.52 -18.96
C SER P 56 48.30 57.88 -19.02
N ARG P 57 48.22 56.64 -19.50
CA ARG P 57 46.95 55.93 -19.59
C ARG P 57 46.61 55.17 -18.32
N ASN P 58 47.58 54.91 -17.46
CA ASN P 58 47.34 54.26 -16.18
C ASN P 58 46.59 55.23 -15.27
N ARG P 59 47.29 56.26 -14.77
CA ARG P 59 46.68 57.29 -13.94
C ARG P 59 46.72 58.64 -14.65
N LYS P 60 45.60 59.38 -14.59
CA LYS P 60 45.53 60.69 -15.21
C LYS P 60 45.81 61.79 -14.19
N ASN P 61 46.79 61.57 -13.31
CA ASN P 61 47.21 62.51 -12.29
C ASN P 61 48.73 62.60 -12.25
N TYR P 62 49.21 63.66 -11.62
CA TYR P 62 50.64 63.88 -11.46
C TYR P 62 51.08 63.14 -10.20
N LYS P 63 52.31 62.62 -10.22
CA LYS P 63 52.83 61.94 -9.02
C LYS P 63 54.31 62.23 -8.89
N VAL P 64 54.72 62.73 -7.72
CA VAL P 64 56.12 62.99 -7.40
C VAL P 64 56.46 62.24 -6.12
N GLN P 65 57.65 61.64 -6.09
CA GLN P 65 58.05 60.79 -4.97
C GLN P 65 59.55 60.90 -4.74
N VAL P 66 59.94 61.10 -3.48
CA VAL P 66 61.35 61.13 -3.07
C VAL P 66 61.57 60.04 -2.03
N LYS P 67 62.71 59.36 -2.12
CA LYS P 67 63.10 58.32 -1.19
C LYS P 67 64.41 58.68 -0.52
N ILE P 68 64.56 58.24 0.73
CA ILE P 68 65.79 58.41 1.50
C ILE P 68 66.23 57.03 1.99
N GLN P 69 67.53 56.75 1.88
CA GLN P 69 68.08 55.45 2.26
C GLN P 69 69.40 55.70 2.98
N ASN P 70 69.39 55.53 4.30
CA ASN P 70 70.58 55.77 5.12
C ASN P 70 71.06 54.47 5.75
N PRO P 71 72.11 53.86 5.21
CA PRO P 71 72.65 52.65 5.84
C PRO P 71 73.66 53.01 6.93
N THR P 72 74.07 52.00 7.67
CA THR P 72 75.07 52.15 8.71
C THR P 72 75.98 50.94 8.70
N ALA P 73 77.23 51.16 9.11
CA ALA P 73 78.26 50.14 8.95
C ALA P 73 78.98 49.92 10.27
N CYS P 74 79.87 48.92 10.23
CA CYS P 74 80.69 48.52 11.35
C CYS P 74 82.07 48.15 10.85
N THR P 75 83.09 48.45 11.65
CA THR P 75 84.47 48.29 11.20
C THR P 75 85.13 46.99 11.64
N ALA P 76 84.99 46.61 12.91
CA ALA P 76 85.69 45.44 13.42
C ALA P 76 85.05 44.13 12.98
N ASN P 77 83.91 44.19 12.29
CA ASN P 77 83.21 42.98 11.88
C ASN P 77 83.81 42.41 10.60
N GLY P 78 84.10 43.29 9.63
CA GLY P 78 84.73 42.82 8.43
C GLY P 78 86.23 42.78 8.53
N SER P 79 86.75 43.30 9.65
CA SER P 79 88.18 43.37 9.95
C SER P 79 88.99 43.70 8.69
N CYS P 80 88.40 44.50 7.81
CA CYS P 80 89.07 44.97 6.60
C CYS P 80 88.28 46.09 5.93
N ASP P 81 87.12 45.74 5.37
CA ASP P 81 86.21 46.66 4.70
C ASP P 81 84.91 46.71 5.48
N PRO P 82 84.49 47.87 5.99
CA PRO P 82 83.25 47.92 6.78
C PRO P 82 82.04 47.48 5.98
N SER P 83 81.18 46.72 6.63
CA SER P 83 79.95 46.18 6.03
C SER P 83 78.72 46.81 6.65
N VAL P 84 77.66 46.91 5.84
CA VAL P 84 76.40 47.50 6.29
C VAL P 84 75.63 46.48 7.12
N THR P 85 75.22 46.88 8.32
CA THR P 85 74.54 45.99 9.25
C THR P 85 73.03 46.13 9.20
N ARG P 86 72.53 47.36 9.05
CA ARG P 86 71.10 47.65 9.02
C ARG P 86 70.91 48.93 8.21
N GLN P 87 69.67 49.19 7.81
CA GLN P 87 69.39 50.39 7.05
C GLN P 87 68.23 51.16 7.68
N ALA P 88 68.01 52.38 7.20
CA ALA P 88 66.91 53.22 7.64
C ALA P 88 66.28 53.86 6.42
N TYR P 89 64.96 53.76 6.31
CA TYR P 89 64.24 54.12 5.09
C TYR P 89 63.30 55.29 5.34
N ALA P 90 63.12 56.08 4.29
CA ALA P 90 62.13 57.16 4.26
C ALA P 90 61.67 57.29 2.82
N ASP P 91 60.35 57.43 2.64
CA ASP P 91 59.81 57.56 1.30
C ASP P 91 58.50 58.32 1.39
N VAL P 92 58.37 59.38 0.61
CA VAL P 92 57.13 60.14 0.52
C VAL P 92 56.57 59.92 -0.89
N THR P 93 55.29 60.20 -1.05
CA THR P 93 54.70 60.21 -2.39
C THR P 93 53.57 61.21 -2.43
N PHE P 94 53.72 62.22 -3.27
CA PHE P 94 52.69 63.22 -3.50
C PHE P 94 52.01 62.93 -4.83
N SER P 95 50.71 63.23 -4.89
CA SER P 95 49.96 63.04 -6.13
C SER P 95 48.86 64.08 -6.19
N PHE P 96 48.99 65.03 -7.10
CA PHE P 96 47.99 66.07 -7.29
C PHE P 96 47.30 65.88 -8.63
N THR P 97 46.09 66.44 -8.74
CA THR P 97 45.31 66.33 -9.95
C THR P 97 45.88 67.25 -11.03
N GLN P 98 45.50 66.99 -12.29
CA GLN P 98 45.92 67.84 -13.39
C GLN P 98 45.43 69.27 -13.21
N TYR P 99 44.27 69.46 -12.59
CA TYR P 99 43.74 70.78 -12.29
C TYR P 99 44.17 71.33 -10.93
N SER P 100 45.27 70.85 -10.38
CA SER P 100 45.73 71.35 -9.08
C SER P 100 46.39 72.72 -9.25
N THR P 101 46.19 73.59 -8.27
CA THR P 101 46.78 74.92 -8.32
C THR P 101 48.20 74.89 -7.77
N ASP P 102 48.98 75.90 -8.18
CA ASP P 102 50.37 75.97 -7.75
C ASP P 102 50.48 76.07 -6.23
N GLU P 103 49.69 76.96 -5.62
CA GLU P 103 49.79 77.15 -4.18
C GLU P 103 49.39 75.90 -3.40
N GLU P 104 48.35 75.19 -3.86
CA GLU P 104 47.93 73.97 -3.19
C GLU P 104 49.10 73.00 -3.05
N ARG P 105 49.94 72.93 -4.08
CA ARG P 105 51.05 71.99 -4.09
C ARG P 105 52.07 72.35 -3.01
N ALA P 106 52.42 73.64 -2.93
CA ALA P 106 53.36 74.10 -1.92
C ALA P 106 52.79 73.95 -0.51
N PHE P 107 51.47 74.08 -0.36
CA PHE P 107 50.86 73.94 0.97
C PHE P 107 51.06 72.53 1.51
N VAL P 108 50.75 71.51 0.71
CA VAL P 108 51.02 70.14 1.12
C VAL P 108 52.51 69.91 1.32
N ARG P 109 53.35 70.72 0.67
CA ARG P 109 54.79 70.59 0.81
C ARG P 109 55.25 71.12 2.16
N THR P 110 54.83 72.35 2.50
CA THR P 110 55.23 72.93 3.78
C THR P 110 54.47 72.27 4.94
N GLU P 111 53.25 71.79 4.70
CA GLU P 111 52.55 71.05 5.75
C GLU P 111 53.34 69.82 6.18
N LEU P 112 53.93 69.10 5.22
CA LEU P 112 54.74 67.94 5.56
C LEU P 112 56.03 68.37 6.25
N ALA P 113 56.62 69.48 5.80
CA ALA P 113 57.87 69.95 6.41
C ALA P 113 57.65 70.35 7.87
N ALA P 114 56.57 71.10 8.16
CA ALA P 114 56.29 71.46 9.54
C ALA P 114 55.75 70.29 10.36
N LEU P 115 54.99 69.38 9.75
CA LEU P 115 54.45 68.25 10.49
C LEU P 115 55.57 67.33 10.97
N LEU P 116 56.70 67.29 10.28
CA LEU P 116 57.82 66.50 10.72
C LEU P 116 58.48 67.06 11.98
N ALA P 117 58.11 68.27 12.41
CA ALA P 117 58.67 68.89 13.60
C ALA P 117 57.66 69.10 14.71
N SER P 118 56.42 68.66 14.52
CA SER P 118 55.42 68.82 15.56
C SER P 118 55.67 67.81 16.67
N PRO P 119 55.50 68.22 17.95
CA PRO P 119 55.71 67.31 19.09
C PRO P 119 55.20 65.89 18.87
N LEU P 120 54.04 65.77 18.23
CA LEU P 120 53.43 64.46 18.02
C LEU P 120 54.33 63.58 17.16
N LEU P 121 54.84 64.12 16.05
CA LEU P 121 55.69 63.33 15.16
C LEU P 121 57.07 63.04 15.76
N ILE P 122 57.47 63.78 16.80
CA ILE P 122 58.75 63.48 17.46
C ILE P 122 58.70 62.09 18.09
N ASP P 123 57.66 61.82 18.89
CA ASP P 123 57.51 60.50 19.51
C ASP P 123 57.02 59.44 18.54
N ALA P 124 56.45 59.84 17.40
CA ALA P 124 56.05 58.86 16.40
C ALA P 124 57.26 58.30 15.67
N ILE P 125 58.33 59.07 15.56
CA ILE P 125 59.50 58.66 14.82
C ILE P 125 60.62 58.19 15.74
N ASP P 126 60.94 58.99 16.76
CA ASP P 126 62.12 58.74 17.57
C ASP P 126 61.87 57.77 18.71
N GLN P 127 60.71 57.86 19.38
CA GLN P 127 60.36 56.94 20.44
C GLN P 127 59.47 55.81 19.95
N LEU P 128 58.99 55.92 18.70
CA LEU P 128 58.16 54.91 18.05
C LEU P 128 57.01 54.49 18.96
N ASN P 129 56.31 55.49 19.49
CA ASN P 129 55.10 55.28 20.23
C ASN P 129 53.98 56.06 19.55
N PRO P 130 52.83 55.45 19.31
CA PRO P 130 51.79 56.14 18.54
C PRO P 130 51.16 57.27 19.35
N ALA P 131 50.34 58.04 18.65
CA ALA P 131 49.48 59.02 19.31
C ALA P 131 48.43 58.32 20.16
N TYR P 132 48.22 58.82 21.37
CA TYR P 132 47.28 58.23 22.31
C TYR P 132 46.48 59.32 23.00
N ALA Q 1 69.62 72.22 -30.23
CA ALA Q 1 70.56 73.05 -29.50
C ALA Q 1 70.27 73.04 -28.01
N LYS Q 2 70.72 74.09 -27.32
CA LYS Q 2 70.48 74.23 -25.89
C LYS Q 2 69.02 74.54 -25.63
N LEU Q 3 68.49 74.04 -24.51
CA LEU Q 3 67.09 74.21 -24.16
C LEU Q 3 66.90 75.60 -23.54
N GLU Q 4 66.74 76.59 -24.41
CA GLU Q 4 66.57 77.96 -23.97
C GLU Q 4 65.09 78.30 -23.85
N THR Q 5 64.81 79.52 -23.39
CA THR Q 5 63.44 80.03 -23.38
C THR Q 5 63.13 80.61 -24.75
N VAL Q 6 62.32 79.91 -25.52
CA VAL Q 6 61.99 80.33 -26.88
C VAL Q 6 60.75 81.21 -26.83
N THR Q 7 60.77 82.27 -27.64
CA THR Q 7 59.68 83.24 -27.68
C THR Q 7 59.35 83.48 -29.15
N LEU Q 8 58.18 83.02 -29.56
CA LEU Q 8 57.71 83.21 -30.93
C LEU Q 8 56.92 84.51 -31.02
N GLY Q 9 57.34 85.39 -31.93
CA GLY Q 9 56.67 86.66 -32.14
C GLY Q 9 55.95 86.71 -33.48
N ASN Q 10 55.12 87.74 -33.61
CA ASN Q 10 54.33 87.99 -34.81
C ASN Q 10 53.50 86.76 -35.22
N ILE Q 11 52.59 86.36 -34.33
CA ILE Q 11 51.81 85.14 -34.47
C ILE Q 11 50.34 85.46 -34.23
N GLY Q 12 49.49 84.59 -34.75
CA GLY Q 12 48.05 84.75 -34.64
C GLY Q 12 47.46 85.15 -35.97
N LYS Q 13 46.13 85.17 -35.99
CA LYS Q 13 45.43 85.52 -37.22
C LYS Q 13 45.90 86.88 -37.71
N ASP Q 14 45.92 87.88 -36.83
CA ASP Q 14 46.41 89.21 -37.20
C ASP Q 14 47.90 89.18 -37.50
N GLY Q 15 48.66 88.39 -36.73
CA GLY Q 15 50.10 88.42 -36.84
C GLY Q 15 50.78 89.37 -35.88
N LYS Q 16 50.03 89.95 -34.93
CA LYS Q 16 50.59 90.90 -33.99
C LYS Q 16 50.57 90.41 -32.55
N GLN Q 17 50.74 89.11 -32.33
CA GLN Q 17 50.82 88.57 -30.98
C GLN Q 17 52.15 87.85 -30.77
N THR Q 18 52.39 87.45 -29.52
CA THR Q 18 53.63 86.79 -29.13
C THR Q 18 53.31 85.71 -28.10
N LEU Q 19 54.20 84.72 -28.03
CA LEU Q 19 54.01 83.57 -27.17
C LEU Q 19 55.34 83.16 -26.58
N VAL Q 20 55.40 83.07 -25.24
CA VAL Q 20 56.62 82.76 -24.50
C VAL Q 20 56.53 81.33 -24.01
N LEU Q 21 57.59 80.56 -24.23
CA LEU Q 21 57.65 79.14 -23.88
C LEU Q 21 58.95 78.90 -23.10
N ASN Q 22 58.83 78.72 -21.79
CA ASN Q 22 59.99 78.42 -20.96
C ASN Q 22 60.30 76.92 -20.96
N PRO Q 23 61.57 76.55 -20.81
CA PRO Q 23 61.93 75.13 -20.83
C PRO Q 23 61.45 74.39 -19.60
N ARG Q 24 61.15 73.10 -19.78
CA ARG Q 24 60.72 72.22 -18.71
C ARG Q 24 61.56 70.95 -18.60
N GLY Q 25 62.71 70.89 -19.25
CA GLY Q 25 63.62 69.77 -19.12
C GLY Q 25 63.38 68.69 -20.17
N VAL Q 26 64.13 67.61 -20.05
CA VAL Q 26 64.03 66.49 -20.97
C VAL Q 26 63.43 65.28 -20.25
N ASN Q 27 63.01 64.29 -21.04
CA ASN Q 27 62.47 63.03 -20.55
C ASN Q 27 63.42 61.93 -21.02
N PRO Q 28 64.42 61.56 -20.21
CA PRO Q 28 65.45 60.62 -20.69
C PRO Q 28 64.94 59.22 -20.97
N THR Q 29 63.71 58.89 -20.59
CA THR Q 29 63.12 57.60 -20.91
C THR Q 29 62.41 57.64 -22.26
N ASN Q 30 61.57 58.65 -22.47
CA ASN Q 30 60.87 58.81 -23.73
C ASN Q 30 61.78 59.40 -24.79
N GLY Q 31 62.92 59.95 -24.39
CA GLY Q 31 63.82 60.60 -25.33
C GLY Q 31 63.20 61.81 -25.99
N VAL Q 32 62.41 62.58 -25.25
CA VAL Q 32 61.71 63.74 -25.79
C VAL Q 32 61.98 64.94 -24.90
N ALA Q 33 62.43 66.03 -25.50
CA ALA Q 33 62.50 67.28 -24.79
C ALA Q 33 61.13 67.95 -24.80
N SER Q 34 60.85 68.73 -23.77
CA SER Q 34 59.55 69.37 -23.68
C SER Q 34 59.72 70.73 -23.04
N LEU Q 35 58.86 71.65 -23.46
CA LEU Q 35 58.81 72.99 -22.88
C LEU Q 35 57.42 73.54 -23.12
N SER Q 36 56.98 74.42 -22.22
CA SER Q 36 55.58 74.78 -22.17
C SER Q 36 55.42 76.26 -21.87
N GLN Q 37 54.30 76.80 -22.32
CA GLN Q 37 53.93 78.16 -21.97
C GLN Q 37 53.60 78.21 -20.48
N ALA Q 38 54.20 79.16 -19.77
CA ALA Q 38 54.04 79.27 -18.32
C ALA Q 38 52.62 79.60 -17.92
N GLY Q 39 51.89 78.61 -17.39
CA GLY Q 39 50.52 78.80 -16.98
C GLY Q 39 50.33 78.37 -15.53
N ALA Q 40 49.19 78.81 -14.97
CA ALA Q 40 48.90 78.52 -13.58
C ALA Q 40 48.79 77.01 -13.33
N VAL Q 41 47.78 76.39 -13.93
CA VAL Q 41 47.52 74.97 -13.75
C VAL Q 41 48.22 74.20 -14.85
N PRO Q 42 48.93 73.11 -14.54
CA PRO Q 42 49.65 72.36 -15.59
C PRO Q 42 48.77 71.82 -16.69
N ALA Q 43 47.51 71.51 -16.40
CA ALA Q 43 46.66 70.92 -17.44
C ALA Q 43 46.23 71.95 -18.47
N LEU Q 44 46.00 73.19 -18.03
CA LEU Q 44 45.52 74.22 -18.93
C LEU Q 44 46.61 74.74 -19.87
N GLU Q 45 47.88 74.66 -19.49
CA GLU Q 45 48.92 75.42 -20.18
C GLU Q 45 49.23 74.85 -21.56
N LYS Q 46 49.64 75.74 -22.46
CA LYS Q 46 50.12 75.32 -23.77
C LYS Q 46 51.50 74.67 -23.65
N ARG Q 47 51.82 73.81 -24.61
CA ARG Q 47 53.13 73.16 -24.61
C ARG Q 47 53.50 72.75 -26.03
N VAL Q 48 54.81 72.64 -26.26
CA VAL Q 48 55.37 72.11 -27.51
C VAL Q 48 56.54 71.20 -27.12
N THR Q 49 56.78 70.18 -27.94
CA THR Q 49 57.78 69.16 -27.62
C THR Q 49 58.62 68.81 -28.84
N VAL Q 50 59.93 68.70 -28.64
CA VAL Q 50 60.87 68.38 -29.72
C VAL Q 50 61.63 67.13 -29.34
N SER Q 51 61.86 66.26 -30.33
CA SER Q 51 62.56 65.01 -30.10
C SER Q 51 63.25 64.56 -31.37
N VAL Q 52 64.46 64.03 -31.23
CA VAL Q 52 65.21 63.44 -32.35
C VAL Q 52 65.63 62.03 -31.98
N SER Q 53 65.59 61.12 -32.96
CA SER Q 53 66.00 59.73 -32.75
C SER Q 53 66.97 59.28 -33.84
N GLN Q 54 68.10 58.69 -33.42
CA GLN Q 54 69.06 58.06 -34.33
C GLN Q 54 68.55 56.67 -34.75
N PRO Q 55 69.05 56.12 -35.86
CA PRO Q 55 68.54 54.84 -36.33
C PRO Q 55 69.07 53.71 -35.47
N SER Q 56 68.18 52.82 -35.05
CA SER Q 56 68.58 51.70 -34.23
C SER Q 56 68.47 50.44 -35.10
N ARG Q 57 68.11 49.32 -34.49
CA ARG Q 57 67.99 48.09 -35.24
C ARG Q 57 66.60 47.92 -35.84
N ASN Q 58 65.67 48.80 -35.47
CA ASN Q 58 64.34 48.81 -36.06
C ASN Q 58 64.42 49.39 -37.48
N ARG Q 59 64.58 50.71 -37.59
CA ARG Q 59 64.75 51.39 -38.87
C ARG Q 59 66.14 52.01 -38.97
N LYS Q 60 66.66 52.04 -40.19
CA LYS Q 60 67.96 52.65 -40.46
C LYS Q 60 67.78 54.06 -41.04
N ASN Q 61 66.86 54.84 -40.45
CA ASN Q 61 66.59 56.21 -40.87
C ASN Q 61 66.44 57.15 -39.68
N TYR Q 62 66.81 58.40 -39.92
CA TYR Q 62 66.70 59.45 -38.92
C TYR Q 62 65.26 59.94 -38.89
N LYS Q 63 64.78 60.29 -37.70
CA LYS Q 63 63.42 60.83 -37.61
C LYS Q 63 63.37 61.86 -36.50
N VAL Q 64 62.90 63.07 -36.84
CA VAL Q 64 62.70 64.14 -35.87
C VAL Q 64 61.27 64.64 -35.99
N GLN Q 65 60.64 64.90 -34.84
CA GLN Q 65 59.23 65.29 -34.82
C GLN Q 65 59.01 66.29 -33.70
N VAL Q 66 58.24 67.34 -33.99
CA VAL Q 66 57.83 68.33 -33.00
C VAL Q 66 56.32 68.31 -32.91
N LYS Q 67 55.79 68.42 -31.70
CA LYS Q 67 54.37 68.40 -31.45
C LYS Q 67 53.94 69.73 -30.82
N ILE Q 68 52.71 70.14 -31.13
CA ILE Q 68 52.09 71.32 -30.54
C ILE Q 68 50.76 70.90 -29.94
N GLN Q 69 50.48 71.35 -28.73
CA GLN Q 69 49.22 71.04 -28.05
C GLN Q 69 48.75 72.29 -27.34
N ASN Q 70 47.72 72.93 -27.88
CA ASN Q 70 47.17 74.17 -27.31
C ASN Q 70 45.75 73.91 -26.84
N PRO Q 71 45.51 73.74 -25.55
CA PRO Q 71 44.14 73.57 -25.06
C PRO Q 71 43.50 74.94 -24.83
N THR Q 72 42.19 74.90 -24.57
CA THR Q 72 41.43 76.10 -24.28
C THR Q 72 40.40 75.77 -23.21
N ALA Q 73 40.01 76.79 -22.45
CA ALA Q 73 39.23 76.58 -21.24
C ALA Q 73 37.98 77.46 -21.24
N CYS Q 74 37.18 77.28 -20.19
CA CYS Q 74 35.97 78.04 -19.93
C CYS Q 74 35.97 78.37 -18.45
N THR Q 75 35.49 79.56 -18.11
CA THR Q 75 35.61 80.08 -16.75
C THR Q 75 34.37 79.88 -15.90
N ALA Q 76 33.24 80.48 -16.27
CA ALA Q 76 32.05 80.53 -15.41
C ALA Q 76 31.25 79.22 -15.33
N ASN Q 77 31.86 78.04 -15.47
CA ASN Q 77 31.13 76.80 -15.28
C ASN Q 77 31.25 76.21 -13.89
N GLY Q 78 32.37 76.43 -13.20
CA GLY Q 78 32.47 75.89 -11.86
C GLY Q 78 32.88 76.95 -10.85
N SER Q 79 33.20 78.15 -11.33
CA SER Q 79 33.66 79.26 -10.51
C SER Q 79 34.66 78.81 -9.45
N CYS Q 80 35.43 77.77 -9.78
CA CYS Q 80 36.52 77.32 -8.92
C CYS Q 80 37.81 77.47 -9.69
N ASP Q 81 37.93 76.70 -10.77
CA ASP Q 81 39.04 76.57 -11.70
C ASP Q 81 38.47 76.24 -13.07
N PRO Q 82 38.75 77.08 -14.08
CA PRO Q 82 38.26 76.81 -15.43
C PRO Q 82 38.64 75.42 -15.90
N SER Q 83 37.75 74.81 -16.69
CA SER Q 83 37.97 73.47 -17.22
C SER Q 83 38.24 73.55 -18.71
N VAL Q 84 39.07 72.63 -19.20
CA VAL Q 84 39.40 72.62 -20.62
C VAL Q 84 38.26 71.97 -21.39
N THR Q 85 37.77 72.66 -22.41
CA THR Q 85 36.63 72.19 -23.19
C THR Q 85 37.03 71.48 -24.47
N ARG Q 86 38.07 71.97 -25.14
CA ARG Q 86 38.51 71.41 -26.41
C ARG Q 86 39.99 71.72 -26.57
N GLN Q 87 40.65 71.02 -27.48
CA GLN Q 87 42.07 71.24 -27.73
C GLN Q 87 42.33 71.45 -29.21
N ALA Q 88 43.58 71.79 -29.52
CA ALA Q 88 44.03 71.98 -30.89
C ALA Q 88 45.38 71.30 -31.03
N TYR Q 89 45.52 70.47 -32.05
CA TYR Q 89 46.66 69.57 -32.16
C TYR Q 89 47.48 69.91 -33.40
N ALA Q 90 48.78 69.69 -33.29
CA ALA Q 90 49.70 69.83 -34.40
C ALA Q 90 50.85 68.84 -34.19
N ASP Q 91 51.27 68.19 -35.26
CA ASP Q 91 52.37 67.23 -35.18
C ASP Q 91 53.07 67.13 -36.52
N VAL Q 92 54.39 67.29 -36.51
CA VAL Q 92 55.20 67.12 -37.72
C VAL Q 92 56.05 65.88 -37.53
N THR Q 93 56.55 65.35 -38.64
CA THR Q 93 57.54 64.27 -38.57
C THR Q 93 58.45 64.35 -39.79
N PHE Q 94 59.73 64.54 -39.54
CA PHE Q 94 60.75 64.54 -40.58
C PHE Q 94 61.50 63.21 -40.55
N SER Q 95 61.94 62.76 -41.72
CA SER Q 95 62.73 61.53 -41.80
C SER Q 95 63.69 61.65 -42.97
N PHE Q 96 64.98 61.74 -42.67
CA PHE Q 96 66.02 61.86 -43.68
C PHE Q 96 66.88 60.60 -43.72
N THR Q 97 67.58 60.43 -44.83
CA THR Q 97 68.47 59.31 -45.01
C THR Q 97 69.73 59.49 -44.17
N GLN Q 98 70.43 58.38 -43.92
CA GLN Q 98 71.68 58.46 -43.16
C GLN Q 98 72.72 59.29 -43.93
N TYR Q 99 72.72 59.18 -45.27
CA TYR Q 99 73.60 59.97 -46.12
C TYR Q 99 72.96 61.28 -46.58
N SER Q 100 71.97 61.79 -45.85
CA SER Q 100 71.29 63.02 -46.26
C SER Q 100 72.20 64.23 -46.02
N THR Q 101 72.09 65.23 -46.91
CA THR Q 101 72.93 66.41 -46.80
C THR Q 101 72.35 67.43 -45.82
N ASP Q 102 73.24 68.27 -45.29
CA ASP Q 102 72.84 69.33 -44.37
C ASP Q 102 71.86 70.30 -45.03
N GLU Q 103 72.19 70.76 -46.25
CA GLU Q 103 71.36 71.75 -46.91
C GLU Q 103 69.97 71.21 -47.24
N GLU Q 104 69.89 69.94 -47.66
CA GLU Q 104 68.59 69.34 -47.93
C GLU Q 104 67.69 69.43 -46.71
N ARG Q 105 68.28 69.25 -45.53
CA ARG Q 105 67.49 69.24 -44.29
C ARG Q 105 66.89 70.61 -44.05
N ALA Q 106 67.70 71.67 -44.19
CA ALA Q 106 67.21 73.03 -44.02
C ALA Q 106 66.20 73.40 -45.10
N PHE Q 107 66.37 72.88 -46.32
CA PHE Q 107 65.45 73.22 -47.40
C PHE Q 107 64.05 72.73 -47.09
N VAL Q 108 63.93 71.46 -46.67
CA VAL Q 108 62.65 70.91 -46.24
C VAL Q 108 62.10 71.67 -45.03
N ARG Q 109 62.98 72.29 -44.25
CA ARG Q 109 62.57 73.05 -43.08
C ARG Q 109 61.92 74.36 -43.48
N THR Q 110 62.57 75.13 -44.35
CA THR Q 110 61.99 76.40 -44.77
C THR Q 110 60.83 76.19 -45.75
N GLU Q 111 60.85 75.10 -46.52
CA GLU Q 111 59.71 74.79 -47.39
C GLU Q 111 58.44 74.61 -46.59
N LEU Q 112 58.53 73.93 -45.45
CA LEU Q 112 57.36 73.74 -44.59
C LEU Q 112 56.93 75.05 -43.94
N ALA Q 113 57.90 75.87 -43.53
CA ALA Q 113 57.56 77.15 -42.90
C ALA Q 113 56.86 78.08 -43.88
N ALA Q 114 57.37 78.19 -45.10
CA ALA Q 114 56.73 79.05 -46.10
C ALA Q 114 55.43 78.45 -46.61
N LEU Q 115 55.35 77.12 -46.72
CA LEU Q 115 54.12 76.53 -47.20
C LEU Q 115 52.98 76.77 -46.22
N LEU Q 116 53.29 76.94 -44.94
CA LEU Q 116 52.28 77.26 -43.94
C LEU Q 116 51.74 78.67 -44.11
N ALA Q 117 52.35 79.49 -44.96
CA ALA Q 117 51.90 80.87 -45.18
C ALA Q 117 51.36 81.12 -46.57
N SER Q 118 51.30 80.12 -47.42
CA SER Q 118 50.74 80.30 -48.76
C SER Q 118 49.21 80.35 -48.67
N PRO Q 119 48.58 81.23 -49.46
CA PRO Q 119 47.10 81.31 -49.48
C PRO Q 119 46.42 79.96 -49.44
N LEU Q 120 47.00 78.96 -50.11
CA LEU Q 120 46.41 77.62 -50.16
C LEU Q 120 46.28 77.04 -48.76
N LEU Q 121 47.36 77.09 -47.98
CA LEU Q 121 47.31 76.54 -46.62
C LEU Q 121 46.48 77.41 -45.68
N ILE Q 122 46.26 78.68 -46.00
CA ILE Q 122 45.39 79.51 -45.17
C ILE Q 122 43.98 78.96 -45.19
N ASP Q 123 43.44 78.71 -46.38
CA ASP Q 123 42.11 78.12 -46.48
C ASP Q 123 42.12 76.63 -46.19
N ALA Q 124 43.28 75.98 -46.28
CA ALA Q 124 43.36 74.57 -45.91
C ALA Q 124 43.35 74.39 -44.40
N ILE Q 125 43.84 75.37 -43.66
CA ILE Q 125 43.96 75.28 -42.21
C ILE Q 125 42.87 76.07 -41.51
N ASP Q 126 42.65 77.31 -41.95
CA ASP Q 126 41.75 78.20 -41.21
C ASP Q 126 40.29 78.01 -41.62
N GLN Q 127 40.01 77.88 -42.92
CA GLN Q 127 38.65 77.67 -43.40
C GLN Q 127 38.37 76.21 -43.73
N LEU Q 128 39.42 75.37 -43.75
CA LEU Q 128 39.33 73.91 -43.96
C LEU Q 128 38.50 73.56 -45.18
N ASN Q 129 38.84 74.16 -46.31
CA ASN Q 129 38.24 73.75 -47.56
C ASN Q 129 39.32 73.30 -48.53
N PRO Q 130 39.15 72.16 -49.18
CA PRO Q 130 40.22 71.64 -50.04
C PRO Q 130 40.41 72.52 -51.25
N ALA Q 131 41.45 72.19 -52.02
CA ALA Q 131 41.61 72.83 -53.32
C ALA Q 131 40.46 72.42 -54.23
N TYR Q 132 39.83 73.40 -54.88
CA TYR Q 132 38.68 73.11 -55.73
C TYR Q 132 38.74 73.95 -57.00
N ALA R 1 41.21 76.58 -50.78
CA ALA R 1 41.08 77.61 -51.81
C ALA R 1 41.30 77.05 -53.20
N LYS R 2 41.65 77.93 -54.12
CA LYS R 2 41.95 77.54 -55.49
C LYS R 2 43.32 76.88 -55.56
N LEU R 3 43.45 75.89 -56.44
CA LEU R 3 44.71 75.17 -56.65
C LEU R 3 45.55 76.00 -57.62
N GLU R 4 46.29 76.95 -57.08
CA GLU R 4 47.09 77.86 -57.88
C GLU R 4 48.52 77.32 -58.04
N THR R 5 49.33 78.04 -58.81
CA THR R 5 50.76 77.79 -58.90
C THR R 5 51.44 78.54 -57.75
N VAL R 6 51.89 77.81 -56.75
CA VAL R 6 52.48 78.39 -55.55
C VAL R 6 53.98 78.54 -55.74
N THR R 7 54.53 79.65 -55.25
CA THR R 7 55.95 79.96 -55.39
C THR R 7 56.47 80.40 -54.03
N LEU R 8 57.31 79.57 -53.41
CA LEU R 8 57.88 79.89 -52.11
C LEU R 8 59.18 80.66 -52.29
N GLY R 9 59.26 81.85 -51.69
CA GLY R 9 60.46 82.66 -51.74
C GLY R 9 61.16 82.75 -50.40
N ASN R 10 62.41 83.20 -50.47
CA ASN R 10 63.31 83.33 -49.30
C ASN R 10 63.32 82.04 -48.48
N ILE R 11 63.73 80.95 -49.14
CA ILE R 11 63.63 79.61 -48.60
C ILE R 11 64.99 78.92 -48.78
N GLY R 12 65.26 77.90 -47.98
CA GLY R 12 66.50 77.19 -48.10
C GLY R 12 67.52 77.62 -47.05
N LYS R 13 68.63 76.90 -47.03
CA LYS R 13 69.69 77.12 -46.04
C LYS R 13 70.21 78.57 -46.07
N ASP R 14 70.57 79.06 -47.27
CA ASP R 14 71.04 80.44 -47.37
C ASP R 14 69.92 81.41 -46.98
N GLY R 15 68.69 81.08 -47.35
CA GLY R 15 67.55 81.93 -47.17
C GLY R 15 67.28 82.83 -48.35
N LYS R 16 68.03 82.68 -49.44
CA LYS R 16 67.87 83.47 -50.65
C LYS R 16 67.55 82.60 -51.85
N GLN R 17 66.72 81.57 -51.66
CA GLN R 17 66.32 80.71 -52.77
C GLN R 17 64.82 80.82 -53.00
N THR R 18 64.36 80.21 -54.11
CA THR R 18 62.95 80.24 -54.46
C THR R 18 62.56 78.92 -55.10
N LEU R 19 61.28 78.56 -54.99
CA LEU R 19 60.79 77.28 -55.47
C LEU R 19 59.37 77.43 -56.00
N VAL R 20 59.15 77.04 -57.25
CA VAL R 20 57.87 77.17 -57.93
C VAL R 20 57.22 75.79 -58.04
N LEU R 21 55.94 75.71 -57.67
CA LEU R 21 55.19 74.46 -57.64
C LEU R 21 53.84 74.62 -58.35
N ASN R 22 53.70 74.07 -59.57
CA ASN R 22 52.40 74.12 -60.27
C ASN R 22 51.47 73.00 -59.80
N PRO R 23 50.16 73.21 -59.89
CA PRO R 23 49.21 72.20 -59.45
C PRO R 23 49.23 70.95 -60.32
N ARG R 24 48.93 69.81 -59.67
CA ARG R 24 48.80 68.53 -60.35
C ARG R 24 47.45 67.88 -60.07
N GLY R 25 46.49 68.63 -59.54
CA GLY R 25 45.15 68.11 -59.38
C GLY R 25 44.94 67.46 -58.04
N VAL R 26 43.76 66.85 -57.90
CA VAL R 26 43.40 66.14 -56.69
C VAL R 26 43.41 64.65 -56.99
N ASN R 27 43.30 63.85 -55.93
CA ASN R 27 43.26 62.40 -56.05
C ASN R 27 41.85 61.97 -55.67
N PRO R 28 40.96 61.80 -56.64
CA PRO R 28 39.53 61.57 -56.31
C PRO R 28 39.28 60.28 -55.53
N THR R 29 40.27 59.41 -55.38
CA THR R 29 40.11 58.25 -54.52
C THR R 29 40.52 58.56 -53.08
N ASN R 30 41.72 59.12 -52.91
CA ASN R 30 42.24 59.47 -51.59
C ASN R 30 41.69 60.80 -51.09
N GLY R 31 41.12 61.63 -51.95
CA GLY R 31 40.68 62.96 -51.54
C GLY R 31 41.82 63.86 -51.11
N VAL R 32 42.95 63.79 -51.81
CA VAL R 32 44.14 64.57 -51.47
C VAL R 32 44.61 65.31 -52.72
N ALA R 33 44.82 66.61 -52.58
CA ALA R 33 45.40 67.42 -53.64
C ALA R 33 46.92 67.26 -53.65
N SER R 34 47.51 67.47 -54.83
CA SER R 34 48.95 67.32 -55.00
C SER R 34 49.47 68.38 -55.97
N LEU R 35 50.71 68.80 -55.76
CA LEU R 35 51.36 69.75 -56.66
C LEU R 35 52.88 69.61 -56.51
N SER R 36 53.60 69.95 -57.58
CA SER R 36 55.00 69.55 -57.74
C SER R 36 55.82 70.68 -58.36
N GLN R 37 57.13 70.59 -58.15
CA GLN R 37 58.11 71.53 -58.69
C GLN R 37 58.18 71.46 -60.22
N ALA R 38 58.18 72.65 -60.84
CA ALA R 38 58.04 72.93 -62.28
C ALA R 38 59.26 72.66 -63.17
N GLY R 39 60.32 72.02 -62.69
CA GLY R 39 61.49 71.87 -63.55
C GLY R 39 61.43 70.82 -64.64
N ALA R 40 61.11 69.58 -64.26
CA ALA R 40 61.10 68.48 -65.22
C ALA R 40 60.43 67.21 -64.71
N VAL R 41 61.01 66.08 -65.09
CA VAL R 41 60.59 64.70 -64.83
C VAL R 41 59.91 64.49 -63.49
N PRO R 42 58.77 63.77 -63.46
CA PRO R 42 58.09 63.55 -62.18
C PRO R 42 58.92 62.83 -61.12
N ALA R 43 59.86 61.96 -61.51
CA ALA R 43 60.66 61.31 -60.48
C ALA R 43 61.68 62.27 -59.90
N LEU R 44 62.21 63.17 -60.72
CA LEU R 44 63.22 64.10 -60.27
C LEU R 44 62.65 65.18 -59.37
N GLU R 45 61.39 65.58 -59.59
CA GLU R 45 60.85 66.78 -58.97
C GLU R 45 60.43 66.55 -57.51
N LYS R 46 60.53 67.61 -56.73
CA LYS R 46 59.93 67.65 -55.40
C LYS R 46 58.42 67.84 -55.52
N ARG R 47 57.70 67.43 -54.48
CA ARG R 47 56.25 67.49 -54.52
C ARG R 47 55.70 67.64 -53.11
N VAL R 48 54.51 68.25 -53.02
CA VAL R 48 53.80 68.39 -51.74
C VAL R 48 52.32 68.13 -51.96
N THR R 49 51.66 67.65 -50.90
CA THR R 49 50.26 67.23 -50.96
C THR R 49 49.52 67.74 -49.73
N VAL R 50 48.32 68.27 -49.95
CA VAL R 50 47.49 68.85 -48.89
C VAL R 50 46.15 68.11 -48.88
N SER R 51 45.60 67.89 -47.69
CA SER R 51 44.33 67.19 -47.57
C SER R 51 43.57 67.68 -46.35
N VAL R 52 42.26 67.87 -46.52
CA VAL R 52 41.36 68.22 -45.42
C VAL R 52 40.22 67.20 -45.43
N SER R 53 39.79 66.80 -44.23
CA SER R 53 38.71 65.82 -44.12
C SER R 53 37.67 66.26 -43.10
N GLN R 54 36.39 66.17 -43.47
CA GLN R 54 35.30 66.39 -42.54
C GLN R 54 35.17 65.17 -41.62
N PRO R 55 34.51 65.31 -40.46
CA PRO R 55 34.49 64.20 -39.51
C PRO R 55 33.63 63.06 -40.04
N SER R 56 34.19 61.86 -40.05
CA SER R 56 33.52 60.72 -40.63
C SER R 56 33.09 59.76 -39.51
N ARG R 57 33.10 58.46 -39.80
CA ARG R 57 32.67 57.43 -38.87
C ARG R 57 33.81 56.96 -37.98
N ASN R 58 35.05 57.27 -38.33
CA ASN R 58 36.19 56.96 -37.48
C ASN R 58 36.19 57.89 -36.27
N ARG R 59 36.62 59.14 -36.46
CA ARG R 59 36.60 60.15 -35.41
C ARG R 59 35.73 61.33 -35.84
N LYS R 60 35.07 61.96 -34.87
CA LYS R 60 34.23 63.13 -35.13
C LYS R 60 34.98 64.42 -34.81
N ASN R 61 36.20 64.54 -35.33
CA ASN R 61 37.06 65.71 -35.22
C ASN R 61 37.68 66.01 -36.58
N TYR R 62 38.04 67.27 -36.77
CA TYR R 62 38.59 67.70 -38.04
C TYR R 62 40.08 67.37 -38.08
N LYS R 63 40.57 67.02 -39.27
CA LYS R 63 42.00 66.72 -39.42
C LYS R 63 42.46 67.17 -40.79
N VAL R 64 43.53 67.98 -40.81
CA VAL R 64 44.16 68.45 -42.04
C VAL R 64 45.64 68.09 -41.99
N GLN R 65 46.19 67.65 -43.12
CA GLN R 65 47.55 67.15 -43.18
C GLN R 65 48.20 67.52 -44.49
N VAL R 66 49.45 68.00 -44.42
CA VAL R 66 50.27 68.30 -45.60
C VAL R 66 51.52 67.44 -45.53
N LYS R 67 51.94 66.94 -46.69
CA LYS R 67 53.16 66.14 -46.81
C LYS R 67 54.13 66.81 -47.76
N ILE R 68 55.43 66.65 -47.48
CA ILE R 68 56.50 67.12 -48.34
C ILE R 68 57.40 65.94 -48.67
N GLN R 69 57.77 65.80 -49.94
CA GLN R 69 58.61 64.70 -50.38
C GLN R 69 59.60 65.23 -51.42
N ASN R 70 60.86 65.38 -51.03
CA ASN R 70 61.90 65.92 -51.89
C ASN R 70 63.00 64.89 -52.17
N PRO R 71 63.03 64.28 -53.36
CA PRO R 71 64.08 63.33 -53.69
C PRO R 71 65.33 64.02 -54.24
N THR R 72 66.38 63.22 -54.43
CA THR R 72 67.65 63.69 -54.98
C THR R 72 68.19 62.61 -55.92
N ALA R 73 68.97 63.03 -56.92
CA ALA R 73 69.40 62.16 -58.00
C ALA R 73 70.90 62.24 -58.22
N CYS R 74 71.37 61.42 -59.16
CA CYS R 74 72.75 61.37 -59.58
C CYS R 74 72.79 61.29 -61.10
N THR R 75 73.77 61.94 -61.73
CA THR R 75 73.79 61.94 -63.18
C THR R 75 74.74 60.90 -63.75
N ALA R 76 75.87 60.65 -63.09
CA ALA R 76 76.83 59.67 -63.56
C ALA R 76 76.53 58.29 -63.01
N ASN R 77 75.25 57.98 -62.81
CA ASN R 77 74.88 56.67 -62.26
C ASN R 77 74.59 55.67 -63.38
N GLY R 78 73.98 56.15 -64.48
CA GLY R 78 73.68 55.36 -65.65
C GLY R 78 74.15 56.10 -66.89
N SER R 79 74.55 57.36 -66.66
CA SER R 79 75.13 58.30 -67.62
C SER R 79 74.13 58.97 -68.58
N CYS R 80 72.83 58.72 -68.48
CA CYS R 80 71.82 59.64 -69.02
C CYS R 80 70.83 60.04 -67.94
N ASP R 81 70.24 59.04 -67.32
CA ASP R 81 68.91 58.94 -66.76
C ASP R 81 69.16 59.02 -65.27
N PRO R 82 69.03 60.20 -64.66
CA PRO R 82 69.38 60.33 -63.25
C PRO R 82 68.56 59.37 -62.42
N SER R 83 69.22 58.76 -61.45
CA SER R 83 68.59 57.78 -60.59
C SER R 83 68.47 58.40 -59.21
N VAL R 84 67.39 58.06 -58.53
CA VAL R 84 67.13 58.60 -57.20
C VAL R 84 67.99 57.84 -56.20
N THR R 85 68.79 58.58 -55.44
CA THR R 85 69.72 57.99 -54.48
C THR R 85 69.15 57.94 -53.08
N ARG R 86 68.49 59.01 -52.64
CA ARG R 86 67.88 59.07 -51.33
C ARG R 86 66.76 60.11 -51.41
N GLN R 87 65.91 60.13 -50.39
CA GLN R 87 64.82 61.09 -50.35
C GLN R 87 64.85 61.84 -49.03
N ALA R 88 64.03 62.87 -48.93
CA ALA R 88 63.89 63.64 -47.70
C ALA R 88 62.40 63.88 -47.46
N TYR R 89 61.95 63.57 -46.25
CA TYR R 89 60.52 63.51 -45.96
C TYR R 89 60.13 64.55 -44.93
N ALA R 90 58.90 65.05 -45.06
CA ALA R 90 58.31 65.96 -44.09
C ALA R 90 56.81 65.72 -44.09
N ASP R 91 56.21 65.71 -42.91
CA ASP R 91 54.78 65.51 -42.79
C ASP R 91 54.25 66.16 -41.52
N VAL R 92 53.21 66.99 -41.64
CA VAL R 92 52.54 67.58 -40.50
C VAL R 92 51.14 66.98 -40.43
N THR R 93 50.51 67.12 -39.27
CA THR R 93 49.11 66.75 -39.13
C THR R 93 48.46 67.63 -38.08
N PHE R 94 47.46 68.41 -38.50
CA PHE R 94 46.67 69.23 -37.60
C PHE R 94 45.32 68.54 -37.37
N SER R 95 44.80 68.69 -36.16
CA SER R 95 43.49 68.12 -35.83
C SER R 95 42.83 69.00 -34.80
N PHE R 96 41.75 69.66 -35.19
CA PHE R 96 41.00 70.54 -34.31
C PHE R 96 39.65 69.96 -33.98
N THR R 97 39.06 70.46 -32.89
CA THR R 97 37.77 69.97 -32.42
C THR R 97 36.66 70.46 -33.34
N GLN R 98 35.51 69.79 -33.26
CA GLN R 98 34.34 70.20 -34.04
C GLN R 98 33.89 71.60 -33.68
N TYR R 99 34.04 71.99 -32.40
CA TYR R 99 33.74 73.34 -31.94
C TYR R 99 34.93 74.29 -32.01
N SER R 100 35.92 74.02 -32.86
CA SER R 100 37.10 74.87 -32.91
C SER R 100 36.80 76.21 -33.59
N THR R 101 37.42 77.27 -33.07
CA THR R 101 37.25 78.62 -33.58
C THR R 101 38.23 78.90 -34.72
N ASP R 102 37.86 79.89 -35.54
CA ASP R 102 38.70 80.27 -36.67
C ASP R 102 40.08 80.75 -36.20
N GLU R 103 40.11 81.63 -35.20
CA GLU R 103 41.37 82.20 -34.74
C GLU R 103 42.28 81.14 -34.13
N GLU R 104 41.71 80.18 -33.38
CA GLU R 104 42.51 79.11 -32.80
C GLU R 104 43.30 78.36 -33.88
N ARG R 105 42.68 78.16 -35.04
CA ARG R 105 43.30 77.38 -36.09
C ARG R 105 44.52 78.09 -36.66
N ALA R 106 44.40 79.39 -36.93
CA ALA R 106 45.54 80.15 -37.45
C ALA R 106 46.67 80.22 -36.43
N PHE R 107 46.33 80.23 -35.13
CA PHE R 107 47.37 80.30 -34.10
C PHE R 107 48.24 79.06 -34.14
N VAL R 108 47.63 77.87 -34.20
CA VAL R 108 48.38 76.63 -34.35
C VAL R 108 49.16 76.61 -35.65
N ARG R 109 48.70 77.36 -36.64
CA ARG R 109 49.38 77.42 -37.94
C ARG R 109 50.65 78.26 -37.87
N THR R 110 50.54 79.48 -37.35
CA THR R 110 51.71 80.36 -37.27
C THR R 110 52.67 79.92 -36.17
N GLU R 111 52.15 79.28 -35.11
CA GLU R 111 53.04 78.74 -34.08
C GLU R 111 53.99 77.71 -34.69
N LEU R 112 53.47 76.84 -35.55
CA LEU R 112 54.33 75.89 -36.24
C LEU R 112 55.21 76.60 -37.27
N ALA R 113 54.66 77.62 -37.94
CA ALA R 113 55.45 78.37 -38.90
C ALA R 113 56.61 79.09 -38.23
N ALA R 114 56.37 79.73 -37.09
CA ALA R 114 57.44 80.39 -36.36
C ALA R 114 58.36 79.39 -35.67
N LEU R 115 57.81 78.28 -35.19
CA LEU R 115 58.66 77.30 -34.53
C LEU R 115 59.66 76.69 -35.50
N LEU R 116 59.34 76.67 -36.79
CA LEU R 116 60.28 76.16 -37.78
C LEU R 116 61.47 77.09 -37.97
N ALA R 117 61.45 78.30 -37.42
CA ALA R 117 62.56 79.23 -37.54
C ALA R 117 63.23 79.57 -36.21
N SER R 118 62.80 78.97 -35.11
CA SER R 118 63.37 79.22 -33.79
C SER R 118 64.73 78.51 -33.67
N PRO R 119 65.71 79.18 -33.02
CA PRO R 119 67.04 78.58 -32.83
C PRO R 119 67.02 77.11 -32.42
N LEU R 120 66.07 76.75 -31.56
CA LEU R 120 65.98 75.39 -31.03
C LEU R 120 65.70 74.38 -32.14
N LEU R 121 64.68 74.65 -32.97
CA LEU R 121 64.32 73.72 -34.03
C LEU R 121 65.33 73.72 -35.18
N ILE R 122 66.16 74.76 -35.30
CA ILE R 122 67.20 74.77 -36.34
C ILE R 122 68.19 73.63 -36.12
N ASP R 123 68.71 73.51 -34.90
CA ASP R 123 69.66 72.44 -34.62
C ASP R 123 68.99 71.08 -34.46
N ALA R 124 67.68 71.04 -34.23
CA ALA R 124 66.96 69.78 -34.21
C ALA R 124 66.77 69.22 -35.61
N ILE R 125 66.73 70.10 -36.61
CA ILE R 125 66.45 69.70 -37.98
C ILE R 125 67.73 69.61 -38.80
N ASP R 126 68.60 70.61 -38.69
CA ASP R 126 69.77 70.70 -39.55
C ASP R 126 70.94 69.89 -39.03
N GLN R 127 71.21 69.97 -37.71
CA GLN R 127 72.26 69.21 -37.07
C GLN R 127 71.74 67.95 -36.37
N LEU R 128 70.41 67.83 -36.27
CA LEU R 128 69.74 66.68 -35.68
C LEU R 128 70.33 66.35 -34.31
N ASN R 129 70.39 67.38 -33.46
CA ASN R 129 70.79 67.23 -32.08
C ASN R 129 69.66 67.71 -31.19
N PRO R 130 69.26 66.95 -30.18
CA PRO R 130 68.08 67.30 -29.41
C PRO R 130 68.29 68.54 -28.55
N ALA R 131 67.18 68.99 -27.98
CA ALA R 131 67.23 70.04 -26.96
C ALA R 131 67.87 69.49 -25.69
N TYR R 132 68.78 70.28 -25.12
CA TYR R 132 69.52 69.88 -23.93
C TYR R 132 69.67 71.05 -22.98
N ALA S 1 25.32 73.56 -62.04
CA ALA S 1 26.10 74.63 -62.65
C ALA S 1 27.38 74.89 -61.86
N LYS S 2 27.92 76.09 -62.00
CA LYS S 2 29.12 76.46 -61.28
C LYS S 2 28.80 76.68 -59.80
N LEU S 3 29.77 76.35 -58.95
CA LEU S 3 29.60 76.47 -57.49
C LEU S 3 29.77 77.94 -57.10
N GLU S 4 28.67 78.68 -57.21
CA GLU S 4 28.68 80.09 -56.89
C GLU S 4 28.24 80.29 -55.45
N THR S 5 28.26 81.54 -54.99
CA THR S 5 27.70 81.90 -53.69
C THR S 5 26.20 82.14 -53.85
N VAL S 6 25.41 81.19 -53.38
CA VAL S 6 23.97 81.25 -53.53
C VAL S 6 23.36 81.97 -52.34
N THR S 7 22.35 82.79 -52.61
CA THR S 7 21.69 83.59 -51.59
C THR S 7 20.18 83.44 -51.76
N LEU S 8 19.53 82.79 -50.80
CA LEU S 8 18.08 82.63 -50.85
C LEU S 8 17.45 83.82 -50.15
N GLY S 9 16.59 84.54 -50.86
CA GLY S 9 15.87 85.67 -50.30
C GLY S 9 14.39 85.36 -50.14
N ASN S 10 13.72 86.23 -49.39
CA ASN S 10 12.30 86.09 -49.11
C ASN S 10 12.03 84.67 -48.57
N ILE S 11 12.65 84.40 -47.42
CA ILE S 11 12.72 83.06 -46.85
C ILE S 11 12.25 83.14 -45.40
N GLY S 12 11.81 82.00 -44.88
CA GLY S 12 11.40 81.94 -43.49
C GLY S 12 9.88 81.97 -43.35
N LYS S 13 9.45 81.80 -42.11
CA LYS S 13 8.03 81.89 -41.80
C LYS S 13 7.45 83.23 -42.24
N ASP S 14 8.11 84.32 -41.85
CA ASP S 14 7.64 85.65 -42.22
C ASP S 14 7.70 85.88 -43.73
N GLY S 15 8.74 85.37 -44.39
CA GLY S 15 8.96 85.63 -45.79
C GLY S 15 9.80 86.86 -46.07
N LYS S 16 10.32 87.52 -45.03
CA LYS S 16 11.14 88.71 -45.18
C LYS S 16 12.54 88.47 -44.62
N GLN S 17 13.06 87.26 -44.79
CA GLN S 17 14.41 86.93 -44.34
C GLN S 17 15.26 86.56 -45.56
N THR S 18 16.57 86.40 -45.31
CA THR S 18 17.51 86.05 -46.34
C THR S 18 18.58 85.15 -45.73
N LEU S 19 19.21 84.35 -46.59
CA LEU S 19 20.21 83.39 -46.13
C LEU S 19 21.28 83.28 -47.21
N VAL S 20 22.54 83.53 -46.83
CA VAL S 20 23.67 83.51 -47.75
C VAL S 20 24.48 82.25 -47.48
N LEU S 21 24.82 81.53 -48.56
CA LEU S 21 25.54 80.26 -48.49
C LEU S 21 26.72 80.33 -49.45
N ASN S 22 27.92 80.46 -48.90
CA ASN S 22 29.14 80.54 -49.69
C ASN S 22 29.62 79.14 -50.11
N PRO S 23 30.27 79.04 -51.28
CA PRO S 23 30.74 77.74 -51.73
C PRO S 23 31.91 77.24 -50.90
N ARG S 24 31.97 75.92 -50.72
CA ARG S 24 33.06 75.29 -49.98
C ARG S 24 33.71 74.17 -50.78
N GLY S 25 33.46 74.12 -52.09
CA GLY S 25 34.11 73.17 -52.96
C GLY S 25 33.34 71.89 -53.13
N VAL S 26 33.95 70.96 -53.85
CA VAL S 26 33.36 69.67 -54.11
C VAL S 26 34.12 68.60 -53.32
N ASN S 27 33.52 67.43 -53.21
CA ASN S 27 34.13 66.29 -52.54
C ASN S 27 34.35 65.21 -53.60
N PRO S 28 35.53 65.18 -54.23
CA PRO S 28 35.74 64.25 -55.36
C PRO S 28 35.72 62.78 -54.97
N THR S 29 35.72 62.44 -53.68
CA THR S 29 35.60 61.06 -53.27
C THR S 29 34.14 60.66 -53.09
N ASN S 30 33.37 61.47 -52.37
CA ASN S 30 31.95 61.22 -52.18
C ASN S 30 31.14 61.64 -53.40
N GLY S 31 31.72 62.42 -54.29
CA GLY S 31 30.99 62.93 -55.44
C GLY S 31 29.84 63.84 -55.06
N VAL S 32 30.03 64.64 -54.00
CA VAL S 32 28.98 65.53 -53.51
C VAL S 32 29.58 66.92 -53.36
N ALA S 33 28.94 67.90 -53.98
CA ALA S 33 29.31 69.28 -53.74
C ALA S 33 28.64 69.76 -52.47
N SER S 34 29.28 70.71 -51.80
CA SER S 34 28.73 71.22 -50.56
C SER S 34 29.03 72.70 -50.45
N LEU S 35 28.12 73.40 -49.80
CA LEU S 35 28.31 74.83 -49.52
C LEU S 35 27.48 75.17 -48.29
N SER S 36 27.95 76.14 -47.53
CA SER S 36 27.44 76.37 -46.18
C SER S 36 27.38 77.85 -45.87
N GLN S 37 26.47 78.21 -44.99
CA GLN S 37 26.44 79.57 -44.48
C GLN S 37 27.65 79.81 -43.59
N ALA S 38 28.40 80.85 -43.89
CA ALA S 38 29.68 81.16 -43.24
C ALA S 38 29.47 81.51 -41.77
N GLY S 39 29.87 80.60 -40.87
CA GLY S 39 29.77 80.85 -39.45
C GLY S 39 31.13 80.68 -38.79
N ALA S 40 31.23 81.19 -37.56
CA ALA S 40 32.49 81.13 -36.83
C ALA S 40 32.91 79.68 -36.62
N VAL S 41 32.11 78.93 -35.86
CA VAL S 41 32.40 77.56 -35.50
C VAL S 41 31.76 76.64 -36.55
N PRO S 42 32.48 75.63 -37.06
CA PRO S 42 31.87 74.76 -38.09
C PRO S 42 30.62 74.04 -37.64
N ALA S 43 30.47 73.76 -36.35
CA ALA S 43 29.30 73.04 -35.90
C ALA S 43 28.06 73.93 -35.92
N LEU S 44 28.23 75.23 -35.65
CA LEU S 44 27.08 76.12 -35.58
C LEU S 44 26.49 76.42 -36.96
N GLU S 45 27.30 76.32 -38.01
CA GLU S 45 26.89 76.86 -39.30
C GLU S 45 25.81 76.01 -39.96
N LYS S 46 24.95 76.67 -40.73
CA LYS S 46 24.01 75.96 -41.57
C LYS S 46 24.73 75.38 -42.79
N ARG S 47 24.18 74.31 -43.36
CA ARG S 47 24.83 73.67 -44.50
C ARG S 47 23.78 73.04 -45.41
N VAL S 48 24.11 72.98 -46.71
CA VAL S 48 23.31 72.30 -47.73
C VAL S 48 24.28 71.61 -48.69
N THR S 49 23.84 70.49 -49.27
CA THR S 49 24.69 69.68 -50.14
C THR S 49 23.92 69.19 -51.36
N VAL S 50 24.54 69.29 -52.54
CA VAL S 50 23.93 68.86 -53.80
C VAL S 50 24.84 67.84 -54.47
N SER S 51 24.24 66.80 -55.07
CA SER S 51 25.01 65.76 -55.73
C SER S 51 24.19 65.10 -56.83
N VAL S 52 24.84 64.78 -57.96
CA VAL S 52 24.21 64.01 -59.03
C VAL S 52 25.09 62.80 -59.34
N SER S 53 24.45 61.66 -59.62
CA SER S 53 25.16 60.42 -59.95
C SER S 53 24.59 59.77 -61.20
N GLN S 54 25.46 59.40 -62.13
CA GLN S 54 25.10 58.65 -63.33
C GLN S 54 24.87 57.17 -62.99
N PRO S 55 24.16 56.44 -63.86
CA PRO S 55 23.85 55.04 -63.57
C PRO S 55 25.08 54.16 -63.73
N SER S 56 25.32 53.30 -62.74
CA SER S 56 26.45 52.41 -62.77
C SER S 56 25.95 50.98 -62.96
N ARG S 57 26.62 50.02 -62.35
CA ARG S 57 26.21 48.63 -62.47
C ARG S 57 25.16 48.25 -61.44
N ASN S 58 25.02 49.05 -60.38
CA ASN S 58 24.00 48.84 -59.36
C ASN S 58 22.63 49.21 -59.93
N ARG S 59 22.36 50.51 -60.09
CA ARG S 59 21.11 51.02 -60.65
C ARG S 59 21.33 51.69 -62.00
N LYS S 60 20.41 51.45 -62.93
CA LYS S 60 20.47 52.04 -64.27
C LYS S 60 19.56 53.25 -64.36
N ASN S 61 19.60 54.13 -63.35
CA ASN S 61 18.83 55.37 -63.31
C ASN S 61 19.68 56.53 -62.77
N TYR S 62 19.30 57.74 -63.16
CA TYR S 62 19.95 58.94 -62.67
C TYR S 62 19.33 59.29 -61.32
N LYS S 63 20.14 59.83 -60.41
CA LYS S 63 19.62 60.23 -59.11
C LYS S 63 20.33 61.49 -58.63
N VAL S 64 19.55 62.50 -58.25
CA VAL S 64 20.07 63.74 -57.68
C VAL S 64 19.40 63.99 -56.33
N GLN S 65 20.19 64.47 -55.37
CA GLN S 65 19.73 64.65 -53.99
C GLN S 65 20.35 65.88 -53.36
N VAL S 66 19.52 66.66 -52.65
CA VAL S 66 19.98 67.80 -51.88
C VAL S 66 19.65 67.54 -50.41
N LYS S 67 20.57 67.92 -49.52
CA LYS S 67 20.38 67.78 -48.09
C LYS S 67 20.46 69.14 -47.44
N ILE S 68 19.67 69.35 -46.39
CA ILE S 68 19.70 70.57 -45.60
C ILE S 68 19.86 70.20 -44.13
N GLN S 69 20.73 70.93 -43.43
CA GLN S 69 21.00 70.67 -42.01
C GLN S 69 21.19 72.01 -41.29
N ASN S 70 20.20 72.40 -40.49
CA ASN S 70 20.22 73.67 -39.76
C ASN S 70 20.25 73.41 -38.26
N PRO S 71 21.41 73.56 -37.60
CA PRO S 71 21.47 73.37 -36.15
C PRO S 71 21.17 74.65 -35.37
N THR S 72 21.04 74.49 -34.04
CA THR S 72 20.85 75.60 -33.12
C THR S 72 21.55 75.30 -31.81
N ALA S 73 22.03 76.36 -31.15
CA ALA S 73 22.91 76.24 -29.98
C ALA S 73 22.48 77.19 -28.85
N CYS S 74 23.14 77.05 -27.70
CA CYS S 74 22.95 77.95 -26.57
C CYS S 74 24.26 78.19 -25.82
N THR S 75 24.44 79.42 -25.34
CA THR S 75 25.68 79.80 -24.66
C THR S 75 25.58 79.88 -23.14
N ALA S 76 24.41 80.16 -22.57
CA ALA S 76 24.34 80.47 -21.14
C ALA S 76 24.58 79.24 -20.26
N ASN S 77 25.48 78.37 -20.69
CA ASN S 77 25.85 77.15 -19.98
C ASN S 77 27.36 76.97 -19.87
N GLY S 78 28.09 77.49 -20.88
CA GLY S 78 29.53 77.34 -20.94
C GLY S 78 30.25 78.66 -21.09
N SER S 79 29.48 79.74 -21.21
CA SER S 79 30.00 81.12 -21.30
C SER S 79 31.16 81.34 -22.26
N CYS S 80 31.52 80.33 -23.08
CA CYS S 80 32.56 80.55 -24.07
C CYS S 80 32.06 80.31 -25.49
N ASP S 81 31.80 79.05 -25.85
CA ASP S 81 31.36 78.69 -27.20
C ASP S 81 30.01 78.00 -27.19
N PRO S 82 29.09 78.40 -28.07
CA PRO S 82 27.78 77.74 -28.11
C PRO S 82 27.91 76.26 -28.41
N SER S 83 27.09 75.45 -27.76
CA SER S 83 27.03 74.02 -28.06
C SER S 83 25.69 73.74 -28.71
N VAL S 84 25.67 72.84 -29.68
CA VAL S 84 24.46 72.55 -30.44
C VAL S 84 23.55 71.63 -29.63
N THR S 85 22.31 72.05 -29.45
CA THR S 85 21.32 71.34 -28.63
C THR S 85 20.41 70.45 -29.45
N ARG S 86 20.01 70.90 -30.64
CA ARG S 86 19.12 70.13 -31.50
C ARG S 86 19.40 70.55 -32.93
N GLN S 87 18.92 69.75 -33.88
CA GLN S 87 19.11 70.03 -35.29
C GLN S 87 17.77 69.95 -36.01
N ALA S 88 17.79 70.37 -37.27
CA ALA S 88 16.62 70.28 -38.14
C ALA S 88 17.11 69.76 -39.48
N TYR S 89 16.45 68.73 -39.99
CA TYR S 89 16.97 68.01 -41.13
C TYR S 89 16.01 68.11 -42.32
N ALA S 90 16.60 68.12 -43.51
CA ALA S 90 15.84 68.07 -44.75
C ALA S 90 16.68 67.34 -45.77
N ASP S 91 16.04 66.46 -46.53
CA ASP S 91 16.75 65.69 -47.54
C ASP S 91 15.77 65.28 -48.63
N VAL S 92 16.11 65.59 -49.89
CA VAL S 92 15.30 65.17 -51.02
C VAL S 92 16.10 64.13 -51.79
N THR S 93 15.40 63.38 -52.62
CA THR S 93 16.06 62.48 -53.57
C THR S 93 15.19 62.35 -54.81
N PHE S 94 15.73 62.78 -55.94
CA PHE S 94 15.07 62.67 -57.23
C PHE S 94 15.68 61.50 -58.00
N SER S 95 14.87 60.84 -58.82
CA SER S 95 15.37 59.73 -59.62
C SER S 95 14.61 59.70 -60.93
N PHE S 96 15.31 60.00 -62.03
CA PHE S 96 14.73 59.99 -63.35
C PHE S 96 15.33 58.85 -64.18
N THR S 97 14.59 58.47 -65.22
CA THR S 97 15.01 57.42 -66.13
C THR S 97 16.10 57.92 -67.07
N GLN S 98 16.83 56.99 -67.68
CA GLN S 98 17.85 57.37 -68.64
C GLN S 98 17.22 58.09 -69.84
N TYR S 99 16.01 57.68 -70.23
CA TYR S 99 15.25 58.33 -71.29
C TYR S 99 14.32 59.42 -70.78
N SER S 100 14.59 60.00 -69.61
CA SER S 100 13.71 61.04 -69.10
C SER S 100 13.91 62.32 -69.90
N THR S 101 12.82 63.04 -70.14
CA THR S 101 12.90 64.27 -70.91
C THR S 101 13.25 65.45 -70.04
N ASP S 102 13.82 66.48 -70.67
CA ASP S 102 14.23 67.70 -69.96
C ASP S 102 13.03 68.38 -69.30
N GLU S 103 11.95 68.58 -70.05
CA GLU S 103 10.80 69.29 -69.50
C GLU S 103 10.16 68.53 -68.34
N GLU S 104 10.11 67.20 -68.44
CA GLU S 104 9.57 66.39 -67.34
C GLU S 104 10.27 66.70 -66.04
N ARG S 105 11.59 66.90 -66.10
CA ARG S 105 12.41 67.05 -64.90
C ARG S 105 12.07 68.34 -64.16
N ALA S 106 11.94 69.45 -64.89
CA ALA S 106 11.61 70.73 -64.25
C ALA S 106 10.24 70.67 -63.60
N PHE S 107 9.32 69.89 -64.17
CA PHE S 107 7.97 69.78 -63.61
C PHE S 107 8.04 69.17 -62.22
N VAL S 108 8.79 68.07 -62.06
CA VAL S 108 8.93 67.44 -60.75
C VAL S 108 9.60 68.40 -59.77
N ARG S 109 10.42 69.31 -60.25
CA ARG S 109 11.08 70.25 -59.36
C ARG S 109 10.15 71.39 -58.97
N THR S 110 9.48 72.00 -59.95
CA THR S 110 8.58 73.11 -59.65
C THR S 110 7.35 72.64 -58.89
N GLU S 111 6.92 71.39 -59.12
CA GLU S 111 5.84 70.81 -58.32
C GLU S 111 6.25 70.74 -56.85
N LEU S 112 7.50 70.36 -56.59
CA LEU S 112 7.99 70.32 -55.21
C LEU S 112 8.08 71.72 -54.62
N ALA S 113 8.50 72.70 -55.41
CA ALA S 113 8.58 74.07 -54.92
C ALA S 113 7.21 74.62 -54.56
N ALA S 114 6.22 74.38 -55.43
CA ALA S 114 4.87 74.84 -55.14
C ALA S 114 4.20 74.03 -54.03
N LEU S 115 4.50 72.73 -53.96
CA LEU S 115 3.89 71.90 -52.92
C LEU S 115 4.38 72.27 -51.54
N LEU S 116 5.60 72.81 -51.44
CA LEU S 116 6.10 73.27 -50.15
C LEU S 116 5.39 74.52 -49.65
N ALA S 117 4.56 75.14 -50.50
CA ALA S 117 3.82 76.34 -50.13
C ALA S 117 2.32 76.11 -50.10
N SER S 118 1.87 74.88 -50.31
CA SER S 118 0.44 74.60 -50.26
C SER S 118 -0.04 74.60 -48.81
N PRO S 119 -1.23 75.16 -48.55
CA PRO S 119 -1.78 75.16 -47.18
C PRO S 119 -1.62 73.84 -46.45
N LEU S 120 -1.75 72.73 -47.17
CA LEU S 120 -1.65 71.40 -46.56
C LEU S 120 -0.26 71.19 -45.97
N LEU S 121 0.80 71.46 -46.75
CA LEU S 121 2.15 71.26 -46.24
C LEU S 121 2.54 72.29 -45.19
N ILE S 122 1.88 73.44 -45.16
CA ILE S 122 2.15 74.42 -44.10
C ILE S 122 1.77 73.83 -42.74
N ASP S 123 0.55 73.31 -42.63
CA ASP S 123 0.12 72.70 -41.38
C ASP S 123 0.71 71.31 -41.18
N ALA S 124 1.18 70.67 -42.25
CA ALA S 124 1.88 69.40 -42.11
C ALA S 124 3.30 69.58 -41.59
N ILE S 125 3.91 70.72 -41.88
CA ILE S 125 5.30 70.98 -41.52
C ILE S 125 5.41 71.86 -40.30
N ASP S 126 4.64 72.96 -40.26
CA ASP S 126 4.82 73.95 -39.20
C ASP S 126 4.08 73.56 -37.93
N GLN S 127 2.86 73.04 -38.07
CA GLN S 127 2.08 72.58 -36.92
C GLN S 127 2.22 71.09 -36.70
N LEU S 128 2.87 70.38 -37.63
CA LEU S 128 3.11 68.95 -37.53
C LEU S 128 1.82 68.20 -37.22
N ASN S 129 0.79 68.50 -38.00
CA ASN S 129 -0.48 67.80 -37.91
C ASN S 129 -0.86 67.16 -39.24
N PRO S 130 -1.29 65.92 -39.24
CA PRO S 130 -1.61 65.24 -40.50
C PRO S 130 -2.87 65.82 -41.11
N ALA S 131 -3.17 65.39 -42.33
CA ALA S 131 -4.45 65.70 -42.91
C ALA S 131 -5.55 64.96 -42.15
N TYR S 132 -6.59 65.69 -41.76
CA TYR S 132 -7.68 65.10 -40.99
C TYR S 132 -9.03 65.64 -41.43
N ALA T 1 -3.51 70.38 -42.23
CA ALA T 1 -4.89 70.84 -42.25
C ALA T 1 -5.81 69.80 -42.88
N LYS T 2 -6.95 70.26 -43.38
CA LYS T 2 -7.90 69.38 -44.04
C LYS T 2 -7.37 68.99 -45.42
N LEU T 3 -7.71 67.77 -45.85
CA LEU T 3 -7.28 67.24 -47.15
C LEU T 3 -8.18 67.85 -48.22
N GLU T 4 -7.80 69.04 -48.68
CA GLU T 4 -8.58 69.77 -49.67
C GLU T 4 -8.05 69.49 -51.07
N THR T 5 -8.70 70.08 -52.07
CA THR T 5 -8.21 70.03 -53.45
C THR T 5 -7.18 71.13 -53.68
N VAL T 6 -5.91 70.76 -53.77
CA VAL T 6 -4.81 71.69 -53.93
C VAL T 6 -4.53 71.88 -55.41
N THR T 7 -4.19 73.11 -55.80
CA THR T 7 -3.92 73.46 -57.19
C THR T 7 -2.65 74.29 -57.24
N LEU T 8 -1.58 73.72 -57.80
CA LEU T 8 -0.31 74.41 -57.92
C LEU T 8 -0.27 75.16 -59.25
N GLY T 9 -0.03 76.47 -59.19
CA GLY T 9 0.07 77.30 -60.37
C GLY T 9 1.48 77.80 -60.60
N ASN T 10 1.69 78.36 -61.79
CA ASN T 10 2.98 78.88 -62.24
C ASN T 10 4.07 77.83 -62.04
N ILE T 11 3.90 76.72 -62.76
CA ILE T 11 4.66 75.50 -62.57
C ILE T 11 5.22 75.07 -63.91
N GLY T 12 6.28 74.28 -63.88
CA GLY T 12 6.83 73.76 -65.11
C GLY T 12 8.11 74.46 -65.54
N LYS T 13 8.68 73.93 -66.63
CA LYS T 13 9.89 74.51 -67.19
C LYS T 13 9.70 75.99 -67.53
N ASP T 14 8.65 76.30 -68.30
CA ASP T 14 8.36 77.69 -68.63
C ASP T 14 7.95 78.49 -67.40
N GLY T 15 7.20 77.87 -66.49
CA GLY T 15 6.63 78.57 -65.37
C GLY T 15 5.23 79.09 -65.61
N LYS T 16 4.63 78.74 -66.76
CA LYS T 16 3.28 79.19 -67.10
C LYS T 16 2.32 78.00 -67.22
N GLN T 17 2.48 76.99 -66.38
CA GLN T 17 1.59 75.83 -66.36
C GLN T 17 0.90 75.75 -65.00
N THR T 18 -0.08 74.85 -64.91
CA THR T 18 -0.86 74.66 -63.70
C THR T 18 -1.20 73.20 -63.53
N LEU T 19 -1.45 72.82 -62.27
CA LEU T 19 -1.70 71.42 -61.92
C LEU T 19 -2.74 71.35 -60.81
N VAL T 20 -3.83 70.63 -61.06
CA VAL T 20 -4.95 70.51 -60.12
C VAL T 20 -4.95 69.12 -59.52
N LEU T 21 -5.11 69.05 -58.19
CA LEU T 21 -5.04 67.79 -57.45
C LEU T 21 -6.22 67.65 -56.49
N ASN T 22 -7.18 66.75 -56.81
CA ASN T 22 -8.25 66.49 -55.86
C ASN T 22 -7.77 65.51 -54.78
N PRO T 23 -8.31 65.60 -53.57
CA PRO T 23 -7.87 64.69 -52.49
C PRO T 23 -8.31 63.27 -52.75
N ARG T 24 -7.49 62.32 -52.28
CA ARG T 24 -7.81 60.89 -52.41
C ARG T 24 -7.77 60.15 -51.09
N GLY T 25 -7.74 60.83 -49.95
CA GLY T 25 -7.90 60.17 -48.68
C GLY T 25 -6.59 59.71 -48.07
N VAL T 26 -6.72 59.04 -46.93
CA VAL T 26 -5.58 58.48 -46.23
C VAL T 26 -5.66 56.96 -46.34
N ASN T 27 -4.59 56.30 -45.89
CA ASN T 27 -4.53 54.85 -45.87
C ASN T 27 -4.57 54.44 -44.40
N PRO T 28 -5.74 54.11 -43.84
CA PRO T 28 -5.84 53.92 -42.40
C PRO T 28 -5.00 52.77 -41.87
N THR T 29 -4.46 51.92 -42.73
CA THR T 29 -3.50 50.91 -42.31
C THR T 29 -2.07 51.42 -42.43
N ASN T 30 -1.74 52.03 -43.57
CA ASN T 30 -0.40 52.57 -43.82
C ASN T 30 -0.17 53.90 -43.12
N GLY T 31 -1.22 54.61 -42.71
CA GLY T 31 -1.06 55.91 -42.10
C GLY T 31 -0.44 56.97 -42.99
N VAL T 32 -0.76 56.96 -44.27
CA VAL T 32 -0.20 57.90 -45.24
C VAL T 32 -1.34 58.53 -46.02
N ALA T 33 -1.35 59.86 -46.08
CA ALA T 33 -2.31 60.58 -46.90
C ALA T 33 -1.87 60.57 -48.35
N SER T 34 -2.85 60.67 -49.25
CA SER T 34 -2.58 60.64 -50.67
C SER T 34 -3.55 61.56 -51.40
N LEU T 35 -3.09 62.11 -52.51
CA LEU T 35 -3.93 62.93 -53.37
C LEU T 35 -3.34 62.91 -54.77
N SER T 36 -4.20 63.13 -55.76
CA SER T 36 -3.91 62.78 -57.15
C SER T 36 -4.40 63.88 -58.09
N GLN T 37 -3.82 63.90 -59.29
CA GLN T 37 -4.25 64.85 -60.31
C GLN T 37 -5.68 64.63 -60.78
N ALA T 38 -6.38 65.75 -60.92
CA ALA T 38 -7.72 65.77 -61.46
C ALA T 38 -7.67 65.32 -62.91
N GLY T 39 -8.80 65.40 -63.60
CA GLY T 39 -8.82 64.92 -64.96
C GLY T 39 -8.96 63.43 -65.06
N ALA T 40 -9.40 62.77 -64.00
CA ALA T 40 -9.65 61.32 -63.98
C ALA T 40 -8.37 60.56 -64.33
N VAL T 41 -8.41 59.61 -65.26
CA VAL T 41 -7.32 58.74 -65.67
C VAL T 41 -6.45 58.28 -64.50
N PRO T 42 -7.01 57.52 -63.54
CA PRO T 42 -6.20 57.02 -62.42
C PRO T 42 -5.04 56.11 -62.82
N ALA T 43 -5.07 55.53 -64.02
CA ALA T 43 -4.04 54.57 -64.40
C ALA T 43 -2.69 55.22 -64.64
N LEU T 44 -2.67 56.41 -65.25
CA LEU T 44 -1.42 57.08 -65.58
C LEU T 44 -1.27 58.40 -64.84
N GLU T 45 -2.09 58.63 -63.82
CA GLU T 45 -2.18 59.92 -63.16
C GLU T 45 -0.98 60.14 -62.25
N LYS T 46 -0.60 61.40 -62.08
CA LYS T 46 0.38 61.74 -61.08
C LYS T 46 -0.24 61.70 -59.68
N ARG T 47 0.61 61.52 -58.67
CA ARG T 47 0.15 61.46 -57.28
C ARG T 47 1.23 62.00 -56.36
N VAL T 48 0.81 62.49 -55.20
CA VAL T 48 1.71 62.93 -54.13
C VAL T 48 1.14 62.47 -52.80
N THR T 49 2.03 62.23 -51.82
CA THR T 49 1.66 61.65 -50.54
C THR T 49 2.37 62.36 -49.40
N VAL T 50 1.63 62.65 -48.32
CA VAL T 50 2.15 63.34 -47.15
C VAL T 50 1.93 62.46 -45.92
N SER T 51 2.90 62.47 -45.01
CA SER T 51 2.82 61.65 -43.80
C SER T 51 3.58 62.32 -42.67
N VAL T 52 3.01 62.28 -41.47
CA VAL T 52 3.67 62.75 -40.25
C VAL T 52 3.63 61.64 -39.20
N SER T 53 4.68 61.51 -38.41
CA SER T 53 4.75 60.49 -37.38
C SER T 53 5.10 61.08 -36.02
N GLN T 54 4.32 60.73 -34.99
CA GLN T 54 4.63 61.08 -33.61
C GLN T 54 5.76 60.18 -33.08
N PRO T 55 6.44 60.59 -32.01
CA PRO T 55 7.61 59.82 -31.56
C PRO T 55 7.19 58.53 -30.87
N SER T 56 7.76 57.41 -31.34
CA SER T 56 7.41 56.14 -30.76
C SER T 56 8.65 55.58 -30.05
N ARG T 57 8.78 54.25 -30.06
CA ARG T 57 9.91 53.56 -29.43
C ARG T 57 11.11 53.45 -30.37
N ASN T 58 10.91 53.67 -31.66
CA ASN T 58 12.03 53.65 -32.60
C ASN T 58 12.90 54.88 -32.37
N ARG T 59 12.48 56.03 -32.88
CA ARG T 59 13.14 57.30 -32.60
C ARG T 59 12.16 58.26 -31.96
N LYS T 60 12.63 59.02 -30.97
CA LYS T 60 11.78 60.03 -30.33
C LYS T 60 12.01 61.38 -30.97
N ASN T 61 11.96 61.38 -32.30
CA ASN T 61 12.06 62.54 -33.17
C ASN T 61 10.97 62.47 -34.23
N TYR T 62 10.60 63.65 -34.71
CA TYR T 62 9.50 63.80 -35.65
C TYR T 62 9.96 63.52 -37.08
N LYS T 63 9.05 63.00 -37.90
CA LYS T 63 9.31 62.77 -39.32
C LYS T 63 8.07 63.12 -40.11
N VAL T 64 8.24 64.00 -41.10
CA VAL T 64 7.23 64.32 -42.08
C VAL T 64 7.87 64.10 -43.45
N GLN T 65 7.12 63.49 -44.36
CA GLN T 65 7.70 63.09 -45.64
C GLN T 65 6.67 63.20 -46.75
N VAL T 66 7.07 63.81 -47.86
CA VAL T 66 6.24 63.92 -49.05
C VAL T 66 6.94 63.23 -50.21
N LYS T 67 6.16 62.54 -51.03
CA LYS T 67 6.66 61.88 -52.23
C LYS T 67 5.93 62.43 -53.45
N ILE T 68 6.64 62.50 -54.56
CA ILE T 68 6.08 62.89 -55.84
C ILE T 68 6.41 61.78 -56.83
N GLN T 69 5.42 61.39 -57.63
CA GLN T 69 5.60 60.30 -58.58
C GLN T 69 4.91 60.70 -59.88
N ASN T 70 5.70 61.02 -60.89
CA ASN T 70 5.14 61.47 -62.17
C ASN T 70 5.41 60.47 -63.29
N PRO T 71 4.42 59.69 -63.70
CA PRO T 71 4.62 58.79 -64.84
C PRO T 71 4.37 59.51 -66.16
N THR T 72 4.72 58.81 -67.24
CA THR T 72 4.51 59.30 -68.59
C THR T 72 4.08 58.13 -69.45
N ALA T 73 3.34 58.41 -70.52
CA ALA T 73 2.65 57.36 -71.26
C ALA T 73 2.98 57.43 -72.75
N CYS T 74 2.45 56.44 -73.49
CA CYS T 74 2.65 56.33 -74.93
C CYS T 74 1.33 55.95 -75.58
N THR T 75 1.08 56.49 -76.76
CA THR T 75 -0.22 56.28 -77.42
C THR T 75 -0.21 55.24 -78.53
N ALA T 76 0.91 55.04 -79.24
CA ALA T 76 0.89 54.17 -80.42
C ALA T 76 1.77 52.94 -80.27
N ASN T 77 2.00 52.46 -79.05
CA ASN T 77 2.72 51.23 -78.81
C ASN T 77 1.77 50.04 -78.62
N GLY T 78 0.55 50.33 -78.13
CA GLY T 78 -0.48 49.32 -77.88
C GLY T 78 -1.78 49.72 -78.56
N SER T 79 -1.75 50.91 -79.19
CA SER T 79 -2.84 51.48 -79.98
C SER T 79 -4.25 51.41 -79.40
N CYS T 80 -4.41 50.91 -78.16
CA CYS T 80 -5.72 50.94 -77.51
C CYS T 80 -5.67 51.74 -76.22
N ASP T 81 -4.97 51.27 -75.20
CA ASP T 81 -4.86 51.94 -73.90
C ASP T 81 -3.43 52.44 -73.73
N PRO T 82 -3.19 53.73 -73.54
CA PRO T 82 -1.81 54.20 -73.40
C PRO T 82 -1.12 53.57 -72.20
N SER T 83 0.14 53.19 -72.39
CA SER T 83 0.94 52.54 -71.36
C SER T 83 2.08 53.44 -70.91
N VAL T 84 2.46 53.27 -69.63
CA VAL T 84 3.54 54.06 -69.04
C VAL T 84 4.88 53.50 -69.47
N THR T 85 5.75 54.37 -70.00
CA THR T 85 7.05 53.94 -70.49
C THR T 85 8.14 54.12 -69.45
N ARG T 86 8.08 55.22 -68.70
CA ARG T 86 9.04 55.52 -67.65
C ARG T 86 8.32 56.41 -66.64
N GLN T 87 8.92 56.57 -65.48
CA GLN T 87 8.34 57.39 -64.43
C GLN T 87 9.38 58.41 -63.95
N ALA T 88 8.93 59.34 -63.11
CA ALA T 88 9.79 60.35 -62.53
C ALA T 88 9.45 60.50 -61.06
N TYR T 89 10.47 60.44 -60.22
CA TYR T 89 10.28 60.33 -58.77
C TYR T 89 10.84 61.55 -58.05
N ALA T 90 10.20 61.88 -56.94
CA ALA T 90 10.68 62.90 -56.03
C ALA T 90 10.21 62.52 -54.65
N ASP T 91 11.11 62.66 -53.66
CA ASP T 91 10.74 62.31 -52.30
C ASP T 91 11.60 63.14 -51.36
N VAL T 92 10.97 63.82 -50.40
CA VAL T 92 11.69 64.58 -49.38
C VAL T 92 11.48 63.87 -48.05
N THR T 93 12.34 64.18 -47.09
CA THR T 93 12.14 63.67 -45.74
C THR T 93 12.65 64.71 -44.76
N PHE T 94 11.74 65.23 -43.95
CA PHE T 94 12.07 66.15 -42.88
C PHE T 94 12.03 65.41 -41.55
N SER T 95 12.91 65.81 -40.64
CA SER T 95 12.95 65.21 -39.32
C SER T 95 13.43 66.27 -38.33
N PHE T 96 12.55 66.70 -37.45
CA PHE T 96 12.87 67.69 -36.44
C PHE T 96 12.86 67.05 -35.06
N THR T 97 13.57 67.69 -34.13
CA THR T 97 13.63 67.19 -32.77
C THR T 97 12.33 67.51 -32.04
N GLN T 98 12.09 66.80 -30.94
CA GLN T 98 10.92 67.06 -30.12
C GLN T 98 10.91 68.48 -29.56
N TYR T 99 12.09 69.04 -29.28
CA TYR T 99 12.20 70.41 -28.77
C TYR T 99 12.34 71.45 -29.89
N SER T 100 11.89 71.14 -31.10
CA SER T 100 12.01 72.07 -32.22
C SER T 100 10.97 73.19 -32.13
N THR T 101 11.39 74.39 -32.51
CA THR T 101 10.54 75.59 -32.53
C THR T 101 9.80 75.69 -33.85
N ASP T 102 8.68 76.43 -33.83
CA ASP T 102 7.86 76.59 -35.02
C ASP T 102 8.62 77.24 -36.17
N GLU T 103 9.30 78.36 -35.92
CA GLU T 103 9.99 79.06 -37.00
C GLU T 103 11.11 78.23 -37.58
N GLU T 104 11.84 77.50 -36.73
CA GLU T 104 12.89 76.61 -37.24
C GLU T 104 12.31 75.67 -38.29
N ARG T 105 11.10 75.19 -38.04
CA ARG T 105 10.46 74.25 -38.95
C ARG T 105 10.15 74.92 -40.27
N ALA T 106 9.56 76.13 -40.21
CA ALA T 106 9.22 76.88 -41.41
C ALA T 106 10.46 77.30 -42.19
N PHE T 107 11.56 77.60 -41.51
CA PHE T 107 12.77 78.01 -42.22
C PHE T 107 13.28 76.87 -43.10
N VAL T 108 13.37 75.66 -42.53
CA VAL T 108 13.76 74.50 -43.32
C VAL T 108 12.76 74.25 -44.44
N ARG T 109 11.53 74.70 -44.26
CA ARG T 109 10.50 74.52 -45.29
C ARG T 109 10.70 75.49 -46.45
N THR T 110 10.82 76.78 -46.16
CA THR T 110 11.01 77.75 -47.22
C THR T 110 12.41 77.68 -47.82
N GLU T 111 13.39 77.28 -47.01
CA GLU T 111 14.74 77.09 -47.55
C GLU T 111 14.73 76.06 -48.68
N LEU T 112 13.99 74.96 -48.49
CA LEU T 112 13.89 73.96 -49.55
C LEU T 112 13.11 74.50 -50.73
N ALA T 113 12.06 75.29 -50.47
CA ALA T 113 11.29 75.86 -51.56
C ALA T 113 12.13 76.85 -52.38
N ALA T 114 12.89 77.70 -51.70
CA ALA T 114 13.75 78.64 -52.41
C ALA T 114 14.95 77.94 -53.04
N LEU T 115 15.47 76.90 -52.40
CA LEU T 115 16.62 76.19 -52.95
C LEU T 115 16.26 75.44 -54.23
N LEU T 116 15.01 75.01 -54.40
CA LEU T 116 14.60 74.34 -55.62
C LEU T 116 14.54 75.28 -56.81
N ALA T 117 14.66 76.58 -56.60
CA ALA T 117 14.62 77.56 -57.67
C ALA T 117 15.94 78.30 -57.85
N SER T 118 16.96 77.97 -57.07
CA SER T 118 18.24 78.63 -57.23
C SER T 118 18.95 78.14 -58.48
N PRO T 119 19.58 79.04 -59.26
CA PRO T 119 20.31 78.65 -60.48
C PRO T 119 21.13 77.37 -60.34
N LEU T 120 21.72 77.15 -59.17
CA LEU T 120 22.53 75.95 -58.96
C LEU T 120 21.70 74.69 -59.15
N LEU T 121 20.51 74.66 -58.55
CA LEU T 121 19.62 73.50 -58.67
C LEU T 121 19.00 73.37 -60.06
N ILE T 122 19.02 74.45 -60.87
CA ILE T 122 18.49 74.35 -62.23
C ILE T 122 19.29 73.33 -63.03
N ASP T 123 20.61 73.47 -63.05
CA ASP T 123 21.45 72.54 -63.78
C ASP T 123 21.62 71.21 -63.06
N ALA T 124 21.34 71.14 -61.76
CA ALA T 124 21.38 69.87 -61.05
C ALA T 124 20.17 69.01 -61.36
N ILE T 125 19.04 69.63 -61.68
CA ILE T 125 17.79 68.91 -61.89
C ILE T 125 17.49 68.78 -63.38
N ASP T 126 17.60 69.86 -64.15
CA ASP T 126 17.18 69.82 -65.53
C ASP T 126 18.27 69.32 -66.48
N GLN T 127 19.51 69.78 -66.29
CA GLN T 127 20.62 69.34 -67.13
C GLN T 127 21.48 68.26 -66.50
N LEU T 128 21.26 67.98 -65.21
CA LEU T 128 21.94 66.91 -64.47
C LEU T 128 23.46 66.98 -64.62
N ASN T 129 24.00 68.17 -64.32
CA ASN T 129 25.43 68.33 -64.20
C ASN T 129 25.72 68.86 -62.81
N PRO T 130 26.67 68.27 -62.09
CA PRO T 130 26.87 68.64 -60.68
C PRO T 130 27.41 70.05 -60.54
N ALA T 131 27.43 70.51 -59.30
CA ALA T 131 28.13 71.75 -58.98
C ALA T 131 29.62 71.55 -59.13
N TYR T 132 30.27 72.52 -59.75
CA TYR T 132 31.71 72.45 -60.01
C TYR T 132 32.36 73.81 -59.75
N ALA U 1 -18.13 62.53 -30.58
CA ALA U 1 -18.77 63.56 -31.39
C ALA U 1 -17.77 64.20 -32.34
N LYS U 2 -18.05 65.43 -32.77
CA LYS U 2 -17.17 66.16 -33.66
C LYS U 2 -15.94 66.65 -32.89
N LEU U 3 -14.79 66.67 -33.58
CA LEU U 3 -13.53 67.12 -32.99
C LEU U 3 -13.47 68.65 -33.08
N GLU U 4 -14.07 69.28 -32.08
CA GLU U 4 -14.11 70.73 -32.01
C GLU U 4 -12.94 71.23 -31.16
N THR U 5 -12.83 72.54 -31.01
CA THR U 5 -11.88 73.12 -30.07
C THR U 5 -12.52 73.13 -28.69
N VAL U 6 -12.07 72.23 -27.83
CA VAL U 6 -12.67 72.05 -26.51
C VAL U 6 -11.93 72.95 -25.52
N THR U 7 -12.71 73.55 -24.62
CA THR U 7 -12.18 74.46 -23.60
C THR U 7 -12.80 74.10 -22.25
N LEU U 8 -11.99 73.57 -21.34
CA LEU U 8 -12.47 73.24 -20.00
C LEU U 8 -12.28 74.45 -19.10
N GLY U 9 -13.37 74.90 -18.47
CA GLY U 9 -13.34 76.02 -17.56
C GLY U 9 -13.60 75.64 -16.11
N ASN U 10 -13.34 76.59 -15.22
CA ASN U 10 -13.52 76.44 -13.78
C ASN U 10 -12.84 75.17 -13.28
N ILE U 11 -11.52 75.14 -13.46
CA ILE U 11 -10.71 73.95 -13.30
C ILE U 11 -9.53 74.31 -12.41
N GLY U 12 -8.96 73.31 -11.75
CA GLY U 12 -7.79 73.56 -10.92
C GLY U 12 -8.10 73.56 -9.44
N LYS U 13 -7.02 73.71 -8.65
CA LYS U 13 -7.17 73.77 -7.20
C LYS U 13 -8.12 74.90 -6.79
N ASP U 14 -7.87 76.12 -7.26
CA ASP U 14 -8.76 77.23 -6.94
C ASP U 14 -10.13 77.04 -7.58
N GLY U 15 -10.16 76.52 -8.79
CA GLY U 15 -11.39 76.45 -9.54
C GLY U 15 -11.62 77.68 -10.39
N LYS U 16 -10.63 78.58 -10.45
CA LYS U 16 -10.71 79.82 -11.20
C LYS U 16 -9.70 79.85 -12.33
N GLN U 17 -9.45 78.69 -12.95
CA GLN U 17 -8.56 78.56 -14.09
C GLN U 17 -9.34 78.07 -15.30
N THR U 18 -8.69 78.08 -16.45
CA THR U 18 -9.30 77.65 -17.69
C THR U 18 -8.24 76.99 -18.55
N LEU U 19 -8.68 76.10 -19.45
CA LEU U 19 -7.77 75.34 -20.28
C LEU U 19 -8.37 75.19 -21.66
N VAL U 20 -7.63 75.61 -22.68
CA VAL U 20 -8.08 75.59 -24.07
C VAL U 20 -7.31 74.48 -24.78
N LEU U 21 -8.05 73.64 -25.51
CA LEU U 21 -7.47 72.49 -26.22
C LEU U 21 -7.98 72.47 -27.66
N ASN U 22 -7.11 72.86 -28.60
CA ASN U 22 -7.43 72.82 -30.02
C ASN U 22 -7.21 71.43 -30.60
N PRO U 23 -7.99 71.05 -31.61
CA PRO U 23 -7.86 69.71 -32.20
C PRO U 23 -6.58 69.54 -33.00
N ARG U 24 -6.07 68.29 -33.00
CA ARG U 24 -4.88 67.93 -33.76
C ARG U 24 -5.11 66.73 -34.69
N GLY U 25 -6.35 66.34 -34.92
CA GLY U 25 -6.65 65.28 -35.86
C GLY U 25 -6.72 63.92 -35.23
N VAL U 26 -6.93 62.92 -36.08
CA VAL U 26 -7.03 61.54 -35.65
C VAL U 26 -5.81 60.77 -36.13
N ASN U 27 -5.61 59.59 -35.54
CA ASN U 27 -4.53 58.68 -35.92
C ASN U 27 -5.21 57.42 -36.46
N PRO U 28 -5.46 57.35 -37.77
CA PRO U 28 -6.26 56.24 -38.31
C PRO U 28 -5.60 54.88 -38.20
N THR U 29 -4.32 54.81 -37.86
CA THR U 29 -3.65 53.52 -37.64
C THR U 29 -3.80 53.08 -36.19
N ASN U 30 -3.52 53.98 -35.25
CA ASN U 30 -3.68 53.67 -33.84
C ASN U 30 -5.13 53.72 -33.41
N GLY U 31 -6.00 54.30 -34.23
CA GLY U 31 -7.40 54.46 -33.87
C GLY U 31 -7.62 55.35 -32.68
N VAL U 32 -6.82 56.41 -32.56
CA VAL U 32 -6.88 57.31 -31.41
C VAL U 32 -6.98 58.74 -31.92
N ALA U 33 -7.99 59.46 -31.45
CA ALA U 33 -8.05 60.89 -31.69
C ALA U 33 -7.17 61.59 -30.67
N SER U 34 -6.61 62.73 -31.06
CA SER U 34 -5.74 63.44 -30.15
C SER U 34 -5.92 64.93 -30.34
N LEU U 35 -5.76 65.67 -29.26
CA LEU U 35 -5.82 67.12 -29.29
C LEU U 35 -5.06 67.66 -28.09
N SER U 36 -4.52 68.85 -28.25
CA SER U 36 -3.52 69.35 -27.32
C SER U 36 -3.71 70.84 -27.10
N GLN U 37 -3.28 71.31 -25.93
CA GLN U 37 -3.22 72.74 -25.70
C GLN U 37 -2.13 73.32 -26.59
N ALA U 38 -2.48 74.34 -27.37
CA ALA U 38 -1.58 74.89 -28.38
C ALA U 38 -0.36 75.53 -27.72
N GLY U 39 0.79 74.87 -27.82
CA GLY U 39 2.01 75.37 -27.25
C GLY U 39 3.11 75.45 -28.29
N ALA U 40 4.15 76.20 -27.94
CA ALA U 40 5.26 76.44 -28.86
C ALA U 40 5.95 75.13 -29.24
N VAL U 41 6.55 74.46 -28.25
CA VAL U 41 7.35 73.26 -28.48
C VAL U 41 6.44 72.04 -28.36
N PRO U 42 6.53 71.06 -29.26
CA PRO U 42 5.67 69.88 -29.17
C PRO U 42 5.81 69.12 -27.87
N ALA U 43 6.98 69.17 -27.23
CA ALA U 43 7.17 68.44 -25.97
C ALA U 43 6.50 69.14 -24.80
N LEU U 44 6.46 70.48 -24.82
CA LEU U 44 5.94 71.24 -23.69
C LEU U 44 4.42 71.12 -23.54
N GLU U 45 3.70 70.91 -24.64
CA GLU U 45 2.26 71.11 -24.63
C GLU U 45 1.52 70.01 -23.87
N LYS U 46 0.40 70.38 -23.25
CA LYS U 46 -0.49 69.41 -22.65
C LYS U 46 -1.24 68.68 -23.76
N ARG U 47 -1.69 67.46 -23.47
CA ARG U 47 -2.40 66.68 -24.48
C ARG U 47 -3.41 65.76 -23.80
N VAL U 48 -4.49 65.46 -24.52
CA VAL U 48 -5.49 64.48 -24.10
C VAL U 48 -5.88 63.67 -25.33
N THR U 49 -6.25 62.40 -25.11
CA THR U 49 -6.52 61.47 -26.21
C THR U 49 -7.75 60.64 -25.91
N VAL U 50 -8.62 60.48 -26.90
CA VAL U 50 -9.85 59.70 -26.78
C VAL U 50 -9.86 58.62 -27.86
N SER U 51 -10.31 57.42 -27.49
CA SER U 51 -10.34 56.30 -28.41
C SER U 51 -11.45 55.32 -28.02
N VAL U 52 -12.15 54.79 -29.03
CA VAL U 52 -13.15 53.74 -28.82
C VAL U 52 -12.84 52.58 -29.76
N SER U 53 -13.06 51.35 -29.27
CA SER U 53 -12.82 50.15 -30.07
C SER U 53 -14.00 49.18 -30.00
N GLN U 54 -14.46 48.70 -31.17
CA GLN U 54 -15.49 47.67 -31.27
C GLN U 54 -14.92 46.27 -30.99
N PRO U 55 -15.76 45.31 -30.62
CA PRO U 55 -15.28 43.98 -30.21
C PRO U 55 -14.89 43.08 -31.38
N SER U 56 -13.77 42.36 -31.21
CA SER U 56 -13.32 41.38 -32.21
C SER U 56 -13.23 39.97 -31.63
N ARG U 57 -12.19 39.23 -32.06
CA ARG U 57 -11.87 37.90 -31.54
C ARG U 57 -11.04 38.02 -30.27
N ASN U 58 -10.38 39.17 -30.11
CA ASN U 58 -9.58 39.43 -28.92
C ASN U 58 -10.47 39.53 -27.70
N ARG U 59 -11.52 40.37 -27.79
CA ARG U 59 -12.47 40.52 -26.69
C ARG U 59 -13.78 41.06 -27.24
N LYS U 60 -14.88 40.45 -26.83
CA LYS U 60 -16.20 40.85 -27.29
C LYS U 60 -16.87 41.79 -26.29
N ASN U 61 -16.11 42.81 -25.89
CA ASN U 61 -16.55 43.88 -25.01
C ASN U 61 -16.14 45.24 -25.55
N TYR U 62 -16.97 46.25 -25.29
CA TYR U 62 -16.69 47.60 -25.73
C TYR U 62 -15.73 48.24 -24.75
N LYS U 63 -14.80 49.04 -25.25
CA LYS U 63 -13.87 49.73 -24.35
C LYS U 63 -13.49 51.09 -24.92
N VAL U 64 -13.66 52.13 -24.10
CA VAL U 64 -13.27 53.50 -24.42
C VAL U 64 -12.37 54.03 -23.31
N GLN U 65 -11.33 54.77 -23.69
CA GLN U 65 -10.33 55.23 -22.74
C GLN U 65 -9.85 56.62 -23.14
N VAL U 66 -9.68 57.49 -22.15
CA VAL U 66 -9.09 58.81 -22.34
C VAL U 66 -7.83 58.89 -21.48
N LYS U 67 -6.79 59.49 -22.04
CA LYS U 67 -5.53 59.67 -21.34
C LYS U 67 -5.23 61.17 -21.26
N ILE U 68 -4.58 61.57 -20.17
CA ILE U 68 -4.17 62.95 -19.96
C ILE U 68 -2.66 62.96 -19.67
N GLN U 69 -1.96 63.91 -20.28
CA GLN U 69 -0.50 64.03 -20.13
C GLN U 69 -0.15 65.50 -19.99
N ASN U 70 0.22 65.91 -18.78
CA ASN U 70 0.55 67.31 -18.49
C ASN U 70 2.03 67.43 -18.13
N PRO U 71 2.88 67.91 -19.03
CA PRO U 71 4.29 68.10 -18.70
C PRO U 71 4.54 69.43 -18.00
N THR U 72 5.76 69.56 -17.48
CA THR U 72 6.22 70.78 -16.84
C THR U 72 7.70 70.95 -17.14
N ALA U 73 8.15 72.21 -17.14
CA ALA U 73 9.50 72.55 -17.59
C ALA U 73 10.20 73.46 -16.58
N CYS U 74 11.45 73.75 -16.89
CA CYS U 74 12.29 74.67 -16.12
C CYS U 74 13.04 75.50 -17.15
N THR U 75 13.25 76.79 -16.83
CA THR U 75 13.69 77.73 -17.85
C THR U 75 15.20 77.98 -17.88
N ALA U 76 15.91 77.87 -16.76
CA ALA U 76 17.32 78.24 -16.77
C ALA U 76 18.24 77.03 -16.58
N ASN U 77 17.81 75.84 -16.99
CA ASN U 77 18.67 74.67 -16.93
C ASN U 77 19.32 74.43 -18.28
N GLY U 78 18.56 74.67 -19.36
CA GLY U 78 19.08 74.67 -20.70
C GLY U 78 19.37 76.08 -21.11
N SER U 79 18.95 77.01 -20.25
CA SER U 79 19.17 78.45 -20.39
C SER U 79 18.96 78.95 -21.81
N CYS U 80 17.99 78.34 -22.50
CA CYS U 80 17.58 78.82 -23.82
C CYS U 80 16.19 78.28 -24.12
N ASP U 81 16.10 76.97 -24.27
CA ASP U 81 14.82 76.30 -24.53
C ASP U 81 14.53 75.53 -23.25
N PRO U 82 13.46 75.85 -22.53
CA PRO U 82 13.17 75.11 -21.31
C PRO U 82 12.92 73.64 -21.61
N SER U 83 13.41 72.78 -20.73
CA SER U 83 13.27 71.34 -20.91
C SER U 83 12.28 70.79 -19.89
N VAL U 84 11.61 69.72 -20.28
CA VAL U 84 10.60 69.11 -19.42
C VAL U 84 11.27 68.31 -18.32
N THR U 85 10.92 68.61 -17.07
CA THR U 85 11.54 67.98 -15.92
C THR U 85 10.73 66.81 -15.40
N ARG U 86 9.41 66.91 -15.39
CA ARG U 86 8.55 65.84 -14.93
C ARG U 86 7.21 65.99 -15.62
N GLN U 87 6.40 64.94 -15.55
CA GLN U 87 5.09 64.92 -16.15
C GLN U 87 4.05 64.51 -15.11
N ALA U 88 2.78 64.59 -15.52
CA ALA U 88 1.66 64.17 -14.69
C ALA U 88 0.73 63.36 -15.57
N TYR U 89 0.37 62.18 -15.10
CA TYR U 89 -0.33 61.22 -15.93
C TYR U 89 -1.72 60.97 -15.38
N ALA U 90 -2.65 60.71 -16.31
CA ALA U 90 -4.01 60.33 -15.98
C ALA U 90 -4.49 59.41 -17.08
N ASP U 91 -5.17 58.33 -16.70
CA ASP U 91 -5.68 57.39 -17.69
C ASP U 91 -6.91 56.70 -17.13
N VAL U 92 -8.02 56.77 -17.87
CA VAL U 92 -9.23 56.06 -17.51
C VAL U 92 -9.45 55.00 -18.57
N THR U 93 -10.28 54.02 -18.23
CA THR U 93 -10.70 53.02 -19.21
C THR U 93 -12.09 52.55 -18.83
N PHE U 94 -13.04 52.76 -19.73
CA PHE U 94 -14.41 52.28 -19.57
C PHE U 94 -14.59 51.02 -20.39
N SER U 95 -15.43 50.12 -19.90
CA SER U 95 -15.72 48.89 -20.64
C SER U 95 -17.15 48.49 -20.33
N PHE U 96 -18.01 48.56 -21.33
CA PHE U 96 -19.42 48.21 -21.20
C PHE U 96 -19.71 46.95 -22.00
N THR U 97 -20.83 46.32 -21.65
CA THR U 97 -21.26 45.10 -22.31
C THR U 97 -21.77 45.41 -23.72
N GLN U 98 -21.82 44.39 -24.56
CA GLN U 98 -22.34 44.56 -25.91
C GLN U 98 -23.81 44.96 -25.85
N TYR U 99 -24.56 44.40 -24.89
CA TYR U 99 -25.95 44.75 -24.64
C TYR U 99 -26.12 45.84 -23.59
N SER U 100 -25.11 46.68 -23.36
CA SER U 100 -25.20 47.68 -22.29
C SER U 100 -26.17 48.79 -22.68
N THR U 101 -26.89 49.31 -21.70
CA THR U 101 -27.88 50.34 -21.96
C THR U 101 -27.27 51.73 -22.02
N ASP U 102 -27.99 52.61 -22.70
CA ASP U 102 -27.54 54.00 -22.82
C ASP U 102 -27.44 54.67 -21.45
N GLU U 103 -28.49 54.52 -20.62
CA GLU U 103 -28.47 55.17 -19.31
C GLU U 103 -27.38 54.63 -18.40
N GLU U 104 -27.14 53.31 -18.45
CA GLU U 104 -26.04 52.73 -17.66
C GLU U 104 -24.73 53.41 -18.00
N ARG U 105 -24.54 53.74 -19.28
CA ARG U 105 -23.28 54.33 -19.73
C ARG U 105 -23.10 55.72 -19.13
N ALA U 106 -24.15 56.54 -19.16
CA ALA U 106 -24.07 57.88 -18.59
C ALA U 106 -23.89 57.83 -17.08
N PHE U 107 -24.43 56.81 -16.42
CA PHE U 107 -24.28 56.70 -14.97
C PHE U 107 -22.81 56.55 -14.61
N VAL U 108 -22.13 55.60 -15.26
CA VAL U 108 -20.69 55.41 -15.05
C VAL U 108 -19.90 56.64 -15.45
N ARG U 109 -20.45 57.45 -16.37
CA ARG U 109 -19.75 58.64 -16.83
C ARG U 109 -19.81 59.73 -15.77
N THR U 110 -21.02 60.05 -15.29
CA THR U 110 -21.15 61.07 -14.26
C THR U 110 -20.70 60.57 -12.89
N GLU U 111 -20.81 59.26 -12.64
CA GLU U 111 -20.30 58.72 -11.37
C GLU U 111 -18.81 58.98 -11.22
N LEU U 112 -18.05 58.81 -12.30
CA LEU U 112 -16.62 59.10 -12.23
C LEU U 112 -16.38 60.59 -12.08
N ALA U 113 -17.16 61.42 -12.78
CA ALA U 113 -16.99 62.87 -12.66
C ALA U 113 -17.34 63.35 -11.26
N ALA U 114 -18.44 62.84 -10.70
CA ALA U 114 -18.83 63.23 -9.34
C ALA U 114 -17.88 62.65 -8.31
N LEU U 115 -17.38 61.44 -8.53
CA LEU U 115 -16.44 60.85 -7.59
C LEU U 115 -15.11 61.60 -7.57
N LEU U 116 -14.76 62.26 -8.69
CA LEU U 116 -13.54 63.05 -8.74
C LEU U 116 -13.64 64.32 -7.91
N ALA U 117 -14.82 64.67 -7.39
CA ALA U 117 -14.98 65.86 -6.59
C ALA U 117 -15.37 65.59 -5.14
N SER U 118 -15.46 64.32 -4.74
CA SER U 118 -15.83 63.94 -3.38
C SER U 118 -14.64 64.18 -2.44
N PRO U 119 -14.90 64.65 -1.21
CA PRO U 119 -13.83 64.86 -0.23
C PRO U 119 -12.79 63.76 -0.19
N LEU U 120 -13.24 62.51 -0.36
CA LEU U 120 -12.33 61.37 -0.31
C LEU U 120 -11.29 61.45 -1.42
N LEU U 121 -11.72 61.70 -2.65
CA LEU U 121 -10.79 61.76 -3.78
C LEU U 121 -9.90 63.00 -3.75
N ILE U 122 -10.30 64.04 -3.01
CA ILE U 122 -9.41 65.20 -2.88
C ILE U 122 -8.14 64.80 -2.15
N ASP U 123 -8.29 64.15 -1.00
CA ASP U 123 -7.11 63.72 -0.24
C ASP U 123 -6.43 62.50 -0.85
N ALA U 124 -7.12 61.74 -1.69
CA ALA U 124 -6.48 60.63 -2.38
C ALA U 124 -5.58 61.12 -3.51
N ILE U 125 -5.93 62.25 -4.11
CA ILE U 125 -5.22 62.76 -5.27
C ILE U 125 -4.31 63.93 -4.90
N ASP U 126 -4.83 64.88 -4.13
CA ASP U 126 -4.13 66.12 -3.85
C ASP U 126 -3.17 65.99 -2.68
N GLN U 127 -3.62 65.35 -1.60
CA GLN U 127 -2.79 65.14 -0.42
C GLN U 127 -2.17 63.74 -0.39
N LEU U 128 -2.61 62.87 -1.31
CA LEU U 128 -2.07 61.52 -1.51
C LEU U 128 -1.98 60.73 -0.21
N ASN U 129 -3.07 60.71 0.54
CA ASN U 129 -3.17 59.84 1.70
C ASN U 129 -4.37 58.93 1.56
N PRO U 130 -4.24 57.63 1.81
CA PRO U 130 -5.37 56.72 1.59
C PRO U 130 -6.47 56.98 2.60
N ALA U 131 -7.61 56.35 2.36
CA ALA U 131 -8.66 56.36 3.36
C ALA U 131 -8.23 55.53 4.57
N TYR U 132 -8.38 56.10 5.76
CA TYR U 132 -7.97 55.39 6.97
C TYR U 132 -9.00 55.66 8.06
N ALA V 1 -8.57 60.77 2.68
CA ALA V 1 -9.25 61.28 3.87
C ALA V 1 -9.86 60.16 4.70
N LYS V 2 -10.84 60.50 5.51
CA LYS V 2 -11.58 59.51 6.27
C LYS V 2 -12.51 58.75 5.33
N LEU V 3 -12.71 57.47 5.62
CA LEU V 3 -13.61 56.65 4.80
C LEU V 3 -15.04 56.96 5.28
N GLU V 4 -15.59 58.03 4.72
CA GLU V 4 -16.90 58.51 5.11
C GLU V 4 -17.99 57.93 4.21
N THR V 5 -19.23 58.28 4.51
CA THR V 5 -20.37 57.93 3.66
C THR V 5 -20.48 58.96 2.54
N VAL V 6 -20.11 58.56 1.33
CA VAL V 6 -20.10 59.46 0.18
C VAL V 6 -21.46 59.42 -0.50
N THR V 7 -21.94 60.59 -0.92
CA THR V 7 -23.22 60.74 -1.59
C THR V 7 -23.03 61.64 -2.81
N LEU V 8 -23.10 61.05 -3.99
CA LEU V 8 -22.95 61.82 -5.23
C LEU V 8 -24.31 62.32 -5.69
N GLY V 9 -24.43 63.64 -5.88
CA GLY V 9 -25.63 64.26 -6.37
C GLY V 9 -25.46 64.80 -7.78
N ASN V 10 -26.60 65.15 -8.38
CA ASN V 10 -26.66 65.67 -9.74
C ASN V 10 -25.93 64.74 -10.71
N ILE V 11 -26.41 63.50 -10.74
CA ILE V 11 -25.72 62.41 -11.42
C ILE V 11 -26.71 61.67 -12.32
N GLY V 12 -26.18 61.03 -13.35
CA GLY V 12 -27.02 60.22 -14.22
C GLY V 12 -27.30 60.90 -15.54
N LYS V 13 -27.99 60.14 -16.40
CA LYS V 13 -28.39 60.65 -17.71
C LYS V 13 -29.23 61.92 -17.56
N ASP V 14 -30.28 61.85 -16.71
CA ASP V 14 -31.11 63.02 -16.49
C ASP V 14 -30.33 64.14 -15.82
N GLY V 15 -29.43 63.79 -14.90
CA GLY V 15 -28.73 64.77 -14.11
C GLY V 15 -29.47 65.13 -12.85
N LYS V 16 -30.57 64.45 -12.58
CA LYS V 16 -31.43 64.71 -11.42
C LYS V 16 -31.46 63.52 -10.49
N GLN V 17 -30.37 62.77 -10.38
CA GLN V 17 -30.32 61.60 -9.53
C GLN V 17 -29.24 61.74 -8.46
N THR V 18 -29.23 60.79 -7.52
CA THR V 18 -28.31 60.79 -6.40
C THR V 18 -27.92 59.35 -6.09
N LEU V 19 -26.76 59.20 -5.45
CA LEU V 19 -26.20 57.88 -5.16
C LEU V 19 -25.50 57.92 -3.81
N VAL V 20 -25.92 57.05 -2.89
CA VAL V 20 -25.40 56.99 -1.53
C VAL V 20 -24.52 55.75 -1.40
N LEU V 21 -23.33 55.93 -0.84
CA LEU V 21 -22.33 54.87 -0.70
C LEU V 21 -21.79 54.82 0.72
N ASN V 22 -22.20 53.79 1.50
CA ASN V 22 -21.59 53.69 2.82
C ASN V 22 -20.23 53.01 2.74
N PRO V 23 -19.31 53.37 3.64
CA PRO V 23 -17.96 52.79 3.60
C PRO V 23 -17.94 51.32 3.98
N ARG V 24 -16.98 50.60 3.39
CA ARG V 24 -16.79 49.19 3.70
C ARG V 24 -15.34 48.89 4.13
N GLY V 25 -14.54 49.90 4.44
CA GLY V 25 -13.22 49.63 4.98
C GLY V 25 -12.18 49.46 3.89
N VAL V 26 -10.98 49.07 4.33
CA VAL V 26 -9.89 48.81 3.41
C VAL V 26 -9.68 47.30 3.39
N ASN V 27 -8.83 46.86 2.48
CA ASN V 27 -8.49 45.44 2.34
C ASN V 27 -7.06 45.33 2.84
N PRO V 28 -6.87 44.98 4.12
CA PRO V 28 -5.52 45.08 4.71
C PRO V 28 -4.48 44.20 4.06
N THR V 29 -4.87 43.27 3.19
CA THR V 29 -3.92 42.52 2.40
C THR V 29 -3.67 43.20 1.06
N ASN V 30 -4.74 43.61 0.37
CA ASN V 30 -4.63 44.28 -0.91
C ASN V 30 -4.25 45.75 -0.78
N GLY V 31 -4.42 46.34 0.40
CA GLY V 31 -4.14 47.76 0.57
C GLY V 31 -5.03 48.66 -0.26
N VAL V 32 -6.29 48.30 -0.43
CA VAL V 32 -7.23 49.06 -1.25
C VAL V 32 -8.49 49.30 -0.42
N ALA V 33 -8.91 50.55 -0.35
CA ALA V 33 -10.16 50.88 0.29
C ALA V 33 -11.33 50.58 -0.63
N SER V 34 -12.48 50.28 -0.03
CA SER V 34 -13.67 49.93 -0.79
C SER V 34 -14.90 50.48 -0.07
N LEU V 35 -15.90 50.83 -0.87
CA LEU V 35 -17.18 51.30 -0.35
C LEU V 35 -18.23 51.06 -1.44
N SER V 36 -19.47 50.90 -1.03
CA SER V 36 -20.50 50.35 -1.90
C SER V 36 -21.80 51.12 -1.72
N GLN V 37 -22.62 51.05 -2.76
CA GLN V 37 -23.95 51.67 -2.74
C GLN V 37 -24.81 51.06 -1.64
N ALA V 38 -25.47 51.91 -0.86
CA ALA V 38 -26.29 51.38 0.21
C ALA V 38 -27.40 50.53 -0.41
N GLY V 39 -27.14 49.24 -0.54
CA GLY V 39 -28.11 48.33 -1.13
C GLY V 39 -28.30 47.10 -0.26
N ALA V 40 -29.39 46.40 -0.53
CA ALA V 40 -29.72 45.21 0.24
C ALA V 40 -28.69 44.10 0.04
N VAL V 41 -28.57 43.61 -1.19
CA VAL V 41 -27.78 42.43 -1.52
C VAL V 41 -26.33 42.75 -1.88
N PRO V 42 -25.36 42.02 -1.31
CA PRO V 42 -23.95 42.26 -1.68
C PRO V 42 -23.68 42.02 -3.15
N ALA V 43 -24.39 41.09 -3.78
CA ALA V 43 -24.16 40.80 -5.19
C ALA V 43 -24.76 41.87 -6.10
N LEU V 44 -25.91 42.41 -5.71
CA LEU V 44 -26.63 43.39 -6.54
C LEU V 44 -25.96 44.76 -6.56
N GLU V 45 -25.25 45.11 -5.49
CA GLU V 45 -24.87 46.50 -5.25
C GLU V 45 -23.75 47.01 -6.17
N LYS V 46 -23.80 48.31 -6.43
CA LYS V 46 -22.67 48.98 -7.07
C LYS V 46 -21.54 49.15 -6.05
N ARG V 47 -20.32 49.27 -6.55
CA ARG V 47 -19.18 49.44 -5.66
C ARG V 47 -18.08 50.21 -6.37
N VAL V 48 -17.25 50.91 -5.58
CA VAL V 48 -16.07 51.60 -6.06
C VAL V 48 -14.94 51.36 -5.08
N THR V 49 -13.70 51.40 -5.58
CA THR V 49 -12.53 51.09 -4.77
C THR V 49 -11.43 52.10 -5.06
N VAL V 50 -10.78 52.60 -4.01
CA VAL V 50 -9.76 53.62 -4.10
C VAL V 50 -8.47 53.10 -3.46
N SER V 51 -7.33 53.43 -4.08
CA SER V 51 -6.05 52.99 -3.55
C SER V 51 -4.97 54.01 -3.93
N VAL V 52 -4.06 54.28 -2.99
CA VAL V 52 -2.90 55.11 -3.24
C VAL V 52 -1.66 54.27 -2.88
N SER V 53 -0.61 54.39 -3.68
CA SER V 53 0.59 53.58 -3.48
C SER V 53 1.86 54.41 -3.43
N GLN V 54 2.70 54.15 -2.43
CA GLN V 54 4.02 54.75 -2.30
C GLN V 54 5.00 54.11 -3.31
N PRO V 55 6.10 54.79 -3.63
CA PRO V 55 6.99 54.26 -4.67
C PRO V 55 7.84 53.08 -4.21
N SER V 56 8.09 52.17 -5.14
CA SER V 56 8.90 50.99 -4.91
C SER V 56 10.15 51.04 -5.79
N ARG V 57 10.81 49.90 -5.92
CA ARG V 57 11.99 49.79 -6.78
C ARG V 57 11.60 49.46 -8.21
N ASN V 58 10.41 48.89 -8.40
CA ASN V 58 9.91 48.59 -9.74
C ASN V 58 9.49 49.87 -10.44
N ARG V 59 8.92 50.81 -9.69
CA ARG V 59 8.57 52.13 -10.19
C ARG V 59 8.69 53.08 -9.02
N LYS V 60 9.45 54.17 -9.18
CA LYS V 60 9.64 55.13 -8.10
C LYS V 60 8.79 56.37 -8.31
N ASN V 61 7.49 56.15 -8.54
CA ASN V 61 6.50 57.20 -8.68
C ASN V 61 5.28 56.88 -7.84
N TYR V 62 4.47 57.90 -7.60
CA TYR V 62 3.25 57.72 -6.86
C TYR V 62 2.19 57.26 -7.84
N LYS V 63 1.29 56.38 -7.38
CA LYS V 63 0.19 55.90 -8.24
C LYS V 63 -1.08 55.74 -7.40
N VAL V 64 -2.15 56.40 -7.84
CA VAL V 64 -3.46 56.31 -7.24
C VAL V 64 -4.47 55.94 -8.33
N GLN V 65 -5.38 55.02 -8.00
CA GLN V 65 -6.32 54.52 -8.98
C GLN V 65 -7.65 54.18 -8.31
N VAL V 66 -8.74 54.57 -8.95
CA VAL V 66 -10.09 54.25 -8.50
C VAL V 66 -10.77 53.40 -9.57
N LYS V 67 -11.54 52.43 -9.13
CA LYS V 67 -12.28 51.55 -10.02
C LYS V 67 -13.77 51.70 -9.73
N ILE V 68 -14.58 51.58 -10.77
CA ILE V 68 -16.03 51.61 -10.64
C ILE V 68 -16.59 50.34 -11.28
N GLN V 69 -17.54 49.72 -10.60
CA GLN V 69 -18.13 48.46 -11.05
C GLN V 69 -19.63 48.51 -10.78
N ASN V 70 -20.42 48.70 -11.84
CA ASN V 70 -21.87 48.80 -11.72
C ASN V 70 -22.52 47.59 -12.37
N PRO V 71 -22.96 46.60 -11.61
CA PRO V 71 -23.66 45.47 -12.21
C PRO V 71 -25.14 45.76 -12.38
N THR V 72 -25.81 44.87 -13.11
CA THR V 72 -27.24 44.95 -13.31
C THR V 72 -27.80 43.53 -13.34
N ALA V 73 -29.08 43.41 -12.96
CA ALA V 73 -29.69 42.12 -12.69
C ALA V 73 -31.02 41.99 -13.45
N CYS V 74 -31.64 40.83 -13.28
CA CYS V 74 -32.93 40.50 -13.87
C CYS V 74 -33.79 39.85 -12.79
N THR V 75 -35.08 40.17 -12.78
CA THR V 75 -35.95 39.72 -11.69
C THR V 75 -36.86 38.55 -12.02
N ALA V 76 -37.30 38.37 -13.27
CA ALA V 76 -38.31 37.37 -13.57
C ALA V 76 -37.79 36.22 -14.43
N ASN V 77 -36.49 35.93 -14.34
CA ASN V 77 -35.87 34.82 -15.06
C ASN V 77 -35.75 33.59 -14.17
N GLY V 78 -35.62 33.78 -12.86
CA GLY V 78 -35.48 32.71 -11.89
C GLY V 78 -36.56 32.89 -10.83
N SER V 79 -37.31 33.98 -11.01
CA SER V 79 -38.46 34.42 -10.22
C SER V 79 -38.26 34.32 -8.71
N CYS V 80 -37.05 34.04 -8.23
CA CYS V 80 -36.81 34.03 -6.79
C CYS V 80 -35.70 35.01 -6.39
N ASP V 81 -34.46 34.76 -6.79
CA ASP V 81 -33.31 35.59 -6.43
C ASP V 81 -32.78 36.28 -7.69
N PRO V 82 -32.74 37.61 -7.75
CA PRO V 82 -32.23 38.27 -8.96
C PRO V 82 -30.78 37.89 -9.25
N SER V 83 -30.50 37.65 -10.52
CA SER V 83 -29.17 37.26 -10.98
C SER V 83 -28.56 38.37 -11.85
N VAL V 84 -27.23 38.49 -11.79
CA VAL V 84 -26.51 39.51 -12.53
C VAL V 84 -26.37 39.08 -13.99
N THR V 85 -26.79 39.95 -14.91
CA THR V 85 -26.76 39.65 -16.34
C THR V 85 -25.54 40.24 -17.04
N ARG V 86 -25.16 41.47 -16.69
CA ARG V 86 -24.02 42.12 -17.30
C ARG V 86 -23.51 43.16 -16.30
N GLN V 87 -22.31 43.67 -16.57
CA GLN V 87 -21.71 44.66 -15.70
C GLN V 87 -21.25 45.87 -16.52
N ALA V 88 -20.83 46.92 -15.83
CA ALA V 88 -20.29 48.12 -16.44
C ALA V 88 -19.06 48.54 -15.65
N TYR V 89 -17.95 48.76 -16.34
CA TYR V 89 -16.66 48.96 -15.69
C TYR V 89 -16.13 50.36 -15.94
N ALA V 90 -15.38 50.85 -14.96
CA ALA V 90 -14.66 52.11 -15.06
C ALA V 90 -13.42 52.00 -14.19
N ASP V 91 -12.31 52.53 -14.70
CA ASP V 91 -11.07 52.49 -13.94
C ASP V 91 -10.18 53.64 -14.38
N VAL V 92 -9.69 54.40 -13.41
CA VAL V 92 -8.74 55.49 -13.67
C VAL V 92 -7.40 55.06 -13.09
N THR V 93 -6.35 55.73 -13.54
CA THR V 93 -5.03 55.54 -12.94
C THR V 93 -4.23 56.83 -13.06
N PHE V 94 -3.89 57.41 -11.92
CA PHE V 94 -3.02 58.59 -11.86
C PHE V 94 -1.62 58.18 -11.41
N SER V 95 -0.63 58.87 -11.92
CA SER V 95 0.75 58.61 -11.52
C SER V 95 1.54 59.92 -11.61
N PHE V 96 1.96 60.43 -10.46
CA PHE V 96 2.74 61.65 -10.41
C PHE V 96 4.16 61.33 -9.94
N THR V 97 5.08 62.24 -10.29
CA THR V 97 6.48 62.10 -9.90
C THR V 97 6.63 62.45 -8.42
N GLN V 98 7.77 62.03 -7.85
CA GLN V 98 8.08 62.37 -6.47
C GLN V 98 8.17 63.89 -6.30
N TYR V 99 8.61 64.61 -7.33
CA TYR V 99 8.70 66.05 -7.31
C TYR V 99 7.45 66.75 -7.82
N SER V 100 6.29 66.08 -7.76
CA SER V 100 5.06 66.69 -8.24
C SER V 100 4.53 67.74 -7.27
N THR V 101 4.00 68.83 -7.81
CA THR V 101 3.45 69.92 -7.03
C THR V 101 2.00 69.68 -6.66
N ASP V 102 1.54 70.37 -5.61
CA ASP V 102 0.16 70.22 -5.15
C ASP V 102 -0.84 70.61 -6.24
N GLU V 103 -0.67 71.79 -6.85
CA GLU V 103 -1.61 72.24 -7.87
C GLU V 103 -1.59 71.33 -9.10
N GLU V 104 -0.41 70.85 -9.49
CA GLU V 104 -0.32 69.91 -10.61
C GLU V 104 -1.23 68.73 -10.37
N ARG V 105 -1.28 68.25 -9.12
CA ARG V 105 -2.07 67.08 -8.80
C ARG V 105 -3.56 67.37 -8.95
N ALA V 106 -4.01 68.49 -8.38
CA ALA V 106 -5.41 68.89 -8.48
C ALA V 106 -5.79 69.24 -9.92
N PHE V 107 -4.85 69.80 -10.69
CA PHE V 107 -5.15 70.21 -12.05
C PHE V 107 -5.50 69.00 -12.91
N VAL V 108 -4.68 67.94 -12.84
CA VAL V 108 -4.98 66.70 -13.53
C VAL V 108 -6.26 66.06 -13.00
N ARG V 109 -6.62 66.37 -11.75
CA ARG V 109 -7.82 65.81 -11.15
C ARG V 109 -9.07 66.47 -11.73
N THR V 110 -9.10 67.80 -11.72
CA THR V 110 -10.26 68.50 -12.25
C THR V 110 -10.30 68.44 -13.78
N GLU V 111 -9.14 68.29 -14.42
CA GLU V 111 -9.14 68.12 -15.87
C GLU V 111 -9.92 66.89 -16.28
N LEU V 112 -9.74 65.78 -15.56
CA LEU V 112 -10.51 64.58 -15.84
C LEU V 112 -11.98 64.79 -15.49
N ALA V 113 -12.25 65.50 -14.38
CA ALA V 113 -13.63 65.79 -14.01
C ALA V 113 -14.31 66.68 -15.04
N ALA V 114 -13.60 67.73 -15.50
CA ALA V 114 -14.16 68.60 -16.52
C ALA V 114 -14.20 67.92 -17.89
N LEU V 115 -13.22 67.08 -18.19
CA LEU V 115 -13.21 66.38 -19.48
C LEU V 115 -14.37 65.39 -19.57
N LEU V 116 -14.85 64.88 -18.44
CA LEU V 116 -15.99 63.96 -18.44
C LEU V 116 -17.30 64.64 -18.80
N ALA V 117 -17.33 65.97 -18.89
CA ALA V 117 -18.56 66.70 -19.21
C ALA V 117 -18.48 67.43 -20.55
N SER V 118 -17.39 67.28 -21.28
CA SER V 118 -17.26 67.94 -22.57
C SER V 118 -18.13 67.24 -23.62
N PRO V 119 -18.78 67.98 -24.51
CA PRO V 119 -19.58 67.38 -25.59
C PRO V 119 -18.92 66.19 -26.25
N LEU V 120 -17.60 66.28 -26.41
CA LEU V 120 -16.85 65.22 -27.07
C LEU V 120 -16.95 63.91 -26.31
N LEU V 121 -16.75 63.95 -25.00
CA LEU V 121 -16.82 62.75 -24.19
C LEU V 121 -18.24 62.22 -24.02
N ILE V 122 -19.26 63.05 -24.25
CA ILE V 122 -20.64 62.54 -24.16
C ILE V 122 -20.89 61.48 -25.22
N ASP V 123 -20.59 61.79 -26.48
CA ASP V 123 -20.79 60.82 -27.55
C ASP V 123 -19.71 59.74 -27.58
N ALA V 124 -18.56 59.98 -26.97
CA ALA V 124 -17.54 58.94 -26.88
C ALA V 124 -17.90 57.90 -25.83
N ILE V 125 -18.66 58.30 -24.81
CA ILE V 125 -18.99 57.42 -23.70
C ILE V 125 -20.41 56.87 -23.83
N ASP V 126 -21.37 57.75 -24.12
CA ASP V 126 -22.79 57.38 -24.10
C ASP V 126 -23.26 56.80 -25.44
N GLN V 127 -22.86 57.41 -26.55
CA GLN V 127 -23.20 56.94 -27.89
C GLN V 127 -22.07 56.13 -28.53
N LEU V 128 -20.92 56.09 -27.86
CA LEU V 128 -19.77 55.29 -28.25
C LEU V 128 -19.38 55.51 -29.71
N ASN V 129 -19.25 56.77 -30.08
CA ASN V 129 -18.68 57.12 -31.38
C ASN V 129 -17.49 58.04 -31.16
N PRO V 130 -16.37 57.78 -31.80
CA PRO V 130 -15.15 58.53 -31.51
C PRO V 130 -15.19 59.97 -31.97
N ALA V 131 -14.15 60.71 -31.63
CA ALA V 131 -13.96 62.04 -32.19
C ALA V 131 -13.72 61.95 -33.69
N TYR V 132 -14.39 62.84 -34.42
CA TYR V 132 -14.36 62.81 -35.88
C TYR V 132 -14.21 64.22 -36.44
N ALA W 1 -41.76 41.27 -60.51
CA ALA W 1 -42.95 41.22 -61.37
C ALA W 1 -42.61 40.63 -62.73
N LYS W 2 -43.42 40.97 -63.73
CA LYS W 2 -43.19 40.52 -65.08
C LYS W 2 -41.95 41.21 -65.65
N LEU W 3 -41.24 40.50 -66.51
CA LEU W 3 -39.99 41.00 -67.08
C LEU W 3 -40.33 41.99 -68.19
N GLU W 4 -40.55 43.24 -67.79
CA GLU W 4 -40.93 44.29 -68.73
C GLU W 4 -39.71 45.03 -69.22
N THR W 5 -39.92 45.98 -70.14
CA THR W 5 -38.87 46.87 -70.62
C THR W 5 -38.77 48.08 -69.68
N VAL W 6 -37.73 48.11 -68.86
CA VAL W 6 -37.53 49.17 -67.88
C VAL W 6 -36.66 50.26 -68.47
N THR W 7 -36.96 51.52 -68.11
CA THR W 7 -36.24 52.69 -68.61
C THR W 7 -35.91 53.57 -67.41
N LEU W 8 -34.64 53.66 -67.06
CA LEU W 8 -34.18 54.47 -65.94
C LEU W 8 -33.85 55.90 -66.38
N GLY W 9 -34.45 56.87 -65.68
CA GLY W 9 -34.19 58.28 -65.91
C GLY W 9 -33.37 58.87 -64.77
N ASN W 10 -32.89 60.10 -65.01
CA ASN W 10 -32.03 60.82 -64.08
C ASN W 10 -30.82 59.95 -63.72
N ILE W 11 -30.04 59.63 -64.74
CA ILE W 11 -28.98 58.64 -64.62
C ILE W 11 -27.71 59.29 -65.15
N GLY W 12 -26.55 58.80 -64.71
CA GLY W 12 -25.30 59.29 -65.26
C GLY W 12 -24.54 60.26 -64.36
N LYS W 13 -23.33 60.62 -64.82
CA LYS W 13 -22.50 61.57 -64.09
C LYS W 13 -23.22 62.87 -63.84
N ASP W 14 -23.77 63.49 -64.90
CA ASP W 14 -24.56 64.70 -64.71
C ASP W 14 -25.84 64.41 -63.94
N GLY W 15 -26.42 63.22 -64.16
CA GLY W 15 -27.71 62.88 -63.62
C GLY W 15 -28.87 63.18 -64.54
N LYS W 16 -28.57 63.59 -65.78
CA LYS W 16 -29.58 63.95 -66.77
C LYS W 16 -29.49 63.06 -68.02
N GLN W 17 -29.23 61.76 -67.82
CA GLN W 17 -29.22 60.78 -68.90
C GLN W 17 -30.34 59.75 -68.67
N THR W 18 -30.47 58.85 -69.64
CA THR W 18 -31.49 57.80 -69.58
C THR W 18 -30.92 56.52 -70.16
N LEU W 19 -31.50 55.39 -69.72
CA LEU W 19 -31.02 54.07 -70.09
C LEU W 19 -32.20 53.14 -70.26
N VAL W 20 -32.32 52.52 -71.44
CA VAL W 20 -33.43 51.63 -71.76
C VAL W 20 -32.91 50.20 -71.76
N LEU W 21 -33.64 49.30 -71.10
CA LEU W 21 -33.22 47.91 -70.92
C LEU W 21 -34.36 46.98 -71.31
N ASN W 22 -34.23 46.32 -72.46
CA ASN W 22 -35.20 45.34 -72.92
C ASN W 22 -34.94 43.99 -72.24
N PRO W 23 -35.98 43.20 -72.03
CA PRO W 23 -35.80 41.89 -71.37
C PRO W 23 -35.05 40.92 -72.26
N ARG W 24 -34.28 40.04 -71.62
CA ARG W 24 -33.52 39.02 -72.33
C ARG W 24 -33.82 37.61 -71.82
N GLY W 25 -34.92 37.43 -71.08
CA GLY W 25 -35.37 36.12 -70.69
C GLY W 25 -34.83 35.64 -69.36
N VAL W 26 -35.18 34.40 -69.04
CA VAL W 26 -34.75 33.74 -67.82
C VAL W 26 -33.74 32.65 -68.17
N ASN W 27 -33.06 32.13 -67.14
CA ASN W 27 -32.09 31.07 -67.31
C ASN W 27 -32.61 29.83 -66.59
N PRO W 28 -33.26 28.89 -67.29
CA PRO W 28 -33.93 27.78 -66.59
C PRO W 28 -32.98 26.87 -65.83
N THR W 29 -31.67 27.00 -66.01
CA THR W 29 -30.71 26.28 -65.18
C THR W 29 -30.31 27.08 -63.95
N ASN W 30 -29.93 28.35 -64.17
CA ASN W 30 -29.50 29.23 -63.08
C ASN W 30 -30.68 29.81 -62.29
N GLY W 31 -31.89 29.79 -62.84
CA GLY W 31 -32.99 30.43 -62.16
C GLY W 31 -32.75 31.91 -61.99
N VAL W 32 -32.12 32.54 -62.98
CA VAL W 32 -31.72 33.94 -62.93
C VAL W 32 -32.26 34.64 -64.17
N ALA W 33 -32.97 35.74 -63.95
CA ALA W 33 -33.42 36.58 -65.05
C ALA W 33 -32.30 37.51 -65.52
N SER W 34 -32.38 37.90 -66.79
CA SER W 34 -31.38 38.77 -67.38
C SER W 34 -32.08 39.69 -68.36
N LEU W 35 -31.56 40.91 -68.49
CA LEU W 35 -32.06 41.88 -69.46
C LEU W 35 -30.96 42.88 -69.75
N SER W 36 -31.02 43.46 -70.96
CA SER W 36 -29.88 44.21 -71.47
C SER W 36 -30.33 45.44 -72.24
N GLN W 37 -29.48 46.45 -72.25
CA GLN W 37 -29.68 47.61 -73.10
C GLN W 37 -29.41 47.24 -74.57
N ALA W 38 -30.34 47.55 -75.45
CA ALA W 38 -30.25 47.19 -76.85
C ALA W 38 -29.10 47.92 -77.54
N GLY W 39 -28.06 47.16 -77.94
CA GLY W 39 -26.91 47.73 -78.60
C GLY W 39 -26.67 47.07 -79.95
N ALA W 40 -25.81 47.72 -80.75
CA ALA W 40 -25.51 47.22 -82.08
C ALA W 40 -24.89 45.83 -82.01
N VAL W 41 -23.70 45.73 -81.42
CA VAL W 41 -22.99 44.47 -81.28
C VAL W 41 -23.37 43.89 -79.92
N PRO W 42 -23.72 42.60 -79.84
CA PRO W 42 -24.16 42.04 -78.54
C PRO W 42 -23.11 42.12 -77.45
N ALA W 43 -21.82 42.09 -77.77
CA ALA W 43 -20.80 42.10 -76.73
C ALA W 43 -20.66 43.47 -76.07
N LEU W 44 -20.80 44.53 -76.86
CA LEU W 44 -20.57 45.87 -76.33
C LEU W 44 -21.69 46.31 -75.40
N GLU W 45 -22.90 45.77 -75.58
CA GLU W 45 -24.07 46.35 -74.93
C GLU W 45 -24.06 46.05 -73.43
N LYS W 46 -24.67 46.97 -72.68
CA LYS W 46 -24.83 46.80 -71.23
C LYS W 46 -25.88 45.74 -70.92
N ARG W 47 -25.76 45.14 -69.74
CA ARG W 47 -26.73 44.15 -69.29
C ARG W 47 -26.74 44.11 -67.77
N VAL W 48 -27.90 43.73 -67.21
CA VAL W 48 -28.07 43.55 -65.77
C VAL W 48 -28.90 42.30 -65.53
N THR W 49 -28.71 41.68 -64.37
CA THR W 49 -29.38 40.41 -64.06
C THR W 49 -29.93 40.44 -62.65
N VAL W 50 -31.17 39.97 -62.50
CA VAL W 50 -31.86 39.94 -61.20
C VAL W 50 -32.29 38.51 -60.93
N SER W 51 -32.16 38.08 -59.67
CA SER W 51 -32.51 36.72 -59.30
C SER W 51 -32.95 36.73 -57.84
N VAL W 52 -33.95 35.90 -57.52
CA VAL W 52 -34.37 35.71 -56.15
C VAL W 52 -34.21 34.23 -55.83
N SER W 53 -34.87 33.77 -54.77
CA SER W 53 -34.83 32.38 -54.34
C SER W 53 -36.27 31.89 -54.36
N GLN W 54 -36.48 30.69 -54.90
CA GLN W 54 -37.83 30.18 -55.12
C GLN W 54 -38.55 29.88 -53.82
N PRO W 55 -39.59 30.61 -53.50
CA PRO W 55 -40.32 30.43 -52.23
C PRO W 55 -41.19 29.19 -52.25
N SER W 56 -40.66 28.03 -51.84
CA SER W 56 -41.42 26.80 -51.87
C SER W 56 -41.59 26.22 -50.47
N ARG W 57 -40.69 25.33 -50.03
CA ARG W 57 -40.83 24.62 -48.76
C ARG W 57 -40.23 25.36 -47.57
N ASN W 58 -39.39 24.67 -46.81
CA ASN W 58 -38.77 25.25 -45.62
C ASN W 58 -37.68 26.22 -46.05
N ARG W 59 -37.62 27.36 -45.39
CA ARG W 59 -36.57 28.30 -45.74
C ARG W 59 -36.31 29.28 -44.60
N LYS W 60 -35.07 29.28 -44.13
CA LYS W 60 -34.56 30.25 -43.17
C LYS W 60 -33.57 31.20 -43.83
N ASN W 61 -33.31 31.01 -45.12
CA ASN W 61 -32.40 31.85 -45.90
C ASN W 61 -33.00 32.24 -47.24
N TYR W 62 -33.43 33.50 -47.36
CA TYR W 62 -33.90 34.06 -48.63
C TYR W 62 -32.77 34.90 -49.20
N LYS W 63 -32.60 34.89 -50.53
CA LYS W 63 -31.52 35.68 -51.13
C LYS W 63 -31.94 36.24 -52.47
N VAL W 64 -31.72 37.55 -52.65
CA VAL W 64 -31.93 38.25 -53.91
C VAL W 64 -30.63 38.95 -54.28
N GLN W 65 -30.29 38.89 -55.56
CA GLN W 65 -29.00 39.41 -56.03
C GLN W 65 -29.17 40.05 -57.40
N VAL W 66 -28.60 41.24 -57.57
CA VAL W 66 -28.60 41.94 -58.85
C VAL W 66 -27.15 42.14 -59.27
N LYS W 67 -26.90 41.99 -60.56
CA LYS W 67 -25.59 42.24 -61.15
C LYS W 67 -25.72 43.29 -62.24
N ILE W 68 -24.68 44.11 -62.38
CA ILE W 68 -24.58 45.08 -63.46
C ILE W 68 -23.26 44.86 -64.16
N GLN W 69 -23.27 44.86 -65.48
CA GLN W 69 -22.06 44.62 -66.26
C GLN W 69 -22.08 45.58 -67.45
N ASN W 70 -21.26 46.62 -67.37
CA ASN W 70 -21.18 47.65 -68.40
C ASN W 70 -19.81 47.62 -69.06
N PRO W 71 -19.68 47.07 -70.25
CA PRO W 71 -18.38 47.08 -70.93
C PRO W 71 -18.14 48.37 -71.71
N THR W 72 -16.91 48.49 -72.19
CA THR W 72 -16.50 49.57 -73.06
C THR W 72 -15.53 49.00 -74.08
N ALA W 73 -15.52 49.57 -75.27
CA ALA W 73 -14.79 48.99 -76.38
C ALA W 73 -13.94 50.05 -77.06
N CYS W 74 -13.09 49.59 -77.98
CA CYS W 74 -12.25 50.46 -78.78
C CYS W 74 -12.15 49.88 -80.18
N THR W 75 -12.03 50.75 -81.17
CA THR W 75 -11.88 50.30 -82.55
C THR W 75 -10.39 50.35 -82.83
N ALA W 76 -9.69 49.26 -82.51
CA ALA W 76 -8.23 49.28 -82.61
C ALA W 76 -7.84 49.35 -84.08
N ASN W 77 -6.84 50.18 -84.37
CA ASN W 77 -6.37 50.54 -85.72
C ASN W 77 -6.57 49.55 -86.87
N GLY W 78 -6.51 48.25 -86.63
CA GLY W 78 -6.57 47.36 -87.78
C GLY W 78 -7.62 46.29 -87.80
N SER W 79 -8.71 46.49 -87.08
CA SER W 79 -9.82 45.55 -87.10
C SER W 79 -11.05 46.25 -87.67
N CYS W 80 -11.99 45.44 -88.13
CA CYS W 80 -13.26 45.94 -88.61
C CYS W 80 -14.36 45.56 -87.63
N ASP W 81 -13.98 44.78 -86.62
CA ASP W 81 -14.84 44.39 -85.51
C ASP W 81 -14.28 45.06 -84.27
N PRO W 82 -14.96 46.03 -83.68
CA PRO W 82 -14.45 46.65 -82.46
C PRO W 82 -14.43 45.62 -81.33
N SER W 83 -13.37 45.65 -80.53
CA SER W 83 -13.24 44.72 -79.42
C SER W 83 -13.34 45.47 -78.11
N VAL W 84 -13.88 44.78 -77.11
CA VAL W 84 -14.03 45.35 -75.78
C VAL W 84 -12.68 45.32 -75.09
N THR W 85 -12.24 46.47 -74.57
CA THR W 85 -10.93 46.45 -73.96
C THR W 85 -11.02 46.12 -72.49
N ARG W 86 -12.01 46.67 -71.79
CA ARG W 86 -12.19 46.30 -70.40
C ARG W 86 -13.63 46.62 -70.00
N GLN W 87 -14.04 46.10 -68.83
CA GLN W 87 -15.40 46.16 -68.32
C GLN W 87 -15.46 46.78 -66.93
N ALA W 88 -16.69 47.01 -66.46
CA ALA W 88 -16.96 47.54 -65.13
C ALA W 88 -18.10 46.75 -64.50
N TYR W 89 -17.90 46.30 -63.27
CA TYR W 89 -18.77 45.32 -62.65
C TYR W 89 -19.47 45.91 -61.43
N ALA W 90 -20.70 45.47 -61.19
CA ALA W 90 -21.42 45.83 -59.97
C ALA W 90 -22.40 44.74 -59.62
N ASP W 91 -22.47 44.36 -58.34
CA ASP W 91 -23.46 43.36 -57.92
C ASP W 91 -23.77 43.51 -56.43
N VAL W 92 -25.06 43.46 -56.10
CA VAL W 92 -25.49 43.47 -54.70
C VAL W 92 -26.00 42.09 -54.34
N THR W 93 -26.11 41.84 -53.04
CA THR W 93 -26.73 40.60 -52.56
C THR W 93 -27.42 40.89 -51.24
N PHE W 94 -28.75 40.72 -51.23
CA PHE W 94 -29.55 40.84 -50.02
C PHE W 94 -29.92 39.44 -49.53
N SER W 95 -30.05 39.30 -48.21
CA SER W 95 -30.43 38.01 -47.65
C SER W 95 -31.26 38.24 -46.39
N PHE W 96 -32.54 37.88 -46.45
CA PHE W 96 -33.45 38.01 -45.32
C PHE W 96 -33.88 36.65 -44.79
N THR W 97 -34.33 36.66 -43.53
CA THR W 97 -34.77 35.51 -42.74
C THR W 97 -36.17 35.01 -43.14
N GLN W 98 -36.57 33.90 -42.52
CA GLN W 98 -37.91 33.35 -42.74
C GLN W 98 -38.97 34.36 -42.35
N TYR W 99 -38.79 34.92 -41.16
CA TYR W 99 -39.76 35.77 -40.49
C TYR W 99 -39.57 37.22 -40.84
N SER W 100 -38.94 37.50 -41.97
CA SER W 100 -38.63 38.87 -42.35
C SER W 100 -39.92 39.58 -42.74
N THR W 101 -40.03 40.83 -42.30
CA THR W 101 -41.20 41.64 -42.55
C THR W 101 -41.08 42.35 -43.89
N ASP W 102 -42.23 42.71 -44.44
CA ASP W 102 -42.25 43.44 -45.70
C ASP W 102 -41.50 44.77 -45.56
N GLU W 103 -41.78 45.52 -44.49
CA GLU W 103 -41.16 46.83 -44.30
C GLU W 103 -39.66 46.75 -44.12
N GLU W 104 -39.15 45.76 -43.37
CA GLU W 104 -37.71 45.64 -43.20
C GLU W 104 -37.00 45.58 -44.55
N ARG W 105 -37.61 44.86 -45.49
CA ARG W 105 -36.99 44.64 -46.79
C ARG W 105 -36.91 45.94 -47.57
N ALA W 106 -38.00 46.71 -47.58
CA ALA W 106 -38.00 48.00 -48.26
C ALA W 106 -37.01 48.96 -47.63
N PHE W 107 -36.79 48.84 -46.32
CA PHE W 107 -35.85 49.72 -45.63
C PHE W 107 -34.43 49.51 -46.18
N VAL W 108 -34.02 48.23 -46.28
CA VAL W 108 -32.71 47.91 -46.86
C VAL W 108 -32.64 48.31 -48.32
N ARG W 109 -33.78 48.37 -49.01
CA ARG W 109 -33.77 48.73 -50.41
C ARG W 109 -33.52 50.23 -50.61
N THR W 110 -34.31 51.05 -49.93
CA THR W 110 -34.16 52.49 -50.08
C THR W 110 -32.91 53.00 -49.38
N GLU W 111 -32.49 52.35 -48.29
CA GLU W 111 -31.27 52.77 -47.62
C GLU W 111 -30.07 52.69 -48.57
N LEU W 112 -30.00 51.64 -49.36
CA LEU W 112 -28.92 51.53 -50.34
C LEU W 112 -29.08 52.56 -51.45
N ALA W 113 -30.32 52.79 -51.89
CA ALA W 113 -30.56 53.77 -52.94
C ALA W 113 -30.20 55.18 -52.50
N ALA W 114 -30.59 55.58 -51.28
CA ALA W 114 -30.21 56.89 -50.79
C ALA W 114 -28.72 56.96 -50.48
N LEU W 115 -28.14 55.84 -50.02
CA LEU W 115 -26.71 55.82 -49.72
C LEU W 115 -25.88 55.96 -50.98
N LEU W 116 -26.40 55.53 -52.14
CA LEU W 116 -25.68 55.69 -53.39
C LEU W 116 -25.64 57.13 -53.86
N ALA W 117 -26.39 58.04 -53.24
CA ALA W 117 -26.40 59.44 -53.63
C ALA W 117 -25.85 60.36 -52.54
N SER W 118 -25.42 59.81 -51.40
CA SER W 118 -24.85 60.58 -50.30
C SER W 118 -23.42 61.00 -50.64
N PRO W 119 -23.03 62.22 -50.24
CA PRO W 119 -21.64 62.70 -50.47
C PRO W 119 -20.57 61.65 -50.21
N LEU W 120 -20.80 60.82 -49.19
CA LEU W 120 -19.81 59.80 -48.83
C LEU W 120 -19.57 58.82 -49.96
N LEU W 121 -20.65 58.25 -50.52
CA LEU W 121 -20.51 57.29 -51.61
C LEU W 121 -20.16 57.94 -52.94
N ILE W 122 -20.39 59.24 -53.09
CA ILE W 122 -19.97 59.93 -54.31
C ILE W 122 -18.45 59.88 -54.45
N ASP W 123 -17.74 60.25 -53.39
CA ASP W 123 -16.28 60.21 -53.39
C ASP W 123 -15.73 58.80 -53.21
N ALA W 124 -16.53 57.86 -52.70
CA ALA W 124 -16.10 56.48 -52.58
C ALA W 124 -16.12 55.75 -53.92
N ILE W 125 -17.02 56.15 -54.81
CA ILE W 125 -17.20 55.46 -56.08
C ILE W 125 -16.57 56.23 -57.22
N ASP W 126 -16.80 57.54 -57.29
CA ASP W 126 -16.40 58.36 -58.42
C ASP W 126 -14.95 58.82 -58.31
N GLN W 127 -14.52 59.20 -57.10
CA GLN W 127 -13.16 59.63 -56.85
C GLN W 127 -12.28 58.52 -56.29
N LEU W 128 -12.88 57.38 -55.95
CA LEU W 128 -12.18 56.19 -55.46
C LEU W 128 -11.27 56.54 -54.28
N ASN W 129 -11.84 57.25 -53.31
CA ASN W 129 -11.14 57.56 -52.07
C ASN W 129 -11.99 57.08 -50.89
N PRO W 130 -11.40 56.39 -49.93
CA PRO W 130 -12.21 55.79 -48.85
C PRO W 130 -12.79 56.83 -47.91
N ALA W 131 -13.70 56.34 -47.07
CA ALA W 131 -14.06 57.08 -45.87
C ALA W 131 -12.86 57.05 -44.93
N TYR W 132 -12.50 58.19 -44.39
CA TYR W 132 -11.27 58.27 -43.60
C TYR W 132 -11.38 59.12 -42.34
N ALA X 1 -14.84 60.12 -49.01
CA ALA X 1 -14.40 61.39 -48.44
C ALA X 1 -14.17 61.29 -46.93
N LYS X 2 -14.26 62.44 -46.25
CA LYS X 2 -14.09 62.46 -44.81
C LYS X 2 -15.31 61.82 -44.16
N LEU X 3 -15.08 61.14 -43.04
CA LEU X 3 -16.15 60.40 -42.35
C LEU X 3 -16.96 61.36 -41.50
N GLU X 4 -17.92 62.03 -42.13
CA GLU X 4 -18.80 62.94 -41.42
C GLU X 4 -20.11 62.23 -41.08
N THR X 5 -21.01 62.94 -40.40
CA THR X 5 -22.32 62.40 -40.03
C THR X 5 -23.31 62.54 -41.19
N VAL X 6 -23.66 61.40 -41.79
CA VAL X 6 -24.55 61.34 -42.95
C VAL X 6 -26.00 61.19 -42.51
N THR X 7 -26.91 61.84 -43.23
CA THR X 7 -28.35 61.80 -42.95
C THR X 7 -29.09 61.52 -44.27
N LEU X 8 -29.68 60.33 -44.36
CA LEU X 8 -30.42 59.92 -45.55
C LEU X 8 -31.90 60.28 -45.43
N GLY X 9 -32.42 60.97 -46.46
CA GLY X 9 -33.82 61.33 -46.52
C GLY X 9 -34.54 60.50 -47.59
N ASN X 10 -35.87 60.61 -47.55
CA ASN X 10 -36.76 59.85 -48.45
C ASN X 10 -36.45 58.35 -48.38
N ILE X 11 -36.70 57.81 -47.20
CA ILE X 11 -36.29 56.45 -46.87
C ILE X 11 -37.53 55.72 -46.37
N GLY X 12 -37.55 54.40 -46.52
CA GLY X 12 -38.64 53.62 -45.98
C GLY X 12 -39.65 53.20 -47.04
N LYS X 13 -40.59 52.36 -46.59
CA LYS X 13 -41.69 51.93 -47.46
C LYS X 13 -42.47 53.13 -47.98
N ASP X 14 -42.88 54.02 -47.06
CA ASP X 14 -43.63 55.20 -47.45
C ASP X 14 -42.79 56.13 -48.31
N GLY X 15 -41.51 56.23 -48.01
CA GLY X 15 -40.63 57.18 -48.66
C GLY X 15 -40.55 58.52 -47.95
N LYS X 16 -41.17 58.65 -46.78
CA LYS X 16 -41.16 59.87 -46.00
C LYS X 16 -40.50 59.69 -44.64
N GLN X 17 -39.45 58.88 -44.56
CA GLN X 17 -38.71 58.69 -43.33
C GLN X 17 -37.29 59.20 -43.50
N THR X 18 -36.54 59.19 -42.39
CA THR X 18 -35.16 59.67 -42.40
C THR X 18 -34.33 58.81 -41.46
N LEU X 19 -33.02 58.79 -41.72
CA LEU X 19 -32.09 57.94 -40.99
C LEU X 19 -30.77 58.68 -40.83
N VAL X 20 -30.32 58.85 -39.59
CA VAL X 20 -29.11 59.58 -39.25
C VAL X 20 -28.03 58.57 -38.85
N LEU X 21 -26.83 58.75 -39.41
CA LEU X 21 -25.73 57.80 -39.22
C LEU X 21 -24.47 58.54 -38.79
N ASN X 22 -24.10 58.40 -37.50
CA ASN X 22 -22.86 59.00 -37.01
C ASN X 22 -21.65 58.12 -37.33
N PRO X 23 -20.49 58.73 -37.54
CA PRO X 23 -19.29 57.94 -37.85
C PRO X 23 -18.80 57.13 -36.67
N ARG X 24 -18.21 55.96 -36.96
CA ARG X 24 -17.66 55.09 -35.95
C ARG X 24 -16.20 54.71 -36.19
N GLY X 25 -15.51 55.41 -37.07
CA GLY X 25 -14.08 55.21 -37.26
C GLY X 25 -13.77 54.18 -38.32
N VAL X 26 -12.47 53.93 -38.47
CA VAL X 26 -11.96 52.98 -39.43
C VAL X 26 -11.40 51.77 -38.68
N ASN X 27 -11.12 50.71 -39.43
CA ASN X 27 -10.57 49.48 -38.88
C ASN X 27 -9.15 49.30 -39.40
N PRO X 28 -8.12 49.70 -38.65
CA PRO X 28 -6.75 49.68 -39.21
C PRO X 28 -6.24 48.30 -39.57
N THR X 29 -6.95 47.23 -39.21
CA THR X 29 -6.57 45.89 -39.63
C THR X 29 -7.23 45.52 -40.96
N ASN X 30 -8.56 45.66 -41.03
CA ASN X 30 -9.30 45.34 -42.24
C ASN X 30 -9.24 46.47 -43.28
N GLY X 31 -8.85 47.67 -42.88
CA GLY X 31 -8.86 48.80 -43.79
C GLY X 31 -10.27 49.16 -44.25
N VAL X 32 -11.25 49.08 -43.35
CA VAL X 32 -12.64 49.33 -43.68
C VAL X 32 -13.19 50.38 -42.72
N ALA X 33 -13.80 51.42 -43.26
CA ALA X 33 -14.50 52.39 -42.45
C ALA X 33 -15.88 51.88 -42.08
N SER X 34 -16.38 52.35 -40.94
CA SER X 34 -17.68 51.93 -40.45
C SER X 34 -18.36 53.11 -39.77
N LEU X 35 -19.69 53.12 -39.86
CA LEU X 35 -20.51 54.12 -39.19
C LEU X 35 -21.90 53.57 -38.99
N SER X 36 -22.59 54.06 -37.96
CA SER X 36 -23.81 53.43 -37.51
C SER X 36 -24.81 54.47 -37.06
N GLN X 37 -26.09 54.13 -37.20
CA GLN X 37 -27.16 54.95 -36.64
C GLN X 37 -27.17 54.82 -35.12
N ALA X 38 -27.15 55.95 -34.43
CA ALA X 38 -27.07 55.97 -32.97
C ALA X 38 -28.32 55.37 -32.34
N GLY X 39 -28.19 54.20 -31.70
CA GLY X 39 -29.30 53.53 -31.07
C GLY X 39 -29.01 53.30 -29.59
N ALA X 40 -30.05 52.93 -28.85
CA ALA X 40 -29.94 52.75 -27.41
C ALA X 40 -28.90 51.69 -27.06
N VAL X 41 -29.19 50.44 -27.42
CA VAL X 41 -28.31 49.31 -27.15
C VAL X 41 -27.44 49.08 -28.39
N PRO X 42 -26.14 48.84 -28.25
CA PRO X 42 -25.29 48.67 -29.44
C PRO X 42 -25.75 47.60 -30.40
N ALA X 43 -26.42 46.56 -29.91
CA ALA X 43 -26.91 45.51 -30.81
C ALA X 43 -28.11 46.00 -31.60
N LEU X 44 -28.90 46.90 -31.01
CA LEU X 44 -30.12 47.39 -31.63
C LEU X 44 -29.84 48.26 -32.85
N GLU X 45 -28.71 48.96 -32.89
CA GLU X 45 -28.51 50.00 -33.89
C GLU X 45 -28.23 49.41 -35.27
N LYS X 46 -28.67 50.15 -36.29
CA LYS X 46 -28.33 49.82 -37.67
C LYS X 46 -26.88 50.19 -37.95
N ARG X 47 -26.30 49.56 -38.98
CA ARG X 47 -24.90 49.81 -39.30
C ARG X 47 -24.67 49.66 -40.79
N VAL X 48 -23.68 50.40 -41.30
CA VAL X 48 -23.20 50.28 -42.68
C VAL X 48 -21.68 50.41 -42.66
N THR X 49 -21.03 49.77 -43.63
CA THR X 49 -19.57 49.75 -43.69
C THR X 49 -19.14 49.94 -45.14
N VAL X 50 -18.17 50.82 -45.36
CA VAL X 50 -17.66 51.13 -46.69
C VAL X 50 -16.17 50.87 -46.71
N SER X 51 -15.68 50.32 -47.81
CA SER X 51 -14.27 49.98 -47.95
C SER X 51 -13.90 50.07 -49.42
N VAL X 52 -12.69 50.55 -49.68
CA VAL X 52 -12.18 50.56 -51.05
C VAL X 52 -10.89 49.76 -51.04
N SER X 53 -10.07 49.97 -52.06
CA SER X 53 -8.74 49.40 -52.18
C SER X 53 -7.82 50.60 -52.27
N GLN X 54 -6.77 50.63 -51.47
CA GLN X 54 -6.03 51.88 -51.37
C GLN X 54 -5.25 52.17 -52.66
N PRO X 55 -5.05 53.45 -52.97
CA PRO X 55 -4.46 53.80 -54.27
C PRO X 55 -2.97 53.52 -54.35
N SER X 56 -2.60 52.70 -55.33
CA SER X 56 -1.22 52.31 -55.63
C SER X 56 -1.28 51.58 -56.97
N ARG X 57 -0.16 50.98 -57.38
CA ARG X 57 -0.12 50.27 -58.65
C ARG X 57 0.47 48.86 -58.48
N ASN X 58 0.06 48.18 -57.41
CA ASN X 58 0.49 46.81 -57.11
C ASN X 58 0.00 45.89 -58.22
N ARG X 59 -1.06 45.15 -57.94
CA ARG X 59 -1.78 44.36 -58.91
C ARG X 59 -3.20 44.90 -59.02
N LYS X 60 -3.32 46.22 -58.80
CA LYS X 60 -4.55 46.97 -58.67
C LYS X 60 -5.58 46.88 -59.80
N ASN X 61 -6.72 46.29 -59.44
CA ASN X 61 -7.97 46.31 -60.20
C ASN X 61 -9.00 46.68 -59.13
N TYR X 62 -9.05 47.97 -58.79
CA TYR X 62 -9.83 48.54 -57.69
C TYR X 62 -11.18 47.89 -57.41
N LYS X 63 -11.54 47.81 -56.13
CA LYS X 63 -12.82 47.23 -55.70
C LYS X 63 -13.31 48.00 -54.49
N VAL X 64 -14.57 48.44 -54.54
CA VAL X 64 -15.23 49.10 -53.42
C VAL X 64 -16.53 48.37 -53.12
N GLN X 65 -16.81 48.17 -51.84
CA GLN X 65 -17.97 47.40 -51.43
C GLN X 65 -18.52 47.98 -50.13
N VAL X 66 -19.85 48.12 -50.07
CA VAL X 66 -20.54 48.57 -48.86
C VAL X 66 -21.45 47.46 -48.38
N LYS X 67 -21.52 47.28 -47.07
CA LYS X 67 -22.37 46.29 -46.43
C LYS X 67 -23.36 46.98 -45.53
N ILE X 68 -24.56 46.42 -45.42
CA ILE X 68 -25.60 46.94 -44.55
C ILE X 68 -26.09 45.82 -43.63
N GLN X 69 -26.31 46.16 -42.36
CA GLN X 69 -26.78 45.21 -41.36
C GLN X 69 -27.83 45.90 -40.50
N ASN X 70 -29.10 45.57 -40.73
CA ASN X 70 -30.20 46.17 -39.99
C ASN X 70 -30.85 45.08 -39.15
N PRO X 71 -30.55 45.00 -37.86
CA PRO X 71 -31.18 43.99 -37.01
C PRO X 71 -32.52 44.48 -36.46
N THR X 72 -33.24 43.53 -35.86
CA THR X 72 -34.45 43.81 -35.15
C THR X 72 -34.48 42.87 -33.95
N ALA X 73 -35.15 43.32 -32.90
CA ALA X 73 -35.11 42.62 -31.62
C ALA X 73 -36.55 42.40 -31.16
N CYS X 74 -36.67 41.69 -30.06
CA CYS X 74 -37.96 41.42 -29.47
C CYS X 74 -37.82 41.54 -27.97
N THR X 75 -38.88 41.98 -27.32
CA THR X 75 -38.85 42.12 -25.87
C THR X 75 -39.29 40.74 -25.40
N ALA X 76 -38.32 39.83 -25.38
CA ALA X 76 -38.62 38.41 -25.19
C ALA X 76 -39.15 38.22 -23.78
N ASN X 77 -40.42 37.85 -23.69
CA ASN X 77 -41.05 37.67 -22.40
C ASN X 77 -40.35 36.53 -21.66
N GLY X 78 -40.17 36.71 -20.36
CA GLY X 78 -39.35 35.78 -19.62
C GLY X 78 -37.91 36.24 -19.62
N SER X 79 -37.69 37.52 -19.94
CA SER X 79 -36.37 38.14 -19.99
C SER X 79 -36.56 39.64 -19.84
N CYS X 80 -35.44 40.35 -19.78
CA CYS X 80 -35.45 41.81 -19.69
C CYS X 80 -34.76 42.45 -20.89
N ASP X 81 -33.47 42.21 -21.07
CA ASP X 81 -32.70 42.81 -22.16
C ASP X 81 -33.10 42.19 -23.49
N PRO X 82 -33.59 42.98 -24.45
CA PRO X 82 -34.03 42.40 -25.74
C PRO X 82 -32.92 41.68 -26.49
N SER X 83 -33.29 40.58 -27.13
CA SER X 83 -32.37 39.77 -27.92
C SER X 83 -32.69 39.91 -29.40
N VAL X 84 -31.66 39.81 -30.23
CA VAL X 84 -31.82 39.93 -31.67
C VAL X 84 -32.35 38.61 -32.23
N THR X 85 -33.47 38.67 -32.94
CA THR X 85 -34.14 37.49 -33.48
C THR X 85 -33.80 37.25 -34.94
N ARG X 86 -33.67 38.32 -35.73
CA ARG X 86 -33.41 38.23 -37.15
C ARG X 86 -32.61 39.45 -37.59
N GLN X 87 -32.06 39.36 -38.80
CA GLN X 87 -31.23 40.40 -39.39
C GLN X 87 -31.77 40.78 -40.76
N ALA X 88 -31.19 41.84 -41.32
CA ALA X 88 -31.47 42.27 -42.68
C ALA X 88 -30.12 42.63 -43.29
N TYR X 89 -29.80 42.03 -44.43
CA TYR X 89 -28.45 42.12 -44.96
C TYR X 89 -28.44 42.78 -46.33
N ALA X 90 -27.36 43.49 -46.61
CA ALA X 90 -27.11 44.08 -47.92
C ALA X 90 -25.61 44.11 -48.12
N ASP X 91 -25.19 43.79 -49.34
CA ASP X 91 -23.76 43.79 -49.68
C ASP X 91 -23.65 44.09 -51.16
N VAL X 92 -22.87 45.11 -51.50
CA VAL X 92 -22.61 45.45 -52.90
C VAL X 92 -21.14 45.17 -53.17
N THR X 93 -20.80 45.08 -54.45
CA THR X 93 -19.39 45.04 -54.82
C THR X 93 -19.24 45.71 -56.18
N PHE X 94 -18.50 46.80 -56.19
CA PHE X 94 -18.14 47.48 -57.43
C PHE X 94 -16.69 47.12 -57.73
N SER X 95 -16.37 46.99 -59.01
CA SER X 95 -14.99 46.68 -59.36
C SER X 95 -14.67 47.30 -60.72
N PHE X 96 -13.82 48.31 -60.71
CA PHE X 96 -13.37 48.94 -61.94
C PHE X 96 -11.89 48.63 -62.14
N THR X 97 -11.48 48.65 -63.40
CA THR X 97 -10.12 48.36 -63.81
C THR X 97 -9.22 49.56 -63.62
N GLN X 98 -7.90 49.30 -63.70
CA GLN X 98 -6.92 50.36 -63.59
C GLN X 98 -7.09 51.41 -64.68
N TYR X 99 -7.50 51.01 -65.88
CA TYR X 99 -7.78 51.93 -66.99
C TYR X 99 -9.22 52.42 -67.02
N SER X 100 -9.95 52.36 -65.91
CA SER X 100 -11.34 52.81 -65.90
C SER X 100 -11.43 54.33 -65.88
N THR X 101 -12.41 54.86 -66.61
CA THR X 101 -12.64 56.30 -66.67
C THR X 101 -13.54 56.75 -65.53
N ASP X 102 -13.43 58.03 -65.17
CA ASP X 102 -14.26 58.58 -64.10
C ASP X 102 -15.74 58.50 -64.45
N GLU X 103 -16.10 58.91 -65.67
CA GLU X 103 -17.50 58.94 -66.06
C GLU X 103 -18.11 57.54 -66.05
N GLU X 104 -17.33 56.53 -66.44
CA GLU X 104 -17.80 55.15 -66.37
C GLU X 104 -18.26 54.81 -64.97
N ARG X 105 -17.53 55.30 -63.97
CA ARG X 105 -17.80 54.95 -62.57
C ARG X 105 -19.13 55.51 -62.10
N ALA X 106 -19.40 56.78 -62.39
CA ALA X 106 -20.66 57.37 -61.97
C ALA X 106 -21.86 56.68 -62.62
N PHE X 107 -21.68 56.19 -63.85
CA PHE X 107 -22.77 55.51 -64.54
C PHE X 107 -23.13 54.22 -63.81
N VAL X 108 -22.12 53.41 -63.46
CA VAL X 108 -22.35 52.19 -62.69
C VAL X 108 -22.89 52.51 -61.31
N ARG X 109 -22.60 53.72 -60.80
CA ARG X 109 -23.06 54.09 -59.47
C ARG X 109 -24.54 54.40 -59.48
N THR X 110 -24.95 55.30 -60.36
CA THR X 110 -26.33 55.73 -60.39
C THR X 110 -27.26 54.69 -61.01
N GLU X 111 -26.77 53.87 -61.94
CA GLU X 111 -27.63 52.84 -62.53
C GLU X 111 -28.17 51.90 -61.48
N LEU X 112 -27.32 51.49 -60.54
CA LEU X 112 -27.78 50.62 -59.46
C LEU X 112 -28.72 51.37 -58.54
N ALA X 113 -28.44 52.64 -58.29
CA ALA X 113 -29.33 53.45 -57.47
C ALA X 113 -30.69 53.63 -58.13
N ALA X 114 -30.71 53.92 -59.44
CA ALA X 114 -31.97 54.05 -60.15
C ALA X 114 -32.64 52.70 -60.33
N LEU X 115 -31.86 51.64 -60.55
CA LEU X 115 -32.43 50.30 -60.69
C LEU X 115 -33.06 49.84 -59.38
N LEU X 116 -32.59 50.33 -58.24
CA LEU X 116 -33.20 49.97 -56.97
C LEU X 116 -34.58 50.58 -56.78
N ALA X 117 -34.99 51.50 -57.66
CA ALA X 117 -36.30 52.12 -57.54
C ALA X 117 -37.23 51.79 -58.70
N SER X 118 -36.80 50.98 -59.65
CA SER X 118 -37.66 50.57 -60.75
C SER X 118 -38.64 49.49 -60.27
N PRO X 119 -39.89 49.52 -60.76
CA PRO X 119 -40.88 48.51 -60.37
C PRO X 119 -40.33 47.09 -60.29
N LEU X 120 -39.38 46.77 -61.17
CA LEU X 120 -38.83 45.42 -61.23
C LEU X 120 -38.17 45.02 -59.91
N LEU X 121 -37.28 45.87 -59.39
CA LEU X 121 -36.63 45.56 -58.12
C LEU X 121 -37.56 45.76 -56.93
N ILE X 122 -38.65 46.50 -57.07
CA ILE X 122 -39.61 46.63 -55.98
C ILE X 122 -40.20 45.26 -55.64
N ASP X 123 -40.67 44.55 -56.67
CA ASP X 123 -41.23 43.22 -56.47
C ASP X 123 -40.14 42.16 -56.27
N ALA X 124 -38.91 42.43 -56.70
CA ALA X 124 -37.82 41.50 -56.45
C ALA X 124 -37.32 41.57 -55.01
N ILE X 125 -37.47 42.73 -54.38
CA ILE X 125 -36.93 42.96 -53.05
C ILE X 125 -38.01 42.88 -51.99
N ASP X 126 -39.15 43.52 -52.24
CA ASP X 126 -40.18 43.63 -51.21
C ASP X 126 -41.11 42.44 -51.19
N GLN X 127 -41.55 41.96 -52.35
CA GLN X 127 -42.46 40.82 -52.46
C GLN X 127 -41.74 39.52 -52.78
N LEU X 128 -40.44 39.58 -53.09
CA LEU X 128 -39.62 38.41 -53.37
C LEU X 128 -40.24 37.52 -54.45
N ASN X 129 -40.55 38.14 -55.58
CA ASN X 129 -40.95 37.39 -56.75
C ASN X 129 -39.97 37.70 -57.87
N PRO X 130 -39.45 36.69 -58.56
CA PRO X 130 -38.39 36.95 -59.54
C PRO X 130 -38.96 37.66 -60.76
N ALA X 131 -38.05 38.12 -61.61
CA ALA X 131 -38.46 38.56 -62.93
C ALA X 131 -38.86 37.33 -63.73
N TYR X 132 -40.02 37.40 -64.36
CA TYR X 132 -40.58 36.25 -65.03
C TYR X 132 -41.23 36.58 -66.37
N ALA Y 1 -61.02 -34.48 -119.32
CA ALA Y 1 -61.30 -34.15 -120.72
C ALA Y 1 -60.71 -32.80 -121.11
N LYS Y 2 -61.28 -32.20 -122.15
CA LYS Y 2 -60.85 -30.89 -122.61
C LYS Y 2 -61.32 -29.82 -121.63
N LEU Y 3 -60.52 -28.77 -121.47
CA LEU Y 3 -60.83 -27.68 -120.54
C LEU Y 3 -61.82 -26.74 -121.21
N GLU Y 4 -63.11 -27.07 -121.08
CA GLU Y 4 -64.18 -26.29 -121.68
C GLU Y 4 -64.71 -25.28 -120.66
N THR Y 5 -65.68 -24.48 -121.09
CA THR Y 5 -66.39 -23.57 -120.19
C THR Y 5 -67.54 -24.33 -119.53
N VAL Y 6 -67.38 -24.64 -118.24
CA VAL Y 6 -68.37 -25.41 -117.50
C VAL Y 6 -69.36 -24.46 -116.85
N THR Y 7 -70.64 -24.82 -116.89
CA THR Y 7 -71.71 -23.99 -116.34
C THR Y 7 -72.66 -24.85 -115.53
N LEU Y 8 -72.68 -24.68 -114.22
CA LEU Y 8 -73.59 -25.41 -113.36
C LEU Y 8 -74.89 -24.61 -113.22
N GLY Y 9 -76.01 -25.24 -113.56
CA GLY Y 9 -77.31 -24.63 -113.43
C GLY Y 9 -78.16 -25.28 -112.34
N ASN Y 10 -79.24 -24.60 -112.01
CA ASN Y 10 -80.20 -25.04 -110.98
C ASN Y 10 -79.47 -25.35 -109.67
N ILE Y 11 -78.90 -24.29 -109.10
CA ILE Y 11 -77.98 -24.34 -107.98
C ILE Y 11 -78.49 -23.37 -106.91
N GLY Y 12 -78.05 -23.55 -105.67
CA GLY Y 12 -78.40 -22.63 -104.62
C GLY Y 12 -79.38 -23.21 -103.62
N LYS Y 13 -79.63 -22.43 -102.58
CA LYS Y 13 -80.54 -22.84 -101.50
C LYS Y 13 -81.91 -23.21 -102.05
N ASP Y 14 -82.52 -22.29 -102.80
CA ASP Y 14 -83.79 -22.61 -103.45
C ASP Y 14 -83.58 -23.67 -104.52
N GLY Y 15 -82.41 -23.67 -105.16
CA GLY Y 15 -82.14 -24.52 -106.29
C GLY Y 15 -82.39 -23.89 -107.62
N LYS Y 16 -82.63 -22.59 -107.66
CA LYS Y 16 -82.98 -21.87 -108.87
C LYS Y 16 -81.93 -20.83 -109.25
N GLN Y 17 -80.65 -21.13 -109.03
CA GLN Y 17 -79.55 -20.22 -109.43
C GLN Y 17 -78.66 -20.90 -110.46
N THR Y 18 -77.72 -20.14 -110.99
CA THR Y 18 -76.79 -20.61 -112.02
C THR Y 18 -75.43 -20.00 -111.80
N LEU Y 19 -74.40 -20.69 -112.27
CA LEU Y 19 -73.02 -20.27 -112.04
C LEU Y 19 -72.17 -20.62 -113.26
N VAL Y 20 -71.46 -19.62 -113.79
CA VAL Y 20 -70.65 -19.78 -114.99
C VAL Y 20 -69.18 -19.81 -114.59
N LEU Y 21 -68.44 -20.80 -115.09
CA LEU Y 21 -67.02 -20.97 -114.79
C LEU Y 21 -66.27 -21.17 -116.10
N ASN Y 22 -65.59 -20.13 -116.57
CA ASN Y 22 -64.79 -20.22 -117.78
C ASN Y 22 -63.39 -20.78 -117.48
N PRO Y 23 -62.78 -21.48 -118.45
CA PRO Y 23 -61.44 -22.03 -118.21
C PRO Y 23 -60.38 -20.93 -118.14
N ARG Y 24 -59.37 -21.16 -117.30
CA ARG Y 24 -58.25 -20.25 -117.17
C ARG Y 24 -56.91 -20.98 -117.35
N GLY Y 25 -56.94 -22.20 -117.87
CA GLY Y 25 -55.73 -22.94 -118.19
C GLY Y 25 -55.24 -23.84 -117.09
N VAL Y 26 -54.12 -24.48 -117.36
CA VAL Y 26 -53.51 -25.40 -116.42
C VAL Y 26 -52.21 -24.81 -115.89
N ASN Y 27 -51.72 -25.39 -114.79
CA ASN Y 27 -50.46 -25.01 -114.17
C ASN Y 27 -49.54 -26.23 -114.24
N PRO Y 28 -48.69 -26.31 -115.27
CA PRO Y 28 -47.90 -27.54 -115.48
C PRO Y 28 -46.91 -27.85 -114.37
N THR Y 29 -46.69 -26.94 -113.42
CA THR Y 29 -45.82 -27.22 -112.28
C THR Y 29 -46.59 -27.84 -111.13
N ASN Y 30 -47.74 -27.28 -110.79
CA ASN Y 30 -48.56 -27.83 -109.71
C ASN Y 30 -49.33 -29.06 -110.16
N GLY Y 31 -49.42 -29.30 -111.47
CA GLY Y 31 -50.20 -30.40 -111.98
C GLY Y 31 -51.67 -30.27 -111.66
N VAL Y 32 -52.19 -29.04 -111.70
CA VAL Y 32 -53.57 -28.76 -111.35
C VAL Y 32 -54.21 -27.96 -112.47
N ALA Y 33 -55.35 -28.42 -112.96
CA ALA Y 33 -56.14 -27.61 -113.85
C ALA Y 33 -56.95 -26.63 -113.01
N SER Y 34 -57.21 -25.45 -113.57
CA SER Y 34 -57.94 -24.45 -112.83
C SER Y 34 -58.82 -23.66 -113.78
N LEU Y 35 -59.96 -23.22 -113.24
CA LEU Y 35 -60.89 -22.39 -113.97
C LEU Y 35 -61.72 -21.63 -112.95
N SER Y 36 -62.20 -20.45 -113.35
CA SER Y 36 -62.74 -19.51 -112.39
C SER Y 36 -63.96 -18.82 -112.99
N GLN Y 37 -64.83 -18.36 -112.11
CA GLN Y 37 -65.94 -17.51 -112.52
C GLN Y 37 -65.40 -16.17 -113.00
N ALA Y 38 -65.78 -15.77 -114.21
CA ALA Y 38 -65.24 -14.57 -114.81
C ALA Y 38 -65.66 -13.32 -114.05
N GLY Y 39 -64.73 -12.76 -113.28
CA GLY Y 39 -65.00 -11.57 -112.52
C GLY Y 39 -63.95 -10.52 -112.81
N ALA Y 40 -64.27 -9.29 -112.40
CA ALA Y 40 -63.38 -8.16 -112.64
C ALA Y 40 -62.04 -8.35 -111.94
N VAL Y 41 -62.06 -8.40 -110.62
CA VAL Y 41 -60.85 -8.49 -109.81
C VAL Y 41 -60.54 -9.94 -109.54
N PRO Y 42 -59.29 -10.39 -109.68
CA PRO Y 42 -58.96 -11.81 -109.42
C PRO Y 42 -59.27 -12.26 -108.00
N ALA Y 43 -59.21 -11.36 -107.02
CA ALA Y 43 -59.46 -11.76 -105.64
C ALA Y 43 -60.93 -12.03 -105.39
N LEU Y 44 -61.80 -11.28 -106.05
CA LEU Y 44 -63.23 -11.38 -105.83
C LEU Y 44 -63.81 -12.65 -106.41
N GLU Y 45 -63.19 -13.21 -107.45
CA GLU Y 45 -63.85 -14.22 -108.26
C GLU Y 45 -63.93 -15.56 -107.55
N LYS Y 46 -65.00 -16.29 -107.85
CA LYS Y 46 -65.12 -17.68 -107.45
C LYS Y 46 -64.24 -18.53 -108.36
N ARG Y 47 -63.78 -19.67 -107.85
CA ARG Y 47 -62.95 -20.54 -108.66
C ARG Y 47 -63.04 -21.98 -108.17
N VAL Y 48 -62.80 -22.91 -109.09
CA VAL Y 48 -62.70 -24.33 -108.77
C VAL Y 48 -61.52 -24.92 -109.55
N THR Y 49 -60.90 -25.95 -108.98
CA THR Y 49 -59.68 -26.53 -109.52
C THR Y 49 -59.74 -28.04 -109.43
N VAL Y 50 -59.34 -28.73 -110.50
CA VAL Y 50 -59.34 -30.18 -110.57
C VAL Y 50 -57.93 -30.65 -110.87
N SER Y 51 -57.52 -31.73 -110.23
CA SER Y 51 -56.17 -32.25 -110.40
C SER Y 51 -56.14 -33.75 -110.21
N VAL Y 52 -55.38 -34.44 -111.06
CA VAL Y 52 -55.18 -35.89 -110.91
C VAL Y 52 -53.68 -36.16 -110.88
N SER Y 53 -53.28 -37.14 -110.06
CA SER Y 53 -51.89 -37.57 -109.99
C SER Y 53 -51.81 -39.09 -110.11
N GLN Y 54 -50.94 -39.57 -110.99
CA GLN Y 54 -50.70 -41.00 -111.12
C GLN Y 54 -49.84 -41.48 -109.96
N PRO Y 55 -49.83 -42.79 -109.68
CA PRO Y 55 -49.09 -43.28 -108.52
C PRO Y 55 -47.58 -43.17 -108.76
N SER Y 56 -46.87 -42.57 -107.81
CA SER Y 56 -45.46 -42.36 -108.03
C SER Y 56 -44.64 -43.28 -107.14
N ARG Y 57 -43.44 -42.82 -106.76
CA ARG Y 57 -42.57 -43.63 -105.93
C ARG Y 57 -42.89 -43.40 -104.47
N ASN Y 58 -43.53 -42.26 -104.20
CA ASN Y 58 -43.96 -41.91 -102.86
C ASN Y 58 -45.09 -42.83 -102.44
N ARG Y 59 -46.26 -42.69 -103.07
CA ARG Y 59 -47.38 -43.58 -102.79
C ARG Y 59 -47.91 -44.21 -104.08
N LYS Y 60 -48.19 -45.52 -104.05
CA LYS Y 60 -48.71 -46.25 -105.22
C LYS Y 60 -50.23 -46.27 -105.21
N ASN Y 61 -50.82 -45.08 -105.09
CA ASN Y 61 -52.25 -44.86 -105.11
C ASN Y 61 -52.60 -43.70 -106.03
N TYR Y 62 -53.74 -43.82 -106.69
CA TYR Y 62 -54.21 -42.74 -107.54
C TYR Y 62 -54.88 -41.71 -106.64
N LYS Y 63 -54.74 -40.43 -106.98
CA LYS Y 63 -55.41 -39.42 -106.17
C LYS Y 63 -55.88 -38.28 -107.07
N VAL Y 64 -57.18 -37.98 -107.00
CA VAL Y 64 -57.79 -36.86 -107.72
C VAL Y 64 -58.54 -36.00 -106.72
N GLN Y 65 -58.42 -34.69 -106.87
CA GLN Y 65 -59.00 -33.77 -105.90
C GLN Y 65 -59.51 -32.53 -106.61
N VAL Y 66 -60.69 -32.06 -106.20
CA VAL Y 66 -61.27 -30.82 -106.68
C VAL Y 66 -61.42 -29.89 -105.49
N LYS Y 67 -61.15 -28.61 -105.72
CA LYS Y 67 -61.29 -27.58 -104.70
C LYS Y 67 -62.30 -26.54 -105.16
N ILE Y 68 -63.05 -26.00 -104.20
CA ILE Y 68 -63.99 -24.92 -104.45
C ILE Y 68 -63.67 -23.79 -103.49
N GLN Y 69 -63.65 -22.56 -104.00
CA GLN Y 69 -63.32 -21.40 -103.18
C GLN Y 69 -64.23 -20.24 -103.60
N ASN Y 70 -65.20 -19.92 -102.76
CA ASN Y 70 -66.17 -18.86 -103.05
C ASN Y 70 -66.01 -17.72 -102.07
N PRO Y 71 -65.43 -16.59 -102.47
CA PRO Y 71 -65.33 -15.45 -101.57
C PRO Y 71 -66.62 -14.63 -101.60
N THR Y 72 -66.68 -13.65 -100.70
CA THR Y 72 -67.80 -12.72 -100.61
C THR Y 72 -67.24 -11.35 -100.29
N ALA Y 73 -67.94 -10.31 -100.72
CA ALA Y 73 -67.40 -8.95 -100.65
C ALA Y 73 -68.39 -8.03 -99.93
N CYS Y 74 -67.91 -6.82 -99.68
CA CYS Y 74 -68.71 -5.80 -99.00
C CYS Y 74 -68.38 -4.44 -99.62
N THR Y 75 -69.12 -4.08 -100.67
CA THR Y 75 -68.84 -2.85 -101.42
C THR Y 75 -69.21 -1.60 -100.63
N ALA Y 76 -70.10 -1.71 -99.66
CA ALA Y 76 -70.75 -0.56 -99.05
C ALA Y 76 -69.81 0.32 -98.21
N ASN Y 77 -69.26 -0.17 -97.11
CA ASN Y 77 -68.41 0.72 -96.33
C ASN Y 77 -66.98 0.68 -96.84
N GLY Y 78 -66.24 1.71 -96.50
CA GLY Y 78 -64.92 1.88 -97.03
C GLY Y 78 -65.01 2.69 -98.30
N SER Y 79 -64.05 2.45 -99.19
CA SER Y 79 -64.03 3.15 -100.46
C SER Y 79 -65.00 2.55 -101.48
N CYS Y 80 -64.78 2.88 -102.75
CA CYS Y 80 -65.57 2.38 -103.87
C CYS Y 80 -65.17 0.99 -104.33
N ASP Y 81 -64.17 0.35 -103.71
CA ASP Y 81 -63.74 -0.96 -104.16
C ASP Y 81 -64.09 -2.00 -103.11
N PRO Y 82 -64.94 -2.98 -103.44
CA PRO Y 82 -65.28 -4.01 -102.46
C PRO Y 82 -64.09 -4.85 -102.04
N SER Y 83 -64.05 -5.19 -100.75
CA SER Y 83 -63.02 -6.03 -100.17
C SER Y 83 -63.64 -7.36 -99.76
N VAL Y 84 -62.85 -8.43 -99.82
CA VAL Y 84 -63.37 -9.74 -99.44
C VAL Y 84 -63.38 -9.83 -97.93
N THR Y 85 -64.54 -10.15 -97.36
CA THR Y 85 -64.69 -10.19 -95.91
C THR Y 85 -64.51 -11.58 -95.33
N ARG Y 86 -65.04 -12.59 -96.00
CA ARG Y 86 -64.91 -13.97 -95.57
C ARG Y 86 -65.06 -14.85 -96.80
N GLN Y 87 -64.66 -16.12 -96.66
CA GLN Y 87 -64.69 -17.06 -97.77
C GLN Y 87 -65.43 -18.33 -97.35
N ALA Y 88 -65.66 -19.20 -98.34
CA ALA Y 88 -66.28 -20.50 -98.12
C ALA Y 88 -65.50 -21.54 -98.91
N TYR Y 89 -65.11 -22.62 -98.25
CA TYR Y 89 -64.17 -23.56 -98.83
C TYR Y 89 -64.82 -24.92 -99.01
N ALA Y 90 -64.42 -25.60 -100.08
CA ALA Y 90 -64.84 -26.98 -100.33
C ALA Y 90 -63.74 -27.68 -101.11
N ASP Y 91 -63.43 -28.90 -100.71
CA ASP Y 91 -62.41 -29.69 -101.41
C ASP Y 91 -62.65 -31.17 -101.18
N VAL Y 92 -62.59 -31.95 -102.27
CA VAL Y 92 -62.75 -33.39 -102.19
C VAL Y 92 -61.39 -34.02 -102.44
N THR Y 93 -61.27 -35.28 -102.08
CA THR Y 93 -60.09 -36.07 -102.44
C THR Y 93 -60.53 -37.51 -102.67
N PHE Y 94 -60.39 -37.96 -103.90
CA PHE Y 94 -60.67 -39.35 -104.25
C PHE Y 94 -59.35 -40.09 -104.39
N SER Y 95 -59.35 -41.37 -104.02
CA SER Y 95 -58.15 -42.18 -104.16
C SER Y 95 -58.58 -43.62 -104.40
N PHE Y 96 -58.35 -44.10 -105.62
CA PHE Y 96 -58.69 -45.46 -105.98
C PHE Y 96 -57.43 -46.29 -106.19
N THR Y 97 -57.59 -47.60 -106.13
CA THR Y 97 -56.46 -48.50 -106.26
C THR Y 97 -56.01 -48.55 -107.73
N GLN Y 98 -54.78 -49.02 -107.93
CA GLN Y 98 -54.26 -49.17 -109.28
C GLN Y 98 -55.11 -50.18 -110.05
N TYR Y 99 -55.58 -51.23 -109.38
CA TYR Y 99 -56.48 -52.23 -109.96
C TYR Y 99 -57.95 -51.90 -109.75
N SER Y 100 -58.30 -50.63 -109.54
CA SER Y 100 -59.69 -50.27 -109.31
C SER Y 100 -60.50 -50.36 -110.58
N THR Y 101 -61.76 -50.77 -110.45
CA THR Y 101 -62.62 -50.93 -111.62
C THR Y 101 -63.21 -49.60 -112.05
N ASP Y 102 -63.59 -49.54 -113.33
CA ASP Y 102 -64.18 -48.32 -113.86
C ASP Y 102 -65.46 -47.95 -113.12
N GLU Y 103 -66.36 -48.93 -112.92
CA GLU Y 103 -67.62 -48.65 -112.24
C GLU Y 103 -67.43 -48.23 -110.80
N GLU Y 104 -66.48 -48.85 -110.09
CA GLU Y 104 -66.21 -48.47 -108.71
C GLU Y 104 -65.97 -46.97 -108.61
N ARG Y 105 -65.26 -46.42 -109.59
CA ARG Y 105 -64.91 -45.01 -109.56
C ARG Y 105 -66.16 -44.15 -109.72
N ALA Y 106 -67.01 -44.50 -110.70
CA ALA Y 106 -68.25 -43.76 -110.92
C ALA Y 106 -69.23 -43.92 -109.76
N PHE Y 107 -69.24 -45.08 -109.11
CA PHE Y 107 -70.15 -45.30 -107.99
C PHE Y 107 -69.82 -44.35 -106.85
N VAL Y 108 -68.53 -44.28 -106.48
CA VAL Y 108 -68.10 -43.35 -105.44
C VAL Y 108 -68.34 -41.90 -105.84
N ARG Y 109 -68.37 -41.63 -107.15
CA ARG Y 109 -68.61 -40.26 -107.60
C ARG Y 109 -70.08 -39.90 -107.47
N THR Y 110 -70.96 -40.76 -108.00
CA THR Y 110 -72.39 -40.47 -107.94
C THR Y 110 -72.93 -40.64 -106.54
N GLU Y 111 -72.31 -41.51 -105.73
CA GLU Y 111 -72.70 -41.60 -104.32
C GLU Y 111 -72.50 -40.27 -103.62
N LEU Y 112 -71.37 -39.60 -103.89
CA LEU Y 112 -71.12 -38.29 -103.28
C LEU Y 112 -72.08 -37.24 -103.84
N ALA Y 113 -72.37 -37.29 -105.13
CA ALA Y 113 -73.31 -36.33 -105.70
C ALA Y 113 -74.69 -36.51 -105.11
N ALA Y 114 -75.15 -37.76 -104.97
CA ALA Y 114 -76.46 -38.01 -104.37
C ALA Y 114 -76.44 -37.76 -102.86
N LEU Y 115 -75.31 -38.06 -102.20
CA LEU Y 115 -75.22 -37.83 -100.76
C LEU Y 115 -75.26 -36.35 -100.44
N LEU Y 116 -74.80 -35.50 -101.37
CA LEU Y 116 -74.88 -34.06 -101.17
C LEU Y 116 -76.31 -33.53 -101.27
N ALA Y 117 -77.26 -34.35 -101.70
CA ALA Y 117 -78.64 -33.94 -101.79
C ALA Y 117 -79.55 -34.70 -100.82
N SER Y 118 -78.99 -35.58 -99.99
CA SER Y 118 -79.74 -36.37 -99.02
C SER Y 118 -80.15 -35.50 -97.83
N PRO Y 119 -81.38 -35.68 -97.32
CA PRO Y 119 -81.84 -34.92 -96.15
C PRO Y 119 -80.82 -34.78 -95.03
N LEU Y 120 -80.05 -35.84 -94.77
CA LEU Y 120 -79.09 -35.81 -93.68
C LEU Y 120 -78.01 -34.76 -93.92
N LEU Y 121 -77.42 -34.74 -95.12
CA LEU Y 121 -76.36 -33.78 -95.41
C LEU Y 121 -76.85 -32.35 -95.55
N ILE Y 122 -78.15 -32.15 -95.81
CA ILE Y 122 -78.68 -30.79 -95.90
C ILE Y 122 -78.55 -30.08 -94.55
N ASP Y 123 -79.01 -30.73 -93.47
CA ASP Y 123 -78.91 -30.10 -92.15
C ASP Y 123 -77.50 -30.13 -91.57
N ALA Y 124 -76.63 -30.99 -92.08
CA ALA Y 124 -75.24 -30.98 -91.66
C ALA Y 124 -74.48 -29.82 -92.28
N ILE Y 125 -74.89 -29.39 -93.47
CA ILE Y 125 -74.18 -28.35 -94.20
C ILE Y 125 -74.90 -27.02 -94.10
N ASP Y 126 -76.23 -27.03 -94.27
CA ASP Y 126 -76.97 -25.77 -94.36
C ASP Y 126 -77.31 -25.24 -92.98
N GLN Y 127 -77.75 -26.11 -92.08
CA GLN Y 127 -78.08 -25.73 -90.71
C GLN Y 127 -76.94 -26.01 -89.73
N LEU Y 128 -75.90 -26.72 -90.17
CA LEU Y 128 -74.73 -27.04 -89.36
C LEU Y 128 -75.14 -27.66 -88.02
N ASN Y 129 -75.95 -28.70 -88.09
CA ASN Y 129 -76.29 -29.48 -86.91
C ASN Y 129 -75.92 -30.94 -87.13
N PRO Y 130 -75.30 -31.60 -86.16
CA PRO Y 130 -74.87 -32.98 -86.34
C PRO Y 130 -76.09 -33.89 -86.41
N ALA Y 131 -75.84 -35.16 -86.71
CA ALA Y 131 -76.92 -36.13 -86.56
C ALA Y 131 -77.25 -36.26 -85.09
N TYR Y 132 -78.52 -36.10 -84.76
CA TYR Y 132 -78.95 -36.12 -83.37
C TYR Y 132 -80.28 -36.85 -83.21
N ALA Z 1 -79.81 -33.36 -89.03
CA ALA Z 1 -81.10 -33.89 -88.58
C ALA Z 1 -80.95 -35.25 -87.90
N LYS Z 2 -82.04 -36.01 -87.90
CA LYS Z 2 -82.03 -37.34 -87.33
C LYS Z 2 -81.26 -38.29 -88.24
N LEU Z 3 -80.59 -39.27 -87.63
CA LEU Z 3 -79.81 -40.28 -88.36
C LEU Z 3 -80.80 -41.32 -88.86
N GLU Z 4 -81.38 -41.06 -90.03
CA GLU Z 4 -82.39 -41.94 -90.60
C GLU Z 4 -81.73 -42.94 -91.56
N THR Z 5 -82.55 -43.82 -92.14
CA THR Z 5 -82.08 -44.73 -93.18
C THR Z 5 -82.14 -44.00 -94.53
N VAL Z 6 -80.99 -43.62 -95.03
CA VAL Z 6 -80.90 -42.88 -96.28
C VAL Z 6 -80.74 -43.86 -97.43
N THR Z 7 -81.42 -43.56 -98.53
CA THR Z 7 -81.37 -44.40 -99.73
C THR Z 7 -81.14 -43.47 -100.91
N LEU Z 8 -79.95 -43.55 -101.49
CA LEU Z 8 -79.62 -42.75 -102.65
C LEU Z 8 -80.04 -43.53 -103.89
N GLY Z 9 -80.81 -42.88 -104.76
CA GLY Z 9 -81.24 -43.47 -106.00
C GLY Z 9 -80.58 -42.86 -107.21
N ASN Z 10 -80.75 -43.54 -108.34
CA ASN Z 10 -80.19 -43.12 -109.62
C ASN Z 10 -78.69 -42.83 -109.50
N ILE Z 11 -77.93 -43.89 -109.20
CA ILE Z 11 -76.51 -43.77 -108.88
C ILE Z 11 -75.72 -44.69 -109.79
N GLY Z 12 -74.45 -44.36 -109.95
CA GLY Z 12 -73.53 -45.24 -110.65
C GLY Z 12 -73.28 -44.80 -112.07
N LYS Z 13 -72.35 -45.51 -112.70
CA LYS Z 13 -72.07 -45.29 -114.10
C LYS Z 13 -73.33 -45.51 -114.92
N ASP Z 14 -74.05 -46.60 -114.62
CA ASP Z 14 -75.28 -46.93 -115.35
C ASP Z 14 -76.32 -45.82 -115.21
N GLY Z 15 -76.40 -45.20 -114.04
CA GLY Z 15 -77.40 -44.20 -113.78
C GLY Z 15 -78.69 -44.72 -113.17
N LYS Z 16 -79.00 -46.00 -113.31
CA LYS Z 16 -80.20 -46.57 -112.72
C LYS Z 16 -79.82 -47.67 -111.70
N GLN Z 17 -79.09 -47.26 -110.68
CA GLN Z 17 -78.79 -48.15 -109.56
C GLN Z 17 -79.33 -47.52 -108.29
N THR Z 18 -79.26 -48.27 -107.19
CA THR Z 18 -79.73 -47.81 -105.90
C THR Z 18 -78.84 -48.37 -104.80
N LEU Z 19 -78.79 -47.65 -103.67
CA LEU Z 19 -77.94 -48.01 -102.55
C LEU Z 19 -78.67 -47.64 -101.26
N VAL Z 20 -78.89 -48.62 -100.39
CA VAL Z 20 -79.63 -48.43 -99.14
C VAL Z 20 -78.65 -48.42 -97.99
N LEU Z 21 -78.79 -47.43 -97.11
CA LEU Z 21 -77.87 -47.21 -95.99
C LEU Z 21 -78.64 -47.04 -94.69
N ASN Z 22 -78.62 -48.05 -93.82
CA ASN Z 22 -79.25 -47.90 -92.52
C ASN Z 22 -78.32 -47.16 -91.56
N PRO Z 23 -78.87 -46.41 -90.61
CA PRO Z 23 -78.02 -45.65 -89.69
C PRO Z 23 -77.23 -46.57 -88.78
N ARG Z 24 -76.05 -46.10 -88.39
CA ARG Z 24 -75.19 -46.85 -87.50
C ARG Z 24 -74.76 -46.03 -86.27
N GLY Z 25 -75.43 -44.92 -85.99
CA GLY Z 25 -75.16 -44.18 -84.77
C GLY Z 25 -74.07 -43.15 -84.95
N VAL Z 26 -73.72 -42.50 -83.84
CA VAL Z 26 -72.68 -41.49 -83.86
C VAL Z 26 -71.51 -42.08 -83.09
N ASN Z 27 -70.41 -41.33 -83.05
CA ASN Z 27 -69.23 -41.73 -82.29
C ASN Z 27 -69.02 -40.76 -81.12
N PRO Z 28 -69.56 -41.06 -79.93
CA PRO Z 28 -69.43 -40.11 -78.81
C PRO Z 28 -67.98 -39.89 -78.39
N THR Z 29 -67.03 -40.65 -78.92
CA THR Z 29 -65.63 -40.29 -78.71
C THR Z 29 -65.14 -39.38 -79.84
N ASN Z 30 -65.35 -39.79 -81.10
CA ASN Z 30 -64.95 -38.98 -82.25
C ASN Z 30 -65.92 -37.87 -82.59
N GLY Z 31 -67.16 -37.93 -82.10
CA GLY Z 31 -68.14 -36.95 -82.52
C GLY Z 31 -68.47 -37.02 -83.99
N VAL Z 32 -68.53 -38.23 -84.55
CA VAL Z 32 -68.77 -38.45 -85.97
C VAL Z 32 -69.94 -39.41 -86.12
N ALA Z 33 -70.90 -39.05 -86.95
CA ALA Z 33 -71.97 -39.96 -87.30
C ALA Z 33 -71.50 -40.94 -88.37
N SER Z 34 -72.09 -42.13 -88.36
CA SER Z 34 -71.71 -43.17 -89.31
C SER Z 34 -72.95 -43.96 -89.70
N LEU Z 35 -72.94 -44.44 -90.94
CA LEU Z 35 -74.02 -45.28 -91.45
C LEU Z 35 -73.45 -46.11 -92.58
N SER Z 36 -74.09 -47.25 -92.82
CA SER Z 36 -73.48 -48.31 -93.61
C SER Z 36 -74.49 -48.91 -94.58
N GLN Z 37 -73.94 -49.51 -95.63
CA GLN Z 37 -74.75 -50.18 -96.65
C GLN Z 37 -75.53 -51.35 -96.07
N ALA Z 38 -76.82 -51.40 -96.41
CA ALA Z 38 -77.72 -52.41 -95.87
C ALA Z 38 -77.30 -53.81 -96.31
N GLY Z 39 -76.17 -54.28 -95.79
CA GLY Z 39 -75.63 -55.56 -96.15
C GLY Z 39 -75.34 -56.38 -94.92
N ALA Z 40 -75.14 -57.68 -95.14
CA ALA Z 40 -74.91 -58.60 -94.02
C ALA Z 40 -73.62 -58.28 -93.27
N VAL Z 41 -72.49 -58.40 -93.94
CA VAL Z 41 -71.16 -58.35 -93.30
C VAL Z 41 -70.56 -56.94 -93.24
N PRO Z 42 -70.01 -56.55 -92.09
CA PRO Z 42 -69.33 -55.24 -91.99
C PRO Z 42 -68.11 -55.10 -92.90
N ALA Z 43 -67.41 -56.18 -93.24
CA ALA Z 43 -66.23 -56.04 -94.08
C ALA Z 43 -66.60 -55.76 -95.53
N LEU Z 44 -67.66 -56.41 -96.02
CA LEU Z 44 -68.04 -56.23 -97.42
C LEU Z 44 -68.70 -54.88 -97.65
N GLU Z 45 -69.39 -54.36 -96.65
CA GLU Z 45 -70.29 -53.24 -96.91
C GLU Z 45 -69.53 -51.93 -97.10
N LYS Z 46 -70.08 -51.08 -97.95
CA LYS Z 46 -69.64 -49.70 -98.07
C LYS Z 46 -70.17 -48.91 -96.88
N ARG Z 47 -69.47 -47.83 -96.55
CA ARG Z 47 -69.86 -47.04 -95.40
C ARG Z 47 -69.47 -45.59 -95.64
N VAL Z 48 -70.21 -44.68 -94.99
CA VAL Z 48 -69.94 -43.25 -95.05
C VAL Z 48 -70.12 -42.65 -93.67
N THR Z 49 -69.40 -41.56 -93.42
CA THR Z 49 -69.38 -40.90 -92.12
C THR Z 49 -69.47 -39.40 -92.31
N VAL Z 50 -70.33 -38.76 -91.51
CA VAL Z 50 -70.57 -37.32 -91.57
C VAL Z 50 -70.27 -36.72 -90.21
N SER Z 51 -69.68 -35.52 -90.19
CA SER Z 51 -69.34 -34.89 -88.94
C SER Z 51 -69.37 -33.38 -89.10
N VAL Z 52 -69.91 -32.70 -88.08
CA VAL Z 52 -69.87 -31.25 -88.00
C VAL Z 52 -69.24 -30.89 -86.66
N SER Z 53 -68.43 -29.83 -86.66
CA SER Z 53 -67.71 -29.42 -85.46
C SER Z 53 -67.94 -27.94 -85.15
N GLN Z 54 -68.27 -27.62 -83.89
CA GLN Z 54 -68.34 -26.24 -83.46
C GLN Z 54 -66.93 -25.67 -83.25
N PRO Z 55 -66.76 -24.35 -83.35
CA PRO Z 55 -65.42 -23.75 -83.25
C PRO Z 55 -64.90 -23.63 -81.82
N SER Z 56 -63.68 -24.14 -81.59
CA SER Z 56 -63.08 -24.11 -80.25
C SER Z 56 -61.85 -23.20 -80.19
N ARG Z 57 -60.83 -23.64 -79.43
CA ARG Z 57 -59.59 -22.88 -79.21
C ARG Z 57 -58.60 -23.04 -80.35
N ASN Z 58 -58.71 -24.12 -81.11
CA ASN Z 58 -57.82 -24.35 -82.23
C ASN Z 58 -58.20 -23.39 -83.35
N ARG Z 59 -59.29 -23.68 -84.05
CA ARG Z 59 -59.79 -22.82 -85.13
C ARG Z 59 -61.21 -22.35 -84.82
N LYS Z 60 -61.48 -21.06 -85.04
CA LYS Z 60 -62.82 -20.51 -84.76
C LYS Z 60 -63.68 -20.39 -86.01
N ASN Z 61 -63.67 -21.40 -86.87
CA ASN Z 61 -64.56 -21.50 -88.02
C ASN Z 61 -65.10 -22.93 -88.09
N TYR Z 62 -66.32 -23.06 -88.60
CA TYR Z 62 -66.99 -24.35 -88.62
C TYR Z 62 -66.42 -25.21 -89.75
N LYS Z 63 -66.42 -26.51 -89.51
CA LYS Z 63 -65.89 -27.50 -90.44
C LYS Z 63 -66.77 -28.74 -90.43
N VAL Z 64 -67.23 -29.13 -91.63
CA VAL Z 64 -68.02 -30.34 -91.82
C VAL Z 64 -67.33 -31.19 -92.88
N GLN Z 65 -67.28 -32.50 -92.64
CA GLN Z 65 -66.52 -33.41 -93.50
C GLN Z 65 -67.23 -34.75 -93.61
N VAL Z 66 -67.37 -35.25 -94.84
CA VAL Z 66 -67.93 -36.57 -95.10
C VAL Z 66 -66.90 -37.41 -95.84
N LYS Z 67 -66.83 -38.69 -95.48
CA LYS Z 67 -65.95 -39.66 -96.12
C LYS Z 67 -66.77 -40.81 -96.69
N ILE Z 68 -66.30 -41.36 -97.80
CA ILE Z 68 -66.91 -42.54 -98.42
C ILE Z 68 -65.84 -43.61 -98.58
N GLN Z 69 -66.19 -44.86 -98.26
CA GLN Z 69 -65.25 -45.97 -98.34
C GLN Z 69 -65.99 -47.18 -98.89
N ASN Z 70 -65.72 -47.54 -100.14
CA ASN Z 70 -66.36 -48.69 -100.77
C ASN Z 70 -65.33 -49.77 -101.06
N PRO Z 71 -65.26 -50.83 -100.26
CA PRO Z 71 -64.34 -51.93 -100.56
C PRO Z 71 -64.97 -52.91 -101.54
N THR Z 72 -64.15 -53.85 -102.00
CA THR Z 72 -64.64 -54.91 -102.87
C THR Z 72 -63.95 -56.22 -102.51
N ALA Z 73 -64.69 -57.32 -102.66
CA ALA Z 73 -64.25 -58.64 -102.19
C ALA Z 73 -64.49 -59.70 -103.25
N CYS Z 74 -63.54 -60.63 -103.35
CA CYS Z 74 -63.62 -61.79 -104.23
C CYS Z 74 -63.92 -63.01 -103.37
N THR Z 75 -64.67 -63.97 -103.94
CA THR Z 75 -65.15 -65.08 -103.13
C THR Z 75 -64.34 -66.36 -103.27
N ALA Z 76 -63.81 -66.67 -104.45
CA ALA Z 76 -63.16 -67.96 -104.63
C ALA Z 76 -61.78 -68.03 -104.00
N ASN Z 77 -61.32 -66.97 -103.34
CA ASN Z 77 -60.00 -66.95 -102.71
C ASN Z 77 -60.20 -67.46 -101.29
N GLY Z 78 -59.78 -68.70 -101.05
CA GLY Z 78 -60.03 -69.37 -99.79
C GLY Z 78 -61.39 -70.05 -99.76
N SER Z 79 -62.18 -69.86 -100.82
CA SER Z 79 -63.50 -70.43 -101.06
C SER Z 79 -64.38 -70.47 -99.81
N CYS Z 80 -64.20 -69.56 -98.85
CA CYS Z 80 -65.16 -69.59 -97.75
C CYS Z 80 -65.77 -68.23 -97.48
N ASP Z 81 -64.97 -67.31 -96.97
CA ASP Z 81 -65.38 -65.95 -96.61
C ASP Z 81 -64.66 -64.96 -97.52
N PRO Z 82 -65.39 -64.16 -98.30
CA PRO Z 82 -64.72 -63.21 -99.19
C PRO Z 82 -63.86 -62.23 -98.43
N SER Z 83 -62.69 -61.93 -99.00
CA SER Z 83 -61.73 -61.00 -98.43
C SER Z 83 -61.64 -59.76 -99.30
N VAL Z 84 -61.33 -58.63 -98.66
CA VAL Z 84 -61.24 -57.35 -99.37
C VAL Z 84 -59.94 -57.28 -100.15
N THR Z 85 -60.05 -57.01 -101.45
CA THR Z 85 -58.90 -56.97 -102.34
C THR Z 85 -58.37 -55.56 -102.54
N ARG Z 86 -59.27 -54.59 -102.64
CA ARG Z 86 -58.93 -53.19 -102.82
C ARG Z 86 -60.07 -52.35 -102.29
N GLN Z 87 -59.83 -51.06 -102.13
CA GLN Z 87 -60.84 -50.15 -101.63
C GLN Z 87 -60.99 -48.97 -102.58
N ALA Z 88 -62.01 -48.15 -102.33
CA ALA Z 88 -62.25 -46.93 -103.09
C ALA Z 88 -62.57 -45.84 -102.09
N TYR Z 89 -61.88 -44.71 -102.20
CA TYR Z 89 -61.90 -43.69 -101.17
C TYR Z 89 -62.50 -42.40 -101.70
N ALA Z 90 -63.18 -41.68 -100.82
CA ALA Z 90 -63.71 -40.37 -101.12
C ALA Z 90 -63.73 -39.57 -99.82
N ASP Z 91 -63.35 -38.30 -99.89
CA ASP Z 91 -63.34 -37.46 -98.70
C ASP Z 91 -63.51 -36.00 -99.10
N VAL Z 92 -64.52 -35.33 -98.56
CA VAL Z 92 -64.72 -33.91 -98.76
C VAL Z 92 -64.51 -33.22 -97.41
N THR Z 93 -64.26 -31.92 -97.46
CA THR Z 93 -64.22 -31.12 -96.23
C THR Z 93 -64.68 -29.71 -96.56
N PHE Z 94 -65.76 -29.29 -95.93
CA PHE Z 94 -66.24 -27.92 -96.07
C PHE Z 94 -65.83 -27.12 -94.84
N SER Z 95 -65.55 -25.85 -95.04
CA SER Z 95 -65.16 -24.98 -93.94
C SER Z 95 -65.65 -23.57 -94.24
N PHE Z 96 -66.62 -23.11 -93.47
CA PHE Z 96 -67.17 -21.77 -93.61
C PHE Z 96 -66.82 -20.93 -92.40
N THR Z 97 -66.89 -19.61 -92.58
CA THR Z 97 -66.58 -18.70 -91.50
C THR Z 97 -67.72 -18.71 -90.49
N GLN Z 98 -67.42 -18.23 -89.29
CA GLN Z 98 -68.43 -18.12 -88.25
C GLN Z 98 -69.54 -17.15 -88.67
N TYR Z 99 -69.21 -16.16 -89.51
CA TYR Z 99 -70.16 -15.22 -90.09
C TYR Z 99 -70.76 -15.65 -91.43
N SER Z 100 -70.75 -16.95 -91.76
CA SER Z 100 -71.27 -17.40 -93.04
C SER Z 100 -72.79 -17.40 -93.07
N THR Z 101 -73.36 -17.06 -94.23
CA THR Z 101 -74.80 -17.04 -94.41
C THR Z 101 -75.33 -18.42 -94.79
N ASP Z 102 -76.62 -18.62 -94.53
CA ASP Z 102 -77.27 -19.89 -94.85
C ASP Z 102 -77.19 -20.20 -96.34
N GLU Z 103 -77.50 -19.20 -97.18
CA GLU Z 103 -77.50 -19.42 -98.62
C GLU Z 103 -76.12 -19.78 -99.14
N GLU Z 104 -75.08 -19.10 -98.63
CA GLU Z 104 -73.71 -19.44 -99.02
C GLU Z 104 -73.41 -20.91 -98.75
N ARG Z 105 -73.92 -21.42 -97.63
CA ARG Z 105 -73.61 -22.79 -97.23
C ARG Z 105 -74.20 -23.77 -98.23
N ALA Z 106 -75.48 -23.57 -98.59
CA ALA Z 106 -76.12 -24.43 -99.60
C ALA Z 106 -75.51 -24.22 -100.98
N PHE Z 107 -75.05 -23.01 -101.29
CA PHE Z 107 -74.52 -22.74 -102.61
C PHE Z 107 -73.27 -23.57 -102.88
N VAL Z 108 -72.32 -23.56 -101.93
CA VAL Z 108 -71.13 -24.39 -102.06
C VAL Z 108 -71.48 -25.87 -102.06
N ARG Z 109 -72.62 -26.24 -101.49
CA ARG Z 109 -73.03 -27.63 -101.43
C ARG Z 109 -73.51 -28.13 -102.79
N THR Z 110 -74.43 -27.40 -103.42
CA THR Z 110 -74.94 -27.84 -104.71
C THR Z 110 -73.91 -27.64 -105.81
N GLU Z 111 -73.01 -26.68 -105.67
CA GLU Z 111 -71.94 -26.51 -106.63
C GLU Z 111 -71.10 -27.77 -106.75
N LEU Z 112 -70.75 -28.37 -105.61
CA LEU Z 112 -69.96 -29.60 -105.62
C LEU Z 112 -70.79 -30.78 -106.14
N ALA Z 113 -72.07 -30.84 -105.79
CA ALA Z 113 -72.93 -31.90 -106.29
C ALA Z 113 -73.11 -31.80 -107.79
N ALA Z 114 -73.36 -30.58 -108.30
CA ALA Z 114 -73.46 -30.42 -109.75
C ALA Z 114 -72.10 -30.55 -110.41
N LEU Z 115 -71.04 -30.08 -109.75
CA LEU Z 115 -69.71 -30.23 -110.32
C LEU Z 115 -69.31 -31.69 -110.39
N LEU Z 116 -69.87 -32.52 -109.51
CA LEU Z 116 -69.62 -33.95 -109.54
C LEU Z 116 -70.30 -34.64 -110.71
N ALA Z 117 -71.18 -33.94 -111.42
CA ALA Z 117 -71.86 -34.48 -112.58
C ALA Z 117 -71.53 -33.75 -113.87
N SER Z 118 -70.65 -32.75 -113.82
CA SER Z 118 -70.28 -32.04 -115.03
C SER Z 118 -69.33 -32.89 -115.88
N PRO Z 119 -69.53 -32.90 -117.21
CA PRO Z 119 -68.67 -33.69 -118.11
C PRO Z 119 -67.18 -33.67 -117.78
N LEU Z 120 -66.66 -32.53 -117.33
CA LEU Z 120 -65.24 -32.44 -117.03
C LEU Z 120 -64.85 -33.42 -115.91
N LEU Z 121 -65.64 -33.44 -114.83
CA LEU Z 121 -65.36 -34.34 -113.71
C LEU Z 121 -65.64 -35.80 -114.05
N ILE Z 122 -66.41 -36.07 -115.11
CA ILE Z 122 -66.63 -37.46 -115.51
C ILE Z 122 -65.31 -38.12 -115.87
N ASP Z 123 -64.54 -37.47 -116.75
CA ASP Z 123 -63.24 -38.00 -117.15
C ASP Z 123 -62.16 -37.82 -116.09
N ALA Z 124 -62.37 -36.92 -115.13
CA ALA Z 124 -61.42 -36.75 -114.04
C ALA Z 124 -61.53 -37.88 -113.03
N ILE Z 125 -62.72 -38.47 -112.91
CA ILE Z 125 -62.97 -39.50 -111.92
C ILE Z 125 -62.96 -40.88 -112.54
N ASP Z 126 -63.66 -41.04 -113.66
CA ASP Z 126 -63.83 -42.37 -114.24
C ASP Z 126 -62.68 -42.76 -115.15
N GLN Z 127 -62.22 -41.84 -116.00
CA GLN Z 127 -61.07 -42.06 -116.85
C GLN Z 127 -59.81 -41.44 -116.30
N LEU Z 128 -59.94 -40.63 -115.24
CA LEU Z 128 -58.84 -40.01 -114.50
C LEU Z 128 -57.85 -39.30 -115.43
N ASN Z 129 -58.37 -38.44 -116.29
CA ASN Z 129 -57.53 -37.58 -117.11
C ASN Z 129 -57.90 -36.13 -116.84
N PRO Z 130 -56.93 -35.26 -116.59
CA PRO Z 130 -57.25 -33.87 -116.22
C PRO Z 130 -57.78 -33.07 -117.39
N ALA Z 131 -57.71 -31.76 -117.27
CA ALA Z 131 -57.95 -30.89 -118.41
C ALA Z 131 -56.81 -31.04 -119.42
N TYR Z 132 -56.85 -30.23 -120.47
CA TYR Z 132 -55.84 -30.31 -121.52
C TYR Z 132 -54.71 -29.31 -121.31
N ALA AA 1 -85.39 -33.92 -70.22
CA ALA AA 1 -86.51 -34.48 -70.98
C ALA AA 1 -86.20 -34.48 -72.47
N LYS AA 2 -87.26 -34.49 -73.27
CA LYS AA 2 -87.11 -34.49 -74.72
C LYS AA 2 -86.62 -33.13 -75.21
N LEU AA 3 -85.80 -33.15 -76.26
CA LEU AA 3 -85.23 -31.92 -76.82
C LEU AA 3 -86.25 -31.30 -77.77
N GLU AA 4 -87.17 -30.53 -77.21
CA GLU AA 4 -88.21 -29.88 -77.98
C GLU AA 4 -87.80 -28.45 -78.33
N THR AA 5 -88.65 -27.76 -79.07
CA THR AA 5 -88.48 -26.33 -79.33
C THR AA 5 -89.13 -25.57 -78.18
N VAL AA 6 -88.32 -24.99 -77.31
CA VAL AA 6 -88.81 -24.29 -76.13
C VAL AA 6 -89.00 -22.82 -76.48
N THR AA 7 -90.06 -22.22 -75.93
CA THR AA 7 -90.42 -20.82 -76.18
C THR AA 7 -90.72 -20.17 -74.84
N LEU AA 8 -89.87 -19.24 -74.42
CA LEU AA 8 -90.07 -18.52 -73.16
C LEU AA 8 -90.92 -17.29 -73.41
N GLY AA 9 -92.03 -17.19 -72.69
CA GLY AA 9 -92.91 -16.06 -72.75
C GLY AA 9 -92.86 -15.25 -71.46
N ASN AA 10 -93.47 -14.06 -71.53
CA ASN AA 10 -93.49 -13.12 -70.41
C ASN AA 10 -92.07 -12.87 -69.90
N ILE AA 11 -91.24 -12.36 -70.82
CA ILE AA 11 -89.80 -12.27 -70.63
C ILE AA 11 -89.35 -10.87 -71.00
N GLY AA 12 -88.23 -10.44 -70.43
CA GLY AA 12 -87.66 -9.15 -70.76
C GLY AA 12 -87.91 -8.11 -69.69
N LYS AA 13 -87.27 -6.95 -69.88
CA LYS AA 13 -87.45 -5.84 -68.96
C LYS AA 13 -88.92 -5.45 -68.88
N ASP AA 14 -89.58 -5.28 -70.04
CA ASP AA 14 -90.99 -4.94 -70.06
C ASP AA 14 -91.83 -6.07 -69.47
N GLY AA 15 -91.46 -7.31 -69.75
CA GLY AA 15 -92.20 -8.47 -69.33
C GLY AA 15 -93.28 -8.93 -70.28
N LYS AA 16 -93.41 -8.29 -71.44
CA LYS AA 16 -94.40 -8.68 -72.44
C LYS AA 16 -93.73 -9.09 -73.75
N GLN AA 17 -92.60 -9.77 -73.68
CA GLN AA 17 -91.89 -10.25 -74.85
C GLN AA 17 -91.85 -11.77 -74.84
N THR AA 18 -91.34 -12.34 -75.93
CA THR AA 18 -91.24 -13.78 -76.09
C THR AA 18 -89.96 -14.11 -76.82
N LEU AA 19 -89.48 -15.34 -76.61
CA LEU AA 19 -88.21 -15.78 -77.15
C LEU AA 19 -88.34 -17.25 -77.56
N VAL AA 20 -88.01 -17.54 -78.81
CA VAL AA 20 -88.15 -18.87 -79.39
C VAL AA 20 -86.77 -19.50 -79.52
N LEU AA 21 -86.66 -20.76 -79.09
CA LEU AA 21 -85.39 -21.49 -79.10
C LEU AA 21 -85.61 -22.86 -79.74
N ASN AA 22 -85.17 -23.02 -80.99
CA ASN AA 22 -85.24 -24.34 -81.62
C ASN AA 22 -84.01 -25.19 -81.26
N PRO AA 23 -84.18 -26.50 -81.18
CA PRO AA 23 -83.06 -27.38 -80.84
C PRO AA 23 -82.04 -27.50 -81.97
N ARG AA 24 -80.77 -27.68 -81.59
CA ARG AA 24 -79.69 -27.97 -82.52
C ARG AA 24 -78.96 -29.26 -82.15
N GLY AA 25 -79.56 -30.08 -81.31
CA GLY AA 25 -79.02 -31.39 -81.02
C GLY AA 25 -78.07 -31.40 -79.83
N VAL AA 26 -77.50 -32.58 -79.59
CA VAL AA 26 -76.58 -32.78 -78.49
C VAL AA 26 -75.17 -32.96 -79.04
N ASN AA 27 -74.20 -32.84 -78.14
CA ASN AA 27 -72.78 -33.06 -78.45
C ASN AA 27 -72.34 -34.24 -77.61
N PRO AA 28 -72.41 -35.47 -78.13
CA PRO AA 28 -72.11 -36.65 -77.30
C PRO AA 28 -70.67 -36.72 -76.82
N THR AA 29 -69.78 -35.86 -77.32
CA THR AA 29 -68.40 -35.81 -76.83
C THR AA 29 -68.26 -34.86 -75.65
N ASN AA 30 -68.81 -33.65 -75.75
CA ASN AA 30 -68.78 -32.74 -74.62
C ASN AA 30 -69.85 -33.09 -73.59
N GLY AA 31 -70.82 -33.91 -73.95
CA GLY AA 31 -71.93 -34.23 -73.06
C GLY AA 31 -72.77 -33.03 -72.73
N VAL AA 32 -72.97 -32.13 -73.69
CA VAL AA 32 -73.74 -30.91 -73.48
C VAL AA 32 -74.79 -30.80 -74.57
N ALA AA 33 -76.04 -30.64 -74.18
CA ALA AA 33 -77.09 -30.33 -75.12
C ALA AA 33 -77.09 -28.83 -75.41
N SER AA 34 -77.53 -28.47 -76.61
CA SER AA 34 -77.57 -27.05 -76.95
C SER AA 34 -78.78 -26.80 -77.83
N LEU AA 35 -79.33 -25.60 -77.70
CA LEU AA 35 -80.43 -25.15 -78.52
C LEU AA 35 -80.40 -23.63 -78.54
N SER AA 36 -80.86 -23.05 -79.64
CA SER AA 36 -80.57 -21.65 -79.89
C SER AA 36 -81.75 -20.99 -80.60
N GLN AA 37 -81.83 -19.68 -80.45
CA GLN AA 37 -82.77 -18.90 -81.23
C GLN AA 37 -82.33 -18.96 -82.69
N ALA AA 38 -83.24 -19.36 -83.56
CA ALA AA 38 -82.94 -19.63 -84.97
C ALA AA 38 -82.58 -18.34 -85.69
N GLY AA 39 -81.30 -18.18 -86.03
CA GLY AA 39 -80.84 -17.02 -86.75
C GLY AA 39 -80.10 -17.41 -88.02
N ALA AA 40 -79.94 -16.40 -88.89
CA ALA AA 40 -79.28 -16.61 -90.18
C ALA AA 40 -77.84 -17.05 -89.96
N VAL AA 41 -77.03 -16.18 -89.35
CA VAL AA 41 -75.62 -16.41 -89.15
C VAL AA 41 -75.41 -17.11 -87.80
N PRO AA 42 -74.61 -18.17 -87.74
CA PRO AA 42 -74.40 -18.86 -86.46
C PRO AA 42 -73.80 -17.98 -85.38
N ALA AA 43 -73.01 -16.97 -85.74
CA ALA AA 43 -72.36 -16.15 -84.72
C ALA AA 43 -73.34 -15.20 -84.06
N LEU AA 44 -74.31 -14.68 -84.83
CA LEU AA 44 -75.22 -13.67 -84.31
C LEU AA 44 -76.26 -14.25 -83.35
N GLU AA 45 -76.60 -15.53 -83.49
CA GLU AA 45 -77.78 -16.06 -82.85
C GLU AA 45 -77.61 -16.22 -81.33
N LYS AA 46 -78.71 -16.07 -80.61
CA LYS AA 46 -78.74 -16.36 -79.18
C LYS AA 46 -78.71 -17.88 -78.99
N ARG AA 47 -78.19 -18.33 -77.84
CA ARG AA 47 -78.16 -19.75 -77.58
C ARG AA 47 -78.12 -20.01 -76.07
N VAL AA 48 -78.63 -21.19 -75.68
CA VAL AA 48 -78.56 -21.69 -74.31
C VAL AA 48 -78.21 -23.17 -74.36
N THR AA 49 -77.55 -23.65 -73.31
CA THR AA 49 -77.04 -25.02 -73.26
C THR AA 49 -77.27 -25.62 -71.88
N VAL AA 50 -77.74 -26.87 -71.85
CA VAL AA 50 -78.00 -27.59 -70.61
C VAL AA 50 -77.19 -28.87 -70.62
N SER AA 51 -76.63 -29.23 -69.47
CA SER AA 51 -75.81 -30.43 -69.37
C SER AA 51 -75.87 -31.01 -67.97
N VAL AA 52 -75.93 -32.33 -67.87
CA VAL AA 52 -75.89 -33.03 -66.58
C VAL AA 52 -74.78 -34.07 -66.64
N SER AA 53 -74.05 -34.23 -65.52
CA SER AA 53 -72.99 -35.22 -65.43
C SER AA 53 -73.12 -36.03 -64.15
N GLN AA 54 -73.05 -37.36 -64.27
CA GLN AA 54 -73.01 -38.23 -63.10
C GLN AA 54 -71.62 -38.17 -62.46
N PRO AA 55 -71.50 -38.56 -61.18
CA PRO AA 55 -70.20 -38.44 -60.51
C PRO AA 55 -69.25 -39.51 -61.02
N SER AA 56 -68.05 -39.07 -61.41
CA SER AA 56 -67.05 -39.94 -61.96
C SER AA 56 -65.92 -40.06 -60.93
N ARG AA 57 -64.67 -40.10 -61.40
CA ARG AA 57 -63.52 -40.26 -60.51
C ARG AA 57 -63.07 -38.93 -59.92
N ASN AA 58 -63.48 -37.82 -60.51
CA ASN AA 58 -63.13 -36.50 -59.98
C ASN AA 58 -63.92 -36.22 -58.70
N ARG AA 59 -65.21 -35.91 -58.81
CA ARG AA 59 -66.04 -35.67 -57.64
C ARG AA 59 -67.15 -36.71 -57.54
N LYS AA 60 -67.58 -36.96 -56.30
CA LYS AA 60 -68.68 -37.91 -56.06
C LYS AA 60 -69.99 -37.17 -55.81
N ASN AA 61 -70.28 -36.16 -56.64
CA ASN AA 61 -71.51 -35.37 -56.58
C ASN AA 61 -72.06 -35.12 -57.98
N TYR AA 62 -73.37 -34.97 -58.04
CA TYR AA 62 -74.03 -34.70 -59.32
C TYR AA 62 -73.87 -33.20 -59.58
N LYS AA 63 -73.71 -32.84 -60.86
CA LYS AA 63 -73.58 -31.42 -61.16
C LYS AA 63 -74.24 -31.13 -62.50
N VAL AA 64 -75.16 -30.16 -62.50
CA VAL AA 64 -75.87 -29.71 -63.69
C VAL AA 64 -75.69 -28.20 -63.84
N GLN AA 65 -75.49 -27.76 -65.07
CA GLN AA 65 -75.20 -26.36 -65.35
C GLN AA 65 -75.82 -25.94 -66.68
N VAL AA 66 -76.43 -24.75 -66.69
CA VAL AA 66 -76.98 -24.15 -67.90
C VAL AA 66 -76.25 -22.85 -68.18
N LYS AA 67 -75.98 -22.59 -69.44
CA LYS AA 67 -75.31 -21.36 -69.88
C LYS AA 67 -76.23 -20.60 -70.83
N ILE AA 68 -76.13 -19.27 -70.79
CA ILE AA 68 -76.85 -18.39 -71.69
C ILE AA 68 -75.85 -17.46 -72.37
N GLN AA 69 -75.98 -17.28 -73.68
CA GLN AA 69 -75.07 -16.43 -74.45
C GLN AA 69 -75.90 -15.65 -75.46
N ASN AA 70 -76.10 -14.36 -75.19
CA ASN AA 70 -76.90 -13.47 -76.05
C ASN AA 70 -76.03 -12.37 -76.63
N PRO AA 71 -75.60 -12.47 -77.89
CA PRO AA 71 -74.81 -11.41 -78.50
C PRO AA 71 -75.69 -10.32 -79.12
N THR AA 72 -75.03 -9.24 -79.55
CA THR AA 72 -75.69 -8.13 -80.23
C THR AA 72 -74.77 -7.59 -81.31
N ALA AA 73 -75.38 -7.02 -82.36
CA ALA AA 73 -74.61 -6.61 -83.53
C ALA AA 73 -74.97 -5.20 -83.99
N CYS AA 74 -74.18 -4.70 -84.95
CA CYS AA 74 -74.40 -3.41 -85.61
C CYS AA 74 -74.00 -3.58 -87.07
N THR AA 75 -74.71 -2.89 -87.98
CA THR AA 75 -74.43 -3.07 -89.40
C THR AA 75 -73.62 -1.96 -90.07
N ALA AA 76 -73.79 -0.70 -89.67
CA ALA AA 76 -73.33 0.41 -90.52
C ALA AA 76 -71.83 0.69 -90.52
N ASN AA 77 -71.00 -0.01 -89.76
CA ASN AA 77 -69.57 0.30 -89.87
C ASN AA 77 -68.91 -0.47 -90.99
N GLY AA 78 -69.64 -1.46 -91.54
CA GLY AA 78 -69.22 -2.25 -92.68
C GLY AA 78 -70.41 -2.19 -93.63
N SER AA 79 -71.51 -1.60 -93.13
CA SER AA 79 -72.79 -1.38 -93.81
C SER AA 79 -73.33 -2.52 -94.68
N CYS AA 80 -72.74 -3.71 -94.58
CA CYS AA 80 -73.30 -4.84 -95.32
C CYS AA 80 -73.67 -6.02 -94.42
N ASP AA 81 -72.68 -6.68 -93.79
CA ASP AA 81 -72.95 -7.82 -92.92
C ASP AA 81 -72.68 -7.42 -91.49
N PRO AA 82 -73.68 -7.46 -90.61
CA PRO AA 82 -73.48 -7.05 -89.22
C PRO AA 82 -72.46 -7.92 -88.50
N SER AA 83 -71.65 -7.28 -87.68
CA SER AA 83 -70.65 -7.93 -86.85
C SER AA 83 -71.07 -7.79 -85.38
N VAL AA 84 -70.70 -8.78 -84.57
CA VAL AA 84 -71.09 -8.76 -83.17
C VAL AA 84 -70.20 -7.77 -82.42
N THR AA 85 -70.82 -6.85 -81.69
CA THR AA 85 -70.08 -5.80 -81.02
C THR AA 85 -69.78 -6.13 -79.57
N ARG AA 86 -70.73 -6.75 -78.87
CA ARG AA 86 -70.56 -7.11 -77.47
C ARG AA 86 -71.48 -8.29 -77.20
N GLN AA 87 -71.24 -8.95 -76.07
CA GLN AA 87 -72.05 -10.09 -75.69
C GLN AA 87 -72.55 -9.94 -74.26
N ALA AA 88 -73.45 -10.83 -73.86
CA ALA AA 88 -73.98 -10.86 -72.51
C ALA AA 88 -74.04 -12.32 -72.06
N TYR AA 89 -73.49 -12.60 -70.89
CA TYR AA 89 -73.27 -13.97 -70.46
C TYR AA 89 -74.07 -14.27 -69.21
N ALA AA 90 -74.46 -15.54 -69.08
CA ALA AA 90 -75.13 -16.05 -67.90
C ALA AA 90 -74.70 -17.50 -67.74
N ASP AA 91 -74.42 -17.90 -66.51
CA ASP AA 91 -73.98 -19.27 -66.27
C ASP AA 91 -74.37 -19.67 -64.86
N VAL AA 92 -75.07 -20.79 -64.73
CA VAL AA 92 -75.43 -21.34 -63.43
C VAL AA 92 -74.63 -22.61 -63.22
N THR AA 93 -74.56 -23.04 -61.97
CA THR AA 93 -73.99 -24.35 -61.66
C THR AA 93 -74.67 -24.89 -60.42
N PHE AA 94 -75.37 -26.01 -60.59
CA PHE AA 94 -75.99 -26.72 -59.48
C PHE AA 94 -75.15 -27.93 -59.14
N SER AA 95 -75.11 -28.28 -57.85
CA SER AA 95 -74.38 -29.46 -57.42
C SER AA 95 -75.08 -30.01 -56.19
N PHE AA 96 -75.69 -31.18 -56.34
CA PHE AA 96 -76.38 -31.85 -55.26
C PHE AA 96 -75.64 -33.11 -54.83
N THR AA 97 -75.94 -33.57 -53.62
CA THR AA 97 -75.32 -34.74 -53.04
C THR AA 97 -75.82 -36.00 -53.73
N GLN AA 98 -75.11 -37.11 -53.50
CA GLN AA 98 -75.51 -38.38 -54.08
C GLN AA 98 -76.90 -38.78 -53.59
N TYR AA 99 -77.20 -38.51 -52.32
CA TYR AA 99 -78.53 -38.73 -51.74
C TYR AA 99 -79.42 -37.49 -51.64
N SER AA 100 -79.20 -36.45 -52.44
CA SER AA 100 -80.05 -35.27 -52.26
C SER AA 100 -81.47 -35.61 -52.69
N THR AA 101 -82.45 -35.06 -51.97
CA THR AA 101 -83.84 -35.44 -52.23
C THR AA 101 -84.39 -34.70 -53.45
N ASP AA 102 -85.40 -35.32 -54.06
CA ASP AA 102 -86.04 -34.74 -55.24
C ASP AA 102 -86.62 -33.37 -54.93
N GLU AA 103 -87.37 -33.26 -53.83
CA GLU AA 103 -87.98 -31.98 -53.49
C GLU AA 103 -86.94 -30.91 -53.18
N GLU AA 104 -85.86 -31.29 -52.49
CA GLU AA 104 -84.78 -30.33 -52.23
C GLU AA 104 -84.28 -29.72 -53.54
N ARG AA 105 -84.20 -30.55 -54.58
CA ARG AA 105 -83.66 -30.09 -55.86
C ARG AA 105 -84.59 -29.04 -56.48
N ALA AA 106 -85.90 -29.31 -56.47
CA ALA AA 106 -86.86 -28.35 -56.99
C ALA AA 106 -86.90 -27.08 -56.18
N PHE AA 107 -86.68 -27.18 -54.86
CA PHE AA 107 -86.70 -25.99 -54.01
C PHE AA 107 -85.57 -25.04 -54.40
N VAL AA 108 -84.36 -25.58 -54.55
CA VAL AA 108 -83.24 -24.75 -54.98
C VAL AA 108 -83.48 -24.22 -56.39
N ARG AA 109 -84.29 -24.90 -57.19
CA ARG AA 109 -84.55 -24.41 -58.53
C ARG AA 109 -85.51 -23.22 -58.51
N THR AA 110 -86.63 -23.36 -57.79
CA THR AA 110 -87.59 -22.27 -57.72
C THR AA 110 -87.07 -21.12 -56.87
N GLU AA 111 -86.22 -21.42 -55.89
CA GLU AA 111 -85.58 -20.34 -55.13
C GLU AA 111 -84.76 -19.44 -56.06
N LEU AA 112 -84.04 -20.05 -57.00
CA LEU AA 112 -83.27 -19.25 -57.95
C LEU AA 112 -84.20 -18.49 -58.89
N ALA AA 113 -85.29 -19.11 -59.32
CA ALA AA 113 -86.23 -18.43 -60.18
C ALA AA 113 -86.88 -17.25 -59.46
N ALA AA 114 -87.29 -17.47 -58.20
CA ALA AA 114 -87.87 -16.39 -57.41
C ALA AA 114 -86.82 -15.36 -57.00
N LEU AA 115 -85.59 -15.80 -56.75
CA LEU AA 115 -84.55 -14.85 -56.37
C LEU AA 115 -84.20 -13.93 -57.54
N LEU AA 116 -84.39 -14.39 -58.78
CA LEU AA 116 -84.18 -13.55 -59.94
C LEU AA 116 -85.25 -12.49 -60.10
N ALA AA 117 -86.34 -12.54 -59.33
CA ALA AA 117 -87.40 -11.55 -59.42
C ALA AA 117 -87.54 -10.69 -58.18
N SER AA 118 -86.70 -10.88 -57.17
CA SER AA 118 -86.76 -10.03 -55.99
C SER AA 118 -86.15 -8.68 -56.28
N PRO AA 119 -86.75 -7.59 -55.78
CA PRO AA 119 -86.20 -6.24 -55.97
C PRO AA 119 -84.68 -6.16 -55.83
N LEU AA 120 -84.13 -6.93 -54.89
CA LEU AA 120 -82.69 -6.90 -54.64
C LEU AA 120 -81.91 -7.32 -55.87
N LEU AA 121 -82.29 -8.43 -56.50
CA LEU AA 121 -81.59 -8.88 -57.70
C LEU AA 121 -81.93 -8.00 -58.91
N ILE AA 122 -83.02 -7.24 -58.86
CA ILE AA 122 -83.33 -6.33 -59.97
C ILE AA 122 -82.24 -5.27 -60.10
N ASP AA 123 -81.92 -4.58 -59.00
CA ASP AA 123 -80.85 -3.60 -59.05
C ASP AA 123 -79.47 -4.22 -59.03
N ALA AA 124 -79.36 -5.48 -58.59
CA ALA AA 124 -78.06 -6.14 -58.65
C ALA AA 124 -77.70 -6.54 -60.07
N ILE AA 125 -78.71 -6.80 -60.89
CA ILE AA 125 -78.50 -7.28 -62.25
C ILE AA 125 -78.65 -6.16 -63.27
N ASP AA 126 -79.71 -5.37 -63.12
CA ASP AA 126 -80.05 -4.35 -64.10
C ASP AA 126 -79.32 -3.03 -63.85
N GLN AA 127 -79.23 -2.60 -62.58
CA GLN AA 127 -78.53 -1.36 -62.24
C GLN AA 127 -77.11 -1.61 -61.71
N LEU AA 128 -76.76 -2.86 -61.43
CA LEU AA 128 -75.42 -3.27 -61.01
C LEU AA 128 -74.90 -2.41 -59.86
N ASN AA 129 -75.71 -2.27 -58.82
CA ASN AA 129 -75.27 -1.65 -57.59
C ASN AA 129 -75.49 -2.63 -56.46
N PRO AA 130 -74.51 -2.82 -55.57
CA PRO AA 130 -74.65 -3.85 -54.54
C PRO AA 130 -75.77 -3.47 -53.57
N ALA AA 131 -76.07 -4.41 -52.67
CA ALA AA 131 -77.00 -4.08 -51.60
C ALA AA 131 -76.36 -3.04 -50.68
N TYR AA 132 -77.08 -1.94 -50.46
CA TYR AA 132 -76.56 -0.86 -49.64
C TYR AA 132 -77.69 -0.25 -48.81
N ALA BA 1 -80.10 -3.12 -54.88
CA ALA BA 1 -80.99 -2.23 -54.17
C ALA BA 1 -80.67 -2.20 -52.68
N LYS BA 2 -81.65 -1.83 -51.87
CA LYS BA 2 -81.46 -1.83 -50.43
C LYS BA 2 -81.50 -3.26 -49.92
N LEU BA 3 -80.69 -3.55 -48.90
CA LEU BA 3 -80.66 -4.90 -48.33
C LEU BA 3 -81.83 -5.03 -47.35
N GLU BA 4 -82.99 -5.34 -47.90
CA GLU BA 4 -84.22 -5.47 -47.13
C GLU BA 4 -84.45 -6.93 -46.74
N THR BA 5 -85.54 -7.16 -46.01
CA THR BA 5 -85.98 -8.52 -45.70
C THR BA 5 -86.79 -9.05 -46.88
N VAL BA 6 -86.19 -9.95 -47.64
CA VAL BA 6 -86.80 -10.49 -48.85
C VAL BA 6 -87.61 -11.73 -48.51
N THR BA 7 -88.75 -11.88 -49.16
CA THR BA 7 -89.64 -13.01 -48.96
C THR BA 7 -90.07 -13.55 -50.31
N LEU BA 8 -89.56 -14.73 -50.67
CA LEU BA 8 -89.91 -15.38 -51.93
C LEU BA 8 -91.11 -16.30 -51.70
N GLY BA 9 -92.17 -16.09 -52.49
CA GLY BA 9 -93.36 -16.91 -52.43
C GLY BA 9 -93.48 -17.78 -53.67
N ASN BA 10 -94.41 -18.72 -53.59
CA ASN BA 10 -94.71 -19.66 -54.67
C ASN BA 10 -93.46 -20.42 -55.13
N ILE BA 11 -92.87 -21.17 -54.19
CA ILE BA 11 -91.60 -21.85 -54.45
C ILE BA 11 -91.72 -23.30 -53.99
N GLY BA 12 -90.89 -24.15 -54.57
CA GLY BA 12 -90.86 -25.55 -54.22
C GLY BA 12 -91.55 -26.41 -55.27
N LYS BA 13 -91.42 -27.72 -55.08
CA LYS BA 13 -92.10 -28.65 -55.98
C LYS BA 13 -93.60 -28.42 -55.97
N ASP BA 14 -94.18 -28.22 -54.78
CA ASP BA 14 -95.61 -27.98 -54.66
C ASP BA 14 -96.02 -26.71 -55.40
N GLY BA 15 -95.21 -25.67 -55.29
CA GLY BA 15 -95.51 -24.38 -55.85
C GLY BA 15 -96.34 -23.50 -54.94
N LYS BA 16 -96.69 -24.00 -53.76
CA LYS BA 16 -97.45 -23.28 -52.75
C LYS BA 16 -96.68 -23.16 -51.44
N GLN BA 17 -95.38 -22.95 -51.51
CA GLN BA 17 -94.57 -22.76 -50.32
C GLN BA 17 -93.98 -21.35 -50.30
N THR BA 18 -93.36 -21.01 -49.18
CA THR BA 18 -92.81 -19.68 -48.99
C THR BA 18 -91.53 -19.76 -48.18
N LEU BA 19 -90.67 -18.75 -48.37
CA LEU BA 19 -89.35 -18.69 -47.75
C LEU BA 19 -89.03 -17.25 -47.42
N VAL BA 20 -88.72 -16.98 -46.15
CA VAL BA 20 -88.44 -15.63 -45.67
C VAL BA 20 -86.94 -15.50 -45.43
N LEU BA 21 -86.36 -14.41 -45.93
CA LEU BA 21 -84.91 -14.18 -45.86
C LEU BA 21 -84.64 -12.78 -45.33
N ASN BA 22 -84.19 -12.69 -44.07
CA ASN BA 22 -83.82 -11.41 -43.48
C ASN BA 22 -82.39 -11.00 -43.88
N PRO BA 23 -82.12 -9.70 -43.98
CA PRO BA 23 -80.78 -9.26 -44.38
C PRO BA 23 -79.74 -9.54 -43.31
N ARG BA 24 -78.52 -9.81 -43.77
CA ARG BA 24 -77.40 -10.03 -42.87
C ARG BA 24 -76.19 -9.16 -43.21
N GLY BA 25 -76.36 -8.13 -44.04
CA GLY BA 25 -75.27 -7.21 -44.26
C GLY BA 25 -74.37 -7.64 -45.40
N VAL BA 26 -73.29 -6.88 -45.56
CA VAL BA 26 -72.29 -7.18 -46.57
C VAL BA 26 -71.06 -7.69 -45.84
N ASN BA 27 -70.10 -8.20 -46.61
CA ASN BA 27 -68.85 -8.67 -46.04
C ASN BA 27 -67.78 -7.70 -46.51
N PRO BA 28 -67.43 -6.69 -45.70
CA PRO BA 28 -66.57 -5.60 -46.21
C PRO BA 28 -65.19 -6.04 -46.65
N THR BA 29 -64.80 -7.29 -46.38
CA THR BA 29 -63.57 -7.84 -46.94
C THR BA 29 -63.86 -8.53 -48.27
N ASN BA 30 -64.90 -9.37 -48.30
CA ASN BA 30 -65.28 -10.08 -49.50
C ASN BA 30 -66.05 -9.20 -50.48
N GLY BA 31 -66.59 -8.07 -50.03
CA GLY BA 31 -67.41 -7.25 -50.90
C GLY BA 31 -68.65 -7.98 -51.39
N VAL BA 32 -69.24 -8.82 -50.54
CA VAL BA 32 -70.39 -9.63 -50.90
C VAL BA 32 -71.47 -9.41 -49.85
N ALA BA 33 -72.68 -9.12 -50.31
CA ALA BA 33 -73.82 -9.08 -49.41
C ALA BA 33 -74.29 -10.49 -49.13
N SER BA 34 -74.86 -10.69 -47.95
CA SER BA 34 -75.34 -12.00 -47.55
C SER BA 34 -76.61 -11.82 -46.74
N LEU BA 35 -77.50 -12.80 -46.84
CA LEU BA 35 -78.74 -12.81 -46.09
C LEU BA 35 -79.19 -14.26 -45.97
N SER BA 36 -80.00 -14.53 -44.96
CA SER BA 36 -80.21 -15.89 -44.53
C SER BA 36 -81.68 -16.14 -44.26
N GLN BA 37 -82.05 -17.41 -44.37
CA GLN BA 37 -83.41 -17.86 -44.08
C GLN BA 37 -83.77 -17.61 -42.62
N ALA BA 38 -84.96 -17.02 -42.40
CA ALA BA 38 -85.39 -16.65 -41.07
C ALA BA 38 -85.53 -17.88 -40.18
N GLY BA 39 -84.39 -18.39 -39.71
CA GLY BA 39 -84.36 -19.58 -38.90
C GLY BA 39 -83.57 -19.34 -37.62
N ALA BA 40 -83.76 -20.27 -36.69
CA ALA BA 40 -83.13 -20.18 -35.38
C ALA BA 40 -81.60 -20.20 -35.47
N VAL BA 41 -81.04 -21.30 -35.96
CA VAL BA 41 -79.60 -21.55 -35.90
C VAL BA 41 -78.80 -21.03 -37.09
N PRO BA 42 -77.67 -20.34 -36.85
CA PRO BA 42 -76.84 -19.86 -37.97
C PRO BA 42 -76.26 -20.99 -38.80
N ALA BA 43 -75.95 -22.14 -38.20
CA ALA BA 43 -75.36 -23.24 -38.96
C ALA BA 43 -76.39 -23.96 -39.81
N LEU BA 44 -77.61 -24.10 -39.28
CA LEU BA 44 -78.67 -24.83 -39.97
C LEU BA 44 -79.27 -24.03 -41.14
N GLU BA 45 -79.24 -22.71 -41.06
CA GLU BA 45 -80.09 -21.88 -41.91
C GLU BA 45 -79.68 -21.87 -43.37
N LYS BA 46 -80.66 -21.68 -44.24
CA LYS BA 46 -80.39 -21.44 -45.65
C LYS BA 46 -79.81 -20.04 -45.81
N ARG BA 47 -79.04 -19.84 -46.87
CA ARG BA 47 -78.43 -18.54 -47.08
C ARG BA 47 -78.16 -18.30 -48.57
N VAL BA 48 -78.15 -17.03 -48.96
CA VAL BA 48 -77.81 -16.63 -50.32
C VAL BA 48 -76.93 -15.38 -50.24
N THR BA 49 -76.07 -15.21 -51.26
CA THR BA 49 -75.10 -14.13 -51.29
C THR BA 49 -75.06 -13.51 -52.67
N VAL BA 50 -75.05 -12.17 -52.73
CA VAL BA 50 -75.08 -11.42 -53.98
C VAL BA 50 -73.85 -10.51 -54.03
N SER BA 51 -73.28 -10.35 -55.22
CA SER BA 51 -72.09 -9.51 -55.38
C SER BA 51 -72.06 -8.90 -56.77
N VAL BA 52 -71.67 -7.62 -56.84
CA VAL BA 52 -71.43 -6.92 -58.10
C VAL BA 52 -70.02 -6.34 -58.07
N SER BA 53 -69.33 -6.39 -59.22
CA SER BA 53 -67.94 -5.94 -59.30
C SER BA 53 -67.71 -4.97 -60.46
N GLN BA 54 -67.00 -3.88 -60.17
CA GLN BA 54 -66.54 -2.93 -61.17
C GLN BA 54 -65.35 -3.50 -61.94
N PRO BA 55 -65.03 -2.96 -63.13
CA PRO BA 55 -63.93 -3.55 -63.91
C PRO BA 55 -62.59 -3.22 -63.27
N SER BA 56 -61.77 -4.25 -63.07
CA SER BA 56 -60.52 -4.13 -62.35
C SER BA 56 -59.31 -4.35 -63.26
N ARG BA 57 -58.23 -4.91 -62.69
CA ARG BA 57 -56.97 -5.11 -63.41
C ARG BA 57 -56.91 -6.47 -64.09
N ASN BA 58 -57.65 -7.44 -63.58
CA ASN BA 58 -57.69 -8.77 -64.16
C ASN BA 58 -58.50 -8.69 -65.44
N ARG BA 59 -59.81 -8.55 -65.31
CA ARG BA 59 -60.75 -8.39 -66.41
C ARG BA 59 -61.44 -7.03 -66.34
N LYS BA 60 -61.52 -6.35 -67.47
CA LYS BA 60 -62.16 -5.03 -67.56
C LYS BA 60 -63.58 -5.11 -68.13
N ASN BA 61 -64.43 -5.93 -67.51
CA ASN BA 61 -65.86 -5.96 -67.83
C ASN BA 61 -66.66 -5.94 -66.53
N TYR BA 62 -67.89 -6.46 -66.56
CA TYR BA 62 -68.72 -6.44 -65.35
C TYR BA 62 -69.08 -7.88 -65.00
N LYS BA 63 -69.15 -8.18 -63.71
CA LYS BA 63 -69.53 -9.53 -63.31
C LYS BA 63 -70.36 -9.47 -62.03
N VAL BA 64 -71.54 -10.10 -62.07
CA VAL BA 64 -72.43 -10.22 -60.92
C VAL BA 64 -72.71 -11.70 -60.69
N GLN BA 65 -72.72 -12.10 -59.42
CA GLN BA 65 -72.84 -13.52 -59.08
C GLN BA 65 -73.65 -13.68 -57.80
N VAL BA 66 -74.61 -14.60 -57.83
CA VAL BA 66 -75.40 -14.97 -56.65
C VAL BA 66 -75.23 -16.47 -56.41
N LYS BA 67 -75.14 -16.84 -55.14
CA LYS BA 67 -75.04 -18.24 -54.73
C LYS BA 67 -76.20 -18.59 -53.80
N ILE BA 68 -76.61 -19.85 -53.87
CA ILE BA 68 -77.62 -20.41 -52.98
C ILE BA 68 -77.01 -21.63 -52.30
N GLN BA 69 -77.22 -21.75 -51.00
CA GLN BA 69 -76.66 -22.86 -50.22
C GLN BA 69 -77.72 -23.31 -49.22
N ASN BA 70 -78.33 -24.47 -49.49
CA ASN BA 70 -79.39 -25.00 -48.64
C ASN BA 70 -78.93 -26.29 -47.97
N PRO BA 71 -78.57 -26.26 -46.69
CA PRO BA 71 -78.20 -27.50 -46.00
C PRO BA 71 -79.42 -28.21 -45.46
N THR BA 72 -79.20 -29.43 -44.99
CA THR BA 72 -80.26 -30.26 -44.40
C THR BA 72 -79.68 -31.04 -43.24
N ALA BA 73 -80.52 -31.35 -42.25
CA ALA BA 73 -80.06 -31.92 -41.00
C ALA BA 73 -80.88 -33.15 -40.60
N CYS BA 74 -80.44 -33.80 -39.53
CA CYS BA 74 -81.19 -34.89 -38.92
C CYS BA 74 -81.07 -34.75 -37.41
N THR BA 75 -82.18 -35.02 -36.72
CA THR BA 75 -82.22 -34.86 -35.26
C THR BA 75 -82.19 -36.16 -34.49
N ALA BA 76 -82.71 -37.24 -35.07
CA ALA BA 76 -82.95 -38.52 -34.38
C ALA BA 76 -81.71 -39.38 -34.15
N ASN BA 77 -80.58 -38.71 -33.91
CA ASN BA 77 -79.34 -39.41 -33.66
C ASN BA 77 -79.17 -39.77 -32.19
N GLY BA 78 -79.70 -38.97 -31.30
CA GLY BA 78 -79.60 -39.17 -29.87
C GLY BA 78 -78.91 -38.03 -29.17
N SER BA 79 -78.34 -37.11 -29.94
CA SER BA 79 -77.73 -35.92 -29.40
C SER BA 79 -78.81 -34.84 -29.27
N CYS BA 80 -78.41 -33.72 -28.69
CA CYS BA 80 -79.40 -32.68 -28.49
C CYS BA 80 -79.44 -31.69 -29.65
N ASP BA 81 -78.40 -31.67 -30.47
CA ASP BA 81 -78.28 -30.74 -31.59
C ASP BA 81 -78.31 -31.45 -32.94
N PRO BA 82 -79.25 -31.13 -33.81
CA PRO BA 82 -79.27 -31.74 -35.14
C PRO BA 82 -78.01 -31.38 -35.93
N SER BA 83 -77.51 -32.35 -36.69
CA SER BA 83 -76.30 -32.18 -37.48
C SER BA 83 -76.62 -32.16 -38.97
N VAL BA 84 -75.81 -31.43 -39.73
CA VAL BA 84 -75.99 -31.31 -41.18
C VAL BA 84 -75.45 -32.55 -41.87
N THR BA 85 -76.30 -33.17 -42.69
CA THR BA 85 -75.96 -34.43 -43.36
C THR BA 85 -75.47 -34.22 -44.80
N ARG BA 86 -76.11 -33.34 -45.54
CA ARG BA 86 -75.72 -33.06 -46.91
C ARG BA 86 -76.18 -31.64 -47.21
N GLN BA 87 -75.69 -31.08 -48.31
CA GLN BA 87 -76.04 -29.72 -48.70
C GLN BA 87 -76.58 -29.70 -50.12
N ALA BA 88 -77.08 -28.53 -50.51
CA ALA BA 88 -77.58 -28.31 -51.86
C ALA BA 88 -77.05 -26.97 -52.33
N TYR BA 89 -76.44 -26.96 -53.51
CA TYR BA 89 -75.70 -25.80 -53.98
C TYR BA 89 -76.33 -25.25 -55.25
N ALA BA 90 -76.26 -23.94 -55.40
CA ALA BA 90 -76.68 -23.27 -56.62
C ALA BA 90 -75.82 -22.02 -56.74
N ASP BA 91 -75.35 -21.75 -57.96
CA ASP BA 91 -74.49 -20.60 -58.18
C ASP BA 91 -74.61 -20.12 -59.62
N VAL BA 92 -74.93 -18.83 -59.80
CA VAL BA 92 -74.97 -18.23 -61.12
C VAL BA 92 -73.85 -17.21 -61.21
N THR BA 93 -73.50 -16.84 -62.44
CA THR BA 93 -72.56 -15.75 -62.67
C THR BA 93 -72.91 -15.09 -64.00
N PHE BA 94 -73.26 -13.81 -63.94
CA PHE BA 94 -73.53 -13.01 -65.14
C PHE BA 94 -72.32 -12.14 -65.41
N SER BA 95 -72.06 -11.88 -66.68
CA SER BA 95 -70.94 -11.01 -67.05
C SER BA 95 -71.28 -10.26 -68.33
N PHE BA 96 -71.46 -8.95 -68.22
CA PHE BA 96 -71.77 -8.10 -69.35
C PHE BA 96 -70.60 -7.17 -69.64
N THR BA 97 -70.57 -6.67 -70.88
CA THR BA 97 -69.53 -5.75 -71.30
C THR BA 97 -69.80 -4.36 -70.70
N GLN BA 98 -68.77 -3.52 -70.69
CA GLN BA 98 -68.92 -2.15 -70.22
C GLN BA 98 -69.96 -1.39 -71.05
N TYR BA 99 -70.09 -1.74 -72.33
CA TYR BA 99 -71.08 -1.15 -73.21
C TYR BA 99 -72.43 -1.89 -73.22
N SER BA 100 -72.74 -2.64 -72.18
CA SER BA 100 -74.00 -3.38 -72.16
C SER BA 100 -75.17 -2.42 -71.88
N THR BA 101 -76.29 -2.67 -72.56
CA THR BA 101 -77.49 -1.85 -72.37
C THR BA 101 -78.31 -2.36 -71.20
N ASP BA 102 -79.15 -1.46 -70.66
CA ASP BA 102 -79.98 -1.83 -69.52
C ASP BA 102 -80.90 -3.01 -69.86
N GLU BA 103 -81.59 -2.94 -71.00
CA GLU BA 103 -82.51 -4.01 -71.36
C GLU BA 103 -81.79 -5.33 -71.61
N GLU BA 104 -80.59 -5.28 -72.21
CA GLU BA 104 -79.84 -6.52 -72.42
C GLU BA 104 -79.65 -7.26 -71.11
N ARG BA 105 -79.38 -6.52 -70.03
CA ARG BA 105 -79.12 -7.14 -68.74
C ARG BA 105 -80.37 -7.82 -68.21
N ALA BA 106 -81.51 -7.13 -68.25
CA ALA BA 106 -82.77 -7.71 -67.79
C ALA BA 106 -83.19 -8.87 -68.66
N PHE BA 107 -82.87 -8.84 -69.95
CA PHE BA 107 -83.24 -9.93 -70.86
C PHE BA 107 -82.56 -11.22 -70.41
N VAL BA 108 -81.25 -11.16 -70.18
CA VAL BA 108 -80.53 -12.32 -69.65
C VAL BA 108 -81.04 -12.69 -68.27
N ARG BA 109 -81.62 -11.72 -67.55
CA ARG BA 109 -82.13 -11.98 -66.20
C ARG BA 109 -83.43 -12.75 -66.26
N THR BA 110 -84.40 -12.26 -67.02
CA THR BA 110 -85.69 -12.94 -67.10
C THR BA 110 -85.59 -14.22 -67.91
N GLU BA 111 -84.66 -14.29 -68.87
CA GLU BA 111 -84.45 -15.53 -69.60
C GLU BA 111 -84.08 -16.66 -68.66
N LEU BA 112 -83.22 -16.39 -67.69
CA LEU BA 112 -82.85 -17.40 -66.70
C LEU BA 112 -84.04 -17.72 -65.80
N ALA BA 113 -84.83 -16.71 -65.45
CA ALA BA 113 -86.01 -16.95 -64.63
C ALA BA 113 -87.02 -17.84 -65.35
N ALA BA 114 -87.27 -17.56 -66.63
CA ALA BA 114 -88.18 -18.42 -67.39
C ALA BA 114 -87.53 -19.76 -67.72
N LEU BA 115 -86.22 -19.77 -68.01
CA LEU BA 115 -85.56 -21.02 -68.35
C LEU BA 115 -85.50 -21.98 -67.16
N LEU BA 116 -85.50 -21.45 -65.94
CA LEU BA 116 -85.56 -22.31 -64.75
C LEU BA 116 -86.92 -22.98 -64.59
N ALA BA 117 -87.91 -22.58 -65.38
CA ALA BA 117 -89.25 -23.15 -65.31
C ALA BA 117 -89.67 -23.89 -66.56
N SER BA 118 -88.78 -24.02 -67.54
CA SER BA 118 -89.14 -24.73 -68.77
C SER BA 118 -89.15 -26.24 -68.52
N PRO BA 119 -90.13 -26.97 -69.08
CA PRO BA 119 -90.20 -28.43 -68.93
C PRO BA 119 -88.85 -29.11 -69.04
N LEU BA 120 -87.99 -28.59 -69.91
CA LEU BA 120 -86.68 -29.19 -70.13
C LEU BA 120 -85.85 -29.17 -68.84
N LEU BA 121 -85.84 -28.03 -68.15
CA LEU BA 121 -85.09 -27.91 -66.90
C LEU BA 121 -85.74 -28.70 -65.75
N ILE BA 122 -87.00 -29.10 -65.88
CA ILE BA 122 -87.62 -29.92 -64.84
C ILE BA 122 -86.86 -31.23 -64.70
N ASP BA 123 -86.66 -31.94 -65.81
CA ASP BA 123 -85.90 -33.20 -65.75
C ASP BA 123 -84.40 -32.97 -65.65
N ALA BA 124 -83.91 -31.79 -66.02
CA ALA BA 124 -82.48 -31.51 -65.84
C ALA BA 124 -82.13 -31.23 -64.40
N ILE BA 125 -83.05 -30.66 -63.63
CA ILE BA 125 -82.76 -30.25 -62.26
C ILE BA 125 -83.34 -31.23 -61.26
N ASP BA 126 -84.61 -31.60 -61.42
CA ASP BA 126 -85.31 -32.39 -60.43
C ASP BA 126 -85.09 -33.88 -60.61
N GLN BA 127 -85.14 -34.36 -61.84
CA GLN BA 127 -84.89 -35.76 -62.12
C GLN BA 127 -83.46 -36.01 -62.57
N LEU BA 128 -82.69 -34.96 -62.84
CA LEU BA 128 -81.32 -35.08 -63.29
C LEU BA 128 -81.24 -36.00 -64.51
N ASN BA 129 -82.05 -35.67 -65.52
CA ASN BA 129 -82.04 -36.32 -66.82
C ASN BA 129 -81.69 -35.29 -67.88
N PRO BA 130 -80.74 -35.57 -68.75
CA PRO BA 130 -80.29 -34.57 -69.73
C PRO BA 130 -81.36 -34.35 -70.79
N ALA BA 131 -81.12 -33.33 -71.60
CA ALA BA 131 -81.90 -33.15 -72.81
C ALA BA 131 -81.58 -34.27 -73.79
N TYR BA 132 -82.63 -34.85 -74.37
CA TYR BA 132 -82.47 -35.97 -75.28
C TYR BA 132 -83.42 -35.84 -76.49
N ALA CA 1 -71.66 13.07 -45.38
CA ALA CA 1 -73.03 13.01 -44.86
C ALA CA 1 -73.76 11.80 -45.41
N LYS CA 2 -75.08 11.86 -45.42
CA LYS CA 2 -75.90 10.79 -45.99
C LYS CA 2 -75.78 10.80 -47.51
N LEU CA 3 -75.85 9.61 -48.11
CA LEU CA 3 -75.74 9.47 -49.56
C LEU CA 3 -77.09 9.79 -50.20
N GLU CA 4 -77.33 11.08 -50.41
CA GLU CA 4 -78.56 11.53 -51.02
C GLU CA 4 -78.34 11.74 -52.52
N THR CA 5 -79.41 12.13 -53.22
CA THR CA 5 -79.31 12.49 -54.64
C THR CA 5 -78.92 13.96 -54.74
N VAL CA 6 -77.67 14.22 -55.12
CA VAL CA 6 -77.13 15.56 -55.23
C VAL CA 6 -77.34 16.10 -56.65
N THR CA 7 -77.67 17.39 -56.76
CA THR CA 7 -77.92 18.04 -58.04
C THR CA 7 -77.19 19.38 -58.07
N LEU CA 8 -76.17 19.49 -58.91
CA LEU CA 8 -75.42 20.74 -59.07
C LEU CA 8 -76.08 21.58 -60.15
N GLY CA 9 -76.45 22.81 -59.82
CA GLY CA 9 -77.06 23.73 -60.76
C GLY CA 9 -76.17 24.90 -61.12
N ASN CA 10 -76.60 25.63 -62.15
CA ASN CA 10 -75.90 26.81 -62.67
C ASN CA 10 -74.44 26.48 -62.97
N ILE CA 11 -74.25 25.54 -63.89
CA ILE CA 11 -72.96 24.92 -64.10
C ILE CA 11 -72.64 24.92 -65.59
N GLY CA 12 -71.37 24.79 -65.91
CA GLY CA 12 -70.94 24.78 -67.31
C GLY CA 12 -70.25 26.08 -67.69
N LYS CA 13 -69.71 26.09 -68.92
CA LYS CA 13 -68.96 27.25 -69.40
C LYS CA 13 -69.80 28.51 -69.31
N ASP CA 14 -71.00 28.49 -69.90
CA ASP CA 14 -71.90 29.63 -69.78
C ASP CA 14 -72.36 29.80 -68.34
N GLY CA 15 -72.56 28.70 -67.60
CA GLY CA 15 -73.07 28.77 -66.25
C GLY CA 15 -74.56 28.61 -66.10
N LYS CA 16 -75.28 28.28 -67.17
CA LYS CA 16 -76.74 28.18 -67.13
C LYS CA 16 -77.26 26.77 -67.38
N GLN CA 17 -76.57 25.74 -66.89
CA GLN CA 17 -77.00 24.35 -66.98
C GLN CA 17 -77.17 23.76 -65.58
N THR CA 18 -77.67 22.52 -65.54
CA THR CA 18 -77.87 21.79 -64.29
C THR CA 18 -77.55 20.32 -64.55
N LEU CA 19 -77.17 19.62 -63.48
CA LEU CA 19 -76.71 18.24 -63.59
C LEU CA 19 -77.15 17.44 -62.38
N VAL CA 20 -77.81 16.31 -62.62
CA VAL CA 20 -78.37 15.48 -61.57
C VAL CA 20 -77.49 14.25 -61.40
N LEU CA 21 -77.16 13.91 -60.15
CA LEU CA 21 -76.28 12.79 -59.83
C LEU CA 21 -76.99 11.91 -58.80
N ASN CA 22 -77.50 10.77 -59.24
CA ASN CA 22 -78.15 9.85 -58.33
C ASN CA 22 -77.14 8.95 -57.62
N PRO CA 23 -77.43 8.56 -56.37
CA PRO CA 23 -76.49 7.69 -55.64
C PRO CA 23 -76.45 6.28 -56.19
N ARG CA 24 -75.27 5.67 -56.07
CA ARG CA 24 -75.06 4.28 -56.50
C ARG CA 24 -74.48 3.43 -55.37
N GLY CA 25 -74.52 3.91 -54.13
CA GLY CA 25 -74.12 3.11 -53.00
C GLY CA 25 -72.66 3.30 -52.64
N VAL CA 26 -72.22 2.53 -51.65
CA VAL CA 26 -70.85 2.58 -51.17
C VAL CA 26 -70.11 1.32 -51.59
N ASN CA 27 -68.78 1.37 -51.48
CA ASN CA 27 -67.90 0.25 -51.79
C ASN CA 27 -67.19 -0.17 -50.51
N PRO CA 28 -67.72 -1.14 -49.77
CA PRO CA 28 -67.15 -1.46 -48.45
C PRO CA 28 -65.74 -2.05 -48.50
N THR CA 29 -65.23 -2.43 -49.67
CA THR CA 29 -63.85 -2.90 -49.76
C THR CA 29 -62.89 -1.75 -50.05
N ASN CA 30 -63.20 -0.92 -51.05
CA ASN CA 30 -62.36 0.23 -51.36
C ASN CA 30 -62.54 1.36 -50.36
N GLY CA 31 -63.62 1.32 -49.58
CA GLY CA 31 -63.92 2.39 -48.65
C GLY CA 31 -64.17 3.72 -49.33
N VAL CA 32 -64.78 3.68 -50.51
CA VAL CA 32 -65.06 4.88 -51.28
C VAL CA 32 -66.52 4.86 -51.68
N ALA CA 33 -67.24 5.93 -51.37
CA ALA CA 33 -68.59 6.08 -51.87
C ALA CA 33 -68.53 6.61 -53.29
N SER CA 34 -69.55 6.25 -54.07
CA SER CA 34 -69.60 6.67 -55.46
C SER CA 34 -71.04 6.95 -55.85
N LEU CA 35 -71.21 7.88 -56.76
CA LEU CA 35 -72.52 8.18 -57.32
C LEU CA 35 -72.30 8.80 -58.69
N SER CA 36 -73.27 8.57 -59.57
CA SER CA 36 -73.07 8.84 -60.98
C SER CA 36 -74.35 9.39 -61.58
N GLN CA 37 -74.20 10.17 -62.64
CA GLN CA 37 -75.36 10.61 -63.39
C GLN CA 37 -75.95 9.38 -64.09
N ALA CA 38 -77.23 9.12 -63.84
CA ALA CA 38 -77.89 7.91 -64.32
C ALA CA 38 -78.00 7.83 -65.83
N GLY CA 39 -77.21 6.97 -66.46
CA GLY CA 39 -77.25 6.81 -67.90
C GLY CA 39 -77.49 5.34 -68.25
N ALA CA 40 -77.88 5.14 -69.52
CA ALA CA 40 -78.20 3.79 -69.99
C ALA CA 40 -76.99 2.87 -69.86
N VAL CA 41 -75.93 3.17 -70.60
CA VAL CA 41 -74.74 2.34 -70.66
C VAL CA 41 -73.76 2.83 -69.60
N PRO CA 42 -73.17 1.93 -68.81
CA PRO CA 42 -72.25 2.36 -67.74
C PRO CA 42 -71.05 3.16 -68.22
N ALA CA 43 -70.58 2.93 -69.45
CA ALA CA 43 -69.37 3.63 -69.89
C ALA CA 43 -69.63 5.10 -70.20
N LEU CA 44 -70.80 5.41 -70.75
CA LEU CA 44 -71.06 6.78 -71.19
C LEU CA 44 -71.30 7.73 -70.02
N GLU CA 45 -71.75 7.22 -68.87
CA GLU CA 45 -72.30 8.08 -67.83
C GLU CA 45 -71.22 8.89 -67.12
N LYS CA 46 -71.62 10.08 -66.64
CA LYS CA 46 -70.77 10.87 -65.76
C LYS CA 46 -70.72 10.24 -64.38
N ARG CA 47 -69.63 10.50 -63.64
CA ARG CA 47 -69.51 9.92 -62.32
C ARG CA 47 -68.61 10.77 -61.43
N VAL CA 48 -68.88 10.72 -60.12
CA VAL CA 48 -68.03 11.34 -59.10
C VAL CA 48 -67.98 10.40 -57.89
N THR CA 49 -66.86 10.44 -57.15
CA THR CA 49 -66.62 9.54 -56.03
C THR CA 49 -66.00 10.29 -54.87
N VAL CA 50 -66.51 10.05 -53.65
CA VAL CA 50 -66.02 10.72 -52.44
C VAL CA 50 -65.61 9.66 -51.42
N SER CA 51 -64.50 9.92 -50.71
CA SER CA 51 -63.99 8.98 -49.72
C SER CA 51 -63.21 9.73 -48.66
N VAL CA 52 -63.36 9.30 -47.39
CA VAL CA 52 -62.56 9.83 -46.28
C VAL CA 52 -61.90 8.66 -45.56
N SER CA 53 -60.65 8.87 -45.12
CA SER CA 53 -59.89 7.84 -44.41
C SER CA 53 -59.31 8.37 -43.11
N GLN CA 54 -59.52 7.61 -42.03
CA GLN CA 54 -58.93 7.89 -40.73
C GLN CA 54 -57.45 7.50 -40.73
N PRO CA 55 -56.66 7.97 -39.77
CA PRO CA 55 -55.22 7.69 -39.80
C PRO CA 55 -55.00 6.22 -39.48
N SER CA 56 -54.22 5.55 -40.32
CA SER CA 56 -54.01 4.14 -40.16
C SER CA 56 -52.57 3.90 -39.67
N ARG CA 57 -51.97 2.81 -40.13
CA ARG CA 57 -50.62 2.44 -39.71
C ARG CA 57 -49.57 3.14 -40.55
N ASN CA 58 -49.95 3.63 -41.73
CA ASN CA 58 -49.03 4.36 -42.60
C ASN CA 58 -48.77 5.77 -42.06
N ARG CA 59 -49.70 6.69 -42.26
CA ARG CA 59 -49.59 8.05 -41.76
C ARG CA 59 -50.71 8.37 -40.78
N LYS CA 60 -50.44 9.27 -39.85
CA LYS CA 60 -51.46 9.69 -38.88
C LYS CA 60 -52.07 11.04 -39.25
N ASN CA 61 -52.50 11.15 -40.51
CA ASN CA 61 -53.22 12.31 -41.04
C ASN CA 61 -54.43 11.86 -41.85
N TYR CA 62 -55.44 12.71 -41.85
CA TYR CA 62 -56.66 12.43 -42.58
C TYR CA 62 -56.45 12.78 -44.04
N LYS CA 63 -57.10 12.04 -44.92
CA LYS CA 63 -57.05 12.34 -46.34
C LYS CA 63 -58.43 12.06 -46.92
N VAL CA 64 -59.00 13.06 -47.56
CA VAL CA 64 -60.29 12.95 -48.23
C VAL CA 64 -60.08 13.38 -49.68
N GLN CA 65 -60.68 12.63 -50.59
CA GLN CA 65 -60.45 12.86 -52.01
C GLN CA 65 -61.74 12.59 -52.78
N VAL CA 66 -62.06 13.49 -53.69
CA VAL CA 66 -63.18 13.32 -54.61
C VAL CA 66 -62.62 13.33 -56.02
N LYS CA 67 -63.16 12.46 -56.86
CA LYS CA 67 -62.75 12.35 -58.24
C LYS CA 67 -63.94 12.64 -59.14
N ILE CA 68 -63.65 13.22 -60.30
CA ILE CA 68 -64.66 13.49 -61.33
C ILE CA 68 -64.20 12.82 -62.61
N GLN CA 69 -65.12 12.12 -63.27
CA GLN CA 69 -64.80 11.40 -64.51
C GLN CA 69 -65.98 11.59 -65.46
N ASN CA 70 -65.78 12.44 -66.47
CA ASN CA 70 -66.81 12.73 -67.46
C ASN CA 70 -66.35 12.24 -68.82
N PRO CA 71 -66.86 11.12 -69.31
CA PRO CA 71 -66.45 10.63 -70.64
C PRO CA 71 -67.26 11.31 -71.73
N THR CA 72 -66.85 11.05 -72.98
CA THR CA 72 -67.55 11.58 -74.13
C THR CA 72 -67.56 10.56 -75.26
N ALA CA 73 -68.66 10.58 -76.03
CA ALA CA 73 -68.92 9.58 -77.06
C ALA CA 73 -69.41 10.31 -78.30
N CYS CA 74 -69.63 9.57 -79.39
CA CYS CA 74 -70.23 10.18 -80.57
C CYS CA 74 -71.15 9.21 -81.31
N THR CA 75 -72.17 9.81 -81.93
CA THR CA 75 -73.24 9.12 -82.66
C THR CA 75 -72.76 8.08 -83.66
N ALA CA 76 -72.45 8.50 -84.89
CA ALA CA 76 -72.18 7.58 -86.00
C ALA CA 76 -70.85 6.84 -85.89
N ASN CA 77 -70.46 6.46 -84.68
CA ASN CA 77 -69.27 5.65 -84.49
C ASN CA 77 -69.58 4.17 -84.62
N GLY CA 78 -70.78 3.76 -84.19
CA GLY CA 78 -71.19 2.38 -84.25
C GLY CA 78 -72.57 2.20 -84.86
N SER CA 79 -73.24 3.31 -85.21
CA SER CA 79 -74.61 3.34 -85.71
C SER CA 79 -75.59 2.55 -84.84
N CYS CA 80 -75.08 1.87 -83.81
CA CYS CA 80 -75.88 1.18 -82.82
C CYS CA 80 -75.62 1.76 -81.44
N ASP CA 81 -74.42 1.58 -80.90
CA ASP CA 81 -74.06 2.15 -79.61
C ASP CA 81 -72.90 3.13 -79.75
N PRO CA 82 -73.06 4.40 -79.39
CA PRO CA 82 -71.91 5.31 -79.45
C PRO CA 82 -70.79 4.82 -78.55
N SER CA 83 -69.55 5.01 -78.99
CA SER CA 83 -68.39 4.57 -78.24
C SER CA 83 -67.65 5.78 -77.68
N VAL CA 84 -67.03 5.60 -76.51
CA VAL CA 84 -66.33 6.69 -75.84
C VAL CA 84 -64.98 6.92 -76.50
N THR CA 85 -64.74 8.14 -76.95
CA THR CA 85 -63.53 8.52 -77.68
C THR CA 85 -62.50 9.19 -76.80
N ARG CA 86 -62.92 10.04 -75.86
CA ARG CA 86 -62.02 10.74 -74.96
C ARG CA 86 -62.73 10.98 -73.65
N GLN CA 87 -61.94 11.30 -72.62
CA GLN CA 87 -62.47 11.54 -71.29
C GLN CA 87 -61.94 12.86 -70.75
N ALA CA 88 -62.49 13.26 -69.61
CA ALA CA 88 -62.05 14.45 -68.89
C ALA CA 88 -61.97 14.09 -67.42
N TYR CA 89 -60.82 14.35 -66.80
CA TYR CA 89 -60.55 13.86 -65.45
C TYR CA 89 -60.36 15.03 -64.51
N ALA CA 90 -60.77 14.81 -63.26
CA ALA CA 90 -60.56 15.76 -62.18
C ALA CA 90 -60.40 14.96 -60.90
N ASP CA 91 -59.44 15.35 -60.08
CA ASP CA 91 -59.19 14.60 -58.86
C ASP CA 91 -58.60 15.57 -57.84
N VAL CA 92 -59.20 15.63 -56.65
CA VAL CA 92 -58.69 16.47 -55.57
C VAL CA 92 -58.18 15.54 -54.48
N THR CA 93 -57.36 16.10 -53.59
CA THR CA 93 -56.95 15.39 -52.40
C THR CA 93 -56.70 16.41 -51.28
N PHE CA 94 -57.49 16.29 -50.23
CA PHE CA 94 -57.34 17.11 -49.03
C PHE CA 94 -56.66 16.28 -47.95
N SER CA 95 -55.87 16.94 -47.10
CA SER CA 95 -55.22 16.24 -46.01
C SER CA 95 -55.04 17.20 -44.85
N PHE CA 96 -55.75 16.95 -43.75
CA PHE CA 96 -55.64 17.78 -42.57
C PHE CA 96 -54.96 17.00 -41.44
N THR CA 97 -54.41 17.74 -40.48
CA THR CA 97 -53.70 17.14 -39.36
C THR CA 97 -54.68 16.51 -38.39
N GLN CA 98 -54.15 15.62 -37.53
CA GLN CA 98 -54.98 14.97 -36.53
C GLN CA 98 -55.57 16.00 -35.57
N TYR CA 99 -54.80 17.05 -35.24
CA TYR CA 99 -55.28 18.18 -34.44
C TYR CA 99 -55.84 19.34 -35.27
N SER CA 100 -56.31 19.08 -36.48
CA SER CA 100 -56.82 20.17 -37.31
C SER CA 100 -58.18 20.66 -36.78
N THR CA 101 -58.39 21.97 -36.87
CA THR CA 101 -59.63 22.58 -36.37
C THR CA 101 -60.74 22.49 -37.40
N ASP CA 102 -61.99 22.58 -36.91
CA ASP CA 102 -63.15 22.49 -37.79
C ASP CA 102 -63.18 23.61 -38.82
N GLU CA 103 -63.03 24.87 -38.38
CA GLU CA 103 -63.12 26.00 -39.31
C GLU CA 103 -61.98 25.99 -40.32
N GLU CA 104 -60.78 25.59 -39.90
CA GLU CA 104 -59.66 25.50 -40.83
C GLU CA 104 -60.03 24.64 -42.04
N ARG CA 105 -60.78 23.57 -41.80
CA ARG CA 105 -61.10 22.63 -42.85
C ARG CA 105 -62.00 23.27 -43.91
N ALA CA 106 -63.05 23.98 -43.46
CA ALA CA 106 -63.96 24.63 -44.40
C ALA CA 106 -63.27 25.75 -45.19
N PHE CA 107 -62.33 26.44 -44.58
CA PHE CA 107 -61.65 27.53 -45.28
C PHE CA 107 -60.87 27.00 -46.47
N VAL CA 108 -60.08 25.94 -46.25
CA VAL CA 108 -59.36 25.33 -47.36
C VAL CA 108 -60.33 24.76 -48.39
N ARG CA 109 -61.54 24.39 -47.97
CA ARG CA 109 -62.51 23.86 -48.91
C ARG CA 109 -63.13 24.98 -49.73
N THR CA 110 -63.60 26.03 -49.05
CA THR CA 110 -64.20 27.15 -49.76
C THR CA 110 -63.14 27.97 -50.49
N GLU CA 111 -61.89 27.93 -50.02
CA GLU CA 111 -60.81 28.53 -50.79
C GLU CA 111 -60.71 27.89 -52.17
N LEU CA 112 -60.84 26.56 -52.22
CA LEU CA 112 -60.80 25.86 -53.50
C LEU CA 112 -62.01 26.20 -54.36
N ALA CA 113 -63.19 26.32 -53.75
CA ALA CA 113 -64.39 26.66 -54.52
C ALA CA 113 -64.27 28.06 -55.11
N ALA CA 114 -63.80 29.03 -54.33
CA ALA CA 114 -63.62 30.39 -54.84
C ALA CA 114 -62.46 30.48 -55.82
N LEU CA 115 -61.40 29.69 -55.61
CA LEU CA 115 -60.26 29.72 -56.52
C LEU CA 115 -60.63 29.16 -57.89
N LEU CA 116 -61.61 28.27 -57.95
CA LEU CA 116 -62.07 27.74 -59.23
C LEU CA 116 -62.82 28.78 -60.06
N ALA CA 117 -63.16 29.93 -59.48
CA ALA CA 117 -63.88 30.97 -60.20
C ALA CA 117 -63.06 32.23 -60.40
N SER CA 118 -61.80 32.25 -59.97
CA SER CA 118 -60.94 33.40 -60.16
C SER CA 118 -60.48 33.48 -61.61
N PRO CA 119 -60.43 34.69 -62.19
CA PRO CA 119 -59.95 34.87 -63.57
C PRO CA 119 -58.72 34.06 -63.93
N LEU CA 120 -57.78 33.94 -62.98
CA LEU CA 120 -56.54 33.21 -63.26
C LEU CA 120 -56.81 31.74 -63.58
N LEU CA 121 -57.61 31.07 -62.74
CA LEU CA 121 -57.89 29.67 -62.99
C LEU CA 121 -58.83 29.46 -64.17
N ILE CA 122 -59.59 30.48 -64.56
CA ILE CA 122 -60.43 30.36 -65.76
C ILE CA 122 -59.56 30.17 -66.99
N ASP CA 123 -58.55 31.03 -67.16
CA ASP CA 123 -57.64 30.89 -68.28
C ASP CA 123 -56.64 29.77 -68.08
N ALA CA 124 -56.42 29.32 -66.84
CA ALA CA 124 -55.54 28.19 -66.60
C ALA CA 124 -56.22 26.87 -66.94
N ILE CA 125 -57.53 26.80 -66.83
CA ILE CA 125 -58.28 25.56 -67.01
C ILE CA 125 -58.94 25.52 -68.39
N ASP CA 126 -59.58 26.61 -68.80
CA ASP CA 126 -60.35 26.60 -70.04
C ASP CA 126 -59.51 26.91 -71.27
N GLN CA 127 -58.61 27.90 -71.17
CA GLN CA 127 -57.78 28.29 -72.30
C GLN CA 127 -56.37 27.70 -72.23
N LEU CA 128 -56.00 27.11 -71.09
CA LEU CA 128 -54.72 26.43 -70.89
C LEU CA 128 -53.52 27.29 -71.27
N ASN CA 129 -53.48 28.48 -70.70
CA ASN CA 129 -52.31 29.32 -70.80
C ASN CA 129 -51.81 29.65 -69.40
N PRO CA 130 -50.51 29.46 -69.12
CA PRO CA 130 -50.01 29.68 -67.76
C PRO CA 130 -50.03 31.15 -67.40
N ALA CA 131 -49.70 31.49 -66.15
CA ALA CA 131 -49.52 32.89 -65.83
C ALA CA 131 -48.32 33.42 -66.62
N TYR CA 132 -48.53 34.51 -67.33
CA TYR CA 132 -47.50 35.06 -68.20
C TYR CA 132 -47.49 36.58 -68.21
N ALA DA 1 -54.01 33.59 -67.62
CA ALA DA 1 -53.83 35.00 -67.94
C ALA DA 1 -52.65 35.58 -67.18
N LYS DA 2 -52.69 36.90 -66.99
CA LYS DA 2 -51.64 37.59 -66.25
C LYS DA 2 -51.75 37.24 -64.78
N LEU DA 3 -50.60 37.15 -64.12
CA LEU DA 3 -50.54 36.83 -62.70
C LEU DA 3 -50.88 38.10 -61.92
N GLU DA 4 -52.17 38.32 -61.74
CA GLU DA 4 -52.66 39.51 -61.07
C GLU DA 4 -52.82 39.22 -59.57
N THR DA 5 -53.23 40.25 -58.83
CA THR DA 5 -53.54 40.07 -57.41
C THR DA 5 -54.95 39.53 -57.28
N VAL DA 6 -55.06 38.26 -56.93
CA VAL DA 6 -56.35 37.60 -56.82
C VAL DA 6 -56.88 37.79 -55.42
N THR DA 7 -58.18 38.07 -55.31
CA THR DA 7 -58.82 38.31 -54.03
C THR DA 7 -60.12 37.51 -54.02
N LEU DA 8 -60.17 36.48 -53.21
CA LEU DA 8 -61.36 35.66 -53.08
C LEU DA 8 -62.22 36.26 -51.98
N GLY DA 9 -63.49 36.52 -52.29
CA GLY DA 9 -64.39 37.00 -51.25
C GLY DA 9 -65.44 35.98 -50.87
N ASN DA 10 -66.08 36.21 -49.73
CA ASN DA 10 -67.12 35.34 -49.18
C ASN DA 10 -66.66 33.88 -49.02
N ILE DA 11 -65.69 33.67 -48.12
CA ILE DA 11 -65.07 32.36 -47.89
C ILE DA 11 -65.16 32.06 -46.39
N GLY DA 12 -65.01 30.79 -46.06
CA GLY DA 12 -64.95 30.33 -44.70
C GLY DA 12 -66.23 29.62 -44.30
N LYS DA 13 -66.17 29.03 -43.11
CA LYS DA 13 -67.33 28.34 -42.58
C LYS DA 13 -68.51 29.29 -42.49
N ASP DA 14 -68.28 30.48 -41.93
CA ASP DA 14 -69.35 31.48 -41.84
C ASP DA 14 -69.77 31.93 -43.24
N GLY DA 15 -68.82 32.06 -44.15
CA GLY DA 15 -69.08 32.58 -45.47
C GLY DA 15 -68.94 34.08 -45.57
N LYS DA 16 -68.48 34.73 -44.49
CA LYS DA 16 -68.33 36.18 -44.44
C LYS DA 16 -66.87 36.59 -44.26
N GLN DA 17 -65.95 35.87 -44.87
CA GLN DA 17 -64.54 36.22 -44.80
C GLN DA 17 -64.00 36.55 -46.18
N THR DA 18 -62.77 37.04 -46.22
CA THR DA 18 -62.09 37.40 -47.45
C THR DA 18 -60.62 37.07 -47.32
N LEU DA 19 -59.97 36.83 -48.46
CA LEU DA 19 -58.58 36.43 -48.49
C LEU DA 19 -57.93 37.05 -49.70
N VAL DA 20 -56.88 37.83 -49.50
CA VAL DA 20 -56.19 38.54 -50.57
C VAL DA 20 -54.85 37.86 -50.84
N LEU DA 21 -54.55 37.61 -52.11
CA LEU DA 21 -53.36 36.89 -52.52
C LEU DA 21 -52.63 37.68 -53.61
N ASN DA 22 -51.48 38.28 -53.26
CA ASN DA 22 -50.70 38.98 -54.27
C ASN DA 22 -49.85 37.99 -55.07
N PRO DA 23 -49.57 38.30 -56.34
CA PRO DA 23 -48.79 37.37 -57.16
C PRO DA 23 -47.34 37.29 -56.73
N ARG DA 24 -46.77 36.11 -56.92
CA ARG DA 24 -45.35 35.89 -56.62
C ARG DA 24 -44.57 35.33 -57.80
N GLY DA 25 -45.13 35.37 -59.00
CA GLY DA 25 -44.34 35.00 -60.17
C GLY DA 25 -44.41 33.51 -60.46
N VAL DA 26 -43.60 33.10 -61.43
CA VAL DA 26 -43.49 31.71 -61.80
C VAL DA 26 -42.13 31.22 -61.32
N ASN DA 27 -41.95 29.90 -61.39
CA ASN DA 27 -40.69 29.28 -61.00
C ASN DA 27 -40.08 28.76 -62.29
N PRO DA 28 -39.20 29.53 -62.93
CA PRO DA 28 -38.75 29.18 -64.29
C PRO DA 28 -38.01 27.85 -64.39
N THR DA 29 -37.64 27.24 -63.27
CA THR DA 29 -37.08 25.90 -63.30
C THR DA 29 -38.18 24.85 -63.17
N ASN DA 30 -39.07 25.04 -62.19
CA ASN DA 30 -40.17 24.13 -61.94
C ASN DA 30 -41.32 24.34 -62.91
N GLY DA 31 -41.38 25.49 -63.58
CA GLY DA 31 -42.49 25.77 -64.47
C GLY DA 31 -43.84 25.84 -63.77
N VAL DA 32 -43.86 26.40 -62.56
CA VAL DA 32 -45.07 26.47 -61.76
C VAL DA 32 -45.25 27.91 -61.32
N ALA DA 33 -46.46 28.45 -61.55
CA ALA DA 33 -46.80 29.76 -61.03
C ALA DA 33 -47.17 29.65 -59.56
N SER DA 34 -46.93 30.73 -58.83
CA SER DA 34 -47.21 30.75 -57.41
C SER DA 34 -47.69 32.13 -57.01
N LEU DA 35 -48.52 32.18 -55.98
CA LEU DA 35 -48.99 33.42 -55.41
C LEU DA 35 -49.37 33.14 -53.97
N SER DA 36 -49.34 34.17 -53.13
CA SER DA 36 -49.31 33.97 -51.70
C SER DA 36 -50.24 34.96 -51.01
N GLN DA 37 -50.67 34.57 -49.81
CA GLN DA 37 -51.54 35.40 -48.98
C GLN DA 37 -50.83 36.67 -48.55
N ALA DA 38 -51.52 37.81 -48.73
CA ALA DA 38 -50.94 39.10 -48.40
C ALA DA 38 -50.71 39.14 -46.90
N GLY DA 39 -49.58 38.55 -46.47
CA GLY DA 39 -49.25 38.46 -45.07
C GLY DA 39 -47.84 38.96 -44.81
N ALA DA 40 -47.56 39.18 -43.52
CA ALA DA 40 -46.27 39.70 -43.10
C ALA DA 40 -45.14 38.74 -43.45
N VAL DA 41 -45.18 37.55 -42.86
CA VAL DA 41 -44.06 36.60 -42.94
C VAL DA 41 -44.24 35.70 -44.15
N PRO DA 42 -43.21 35.52 -44.98
CA PRO DA 42 -43.31 34.53 -46.07
C PRO DA 42 -43.42 33.11 -45.57
N ALA DA 43 -42.83 32.80 -44.41
CA ALA DA 43 -42.90 31.44 -43.87
C ALA DA 43 -44.27 31.15 -43.28
N LEU DA 44 -44.88 32.16 -42.66
CA LEU DA 44 -46.17 31.99 -42.00
C LEU DA 44 -47.33 31.90 -42.99
N GLU DA 45 -47.20 32.51 -44.16
CA GLU DA 45 -48.36 32.78 -45.02
C GLU DA 45 -48.88 31.53 -45.72
N LYS DA 46 -50.19 31.52 -45.98
CA LYS DA 46 -50.76 30.53 -46.88
C LYS DA 46 -50.44 30.89 -48.32
N ARG DA 47 -50.43 29.87 -49.18
CA ARG DA 47 -50.03 30.05 -50.57
C ARG DA 47 -50.72 29.01 -51.45
N VAL DA 48 -50.87 29.35 -52.73
CA VAL DA 48 -51.43 28.43 -53.73
C VAL DA 48 -50.60 28.52 -55.00
N THR DA 49 -50.59 27.42 -55.77
CA THR DA 49 -49.74 27.29 -56.95
C THR DA 49 -50.50 26.65 -58.10
N VAL DA 50 -50.32 27.21 -59.30
CA VAL DA 50 -51.02 26.77 -60.51
C VAL DA 50 -49.98 26.39 -61.57
N SER DA 51 -50.27 25.33 -62.34
CA SER DA 51 -49.35 24.87 -63.37
C SER DA 51 -50.11 24.23 -64.52
N VAL DA 52 -49.66 24.52 -65.76
CA VAL DA 52 -50.17 23.88 -66.97
C VAL DA 52 -48.98 23.29 -67.74
N SER DA 53 -49.18 22.13 -68.36
CA SER DA 53 -48.10 21.46 -69.07
C SER DA 53 -48.49 21.13 -70.51
N GLN DA 54 -47.60 21.44 -71.46
CA GLN DA 54 -47.77 21.04 -72.85
C GLN DA 54 -47.46 19.54 -73.03
N PRO DA 55 -47.94 18.93 -74.11
CA PRO DA 55 -47.74 17.48 -74.28
C PRO DA 55 -46.29 17.19 -74.66
N SER DA 56 -45.65 16.27 -73.94
CA SER DA 56 -44.30 15.98 -74.32
C SER DA 56 -44.26 14.65 -75.08
N ARG DA 57 -43.13 13.94 -75.03
CA ARG DA 57 -43.06 12.70 -75.76
C ARG DA 57 -43.50 11.52 -74.91
N ASN DA 58 -43.24 11.58 -73.60
CA ASN DA 58 -43.70 10.56 -72.66
C ASN DA 58 -45.16 10.78 -72.26
N ARG DA 59 -45.55 12.03 -72.06
CA ARG DA 59 -46.93 12.40 -71.70
C ARG DA 59 -47.51 13.25 -72.83
N LYS DA 60 -48.41 12.67 -73.62
CA LYS DA 60 -49.08 13.41 -74.69
C LYS DA 60 -50.54 13.68 -74.33
N ASN DA 61 -50.77 14.18 -73.11
CA ASN DA 61 -52.07 14.61 -72.61
C ASN DA 61 -51.89 15.91 -71.86
N TYR DA 62 -52.98 16.67 -71.75
CA TYR DA 62 -52.91 17.94 -71.04
C TYR DA 62 -53.13 17.69 -69.54
N LYS DA 63 -52.44 18.46 -68.70
CA LYS DA 63 -52.61 18.35 -67.25
C LYS DA 63 -52.45 19.71 -66.61
N VAL DA 64 -53.44 20.12 -65.81
CA VAL DA 64 -53.38 21.34 -65.02
C VAL DA 64 -53.69 21.00 -63.58
N GLN DA 65 -52.94 21.60 -62.65
CA GLN DA 65 -53.06 21.27 -61.24
C GLN DA 65 -52.82 22.50 -60.38
N VAL DA 66 -53.66 22.68 -59.37
CA VAL DA 66 -53.51 23.74 -58.39
C VAL DA 66 -53.35 23.09 -57.01
N LYS DA 67 -52.47 23.66 -56.20
CA LYS DA 67 -52.24 23.19 -54.84
C LYS DA 67 -52.54 24.31 -53.86
N ILE DA 68 -53.04 23.93 -52.68
CA ILE DA 68 -53.33 24.87 -51.60
C ILE DA 68 -52.57 24.41 -50.36
N GLN DA 69 -51.94 25.36 -49.67
CA GLN DA 69 -51.17 25.05 -48.47
C GLN DA 69 -51.41 26.16 -47.44
N ASN DA 70 -52.19 25.84 -46.41
CA ASN DA 70 -52.55 26.81 -45.38
C ASN DA 70 -51.94 26.42 -44.03
N PRO DA 71 -50.90 27.09 -43.56
CA PRO DA 71 -50.34 26.77 -42.25
C PRO DA 71 -51.12 27.47 -41.13
N THR DA 72 -50.76 27.09 -39.90
CA THR DA 72 -51.33 27.67 -38.69
C THR DA 72 -50.20 27.79 -37.67
N ALA DA 73 -50.32 28.78 -36.77
CA ALA DA 73 -49.19 29.12 -35.92
C ALA DA 73 -49.58 29.18 -34.45
N CYS DA 74 -48.54 29.31 -33.62
CA CYS DA 74 -48.67 29.40 -32.18
C CYS DA 74 -47.62 30.35 -31.62
N THR DA 75 -47.98 31.14 -30.61
CA THR DA 75 -47.09 32.13 -30.01
C THR DA 75 -46.55 31.80 -28.62
N ALA DA 76 -47.30 31.05 -27.79
CA ALA DA 76 -47.05 31.10 -26.34
C ALA DA 76 -45.75 30.41 -25.92
N ASN DA 77 -45.30 29.41 -26.67
CA ASN DA 77 -44.07 28.75 -26.25
C ASN DA 77 -42.83 29.43 -26.82
N GLY DA 78 -42.91 30.01 -28.02
CA GLY DA 78 -41.75 30.70 -28.55
C GLY DA 78 -41.69 32.14 -28.10
N SER DA 79 -42.81 32.65 -27.58
CA SER DA 79 -42.92 34.00 -27.00
C SER DA 79 -42.12 35.06 -27.78
N CYS DA 80 -42.02 34.94 -29.11
CA CYS DA 80 -41.36 35.97 -29.91
C CYS DA 80 -41.74 35.83 -31.38
N ASP DA 81 -41.35 34.71 -31.98
CA ASP DA 81 -41.67 34.43 -33.38
C ASP DA 81 -42.63 33.24 -33.43
N PRO DA 82 -43.83 33.42 -33.96
CA PRO DA 82 -44.77 32.29 -34.03
C PRO DA 82 -44.21 31.16 -34.89
N SER DA 83 -44.46 29.93 -34.45
CA SER DA 83 -43.99 28.75 -35.15
C SER DA 83 -45.18 28.00 -35.76
N VAL DA 84 -44.92 27.35 -36.89
CA VAL DA 84 -45.94 26.58 -37.60
C VAL DA 84 -46.10 25.23 -36.90
N THR DA 85 -47.32 24.92 -36.48
CA THR DA 85 -47.59 23.72 -35.71
C THR DA 85 -48.08 22.55 -36.55
N ARG DA 86 -48.94 22.81 -37.53
CA ARG DA 86 -49.51 21.79 -38.39
C ARG DA 86 -49.90 22.44 -39.70
N GLN DA 87 -50.22 21.61 -40.69
CA GLN DA 87 -50.49 22.11 -42.02
C GLN DA 87 -51.92 21.78 -42.44
N ALA DA 88 -52.31 22.38 -43.56
CA ALA DA 88 -53.60 22.09 -44.19
C ALA DA 88 -53.33 22.01 -45.67
N TYR DA 89 -53.72 20.90 -46.29
CA TYR DA 89 -53.34 20.64 -47.67
C TYR DA 89 -54.58 20.49 -48.53
N ALA DA 90 -54.45 20.95 -49.77
CA ALA DA 90 -55.46 20.75 -50.79
C ALA DA 90 -54.72 20.70 -52.11
N ASP DA 91 -55.09 19.74 -52.95
CA ASP DA 91 -54.43 19.61 -54.25
C ASP DA 91 -55.37 18.95 -55.23
N VAL DA 92 -55.57 19.61 -56.37
CA VAL DA 92 -56.36 19.05 -57.46
C VAL DA 92 -55.42 18.79 -58.63
N THR DA 93 -55.87 17.95 -59.54
CA THR DA 93 -55.16 17.75 -60.80
C THR DA 93 -56.17 17.37 -61.86
N PHE DA 94 -56.29 18.21 -62.90
CA PHE DA 94 -57.14 17.94 -64.04
C PHE DA 94 -56.28 17.42 -65.19
N SER DA 95 -56.86 16.54 -66.00
CA SER DA 95 -56.14 16.03 -67.16
C SER DA 95 -57.15 15.76 -68.27
N PHE DA 96 -57.09 16.54 -69.34
CA PHE DA 96 -57.96 16.37 -70.49
C PHE DA 96 -57.16 15.89 -71.68
N THR DA 97 -57.88 15.31 -72.65
CA THR DA 97 -57.23 14.80 -73.84
C THR DA 97 -56.78 15.95 -74.73
N GLN DA 98 -55.86 15.64 -75.64
CA GLN DA 98 -55.39 16.65 -76.59
C GLN DA 98 -56.53 17.15 -77.46
N TYR DA 99 -57.51 16.29 -77.74
CA TYR DA 99 -58.72 16.66 -78.49
C TYR DA 99 -59.83 17.23 -77.62
N SER DA 100 -59.51 17.78 -76.45
CA SER DA 100 -60.55 18.28 -75.56
C SER DA 100 -61.17 19.59 -76.05
N THR DA 101 -62.48 19.71 -75.86
CA THR DA 101 -63.24 20.89 -76.24
C THR DA 101 -63.20 21.93 -75.11
N ASP DA 102 -63.41 23.19 -75.49
CA ASP DA 102 -63.38 24.28 -74.51
C ASP DA 102 -64.46 24.09 -73.44
N GLU DA 103 -65.69 23.81 -73.86
CA GLU DA 103 -66.80 23.69 -72.90
C GLU DA 103 -66.60 22.53 -71.94
N GLU DA 104 -66.08 21.41 -72.43
CA GLU DA 104 -65.83 20.25 -71.57
C GLU DA 104 -64.97 20.64 -70.37
N ARG DA 105 -63.98 21.49 -70.60
CA ARG DA 105 -63.03 21.85 -69.55
C ARG DA 105 -63.72 22.68 -68.49
N ALA DA 106 -64.50 23.68 -68.90
CA ALA DA 106 -65.22 24.51 -67.94
C ALA DA 106 -66.26 23.72 -67.17
N PHE DA 107 -66.87 22.71 -67.80
CA PHE DA 107 -67.86 21.91 -67.09
C PHE DA 107 -67.21 21.18 -65.91
N VAL DA 108 -66.08 20.50 -66.17
CA VAL DA 108 -65.34 19.86 -65.09
C VAL DA 108 -64.83 20.89 -64.09
N ARG DA 109 -64.66 22.14 -64.54
CA ARG DA 109 -64.16 23.19 -63.66
C ARG DA 109 -65.23 23.63 -62.68
N THR DA 110 -66.41 23.99 -63.19
CA THR DA 110 -67.49 24.43 -62.32
C THR DA 110 -68.12 23.26 -61.58
N GLU DA 111 -68.06 22.05 -62.14
CA GLU DA 111 -68.55 20.89 -61.41
C GLU DA 111 -67.82 20.71 -60.09
N LEU DA 112 -66.50 20.90 -60.11
CA LEU DA 112 -65.73 20.80 -58.87
C LEU DA 112 -66.05 21.96 -57.93
N ALA DA 113 -66.24 23.16 -58.48
CA ALA DA 113 -66.58 24.31 -57.64
C ALA DA 113 -67.94 24.14 -56.99
N ALA DA 114 -68.94 23.68 -57.76
CA ALA DA 114 -70.26 23.42 -57.19
C ALA DA 114 -70.24 22.20 -56.28
N LEU DA 115 -69.43 21.19 -56.61
CA LEU DA 115 -69.36 20.00 -55.78
C LEU DA 115 -68.74 20.32 -54.42
N LEU DA 116 -67.86 21.32 -54.34
CA LEU DA 116 -67.25 21.71 -53.08
C LEU DA 116 -68.24 22.41 -52.15
N ALA DA 117 -69.43 22.72 -52.63
CA ALA DA 117 -70.46 23.37 -51.82
C ALA DA 117 -71.68 22.49 -51.61
N SER DA 118 -71.67 21.26 -52.12
CA SER DA 118 -72.79 20.36 -51.95
C SER DA 118 -72.82 19.80 -50.52
N PRO DA 119 -74.01 19.72 -49.91
CA PRO DA 119 -74.13 19.16 -48.54
C PRO DA 119 -73.29 17.92 -48.29
N LEU DA 120 -73.18 17.06 -49.31
CA LEU DA 120 -72.42 15.82 -49.17
C LEU DA 120 -70.95 16.11 -48.86
N LEU DA 121 -70.35 17.04 -49.61
CA LEU DA 121 -68.95 17.40 -49.38
C LEU DA 121 -68.73 18.19 -48.10
N ILE DA 122 -69.80 18.78 -47.54
CA ILE DA 122 -69.65 19.50 -46.27
C ILE DA 122 -69.22 18.55 -45.16
N ASP DA 123 -69.94 17.44 -44.99
CA ASP DA 123 -69.59 16.49 -43.95
C ASP DA 123 -68.38 15.63 -44.30
N ALA DA 124 -68.02 15.57 -45.58
CA ALA DA 124 -66.79 14.86 -45.94
C ALA DA 124 -65.56 15.67 -45.58
N ILE DA 125 -65.68 17.00 -45.57
CA ILE DA 125 -64.56 17.87 -45.32
C ILE DA 125 -64.57 18.41 -43.90
N ASP DA 126 -65.72 18.94 -43.46
CA ASP DA 126 -65.78 19.65 -42.18
C ASP DA 126 -65.98 18.72 -40.99
N GLN DA 127 -66.86 17.74 -41.13
CA GLN DA 127 -67.08 16.76 -40.07
C GLN DA 127 -66.28 15.49 -40.29
N LEU DA 128 -65.65 15.35 -41.45
CA LEU DA 128 -64.81 14.22 -41.80
C LEU DA 128 -65.52 12.89 -41.56
N ASN DA 129 -66.75 12.80 -42.07
CA ASN DA 129 -67.49 11.56 -42.06
C ASN DA 129 -67.88 11.20 -43.48
N PRO DA 130 -67.68 9.96 -43.90
CA PRO DA 130 -67.90 9.60 -45.31
C PRO DA 130 -69.37 9.63 -45.67
N ALA DA 131 -69.62 9.46 -46.97
CA ALA DA 131 -70.98 9.24 -47.43
C ALA DA 131 -71.49 7.91 -46.92
N TYR DA 132 -72.71 7.93 -46.41
CA TYR DA 132 -73.32 6.76 -45.78
C TYR DA 132 -74.79 6.58 -46.16
N ALA EA 1 -39.28 41.13 -79.14
CA ALA EA 1 -40.00 42.25 -78.56
C ALA EA 1 -41.13 41.76 -77.66
N LYS EA 2 -42.13 42.60 -77.46
CA LYS EA 2 -43.28 42.23 -76.65
C LYS EA 2 -44.17 41.25 -77.41
N LEU EA 3 -44.79 40.34 -76.66
CA LEU EA 3 -45.65 39.30 -77.24
C LEU EA 3 -47.03 39.88 -77.53
N GLU EA 4 -47.17 40.46 -78.71
CA GLU EA 4 -48.44 41.04 -79.14
C GLU EA 4 -49.22 39.99 -79.93
N THR EA 5 -50.44 40.35 -80.35
CA THR EA 5 -51.22 39.51 -81.25
C THR EA 5 -50.79 39.81 -82.68
N VAL EA 6 -50.04 38.89 -83.27
CA VAL EA 6 -49.48 39.07 -84.61
C VAL EA 6 -50.45 38.54 -85.65
N THR EA 7 -50.57 39.27 -86.77
CA THR EA 7 -51.48 38.94 -87.86
C THR EA 7 -50.74 39.05 -89.19
N LEU EA 8 -50.51 37.92 -89.85
CA LEU EA 8 -49.86 37.89 -91.15
C LEU EA 8 -50.91 37.99 -92.25
N GLY EA 9 -50.76 38.98 -93.13
CA GLY EA 9 -51.66 39.18 -94.25
C GLY EA 9 -51.05 38.89 -95.61
N ASN EA 10 -51.94 38.83 -96.61
CA ASN EA 10 -51.58 38.59 -98.00
C ASN EA 10 -50.71 37.35 -98.13
N ILE EA 11 -51.29 36.23 -97.71
CA ILE EA 11 -50.52 35.02 -97.48
C ILE EA 11 -51.21 33.86 -98.19
N GLY EA 12 -50.45 32.82 -98.48
CA GLY EA 12 -51.01 31.64 -99.12
C GLY EA 12 -50.62 31.54 -100.58
N LYS EA 13 -51.01 30.41 -101.19
CA LYS EA 13 -50.70 30.19 -102.60
C LYS EA 13 -51.27 31.33 -103.44
N ASP EA 14 -52.56 31.63 -103.25
CA ASP EA 14 -53.17 32.73 -104.01
C ASP EA 14 -52.54 34.07 -103.64
N GLY EA 15 -52.21 34.25 -102.36
CA GLY EA 15 -51.73 35.52 -101.87
C GLY EA 15 -52.82 36.43 -101.37
N LYS EA 16 -54.06 35.95 -101.30
CA LYS EA 16 -55.20 36.74 -100.88
C LYS EA 16 -55.82 36.22 -99.58
N GLN EA 17 -55.00 35.71 -98.66
CA GLN EA 17 -55.47 35.26 -97.37
C GLN EA 17 -54.82 36.04 -96.23
N THR EA 18 -55.30 35.79 -95.01
CA THR EA 18 -54.79 36.42 -93.81
C THR EA 18 -54.86 35.39 -92.68
N LEU EA 19 -54.00 35.57 -91.68
CA LEU EA 19 -53.87 34.61 -90.59
C LEU EA 19 -53.61 35.34 -89.29
N VAL EA 20 -54.44 35.07 -88.28
CA VAL EA 20 -54.37 35.71 -86.98
C VAL EA 20 -53.80 34.73 -85.97
N LEU EA 21 -52.81 35.18 -85.18
CA LEU EA 21 -52.11 34.36 -84.20
C LEU EA 21 -52.08 35.10 -82.87
N ASN EA 22 -52.88 34.64 -81.90
CA ASN EA 22 -52.89 35.27 -80.59
C ASN EA 22 -51.76 34.74 -79.70
N PRO EA 23 -51.22 35.59 -78.81
CA PRO EA 23 -50.15 35.13 -77.92
C PRO EA 23 -50.66 34.19 -76.85
N ARG EA 24 -49.80 33.25 -76.45
CA ARG EA 24 -50.12 32.30 -75.38
C ARG EA 24 -49.04 32.29 -74.30
N GLY EA 25 -48.17 33.30 -74.27
CA GLY EA 25 -47.21 33.41 -73.20
C GLY EA 25 -45.88 32.76 -73.51
N VAL EA 26 -45.01 32.76 -72.49
CA VAL EA 26 -43.69 32.17 -72.61
C VAL EA 26 -43.63 30.88 -71.82
N ASN EA 27 -42.62 30.07 -72.10
CA ASN EA 27 -42.38 28.79 -71.44
C ASN EA 27 -41.04 28.91 -70.71
N PRO EA 28 -41.04 29.31 -69.44
CA PRO EA 28 -39.77 29.62 -68.75
C PRO EA 28 -38.84 28.43 -68.53
N THR EA 29 -39.29 27.19 -68.72
CA THR EA 29 -38.38 26.06 -68.61
C THR EA 29 -37.74 25.74 -69.96
N ASN EA 30 -38.55 25.68 -71.02
CA ASN EA 30 -38.03 25.45 -72.35
C ASN EA 30 -37.38 26.70 -72.92
N GLY EA 31 -37.66 27.86 -72.33
CA GLY EA 31 -37.14 29.12 -72.82
C GLY EA 31 -37.61 29.46 -74.21
N VAL EA 32 -38.85 29.10 -74.53
CA VAL EA 32 -39.42 29.34 -75.85
C VAL EA 32 -40.78 30.00 -75.68
N ALA EA 33 -40.97 31.13 -76.35
CA ALA EA 33 -42.28 31.74 -76.41
C ALA EA 33 -43.10 31.04 -77.47
N SER EA 34 -44.42 31.04 -77.27
CA SER EA 34 -45.30 30.35 -78.21
C SER EA 34 -46.58 31.14 -78.36
N LEU EA 35 -47.15 31.06 -79.55
CA LEU EA 35 -48.44 31.68 -79.84
C LEU EA 35 -49.05 30.93 -81.01
N SER EA 36 -50.38 30.90 -81.05
CA SER EA 36 -51.08 29.97 -81.91
C SER EA 36 -52.32 30.62 -82.50
N GLN EA 37 -52.73 30.14 -83.67
CA GLN EA 37 -53.99 30.55 -84.25
C GLN EA 37 -55.13 30.02 -83.40
N ALA EA 38 -56.05 30.90 -83.01
CA ALA EA 38 -57.13 30.54 -82.10
C ALA EA 38 -58.11 29.53 -82.70
N GLY EA 39 -58.05 28.28 -82.22
CA GLY EA 39 -58.92 27.24 -82.72
C GLY EA 39 -59.66 26.60 -81.56
N ALA EA 40 -60.72 25.86 -81.92
CA ALA EA 40 -61.56 25.23 -80.91
C ALA EA 40 -60.76 24.23 -80.08
N VAL EA 41 -60.28 23.18 -80.73
CA VAL EA 41 -59.55 22.09 -80.10
C VAL EA 41 -58.05 22.38 -80.16
N PRO EA 42 -57.30 22.18 -79.06
CA PRO EA 42 -55.86 22.48 -79.09
C PRO EA 42 -55.10 21.74 -80.17
N ALA EA 43 -55.55 20.56 -80.59
CA ALA EA 43 -54.83 19.82 -81.62
C ALA EA 43 -55.02 20.45 -83.00
N LEU EA 44 -56.20 21.04 -83.24
CA LEU EA 44 -56.51 21.59 -84.56
C LEU EA 44 -55.73 22.85 -84.86
N GLU EA 45 -55.34 23.61 -83.85
CA GLU EA 45 -54.87 24.97 -84.09
C GLU EA 45 -53.48 25.00 -84.73
N LYS EA 46 -53.26 26.03 -85.54
CA LYS EA 46 -51.93 26.30 -86.04
C LYS EA 46 -51.11 26.91 -84.91
N ARG EA 47 -49.79 26.75 -84.97
CA ARG EA 47 -48.95 27.25 -83.89
C ARG EA 47 -47.60 27.67 -84.45
N VAL EA 48 -47.01 28.68 -83.82
CA VAL EA 48 -45.64 29.12 -84.13
C VAL EA 48 -44.95 29.48 -82.82
N THR EA 49 -43.63 29.30 -82.79
CA THR EA 49 -42.84 29.48 -81.57
C THR EA 49 -41.55 30.21 -81.88
N VAL EA 50 -41.19 31.19 -81.04
CA VAL EA 50 -39.97 31.98 -81.21
C VAL EA 50 -39.13 31.84 -79.94
N SER EA 51 -37.82 31.71 -80.12
CA SER EA 51 -36.92 31.52 -79.00
C SER EA 51 -35.52 32.04 -79.34
N VAL EA 52 -34.87 32.69 -78.38
CA VAL EA 52 -33.48 33.10 -78.52
C VAL EA 52 -32.70 32.56 -77.32
N SER EA 53 -31.47 32.13 -77.57
CA SER EA 53 -30.61 31.59 -76.52
C SER EA 53 -29.27 32.31 -76.52
N GLN EA 54 -28.82 32.72 -75.34
CA GLN EA 54 -27.52 33.35 -75.18
C GLN EA 54 -26.41 32.31 -75.25
N PRO EA 55 -25.17 32.72 -75.54
CA PRO EA 55 -24.10 31.74 -75.66
C PRO EA 55 -23.65 31.25 -74.29
N SER EA 56 -23.70 29.93 -74.08
CA SER EA 56 -23.32 29.42 -72.76
C SER EA 56 -21.86 29.06 -72.74
N ARG EA 57 -21.51 28.03 -71.96
CA ARG EA 57 -20.13 27.55 -71.94
C ARG EA 57 -19.93 26.52 -73.03
N ASN EA 58 -21.04 25.90 -73.44
CA ASN EA 58 -21.02 24.91 -74.50
C ASN EA 58 -20.72 25.58 -75.85
N ARG EA 59 -21.67 26.35 -76.37
CA ARG EA 59 -21.51 27.04 -77.64
C ARG EA 59 -21.52 28.55 -77.38
N LYS EA 60 -20.52 29.27 -77.92
CA LYS EA 60 -20.44 30.73 -77.76
C LYS EA 60 -20.89 31.50 -79.00
N ASN EA 61 -22.07 31.17 -79.49
CA ASN EA 61 -22.75 31.89 -80.57
C ASN EA 61 -24.23 32.02 -80.25
N TYR EA 62 -24.84 33.10 -80.70
CA TYR EA 62 -26.25 33.26 -80.43
C TYR EA 62 -27.02 32.39 -81.39
N LYS EA 63 -28.18 31.89 -80.93
CA LYS EA 63 -29.03 31.04 -81.76
C LYS EA 63 -30.48 31.43 -81.53
N VAL EA 64 -31.17 31.75 -82.62
CA VAL EA 64 -32.60 32.07 -82.61
C VAL EA 64 -33.27 31.15 -83.60
N GLN EA 65 -34.43 30.63 -83.22
CA GLN EA 65 -35.14 29.66 -84.04
C GLN EA 65 -36.63 29.90 -83.91
N VAL EA 66 -37.32 29.88 -85.04
CA VAL EA 66 -38.77 29.96 -85.07
C VAL EA 66 -39.29 28.69 -85.71
N LYS EA 67 -40.37 28.15 -85.17
CA LYS EA 67 -40.98 26.94 -85.68
C LYS EA 67 -42.41 27.25 -86.12
N ILE EA 68 -42.86 26.56 -87.17
CA ILE EA 68 -44.22 26.67 -87.66
C ILE EA 68 -44.80 25.26 -87.73
N GLN EA 69 -46.04 25.11 -87.26
CA GLN EA 69 -46.71 23.80 -87.24
C GLN EA 69 -48.17 24.02 -87.63
N ASN EA 70 -48.54 23.59 -88.83
CA ASN EA 70 -49.90 23.74 -89.32
C ASN EA 70 -50.53 22.36 -89.49
N PRO EA 71 -51.39 21.92 -88.58
CA PRO EA 71 -52.06 20.63 -88.75
C PRO EA 71 -53.31 20.76 -89.63
N THR EA 72 -53.86 19.61 -89.99
CA THR EA 72 -55.06 19.54 -90.81
C THR EA 72 -55.93 18.39 -90.33
N ALA EA 73 -57.23 18.51 -90.55
CA ALA EA 73 -58.22 17.60 -89.98
C ALA EA 73 -59.16 17.09 -91.06
N CYS EA 74 -60.03 16.17 -90.65
CA CYS EA 74 -61.06 15.59 -91.50
C CYS EA 74 -62.33 15.49 -90.68
N THR EA 75 -63.48 15.69 -91.33
CA THR EA 75 -64.71 15.84 -90.55
C THR EA 75 -65.53 14.55 -90.40
N ALA EA 76 -66.39 14.25 -91.38
CA ALA EA 76 -67.35 13.15 -91.26
C ALA EA 76 -66.62 11.81 -91.38
N ASN EA 77 -66.11 11.32 -90.25
CA ASN EA 77 -65.40 10.05 -90.17
C ASN EA 77 -65.78 9.19 -88.97
N GLY EA 78 -66.01 9.82 -87.82
CA GLY EA 78 -66.43 9.21 -86.59
C GLY EA 78 -67.62 10.07 -86.33
N SER EA 79 -67.74 11.01 -87.28
CA SER EA 79 -68.81 11.99 -87.42
C SER EA 79 -69.12 12.70 -86.12
N CYS EA 80 -68.11 12.84 -85.27
CA CYS EA 80 -68.27 13.61 -84.04
C CYS EA 80 -67.22 14.71 -83.95
N ASP EA 81 -65.97 14.34 -83.68
CA ASP EA 81 -64.88 15.31 -83.54
C ASP EA 81 -63.83 15.05 -84.61
N PRO EA 82 -63.53 16.03 -85.46
CA PRO EA 82 -62.50 15.80 -86.50
C PRO EA 82 -61.15 15.46 -85.89
N SER EA 83 -60.44 14.55 -86.53
CA SER EA 83 -59.11 14.12 -86.11
C SER EA 83 -58.05 14.62 -87.08
N VAL EA 84 -56.85 14.86 -86.57
CA VAL EA 84 -55.76 15.38 -87.41
C VAL EA 84 -55.19 14.23 -88.23
N THR EA 85 -55.15 14.42 -89.55
CA THR EA 85 -54.70 13.39 -90.48
C THR EA 85 -53.24 13.54 -90.88
N ARG EA 86 -52.77 14.77 -91.08
CA ARG EA 86 -51.41 15.02 -91.51
C ARG EA 86 -50.95 16.35 -90.95
N GLN EA 87 -49.64 16.59 -91.04
CA GLN EA 87 -49.01 17.80 -90.54
C GLN EA 87 -48.20 18.47 -91.65
N ALA EA 88 -47.80 19.70 -91.39
CA ALA EA 88 -46.91 20.44 -92.27
C ALA EA 88 -45.95 21.19 -91.37
N TYR EA 89 -44.66 21.03 -91.60
CA TYR EA 89 -43.69 21.54 -90.65
C TYR EA 89 -42.76 22.56 -91.29
N ALA EA 90 -42.37 23.55 -90.49
CA ALA EA 90 -41.40 24.54 -90.89
C ALA EA 90 -40.66 25.00 -89.65
N ASP EA 91 -39.34 25.11 -89.75
CA ASP EA 91 -38.54 25.61 -88.64
C ASP EA 91 -37.24 26.20 -89.18
N VAL EA 92 -36.90 27.39 -88.71
CA VAL EA 92 -35.65 28.01 -89.10
C VAL EA 92 -34.74 27.98 -87.88
N THR EA 93 -33.45 28.16 -88.13
CA THR EA 93 -32.49 28.32 -87.05
C THR EA 93 -31.38 29.23 -87.54
N PHE EA 94 -31.26 30.38 -86.89
CA PHE EA 94 -30.21 31.35 -87.17
C PHE EA 94 -29.12 31.26 -86.12
N SER EA 95 -27.89 31.54 -86.53
CA SER EA 95 -26.78 31.55 -85.58
C SER EA 95 -25.79 32.60 -86.05
N PHE EA 96 -25.66 33.66 -85.26
CA PHE EA 96 -24.75 34.75 -85.54
C PHE EA 96 -23.61 34.74 -84.52
N THR EA 97 -22.52 35.41 -84.89
CA THR EA 97 -21.33 35.44 -84.04
C THR EA 97 -21.59 36.33 -82.83
N GLN EA 98 -20.75 36.16 -81.81
CA GLN EA 98 -20.88 36.96 -80.60
C GLN EA 98 -20.65 38.43 -80.91
N TYR EA 99 -19.71 38.73 -81.82
CA TYR EA 99 -19.45 40.08 -82.31
C TYR EA 99 -20.23 40.43 -83.57
N SER EA 100 -21.35 39.79 -83.84
CA SER EA 100 -22.07 40.06 -85.09
C SER EA 100 -22.72 41.43 -85.06
N THR EA 101 -22.72 42.08 -86.23
CA THR EA 101 -23.28 43.43 -86.36
C THR EA 101 -24.80 43.38 -86.57
N ASP EA 102 -25.45 44.50 -86.24
CA ASP EA 102 -26.90 44.58 -86.39
C ASP EA 102 -27.31 44.39 -87.85
N GLU EA 103 -26.67 45.11 -88.78
CA GLU EA 103 -27.06 44.99 -90.18
C GLU EA 103 -26.80 43.60 -90.74
N GLU EA 104 -25.70 42.96 -90.31
CA GLU EA 104 -25.45 41.58 -90.72
C GLU EA 104 -26.65 40.72 -90.39
N ARG EA 105 -27.25 40.95 -89.23
CA ARG EA 105 -28.36 40.14 -88.76
C ARG EA 105 -29.60 40.37 -89.61
N ALA EA 106 -29.95 41.64 -89.83
CA ALA EA 106 -31.13 41.98 -90.61
C ALA EA 106 -31.00 41.54 -92.07
N PHE EA 107 -29.80 41.59 -92.63
CA PHE EA 107 -29.63 41.19 -94.03
C PHE EA 107 -29.96 39.71 -94.19
N VAL EA 108 -29.40 38.86 -93.31
CA VAL EA 108 -29.73 37.43 -93.34
C VAL EA 108 -31.21 37.22 -93.07
N ARG EA 109 -31.85 38.16 -92.38
CA ARG EA 109 -33.27 38.04 -92.08
C ARG EA 109 -34.12 38.35 -93.31
N THR EA 110 -33.88 39.50 -93.95
CA THR EA 110 -34.67 39.85 -95.13
C THR EA 110 -34.29 39.01 -96.34
N GLU EA 111 -33.04 38.54 -96.41
CA GLU EA 111 -32.65 37.64 -97.49
C GLU EA 111 -33.52 36.39 -97.48
N LEU EA 112 -33.82 35.85 -96.29
CA LEU EA 112 -34.68 34.68 -96.21
C LEU EA 112 -36.10 34.99 -96.67
N ALA EA 113 -36.61 36.18 -96.30
CA ALA EA 113 -37.96 36.55 -96.70
C ALA EA 113 -38.06 36.70 -98.21
N ALA EA 114 -37.08 37.36 -98.83
CA ALA EA 114 -37.06 37.51 -100.28
C ALA EA 114 -36.75 36.19 -100.97
N LEU EA 115 -35.90 35.36 -100.36
CA LEU EA 115 -35.60 34.05 -100.95
C LEU EA 115 -36.81 33.14 -100.93
N LEU EA 116 -37.72 33.34 -99.97
CA LEU EA 116 -38.96 32.58 -99.94
C LEU EA 116 -39.91 32.98 -101.05
N ALA EA 117 -39.63 34.06 -101.78
CA ALA EA 117 -40.49 34.52 -102.86
C ALA EA 117 -39.81 34.44 -104.22
N SER EA 118 -38.59 33.93 -104.29
CA SER EA 118 -37.90 33.82 -105.56
C SER EA 118 -38.50 32.67 -106.37
N PRO EA 119 -38.68 32.86 -107.69
CA PRO EA 119 -39.22 31.81 -108.55
C PRO EA 119 -38.66 30.42 -108.29
N LEU EA 120 -37.35 30.35 -108.01
CA LEU EA 120 -36.70 29.06 -107.79
C LEU EA 120 -37.30 28.34 -106.58
N LEU EA 121 -37.46 29.06 -105.46
CA LEU EA 121 -37.99 28.44 -104.26
C LEU EA 121 -39.47 28.11 -104.36
N ILE EA 122 -40.20 28.73 -105.30
CA ILE EA 122 -41.61 28.39 -105.47
C ILE EA 122 -41.74 26.93 -105.91
N ASP EA 123 -41.00 26.52 -106.94
CA ASP EA 123 -41.03 25.13 -107.38
C ASP EA 123 -40.27 24.19 -106.47
N ALA EA 124 -39.36 24.72 -105.64
CA ALA EA 124 -38.66 23.89 -104.68
C ALA EA 124 -39.57 23.53 -103.51
N ILE EA 125 -40.52 24.41 -103.19
CA ILE EA 125 -41.37 24.24 -102.04
C ILE EA 125 -42.75 23.73 -102.45
N ASP EA 126 -43.33 24.33 -103.49
CA ASP EA 126 -44.70 24.00 -103.83
C ASP EA 126 -44.78 22.80 -104.77
N GLN EA 127 -43.88 22.73 -105.75
CA GLN EA 127 -43.83 21.61 -106.68
C GLN EA 127 -42.78 20.57 -106.29
N LEU EA 128 -41.93 20.89 -105.31
CA LEU EA 128 -40.94 19.98 -104.74
C LEU EA 128 -40.12 19.30 -105.83
N ASN EA 129 -39.59 20.11 -106.75
CA ASN EA 129 -38.65 19.61 -107.73
C ASN EA 129 -37.34 20.38 -107.67
N PRO EA 130 -36.20 19.70 -107.67
CA PRO EA 130 -34.93 20.39 -107.51
C PRO EA 130 -34.61 21.25 -108.72
N ALA EA 131 -33.55 22.05 -108.60
CA ALA EA 131 -33.04 22.75 -109.76
C ALA EA 131 -32.43 21.75 -110.74
N TYR EA 132 -32.82 21.85 -112.01
CA TYR EA 132 -32.30 20.92 -113.02
C TYR EA 132 -32.03 21.67 -114.31
N ALA FA 1 -37.18 24.18 -110.02
CA ALA FA 1 -37.25 24.77 -111.35
C ALA FA 1 -35.87 24.83 -111.98
N LYS FA 2 -35.70 25.72 -112.95
CA LYS FA 2 -34.40 25.92 -113.57
C LYS FA 2 -33.51 26.73 -112.62
N LEU FA 3 -32.23 26.41 -112.61
CA LEU FA 3 -31.26 27.13 -111.76
C LEU FA 3 -30.85 28.39 -112.49
N GLU FA 4 -31.64 29.45 -112.32
CA GLU FA 4 -31.40 30.70 -113.00
C GLU FA 4 -30.55 31.63 -112.13
N THR FA 5 -30.24 32.81 -112.68
CA THR FA 5 -29.59 33.86 -111.89
C THR FA 5 -30.68 34.62 -111.16
N VAL FA 6 -30.78 34.39 -109.87
CA VAL FA 6 -31.82 35.00 -109.05
C VAL FA 6 -31.28 36.31 -108.50
N THR FA 7 -32.14 37.32 -108.45
CA THR FA 7 -31.76 38.64 -107.97
C THR FA 7 -32.81 39.09 -106.97
N LEU FA 8 -32.44 39.10 -105.69
CA LEU FA 8 -33.33 39.57 -104.64
C LEU FA 8 -33.08 41.05 -104.45
N GLY FA 9 -34.12 41.86 -104.58
CA GLY FA 9 -34.02 43.29 -104.38
C GLY FA 9 -34.74 43.74 -103.12
N ASN FA 10 -34.42 44.98 -102.73
CA ASN FA 10 -34.99 45.64 -101.57
C ASN FA 10 -34.87 44.80 -100.30
N ILE FA 11 -33.63 44.54 -99.90
CA ILE FA 11 -33.32 43.69 -98.77
C ILE FA 11 -32.33 44.43 -97.88
N GLY FA 12 -32.24 44.00 -96.62
CA GLY FA 12 -31.41 44.68 -95.66
C GLY FA 12 -32.24 45.50 -94.70
N LYS FA 13 -31.55 46.07 -93.73
CA LYS FA 13 -32.24 46.83 -92.68
C LYS FA 13 -33.11 47.96 -93.25
N ASP FA 14 -32.54 48.81 -94.12
CA ASP FA 14 -33.37 49.81 -94.78
C ASP FA 14 -34.37 49.16 -95.71
N GLY FA 15 -33.97 48.07 -96.38
CA GLY FA 15 -34.79 47.52 -97.42
C GLY FA 15 -34.43 48.12 -98.75
N LYS FA 16 -33.31 48.84 -98.82
CA LYS FA 16 -32.89 49.57 -100.00
C LYS FA 16 -31.58 49.04 -100.60
N GLN FA 17 -31.35 47.74 -100.50
CA GLN FA 17 -30.17 47.09 -101.08
C GLN FA 17 -30.62 46.01 -102.07
N THR FA 18 -29.66 45.42 -102.76
CA THR FA 18 -29.92 44.38 -103.75
C THR FA 18 -28.82 43.34 -103.68
N LEU FA 19 -29.16 42.12 -104.08
CA LEU FA 19 -28.21 41.01 -103.99
C LEU FA 19 -28.43 40.10 -105.20
N VAL FA 20 -27.38 39.92 -106.00
CA VAL FA 20 -27.45 39.11 -107.21
C VAL FA 20 -26.69 37.82 -106.96
N LEU FA 21 -27.30 36.69 -107.30
CA LEU FA 21 -26.73 35.37 -107.05
C LEU FA 21 -26.77 34.55 -108.33
N ASN FA 22 -25.61 34.36 -108.97
CA ASN FA 22 -25.59 33.51 -110.15
C ASN FA 22 -25.52 32.05 -109.76
N PRO FA 23 -26.08 31.16 -110.57
CA PRO FA 23 -26.10 29.75 -110.22
C PRO FA 23 -24.71 29.13 -110.25
N ARG FA 24 -24.52 28.14 -109.38
CA ARG FA 24 -23.26 27.40 -109.31
C ARG FA 24 -23.48 25.89 -109.44
N GLY FA 25 -24.65 25.46 -109.91
CA GLY FA 25 -24.84 24.07 -110.23
C GLY FA 25 -25.32 23.24 -109.06
N VAL FA 26 -25.38 21.93 -109.28
CA VAL FA 26 -25.77 20.98 -108.25
C VAL FA 26 -24.54 20.21 -107.83
N ASN FA 27 -24.68 19.45 -106.74
CA ASN FA 27 -23.61 18.63 -106.22
C ASN FA 27 -24.01 17.17 -106.42
N PRO FA 28 -23.54 16.52 -107.49
CA PRO FA 28 -24.07 15.18 -107.81
C PRO FA 28 -23.83 14.13 -106.74
N THR FA 29 -23.01 14.43 -105.74
CA THR FA 29 -22.86 13.52 -104.60
C THR FA 29 -23.86 13.87 -103.49
N ASN FA 30 -23.91 15.15 -103.12
CA ASN FA 30 -24.82 15.61 -102.06
C ASN FA 30 -26.25 15.78 -102.55
N GLY FA 31 -26.47 15.88 -103.86
CA GLY FA 31 -27.82 16.15 -104.36
C GLY FA 31 -28.38 17.47 -103.92
N VAL FA 32 -27.53 18.50 -103.85
CA VAL FA 32 -27.93 19.81 -103.38
C VAL FA 32 -27.50 20.84 -104.42
N ALA FA 33 -28.44 21.69 -104.83
CA ALA FA 33 -28.09 22.81 -105.70
C ALA FA 33 -27.48 23.93 -104.88
N SER FA 34 -26.63 24.71 -105.52
CA SER FA 34 -25.94 25.80 -104.86
C SER FA 34 -25.78 26.97 -105.83
N LEU FA 35 -25.78 28.17 -105.27
CA LEU FA 35 -25.57 29.39 -106.01
C LEU FA 35 -25.05 30.45 -105.05
N SER FA 36 -24.33 31.42 -105.60
CA SER FA 36 -23.49 32.30 -104.79
C SER FA 36 -23.58 33.73 -105.29
N GLN FA 37 -23.25 34.65 -104.38
CA GLN FA 37 -23.22 36.07 -104.68
C GLN FA 37 -22.17 36.40 -105.73
N ALA FA 38 -22.58 37.16 -106.75
CA ALA FA 38 -21.70 37.55 -107.84
C ALA FA 38 -20.59 38.41 -107.28
N GLY FA 39 -19.59 37.76 -106.67
CA GLY FA 39 -18.51 38.45 -106.02
C GLY FA 39 -17.16 37.95 -106.52
N ALA FA 40 -16.13 38.70 -106.14
CA ALA FA 40 -14.79 38.42 -106.59
C ALA FA 40 -14.33 37.02 -106.17
N VAL FA 41 -14.21 36.80 -104.87
CA VAL FA 41 -13.62 35.58 -104.32
C VAL FA 41 -14.71 34.53 -104.08
N PRO FA 42 -14.52 33.29 -104.53
CA PRO FA 42 -15.48 32.24 -104.15
C PRO FA 42 -15.50 32.00 -102.66
N ALA FA 43 -14.37 32.21 -101.98
CA ALA FA 43 -14.31 32.00 -100.54
C ALA FA 43 -14.97 33.14 -99.79
N LEU FA 44 -14.83 34.36 -100.30
CA LEU FA 44 -15.38 35.52 -99.62
C LEU FA 44 -16.89 35.62 -99.77
N GLU FA 45 -17.43 35.08 -100.86
CA GLU FA 45 -18.80 35.39 -101.26
C GLU FA 45 -19.83 34.72 -100.34
N LYS FA 46 -20.97 35.39 -100.21
CA LYS FA 46 -22.12 34.78 -99.55
C LYS FA 46 -22.73 33.71 -100.46
N ARG FA 47 -23.42 32.77 -99.85
CA ARG FA 47 -23.93 31.60 -100.56
C ARG FA 47 -25.24 31.14 -99.94
N VAL FA 48 -26.07 30.50 -100.77
CA VAL FA 48 -27.31 29.87 -100.34
C VAL FA 48 -27.45 28.54 -101.07
N THR FA 49 -28.11 27.59 -100.41
CA THR FA 49 -28.23 26.23 -100.92
C THR FA 49 -29.65 25.72 -100.72
N VAL FA 50 -30.21 25.09 -101.75
CA VAL FA 50 -31.57 24.57 -101.72
C VAL FA 50 -31.50 23.08 -102.02
N SER FA 51 -32.33 22.30 -101.33
CA SER FA 51 -32.32 20.86 -101.53
C SER FA 51 -33.71 20.29 -101.29
N VAL FA 52 -34.12 19.37 -102.15
CA VAL FA 52 -35.36 18.64 -101.99
C VAL FA 52 -35.02 17.15 -102.06
N SER FA 53 -35.70 16.35 -101.24
CA SER FA 53 -35.46 14.92 -101.18
C SER FA 53 -36.74 14.14 -101.36
N GLN FA 54 -36.68 13.09 -102.20
CA GLN FA 54 -37.81 12.19 -102.34
C GLN FA 54 -37.92 11.34 -101.08
N PRO FA 55 -39.08 10.75 -100.79
CA PRO FA 55 -39.20 10.00 -99.54
C PRO FA 55 -38.44 8.68 -99.64
N SER FA 56 -37.47 8.51 -98.74
CA SER FA 56 -36.61 7.34 -98.76
C SER FA 56 -37.35 6.14 -98.17
N ARG FA 57 -36.60 5.05 -97.95
CA ARG FA 57 -37.15 3.83 -97.37
C ARG FA 57 -37.17 3.93 -95.86
N ASN FA 58 -36.35 4.83 -95.31
CA ASN FA 58 -36.35 5.09 -93.88
C ASN FA 58 -37.62 5.83 -93.49
N ARG FA 59 -37.73 7.10 -93.91
CA ARG FA 59 -38.91 7.93 -93.69
C ARG FA 59 -39.56 8.28 -95.03
N LYS FA 60 -40.88 8.07 -95.14
CA LYS FA 60 -41.62 8.29 -96.39
C LYS FA 60 -42.44 9.59 -96.38
N ASN FA 61 -41.74 10.70 -96.16
CA ASN FA 61 -42.34 12.04 -96.29
C ASN FA 61 -41.31 12.99 -96.88
N TYR FA 62 -41.79 14.00 -97.60
CA TYR FA 62 -40.89 14.92 -98.30
C TYR FA 62 -40.28 15.94 -97.34
N LYS FA 63 -39.05 16.35 -97.65
CA LYS FA 63 -38.30 17.32 -96.87
C LYS FA 63 -37.51 18.23 -97.80
N VAL FA 64 -37.68 19.55 -97.62
CA VAL FA 64 -36.94 20.56 -98.36
C VAL FA 64 -36.26 21.49 -97.37
N GLN FA 65 -35.03 21.88 -97.68
CA GLN FA 65 -34.20 22.66 -96.76
C GLN FA 65 -33.36 23.67 -97.55
N VAL FA 66 -33.34 24.91 -97.07
CA VAL FA 66 -32.50 25.95 -97.63
C VAL FA 66 -31.58 26.47 -96.54
N LYS FA 67 -30.31 26.71 -96.91
CA LYS FA 67 -29.33 27.26 -95.99
C LYS FA 67 -28.79 28.57 -96.56
N ILE FA 68 -28.46 29.49 -95.65
CA ILE FA 68 -27.85 30.76 -96.00
C ILE FA 68 -26.56 30.89 -95.20
N GLN FA 69 -25.49 31.33 -95.84
CA GLN FA 69 -24.19 31.46 -95.21
C GLN FA 69 -23.55 32.75 -95.69
N ASN FA 70 -23.54 33.76 -94.81
CA ASN FA 70 -23.00 35.08 -95.15
C ASN FA 70 -21.77 35.38 -94.31
N PRO FA 71 -20.57 35.27 -94.88
CA PRO FA 71 -19.37 35.65 -94.12
C PRO FA 71 -19.14 37.15 -94.25
N THR FA 72 -18.15 37.62 -93.49
CA THR FA 72 -17.79 39.03 -93.50
C THR FA 72 -16.27 39.11 -93.48
N ALA FA 73 -15.75 40.21 -94.00
CA ALA FA 73 -14.34 40.31 -94.30
C ALA FA 73 -13.71 41.52 -93.62
N CYS FA 74 -12.39 41.60 -93.78
CA CYS FA 74 -11.56 42.66 -93.23
C CYS FA 74 -10.52 43.03 -94.27
N THR FA 75 -10.15 44.31 -94.29
CA THR FA 75 -9.22 44.81 -95.30
C THR FA 75 -7.80 44.84 -94.72
N ALA FA 76 -7.55 45.77 -93.80
CA ALA FA 76 -6.23 46.04 -93.26
C ALA FA 76 -5.71 45.02 -92.24
N ASN FA 77 -6.05 43.74 -92.40
CA ASN FA 77 -5.51 42.73 -91.47
C ASN FA 77 -4.17 42.22 -92.00
N GLY FA 78 -4.19 41.46 -93.10
CA GLY FA 78 -2.97 41.04 -93.75
C GLY FA 78 -2.51 42.02 -94.80
N SER FA 79 -3.34 43.04 -95.04
CA SER FA 79 -3.14 44.11 -96.03
C SER FA 79 -2.92 43.60 -97.45
N CYS FA 80 -3.13 42.31 -97.70
CA CYS FA 80 -3.09 41.75 -99.06
C CYS FA 80 -4.43 41.12 -99.43
N ASP FA 81 -4.80 39.99 -98.82
CA ASP FA 81 -6.03 39.26 -99.13
C ASP FA 81 -7.00 39.29 -97.96
N PRO FA 82 -8.21 39.80 -98.12
CA PRO FA 82 -9.15 39.83 -97.00
C PRO FA 82 -9.48 38.43 -96.50
N SER FA 83 -9.55 38.30 -95.18
CA SER FA 83 -9.90 37.04 -94.53
C SER FA 83 -11.25 37.18 -93.83
N VAL FA 84 -11.98 36.08 -93.74
CA VAL FA 84 -13.29 36.10 -93.11
C VAL FA 84 -13.12 36.09 -91.59
N THR FA 85 -13.76 37.05 -90.92
CA THR FA 85 -13.59 37.20 -89.48
C THR FA 85 -14.70 36.47 -88.73
N ARG FA 86 -15.93 36.54 -89.23
CA ARG FA 86 -17.07 35.87 -88.63
C ARG FA 86 -18.07 35.59 -89.74
N GLN FA 87 -19.02 34.72 -89.46
CA GLN FA 87 -20.01 34.34 -90.44
C GLN FA 87 -21.40 34.53 -89.86
N ALA FA 88 -22.41 34.39 -90.71
CA ALA FA 88 -23.80 34.48 -90.29
C ALA FA 88 -24.56 33.35 -90.93
N TYR FA 89 -25.31 32.61 -90.14
CA TYR FA 89 -25.92 31.36 -90.57
C TYR FA 89 -27.44 31.51 -90.57
N ALA FA 90 -28.05 30.80 -91.51
CA ALA FA 90 -29.50 30.70 -91.59
C ALA FA 90 -29.79 29.32 -92.18
N ASP FA 91 -30.76 28.63 -91.58
CA ASP FA 91 -31.11 27.30 -92.06
C ASP FA 91 -32.56 27.03 -91.73
N VAL FA 92 -33.34 26.69 -92.75
CA VAL FA 92 -34.73 26.31 -92.59
C VAL FA 92 -34.85 24.84 -92.98
N THR FA 93 -35.93 24.22 -92.55
CA THR FA 93 -36.23 22.87 -93.02
C THR FA 93 -37.74 22.68 -93.02
N PHE FA 94 -38.30 22.44 -94.20
CA PHE FA 94 -39.71 22.13 -94.35
C PHE FA 94 -39.87 20.64 -94.55
N SER FA 95 -40.94 20.08 -94.01
CA SER FA 95 -41.23 18.67 -94.16
C SER FA 95 -42.74 18.49 -94.13
N PHE FA 96 -43.31 18.10 -95.26
CA PHE FA 96 -44.74 17.88 -95.38
C PHE FA 96 -45.02 16.40 -95.53
N THR FA 97 -46.27 16.02 -95.27
CA THR FA 97 -46.65 14.62 -95.37
C THR FA 97 -46.68 14.21 -96.83
N GLN FA 98 -46.62 12.90 -97.07
CA GLN FA 98 -46.67 12.40 -98.43
C GLN FA 98 -48.02 12.76 -99.09
N TYR FA 99 -49.09 12.83 -98.28
CA TYR FA 99 -50.39 13.29 -98.75
C TYR FA 99 -50.60 14.79 -98.64
N SER FA 100 -49.53 15.58 -98.63
CA SER FA 100 -49.70 17.03 -98.47
C SER FA 100 -50.25 17.65 -99.74
N THR FA 101 -51.14 18.63 -99.56
CA THR FA 101 -51.76 19.33 -100.68
C THR FA 101 -50.88 20.49 -101.15
N ASP FA 102 -51.08 20.87 -102.40
CA ASP FA 102 -50.29 21.96 -102.99
C ASP FA 102 -50.48 23.27 -102.22
N GLU FA 103 -51.72 23.64 -101.93
CA GLU FA 103 -51.98 24.91 -101.27
C GLU FA 103 -51.38 24.93 -99.86
N GLU FA 104 -51.45 23.81 -99.15
CA GLU FA 104 -50.86 23.73 -97.81
C GLU FA 104 -49.39 24.12 -97.83
N ARG FA 105 -48.67 23.68 -98.87
CA ARG FA 105 -47.23 23.89 -98.92
C ARG FA 105 -46.89 25.37 -99.06
N ALA FA 106 -47.57 26.06 -99.97
CA ALA FA 106 -47.33 27.48 -100.14
C ALA FA 106 -47.72 28.28 -98.90
N PHE FA 107 -48.75 27.82 -98.18
CA PHE FA 107 -49.17 28.53 -96.99
C PHE FA 107 -48.06 28.53 -95.95
N VAL FA 108 -47.49 27.35 -95.67
CA VAL FA 108 -46.35 27.26 -94.76
C VAL FA 108 -45.15 28.01 -95.32
N ARG FA 109 -45.09 28.16 -96.64
CA ARG FA 109 -43.99 28.88 -97.28
C ARG FA 109 -44.14 30.39 -97.11
N THR FA 110 -45.31 30.92 -97.47
CA THR FA 110 -45.53 32.36 -97.33
C THR FA 110 -45.70 32.76 -95.88
N GLU FA 111 -46.17 31.84 -95.03
CA GLU FA 111 -46.25 32.13 -93.60
C GLU FA 111 -44.88 32.48 -93.05
N LEU FA 112 -43.84 31.76 -93.49
CA LEU FA 112 -42.50 32.07 -93.04
C LEU FA 112 -42.02 33.41 -93.57
N ALA FA 113 -42.34 33.73 -94.82
CA ALA FA 113 -41.92 35.01 -95.41
C ALA FA 113 -42.55 36.18 -94.67
N ALA FA 114 -43.85 36.10 -94.38
CA ALA FA 114 -44.51 37.17 -93.65
C ALA FA 114 -44.09 37.19 -92.19
N LEU FA 115 -43.85 36.01 -91.61
CA LEU FA 115 -43.40 35.95 -90.22
C LEU FA 115 -42.01 36.54 -90.05
N LEU FA 116 -41.20 36.52 -91.10
CA LEU FA 116 -39.88 37.13 -91.05
C LEU FA 116 -39.94 38.65 -91.01
N ALA FA 117 -41.09 39.27 -91.25
CA ALA FA 117 -41.19 40.71 -91.23
C ALA FA 117 -42.07 41.26 -90.11
N SER FA 118 -42.61 40.40 -89.26
CA SER FA 118 -43.46 40.87 -88.17
C SER FA 118 -42.61 41.49 -87.06
N PRO FA 119 -43.07 42.62 -86.48
CA PRO FA 119 -42.35 43.26 -85.37
C PRO FA 119 -41.76 42.30 -84.36
N LEU FA 120 -42.49 41.22 -84.08
CA LEU FA 120 -42.03 40.24 -83.10
C LEU FA 120 -40.69 39.64 -83.49
N LEU FA 121 -40.57 39.19 -84.75
CA LEU FA 121 -39.31 38.61 -85.22
C LEU FA 121 -38.23 39.65 -85.46
N ILE FA 122 -38.58 40.93 -85.59
CA ILE FA 122 -37.57 41.97 -85.78
C ILE FA 122 -36.66 42.07 -84.56
N ASP FA 123 -37.25 42.18 -83.36
CA ASP FA 123 -36.43 42.25 -82.15
C ASP FA 123 -35.86 40.91 -81.75
N ALA FA 124 -36.42 39.80 -82.24
CA ALA FA 124 -35.85 38.49 -81.96
C ALA FA 124 -34.59 38.26 -82.78
N ILE FA 125 -34.51 38.86 -83.97
CA ILE FA 125 -33.41 38.64 -84.90
C ILE FA 125 -32.43 39.81 -84.89
N ASP FA 126 -32.93 41.04 -84.95
CA ASP FA 126 -32.03 42.18 -85.11
C ASP FA 126 -31.47 42.65 -83.78
N GLN FA 127 -32.29 42.72 -82.74
CA GLN FA 127 -31.85 43.11 -81.40
C GLN FA 127 -31.59 41.92 -80.48
N LEU FA 128 -31.94 40.72 -80.94
CA LEU FA 128 -31.71 39.44 -80.25
C LEU FA 128 -32.19 39.48 -78.80
N ASN FA 129 -33.44 39.91 -78.62
CA ASN FA 129 -34.11 39.79 -77.34
C ASN FA 129 -35.41 39.03 -77.55
N PRO FA 130 -35.71 38.05 -76.70
CA PRO FA 130 -36.83 37.14 -76.97
C PRO FA 130 -38.18 37.84 -76.86
N ALA FA 131 -39.20 37.08 -77.26
CA ALA FA 131 -40.57 37.47 -77.02
C ALA FA 131 -40.87 37.42 -75.53
N TYR FA 132 -41.54 38.46 -75.04
CA TYR FA 132 -41.85 38.59 -73.62
C TYR FA 132 -43.26 39.10 -73.37
N ALA GA 1 -32.76 11.70 -124.83
CA ALA GA 1 -32.82 13.06 -125.37
C ALA GA 1 -33.17 14.06 -124.27
N LYS GA 2 -33.73 15.20 -124.68
CA LYS GA 2 -34.11 16.23 -123.73
C LYS GA 2 -35.34 15.79 -122.94
N LEU GA 3 -35.39 16.23 -121.68
CA LEU GA 3 -36.50 15.88 -120.79
C LEU GA 3 -37.67 16.80 -121.10
N GLU GA 4 -38.45 16.41 -122.11
CA GLU GA 4 -39.59 17.19 -122.52
C GLU GA 4 -40.84 16.63 -121.83
N THR GA 5 -41.99 17.26 -122.09
CA THR GA 5 -43.26 16.75 -121.60
C THR GA 5 -43.77 15.69 -122.57
N VAL GA 6 -43.75 14.45 -122.14
CA VAL GA 6 -44.16 13.33 -122.99
C VAL GA 6 -45.66 13.13 -122.86
N THR GA 7 -46.31 12.82 -123.97
CA THR GA 7 -47.75 12.64 -124.03
C THR GA 7 -48.00 11.34 -124.78
N LEU GA 8 -48.46 10.31 -124.06
CA LEU GA 8 -48.74 9.01 -124.65
C LEU GA 8 -50.19 8.91 -125.11
N GLY GA 9 -50.37 8.53 -126.38
CA GLY GA 9 -51.69 8.34 -126.96
C GLY GA 9 -51.99 6.87 -127.23
N ASN GA 10 -53.26 6.62 -127.54
CA ASN GA 10 -53.77 5.28 -127.83
C ASN GA 10 -53.43 4.29 -126.71
N ILE GA 11 -54.01 4.56 -125.54
CA ILE GA 11 -53.71 3.84 -124.31
C ILE GA 11 -55.04 3.43 -123.67
N GLY GA 12 -54.98 2.40 -122.84
CA GLY GA 12 -56.13 1.96 -122.08
C GLY GA 12 -56.71 0.68 -122.65
N LYS GA 13 -57.69 0.15 -121.91
CA LYS GA 13 -58.37 -1.05 -122.34
C LYS GA 13 -58.99 -0.84 -123.72
N ASP GA 14 -59.75 0.23 -123.90
CA ASP GA 14 -60.31 0.54 -125.21
C ASP GA 14 -59.22 0.89 -126.21
N GLY GA 15 -58.17 1.57 -125.75
CA GLY GA 15 -57.12 2.04 -126.63
C GLY GA 15 -57.28 3.44 -127.16
N LYS GA 16 -58.28 4.19 -126.67
CA LYS GA 16 -58.53 5.56 -127.13
C LYS GA 16 -58.36 6.58 -126.00
N GLN GA 17 -57.37 6.37 -125.13
CA GLN GA 17 -57.08 7.27 -124.02
C GLN GA 17 -55.67 7.85 -124.15
N THR GA 18 -55.35 8.78 -123.26
CA THR GA 18 -54.05 9.43 -123.23
C THR GA 18 -53.64 9.70 -121.80
N LEU GA 19 -52.34 9.84 -121.61
CA LEU GA 19 -51.78 10.12 -120.30
C LEU GA 19 -50.58 11.04 -120.51
N VAL GA 20 -50.61 12.22 -119.88
CA VAL GA 20 -49.58 13.24 -120.06
C VAL GA 20 -48.69 13.28 -118.84
N LEU GA 21 -47.39 13.32 -119.09
CA LEU GA 21 -46.37 13.26 -118.04
C LEU GA 21 -45.40 14.42 -118.24
N ASN GA 22 -45.51 15.43 -117.39
CA ASN GA 22 -44.60 16.57 -117.44
C ASN GA 22 -43.29 16.25 -116.74
N PRO GA 23 -42.18 16.85 -117.18
CA PRO GA 23 -40.89 16.56 -116.55
C PRO GA 23 -40.80 17.12 -115.14
N ARG GA 24 -40.04 16.43 -114.30
CA ARG GA 24 -39.80 16.86 -112.93
C ARG GA 24 -38.31 16.92 -112.62
N GLY GA 25 -37.46 16.92 -113.64
CA GLY GA 25 -36.04 17.09 -113.46
C GLY GA 25 -35.32 15.77 -113.30
N VAL GA 26 -34.02 15.86 -113.08
CA VAL GA 26 -33.19 14.68 -112.89
C VAL GA 26 -32.73 14.62 -111.45
N ASN GA 27 -32.26 13.44 -111.05
CA ASN GA 27 -31.70 13.22 -109.72
C ASN GA 27 -30.24 12.86 -109.92
N PRO GA 28 -29.33 13.84 -109.89
CA PRO GA 28 -27.92 13.55 -110.20
C PRO GA 28 -27.24 12.63 -109.20
N THR GA 29 -27.87 12.31 -108.07
CA THR GA 29 -27.32 11.36 -107.12
C THR GA 29 -27.70 9.93 -107.46
N ASN GA 30 -28.99 9.69 -107.70
CA ASN GA 30 -29.44 8.36 -108.10
C ASN GA 30 -29.16 8.09 -109.58
N GLY GA 31 -28.85 9.13 -110.35
CA GLY GA 31 -28.64 8.99 -111.77
C GLY GA 31 -29.87 8.53 -112.51
N VAL GA 32 -31.04 9.00 -112.10
CA VAL GA 32 -32.30 8.60 -112.70
C VAL GA 32 -33.08 9.86 -113.04
N ALA GA 33 -33.50 9.98 -114.29
CA ALA GA 33 -34.44 11.03 -114.65
C ALA GA 33 -35.84 10.60 -114.26
N SER GA 34 -36.67 11.56 -113.93
CA SER GA 34 -38.01 11.25 -113.49
C SER GA 34 -38.98 12.30 -114.01
N LEU GA 35 -40.20 11.85 -114.26
CA LEU GA 35 -41.27 12.72 -114.69
C LEU GA 35 -42.59 12.05 -114.33
N SER GA 36 -43.60 12.86 -114.07
CA SER GA 36 -44.80 12.37 -113.44
C SER GA 36 -46.02 13.05 -114.03
N GLN GA 37 -47.14 12.34 -114.01
CA GLN GA 37 -48.41 12.95 -114.38
C GLN GA 37 -48.81 13.97 -113.32
N ALA GA 38 -49.11 15.18 -113.76
CA ALA GA 38 -49.38 16.30 -112.87
C ALA GA 38 -50.63 16.08 -112.03
N GLY GA 39 -50.46 15.74 -110.75
CA GLY GA 39 -51.57 15.51 -109.86
C GLY GA 39 -51.47 16.38 -108.61
N ALA GA 40 -52.59 16.47 -107.90
CA ALA GA 40 -52.65 17.31 -106.71
C ALA GA 40 -51.65 16.84 -105.65
N VAL GA 41 -51.86 15.63 -105.13
CA VAL GA 41 -51.09 15.04 -104.05
C VAL GA 41 -49.92 14.23 -104.61
N PRO GA 42 -48.71 14.38 -104.07
CA PRO GA 42 -47.57 13.62 -104.62
C PRO GA 42 -47.77 12.12 -104.56
N ALA GA 43 -48.53 11.60 -103.59
CA ALA GA 43 -48.76 10.16 -103.51
C ALA GA 43 -49.74 9.69 -104.57
N LEU GA 44 -50.71 10.53 -104.90
CA LEU GA 44 -51.77 10.15 -105.82
C LEU GA 44 -51.28 10.04 -107.25
N GLU GA 45 -50.26 10.81 -107.63
CA GLU GA 45 -49.92 10.99 -109.04
C GLU GA 45 -49.23 9.76 -109.61
N LYS GA 46 -49.42 9.56 -110.92
CA LYS GA 46 -48.65 8.56 -111.63
C LYS GA 46 -47.22 9.05 -111.83
N ARG GA 47 -46.30 8.09 -111.99
CA ARG GA 47 -44.89 8.43 -112.18
C ARG GA 47 -44.21 7.37 -113.03
N VAL GA 48 -43.20 7.81 -113.78
CA VAL GA 48 -42.33 6.92 -114.55
C VAL GA 48 -40.91 7.46 -114.46
N THR GA 49 -39.93 6.57 -114.54
CA THR GA 49 -38.53 6.93 -114.36
C THR GA 49 -37.65 6.24 -115.40
N VAL GA 50 -36.71 6.98 -115.98
CA VAL GA 50 -35.79 6.47 -116.98
C VAL GA 50 -34.38 6.68 -116.48
N SER GA 51 -33.52 5.69 -116.72
CA SER GA 51 -32.13 5.75 -116.29
C SER GA 51 -31.28 4.91 -117.22
N VAL GA 52 -30.10 5.44 -117.56
CA VAL GA 52 -29.12 4.68 -118.32
C VAL GA 52 -27.83 4.71 -117.50
N SER GA 53 -27.22 3.54 -117.33
CA SER GA 53 -26.03 3.40 -116.49
C SER GA 53 -24.90 2.92 -117.37
N GLN GA 54 -23.79 3.62 -117.29
CA GLN GA 54 -22.61 3.31 -118.08
C GLN GA 54 -21.88 2.09 -117.51
N PRO GA 55 -21.09 1.39 -118.32
CA PRO GA 55 -20.49 0.14 -117.87
C PRO GA 55 -19.28 0.38 -116.95
N SER GA 56 -19.37 -0.11 -115.72
CA SER GA 56 -18.28 0.07 -114.76
C SER GA 56 -17.72 -1.27 -114.28
N ARG GA 57 -17.42 -1.34 -112.98
CA ARG GA 57 -16.78 -2.51 -112.35
C ARG GA 57 -17.79 -3.58 -111.95
N ASN GA 58 -19.06 -3.23 -111.82
CA ASN GA 58 -20.05 -4.26 -111.51
C ASN GA 58 -20.19 -5.17 -112.72
N ARG GA 59 -20.63 -4.63 -113.85
CA ARG GA 59 -20.71 -5.39 -115.09
C ARG GA 59 -20.31 -4.49 -116.25
N LYS GA 60 -19.38 -4.95 -117.10
CA LYS GA 60 -18.91 -4.16 -118.24
C LYS GA 60 -19.93 -4.21 -119.37
N ASN GA 61 -21.18 -3.94 -119.04
CA ASN GA 61 -22.25 -3.91 -120.03
C ASN GA 61 -23.13 -2.69 -119.75
N TYR GA 62 -23.67 -2.11 -120.83
CA TYR GA 62 -24.59 -0.99 -120.71
C TYR GA 62 -25.93 -1.46 -120.20
N LYS GA 63 -26.59 -0.61 -119.41
CA LYS GA 63 -27.90 -0.96 -118.86
C LYS GA 63 -28.80 0.27 -118.81
N VAL GA 64 -29.99 0.15 -119.39
CA VAL GA 64 -31.02 1.17 -119.33
C VAL GA 64 -32.29 0.51 -118.80
N GLN GA 65 -33.00 1.21 -117.91
CA GLN GA 65 -34.16 0.66 -117.25
C GLN GA 65 -35.20 1.75 -117.03
N VAL GA 66 -36.46 1.40 -117.32
CA VAL GA 66 -37.59 2.30 -117.12
C VAL GA 66 -38.56 1.67 -116.14
N LYS GA 67 -39.14 2.49 -115.27
CA LYS GA 67 -40.14 2.06 -114.31
C LYS GA 67 -41.45 2.80 -114.54
N ILE GA 68 -42.56 2.12 -114.26
CA ILE GA 68 -43.90 2.71 -114.31
C ILE GA 68 -44.55 2.48 -112.96
N GLN GA 69 -45.20 3.50 -112.41
CA GLN GA 69 -45.83 3.40 -111.10
C GLN GA 69 -47.16 4.14 -111.11
N ASN GA 70 -48.26 3.38 -111.12
CA ASN GA 70 -49.61 3.94 -111.16
C ASN GA 70 -50.41 3.61 -109.90
N PRO GA 71 -50.60 4.55 -108.99
CA PRO GA 71 -51.46 4.31 -107.82
C PRO GA 71 -52.93 4.57 -108.14
N THR GA 72 -53.78 4.25 -107.18
CA THR GA 72 -55.22 4.47 -107.30
C THR GA 72 -55.76 4.94 -105.95
N ALA GA 73 -56.90 5.62 -105.98
CA ALA GA 73 -57.42 6.41 -104.86
C ALA GA 73 -58.81 5.94 -104.44
N CYS GA 74 -59.37 6.62 -103.45
CA CYS GA 74 -60.63 6.24 -102.84
C CYS GA 74 -61.54 7.44 -102.65
N THR GA 75 -62.85 7.19 -102.71
CA THR GA 75 -63.87 8.24 -102.62
C THR GA 75 -63.87 8.94 -101.26
N ALA GA 76 -64.43 8.30 -100.24
CA ALA GA 76 -64.61 9.00 -98.96
C ALA GA 76 -64.50 8.02 -97.79
N ASN GA 77 -63.28 7.83 -97.29
CA ASN GA 77 -63.02 7.13 -96.03
C ASN GA 77 -62.53 8.08 -94.94
N GLY GA 78 -61.76 9.09 -95.33
CA GLY GA 78 -61.25 10.16 -94.52
C GLY GA 78 -62.01 11.43 -94.77
N SER GA 79 -62.99 11.38 -95.68
CA SER GA 79 -63.87 12.48 -96.05
C SER GA 79 -63.13 13.71 -96.56
N CYS GA 80 -61.80 13.71 -96.50
CA CYS GA 80 -61.02 14.84 -96.99
C CYS GA 80 -60.05 14.43 -98.11
N ASP GA 81 -59.05 13.62 -97.82
CA ASP GA 81 -58.00 13.31 -98.78
C ASP GA 81 -58.09 11.87 -99.26
N PRO GA 82 -58.24 11.64 -100.57
CA PRO GA 82 -58.29 10.26 -101.06
C PRO GA 82 -57.00 9.53 -100.69
N SER GA 83 -57.14 8.28 -100.32
CA SER GA 83 -56.01 7.49 -99.89
C SER GA 83 -55.69 6.45 -100.96
N VAL GA 84 -54.41 6.11 -101.07
CA VAL GA 84 -53.97 5.15 -102.07
C VAL GA 84 -54.30 3.75 -101.55
N THR GA 85 -55.05 2.99 -102.33
CA THR GA 85 -55.52 1.67 -101.94
C THR GA 85 -54.64 0.54 -102.47
N ARG GA 86 -54.15 0.69 -103.70
CA ARG GA 86 -53.32 -0.32 -104.32
C ARG GA 86 -52.43 0.36 -105.34
N GLN GA 87 -51.42 -0.37 -105.81
CA GLN GA 87 -50.47 0.14 -106.77
C GLN GA 87 -50.41 -0.77 -107.99
N ALA GA 88 -49.74 -0.29 -109.03
CA ALA GA 88 -49.48 -1.06 -110.23
C ALA GA 88 -48.05 -0.76 -110.66
N TYR GA 89 -47.25 -1.81 -110.83
CA TYR GA 89 -45.82 -1.65 -111.04
C TYR GA 89 -45.42 -2.23 -112.39
N ALA GA 90 -44.44 -1.58 -113.01
CA ALA GA 90 -43.84 -2.06 -114.26
C ALA GA 90 -42.40 -1.58 -114.32
N ASP GA 91 -41.50 -2.45 -114.74
CA ASP GA 91 -40.10 -2.09 -114.87
C ASP GA 91 -39.41 -2.97 -115.89
N VAL GA 92 -38.69 -2.35 -116.82
CA VAL GA 92 -37.92 -3.07 -117.82
C VAL GA 92 -36.44 -2.88 -117.49
N THR GA 93 -35.61 -3.72 -118.09
CA THR GA 93 -34.17 -3.54 -118.01
C THR GA 93 -33.55 -4.04 -119.30
N PHE GA 94 -32.91 -3.15 -120.04
CA PHE GA 94 -32.19 -3.50 -121.25
C PHE GA 94 -30.69 -3.51 -120.98
N SER GA 95 -29.99 -4.40 -121.69
CA SER GA 95 -28.53 -4.45 -121.55
C SER GA 95 -27.96 -4.90 -122.90
N PHE GA 96 -27.28 -3.99 -123.58
CA PHE GA 96 -26.64 -4.27 -124.85
C PHE GA 96 -25.12 -4.19 -124.67
N THR GA 97 -24.41 -4.84 -125.57
CA THR GA 97 -22.95 -4.94 -125.46
C THR GA 97 -22.30 -3.60 -125.78
N GLN GA 98 -21.06 -3.45 -125.34
CA GLN GA 98 -20.29 -2.25 -125.70
C GLN GA 98 -20.07 -2.20 -127.21
N TYR GA 99 -19.89 -3.35 -127.84
CA TYR GA 99 -19.81 -3.46 -129.29
C TYR GA 99 -21.17 -3.75 -129.94
N SER GA 100 -22.27 -3.45 -129.27
CA SER GA 100 -23.59 -3.68 -129.85
C SER GA 100 -23.91 -2.62 -130.89
N THR GA 101 -24.60 -3.03 -131.95
CA THR GA 101 -24.93 -2.09 -133.01
C THR GA 101 -26.20 -1.31 -132.68
N ASP GA 102 -26.30 -0.14 -133.30
CA ASP GA 102 -27.46 0.72 -133.10
C ASP GA 102 -28.75 0.02 -133.52
N GLU GA 103 -28.76 -0.59 -134.71
CA GLU GA 103 -29.98 -1.22 -135.20
C GLU GA 103 -30.42 -2.36 -134.30
N GLU GA 104 -29.46 -3.13 -133.75
CA GLU GA 104 -29.81 -4.18 -132.80
C GLU GA 104 -30.61 -3.60 -131.64
N ARG GA 105 -30.22 -2.41 -131.19
CA ARG GA 105 -30.85 -1.78 -130.04
C ARG GA 105 -32.29 -1.40 -130.34
N ALA GA 106 -32.51 -0.77 -131.49
CA ALA GA 106 -33.87 -0.39 -131.88
C ALA GA 106 -34.74 -1.61 -132.14
N PHE GA 107 -34.16 -2.69 -132.64
CA PHE GA 107 -34.93 -3.89 -132.90
C PHE GA 107 -35.48 -4.47 -131.59
N VAL GA 108 -34.62 -4.57 -130.58
CA VAL GA 108 -35.08 -5.02 -129.26
C VAL GA 108 -36.10 -4.05 -128.69
N ARG GA 109 -36.06 -2.79 -129.12
CA ARG GA 109 -37.00 -1.79 -128.63
C ARG GA 109 -38.38 -1.99 -129.25
N THR GA 110 -38.45 -2.09 -130.58
CA THR GA 110 -39.74 -2.26 -131.23
C THR GA 110 -40.27 -3.67 -131.04
N GLU GA 111 -39.39 -4.66 -130.86
CA GLU GA 111 -39.86 -6.01 -130.55
C GLU GA 111 -40.68 -6.02 -129.26
N LEU GA 112 -40.24 -5.27 -128.25
CA LEU GA 112 -41.00 -5.17 -127.01
C LEU GA 112 -42.30 -4.41 -127.22
N ALA GA 113 -42.29 -3.37 -128.04
CA ALA GA 113 -43.50 -2.61 -128.29
C ALA GA 113 -44.56 -3.47 -128.96
N ALA GA 114 -44.15 -4.25 -129.98
CA ALA GA 114 -45.09 -5.15 -130.63
C ALA GA 114 -45.46 -6.32 -129.72
N LEU GA 115 -44.51 -6.78 -128.90
CA LEU GA 115 -44.81 -7.89 -128.00
C LEU GA 115 -45.82 -7.48 -126.94
N LEU GA 116 -45.84 -6.20 -126.57
CA LEU GA 116 -46.85 -5.72 -125.63
C LEU GA 116 -48.24 -5.66 -126.24
N ALA GA 117 -48.35 -5.81 -127.57
CA ALA GA 117 -49.63 -5.76 -128.27
C ALA GA 117 -50.00 -7.09 -128.91
N SER GA 118 -49.19 -8.12 -128.72
CA SER GA 118 -49.50 -9.42 -129.31
C SER GA 118 -50.65 -10.08 -128.54
N PRO GA 119 -51.57 -10.76 -129.24
CA PRO GA 119 -52.67 -11.47 -128.58
C PRO GA 119 -52.26 -12.22 -127.33
N LEU GA 120 -51.07 -12.83 -127.36
CA LEU GA 120 -50.60 -13.64 -126.24
C LEU GA 120 -50.42 -12.81 -124.98
N LEU GA 121 -49.76 -11.65 -125.10
CA LEU GA 121 -49.54 -10.81 -123.92
C LEU GA 121 -50.81 -10.16 -123.42
N ILE GA 122 -51.85 -10.07 -124.24
CA ILE GA 122 -53.13 -9.54 -123.76
C ILE GA 122 -53.68 -10.42 -122.65
N ASP GA 123 -53.72 -11.73 -122.88
CA ASP GA 123 -54.20 -12.66 -121.86
C ASP GA 123 -53.17 -12.90 -120.75
N ALA GA 124 -51.89 -12.63 -121.02
CA ALA GA 124 -50.88 -12.75 -119.99
C ALA GA 124 -50.91 -11.59 -119.00
N ILE GA 125 -51.34 -10.41 -119.46
CA ILE GA 125 -51.32 -9.21 -118.64
C ILE GA 125 -52.71 -8.88 -118.11
N ASP GA 126 -53.71 -8.93 -118.98
CA ASP GA 126 -55.05 -8.50 -118.64
C ASP GA 126 -55.85 -9.60 -117.96
N GLN GA 127 -55.76 -10.83 -118.44
CA GLN GA 127 -56.45 -11.97 -117.84
C GLN GA 127 -55.55 -12.79 -116.93
N LEU GA 128 -54.24 -12.53 -116.97
CA LEU GA 128 -53.26 -13.17 -116.11
C LEU GA 128 -53.43 -14.68 -116.11
N ASN GA 129 -53.53 -15.25 -117.30
CA ASN GA 129 -53.58 -16.68 -117.46
C ASN GA 129 -52.44 -17.12 -118.37
N PRO GA 130 -51.70 -18.17 -118.00
CA PRO GA 130 -50.51 -18.56 -118.77
C PRO GA 130 -50.90 -19.09 -120.14
N ALA GA 131 -49.89 -19.29 -120.96
CA ALA GA 131 -50.12 -19.97 -122.23
C ALA GA 131 -50.48 -21.42 -121.97
N TYR GA 132 -51.58 -21.88 -122.57
CA TYR GA 132 -52.04 -23.25 -122.40
C TYR GA 132 -52.59 -23.81 -123.70
N ALA HA 1 -54.86 -17.82 -123.21
CA ALA HA 1 -53.72 -17.54 -124.06
C ALA HA 1 -53.21 -18.79 -124.75
N LYS HA 2 -53.63 -19.03 -125.99
CA LYS HA 2 -53.14 -20.16 -126.76
C LYS HA 2 -51.72 -19.87 -127.21
N LEU HA 3 -50.87 -20.91 -127.20
CA LEU HA 3 -49.49 -20.74 -127.64
C LEU HA 3 -49.46 -20.88 -129.15
N GLU HA 4 -49.76 -19.78 -129.83
CA GLU HA 4 -49.83 -19.75 -131.28
C GLU HA 4 -48.50 -19.27 -131.86
N THR HA 5 -48.42 -19.26 -133.19
CA THR HA 5 -47.30 -18.65 -133.89
C THR HA 5 -47.61 -17.16 -134.07
N VAL HA 6 -46.93 -16.33 -133.29
CA VAL HA 6 -47.17 -14.90 -133.29
C VAL HA 6 -46.25 -14.25 -134.31
N THR HA 7 -46.77 -13.21 -134.96
CA THR HA 7 -46.02 -12.50 -136.00
C THR HA 7 -46.08 -11.02 -135.70
N LEU HA 8 -44.95 -10.46 -135.26
CA LEU HA 8 -44.85 -9.04 -134.96
C LEU HA 8 -44.38 -8.28 -136.20
N GLY HA 9 -45.16 -7.29 -136.61
CA GLY HA 9 -44.84 -6.46 -137.75
C GLY HA 9 -44.48 -5.03 -137.37
N ASN HA 10 -43.98 -4.30 -138.37
CA ASN HA 10 -43.57 -2.90 -138.25
C ASN HA 10 -42.58 -2.70 -137.10
N ILE HA 11 -41.41 -3.31 -137.26
CA ILE HA 11 -40.38 -3.35 -136.24
C ILE HA 11 -39.06 -2.92 -136.86
N GLY HA 12 -38.18 -2.39 -136.04
CA GLY HA 12 -36.86 -1.96 -136.49
C GLY HA 12 -36.79 -0.44 -136.57
N LYS HA 13 -35.58 0.02 -136.88
CA LYS HA 13 -35.36 1.46 -137.03
C LYS HA 13 -36.29 2.05 -138.08
N ASP HA 14 -36.32 1.46 -139.28
CA ASP HA 14 -37.21 1.94 -140.33
C ASP HA 14 -38.67 1.69 -139.97
N GLY HA 15 -38.96 0.56 -139.33
CA GLY HA 15 -40.33 0.18 -139.10
C GLY HA 15 -40.92 -0.70 -140.17
N LYS HA 16 -40.10 -1.19 -141.10
CA LYS HA 16 -40.56 -2.03 -142.20
C LYS HA 16 -39.99 -3.45 -142.12
N GLN HA 17 -39.83 -3.98 -140.92
CA GLN HA 17 -39.38 -5.36 -140.77
C GLN HA 17 -40.47 -6.16 -140.07
N THR HA 18 -40.25 -7.47 -140.02
CA THR HA 18 -41.20 -8.39 -139.43
C THR HA 18 -40.44 -9.51 -138.74
N LEU HA 19 -41.08 -10.14 -137.76
CA LEU HA 19 -40.45 -11.19 -136.98
C LEU HA 19 -41.50 -12.24 -136.67
N VAL HA 20 -41.23 -13.47 -137.08
CA VAL HA 20 -42.17 -14.58 -136.92
C VAL HA 20 -41.65 -15.49 -135.82
N LEU HA 21 -42.52 -15.86 -134.88
CA LEU HA 21 -42.13 -16.63 -133.70
C LEU HA 21 -43.05 -17.82 -133.51
N ASN HA 22 -42.55 -19.02 -133.81
CA ASN HA 22 -43.35 -20.22 -133.54
C ASN HA 22 -43.22 -20.61 -132.06
N PRO HA 23 -44.26 -21.22 -131.51
CA PRO HA 23 -44.23 -21.60 -130.08
C PRO HA 23 -43.25 -22.71 -129.78
N ARG HA 24 -42.72 -22.69 -128.55
CA ARG HA 24 -41.84 -23.73 -128.06
C ARG HA 24 -42.32 -24.34 -126.74
N GLY HA 25 -43.57 -24.10 -126.35
CA GLY HA 25 -44.10 -24.81 -125.21
C GLY HA 25 -43.81 -24.11 -123.89
N VAL HA 26 -44.17 -24.80 -122.81
CA VAL HA 26 -43.93 -24.32 -121.47
C VAL HA 26 -42.84 -25.19 -120.86
N ASN HA 27 -42.36 -24.76 -119.70
CA ASN HA 27 -41.33 -25.49 -118.97
C ASN HA 27 -42.01 -26.03 -117.72
N PRO HA 28 -42.48 -27.28 -117.71
CA PRO HA 28 -43.33 -27.75 -116.60
C PRO HA 28 -42.68 -27.73 -115.24
N THR HA 29 -41.36 -27.53 -115.15
CA THR HA 29 -40.72 -27.31 -113.87
C THR HA 29 -40.65 -25.82 -113.53
N ASN HA 30 -40.20 -25.01 -114.48
CA ASN HA 30 -40.08 -23.57 -114.30
C ASN HA 30 -41.41 -22.84 -114.41
N GLY HA 31 -42.42 -23.45 -115.01
CA GLY HA 31 -43.68 -22.77 -115.22
C GLY HA 31 -43.58 -21.55 -116.10
N VAL HA 32 -42.75 -21.62 -117.15
CA VAL HA 32 -42.51 -20.50 -118.04
C VAL HA 32 -42.73 -20.97 -119.47
N ALA HA 33 -43.55 -20.22 -120.21
CA ALA HA 33 -43.71 -20.49 -121.62
C ALA HA 33 -42.56 -19.88 -122.40
N SER HA 34 -42.26 -20.50 -123.55
CA SER HA 34 -41.16 -20.04 -124.38
C SER HA 34 -41.54 -20.22 -125.82
N LEU HA 35 -41.02 -19.34 -126.67
CA LEU HA 35 -41.23 -19.42 -128.11
C LEU HA 35 -40.06 -18.72 -128.78
N SER HA 36 -39.79 -19.11 -130.02
CA SER HA 36 -38.53 -18.78 -130.66
C SER HA 36 -38.77 -18.31 -132.08
N GLN HA 37 -37.78 -17.56 -132.57
CA GLN HA 37 -37.77 -17.08 -133.95
C GLN HA 37 -37.74 -18.24 -134.96
N ALA HA 38 -38.61 -18.14 -135.97
CA ALA HA 38 -38.71 -19.15 -137.02
C ALA HA 38 -37.40 -19.12 -137.79
N GLY HA 39 -36.37 -19.72 -137.19
CA GLY HA 39 -35.06 -19.76 -137.78
C GLY HA 39 -34.53 -21.18 -137.80
N ALA HA 40 -33.46 -21.35 -138.58
CA ALA HA 40 -32.85 -22.66 -138.77
C ALA HA 40 -32.28 -23.22 -137.46
N VAL HA 41 -31.29 -22.54 -136.91
CA VAL HA 41 -30.51 -23.05 -135.78
C VAL HA 41 -31.16 -22.61 -134.47
N PRO HA 42 -31.35 -23.52 -133.50
CA PRO HA 42 -31.88 -23.12 -132.19
C PRO HA 42 -30.97 -22.20 -131.43
N ALA HA 43 -29.65 -22.32 -131.61
CA ALA HA 43 -28.72 -21.51 -130.85
C ALA HA 43 -28.66 -20.08 -131.35
N LEU HA 44 -28.74 -19.89 -132.67
CA LEU HA 44 -28.64 -18.56 -133.25
C LEU HA 44 -29.93 -17.75 -133.07
N GLU HA 45 -31.08 -18.41 -133.01
CA GLU HA 45 -32.35 -17.70 -133.15
C GLU HA 45 -32.70 -16.90 -131.90
N LYS HA 46 -33.41 -15.78 -132.10
CA LYS HA 46 -33.96 -15.00 -131.00
C LYS HA 46 -35.12 -15.73 -130.34
N ARG HA 47 -35.37 -15.37 -129.08
CA ARG HA 47 -36.41 -16.00 -128.28
C ARG HA 47 -37.00 -15.01 -127.28
N VAL HA 48 -38.25 -15.28 -126.88
CA VAL HA 48 -38.91 -14.52 -125.82
C VAL HA 48 -39.69 -15.50 -124.94
N THR HA 49 -39.85 -15.14 -123.67
CA THR HA 49 -40.48 -16.02 -122.69
C THR HA 49 -41.43 -15.23 -121.80
N VAL HA 50 -42.63 -15.77 -121.57
CA VAL HA 50 -43.67 -15.12 -120.78
C VAL HA 50 -44.06 -16.03 -119.62
N SER HA 51 -44.35 -15.44 -118.47
CA SER HA 51 -44.72 -16.22 -117.30
C SER HA 51 -45.66 -15.43 -116.40
N VAL HA 52 -46.69 -16.11 -115.89
CA VAL HA 52 -47.64 -15.54 -114.92
C VAL HA 52 -47.72 -16.47 -113.72
N SER HA 53 -47.90 -15.88 -112.53
CA SER HA 53 -47.98 -16.64 -111.29
C SER HA 53 -49.23 -16.30 -110.51
N GLN HA 54 -49.96 -17.33 -110.04
CA GLN HA 54 -51.09 -17.13 -109.15
C GLN HA 54 -50.61 -16.79 -107.74
N PRO HA 55 -51.46 -16.16 -106.92
CA PRO HA 55 -50.99 -15.75 -105.58
C PRO HA 55 -50.88 -16.94 -104.65
N SER HA 56 -49.70 -17.13 -104.06
CA SER HA 56 -49.58 -18.25 -103.16
C SER HA 56 -49.39 -17.72 -101.74
N ARG HA 57 -48.73 -18.50 -100.89
CA ARG HA 57 -48.49 -18.07 -99.53
C ARG HA 57 -47.18 -17.33 -99.39
N ASN HA 58 -46.36 -17.30 -100.44
CA ASN HA 58 -45.15 -16.50 -100.44
C ASN HA 58 -45.57 -15.03 -100.58
N ARG HA 59 -45.97 -14.63 -101.79
CA ARG HA 59 -46.56 -13.32 -102.04
C ARG HA 59 -47.99 -13.52 -102.53
N LYS HA 60 -48.92 -12.77 -101.94
CA LYS HA 60 -50.31 -12.85 -102.39
C LYS HA 60 -50.61 -11.66 -103.31
N ASN HA 61 -49.68 -11.49 -104.26
CA ASN HA 61 -49.71 -10.49 -105.30
C ASN HA 61 -49.37 -11.13 -106.64
N TYR HA 62 -49.94 -10.57 -107.70
CA TYR HA 62 -49.76 -11.12 -109.03
C TYR HA 62 -48.46 -10.61 -109.62
N LYS HA 63 -47.78 -11.45 -110.41
CA LYS HA 63 -46.54 -11.04 -111.05
C LYS HA 63 -46.42 -11.72 -112.41
N VAL HA 64 -46.23 -10.91 -113.46
CA VAL HA 64 -46.01 -11.41 -114.81
C VAL HA 64 -44.73 -10.79 -115.36
N GLN HA 65 -43.94 -11.58 -116.09
CA GLN HA 65 -42.63 -11.16 -116.56
C GLN HA 65 -42.32 -11.78 -117.91
N VAL HA 66 -41.80 -10.94 -118.84
CA VAL HA 66 -41.37 -11.39 -120.16
C VAL HA 66 -39.88 -11.07 -120.33
N LYS HA 67 -39.15 -11.98 -120.96
CA LYS HA 67 -37.73 -11.79 -121.27
C LYS HA 67 -37.50 -11.87 -122.78
N ILE HA 68 -36.54 -11.10 -123.26
CA ILE HA 68 -36.11 -11.11 -124.65
C ILE HA 68 -34.60 -11.31 -124.70
N GLN HA 69 -34.14 -12.15 -125.63
CA GLN HA 69 -32.72 -12.42 -125.79
C GLN HA 69 -32.43 -12.46 -127.29
N ASN HA 70 -31.77 -11.43 -127.81
CA ASN HA 70 -31.48 -11.39 -129.24
C ASN HA 70 -29.97 -11.48 -129.49
N PRO HA 71 -29.45 -12.65 -129.83
CA PRO HA 71 -28.02 -12.76 -130.15
C PRO HA 71 -27.75 -12.45 -131.62
N THR HA 72 -26.45 -12.34 -131.93
CA THR HA 72 -25.99 -12.13 -133.29
C THR HA 72 -24.70 -12.91 -133.49
N ALA HA 73 -24.45 -13.31 -134.73
CA ALA HA 73 -23.35 -14.21 -135.04
C ALA HA 73 -22.50 -13.71 -136.20
N CYS HA 74 -21.18 -13.67 -135.99
CA CYS HA 74 -20.25 -13.45 -137.08
C CYS HA 74 -19.95 -14.80 -137.69
N THR HA 75 -19.78 -14.85 -139.00
CA THR HA 75 -19.65 -16.17 -139.60
C THR HA 75 -18.21 -16.58 -139.85
N ALA HA 76 -17.32 -15.62 -140.12
CA ALA HA 76 -15.93 -15.92 -140.41
C ALA HA 76 -15.11 -16.11 -139.15
N ASN HA 77 -15.71 -16.68 -138.08
CA ASN HA 77 -14.96 -16.87 -136.84
C ASN HA 77 -14.28 -18.24 -136.81
N GLY HA 78 -14.92 -19.24 -137.43
CA GLY HA 78 -14.40 -20.60 -137.54
C GLY HA 78 -14.51 -20.98 -139.00
N SER HA 79 -15.05 -20.02 -139.77
CA SER HA 79 -15.37 -20.14 -141.19
C SER HA 79 -16.07 -21.44 -141.53
N CYS HA 80 -16.81 -22.01 -140.57
CA CYS HA 80 -17.62 -23.20 -140.83
C CYS HA 80 -19.06 -23.02 -140.38
N ASP HA 81 -19.23 -22.90 -139.06
CA ASP HA 81 -20.48 -22.76 -138.33
C ASP HA 81 -20.55 -21.37 -137.70
N PRO HA 82 -21.59 -20.59 -137.97
CA PRO HA 82 -21.66 -19.26 -137.37
C PRO HA 82 -21.65 -19.35 -135.85
N SER HA 83 -20.88 -18.46 -135.22
CA SER HA 83 -20.73 -18.45 -133.78
C SER HA 83 -21.37 -17.19 -133.20
N VAL HA 84 -21.94 -17.31 -132.00
CA VAL HA 84 -22.59 -16.18 -131.37
C VAL HA 84 -21.53 -15.27 -130.76
N THR HA 85 -21.57 -13.98 -131.11
CA THR HA 85 -20.57 -13.02 -130.64
C THR HA 85 -21.04 -12.21 -129.43
N ARG HA 86 -22.29 -11.79 -129.43
CA ARG HA 86 -22.83 -10.95 -128.37
C ARG HA 86 -24.34 -11.05 -128.39
N GLN HA 87 -24.97 -10.57 -127.31
CA GLN HA 87 -26.42 -10.58 -127.19
C GLN HA 87 -26.95 -9.19 -126.89
N ALA HA 88 -28.27 -9.10 -126.91
CA ALA HA 88 -29.00 -7.90 -126.52
C ALA HA 88 -30.16 -8.38 -125.66
N TYR HA 89 -30.30 -7.82 -124.46
CA TYR HA 89 -31.21 -8.37 -123.47
C TYR HA 89 -32.33 -7.40 -123.18
N ALA HA 90 -33.50 -7.95 -122.90
CA ALA HA 90 -34.65 -7.18 -122.48
C ALA HA 90 -35.53 -8.06 -121.60
N ASP HA 91 -36.00 -7.48 -120.50
CA ASP HA 91 -36.91 -8.20 -119.61
C ASP HA 91 -37.74 -7.19 -118.83
N VAL HA 92 -39.05 -7.39 -118.83
CA VAL HA 92 -39.97 -6.53 -118.09
C VAL HA 92 -40.50 -7.34 -116.93
N THR HA 93 -41.08 -6.65 -115.95
CA THR HA 93 -41.76 -7.34 -114.87
C THR HA 93 -42.92 -6.47 -114.38
N PHE HA 94 -44.13 -7.00 -114.51
CA PHE HA 94 -45.33 -6.35 -114.00
C PHE HA 94 -45.75 -7.04 -112.71
N SER HA 95 -46.30 -6.26 -111.79
CA SER HA 95 -46.79 -6.83 -110.53
C SER HA 95 -47.95 -5.98 -110.06
N PHE HA 96 -49.15 -6.56 -110.06
CA PHE HA 96 -50.36 -5.88 -109.62
C PHE HA 96 -50.87 -6.47 -108.32
N THR HA 97 -51.70 -5.69 -107.63
CA THR HA 97 -52.26 -6.10 -106.36
C THR HA 97 -53.31 -7.19 -106.57
N GLN HA 98 -53.61 -7.91 -105.49
CA GLN HA 98 -54.66 -8.92 -105.56
C GLN HA 98 -56.01 -8.29 -105.89
N TYR HA 99 -56.24 -7.06 -105.43
CA TYR HA 99 -57.44 -6.28 -105.77
C TYR HA 99 -57.28 -5.42 -107.01
N SER HA 100 -56.35 -5.74 -107.90
CA SER HA 100 -56.16 -4.91 -109.09
C SER HA 100 -57.27 -5.16 -110.11
N THR HA 101 -57.68 -4.08 -110.78
CA THR HA 101 -58.74 -4.14 -111.79
C THR HA 101 -58.18 -4.50 -113.16
N ASP HA 102 -59.07 -5.02 -114.01
CA ASP HA 102 -58.68 -5.40 -115.36
C ASP HA 102 -58.16 -4.20 -116.13
N GLU HA 103 -58.89 -3.09 -116.11
CA GLU HA 103 -58.50 -1.92 -116.91
C GLU HA 103 -57.18 -1.33 -116.42
N GLU HA 104 -56.95 -1.31 -115.10
CA GLU HA 104 -55.66 -0.83 -114.60
C GLU HA 104 -54.51 -1.57 -115.24
N ARG HA 105 -54.69 -2.88 -115.44
CA ARG HA 105 -53.64 -3.73 -115.96
C ARG HA 105 -53.33 -3.38 -117.40
N ALA HA 106 -54.36 -3.20 -118.23
CA ALA HA 106 -54.15 -2.81 -119.62
C ALA HA 106 -53.53 -1.42 -119.71
N PHE HA 107 -53.84 -0.55 -118.76
CA PHE HA 107 -53.27 0.79 -118.76
C PHE HA 107 -51.75 0.72 -118.64
N VAL HA 108 -51.26 -0.05 -117.68
CA VAL HA 108 -49.82 -0.27 -117.54
C VAL HA 108 -49.26 -0.98 -118.77
N ARG HA 109 -50.08 -1.75 -119.48
CA ARG HA 109 -49.62 -2.47 -120.65
C ARG HA 109 -49.41 -1.54 -121.84
N THR HA 110 -50.43 -0.74 -122.16
CA THR HA 110 -50.30 0.18 -123.29
C THR HA 110 -49.39 1.35 -122.95
N GLU HA 111 -49.31 1.73 -121.67
CA GLU HA 111 -48.38 2.78 -121.27
C GLU HA 111 -46.95 2.40 -121.62
N LEU HA 112 -46.57 1.14 -121.40
CA LEU HA 112 -45.24 0.68 -121.78
C LEU HA 112 -45.08 0.63 -123.29
N ALA HA 113 -46.13 0.21 -124.01
CA ALA HA 113 -46.04 0.16 -125.46
C ALA HA 113 -45.84 1.55 -126.05
N ALA HA 114 -46.61 2.54 -125.56
CA ALA HA 114 -46.44 3.90 -126.04
C ALA HA 114 -45.14 4.53 -125.53
N LEU HA 115 -44.75 4.19 -124.29
CA LEU HA 115 -43.51 4.75 -123.74
C LEU HA 115 -42.29 4.23 -124.49
N LEU HA 116 -42.37 3.04 -125.07
CA LEU HA 116 -41.26 2.52 -125.86
C LEU HA 116 -41.07 3.25 -127.19
N ALA HA 117 -42.02 4.08 -127.60
CA ALA HA 117 -41.93 4.78 -128.87
C ALA HA 117 -41.83 6.30 -128.72
N SER HA 118 -41.77 6.80 -127.50
CA SER HA 118 -41.65 8.23 -127.28
C SER HA 118 -40.22 8.69 -127.57
N PRO HA 119 -40.05 9.86 -128.21
CA PRO HA 119 -38.72 10.39 -128.51
C PRO HA 119 -37.73 10.25 -127.37
N LEU HA 120 -38.20 10.40 -126.14
CA LEU HA 120 -37.32 10.32 -124.98
C LEU HA 120 -36.66 8.95 -124.89
N LEU HA 121 -37.45 7.88 -125.01
CA LEU HA 121 -36.91 6.53 -124.96
C LEU HA 121 -36.15 6.15 -126.23
N ILE HA 122 -36.36 6.88 -127.34
CA ILE HA 122 -35.62 6.61 -128.57
C ILE HA 122 -34.13 6.86 -128.35
N ASP HA 123 -33.77 8.02 -127.82
CA ASP HA 123 -32.37 8.30 -127.53
C ASP HA 123 -31.88 7.59 -126.28
N ALA HA 124 -32.80 7.14 -125.41
CA ALA HA 124 -32.39 6.37 -124.25
C ALA HA 124 -31.98 4.95 -124.64
N ILE HA 125 -32.56 4.42 -125.70
CA ILE HA 125 -32.32 3.04 -126.12
C ILE HA 125 -31.38 2.96 -127.30
N ASP HA 126 -31.62 3.78 -128.33
CA ASP HA 126 -30.88 3.61 -129.57
C ASP HA 126 -29.54 4.34 -129.53
N GLN HA 127 -29.51 5.54 -128.98
CA GLN HA 127 -28.29 6.31 -128.82
C GLN HA 127 -27.70 6.15 -127.43
N LEU HA 128 -28.42 5.45 -126.53
CA LEU HA 128 -27.99 5.22 -125.15
C LEU HA 128 -27.60 6.55 -124.52
N ASN HA 129 -28.52 7.50 -124.63
CA ASN HA 129 -28.34 8.84 -124.13
C ASN HA 129 -29.43 9.15 -123.11
N PRO HA 130 -29.07 9.65 -121.93
CA PRO HA 130 -30.05 9.83 -120.86
C PRO HA 130 -31.01 10.99 -121.14
N ALA HA 131 -32.05 11.05 -120.32
CA ALA HA 131 -32.89 12.23 -120.28
C ALA HA 131 -32.15 13.37 -119.61
N TYR HA 132 -32.22 14.55 -120.23
CA TYR HA 132 -31.54 15.73 -119.71
C TYR HA 132 -32.40 16.98 -119.84
N ALA IA 1 7.55 24.09 -134.11
CA ALA IA 1 8.45 24.71 -135.08
C ALA IA 1 9.56 25.48 -134.40
N LYS IA 2 10.13 26.45 -135.12
CA LYS IA 2 11.19 27.28 -134.57
C LYS IA 2 10.59 28.23 -133.53
N LEU IA 3 11.38 28.53 -132.51
CA LEU IA 3 10.91 29.36 -131.38
C LEU IA 3 10.95 30.83 -131.74
N GLU IA 4 9.86 31.31 -132.36
CA GLU IA 4 9.75 32.71 -132.73
C GLU IA 4 9.01 33.46 -131.62
N THR IA 5 8.86 34.78 -131.79
CA THR IA 5 8.06 35.59 -130.88
C THR IA 5 6.60 35.55 -131.31
N VAL IA 6 5.79 34.82 -130.54
CA VAL IA 6 4.38 34.63 -130.85
C VAL IA 6 3.55 35.69 -130.13
N THR IA 7 2.49 36.16 -130.80
CA THR IA 7 1.61 37.18 -130.27
C THR IA 7 0.17 36.74 -130.48
N LEU IA 8 -0.53 36.43 -129.40
CA LEU IA 8 -1.92 36.01 -129.45
C LEU IA 8 -2.84 37.22 -129.33
N GLY IA 9 -3.75 37.37 -130.30
CA GLY IA 9 -4.72 38.43 -130.30
C GLY IA 9 -6.14 37.93 -130.05
N ASN IA 10 -7.03 38.90 -129.79
CA ASN IA 10 -8.44 38.64 -129.49
C ASN IA 10 -8.57 37.63 -128.35
N ILE IA 11 -8.04 38.03 -127.19
CA ILE IA 11 -7.87 37.15 -126.05
C ILE IA 11 -8.44 37.85 -124.82
N GLY IA 12 -8.81 37.06 -123.82
CA GLY IA 12 -9.35 37.61 -122.60
C GLY IA 12 -10.85 37.44 -122.51
N LYS IA 13 -11.39 37.81 -121.35
CA LYS IA 13 -12.84 37.73 -121.15
C LYS IA 13 -13.58 38.55 -122.21
N ASP IA 14 -13.20 39.82 -122.36
CA ASP IA 14 -13.84 40.68 -123.35
C ASP IA 14 -13.55 40.19 -124.77
N GLY IA 15 -12.34 39.71 -125.02
CA GLY IA 15 -11.92 39.39 -126.36
C GLY IA 15 -11.24 40.53 -127.07
N LYS IA 16 -10.98 41.64 -126.36
CA LYS IA 16 -10.33 42.82 -126.92
C LYS IA 16 -8.98 43.08 -126.28
N GLN IA 17 -8.29 42.01 -125.90
CA GLN IA 17 -6.96 42.13 -125.31
C GLN IA 17 -5.97 41.40 -126.20
N THR IA 18 -4.68 41.60 -125.90
CA THR IA 18 -3.60 40.99 -126.67
C THR IA 18 -2.46 40.63 -125.73
N LEU IA 19 -1.66 39.64 -126.14
CA LEU IA 19 -0.61 39.12 -125.29
C LEU IA 19 0.59 38.76 -126.15
N VAL IA 20 1.75 39.33 -125.83
CA VAL IA 20 2.98 39.13 -126.58
C VAL IA 20 3.89 38.22 -125.78
N LEU IA 21 4.45 37.20 -126.42
CA LEU IA 21 5.26 36.18 -125.76
C LEU IA 21 6.58 36.00 -126.50
N ASN IA 22 7.67 36.50 -125.92
CA ASN IA 22 9.02 36.35 -126.42
C ASN IA 22 9.63 35.01 -126.01
N PRO IA 23 10.53 34.46 -126.83
CA PRO IA 23 11.15 33.18 -126.49
C PRO IA 23 12.10 33.30 -125.31
N ARG IA 24 12.18 32.22 -124.54
CA ARG IA 24 13.07 32.17 -123.38
C ARG IA 24 14.01 30.97 -123.41
N GLY IA 25 14.15 30.33 -124.57
CA GLY IA 25 15.11 29.26 -124.76
C GLY IA 25 14.57 27.88 -124.48
N VAL IA 26 15.47 26.91 -124.57
CA VAL IA 26 15.14 25.52 -124.35
C VAL IA 26 15.78 25.06 -123.04
N ASN IA 27 15.34 23.90 -122.55
CA ASN IA 27 15.88 23.31 -121.33
C ASN IA 27 16.55 22.00 -121.72
N PRO IA 28 17.86 22.00 -121.99
CA PRO IA 28 18.52 20.79 -122.52
C PRO IA 28 18.52 19.62 -121.55
N THR IA 29 18.16 19.82 -120.29
CA THR IA 29 18.00 18.73 -119.34
C THR IA 29 16.58 18.19 -119.33
N ASN IA 30 15.60 19.09 -119.19
CA ASN IA 30 14.20 18.68 -119.18
C ASN IA 30 13.66 18.42 -120.58
N GLY IA 31 14.34 18.90 -121.61
CA GLY IA 31 13.85 18.79 -122.97
C GLY IA 31 12.55 19.52 -123.20
N VAL IA 32 12.38 20.66 -122.53
CA VAL IA 32 11.15 21.46 -122.64
C VAL IA 32 11.56 22.89 -122.91
N ALA IA 33 11.03 23.46 -123.97
CA ALA IA 33 11.21 24.87 -124.26
C ALA IA 33 10.20 25.71 -123.48
N SER IA 34 10.57 26.97 -123.26
CA SER IA 34 9.74 27.90 -122.51
C SER IA 34 9.83 29.27 -123.14
N LEU IA 35 8.75 30.04 -122.99
CA LEU IA 35 8.71 31.41 -123.49
C LEU IA 35 7.69 32.17 -122.64
N SER IA 36 7.90 33.49 -122.53
CA SER IA 36 7.21 34.27 -121.52
C SER IA 36 6.82 35.63 -122.05
N GLN IA 37 5.74 36.17 -121.49
CA GLN IA 37 5.34 37.55 -121.76
C GLN IA 37 6.31 38.51 -121.07
N ALA IA 38 6.81 39.47 -121.84
CA ALA IA 38 7.79 40.44 -121.36
C ALA IA 38 7.23 41.34 -120.28
N GLY IA 39 7.64 41.13 -119.03
CA GLY IA 39 7.15 41.90 -117.91
C GLY IA 39 8.30 42.55 -117.15
N ALA IA 40 7.93 43.49 -116.28
CA ALA IA 40 8.94 44.25 -115.54
C ALA IA 40 9.81 43.33 -114.69
N VAL IA 41 9.21 42.70 -113.69
CA VAL IA 41 9.90 41.79 -112.77
C VAL IA 41 9.73 40.37 -113.32
N PRO IA 42 10.79 39.54 -113.37
CA PRO IA 42 10.61 38.17 -113.90
C PRO IA 42 9.56 37.37 -113.14
N ALA IA 43 9.31 37.69 -111.88
CA ALA IA 43 8.26 36.98 -111.14
C ALA IA 43 6.88 37.42 -111.60
N LEU IA 44 6.76 38.69 -112.00
CA LEU IA 44 5.47 39.23 -112.41
C LEU IA 44 5.01 38.65 -113.75
N GLU IA 45 5.96 38.25 -114.59
CA GLU IA 45 5.64 37.96 -115.98
C GLU IA 45 4.89 36.63 -116.13
N LYS IA 46 4.01 36.58 -117.12
CA LYS IA 46 3.39 35.33 -117.50
C LYS IA 46 4.39 34.49 -118.29
N ARG IA 47 4.19 33.18 -118.26
CA ARG IA 47 5.06 32.29 -119.01
C ARG IA 47 4.29 31.04 -119.39
N VAL IA 48 4.70 30.42 -120.50
CA VAL IA 48 4.13 29.15 -120.96
C VAL IA 48 5.28 28.28 -121.44
N THR IA 49 5.07 26.97 -121.38
CA THR IA 49 6.11 26.00 -121.71
C THR IA 49 5.50 24.93 -122.61
N VAL IA 50 6.24 24.55 -123.64
CA VAL IA 50 5.80 23.54 -124.59
C VAL IA 50 6.81 22.40 -124.56
N SER IA 51 6.31 21.17 -124.62
CA SER IA 51 7.18 20.00 -124.57
C SER IA 51 6.51 18.90 -125.37
N VAL IA 52 7.28 18.25 -126.22
CA VAL IA 52 6.83 17.09 -126.97
C VAL IA 52 7.86 15.99 -126.79
N SER IA 53 7.40 14.74 -126.73
CA SER IA 53 8.33 13.63 -126.75
C SER IA 53 9.06 13.74 -128.08
N GLN IA 54 10.38 13.70 -128.03
CA GLN IA 54 11.15 14.13 -129.19
C GLN IA 54 11.07 13.10 -130.31
N PRO IA 55 11.23 13.56 -131.55
CA PRO IA 55 11.16 12.63 -132.68
C PRO IA 55 12.46 11.84 -132.72
N SER IA 56 12.43 10.68 -132.08
CA SER IA 56 13.65 9.90 -131.94
C SER IA 56 13.58 8.60 -132.71
N ARG IA 57 12.95 7.58 -132.14
CA ARG IA 57 12.94 6.30 -132.82
C ARG IA 57 11.55 5.66 -132.79
N ASN IA 58 11.56 4.33 -132.85
CA ASN IA 58 10.32 3.56 -132.84
C ASN IA 58 9.66 3.44 -131.47
N ARG IA 59 10.23 2.63 -130.57
CA ARG IA 59 9.66 2.34 -129.26
C ARG IA 59 9.27 3.59 -128.46
N LYS IA 60 8.04 4.05 -128.64
CA LYS IA 60 7.49 5.22 -127.94
C LYS IA 60 5.97 5.15 -127.97
N ASN IA 61 5.34 6.24 -127.51
CA ASN IA 61 3.90 6.46 -127.62
C ASN IA 61 3.75 7.95 -127.32
N TYR IA 62 4.03 8.76 -128.34
CA TYR IA 62 4.16 10.22 -128.31
C TYR IA 62 3.31 10.97 -127.29
N LYS IA 63 3.89 12.05 -126.76
CA LYS IA 63 3.29 12.93 -125.77
C LYS IA 63 3.72 14.37 -126.04
N VAL IA 64 2.75 15.28 -126.14
CA VAL IA 64 3.03 16.71 -126.24
C VAL IA 64 2.24 17.41 -125.14
N GLN IA 65 2.88 18.39 -124.51
CA GLN IA 65 2.28 19.05 -123.34
C GLN IA 65 2.64 20.53 -123.33
N VAL IA 66 1.64 21.37 -123.08
CA VAL IA 66 1.84 22.80 -122.90
C VAL IA 66 1.32 23.18 -121.52
N LYS IA 67 2.04 24.07 -120.85
CA LYS IA 67 1.65 24.57 -119.54
C LYS IA 67 1.49 26.08 -119.61
N ILE IA 68 0.56 26.60 -118.80
CA ILE IA 68 0.34 28.03 -118.66
C ILE IA 68 0.43 28.38 -117.18
N GLN IA 69 1.14 29.47 -116.89
CA GLN IA 69 1.33 29.92 -115.50
C GLN IA 69 1.23 31.44 -115.48
N ASN IA 70 0.11 31.94 -114.96
CA ASN IA 70 -0.14 33.38 -114.89
C ASN IA 70 -0.21 33.80 -113.43
N PRO IA 71 0.83 34.44 -112.90
CA PRO IA 71 0.81 34.86 -111.50
C PRO IA 71 0.14 36.22 -111.28
N THR IA 72 -0.02 36.57 -110.00
CA THR IA 72 -0.56 37.85 -109.56
C THR IA 72 0.16 38.29 -108.30
N ALA IA 73 0.27 39.62 -108.10
CA ALA IA 73 1.07 40.17 -107.00
C ALA IA 73 0.28 41.25 -106.26
N CYS IA 74 0.82 41.68 -105.10
CA CYS IA 74 0.21 42.76 -104.33
C CYS IA 74 1.29 43.58 -103.63
N THR IA 75 1.05 44.89 -103.54
CA THR IA 75 1.86 45.77 -102.71
C THR IA 75 1.11 46.06 -101.42
N ALA IA 76 1.24 47.28 -100.90
CA ALA IA 76 0.46 47.83 -99.79
C ALA IA 76 0.80 47.28 -98.40
N ASN IA 77 1.71 46.32 -98.28
CA ASN IA 77 2.08 45.82 -96.95
C ASN IA 77 3.20 46.65 -96.33
N GLY IA 78 3.96 47.33 -97.16
CA GLY IA 78 5.08 48.15 -96.77
C GLY IA 78 6.36 47.69 -97.41
N SER IA 79 6.35 46.53 -98.04
CA SER IA 79 7.54 46.04 -98.73
C SER IA 79 7.63 46.76 -100.06
N CYS IA 80 8.79 47.38 -100.31
CA CYS IA 80 9.02 48.06 -101.58
C CYS IA 80 8.69 47.16 -102.75
N ASP IA 81 9.40 46.04 -102.86
CA ASP IA 81 9.23 45.11 -103.96
C ASP IA 81 7.96 44.27 -103.82
N PRO IA 82 7.03 44.33 -104.78
CA PRO IA 82 5.81 43.53 -104.69
C PRO IA 82 6.10 42.03 -104.69
N SER IA 83 5.32 41.29 -103.90
CA SER IA 83 5.45 39.84 -103.80
C SER IA 83 4.24 39.17 -104.44
N VAL IA 84 4.48 37.98 -105.02
CA VAL IA 84 3.42 37.23 -105.69
C VAL IA 84 2.59 36.49 -104.65
N THR IA 85 1.28 36.71 -104.67
CA THR IA 85 0.35 36.16 -103.68
C THR IA 85 -0.38 34.90 -104.17
N ARG IA 86 -0.76 34.87 -105.44
CA ARG IA 86 -1.56 33.79 -105.97
C ARG IA 86 -1.22 33.58 -107.44
N GLN IA 87 -1.54 32.38 -107.95
CA GLN IA 87 -1.26 32.04 -109.33
C GLN IA 87 -2.50 31.42 -109.99
N ALA IA 88 -2.39 31.22 -111.31
CA ALA IA 88 -3.43 30.54 -112.08
C ALA IA 88 -2.75 29.61 -113.06
N TYR IA 89 -3.15 28.34 -113.07
CA TYR IA 89 -2.42 27.30 -113.78
C TYR IA 89 -3.25 26.66 -114.87
N ALA IA 90 -2.56 26.24 -115.93
CA ALA IA 90 -3.16 25.45 -117.00
C ALA IA 90 -2.09 24.57 -117.61
N ASP IA 91 -2.44 23.31 -117.89
CA ASP IA 91 -1.52 22.39 -118.54
C ASP IA 91 -2.32 21.33 -119.29
N VAL IA 92 -1.96 21.08 -120.54
CA VAL IA 92 -2.60 20.05 -121.35
C VAL IA 92 -1.62 18.91 -121.53
N THR IA 93 -2.15 17.76 -121.91
CA THR IA 93 -1.30 16.64 -122.29
C THR IA 93 -2.01 15.83 -123.35
N PHE IA 94 -1.42 15.78 -124.54
CA PHE IA 94 -1.91 14.97 -125.65
C PHE IA 94 -1.01 13.75 -125.80
N SER IA 95 -1.59 12.63 -126.24
CA SER IA 95 -0.81 11.41 -126.42
C SER IA 95 -1.41 10.62 -127.57
N PHE IA 96 -0.66 10.51 -128.67
CA PHE IA 96 -1.10 9.76 -129.83
C PHE IA 96 -0.23 8.52 -130.03
N THR IA 97 -0.79 7.56 -130.76
CA THR IA 97 -0.17 6.28 -131.05
C THR IA 97 0.93 6.42 -132.10
N GLN IA 98 1.79 5.40 -132.17
CA GLN IA 98 2.83 5.32 -133.19
C GLN IA 98 2.25 5.28 -134.60
N TYR IA 99 1.07 4.69 -134.77
CA TYR IA 99 0.37 4.72 -136.04
C TYR IA 99 -0.66 5.84 -136.15
N SER IA 100 -0.54 6.90 -135.35
CA SER IA 100 -1.54 7.96 -135.41
C SER IA 100 -1.34 8.80 -136.67
N THR IA 101 -2.45 9.14 -137.31
CA THR IA 101 -2.45 9.94 -138.53
C THR IA 101 -2.48 11.43 -138.22
N ASP IA 102 -2.02 12.21 -139.20
CA ASP IA 102 -2.03 13.66 -139.06
C ASP IA 102 -3.43 14.20 -138.84
N GLU IA 103 -4.40 13.67 -139.60
CA GLU IA 103 -5.78 14.15 -139.51
C GLU IA 103 -6.34 13.97 -138.10
N GLU IA 104 -6.03 12.83 -137.47
CA GLU IA 104 -6.47 12.61 -136.09
C GLU IA 104 -5.97 13.70 -135.16
N ARG IA 105 -4.72 14.11 -135.34
CA ARG IA 105 -4.06 15.02 -134.42
C ARG IA 105 -4.67 16.41 -134.46
N ALA IA 106 -4.90 16.96 -135.65
CA ALA IA 106 -5.48 18.29 -135.76
C ALA IA 106 -6.89 18.33 -135.20
N PHE IA 107 -7.65 17.24 -135.33
CA PHE IA 107 -9.02 17.21 -134.83
C PHE IA 107 -9.04 17.34 -133.31
N VAL IA 108 -8.21 16.56 -132.62
CA VAL IA 108 -8.12 16.67 -131.16
C VAL IA 108 -7.66 18.06 -130.75
N ARG IA 109 -6.93 18.74 -131.63
CA ARG IA 109 -6.46 20.08 -131.33
C ARG IA 109 -7.58 21.11 -131.47
N THR IA 110 -8.27 21.09 -132.60
CA THR IA 110 -9.33 22.07 -132.82
C THR IA 110 -10.55 21.79 -131.97
N GLU IA 111 -10.78 20.52 -131.61
CA GLU IA 111 -11.87 20.22 -130.69
C GLU IA 111 -11.65 20.92 -129.35
N LEU IA 112 -10.42 20.90 -128.85
CA LEU IA 112 -10.12 21.60 -127.61
C LEU IA 112 -10.20 23.11 -127.79
N ALA IA 113 -9.74 23.62 -128.93
CA ALA IA 113 -9.81 25.05 -129.19
C ALA IA 113 -11.26 25.52 -129.24
N ALA IA 114 -12.11 24.78 -129.93
CA ALA IA 114 -13.53 25.13 -129.96
C ALA IA 114 -14.22 24.83 -128.63
N LEU IA 115 -13.81 23.76 -127.95
CA LEU IA 115 -14.41 23.41 -126.67
C LEU IA 115 -14.09 24.45 -125.59
N LEU IA 116 -12.96 25.15 -125.71
CA LEU IA 116 -12.62 26.17 -124.73
C LEU IA 116 -13.49 27.41 -124.83
N ALA IA 117 -14.31 27.53 -125.89
CA ALA IA 117 -15.20 28.67 -126.03
C ALA IA 117 -16.66 28.29 -125.99
N SER IA 118 -16.99 27.00 -125.77
CA SER IA 118 -18.38 26.58 -125.70
C SER IA 118 -18.99 26.99 -124.37
N PRO IA 119 -20.26 27.47 -124.38
CA PRO IA 119 -20.94 27.89 -123.14
C PRO IA 119 -20.70 26.98 -121.94
N LEU IA 120 -20.63 25.67 -122.17
CA LEU IA 120 -20.41 24.73 -121.07
C LEU IA 120 -19.09 25.00 -120.37
N LEU IA 121 -18.01 25.17 -121.15
CA LEU IA 121 -16.71 25.45 -120.57
C LEU IA 121 -16.62 26.86 -120.01
N ILE IA 122 -17.52 27.76 -120.41
CA ILE IA 122 -17.54 29.11 -119.83
C ILE IA 122 -17.82 29.02 -118.33
N ASP IA 123 -18.89 28.31 -117.95
CA ASP IA 123 -19.27 28.20 -116.55
C ASP IA 123 -18.40 27.23 -115.75
N ALA IA 124 -17.71 26.29 -116.40
CA ALA IA 124 -16.79 25.44 -115.67
C ALA IA 124 -15.51 26.17 -115.31
N ILE IA 125 -15.13 27.15 -116.12
CA ILE IA 125 -13.88 27.86 -115.96
C ILE IA 125 -14.10 29.22 -115.30
N ASP IA 126 -15.07 29.99 -115.79
CA ASP IA 126 -15.20 31.36 -115.32
C ASP IA 126 -16.00 31.45 -114.03
N GLN IA 127 -17.10 30.71 -113.94
CA GLN IA 127 -17.93 30.69 -112.74
C GLN IA 127 -17.69 29.47 -111.87
N LEU IA 128 -16.87 28.53 -112.34
CA LEU IA 128 -16.49 27.33 -111.59
C LEU IA 128 -17.71 26.59 -111.07
N ASN IA 129 -18.65 26.32 -111.96
CA ASN IA 129 -19.78 25.48 -111.62
C ASN IA 129 -19.83 24.28 -112.54
N PRO IA 130 -20.00 23.07 -112.02
CA PRO IA 130 -19.88 21.87 -112.85
C PRO IA 130 -21.02 21.75 -113.84
N ALA IA 131 -20.83 20.81 -114.76
CA ALA IA 131 -21.95 20.39 -115.61
C ALA IA 131 -22.96 19.66 -114.75
N TYR IA 132 -24.22 20.03 -114.90
CA TYR IA 132 -25.26 19.52 -114.03
C TYR IA 132 -26.56 19.20 -114.75
N ALA JA 1 -22.65 25.02 -116.31
CA ALA JA 1 -24.10 25.16 -116.29
C ALA JA 1 -24.77 23.82 -116.52
N LYS JA 2 -26.00 23.88 -117.02
CA LYS JA 2 -26.75 22.67 -117.32
C LYS JA 2 -26.12 21.97 -118.51
N LEU JA 3 -26.17 20.64 -118.49
CA LEU JA 3 -25.51 19.83 -119.50
C LEU JA 3 -26.38 19.77 -120.76
N GLU JA 4 -26.23 20.77 -121.63
CA GLU JA 4 -27.04 20.80 -122.85
C GLU JA 4 -26.28 20.13 -124.00
N THR JA 5 -26.91 20.08 -125.16
CA THR JA 5 -26.30 19.54 -126.37
C THR JA 5 -25.41 20.59 -127.04
N VAL JA 6 -24.09 20.39 -126.94
CA VAL JA 6 -23.10 21.32 -127.45
C VAL JA 6 -22.76 20.96 -128.89
N THR JA 7 -22.56 22.00 -129.72
CA THR JA 7 -22.23 21.81 -131.13
C THR JA 7 -21.04 22.71 -131.46
N LEU JA 8 -19.88 22.09 -131.66
CA LEU JA 8 -18.64 22.81 -132.00
C LEU JA 8 -18.45 22.88 -133.50
N GLY JA 9 -18.20 24.09 -134.01
CA GLY JA 9 -17.94 24.31 -135.42
C GLY JA 9 -16.49 24.70 -135.70
N ASN JA 10 -16.15 24.69 -137.00
CA ASN JA 10 -14.82 25.04 -137.51
C ASN JA 10 -13.70 24.22 -136.86
N ILE JA 11 -13.73 22.91 -137.13
CA ILE JA 11 -12.84 21.95 -136.52
C ILE JA 11 -12.23 21.10 -137.63
N GLY JA 12 -11.07 20.53 -137.36
CA GLY JA 12 -10.40 19.67 -138.32
C GLY JA 12 -9.20 20.34 -138.96
N LYS JA 13 -8.50 19.55 -139.77
CA LYS JA 13 -7.32 20.03 -140.49
C LYS JA 13 -7.65 21.26 -141.33
N ASP JA 14 -8.65 21.13 -142.20
CA ASP JA 14 -9.12 22.25 -142.99
C ASP JA 14 -9.78 23.34 -142.15
N GLY JA 15 -10.51 22.97 -141.11
CA GLY JA 15 -11.27 23.94 -140.35
C GLY JA 15 -12.70 24.13 -140.79
N LYS JA 16 -13.19 23.30 -141.72
CA LYS JA 16 -14.55 23.42 -142.24
C LYS JA 16 -15.39 22.20 -141.87
N GLN JA 17 -15.17 21.63 -140.70
CA GLN JA 17 -15.97 20.53 -140.18
C GLN JA 17 -16.66 20.98 -138.91
N THR JA 18 -17.56 20.14 -138.41
CA THR JA 18 -18.34 20.42 -137.20
C THR JA 18 -18.52 19.14 -136.42
N LEU JA 19 -18.74 19.28 -135.12
CA LEU JA 19 -18.84 18.13 -134.23
C LEU JA 19 -19.92 18.37 -133.19
N VAL JA 20 -20.90 17.47 -133.13
CA VAL JA 20 -22.03 17.58 -132.23
C VAL JA 20 -21.84 16.58 -131.10
N LEU JA 21 -22.06 17.03 -129.86
CA LEU JA 21 -21.82 16.23 -128.67
C LEU JA 21 -23.05 16.25 -127.78
N ASN JA 22 -23.77 15.13 -127.74
CA ASN JA 22 -24.94 15.01 -126.86
C ASN JA 22 -24.50 14.68 -125.44
N PRO JA 23 -25.26 15.15 -124.45
CA PRO JA 23 -24.90 14.86 -123.05
C PRO JA 23 -25.11 13.40 -122.70
N ARG JA 24 -24.28 12.90 -121.79
CA ARG JA 24 -24.40 11.52 -121.31
C ARG JA 24 -24.50 11.44 -119.79
N GLY JA 25 -24.76 12.56 -119.11
CA GLY JA 25 -25.01 12.52 -117.69
C GLY JA 25 -23.76 12.70 -116.86
N VAL JA 26 -23.96 12.58 -115.55
CA VAL JA 26 -22.88 12.71 -114.58
C VAL JA 26 -22.58 11.34 -113.98
N ASN JA 27 -21.46 11.25 -113.28
CA ASN JA 27 -21.05 10.03 -112.57
C ASN JA 27 -21.08 10.36 -111.08
N PRO JA 28 -22.18 10.06 -110.38
CA PRO JA 28 -22.31 10.48 -108.99
C PRO JA 28 -21.30 9.84 -108.05
N THR JA 29 -20.54 8.85 -108.52
CA THR JA 29 -19.46 8.29 -107.72
C THR JA 29 -18.16 9.07 -107.95
N ASN JA 30 -17.81 9.28 -109.21
CA ASN JA 30 -16.61 10.04 -109.55
C ASN JA 30 -16.84 11.55 -109.47
N GLY JA 31 -18.10 11.99 -109.46
CA GLY JA 31 -18.39 13.41 -109.48
C GLY JA 31 -17.87 14.08 -110.74
N VAL JA 32 -17.96 13.38 -111.87
CA VAL JA 32 -17.43 13.85 -113.15
C VAL JA 32 -18.54 13.78 -114.18
N ALA JA 33 -18.75 14.88 -114.90
CA ALA JA 33 -19.66 14.86 -116.02
C ALA JA 33 -18.98 14.30 -117.26
N SER JA 34 -19.78 13.67 -118.11
CA SER JA 34 -19.28 13.09 -119.33
C SER JA 34 -20.34 13.22 -120.40
N LEU JA 35 -19.89 13.39 -121.64
CA LEU JA 35 -20.82 13.46 -122.76
C LEU JA 35 -20.07 13.10 -124.02
N SER JA 36 -20.80 12.57 -125.00
CA SER JA 36 -20.17 11.91 -126.13
C SER JA 36 -20.91 12.22 -127.42
N GLN JA 37 -20.16 12.21 -128.53
CA GLN JA 37 -20.76 12.29 -129.85
C GLN JA 37 -21.47 10.99 -130.19
N ALA JA 38 -22.74 11.11 -130.60
CA ALA JA 38 -23.58 9.94 -130.88
C ALA JA 38 -23.05 9.18 -132.11
N GLY JA 39 -22.55 7.96 -131.88
CA GLY JA 39 -22.00 7.14 -132.92
C GLY JA 39 -22.71 5.79 -132.98
N ALA JA 40 -22.45 5.05 -134.05
CA ALA JA 40 -23.11 3.77 -134.27
C ALA JA 40 -22.84 2.81 -133.11
N VAL JA 41 -21.58 2.41 -132.96
CA VAL JA 41 -21.18 1.50 -131.90
C VAL JA 41 -20.72 2.37 -130.72
N PRO JA 42 -21.18 2.09 -129.49
CA PRO JA 42 -20.81 2.95 -128.36
C PRO JA 42 -19.32 3.00 -128.08
N ALA JA 43 -18.57 1.95 -128.38
CA ALA JA 43 -17.14 1.98 -128.08
C ALA JA 43 -16.38 2.86 -129.07
N LEU JA 44 -16.84 2.90 -130.32
CA LEU JA 44 -16.15 3.63 -131.37
C LEU JA 44 -16.33 5.15 -131.23
N GLU JA 45 -17.41 5.61 -130.59
CA GLU JA 45 -17.83 6.99 -130.65
C GLU JA 45 -16.91 7.92 -129.85
N LYS JA 46 -16.93 9.20 -130.25
CA LYS JA 46 -16.17 10.26 -129.60
C LYS JA 46 -16.69 10.49 -128.18
N ARG JA 47 -15.83 11.03 -127.31
CA ARG JA 47 -16.22 11.33 -125.94
C ARG JA 47 -15.39 12.48 -125.39
N VAL JA 48 -16.01 13.24 -124.46
CA VAL JA 48 -15.34 14.28 -123.69
C VAL JA 48 -15.89 14.27 -122.26
N THR JA 49 -15.07 14.71 -121.31
CA THR JA 49 -15.47 14.71 -119.90
C THR JA 49 -15.02 16.02 -119.26
N VAL JA 50 -15.93 16.64 -118.51
CA VAL JA 50 -15.65 17.88 -117.80
C VAL JA 50 -15.95 17.65 -116.34
N SER JA 51 -15.11 18.20 -115.45
CA SER JA 51 -15.27 18.02 -114.02
C SER JA 51 -14.75 19.26 -113.31
N VAL JA 52 -15.48 19.68 -112.28
CA VAL JA 52 -15.10 20.80 -111.44
C VAL JA 52 -15.07 20.35 -109.98
N SER JA 53 -14.12 20.94 -109.24
CA SER JA 53 -14.11 20.81 -107.79
C SER JA 53 -15.34 21.55 -107.31
N GLN JA 54 -16.18 20.90 -106.51
CA GLN JA 54 -17.43 21.54 -106.13
C GLN JA 54 -17.23 22.63 -105.08
N PRO JA 55 -18.09 23.65 -105.10
CA PRO JA 55 -17.89 24.81 -104.24
C PRO JA 55 -18.29 24.50 -102.80
N SER JA 56 -17.33 24.64 -101.87
CA SER JA 56 -17.56 24.33 -100.47
C SER JA 56 -16.89 25.36 -99.56
N ARG JA 57 -17.10 25.16 -98.25
CA ARG JA 57 -16.63 26.03 -97.18
C ARG JA 57 -15.26 25.65 -96.61
N ASN JA 58 -14.59 24.60 -97.08
CA ASN JA 58 -13.33 24.20 -96.46
C ASN JA 58 -12.43 23.45 -97.45
N ARG JA 59 -11.16 23.29 -97.04
CA ARG JA 59 -10.11 22.54 -97.75
C ARG JA 59 -10.36 22.44 -99.26
N LYS JA 60 -10.21 23.55 -99.96
CA LYS JA 60 -10.36 23.52 -101.40
C LYS JA 60 -9.33 24.41 -102.07
N ASN JA 61 -8.78 23.90 -103.15
CA ASN JA 61 -7.99 24.64 -104.12
C ASN JA 61 -8.66 24.23 -105.42
N TYR JA 62 -9.31 25.16 -106.10
CA TYR JA 62 -10.28 24.73 -107.10
C TYR JA 62 -9.54 24.18 -108.31
N LYS JA 63 -10.10 23.11 -108.88
CA LYS JA 63 -9.49 22.40 -109.98
C LYS JA 63 -10.56 21.91 -110.94
N VAL JA 64 -10.39 22.26 -112.22
CA VAL JA 64 -11.25 21.81 -113.30
C VAL JA 64 -10.36 21.19 -114.37
N GLN JA 65 -10.79 20.06 -114.92
CA GLN JA 65 -9.99 19.33 -115.88
C GLN JA 65 -10.93 18.74 -116.92
N VAL JA 66 -10.55 18.86 -118.19
CA VAL JA 66 -11.31 18.33 -119.31
C VAL JA 66 -10.49 17.26 -120.01
N LYS JA 67 -11.15 16.17 -120.39
CA LYS JA 67 -10.51 15.08 -121.11
C LYS JA 67 -11.20 14.88 -122.44
N ILE JA 68 -10.42 14.48 -123.44
CA ILE JA 68 -10.93 14.13 -124.76
C ILE JA 68 -10.43 12.73 -125.10
N GLN JA 69 -11.32 11.89 -125.65
CA GLN JA 69 -10.97 10.51 -125.97
C GLN JA 69 -11.59 10.19 -127.33
N ASN JA 70 -10.76 10.19 -128.38
CA ASN JA 70 -11.20 9.95 -129.75
C ASN JA 70 -10.54 8.69 -130.32
N PRO JA 71 -11.24 7.57 -130.38
CA PRO JA 71 -10.67 6.35 -130.94
C PRO JA 71 -10.88 6.22 -132.45
N THR JA 72 -10.24 5.19 -133.02
CA THR JA 72 -10.44 4.84 -134.42
C THR JA 72 -10.38 3.32 -134.55
N ALA JA 73 -11.14 2.78 -135.51
CA ALA JA 73 -11.33 1.35 -135.68
C ALA JA 73 -11.17 0.98 -137.16
N CYS JA 74 -11.17 -0.31 -137.45
CA CYS JA 74 -11.12 -0.78 -138.84
C CYS JA 74 -11.94 -2.06 -138.99
N THR JA 75 -12.61 -2.20 -140.13
CA THR JA 75 -13.53 -3.30 -140.40
C THR JA 75 -12.96 -4.39 -141.33
N ALA JA 76 -11.64 -4.64 -141.30
CA ALA JA 76 -11.03 -5.56 -142.24
C ALA JA 76 -10.34 -6.75 -141.60
N ASN JA 77 -10.11 -6.70 -140.29
CA ASN JA 77 -9.44 -7.72 -139.47
C ASN JA 77 -9.75 -9.18 -139.78
N GLY JA 78 -10.97 -9.47 -140.20
CA GLY JA 78 -11.34 -10.84 -140.50
C GLY JA 78 -12.53 -11.25 -139.65
N SER JA 79 -13.34 -10.25 -139.32
CA SER JA 79 -14.56 -10.44 -138.56
C SER JA 79 -15.53 -9.35 -138.99
N CYS JA 80 -16.66 -9.25 -138.30
CA CYS JA 80 -17.64 -8.23 -138.59
C CYS JA 80 -17.83 -7.26 -137.43
N ASP JA 81 -17.02 -7.39 -136.39
CA ASP JA 81 -17.12 -6.47 -135.24
C ASP JA 81 -15.88 -5.59 -135.27
N PRO JA 82 -15.99 -4.33 -135.66
CA PRO JA 82 -14.80 -3.47 -135.70
C PRO JA 82 -14.17 -3.30 -134.32
N SER JA 83 -12.85 -3.38 -134.28
CA SER JA 83 -12.10 -3.24 -133.05
C SER JA 83 -11.27 -1.96 -133.11
N VAL JA 84 -11.05 -1.36 -131.94
CA VAL JA 84 -10.27 -0.13 -131.86
C VAL JA 84 -8.79 -0.48 -131.95
N THR JA 85 -8.09 0.13 -132.91
CA THR JA 85 -6.69 -0.14 -133.17
C THR JA 85 -5.76 0.84 -132.47
N ARG JA 86 -6.14 2.11 -132.43
CA ARG JA 86 -5.35 3.15 -131.81
C ARG JA 86 -6.30 4.23 -131.32
N GLN JA 87 -5.82 5.09 -130.43
CA GLN JA 87 -6.64 6.16 -129.88
C GLN JA 87 -5.90 7.48 -129.96
N ALA JA 88 -6.62 8.56 -129.64
CA ALA JA 88 -6.03 9.88 -129.55
C ALA JA 88 -6.57 10.55 -128.30
N TYR JA 89 -5.66 11.07 -127.47
CA TYR JA 89 -6.01 11.52 -126.14
C TYR JA 89 -5.73 13.01 -125.98
N ALA JA 90 -6.50 13.65 -125.12
CA ALA JA 90 -6.31 15.04 -124.74
C ALA JA 90 -6.73 15.19 -123.30
N ASP JA 91 -5.95 15.95 -122.54
CA ASP JA 91 -6.25 16.15 -121.12
C ASP JA 91 -5.69 17.49 -120.68
N VAL JA 92 -6.57 18.34 -120.13
CA VAL JA 92 -6.18 19.62 -119.53
C VAL JA 92 -6.49 19.54 -118.04
N THR JA 93 -5.86 20.43 -117.28
CA THR JA 93 -6.22 20.61 -115.87
C THR JA 93 -5.93 22.04 -115.48
N PHE JA 94 -6.96 22.77 -115.09
CA PHE JA 94 -6.83 24.14 -114.62
C PHE JA 94 -6.94 24.12 -113.11
N SER JA 95 -6.20 25.03 -112.46
CA SER JA 95 -6.22 25.09 -111.00
C SER JA 95 -5.99 26.52 -110.57
N PHE JA 96 -7.01 27.12 -109.96
CA PHE JA 96 -6.94 28.49 -109.47
C PHE JA 96 -6.97 28.50 -107.94
N THR JA 97 -6.49 29.60 -107.38
CA THR JA 97 -6.40 29.75 -105.93
C THR JA 97 -7.78 30.01 -105.34
N GLN JA 98 -7.88 29.84 -104.02
CA GLN JA 98 -9.11 30.07 -103.30
C GLN JA 98 -9.56 31.53 -103.46
N TYR JA 99 -8.60 32.47 -103.48
CA TYR JA 99 -8.86 33.89 -103.69
C TYR JA 99 -8.74 34.33 -105.14
N SER JA 100 -8.90 33.43 -106.11
CA SER JA 100 -8.68 33.79 -107.51
C SER JA 100 -9.80 34.68 -108.04
N THR JA 101 -9.41 35.64 -108.89
CA THR JA 101 -10.37 36.57 -109.47
C THR JA 101 -11.00 35.99 -110.72
N ASP JA 102 -12.20 36.48 -111.04
CA ASP JA 102 -12.92 35.99 -112.21
C ASP JA 102 -12.16 36.29 -113.51
N GLU JA 103 -11.65 37.51 -113.65
CA GLU JA 103 -10.99 37.90 -114.90
C GLU JA 103 -9.76 37.04 -115.16
N GLU JA 104 -8.98 36.75 -114.11
CA GLU JA 104 -7.82 35.87 -114.25
C GLU JA 104 -8.23 34.51 -114.81
N ARG JA 105 -9.40 34.01 -114.39
CA ARG JA 105 -9.83 32.68 -114.77
C ARG JA 105 -10.09 32.62 -116.27
N ALA JA 106 -10.80 33.61 -116.81
CA ALA JA 106 -11.02 33.67 -118.25
C ALA JA 106 -9.72 33.87 -119.01
N PHE JA 107 -8.77 34.57 -118.41
CA PHE JA 107 -7.48 34.83 -119.05
C PHE JA 107 -6.75 33.52 -119.32
N VAL JA 108 -6.67 32.65 -118.31
CA VAL JA 108 -6.07 31.34 -118.50
C VAL JA 108 -6.86 30.51 -119.49
N ARG JA 109 -8.16 30.79 -119.62
CA ARG JA 109 -9.01 30.03 -120.53
C ARG JA 109 -8.79 30.45 -121.98
N THR JA 110 -8.85 31.75 -122.26
CA THR JA 110 -8.69 32.20 -123.63
C THR JA 110 -7.23 32.08 -124.08
N GLU JA 111 -6.28 32.18 -123.15
CA GLU JA 111 -4.89 32.00 -123.53
C GLU JA 111 -4.66 30.61 -124.12
N LEU JA 112 -5.25 29.57 -123.51
CA LEU JA 112 -5.15 28.23 -124.06
C LEU JA 112 -5.92 28.12 -125.36
N ALA JA 113 -7.08 28.77 -125.45
CA ALA JA 113 -7.88 28.73 -126.67
C ALA JA 113 -7.13 29.37 -127.83
N ALA JA 114 -6.53 30.54 -127.60
CA ALA JA 114 -5.74 31.17 -128.65
C ALA JA 114 -4.43 30.43 -128.89
N LEU JA 115 -3.83 29.88 -127.83
CA LEU JA 115 -2.58 29.14 -127.97
C LEU JA 115 -2.80 27.85 -128.75
N LEU JA 116 -4.00 27.29 -128.70
CA LEU JA 116 -4.29 26.11 -129.50
C LEU JA 116 -4.38 26.44 -130.99
N ALA JA 117 -4.38 27.72 -131.35
CA ALA JA 117 -4.45 28.10 -132.76
C ALA JA 117 -3.21 28.85 -133.24
N SER JA 118 -2.19 29.04 -132.40
CA SER JA 118 -0.99 29.73 -132.86
C SER JA 118 -0.14 28.81 -133.72
N PRO JA 119 0.43 29.32 -134.84
CA PRO JA 119 1.32 28.51 -135.70
C PRO JA 119 2.29 27.62 -134.94
N LEU JA 120 2.81 28.12 -133.81
CA LEU JA 120 3.78 27.36 -133.02
C LEU JA 120 3.17 26.06 -132.52
N LEU JA 121 1.98 26.13 -131.93
CA LEU JA 121 1.32 24.93 -131.45
C LEU JA 121 0.77 24.08 -132.57
N ILE JA 122 0.56 24.65 -133.76
CA ILE JA 122 0.12 23.85 -134.91
C ILE JA 122 1.19 22.83 -135.26
N ASP JA 123 2.43 23.28 -135.39
CA ASP JA 123 3.54 22.38 -135.67
C ASP JA 123 3.93 21.57 -134.44
N ALA JA 124 3.57 22.03 -133.25
CA ALA JA 124 3.84 21.25 -132.05
C ALA JA 124 2.88 20.08 -131.90
N ILE JA 125 1.67 20.20 -132.44
CA ILE JA 125 0.60 19.22 -132.22
C ILE JA 125 0.41 18.30 -133.41
N ASP JA 126 0.36 18.85 -134.64
CA ASP JA 126 -0.10 18.03 -135.76
C ASP JA 126 1.00 17.13 -136.34
N GLN JA 127 2.20 17.69 -136.59
CA GLN JA 127 3.38 16.94 -137.04
C GLN JA 127 4.37 16.68 -135.90
N LEU JA 128 4.12 17.27 -134.71
CA LEU JA 128 4.92 17.15 -133.49
C LEU JA 128 6.38 17.57 -133.61
N ASN JA 129 6.67 18.89 -133.44
CA ASN JA 129 8.01 19.48 -133.41
C ASN JA 129 8.16 20.27 -132.12
N PRO JA 130 9.22 20.08 -131.35
CA PRO JA 130 9.37 20.89 -130.14
C PRO JA 130 9.69 22.32 -130.50
N ALA JA 131 9.54 23.21 -129.52
CA ALA JA 131 10.08 24.55 -129.69
C ALA JA 131 11.60 24.46 -129.57
N TYR JA 132 12.30 25.06 -130.53
CA TYR JA 132 13.74 24.93 -130.58
C TYR JA 132 14.44 26.23 -130.97
N ALA KA 1 114.53 -37.98 64.99
CA ALA KA 1 115.14 -38.75 66.06
C ALA KA 1 114.09 -39.42 66.92
N LYS KA 2 114.45 -39.72 68.17
CA LYS KA 2 113.52 -40.34 69.10
C LYS KA 2 112.47 -39.34 69.55
N LEU KA 3 111.25 -39.84 69.79
CA LEU KA 3 110.15 -38.98 70.22
C LEU KA 3 110.29 -38.76 71.73
N GLU KA 4 111.08 -37.76 72.07
CA GLU KA 4 111.35 -37.42 73.46
C GLU KA 4 110.40 -36.32 73.92
N THR KA 5 110.52 -35.93 75.18
CA THR KA 5 109.82 -34.76 75.70
C THR KA 5 110.65 -33.52 75.38
N VAL KA 6 110.21 -32.74 74.40
CA VAL KA 6 110.95 -31.56 73.97
C VAL KA 6 110.48 -30.36 74.75
N THR KA 7 111.43 -29.51 75.13
CA THR KA 7 111.16 -28.32 75.94
C THR KA 7 111.89 -27.14 75.32
N LEU KA 8 111.13 -26.19 74.77
CA LEU KA 8 111.73 -25.00 74.18
C LEU KA 8 111.83 -23.93 75.25
N GLY KA 9 113.06 -23.42 75.46
CA GLY KA 9 113.31 -22.38 76.41
C GLY KA 9 113.65 -21.06 75.74
N ASN KA 10 113.62 -19.99 76.54
CA ASN KA 10 113.89 -18.63 76.08
C ASN KA 10 113.03 -18.31 74.85
N ILE KA 11 111.73 -18.30 75.10
CA ILE KA 11 110.69 -18.23 74.08
C ILE KA 11 109.76 -17.10 74.45
N GLY KA 12 108.99 -16.62 73.49
CA GLY KA 12 108.01 -15.59 73.79
C GLY KA 12 108.45 -14.23 73.29
N LYS KA 13 107.53 -13.27 73.47
CA LYS KA 13 107.78 -11.89 73.04
C LYS KA 13 109.05 -11.34 73.69
N ASP KA 14 109.13 -11.39 75.02
CA ASP KA 14 110.34 -10.94 75.70
C ASP KA 14 111.52 -11.84 75.36
N GLY KA 15 111.26 -13.12 75.13
CA GLY KA 15 112.29 -14.11 74.96
C GLY KA 15 112.66 -14.81 76.24
N LYS KA 16 111.94 -14.54 77.32
CA LYS KA 16 112.18 -15.14 78.63
C LYS KA 16 110.96 -15.95 79.06
N GLN KA 17 110.50 -16.86 78.19
CA GLN KA 17 109.43 -17.79 78.53
C GLN KA 17 109.88 -19.21 78.20
N THR KA 18 109.03 -20.19 78.53
CA THR KA 18 109.33 -21.59 78.26
C THR KA 18 108.05 -22.32 77.90
N LEU KA 19 108.20 -23.41 77.15
CA LEU KA 19 107.07 -24.20 76.67
C LEU KA 19 107.48 -25.67 76.67
N VAL KA 20 106.70 -26.49 77.35
CA VAL KA 20 107.00 -27.91 77.54
C VAL KA 20 106.08 -28.72 76.63
N LEU KA 21 106.66 -29.65 75.86
CA LEU KA 21 105.93 -30.46 74.90
C LEU KA 21 106.30 -31.94 75.10
N ASN KA 22 105.40 -32.71 75.72
CA ASN KA 22 105.60 -34.14 75.91
C ASN KA 22 105.15 -34.94 74.68
N PRO KA 23 105.77 -36.08 74.41
CA PRO KA 23 105.37 -36.90 73.26
C PRO KA 23 104.00 -37.53 73.49
N ARG KA 24 103.25 -37.68 72.39
CA ARG KA 24 101.95 -38.30 72.42
C ARG KA 24 101.83 -39.44 71.42
N GLY KA 25 102.96 -39.92 70.89
CA GLY KA 25 102.99 -41.07 70.00
C GLY KA 25 102.91 -40.68 68.55
N VAL KA 26 102.89 -41.70 67.69
CA VAL KA 26 102.81 -41.50 66.25
C VAL KA 26 101.45 -41.97 65.75
N ASN KA 27 101.12 -41.54 64.53
CA ASN KA 27 99.88 -41.93 63.85
C ASN KA 27 100.27 -42.65 62.58
N PRO KA 28 100.35 -43.98 62.60
CA PRO KA 28 100.89 -44.72 61.43
C PRO KA 28 100.05 -44.61 60.18
N THR KA 29 98.84 -44.06 60.24
CA THR KA 29 98.05 -43.85 59.04
C THR KA 29 98.33 -42.49 58.39
N ASN KA 30 98.34 -41.44 59.20
CA ASN KA 30 98.65 -40.10 58.70
C ASN KA 30 100.13 -39.92 58.43
N GLY KA 31 100.97 -40.81 58.96
CA GLY KA 31 102.40 -40.68 58.83
C GLY KA 31 102.94 -39.44 59.51
N VAL KA 32 102.35 -39.08 60.65
CA VAL KA 32 102.74 -37.88 61.38
C VAL KA 32 102.98 -38.25 62.83
N ALA KA 33 104.14 -37.88 63.35
CA ALA KA 33 104.33 -37.94 64.78
C ALA KA 33 103.73 -36.67 65.37
N SER KA 34 103.23 -36.79 66.60
CA SER KA 34 102.59 -35.64 67.22
C SER KA 34 102.91 -35.63 68.69
N LEU KA 35 102.98 -34.42 69.22
CA LEU KA 35 103.22 -34.22 70.64
C LEU KA 35 102.66 -32.85 71.02
N SER KA 36 102.25 -32.72 72.27
CA SER KA 36 101.43 -31.60 72.70
C SER KA 36 101.85 -31.15 74.07
N GLN KA 37 101.58 -29.88 74.36
CA GLN KA 37 101.76 -29.38 75.71
C GLN KA 37 100.74 -30.04 76.63
N ALA KA 38 101.21 -30.62 77.73
CA ALA KA 38 100.37 -31.40 78.61
C ALA KA 38 99.30 -30.57 79.30
N GLY KA 39 98.05 -30.68 78.83
CA GLY KA 39 96.95 -29.95 79.42
C GLY KA 39 95.82 -30.91 79.77
N ALA KA 40 94.90 -30.41 80.59
CA ALA KA 40 93.77 -31.22 81.03
C ALA KA 40 92.90 -31.60 79.85
N VAL KA 41 92.32 -30.61 79.19
CA VAL KA 41 91.36 -30.83 78.10
C VAL KA 41 92.15 -30.85 76.79
N PRO KA 42 91.91 -31.81 75.91
CA PRO KA 42 92.64 -31.86 74.63
C PRO KA 42 92.43 -30.64 73.74
N ALA KA 43 91.28 -29.98 73.84
CA ALA KA 43 91.02 -28.85 72.96
C ALA KA 43 91.84 -27.64 73.34
N LEU KA 44 92.10 -27.46 74.63
CA LEU KA 44 92.80 -26.29 75.12
C LEU KA 44 94.29 -26.32 74.79
N GLU KA 45 94.86 -27.50 74.66
CA GLU KA 45 96.32 -27.63 74.68
C GLU KA 45 96.97 -27.13 73.39
N LYS KA 46 98.21 -26.65 73.53
CA LYS KA 46 99.05 -26.32 72.40
C LYS KA 46 99.52 -27.61 71.73
N ARG KA 47 99.90 -27.50 70.46
CA ARG KA 47 100.30 -28.71 69.76
C ARG KA 47 101.33 -28.40 68.68
N VAL KA 48 102.20 -29.39 68.42
CA VAL KA 48 103.11 -29.37 67.28
C VAL KA 48 103.19 -30.78 66.73
N THR KA 49 103.39 -30.88 65.41
CA THR KA 49 103.39 -32.16 64.70
C THR KA 49 104.49 -32.16 63.64
N VAL KA 50 105.25 -33.24 63.56
CA VAL KA 50 106.34 -33.37 62.59
C VAL KA 50 106.09 -34.60 61.73
N SER KA 51 106.38 -34.48 60.44
CA SER KA 51 106.14 -35.57 59.51
C SER KA 51 107.15 -35.51 58.36
N VAL KA 52 107.65 -36.68 57.96
CA VAL KA 52 108.50 -36.80 56.79
C VAL KA 52 107.91 -37.88 55.88
N SER KA 53 107.96 -37.64 54.57
CA SER KA 53 107.48 -38.62 53.59
C SER KA 53 108.53 -38.83 52.52
N GLN KA 54 108.84 -40.09 52.23
CA GLN KA 54 109.78 -40.41 51.17
C GLN KA 54 109.13 -40.27 49.80
N PRO KA 55 109.92 -40.11 48.74
CA PRO KA 55 109.33 -39.93 47.40
C PRO KA 55 108.76 -41.25 46.90
N SER KA 56 107.51 -41.22 46.45
CA SER KA 56 106.80 -42.42 46.02
C SER KA 56 106.54 -42.36 44.50
N ARG KA 57 105.40 -42.90 44.07
CA ARG KA 57 105.02 -42.91 42.67
C ARG KA 57 104.32 -41.63 42.29
N ASN KA 58 103.76 -40.93 43.28
CA ASN KA 58 103.10 -39.67 43.06
C ASN KA 58 104.13 -38.62 42.69
N ARG KA 59 104.96 -38.23 43.66
CA ARG KA 59 106.05 -37.28 43.41
C ARG KA 59 107.38 -37.80 43.93
N LYS KA 60 108.45 -37.62 43.13
CA LYS KA 60 109.80 -38.04 43.51
C LYS KA 60 110.58 -36.85 44.10
N ASN KA 61 109.98 -36.30 45.16
CA ASN KA 61 110.59 -35.24 45.96
C ASN KA 61 110.45 -35.58 47.43
N TYR KA 62 111.46 -35.22 48.23
CA TYR KA 62 111.38 -35.40 49.67
C TYR KA 62 110.64 -34.21 50.23
N LYS KA 63 109.80 -34.44 51.25
CA LYS KA 63 109.11 -33.31 51.87
C LYS KA 63 108.91 -33.58 53.36
N VAL KA 64 109.31 -32.61 54.19
CA VAL KA 64 109.14 -32.64 55.64
C VAL KA 64 108.40 -31.39 56.07
N GLN KA 65 107.47 -31.55 57.01
CA GLN KA 65 106.56 -30.48 57.41
C GLN KA 65 106.27 -30.56 58.90
N VAL KA 66 106.36 -29.43 59.58
CA VAL KA 66 105.99 -29.30 60.98
C VAL KA 66 104.89 -28.24 61.08
N LYS KA 67 103.92 -28.50 61.94
CA LYS KA 67 102.80 -27.59 62.16
C LYS KA 67 102.78 -27.16 63.63
N ILE KA 68 102.35 -25.92 63.86
CA ILE KA 68 102.18 -25.38 65.21
C ILE KA 68 100.76 -24.86 65.34
N GLN KA 69 100.12 -25.17 66.47
CA GLN KA 69 98.74 -24.78 66.72
C GLN KA 69 98.59 -24.36 68.18
N ASN KA 70 98.47 -23.05 68.41
CA ASN KA 70 98.36 -22.50 69.76
C ASN KA 70 97.00 -21.86 69.96
N PRO KA 71 96.09 -22.51 70.68
CA PRO KA 71 94.78 -21.89 70.96
C PRO KA 71 94.85 -20.98 72.18
N THR KA 72 93.75 -20.27 72.41
CA THR KA 72 93.60 -19.39 73.56
C THR KA 72 92.17 -19.53 74.07
N ALA KA 73 92.00 -19.27 75.37
CA ALA KA 73 90.77 -19.63 76.06
C ALA KA 73 90.18 -18.44 76.83
N CYS KA 74 89.03 -18.69 77.43
CA CYS KA 74 88.34 -17.73 78.28
C CYS KA 74 87.82 -18.47 79.49
N THR KA 75 88.03 -17.91 80.68
CA THR KA 75 87.61 -18.52 81.92
C THR KA 75 86.35 -17.88 82.48
N ALA KA 76 85.76 -16.94 81.75
CA ALA KA 76 84.70 -16.11 82.26
C ALA KA 76 83.41 -16.34 81.49
N ASN KA 77 82.29 -16.13 82.19
CA ASN KA 77 80.92 -16.30 81.70
C ASN KA 77 80.57 -17.79 81.70
N GLY KA 78 81.57 -18.64 81.45
CA GLY KA 78 81.34 -20.07 81.51
C GLY KA 78 81.81 -20.66 82.83
N SER KA 79 82.97 -20.20 83.27
CA SER KA 79 83.61 -20.53 84.55
C SER KA 79 83.51 -22.00 84.95
N CYS KA 80 83.13 -22.88 84.04
CA CYS KA 80 83.13 -24.31 84.34
C CYS KA 80 84.09 -25.00 83.39
N ASP KA 81 83.81 -25.02 82.08
CA ASP KA 81 84.76 -25.51 81.11
C ASP KA 81 85.20 -24.29 80.32
N PRO KA 82 86.47 -23.88 80.40
CA PRO KA 82 86.90 -22.74 79.59
C PRO KA 82 86.79 -23.09 78.12
N SER KA 83 86.36 -22.13 77.32
CA SER KA 83 86.15 -22.37 75.90
C SER KA 83 87.23 -21.67 75.08
N VAL KA 84 87.61 -22.31 73.98
CA VAL KA 84 88.61 -21.74 73.09
C VAL KA 84 87.91 -20.71 72.20
N THR KA 85 88.42 -19.49 72.20
CA THR KA 85 87.79 -18.41 71.46
C THR KA 85 88.42 -18.19 70.08
N ARG KA 86 89.73 -18.31 70.00
CA ARG KA 86 90.48 -18.12 68.77
C ARG KA 86 91.78 -18.91 68.86
N GLN KA 87 92.43 -19.11 67.72
CA GLN KA 87 93.67 -19.87 67.66
C GLN KA 87 94.76 -19.08 66.93
N ALA KA 88 95.97 -19.65 66.95
CA ALA KA 88 97.12 -19.10 66.25
C ALA KA 88 97.84 -20.26 65.57
N TYR KA 89 98.10 -20.12 64.26
CA TYR KA 89 98.56 -21.23 63.45
C TYR KA 89 99.94 -20.94 62.87
N ALA KA 90 100.71 -22.01 62.69
CA ALA KA 90 102.02 -21.97 62.05
C ALA KA 90 102.24 -23.28 61.32
N ASP KA 91 102.79 -23.21 60.12
CA ASP KA 91 103.02 -24.42 59.34
C ASP KA 91 104.19 -24.16 58.39
N VAL KA 92 105.19 -25.05 58.41
CA VAL KA 92 106.30 -24.97 57.47
C VAL KA 92 106.21 -26.15 56.51
N THR KA 93 106.91 -26.04 55.39
CA THR KA 93 107.03 -27.17 54.48
C THR KA 93 108.39 -27.09 53.80
N PHE KA 94 109.22 -28.10 54.04
CA PHE KA 94 110.51 -28.22 53.38
C PHE KA 94 110.42 -29.27 52.29
N SER KA 95 111.17 -29.06 51.21
CA SER KA 95 111.21 -30.05 50.14
C SER KA 95 112.58 -29.99 49.48
N PHE KA 96 113.38 -31.03 49.67
CA PHE KA 96 114.70 -31.13 49.09
C PHE KA 96 114.72 -32.22 48.02
N THR KA 97 115.73 -32.15 47.16
CA THR KA 97 115.86 -33.11 46.09
C THR KA 97 116.30 -34.46 46.64
N GLN KA 98 116.07 -35.51 45.84
CA GLN KA 98 116.51 -36.84 46.23
C GLN KA 98 118.02 -36.90 46.32
N TYR KA 99 118.73 -36.16 45.46
CA TYR KA 99 120.18 -36.03 45.50
C TYR KA 99 120.67 -34.83 46.31
N SER KA 100 119.85 -34.31 47.23
CA SER KA 100 120.24 -33.14 47.99
C SER KA 100 121.29 -33.50 49.02
N THR KA 101 122.21 -32.56 49.27
CA THR KA 101 123.30 -32.83 50.20
C THR KA 101 122.84 -32.62 51.64
N ASP KA 102 123.55 -33.29 52.55
CA ASP KA 102 123.25 -33.14 53.98
C ASP KA 102 123.44 -31.68 54.41
N GLU KA 103 124.54 -31.07 53.98
CA GLU KA 103 124.82 -29.68 54.37
C GLU KA 103 123.78 -28.71 53.81
N GLU KA 104 123.32 -28.94 52.57
CA GLU KA 104 122.29 -28.08 52.00
C GLU KA 104 121.07 -28.02 52.90
N ARG KA 105 120.70 -29.16 53.47
CA ARG KA 105 119.47 -29.25 54.25
C ARG KA 105 119.57 -28.43 55.53
N ALA KA 106 120.69 -28.58 56.26
CA ALA KA 106 120.88 -27.84 57.50
C ALA KA 106 120.98 -26.34 57.25
N PHE KA 107 121.54 -25.93 56.12
CA PHE KA 107 121.68 -24.51 55.83
C PHE KA 107 120.31 -23.86 55.70
N VAL KA 108 119.42 -24.48 54.92
CA VAL KA 108 118.04 -24.00 54.83
C VAL KA 108 117.34 -24.09 56.18
N ARG KA 109 117.81 -25.00 57.04
CA ARG KA 109 117.22 -25.18 58.36
C ARG KA 109 117.62 -24.04 59.29
N THR KA 110 118.92 -23.76 59.39
CA THR KA 110 119.37 -22.67 60.24
C THR KA 110 119.01 -21.31 59.65
N GLU KA 111 118.93 -21.23 58.32
CA GLU KA 111 118.49 -19.98 57.69
C GLU KA 111 117.09 -19.60 58.13
N LEU KA 112 116.19 -20.59 58.21
CA LEU KA 112 114.83 -20.27 58.65
C LEU KA 112 114.80 -19.87 60.11
N ALA KA 113 115.58 -20.54 60.96
CA ALA KA 113 115.61 -20.15 62.36
C ALA KA 113 116.19 -18.76 62.54
N ALA KA 114 117.27 -18.44 61.81
CA ALA KA 114 117.86 -17.11 61.88
C ALA KA 114 116.97 -16.07 61.23
N LEU KA 115 116.28 -16.44 60.15
CA LEU KA 115 115.37 -15.51 59.50
C LEU KA 115 114.18 -15.18 60.39
N LEU KA 116 113.80 -16.10 61.28
CA LEU KA 116 112.73 -15.84 62.23
C LEU KA 116 113.12 -14.81 63.29
N ALA KA 117 114.39 -14.43 63.38
CA ALA KA 117 114.85 -13.45 64.35
C ALA KA 117 115.37 -12.18 63.71
N SER KA 118 115.28 -12.07 62.39
CA SER KA 118 115.75 -10.87 61.70
C SER KA 118 114.81 -9.70 61.95
N PRO KA 119 115.35 -8.48 62.13
CA PRO KA 119 114.51 -7.29 62.33
C PRO KA 119 113.31 -7.20 61.40
N LEU KA 120 113.50 -7.61 60.15
CA LEU KA 120 112.43 -7.53 59.15
C LEU KA 120 111.27 -8.44 59.52
N LEU KA 121 111.56 -9.70 59.88
CA LEU KA 121 110.50 -10.64 60.21
C LEU KA 121 109.83 -10.34 61.55
N ILE KA 122 110.47 -9.59 62.43
CA ILE KA 122 109.82 -9.20 63.67
C ILE KA 122 108.63 -8.30 63.38
N ASP KA 123 108.84 -7.27 62.56
CA ASP KA 123 107.75 -6.37 62.19
C ASP KA 123 106.78 -6.98 61.20
N ALA KA 124 107.19 -8.04 60.49
CA ALA KA 124 106.26 -8.73 59.60
C ALA KA 124 105.28 -9.60 60.36
N ILE KA 125 105.68 -10.13 61.50
CA ILE KA 125 104.86 -11.04 62.28
C ILE KA 125 104.23 -10.33 63.48
N ASP KA 126 105.03 -9.55 64.20
CA ASP KA 126 104.58 -8.97 65.46
C ASP KA 126 103.82 -7.66 65.24
N GLN KA 127 104.30 -6.82 64.32
CA GLN KA 127 103.66 -5.54 64.02
C GLN KA 127 102.76 -5.61 62.79
N LEU KA 128 102.82 -6.72 62.05
CA LEU KA 128 101.93 -6.99 60.93
C LEU KA 128 101.94 -5.83 59.94
N ASN KA 129 103.14 -5.39 59.60
CA ASN KA 129 103.35 -4.39 58.58
C ASN KA 129 104.30 -4.96 57.54
N PRO KA 130 104.01 -4.82 56.25
CA PRO KA 130 104.88 -5.41 55.24
C PRO KA 130 106.20 -4.67 55.18
N ALA KA 131 107.13 -5.20 54.41
CA ALA KA 131 108.34 -4.44 54.15
C ALA KA 131 107.98 -3.24 53.28
N TYR KA 132 108.36 -2.05 53.75
CA TYR KA 132 108.04 -0.83 53.02
C TYR KA 132 109.18 0.17 53.14
N ALA LA 1 108.81 -4.00 58.31
CA ALA LA 1 109.67 -2.85 58.55
C ALA LA 1 110.31 -2.35 57.27
N LYS LA 2 111.44 -1.65 57.43
CA LYS LA 2 112.19 -1.18 56.28
C LYS LA 2 112.89 -2.35 55.64
N LEU LA 3 112.97 -2.34 54.31
CA LEU LA 3 113.62 -3.42 53.56
C LEU LA 3 115.12 -3.15 53.58
N GLU LA 4 115.77 -3.60 54.66
CA GLU LA 4 117.19 -3.38 54.83
C GLU LA 4 117.97 -4.58 54.32
N THR LA 5 119.30 -4.47 54.38
CA THR LA 5 120.19 -5.59 54.08
C THR LA 5 120.38 -6.42 55.35
N VAL LA 6 119.74 -7.58 55.39
CA VAL LA 6 119.78 -8.46 56.55
C VAL LA 6 120.91 -9.46 56.36
N THR LA 7 121.60 -9.77 57.45
CA THR LA 7 122.73 -10.68 57.44
C THR LA 7 122.55 -11.68 58.58
N LEU LA 8 122.29 -12.94 58.23
CA LEU LA 8 122.10 -13.98 59.23
C LEU LA 8 123.44 -14.60 59.60
N GLY LA 9 123.76 -14.59 60.89
CA GLY LA 9 124.98 -15.17 61.40
C GLY LA 9 124.71 -16.44 62.19
N ASN LA 10 125.78 -17.15 62.50
CA ASN LA 10 125.72 -18.43 63.21
C ASN LA 10 124.75 -19.36 62.49
N ILE LA 11 125.10 -19.66 61.25
CA ILE LA 11 124.19 -20.34 60.34
C ILE LA 11 124.89 -21.55 59.74
N GLY LA 12 124.10 -22.54 59.34
CA GLY LA 12 124.62 -23.70 58.66
C GLY LA 12 124.80 -24.88 59.60
N LYS LA 13 125.12 -26.02 58.99
CA LYS LA 13 125.42 -27.21 59.79
C LYS LA 13 126.60 -26.91 60.71
N ASP LA 14 127.65 -26.29 60.16
CA ASP LA 14 128.85 -25.97 60.94
C ASP LA 14 128.51 -25.06 62.11
N GLY LA 15 127.62 -24.09 61.91
CA GLY LA 15 127.21 -23.16 62.93
C GLY LA 15 128.05 -21.91 63.06
N LYS LA 16 129.10 -21.77 62.25
CA LYS LA 16 129.92 -20.56 62.24
C LYS LA 16 130.00 -19.98 60.84
N GLN LA 17 128.89 -20.04 60.10
CA GLN LA 17 128.83 -19.47 58.77
C GLN LA 17 127.95 -18.23 58.81
N THR LA 18 127.96 -17.49 57.70
CA THR LA 18 127.19 -16.26 57.61
C THR LA 18 126.67 -16.12 56.18
N LEU LA 19 125.58 -15.38 56.05
CA LEU LA 19 124.90 -15.21 54.77
C LEU LA 19 124.36 -13.79 54.70
N VAL LA 20 124.75 -13.05 53.66
CA VAL LA 20 124.37 -11.64 53.48
C VAL LA 20 123.32 -11.56 52.40
N LEU LA 21 122.24 -10.82 52.69
CA LEU LA 21 121.11 -10.70 51.78
C LEU LA 21 120.74 -9.23 51.62
N ASN LA 22 121.04 -8.65 50.46
CA ASN LA 22 120.67 -7.27 50.18
C ASN LA 22 119.20 -7.19 49.76
N PRO LA 23 118.55 -6.05 49.99
CA PRO LA 23 117.14 -5.95 49.62
C PRO LA 23 116.97 -6.01 48.11
N ARG LA 24 115.83 -6.58 47.70
CA ARG LA 24 115.54 -6.82 46.29
C ARG LA 24 114.23 -6.19 45.85
N GLY LA 25 113.64 -5.32 46.67
CA GLY LA 25 112.43 -4.63 46.28
C GLY LA 25 111.21 -5.47 46.63
N VAL LA 26 110.04 -4.95 46.27
CA VAL LA 26 108.82 -5.71 46.48
C VAL LA 26 108.29 -6.07 45.11
N ASN LA 27 107.21 -6.86 45.07
CA ASN LA 27 106.54 -7.20 43.82
C ASN LA 27 105.21 -6.46 43.85
N PRO LA 28 105.15 -5.25 43.28
CA PRO LA 28 103.93 -4.42 43.43
C PRO LA 28 102.69 -5.02 42.81
N THR LA 29 102.81 -6.10 42.03
CA THR LA 29 101.61 -6.78 41.54
C THR LA 29 101.15 -7.86 42.52
N ASN LA 30 102.07 -8.71 42.96
CA ASN LA 30 101.75 -9.75 43.92
C ASN LA 30 101.68 -9.24 45.35
N GLY LA 31 102.22 -8.05 45.61
CA GLY LA 31 102.26 -7.55 46.98
C GLY LA 31 103.12 -8.38 47.91
N VAL LA 32 104.26 -8.87 47.42
CA VAL LA 32 105.15 -9.73 48.17
C VAL LA 32 106.55 -9.12 48.13
N ALA LA 33 107.16 -8.97 49.30
CA ALA LA 33 108.53 -8.49 49.39
C ALA LA 33 109.51 -9.61 49.08
N SER LA 34 110.68 -9.22 48.57
CA SER LA 34 111.70 -10.18 48.19
C SER LA 34 113.08 -9.60 48.48
N LEU LA 35 114.03 -10.48 48.78
CA LEU LA 35 115.41 -10.09 48.97
C LEU LA 35 116.27 -11.32 48.69
N SER LA 36 117.52 -11.07 48.30
CA SER LA 36 118.32 -12.10 47.65
C SER LA 36 119.73 -12.13 48.21
N GLN LA 37 120.35 -13.30 48.03
CA GLN LA 37 121.72 -13.54 48.47
C GLN LA 37 122.72 -12.65 47.74
N ALA LA 38 123.58 -12.00 48.53
CA ALA LA 38 124.55 -11.04 48.02
C ALA LA 38 125.56 -11.78 47.14
N GLY LA 39 125.39 -11.63 45.83
CA GLY LA 39 126.25 -12.33 44.90
C GLY LA 39 126.11 -11.74 43.51
N ALA LA 40 127.06 -12.11 42.66
CA ALA LA 40 127.10 -11.60 41.30
C ALA LA 40 125.86 -12.03 40.50
N VAL LA 41 125.64 -13.33 40.35
CA VAL LA 41 124.65 -13.85 39.39
C VAL LA 41 123.22 -13.98 39.94
N PRO LA 42 122.22 -13.45 39.22
CA PRO LA 42 120.82 -13.60 39.67
C PRO LA 42 120.32 -15.03 39.68
N ALA LA 43 120.80 -15.88 38.76
CA ALA LA 43 120.31 -17.25 38.70
C ALA LA 43 120.92 -18.10 39.81
N LEU LA 44 122.18 -17.84 40.15
CA LEU LA 44 122.89 -18.64 41.13
C LEU LA 44 122.39 -18.38 42.55
N GLU LA 45 121.88 -17.19 42.81
CA GLU LA 45 121.72 -16.73 44.18
C GLU LA 45 120.57 -17.42 44.91
N LYS LA 46 120.75 -17.58 46.22
CA LYS LA 46 119.68 -17.96 47.11
C LYS LA 46 118.74 -16.77 47.32
N ARG LA 47 117.50 -17.05 47.69
CA ARG LA 47 116.54 -15.98 47.81
C ARG LA 47 115.48 -16.32 48.84
N VAL LA 48 114.90 -15.28 49.43
CA VAL LA 48 113.80 -15.40 50.36
C VAL LA 48 112.78 -14.30 50.09
N THR LA 49 111.51 -14.60 50.39
CA THR LA 49 110.41 -13.68 50.10
C THR LA 49 109.46 -13.66 51.29
N VAL LA 50 109.04 -12.46 51.69
CA VAL LA 50 108.15 -12.26 52.83
C VAL LA 50 106.91 -11.51 52.37
N SER LA 51 105.75 -11.87 52.93
CA SER LA 51 104.51 -11.23 52.55
C SER LA 51 103.54 -11.25 53.72
N VAL LA 52 102.83 -10.13 53.93
CA VAL LA 52 101.75 -10.06 54.91
C VAL LA 52 100.51 -9.57 54.16
N SER LA 53 99.34 -10.12 54.51
CA SER LA 53 98.10 -9.80 53.81
C SER LA 53 96.99 -9.39 54.76
N GLN LA 54 96.29 -8.31 54.41
CA GLN LA 54 95.10 -7.87 55.13
C GLN LA 54 93.93 -8.81 54.79
N PRO LA 55 92.89 -8.87 55.62
CA PRO LA 55 91.80 -9.82 55.36
C PRO LA 55 90.92 -9.34 54.20
N SER LA 56 90.37 -10.29 53.44
CA SER LA 56 89.57 -9.90 52.29
C SER LA 56 88.36 -10.79 52.00
N ARG LA 57 88.13 -11.07 50.70
CA ARG LA 57 86.91 -11.76 50.27
C ARG LA 57 86.96 -13.26 50.54
N ASN LA 58 88.15 -13.85 50.58
CA ASN LA 58 88.22 -15.28 50.88
C ASN LA 58 87.95 -15.52 52.37
N ARG LA 59 88.92 -15.19 53.21
CA ARG LA 59 88.75 -15.30 54.66
C ARG LA 59 89.14 -13.98 55.32
N LYS LA 60 88.54 -13.73 56.49
CA LYS LA 60 88.80 -12.53 57.30
C LYS LA 60 89.76 -12.83 58.44
N ASN LA 61 90.92 -13.33 58.06
CA ASN LA 61 92.03 -13.62 58.97
C ASN LA 61 93.28 -12.95 58.42
N TYR LA 62 94.40 -13.21 59.08
CA TYR LA 62 95.64 -12.59 58.67
C TYR LA 62 96.59 -13.71 58.26
N LYS LA 63 97.43 -13.47 57.26
CA LYS LA 63 98.35 -14.50 56.81
C LYS LA 63 99.67 -13.86 56.44
N VAL LA 64 100.75 -14.40 56.99
CA VAL LA 64 102.11 -14.02 56.65
C VAL LA 64 102.85 -15.30 56.25
N GLN LA 65 103.64 -15.21 55.18
CA GLN LA 65 104.29 -16.38 54.63
C GLN LA 65 105.64 -15.97 54.10
N VAL LA 66 106.67 -16.73 54.49
CA VAL LA 66 108.03 -16.53 53.99
C VAL LA 66 108.47 -17.82 53.31
N LYS LA 67 109.16 -17.67 52.18
CA LYS LA 67 109.70 -18.77 51.42
C LYS LA 67 111.20 -18.63 51.31
N ILE LA 68 111.89 -19.78 51.30
CA ILE LA 68 113.33 -19.82 51.08
C ILE LA 68 113.58 -20.76 49.92
N GLN LA 69 114.47 -20.36 49.01
CA GLN LA 69 114.79 -21.17 47.85
C GLN LA 69 116.29 -21.06 47.60
N ASN LA 70 117.02 -22.13 47.92
CA ASN LA 70 118.47 -22.16 47.78
C ASN LA 70 118.85 -23.16 46.69
N PRO LA 71 119.21 -22.71 45.49
CA PRO LA 71 119.66 -23.64 44.45
C PRO LA 71 121.14 -23.96 44.61
N THR LA 72 121.61 -24.91 43.81
CA THR LA 72 123.01 -25.30 43.82
C THR LA 72 123.46 -25.55 42.38
N ALA LA 73 124.74 -25.32 42.12
CA ALA LA 73 125.24 -25.32 40.75
C ALA LA 73 126.50 -26.17 40.62
N CYS LA 74 126.91 -26.34 39.37
CA CYS LA 74 128.11 -27.06 39.00
C CYS LA 74 128.74 -26.34 37.81
N THR LA 75 130.07 -26.39 37.73
CA THR LA 75 130.77 -25.70 36.65
C THR LA 75 131.19 -26.62 35.52
N ALA LA 76 131.42 -27.91 35.80
CA ALA LA 76 132.00 -28.80 34.79
C ALA LA 76 131.00 -29.21 33.70
N ASN LA 77 129.71 -29.27 34.02
CA ASN LA 77 128.70 -29.71 33.06
C ASN LA 77 128.71 -28.87 31.78
N GLY LA 78 129.04 -27.58 31.89
CA GLY LA 78 129.05 -26.71 30.72
C GLY LA 78 130.35 -25.94 30.59
N SER LA 79 131.23 -26.14 31.57
CA SER LA 79 132.55 -25.53 31.67
C SER LA 79 132.59 -24.04 31.35
N CYS LA 80 131.43 -23.39 31.16
CA CYS LA 80 131.40 -21.95 30.93
C CYS LA 80 130.55 -21.23 31.98
N ASP LA 81 129.22 -21.40 31.97
CA ASP LA 81 128.30 -20.76 32.91
C ASP LA 81 127.64 -21.81 33.79
N PRO LA 82 127.80 -21.76 35.12
CA PRO LA 82 127.21 -22.79 35.98
C PRO LA 82 125.69 -22.85 35.86
N SER LA 83 125.18 -24.08 35.85
CA SER LA 83 123.75 -24.37 35.78
C SER LA 83 123.29 -25.00 37.08
N VAL LA 84 122.02 -24.78 37.42
CA VAL LA 84 121.44 -25.31 38.64
C VAL LA 84 121.11 -26.78 38.46
N THR LA 85 121.61 -27.62 39.37
CA THR LA 85 121.41 -29.06 39.28
C THR LA 85 120.18 -29.49 40.09
N ARG LA 86 120.00 -28.90 41.25
CA ARG LA 86 118.88 -29.18 42.14
C ARG LA 86 118.67 -27.95 42.99
N GLN LA 87 117.54 -27.90 43.68
CA GLN LA 87 117.24 -26.79 44.57
C GLN LA 87 116.87 -27.32 45.94
N ALA LA 88 116.72 -26.41 46.88
CA ALA LA 88 116.31 -26.71 48.24
C ALA LA 88 115.25 -25.71 48.63
N TYR LA 89 114.13 -26.21 49.14
CA TYR LA 89 112.95 -25.39 49.31
C TYR LA 89 112.57 -25.28 50.78
N ALA LA 90 112.01 -24.14 51.13
CA ALA LA 90 111.48 -23.92 52.46
C ALA LA 90 110.30 -22.97 52.32
N ASP LA 91 109.22 -23.26 53.05
CA ASP LA 91 108.04 -22.42 52.98
C ASP LA 91 107.31 -22.53 54.31
N VAL LA 92 107.07 -21.40 54.96
CA VAL LA 92 106.27 -21.35 56.18
C VAL LA 92 105.02 -20.56 55.86
N THR LA 93 104.00 -20.73 56.69
CA THR LA 93 102.82 -19.88 56.60
C THR LA 93 102.23 -19.72 57.99
N PHE LA 94 102.21 -18.48 58.47
CA PHE LA 94 101.57 -18.16 59.73
C PHE LA 94 100.23 -17.52 59.45
N SER LA 95 99.26 -17.79 60.32
CA SER LA 95 97.93 -17.23 60.16
C SER LA 95 97.36 -17.01 61.56
N PHE LA 96 97.16 -15.76 61.93
CA PHE LA 96 96.63 -15.42 63.24
C PHE LA 96 95.20 -14.89 63.07
N THR LA 97 94.45 -14.94 64.16
CA THR LA 97 93.07 -14.50 64.12
C THR LA 97 93.02 -12.99 64.00
N GLN LA 98 91.87 -12.49 63.55
CA GLN LA 98 91.66 -11.06 63.44
C GLN LA 98 91.75 -10.39 64.81
N TYR LA 99 91.33 -11.09 65.88
CA TYR LA 99 91.46 -10.63 67.26
C TYR LA 99 92.75 -11.08 67.96
N SER LA 100 93.81 -11.38 67.22
CA SER LA 100 95.02 -11.88 67.83
C SER LA 100 95.81 -10.79 68.58
N THR LA 101 96.40 -11.18 69.71
CA THR LA 101 97.23 -10.30 70.55
C THR LA 101 98.68 -10.29 70.07
N ASP LA 102 99.38 -9.21 70.43
CA ASP LA 102 100.77 -9.06 70.03
C ASP LA 102 101.64 -10.17 70.60
N GLU LA 103 101.50 -10.47 71.89
CA GLU LA 103 102.37 -11.47 72.53
C GLU LA 103 102.18 -12.85 71.92
N GLU LA 104 100.94 -13.23 71.63
CA GLU LA 104 100.67 -14.53 71.01
C GLU LA 104 101.45 -14.69 69.72
N ARG LA 105 101.56 -13.60 68.96
CA ARG LA 105 102.17 -13.65 67.63
C ARG LA 105 103.66 -13.98 67.73
N ALA LA 106 104.38 -13.29 68.61
CA ALA LA 106 105.79 -13.58 68.80
C ALA LA 106 106.00 -14.96 69.41
N PHE LA 107 105.05 -15.43 70.22
CA PHE LA 107 105.18 -16.75 70.85
C PHE LA 107 105.24 -17.83 69.79
N VAL LA 108 104.31 -17.80 68.83
CA VAL LA 108 104.33 -18.74 67.72
C VAL LA 108 105.57 -18.53 66.85
N ARG LA 109 106.13 -17.32 66.87
CA ARG LA 109 107.31 -17.02 66.08
C ARG LA 109 108.56 -17.64 66.70
N THR LA 110 108.79 -17.40 67.99
CA THR LA 110 109.98 -17.94 68.63
C THR LA 110 109.85 -19.45 68.84
N GLU LA 111 108.62 -19.96 68.96
CA GLU LA 111 108.43 -21.39 69.05
C GLU LA 111 109.00 -22.10 67.83
N LEU LA 112 108.77 -21.54 66.64
CA LEU LA 112 109.30 -22.15 65.42
C LEU LA 112 110.81 -22.02 65.34
N ALA LA 113 111.36 -20.87 65.76
CA ALA LA 113 112.81 -20.68 65.73
C ALA LA 113 113.49 -21.66 66.69
N ALA LA 114 112.93 -21.82 67.90
CA ALA LA 114 113.47 -22.79 68.83
C ALA LA 114 113.19 -24.22 68.38
N LEU LA 115 112.04 -24.44 67.74
CA LEU LA 115 111.73 -25.77 67.24
C LEU LA 115 112.67 -26.16 66.11
N LEU LA 116 113.20 -25.17 65.37
CA LEU LA 116 114.19 -25.44 64.34
C LEU LA 116 115.54 -25.84 64.91
N ALA LA 117 115.75 -25.71 66.22
CA ALA LA 117 117.01 -26.09 66.83
C ALA LA 117 116.88 -27.24 67.80
N SER LA 118 115.68 -27.80 67.98
CA SER LA 118 115.52 -28.94 68.87
C SER LA 118 116.04 -30.20 68.20
N PRO LA 119 116.74 -31.06 68.96
CA PRO LA 119 117.25 -32.33 68.42
C PRO LA 119 116.30 -33.08 67.50
N LEU LA 120 115.01 -33.06 67.83
CA LEU LA 120 114.03 -33.82 67.05
C LEU LA 120 113.96 -33.32 65.61
N LEU LA 121 113.88 -32.00 65.42
CA LEU LA 121 113.82 -31.46 64.06
C LEU LA 121 115.15 -31.58 63.33
N ILE LA 122 116.26 -31.74 64.05
CA ILE LA 122 117.56 -31.91 63.39
C ILE LA 122 117.58 -33.19 62.56
N ASP LA 123 117.18 -34.32 63.15
CA ASP LA 123 117.15 -35.58 62.41
C ASP LA 123 116.00 -35.66 61.42
N ALA LA 124 114.96 -34.83 61.60
CA ALA LA 124 113.88 -34.79 60.63
C ALA LA 124 114.29 -34.05 59.37
N ILE LA 125 115.21 -33.11 59.48
CA ILE LA 125 115.62 -32.30 58.36
C ILE LA 125 116.95 -32.76 57.77
N ASP LA 126 117.95 -33.00 58.61
CA ASP LA 126 119.30 -33.29 58.12
C ASP LA 126 119.50 -34.77 57.78
N GLN LA 127 119.00 -35.67 58.63
CA GLN LA 127 119.05 -37.10 58.38
C GLN LA 127 117.73 -37.63 57.82
N LEU LA 128 116.71 -36.79 57.79
CA LEU LA 128 115.39 -37.08 57.23
C LEU LA 128 114.84 -38.40 57.77
N ASN LA 129 114.83 -38.51 59.09
CA ASN LA 129 114.18 -39.62 59.75
C ASN LA 129 113.13 -39.06 60.70
N PRO LA 130 111.92 -39.58 60.68
CA PRO LA 130 110.84 -39.00 61.49
C PRO LA 130 111.05 -39.25 62.97
N ALA LA 131 110.17 -38.63 63.76
CA ALA LA 131 110.12 -38.95 65.18
C ALA LA 131 109.64 -40.38 65.37
N TYR LA 132 110.30 -41.09 66.27
CA TYR LA 132 110.03 -42.51 66.50
C TYR LA 132 110.04 -42.85 67.98
N ALA MA 1 104.70 13.90 50.20
CA ALA MA 1 104.06 13.51 51.45
C ALA MA 1 104.78 12.33 52.08
N LYS MA 2 105.74 12.60 52.97
CA LYS MA 2 106.44 11.52 53.65
C LYS MA 2 105.53 10.89 54.70
N LEU MA 3 105.66 9.57 54.87
CA LEU MA 3 104.82 8.83 55.81
C LEU MA 3 105.39 8.95 57.22
N GLU MA 4 105.01 10.00 57.92
CA GLU MA 4 105.47 10.25 59.28
C GLU MA 4 104.48 9.68 60.29
N THR MA 5 104.83 9.80 61.57
CA THR MA 5 103.90 9.50 62.66
C THR MA 5 103.06 10.76 62.91
N VAL MA 6 101.80 10.72 62.51
CA VAL MA 6 100.92 11.88 62.61
C VAL MA 6 100.21 11.89 63.95
N THR MA 7 100.06 13.09 64.53
CA THR MA 7 99.39 13.28 65.81
C THR MA 7 98.45 14.47 65.66
N LEU MA 8 97.14 14.20 65.68
CA LEU MA 8 96.15 15.26 65.59
C LEU MA 8 95.81 15.75 66.99
N GLY MA 9 95.96 17.05 67.22
CA GLY MA 9 95.63 17.68 68.47
C GLY MA 9 94.38 18.52 68.34
N ASN MA 10 93.86 18.95 69.49
CA ASN MA 10 92.63 19.73 69.56
C ASN MA 10 91.51 19.00 68.82
N ILE MA 11 91.19 17.81 69.34
CA ILE MA 11 90.29 16.88 68.67
C ILE MA 11 89.21 16.48 69.65
N GLY MA 12 88.07 16.06 69.13
CA GLY MA 12 86.99 15.59 69.97
C GLY MA 12 85.90 16.63 70.13
N LYS MA 13 84.83 16.20 70.81
CA LYS MA 13 83.71 17.10 71.10
C LYS MA 13 84.18 18.30 71.90
N ASP MA 14 84.92 18.06 72.99
CA ASP MA 14 85.44 19.14 73.81
C ASP MA 14 86.44 20.00 73.04
N GLY MA 15 87.25 19.37 72.19
CA GLY MA 15 88.31 20.04 71.48
C GLY MA 15 89.65 20.08 72.17
N LYS MA 16 89.80 19.41 73.31
CA LYS MA 16 91.08 19.36 74.00
C LYS MA 16 91.61 17.93 74.13
N GLN MA 17 91.41 17.10 73.11
CA GLN MA 17 91.94 15.75 73.10
C GLN MA 17 92.98 15.62 71.98
N THR MA 18 93.65 14.46 71.95
CA THR MA 18 94.70 14.21 70.99
C THR MA 18 94.63 12.75 70.54
N LEU MA 19 95.17 12.51 69.34
CA LEU MA 19 95.12 11.19 68.72
C LEU MA 19 96.41 10.95 67.96
N VAL MA 20 97.07 9.84 68.27
CA VAL MA 20 98.37 9.48 67.69
C VAL MA 20 98.16 8.38 66.67
N LEU MA 21 98.77 8.55 65.49
CA LEU MA 21 98.65 7.60 64.38
C LEU MA 21 100.05 7.30 63.84
N ASN MA 22 100.56 6.11 64.17
CA ASN MA 22 101.84 5.71 63.60
C ASN MA 22 101.67 5.11 62.21
N PRO MA 23 102.65 5.27 61.34
CA PRO MA 23 102.55 4.71 59.99
C PRO MA 23 102.62 3.19 59.99
N ARG MA 24 101.92 2.59 59.03
CA ARG MA 24 101.92 1.14 58.85
C ARG MA 24 102.36 0.75 57.44
N GLY MA 25 102.92 1.67 56.69
CA GLY MA 25 103.45 1.38 55.38
C GLY MA 25 102.42 1.57 54.30
N VAL MA 26 102.83 1.27 53.08
CA VAL MA 26 101.94 1.37 51.93
C VAL MA 26 101.62 -0.03 51.43
N ASN MA 27 100.57 -0.11 50.62
CA ASN MA 27 100.17 -1.35 49.96
C ASN MA 27 100.33 -1.10 48.47
N PRO MA 28 101.48 -1.45 47.89
CA PRO MA 28 101.74 -1.09 46.48
C PRO MA 28 100.81 -1.76 45.49
N THR MA 29 99.99 -2.72 45.92
CA THR MA 29 99.01 -3.33 45.02
C THR MA 29 97.71 -2.54 45.00
N ASN MA 30 97.18 -2.18 46.17
CA ASN MA 30 95.98 -1.36 46.21
C ASN MA 30 96.27 0.11 45.94
N GLY MA 31 97.54 0.51 46.01
CA GLY MA 31 97.90 1.90 45.84
C GLY MA 31 97.32 2.80 46.92
N VAL MA 32 97.25 2.29 48.15
CA VAL MA 32 96.66 3.03 49.26
C VAL MA 32 97.66 3.01 50.40
N ALA MA 33 97.98 4.19 50.91
CA ALA MA 33 98.77 4.27 52.12
C ALA MA 33 97.85 4.09 53.32
N SER MA 34 98.40 3.55 54.40
CA SER MA 34 97.61 3.32 55.59
C SER MA 34 98.47 3.55 56.82
N LEU MA 35 97.82 4.03 57.87
CA LEU MA 35 98.47 4.24 59.15
C LEU MA 35 97.38 4.20 60.21
N SER MA 36 97.76 3.77 61.41
CA SER MA 36 96.77 3.39 62.41
C SER MA 36 97.23 3.80 63.79
N GLN MA 37 96.26 4.04 64.66
CA GLN MA 37 96.55 4.25 66.06
C GLN MA 37 97.05 2.95 66.66
N ALA MA 38 98.21 3.00 67.31
CA ALA MA 38 98.89 1.82 67.81
C ALA MA 38 98.10 1.14 68.91
N GLY MA 39 97.47 0.00 68.60
CA GLY MA 39 96.72 -0.75 69.57
C GLY MA 39 97.19 -2.19 69.60
N ALA MA 40 96.80 -2.89 70.67
CA ALA MA 40 97.21 -4.27 70.85
C ALA MA 40 96.67 -5.14 69.73
N VAL MA 41 95.35 -5.24 69.65
CA VAL MA 41 94.67 -6.11 68.69
C VAL MA 41 94.38 -5.30 67.43
N PRO MA 42 94.63 -5.85 66.23
CA PRO MA 42 94.35 -5.09 65.00
C PRO MA 42 92.90 -4.65 64.86
N ALA MA 43 91.95 -5.37 65.45
CA ALA MA 43 90.55 -4.99 65.28
C ALA MA 43 90.18 -3.75 66.05
N LEU MA 44 90.75 -3.59 67.25
CA LEU MA 44 90.35 -2.48 68.10
C LEU MA 44 90.89 -1.15 67.60
N GLU MA 45 92.02 -1.15 66.90
CA GLU MA 45 92.74 0.09 66.66
C GLU MA 45 92.03 0.97 65.63
N LYS MA 46 92.15 2.27 65.82
CA LYS MA 46 91.70 3.24 64.84
C LYS MA 46 92.67 3.28 63.68
N ARG MA 47 92.17 3.67 62.50
CA ARG MA 47 93.06 3.76 61.36
C ARG MA 47 92.48 4.75 60.35
N VAL MA 48 93.38 5.36 59.57
CA VAL MA 48 93.00 6.24 58.47
C VAL MA 48 93.92 5.92 57.30
N THR MA 49 93.40 6.13 56.08
CA THR MA 49 94.10 5.74 54.87
C THR MA 49 93.98 6.84 53.81
N VAL MA 50 95.10 7.13 53.15
CA VAL MA 50 95.15 8.16 52.12
C VAL MA 50 95.65 7.52 50.84
N SER MA 51 95.07 7.91 49.71
CA SER MA 51 95.44 7.33 48.42
C SER MA 51 95.20 8.35 47.31
N VAL MA 52 96.12 8.38 46.34
CA VAL MA 52 95.98 9.23 45.16
C VAL MA 52 96.13 8.35 43.93
N SER MA 53 95.33 8.63 42.89
CA SER MA 53 95.40 7.88 41.64
C SER MA 53 95.41 8.81 40.42
N GLN MA 54 96.35 8.57 39.49
CA GLN MA 54 96.40 9.29 38.22
C GLN MA 54 95.35 8.77 37.25
N PRO MA 55 94.96 9.55 36.24
CA PRO MA 55 93.93 9.07 35.32
C PRO MA 55 94.50 8.04 34.36
N SER MA 56 93.61 7.24 33.78
CA SER MA 56 94.02 6.20 32.83
C SER MA 56 92.80 5.83 31.99
N ARG MA 57 92.65 4.54 31.68
CA ARG MA 57 91.55 4.07 30.85
C ARG MA 57 90.29 3.87 31.67
N ASN MA 58 90.43 3.74 32.99
CA ASN MA 58 89.33 3.62 33.92
C ASN MA 58 88.70 5.00 34.09
N ARG MA 59 89.39 5.88 34.82
CA ARG MA 59 88.95 7.26 35.06
C ARG MA 59 89.94 8.23 34.43
N LYS MA 60 89.42 9.26 33.74
CA LYS MA 60 90.26 10.26 33.09
C LYS MA 60 90.36 11.56 33.89
N ASN MA 61 90.14 11.50 35.20
CA ASN MA 61 90.33 12.64 36.07
C ASN MA 61 90.99 12.21 37.38
N TYR MA 62 91.82 13.11 37.93
CA TYR MA 62 92.49 12.83 39.20
C TYR MA 62 91.50 12.63 40.34
N LYS MA 63 91.86 11.72 41.24
CA LYS MA 63 91.02 11.40 42.40
C LYS MA 63 91.88 11.08 43.61
N VAL MA 64 91.61 11.76 44.72
CA VAL MA 64 92.26 11.48 46.01
C VAL MA 64 91.18 11.27 47.05
N GLN MA 65 91.37 10.27 47.92
CA GLN MA 65 90.35 9.89 48.87
C GLN MA 65 90.99 9.44 50.18
N VAL MA 66 90.39 9.86 51.30
CA VAL MA 66 90.82 9.45 52.63
C VAL MA 66 89.67 8.71 53.29
N LYS MA 67 90.01 7.67 54.04
CA LYS MA 67 89.04 6.87 54.78
C LYS MA 67 89.38 6.93 56.27
N ILE MA 68 88.35 6.93 57.11
CA ILE MA 68 88.51 6.88 58.55
C ILE MA 68 87.66 5.73 59.09
N GLN MA 69 88.22 4.93 59.99
CA GLN MA 69 87.52 3.79 60.56
C GLN MA 69 87.85 3.71 62.05
N ASN MA 70 86.89 4.10 62.90
CA ASN MA 70 87.08 4.12 64.34
C ASN MA 70 86.13 3.13 65.01
N PRO MA 71 86.61 1.97 65.43
CA PRO MA 71 85.74 1.00 66.11
C PRO MA 71 85.64 1.28 67.60
N THR MA 72 84.75 0.54 68.25
CA THR MA 72 84.56 0.59 69.69
C THR MA 72 84.31 -0.82 70.20
N ALA MA 73 84.71 -1.08 71.44
CA ALA MA 73 84.70 -2.44 71.99
C ALA MA 73 84.04 -2.45 73.37
N CYS MA 74 83.83 -3.65 73.89
CA CYS MA 74 83.26 -3.81 75.21
C CYS MA 74 83.86 -5.04 75.90
N THR MA 75 84.08 -4.91 77.22
CA THR MA 75 84.65 -5.99 78.04
C THR MA 75 83.56 -6.72 78.81
N ALA MA 76 82.86 -6.01 79.69
CA ALA MA 76 81.57 -6.43 80.18
C ALA MA 76 81.79 -7.49 81.26
N ASN MA 77 81.20 -8.67 81.18
CA ASN MA 77 81.27 -9.70 82.21
C ASN MA 77 82.47 -10.61 81.98
N GLY MA 78 83.41 -10.57 82.92
CA GLY MA 78 84.61 -11.38 82.82
C GLY MA 78 85.50 -10.95 81.66
N SER MA 79 86.70 -10.44 81.95
CA SER MA 79 87.57 -9.98 80.86
C SER MA 79 88.04 -11.16 80.04
N CYS MA 80 87.56 -11.22 78.80
CA CYS MA 80 88.27 -11.94 77.78
C CYS MA 80 88.63 -10.90 76.73
N ASP MA 81 89.08 -11.35 75.57
CA ASP MA 81 89.44 -10.39 74.53
C ASP MA 81 88.21 -9.59 74.12
N PRO MA 82 88.21 -8.27 74.31
CA PRO MA 82 87.03 -7.47 73.95
C PRO MA 82 86.72 -7.58 72.47
N SER MA 83 85.44 -7.60 72.15
CA SER MA 83 84.99 -7.71 70.77
C SER MA 83 84.42 -6.38 70.34
N VAL MA 84 84.56 -6.07 69.05
CA VAL MA 84 84.09 -4.79 68.52
C VAL MA 84 82.57 -4.88 68.38
N THR MA 85 81.88 -3.91 68.97
CA THR MA 85 80.42 -3.93 68.99
C THR MA 85 79.83 -3.12 67.85
N ARG MA 86 80.42 -1.98 67.54
CA ARG MA 86 79.94 -1.14 66.45
C ARG MA 86 81.12 -0.31 65.96
N GLN MA 87 80.96 0.28 64.78
CA GLN MA 87 82.00 1.13 64.22
C GLN MA 87 81.42 2.47 63.80
N ALA MA 88 82.30 3.38 63.45
CA ALA MA 88 81.93 4.69 62.95
C ALA MA 88 82.83 4.99 61.76
N TYR MA 89 82.22 5.38 60.64
CA TYR MA 89 82.94 5.44 59.37
C TYR MA 89 82.97 6.88 58.85
N ALA MA 90 84.04 7.19 58.15
CA ALA MA 90 84.16 8.46 57.45
C ALA MA 90 84.96 8.18 56.20
N ASP MA 91 84.52 8.77 55.09
CA ASP MA 91 85.21 8.54 53.82
C ASP MA 91 84.95 9.75 52.95
N VAL MA 92 86.02 10.36 52.43
CA VAL MA 92 85.91 11.48 51.52
C VAL MA 92 86.39 11.02 50.14
N THR MA 93 86.01 11.79 49.13
CA THR MA 93 86.54 11.56 47.79
C THR MA 93 86.63 12.90 47.08
N PHE MA 94 87.85 13.29 46.74
CA PHE MA 94 88.10 14.50 45.97
C PHE MA 94 88.40 14.10 44.52
N SER MA 95 88.00 14.95 43.59
CA SER MA 95 88.29 14.68 42.18
C SER MA 95 88.45 16.02 41.50
N PHE MA 96 89.67 16.33 41.09
CA PHE MA 96 89.94 17.56 40.36
C PHE MA 96 90.31 17.20 38.93
N THR MA 97 90.15 18.18 38.04
CA THR MA 97 90.42 17.98 36.63
C THR MA 97 91.92 17.92 36.37
N GLN MA 98 92.25 17.43 35.17
CA GLN MA 98 93.64 17.32 34.77
C GLN MA 98 94.31 18.70 34.71
N TYR MA 99 93.58 19.73 34.29
CA TYR MA 99 94.06 21.11 34.28
C TYR MA 99 93.72 21.89 35.55
N SER MA 100 93.51 21.21 36.67
CA SER MA 100 93.16 21.92 37.90
C SER MA 100 94.37 22.65 38.47
N THR MA 101 94.12 23.84 39.02
CA THR MA 101 95.20 24.66 39.56
C THR MA 101 95.52 24.27 41.00
N ASP MA 102 96.75 24.61 41.40
CA ASP MA 102 97.19 24.31 42.76
C ASP MA 102 96.29 25.00 43.80
N GLU MA 103 96.04 26.30 43.61
CA GLU MA 103 95.24 27.05 44.59
C GLU MA 103 93.80 26.58 44.65
N GLU MA 104 93.19 26.22 43.52
CA GLU MA 104 91.83 25.71 43.54
C GLU MA 104 91.70 24.53 44.49
N ARG MA 105 92.71 23.67 44.50
CA ARG MA 105 92.66 22.44 45.28
C ARG MA 105 92.67 22.73 46.78
N ALA MA 106 93.56 23.63 47.22
CA ALA MA 106 93.62 23.98 48.63
C ALA MA 106 92.33 24.63 49.11
N PHE MA 107 91.67 25.40 48.25
CA PHE MA 107 90.42 26.04 48.64
C PHE MA 107 89.35 24.99 48.94
N VAL MA 108 89.19 24.02 48.05
CA VAL MA 108 88.25 22.93 48.30
C VAL MA 108 88.66 22.12 49.52
N ARG MA 109 89.96 22.12 49.84
CA ARG MA 109 90.44 21.38 51.00
C ARG MA 109 90.11 22.11 52.30
N THR MA 110 90.42 23.40 52.36
CA THR MA 110 90.12 24.17 53.57
C THR MA 110 88.62 24.41 53.71
N GLU MA 111 87.88 24.47 52.59
CA GLU MA 111 86.43 24.59 52.69
C GLU MA 111 85.84 23.42 53.45
N LEU MA 112 86.34 22.21 53.18
CA LEU MA 112 85.85 21.04 53.90
C LEU MA 112 86.26 21.10 55.36
N ALA MA 113 87.48 21.57 55.64
CA ALA MA 113 87.92 21.70 57.02
C ALA MA 113 87.07 22.71 57.77
N ALA MA 114 86.82 23.86 57.14
CA ALA MA 114 85.97 24.88 57.77
C ALA MA 114 84.51 24.47 57.80
N LEU MA 115 84.05 23.78 56.76
CA LEU MA 115 82.66 23.34 56.73
C LEU MA 115 82.38 22.30 57.81
N LEU MA 116 83.40 21.54 58.19
CA LEU MA 116 83.22 20.55 59.27
C LEU MA 116 83.05 21.22 60.63
N ALA MA 117 83.29 22.52 60.74
CA ALA MA 117 83.15 23.22 62.01
C ALA MA 117 82.05 24.27 62.01
N SER MA 118 81.30 24.39 60.93
CA SER MA 118 80.20 25.34 60.91
C SER MA 118 79.02 24.80 61.71
N PRO MA 119 78.32 25.66 62.47
CA PRO MA 119 77.16 25.22 63.25
C PRO MA 119 76.24 24.26 62.53
N LEU MA 120 76.05 24.47 61.23
CA LEU MA 120 75.15 23.61 60.45
C LEU MA 120 75.62 22.16 60.45
N LEU MA 121 76.92 21.95 60.17
CA LEU MA 121 77.45 20.59 60.15
C LEU MA 121 77.58 19.99 61.54
N ILE MA 122 77.62 20.82 62.59
CA ILE MA 122 77.69 20.27 63.95
C ILE MA 122 76.42 19.50 64.28
N ASP MA 123 75.26 20.11 64.07
CA ASP MA 123 74.01 19.41 64.33
C ASP MA 123 73.65 18.42 63.24
N ALA MA 124 74.24 18.56 62.06
CA ALA MA 124 74.02 17.57 61.00
C ALA MA 124 74.81 16.29 61.26
N ILE MA 125 75.94 16.39 61.95
CA ILE MA 125 76.82 15.25 62.18
C ILE MA 125 76.62 14.68 63.58
N ASP MA 126 76.57 15.55 64.58
CA ASP MA 126 76.51 15.12 65.98
C ASP MA 126 75.08 14.84 66.44
N GLN MA 127 74.13 15.70 66.07
CA GLN MA 127 72.73 15.54 66.45
C GLN MA 127 71.87 14.90 65.36
N LEU MA 128 72.40 14.78 64.15
CA LEU MA 128 71.72 14.13 63.01
C LEU MA 128 70.30 14.68 62.82
N ASN MA 129 70.20 15.99 62.72
CA ASN MA 129 68.97 16.64 62.31
C ASN MA 129 69.27 17.48 61.07
N PRO MA 130 68.45 17.38 60.03
CA PRO MA 130 68.77 18.08 58.79
C PRO MA 130 68.65 19.59 59.00
N ALA MA 131 69.06 20.33 57.98
CA ALA MA 131 68.82 21.77 58.01
C ALA MA 131 67.32 22.02 57.91
N TYR MA 132 66.77 22.65 58.94
CA TYR MA 132 65.34 22.92 58.97
C TYR MA 132 65.09 24.28 59.63
N ALA NA 1 71.40 21.81 61.95
CA ALA NA 1 70.83 22.96 62.64
C ALA NA 1 69.90 23.75 61.73
N LYS NA 2 69.69 25.02 62.06
CA LYS NA 2 68.88 25.89 61.24
C LYS NA 2 69.67 26.25 59.99
N LEU NA 3 68.97 26.38 58.87
CA LEU NA 3 69.64 26.68 57.60
C LEU NA 3 69.88 28.19 57.53
N GLU NA 4 70.97 28.62 58.16
CA GLU NA 4 71.34 30.02 58.22
C GLU NA 4 72.35 30.33 57.11
N THR NA 5 72.76 31.59 57.06
CA THR NA 5 73.82 32.03 56.15
C THR NA 5 75.17 31.75 56.80
N VAL NA 6 75.87 30.75 56.28
CA VAL NA 6 77.15 30.33 56.84
C VAL NA 6 78.26 31.08 56.12
N THR NA 7 79.28 31.48 56.89
CA THR NA 7 80.41 32.24 56.35
C THR NA 7 81.69 31.60 56.90
N LEU NA 8 82.45 30.94 56.04
CA LEU NA 8 83.70 30.32 56.44
C LEU NA 8 84.84 31.32 56.25
N GLY NA 9 85.60 31.56 57.32
CA GLY NA 9 86.73 32.43 57.30
C GLY NA 9 88.03 31.64 57.41
N ASN NA 10 89.13 32.34 57.18
CA ASN NA 10 90.46 31.74 57.19
C ASN NA 10 90.51 30.52 56.26
N ILE NA 11 90.30 30.81 54.98
CA ILE NA 11 90.10 29.79 53.96
C ILE NA 11 91.07 30.06 52.82
N GLY NA 12 91.40 29.01 52.08
CA GLY NA 12 92.25 29.15 50.93
C GLY NA 12 93.68 28.73 51.21
N LYS NA 13 94.47 28.71 50.13
CA LYS NA 13 95.89 28.41 50.27
C LYS NA 13 96.56 29.42 51.20
N ASP NA 14 96.25 30.71 51.00
CA ASP NA 14 96.84 31.76 51.84
C ASP NA 14 96.46 31.57 53.30
N GLY NA 15 95.21 31.19 53.55
CA GLY NA 15 94.68 31.12 54.88
C GLY NA 15 94.10 32.43 55.33
N LYS NA 16 94.11 33.44 54.46
CA LYS NA 16 93.58 34.76 54.76
C LYS NA 16 92.44 35.13 53.80
N GLN NA 17 91.62 34.18 53.42
CA GLN NA 17 90.46 34.45 52.56
C GLN NA 17 89.17 34.12 53.30
N THR NA 18 88.05 34.48 52.67
CA THR NA 18 86.75 34.26 53.26
C THR NA 18 85.75 33.93 52.16
N LEU NA 19 84.70 33.21 52.55
CA LEU NA 19 83.69 32.73 51.60
C LEU NA 19 82.32 32.76 52.28
N VAL NA 20 81.36 33.45 51.68
CA VAL NA 20 80.03 33.62 52.23
C VAL NA 20 79.05 32.76 51.44
N LEU NA 21 78.20 32.02 52.15
CA LEU NA 21 77.26 31.07 51.56
C LEU NA 21 75.87 31.28 52.13
N ASN NA 22 74.94 31.84 51.31
CA ASN NA 22 73.57 32.00 51.76
C ASN NA 22 72.78 30.71 51.61
N PRO NA 23 71.81 30.46 52.50
CA PRO NA 23 71.02 29.23 52.42
C PRO NA 23 70.07 29.24 51.23
N ARG NA 24 69.83 28.05 50.68
CA ARG NA 24 68.92 27.91 49.55
C ARG NA 24 67.83 26.84 49.78
N GLY NA 25 67.63 26.40 51.01
CA GLY NA 25 66.51 25.51 51.27
C GLY NA 25 66.90 24.05 51.12
N VAL NA 26 65.89 23.19 51.22
CA VAL NA 26 66.08 21.76 51.12
C VAL NA 26 65.51 21.30 49.77
N ASN NA 27 65.74 20.03 49.46
CA ASN NA 27 65.23 19.38 48.25
C ASN NA 27 64.15 18.40 48.67
N PRO NA 28 62.88 18.80 48.66
CA PRO NA 28 61.82 17.91 49.16
C PRO NA 28 61.67 16.62 48.35
N THR NA 29 62.33 16.50 47.19
CA THR NA 29 62.38 15.23 46.49
C THR NA 29 63.59 14.41 46.92
N ASN NA 30 64.79 15.01 46.89
CA ASN NA 30 66.02 14.33 47.29
C ASN NA 30 66.21 14.29 48.81
N GLY NA 31 65.49 15.12 49.56
CA GLY NA 31 65.73 15.22 50.98
C GLY NA 31 67.12 15.73 51.32
N VAL NA 32 67.63 16.68 50.53
CA VAL NA 32 68.98 17.22 50.70
C VAL NA 32 68.87 18.74 50.74
N ALA NA 33 69.51 19.33 51.74
CA ALA NA 33 69.61 20.78 51.77
C ALA NA 33 70.75 21.23 50.87
N SER NA 34 70.63 22.45 50.35
CA SER NA 34 71.63 23.01 49.47
C SER NA 34 71.77 24.49 49.77
N LEU NA 35 72.98 25.00 49.58
CA LEU NA 35 73.27 26.41 49.77
C LEU NA 35 74.48 26.77 48.94
N SER NA 36 74.58 28.04 48.59
CA SER NA 36 75.46 28.46 47.51
C SER NA 36 76.23 29.71 47.92
N GLN NA 37 77.36 29.90 47.25
CA GLN NA 37 78.22 31.05 47.45
C GLN NA 37 77.49 32.34 47.06
N ALA NA 38 77.58 33.34 47.93
CA ALA NA 38 76.90 34.62 47.71
C ALA NA 38 77.46 35.27 46.46
N GLY NA 39 77.08 34.74 45.29
CA GLY NA 39 77.57 35.24 44.03
C GLY NA 39 76.41 35.55 43.09
N ALA NA 40 76.74 36.29 42.03
CA ALA NA 40 75.75 36.75 41.08
C ALA NA 40 75.04 35.59 40.37
N VAL NA 41 75.80 34.81 39.60
CA VAL NA 41 75.24 33.82 38.67
C VAL NA 41 75.01 32.44 39.29
N PRO NA 42 73.82 31.84 39.08
CA PRO NA 42 73.57 30.49 39.61
C PRO NA 42 74.46 29.41 39.00
N ALA NA 43 74.84 29.56 37.72
CA ALA NA 43 75.67 28.54 37.09
C ALA NA 43 77.13 28.65 37.53
N LEU NA 44 77.61 29.88 37.69
CA LEU NA 44 79.01 30.11 38.03
C LEU NA 44 79.33 29.79 39.49
N GLU NA 45 78.36 29.91 40.39
CA GLU NA 45 78.63 29.97 41.82
C GLU NA 45 79.05 28.62 42.40
N LYS NA 46 79.80 28.69 43.51
CA LYS NA 46 80.11 27.51 44.28
C LYS NA 46 78.85 27.03 45.02
N ARG NA 47 78.81 25.74 45.35
CA ARG NA 47 77.66 25.17 46.04
C ARG NA 47 78.10 24.02 46.94
N VAL NA 48 77.32 23.80 48.01
CA VAL NA 48 77.50 22.66 48.90
C VAL NA 48 76.13 22.13 49.31
N THR NA 49 76.07 20.83 49.61
CA THR NA 49 74.83 20.15 49.92
C THR NA 49 75.01 19.20 51.10
N VAL NA 50 74.06 19.22 52.04
CA VAL NA 50 74.13 18.42 53.26
C VAL NA 50 72.87 17.56 53.36
N SER NA 51 73.03 16.32 53.85
CA SER NA 51 71.90 15.39 53.96
C SER NA 51 72.10 14.42 55.10
N VAL NA 52 71.02 14.14 55.85
CA VAL NA 52 70.99 13.10 56.88
C VAL NA 52 69.82 12.17 56.58
N SER NA 53 70.01 10.86 56.78
CA SER NA 53 68.98 9.89 56.42
C SER NA 53 68.67 8.85 57.52
N GLN NA 54 67.38 8.64 57.79
CA GLN NA 54 66.95 7.53 58.66
C GLN NA 54 66.97 6.22 57.87
N PRO NA 55 67.79 5.25 58.26
CA PRO NA 55 68.02 4.03 57.48
C PRO NA 55 66.90 3.00 57.59
N SER NA 56 66.39 2.53 56.45
CA SER NA 56 65.34 1.50 56.48
C SER NA 56 65.40 0.56 55.29
N ARG NA 57 65.73 1.08 54.10
CA ARG NA 57 65.69 0.30 52.87
C ARG NA 57 66.97 -0.49 52.58
N ASN NA 58 68.05 0.21 52.27
CA ASN NA 58 69.31 -0.48 51.94
C ASN NA 58 69.95 -1.04 53.21
N ARG NA 59 70.51 -0.18 54.04
CA ARG NA 59 71.09 -0.57 55.32
C ARG NA 59 70.27 0.05 56.46
N LYS NA 60 70.54 -0.44 57.68
CA LYS NA 60 69.87 0.06 58.89
C LYS NA 60 70.79 0.83 59.83
N ASN NA 61 71.79 1.55 59.31
CA ASN NA 61 72.66 2.39 60.14
C ASN NA 61 72.77 3.78 59.51
N TYR NA 62 72.76 4.80 60.37
CA TYR NA 62 72.66 6.20 59.93
C TYR NA 62 73.79 6.58 58.99
N LYS NA 63 73.45 7.48 58.05
CA LYS NA 63 74.40 7.96 57.04
C LYS NA 63 74.15 9.44 56.78
N VAL NA 64 75.21 10.24 56.89
CA VAL NA 64 75.18 11.67 56.59
C VAL NA 64 76.28 11.97 55.57
N GLN NA 65 75.96 12.82 54.60
CA GLN NA 65 76.87 13.08 53.50
C GLN NA 65 76.79 14.53 53.05
N VAL NA 66 77.95 15.17 52.88
CA VAL NA 66 78.04 16.52 52.34
C VAL NA 66 78.91 16.50 51.09
N LYS NA 67 78.51 17.26 50.09
CA LYS NA 67 79.25 17.39 48.84
C LYS NA 67 79.63 18.85 48.61
N ILE NA 68 80.77 19.05 47.95
CA ILE NA 68 81.25 20.37 47.55
C ILE NA 68 81.46 20.35 46.05
N GLN NA 69 81.02 21.43 45.38
CA GLN NA 69 81.15 21.55 43.93
C GLN NA 69 81.57 22.98 43.62
N ASN NA 70 82.84 23.14 43.26
CA ASN NA 70 83.39 24.47 42.98
C ASN NA 70 83.78 24.54 41.51
N PRO NA 71 82.97 25.18 40.66
CA PRO NA 71 83.37 25.36 39.26
C PRO NA 71 84.22 26.61 39.11
N THR NA 72 84.77 26.77 37.92
CA THR NA 72 85.56 27.95 37.59
C THR NA 72 85.27 28.35 36.15
N ALA NA 73 85.39 29.65 35.87
CA ALA NA 73 84.97 30.19 34.59
C ALA NA 73 86.06 31.07 33.98
N CYS NA 74 85.80 31.45 32.73
CA CYS NA 74 86.68 32.32 31.95
C CYS NA 74 85.82 33.23 31.09
N THR NA 75 86.42 34.30 30.58
CA THR NA 75 85.67 35.27 29.76
C THR NA 75 85.18 34.68 28.44
N ALA NA 76 85.87 33.66 27.91
CA ALA NA 76 85.50 33.04 26.63
C ALA NA 76 85.65 33.98 25.43
N ASN NA 77 86.69 34.81 25.46
CA ASN NA 77 87.09 35.74 24.39
C ASN NA 77 85.94 36.44 23.66
N GLY NA 78 84.74 36.42 24.23
CA GLY NA 78 83.61 37.08 23.63
C GLY NA 78 83.00 37.95 24.72
N SER NA 79 83.54 37.74 25.92
CA SER NA 79 83.22 38.48 27.15
C SER NA 79 81.73 38.81 27.27
N CYS NA 80 80.86 37.90 26.84
CA CYS NA 80 79.43 38.10 27.07
C CYS NA 80 78.80 37.07 27.97
N ASP NA 81 79.31 35.86 28.00
CA ASP NA 81 78.76 34.92 28.96
C ASP NA 81 79.93 34.08 29.44
N PRO NA 82 80.33 34.21 30.70
CA PRO NA 82 81.45 33.38 31.17
C PRO NA 82 81.07 31.92 31.11
N SER NA 83 82.02 31.09 30.67
CA SER NA 83 81.77 29.67 30.54
C SER NA 83 82.58 28.90 31.56
N VAL NA 84 82.02 27.79 32.03
CA VAL NA 84 82.70 26.93 32.99
C VAL NA 84 83.70 26.07 32.23
N THR NA 85 84.96 26.14 32.64
CA THR NA 85 86.04 25.42 31.95
C THR NA 85 86.35 24.10 32.61
N ARG NA 86 86.35 24.08 33.94
CA ARG NA 86 86.64 22.89 34.72
C ARG NA 86 85.95 23.04 36.06
N GLN NA 87 85.86 21.93 36.79
CA GLN NA 87 85.22 21.93 38.09
C GLN NA 87 86.16 21.33 39.13
N ALA NA 88 85.76 21.44 40.39
CA ALA NA 88 86.50 20.85 41.49
C ALA NA 88 85.49 20.19 42.43
N TYR NA 89 85.74 18.93 42.76
CA TYR NA 89 84.76 18.11 43.45
C TYR NA 89 85.29 17.72 44.82
N ALA NA 90 84.37 17.60 45.77
CA ALA NA 90 84.68 17.09 47.09
C ALA NA 90 83.43 16.40 47.61
N ASP NA 91 83.61 15.24 48.22
CA ASP NA 91 82.47 14.48 48.72
C ASP NA 91 82.88 13.63 49.90
N VAL NA 92 82.17 13.78 51.03
CA VAL NA 92 82.38 12.94 52.19
C VAL NA 92 81.13 12.10 52.40
N THR NA 93 81.27 11.04 53.17
CA THR NA 93 80.11 10.25 53.59
C THR NA 93 80.41 9.63 54.94
N PHE NA 94 79.62 9.99 55.94
CA PHE NA 94 79.73 9.40 57.26
C PHE NA 94 78.62 8.38 57.44
N SER NA 95 78.92 7.32 58.19
CA SER NA 95 77.91 6.29 58.46
C SER NA 95 78.17 5.70 59.84
N PHE NA 96 77.29 5.95 60.78
CA PHE NA 96 77.41 5.44 62.14
C PHE NA 96 76.34 4.39 62.41
N THR NA 97 76.60 3.55 63.41
CA THR NA 97 75.67 2.52 63.79
C THR NA 97 74.48 3.14 64.53
N GLN NA 98 73.38 2.38 64.62
CA GLN NA 98 72.21 2.86 65.33
C GLN NA 98 72.52 3.10 66.81
N TYR NA 99 73.43 2.32 67.39
CA TYR NA 99 73.85 2.51 68.78
C TYR NA 99 75.03 3.46 68.93
N SER NA 100 75.31 4.32 67.97
CA SER NA 100 76.46 5.20 68.09
C SER NA 100 76.20 6.31 69.10
N THR NA 101 77.21 6.64 69.89
CA THR NA 101 77.13 7.69 70.89
C THR NA 101 77.46 9.04 70.27
N ASP NA 102 77.00 10.10 70.93
CA ASP NA 102 77.24 11.45 70.44
C ASP NA 102 78.73 11.74 70.30
N GLU NA 103 79.52 11.41 71.33
CA GLU NA 103 80.95 11.70 71.29
C GLU NA 103 81.64 10.92 70.17
N GLU NA 104 81.24 9.66 69.96
CA GLU NA 104 81.83 8.89 68.86
C GLU NA 104 81.69 9.64 67.55
N ARG NA 105 80.54 10.27 67.35
CA ARG NA 105 80.26 10.95 66.08
C ARG NA 105 81.14 12.19 65.92
N ALA NA 106 81.22 13.02 66.96
CA ALA NA 106 82.02 14.23 66.90
C ALA NA 106 83.49 13.93 66.74
N PHE NA 107 83.96 12.82 67.31
CA PHE NA 107 85.38 12.48 67.19
C PHE NA 107 85.75 12.23 65.74
N VAL NA 108 84.93 11.43 65.05
CA VAL NA 108 85.14 11.20 63.62
C VAL NA 108 84.98 12.50 62.85
N ARG NA 109 84.22 13.44 63.40
CA ARG NA 109 84.02 14.73 62.74
C ARG NA 109 85.26 15.61 62.88
N THR NA 110 85.75 15.77 64.11
CA THR NA 110 86.91 16.63 64.32
C THR NA 110 88.19 16.00 63.80
N GLU NA 111 88.26 14.66 63.80
CA GLU NA 111 89.43 13.99 63.22
C GLU NA 111 89.60 14.36 61.76
N LEU NA 112 88.50 14.44 61.01
CA LEU NA 112 88.57 14.83 59.60
C LEU NA 112 89.00 16.28 59.46
N ALA NA 113 88.54 17.16 60.35
CA ALA NA 113 88.93 18.57 60.29
C ALA NA 113 90.43 18.72 60.53
N ALA NA 114 90.97 18.01 61.52
CA ALA NA 114 92.40 18.06 61.77
C ALA NA 114 93.18 17.30 60.70
N LEU NA 115 92.62 16.19 60.20
CA LEU NA 115 93.31 15.42 59.16
C LEU NA 115 93.38 16.18 57.85
N LEU NA 116 92.41 17.08 57.59
CA LEU NA 116 92.47 17.88 56.38
C LEU NA 116 93.55 18.95 56.43
N ALA NA 117 94.17 19.16 57.59
CA ALA NA 117 95.24 20.14 57.73
C ALA NA 117 96.58 19.52 58.09
N SER NA 118 96.66 18.19 58.18
CA SER NA 118 97.93 17.54 58.52
C SER NA 118 98.86 17.55 57.31
N PRO NA 119 100.17 17.81 57.52
CA PRO NA 119 101.14 17.85 56.43
C PRO NA 119 100.98 16.75 55.39
N LEU NA 120 100.60 15.55 55.83
CA LEU NA 120 100.46 14.42 54.92
C LEU NA 120 99.38 14.71 53.86
N LEU NA 121 98.23 15.23 54.30
CA LEU NA 121 97.15 15.58 53.37
C LEU NA 121 97.49 16.80 52.52
N ILE NA 122 98.47 17.61 52.92
CA ILE NA 122 98.86 18.76 52.10
C ILE NA 122 99.35 18.31 50.74
N ASP NA 123 100.31 17.37 50.73
CA ASP NA 123 100.83 16.88 49.45
C ASP NA 123 99.91 15.89 48.76
N ALA NA 124 98.98 15.28 49.48
CA ALA NA 124 98.01 14.40 48.84
C ALA NA 124 96.93 15.19 48.10
N ILE NA 125 96.63 16.39 48.56
CA ILE NA 125 95.56 17.21 48.01
C ILE NA 125 96.10 18.27 47.08
N ASP NA 126 97.11 19.02 47.52
CA ASP NA 126 97.58 20.17 46.77
C ASP NA 126 98.62 19.81 45.72
N GLN NA 127 99.57 18.96 46.06
CA GLN NA 127 100.59 18.48 45.13
C GLN NA 127 100.27 17.11 44.56
N LEU NA 128 99.25 16.44 45.08
CA LEU NA 128 98.84 15.10 44.63
C LEU NA 128 100.04 14.14 44.65
N ASN NA 129 100.69 14.07 45.81
CA ASN NA 129 101.73 13.10 46.03
C ASN NA 129 101.31 12.19 47.18
N PRO NA 130 101.35 10.89 47.00
CA PRO NA 130 100.88 9.98 48.05
C PRO NA 130 101.84 9.97 49.22
N ALA NA 131 101.41 9.28 50.27
CA ALA NA 131 102.30 8.98 51.36
C ALA NA 131 103.37 8.00 50.90
N TYR NA 132 104.62 8.31 51.26
CA TYR NA 132 105.76 7.51 50.84
C TYR NA 132 106.75 7.35 51.98
N ALA OA 1 50.83 23.44 64.25
CA ALA OA 1 51.41 24.74 64.50
C ALA OA 1 52.92 24.70 64.35
N LYS OA 2 53.62 25.63 65.01
CA LYS OA 2 55.07 25.66 64.97
C LYS OA 2 55.64 24.51 65.79
N LEU OA 3 56.79 23.98 65.33
CA LEU OA 3 57.44 22.85 66.00
C LEU OA 3 58.25 23.35 67.18
N GLU OA 4 57.58 23.51 68.33
CA GLU OA 4 58.25 23.94 69.54
C GLU OA 4 58.65 22.71 70.36
N THR OA 5 59.29 22.94 71.50
CA THR OA 5 59.62 21.86 72.42
C THR OA 5 58.42 21.58 73.31
N VAL OA 6 57.76 20.44 73.08
CA VAL OA 6 56.54 20.06 73.80
C VAL OA 6 56.92 19.24 75.02
N THR OA 7 56.22 19.48 76.13
CA THR OA 7 56.48 18.80 77.39
C THR OA 7 55.16 18.34 78.00
N LEU OA 8 54.96 17.03 78.04
CA LEU OA 8 53.76 16.46 78.65
C LEU OA 8 54.00 16.21 80.13
N GLY OA 9 53.13 16.77 80.97
CA GLY OA 9 53.21 16.61 82.40
C GLY OA 9 52.10 15.72 82.94
N ASN OA 10 52.27 15.33 84.20
CA ASN OA 10 51.33 14.45 84.90
C ASN OA 10 51.06 13.18 84.08
N ILE OA 11 52.14 12.42 83.91
CA ILE OA 11 52.19 11.28 83.00
C ILE OA 11 52.66 10.06 83.79
N GLY OA 12 52.34 8.88 83.27
CA GLY OA 12 52.74 7.64 83.89
C GLY OA 12 51.57 6.97 84.61
N LYS OA 13 51.85 5.76 85.09
CA LYS OA 13 50.82 5.01 85.81
C LYS OA 13 50.29 5.81 86.99
N ASP OA 14 51.20 6.30 87.84
CA ASP OA 14 50.82 7.15 88.95
C ASP OA 14 50.29 8.50 88.48
N GLY OA 15 50.88 9.06 87.43
CA GLY OA 15 50.50 10.39 87.00
C GLY OA 15 51.31 11.54 87.56
N LYS OA 16 52.44 11.27 88.23
CA LYS OA 16 53.26 12.32 88.82
C LYS OA 16 54.64 12.38 88.18
N GLN OA 17 54.70 12.18 86.86
CA GLN OA 17 55.92 12.30 86.07
C GLN OA 17 55.75 13.39 85.02
N THR OA 18 56.85 13.68 84.32
CA THR OA 18 56.89 14.68 83.27
C THR OA 18 57.83 14.20 82.18
N LEU OA 19 57.62 14.68 80.97
CA LEU OA 19 58.36 14.21 79.81
C LEU OA 19 58.66 15.35 78.85
N VAL OA 20 59.94 15.52 78.53
CA VAL OA 20 60.41 16.61 77.67
C VAL OA 20 60.78 16.04 76.31
N LEU OA 21 60.30 16.70 75.25
CA LEU OA 21 60.52 16.26 73.86
C LEU OA 21 61.01 17.46 73.05
N ASN OA 22 62.32 17.48 72.74
CA ASN OA 22 62.80 18.57 71.90
C ASN OA 22 62.55 18.28 70.42
N PRO OA 23 62.31 19.31 69.62
CA PRO OA 23 62.06 19.09 68.19
C PRO OA 23 63.32 18.65 67.46
N ARG OA 24 63.12 17.83 66.42
CA ARG OA 24 64.22 17.33 65.60
C ARG OA 24 63.97 17.62 64.11
N GLY OA 25 63.02 18.49 63.81
CA GLY OA 25 62.79 18.91 62.44
C GLY OA 25 61.75 18.09 61.72
N VAL OA 26 61.57 18.42 60.45
CA VAL OA 26 60.60 17.76 59.60
C VAL OA 26 61.32 16.91 58.55
N ASN OA 27 60.56 16.03 57.90
CA ASN OA 27 61.07 15.16 56.84
C ASN OA 27 60.35 15.55 55.56
N PRO OA 28 60.93 16.44 54.75
CA PRO OA 28 60.21 16.95 53.57
C PRO OA 28 59.93 15.90 52.50
N THR OA 29 60.52 14.70 52.61
CA THR OA 29 60.21 13.62 51.69
C THR OA 29 59.04 12.78 52.20
N ASN OA 30 59.08 12.37 53.47
CA ASN OA 30 57.99 11.61 54.04
C ASN OA 30 56.82 12.51 54.42
N GLY OA 31 57.05 13.82 54.49
CA GLY OA 31 56.01 14.75 54.90
C GLY OA 31 55.52 14.53 56.31
N VAL OA 32 56.43 14.13 57.20
CA VAL OA 32 56.09 13.83 58.59
C VAL OA 32 57.04 14.60 59.49
N ALA OA 33 56.47 15.36 60.43
CA ALA OA 33 57.28 15.98 61.45
C ALA OA 33 57.61 14.97 62.53
N SER OA 34 58.75 15.17 63.17
CA SER OA 34 59.18 14.25 64.21
C SER OA 34 59.91 15.04 65.29
N LEU OA 35 59.79 14.56 66.51
CA LEU OA 35 60.50 15.13 67.64
C LEU OA 35 60.64 14.04 68.69
N SER OA 36 61.71 14.15 69.48
CA SER OA 36 62.13 13.03 70.31
C SER OA 36 62.64 13.52 71.65
N GLN OA 37 62.51 12.66 72.65
CA GLN OA 37 63.12 12.94 73.94
C GLN OA 37 64.63 12.84 73.79
N ALA OA 38 65.34 13.89 74.20
CA ALA OA 38 66.78 14.02 73.96
C ALA OA 38 67.56 12.95 74.72
N GLY OA 39 68.08 11.95 74.00
CA GLY OA 39 68.88 10.92 74.61
C GLY OA 39 70.21 10.80 73.90
N ALA OA 40 71.15 10.14 74.59
CA ALA OA 40 72.50 9.98 74.07
C ALA OA 40 72.49 9.18 72.78
N VAL OA 41 72.06 7.93 72.86
CA VAL OA 41 72.08 7.00 71.74
C VAL OA 41 70.74 7.10 71.01
N PRO OA 42 70.75 7.19 69.68
CA PRO OA 42 69.48 7.31 68.95
C PRO OA 42 68.50 6.18 69.18
N ALA OA 43 68.98 4.98 69.49
CA ALA OA 43 68.06 3.85 69.64
C ALA OA 43 67.26 3.93 70.92
N LEU OA 44 67.87 4.44 71.99
CA LEU OA 44 67.19 4.47 73.28
C LEU OA 44 66.09 5.52 73.33
N GLU OA 45 66.18 6.57 72.52
CA GLU OA 45 65.34 7.74 72.76
C GLU OA 45 63.88 7.47 72.43
N LYS OA 46 63.01 8.13 73.20
CA LYS OA 46 61.57 8.12 72.91
C LYS OA 46 61.30 9.04 71.73
N ARG OA 47 60.21 8.78 71.01
CA ARG OA 47 59.90 9.58 69.85
C ARG OA 47 58.40 9.58 69.57
N VAL OA 48 57.93 10.69 68.99
CA VAL OA 48 56.56 10.82 68.50
C VAL OA 48 56.64 11.60 67.18
N THR OA 49 55.69 11.32 66.28
CA THR OA 49 55.70 11.90 64.94
C THR OA 49 54.29 12.31 64.53
N VAL OA 50 54.15 13.52 63.97
CA VAL OA 50 52.87 14.04 63.55
C VAL OA 50 52.94 14.40 62.06
N SER OA 51 51.87 14.11 61.33
CA SER OA 51 51.84 14.38 59.90
C SER OA 51 50.40 14.58 59.44
N VAL OA 52 50.20 15.54 58.54
CA VAL OA 52 48.90 15.79 57.93
C VAL OA 52 49.05 15.76 56.41
N SER OA 53 48.06 15.21 55.71
CA SER OA 53 48.07 15.14 54.25
C SER OA 53 46.76 15.60 53.63
N GLN OA 54 46.84 16.50 52.65
CA GLN OA 54 45.66 16.90 51.87
C GLN OA 54 45.31 15.80 50.85
N PRO OA 55 44.08 15.80 50.33
CA PRO OA 55 43.66 14.71 49.44
C PRO OA 55 44.30 14.83 48.06
N SER OA 56 44.07 13.80 47.25
CA SER OA 56 44.60 13.76 45.89
C SER OA 56 43.75 12.81 45.03
N ARG OA 57 44.40 12.08 44.12
CA ARG OA 57 43.65 11.11 43.33
C ARG OA 57 43.53 9.80 44.09
N ASN OA 58 44.44 9.58 45.04
CA ASN OA 58 44.41 8.40 45.89
C ASN OA 58 43.08 8.34 46.66
N ARG OA 59 42.86 9.26 47.59
CA ARG OA 59 41.63 9.34 48.35
C ARG OA 59 41.37 10.80 48.72
N LYS OA 60 40.11 11.25 48.60
CA LYS OA 60 39.79 12.66 48.79
C LYS OA 60 39.29 12.98 50.20
N ASN OA 61 40.05 12.55 51.20
CA ASN OA 61 39.81 12.88 52.60
C ASN OA 61 41.11 13.28 53.27
N TYR OA 62 41.02 14.20 54.24
CA TYR OA 62 42.19 14.60 55.00
C TYR OA 62 42.50 13.50 56.01
N LYS OA 63 43.79 13.28 56.26
CA LYS OA 63 44.18 12.26 57.22
C LYS OA 63 45.41 12.75 57.99
N VAL OA 64 45.31 12.71 59.32
CA VAL OA 64 46.38 13.06 60.22
C VAL OA 64 46.61 11.89 61.16
N GLN OA 65 47.88 11.58 61.41
CA GLN OA 65 48.22 10.41 62.21
C GLN OA 65 49.48 10.72 63.02
N VAL OA 66 49.45 10.35 64.30
CA VAL OA 66 50.60 10.48 65.17
C VAL OA 66 50.97 9.09 65.67
N LYS OA 67 52.27 8.83 65.73
CA LYS OA 67 52.81 7.56 66.20
C LYS OA 67 53.69 7.80 67.42
N ILE OA 68 53.72 6.81 68.32
CA ILE OA 68 54.55 6.85 69.51
C ILE OA 68 55.43 5.59 69.52
N GLN OA 69 56.71 5.76 69.83
CA GLN OA 69 57.65 4.64 69.88
C GLN OA 69 58.58 4.83 71.08
N ASN OA 70 58.36 4.05 72.13
CA ASN OA 70 59.16 4.13 73.36
C ASN OA 70 59.93 2.83 73.58
N PRO OA 71 61.22 2.79 73.29
CA PRO OA 71 62.02 1.58 73.53
C PRO OA 71 62.55 1.51 74.96
N THR OA 72 63.13 0.35 75.30
CA THR OA 72 63.72 0.09 76.60
C THR OA 72 64.99 -0.76 76.47
N ALA OA 73 65.91 -0.62 77.44
CA ALA OA 73 67.22 -1.25 77.35
C ALA OA 73 67.54 -2.03 78.62
N CYS OA 74 68.63 -2.79 78.56
CA CYS OA 74 69.06 -3.60 79.69
C CYS OA 74 70.58 -3.63 79.75
N THR OA 75 71.14 -3.66 80.98
CA THR OA 75 72.59 -3.53 81.12
C THR OA 75 73.39 -4.76 81.59
N ALA OA 76 72.87 -5.62 82.48
CA ALA OA 76 73.79 -6.20 83.49
C ALA OA 76 74.80 -7.20 82.89
N ASN OA 77 74.47 -7.86 81.78
CA ASN OA 77 75.43 -8.83 81.23
C ASN OA 77 76.45 -8.13 80.36
N GLY OA 78 76.01 -7.13 79.63
CA GLY OA 78 76.90 -6.40 78.77
C GLY OA 78 77.35 -5.11 79.41
N SER OA 79 76.40 -4.33 79.94
CA SER OA 79 76.69 -3.05 80.59
C SER OA 79 77.70 -2.17 79.84
N CYS OA 80 78.36 -2.71 78.81
CA CYS OA 80 79.23 -1.87 78.00
C CYS OA 80 78.40 -0.73 77.41
N ASP OA 81 77.46 -1.07 76.54
CA ASP OA 81 76.52 -0.13 75.96
C ASP OA 81 75.16 -0.85 75.93
N PRO OA 82 74.16 -0.31 76.63
CA PRO OA 82 72.86 -0.99 76.70
C PRO OA 82 72.23 -1.20 75.33
N SER OA 83 71.60 -2.36 75.17
CA SER OA 83 70.91 -2.74 73.95
C SER OA 83 69.41 -2.77 74.19
N VAL OA 84 68.64 -2.48 73.15
CA VAL OA 84 67.18 -2.45 73.28
C VAL OA 84 66.65 -3.87 73.25
N THR OA 85 65.88 -4.23 74.28
CA THR OA 85 65.35 -5.59 74.44
C THR OA 85 63.91 -5.73 73.94
N ARG OA 86 63.09 -4.71 74.18
CA ARG OA 86 61.70 -4.73 73.77
C ARG OA 86 61.25 -3.30 73.54
N GLN OA 87 60.14 -3.13 72.83
CA GLN OA 87 59.62 -1.80 72.54
C GLN OA 87 58.14 -1.71 72.93
N ALA OA 88 57.62 -0.49 72.84
CA ALA OA 88 56.22 -0.20 73.08
C ALA OA 88 55.73 0.75 72.00
N TYR OA 89 54.63 0.39 71.34
CA TYR OA 89 54.19 1.08 70.15
C TYR OA 89 52.81 1.70 70.37
N ALA OA 90 52.58 2.84 69.71
CA ALA OA 90 51.28 3.50 69.70
C ALA OA 90 51.13 4.22 68.38
N ASP OA 91 49.94 4.14 67.79
CA ASP OA 91 49.70 4.80 66.52
C ASP OA 91 48.22 5.13 66.38
N VAL OA 92 47.91 6.39 66.05
CA VAL OA 92 46.54 6.82 65.80
C VAL OA 92 46.39 7.14 64.31
N THR OA 93 45.14 7.22 63.86
CA THR OA 93 44.85 7.70 62.51
C THR OA 93 43.50 8.39 62.52
N PHE OA 94 43.51 9.68 62.21
CA PHE OA 94 42.31 10.48 62.06
C PHE OA 94 42.04 10.70 60.58
N SER OA 95 40.75 10.75 60.22
CA SER OA 95 40.39 11.03 58.83
C SER OA 95 39.05 11.75 58.82
N PHE OA 96 39.06 13.00 58.41
CA PHE OA 96 37.85 13.81 58.33
C PHE OA 96 37.50 14.11 56.88
N THR OA 97 36.24 14.47 56.66
CA THR OA 97 35.77 14.76 55.31
C THR OA 97 36.31 16.10 54.83
N GLN OA 98 36.29 16.28 53.51
CA GLN OA 98 36.74 17.55 52.95
C GLN OA 98 35.84 18.69 53.44
N TYR OA 99 34.54 18.41 53.59
CA TYR OA 99 33.57 19.35 54.16
C TYR OA 99 33.41 19.22 55.67
N SER OA 100 34.39 18.68 56.38
CA SER OA 100 34.25 18.52 57.82
C SER OA 100 34.38 19.88 58.52
N THR OA 101 33.59 20.05 59.58
CA THR OA 101 33.58 21.30 60.33
C THR OA 101 34.69 21.33 61.37
N ASP OA 102 35.06 22.56 61.78
CA ASP OA 102 36.13 22.73 62.74
C ASP OA 102 35.81 22.06 64.08
N GLU OA 103 34.63 22.32 64.63
CA GLU OA 103 34.28 21.74 65.93
C GLU OA 103 34.16 20.22 65.87
N GLU OA 104 33.64 19.69 64.76
CA GLU OA 104 33.57 18.23 64.60
C GLU OA 104 34.94 17.61 64.82
N ARG OA 105 35.98 18.27 64.32
CA ARG OA 105 37.33 17.73 64.37
C ARG OA 105 37.83 17.69 65.80
N ALA OA 106 37.66 18.78 66.55
CA ALA OA 106 38.11 18.84 67.93
C ALA OA 106 37.36 17.86 68.84
N PHE OA 107 36.08 17.61 68.56
CA PHE OA 107 35.32 16.70 69.42
C PHE OA 107 35.90 15.30 69.35
N VAL OA 108 36.15 14.80 68.14
CA VAL OA 108 36.79 13.49 67.98
C VAL OA 108 38.18 13.48 68.58
N ARG OA 109 38.83 14.65 68.66
CA ARG OA 109 40.17 14.71 69.24
C ARG OA 109 40.10 14.59 70.76
N THR OA 110 39.25 15.40 71.38
CA THR OA 110 39.10 15.33 72.83
C THR OA 110 38.38 14.06 73.25
N GLU OA 111 37.54 13.50 72.37
CA GLU OA 111 36.93 12.21 72.67
C GLU OA 111 37.97 11.13 72.88
N LEU OA 112 39.03 11.14 72.07
CA LEU OA 112 40.10 10.18 72.27
C LEU OA 112 40.86 10.45 73.57
N ALA OA 113 41.08 11.72 73.89
CA ALA OA 113 41.78 12.05 75.13
C ALA OA 113 40.99 11.62 76.36
N ALA OA 114 39.68 11.89 76.36
CA ALA OA 114 38.84 11.48 77.48
C ALA OA 114 38.64 9.98 77.52
N LEU OA 115 38.55 9.34 76.34
CA LEU OA 115 38.38 7.89 76.31
C LEU OA 115 39.63 7.17 76.80
N LEU OA 116 40.80 7.78 76.66
CA LEU OA 116 42.03 7.19 77.17
C LEU OA 116 42.10 7.22 78.69
N ALA OA 117 41.20 7.92 79.35
CA ALA OA 117 41.18 8.00 80.81
C ALA OA 117 39.94 7.36 81.42
N SER OA 118 39.08 6.77 80.60
CA SER OA 118 37.90 6.10 81.13
C SER OA 118 38.28 4.76 81.75
N PRO OA 119 37.68 4.41 82.89
CA PRO OA 119 37.97 3.12 83.55
C PRO OA 119 38.11 1.94 82.60
N LEU OA 120 37.27 1.89 81.57
CA LEU OA 120 37.28 0.77 80.63
C LEU OA 120 38.61 0.67 79.91
N LEU OA 121 39.11 1.79 79.38
CA LEU OA 121 40.39 1.78 78.66
C LEU OA 121 41.57 1.58 79.60
N ILE OA 122 41.41 1.84 80.90
CA ILE OA 122 42.49 1.56 81.83
C ILE OA 122 42.79 0.07 81.88
N ASP OA 123 41.75 -0.76 82.06
CA ASP OA 123 41.94 -2.20 82.06
C ASP OA 123 42.08 -2.77 80.65
N ALA OA 124 41.65 -2.02 79.63
CA ALA OA 124 41.84 -2.48 78.26
C ALA OA 124 43.29 -2.36 77.82
N ILE OA 125 44.03 -1.42 78.39
CA ILE OA 125 45.40 -1.15 77.99
C ILE OA 125 46.39 -1.72 78.99
N ASP OA 126 46.17 -1.49 80.28
CA ASP OA 126 47.16 -1.82 81.28
C ASP OA 126 47.05 -3.27 81.74
N GLN OA 127 45.83 -3.76 81.96
CA GLN OA 127 45.61 -5.14 82.37
C GLN OA 127 45.25 -6.05 81.20
N LEU OA 128 45.00 -5.47 80.02
CA LEU OA 128 44.75 -6.19 78.77
C LEU OA 128 43.70 -7.29 78.96
N ASN OA 129 42.55 -6.90 79.51
CA ASN OA 129 41.42 -7.81 79.57
C ASN OA 129 40.22 -7.17 78.87
N PRO OA 130 39.54 -7.90 77.99
CA PRO OA 130 38.43 -7.31 77.23
C PRO OA 130 37.28 -6.94 78.16
N ALA OA 131 36.24 -6.31 77.63
CA ALA OA 131 35.05 -6.11 78.43
C ALA OA 131 34.43 -7.47 78.76
N TYR OA 132 34.18 -7.69 80.04
CA TYR OA 132 33.68 -8.97 80.50
C TYR OA 132 32.68 -8.81 81.63
N ALA PA 1 37.83 -3.80 81.81
CA ALA PA 1 36.93 -4.05 82.93
C ALA PA 1 35.56 -4.41 82.42
N LYS PA 2 34.56 -4.20 83.27
CA LYS PA 2 33.18 -4.47 82.90
C LYS PA 2 32.70 -3.42 81.90
N LEU PA 3 31.86 -3.86 80.97
CA LEU PA 3 31.32 -2.97 79.94
C LEU PA 3 30.18 -2.19 80.56
N GLU PA 4 30.53 -1.11 81.26
CA GLU PA 4 29.57 -0.27 81.93
C GLU PA 4 29.17 0.89 81.02
N THR PA 5 28.29 1.75 81.51
CA THR PA 5 27.93 2.97 80.78
C THR PA 5 28.98 4.04 81.06
N VAL PA 6 29.81 4.32 80.06
CA VAL PA 6 30.88 5.27 80.19
C VAL PA 6 30.35 6.65 79.82
N THR PA 7 30.77 7.67 80.57
CA THR PA 7 30.33 9.04 80.37
C THR PA 7 31.54 9.95 80.35
N LEU PA 8 31.87 10.48 79.18
CA LEU PA 8 32.99 11.40 79.04
C LEU PA 8 32.48 12.83 79.24
N GLY PA 9 33.05 13.53 80.21
CA GLY PA 9 32.72 14.91 80.48
C GLY PA 9 33.85 15.86 80.14
N ASN PA 10 33.50 17.15 80.14
CA ASN PA 10 34.43 18.25 79.87
C ASN PA 10 35.18 18.01 78.56
N ILE PA 11 34.39 17.94 77.48
CA ILE PA 11 34.89 17.48 76.19
C ILE PA 11 34.49 18.47 75.10
N GLY PA 12 35.23 18.44 74.01
CA GLY PA 12 34.92 19.28 72.86
C GLY PA 12 35.85 20.47 72.73
N LYS PA 13 35.70 21.17 71.60
CA LYS PA 13 36.49 22.37 71.34
C LYS PA 13 36.27 23.40 72.45
N ASP PA 14 35.01 23.66 72.78
CA ASP PA 14 34.70 24.60 73.85
C ASP PA 14 35.28 24.11 75.18
N GLY PA 15 35.27 22.79 75.38
CA GLY PA 15 35.73 22.18 76.60
C GLY PA 15 34.66 21.94 77.65
N LYS PA 16 33.47 22.52 77.51
CA LYS PA 16 32.39 22.26 78.45
C LYS PA 16 31.22 21.62 77.70
N GLN PA 17 31.42 20.37 77.30
CA GLN PA 17 30.38 19.54 76.70
C GLN PA 17 30.43 18.17 77.38
N THR PA 18 29.45 17.32 77.08
CA THR PA 18 29.44 15.98 77.66
C THR PA 18 28.92 14.99 76.63
N LEU PA 19 29.34 13.73 76.79
CA LEU PA 19 28.97 12.69 75.85
C LEU PA 19 28.81 11.39 76.64
N VAL PA 20 27.64 10.78 76.55
CA VAL PA 20 27.31 9.57 77.28
C VAL PA 20 27.28 8.41 76.31
N LEU PA 21 27.93 7.30 76.67
CA LEU PA 21 28.02 6.12 75.81
C LEU PA 21 27.63 4.89 76.61
N ASN PA 22 26.43 4.33 76.33
CA ASN PA 22 25.98 3.11 76.98
C ASN PA 22 26.56 1.87 76.30
N PRO PA 23 26.77 0.79 77.05
CA PRO PA 23 27.37 -0.41 76.46
C PRO PA 23 26.46 -1.10 75.46
N ARG PA 24 27.08 -1.73 74.47
CA ARG PA 24 26.35 -2.49 73.47
C ARG PA 24 26.88 -3.92 73.36
N GLY PA 25 27.68 -4.37 74.32
CA GLY PA 25 28.09 -5.77 74.32
C GLY PA 25 29.34 -5.98 73.51
N VAL PA 26 29.68 -7.26 73.36
CA VAL PA 26 30.81 -7.65 72.53
C VAL PA 26 30.25 -8.30 71.27
N ASN PA 27 31.14 -8.53 70.32
CA ASN PA 27 30.75 -9.17 69.08
C ASN PA 27 31.40 -10.54 69.09
N PRO PA 28 30.69 -11.59 69.53
CA PRO PA 28 31.34 -12.89 69.78
C PRO PA 28 31.97 -13.52 68.55
N THR PA 29 31.74 -12.99 67.36
CA THR PA 29 32.45 -13.45 66.19
C THR PA 29 33.74 -12.67 65.99
N ASN PA 30 33.63 -11.34 66.04
CA ASN PA 30 34.76 -10.44 65.87
C ASN PA 30 35.60 -10.31 67.14
N GLY PA 31 35.05 -10.67 68.29
CA GLY PA 31 35.78 -10.47 69.53
C GLY PA 31 36.07 -9.01 69.84
N VAL PA 32 35.12 -8.13 69.55
CA VAL PA 32 35.31 -6.70 69.73
C VAL PA 32 34.14 -6.17 70.55
N ALA PA 33 34.45 -5.45 71.62
CA ALA PA 33 33.43 -4.77 72.39
C ALA PA 33 33.04 -3.47 71.70
N SER PA 34 31.80 -3.06 71.93
CA SER PA 34 31.29 -1.84 71.30
C SER PA 34 30.34 -1.16 72.27
N LEU PA 35 30.29 0.17 72.17
CA LEU PA 35 29.38 0.96 72.97
C LEU PA 35 29.12 2.25 72.21
N SER PA 36 27.96 2.86 72.46
CA SER PA 36 27.42 3.85 71.54
C SER PA 36 26.83 5.02 72.29
N GLN PA 37 26.77 6.15 71.60
CA GLN PA 37 26.21 7.38 72.15
C GLN PA 37 24.73 7.22 72.46
N ALA PA 38 24.34 7.64 73.67
CA ALA PA 38 22.99 7.47 74.17
C ALA PA 38 21.99 8.27 73.33
N GLY PA 39 21.67 7.75 72.14
CA GLY PA 39 20.76 8.42 71.26
C GLY PA 39 19.66 7.47 70.81
N ALA PA 40 18.60 8.07 70.27
CA ALA PA 40 17.45 7.31 69.82
C ALA PA 40 17.83 6.33 68.71
N VAL PA 41 18.32 6.85 67.60
CA VAL PA 41 18.57 6.08 66.38
C VAL PA 41 19.97 5.47 66.32
N PRO PA 42 20.08 4.17 66.01
CA PRO PA 42 21.40 3.56 65.83
C PRO PA 42 22.16 4.18 64.66
N ALA PA 43 21.45 4.65 63.63
CA ALA PA 43 22.12 5.23 62.46
C ALA PA 43 22.69 6.60 62.78
N LEU PA 44 22.00 7.38 63.61
CA LEU PA 44 22.46 8.73 63.94
C LEU PA 44 23.63 8.72 64.91
N GLU PA 45 23.72 7.72 65.77
CA GLU PA 45 24.60 7.81 66.93
C GLU PA 45 26.07 7.64 66.56
N LYS PA 46 26.92 8.32 67.31
CA LYS PA 46 28.34 8.04 67.31
C LYS PA 46 28.60 6.79 68.16
N ARG PA 47 29.69 6.09 67.86
CA ARG PA 47 30.00 4.86 68.57
C ARG PA 47 31.50 4.63 68.55
N VAL PA 48 31.99 3.87 69.55
CA VAL PA 48 33.40 3.51 69.66
C VAL PA 48 33.51 2.04 70.03
N THR PA 49 34.63 1.42 69.63
CA THR PA 49 34.85 -0.02 69.77
C THR PA 49 36.26 -0.31 70.28
N VAL PA 50 36.37 -1.27 71.20
CA VAL PA 50 37.62 -1.65 71.84
C VAL PA 50 37.87 -3.14 71.59
N SER PA 51 39.14 -3.50 71.41
CA SER PA 51 39.55 -4.87 71.12
C SER PA 51 40.92 -5.10 71.71
N VAL PA 52 41.14 -6.30 72.26
CA VAL PA 52 42.34 -6.52 73.06
C VAL PA 52 43.19 -7.68 72.56
N SER PA 53 42.54 -8.70 71.97
CA SER PA 53 43.22 -9.90 71.48
C SER PA 53 43.75 -10.72 72.65
N GLN PA 54 42.83 -11.35 73.36
CA GLN PA 54 42.99 -12.20 74.52
C GLN PA 54 44.06 -13.30 74.38
N PRO PA 55 44.53 -13.85 75.50
CA PRO PA 55 45.79 -14.64 75.47
C PRO PA 55 45.68 -16.01 74.80
N SER PA 56 46.49 -16.21 73.76
CA SER PA 56 46.68 -17.51 73.12
C SER PA 56 48.20 -17.81 73.10
N ARG PA 57 48.63 -18.74 72.22
CA ARG PA 57 50.04 -19.12 72.15
C ARG PA 57 50.55 -19.29 70.72
N ASN PA 58 49.93 -18.63 69.73
CA ASN PA 58 50.43 -18.69 68.34
C ASN PA 58 51.57 -17.71 68.07
N ARG PA 59 51.24 -16.44 67.87
CA ARG PA 59 52.20 -15.35 67.57
C ARG PA 59 51.92 -14.11 68.41
N LYS PA 60 51.65 -14.30 69.70
CA LYS PA 60 51.23 -13.21 70.58
C LYS PA 60 52.21 -12.06 70.69
N ASN PA 61 51.73 -10.87 70.31
CA ASN PA 61 52.40 -9.60 70.52
C ASN PA 61 51.44 -8.56 71.10
N TYR PA 62 50.33 -9.01 71.70
CA TYR PA 62 49.30 -8.18 72.33
C TYR PA 62 49.03 -6.84 71.67
N LYS PA 63 48.15 -6.84 70.67
CA LYS PA 63 47.71 -5.65 69.96
C LYS PA 63 46.35 -5.21 70.53
N VAL PA 64 46.23 -3.93 70.90
CA VAL PA 64 44.99 -3.36 71.39
C VAL PA 64 44.61 -2.17 70.52
N GLN PA 65 43.32 -2.06 70.20
CA GLN PA 65 42.85 -1.07 69.24
C GLN PA 65 41.48 -0.55 69.62
N VAL PA 66 41.33 0.78 69.61
CA VAL PA 66 40.04 1.43 69.82
C VAL PA 66 39.76 2.29 68.59
N LYS PA 67 38.50 2.30 68.17
CA LYS PA 67 38.07 3.09 67.03
C LYS PA 67 36.99 4.07 67.45
N ILE PA 68 36.97 5.23 66.79
CA ILE PA 68 35.96 6.25 67.01
C ILE PA 68 35.30 6.57 65.67
N GLN PA 69 33.97 6.68 65.68
CA GLN PA 69 33.20 6.96 64.47
C GLN PA 69 32.09 7.95 64.81
N ASN PA 70 32.26 9.21 64.42
CA ASN PA 70 31.25 10.24 64.69
C ASN PA 70 30.67 10.75 63.39
N PRO PA 71 29.47 10.32 63.02
CA PRO PA 71 28.83 10.86 61.82
C PRO PA 71 28.07 12.14 62.14
N THR PA 72 27.57 12.78 61.09
CA THR PA 72 26.75 13.96 61.24
C THR PA 72 25.64 13.87 60.21
N ALA PA 73 24.50 14.46 60.55
CA ALA PA 73 23.30 14.27 59.75
C ALA PA 73 22.69 15.62 59.43
N CYS PA 74 21.64 15.58 58.63
CA CYS PA 74 20.94 16.79 58.25
C CYS PA 74 19.44 16.52 58.24
N THR PA 75 18.67 17.55 58.57
CA THR PA 75 17.23 17.41 58.75
C THR PA 75 16.41 17.79 57.51
N ALA PA 76 16.42 19.06 57.10
CA ALA PA 76 15.50 19.55 56.08
C ALA PA 76 15.87 19.17 54.63
N ASN PA 77 16.58 18.06 54.37
CA ASN PA 77 16.81 17.61 52.99
C ASN PA 77 15.83 16.54 52.54
N GLY PA 78 15.34 15.72 53.47
CA GLY PA 78 14.37 14.68 53.19
C GLY PA 78 13.22 14.94 54.14
N SER PA 79 13.45 15.95 54.99
CA SER PA 79 12.48 16.49 55.93
C SER PA 79 11.68 15.49 56.76
N CYS PA 80 11.97 14.20 56.60
CA CYS PA 80 11.30 13.19 57.41
C CYS PA 80 12.31 12.45 58.26
N ASP PA 81 13.23 11.71 57.64
CA ASP PA 81 14.25 10.97 58.35
C ASP PA 81 15.59 11.61 58.06
N PRO PA 82 16.30 12.15 59.04
CA PRO PA 82 17.61 12.75 58.76
C PRO PA 82 18.59 11.73 58.20
N SER PA 83 19.37 12.17 57.22
CA SER PA 83 20.35 11.31 56.57
C SER PA 83 21.77 11.74 56.91
N VAL PA 84 22.67 10.75 56.95
CA VAL PA 84 24.06 10.99 57.27
C VAL PA 84 24.77 11.54 56.05
N THR PA 85 25.43 12.69 56.22
CA THR PA 85 26.08 13.40 55.13
C THR PA 85 27.57 13.10 55.03
N ARG PA 86 28.25 13.00 56.15
CA ARG PA 86 29.68 12.72 56.21
C ARG PA 86 29.95 12.08 57.55
N GLN PA 87 31.13 11.51 57.69
CA GLN PA 87 31.51 10.88 58.94
C GLN PA 87 32.86 11.42 59.41
N ALA PA 88 33.24 11.07 60.63
CA ALA PA 88 34.52 11.45 61.18
C ALA PA 88 35.13 10.23 61.86
N TYR PA 89 36.37 9.92 61.52
CA TYR PA 89 36.99 8.67 61.93
C TYR PA 89 38.17 8.96 62.85
N ALA PA 90 38.38 8.06 63.79
CA ALA PA 90 39.55 8.07 64.65
C ALA PA 90 39.84 6.62 64.99
N ASP PA 91 41.10 6.25 64.94
CA ASP PA 91 41.48 4.87 65.24
C ASP PA 91 42.91 4.82 65.75
N VAL PA 92 43.10 4.20 66.91
CA VAL PA 92 44.44 3.99 67.47
C VAL PA 92 44.74 2.51 67.45
N THR PA 93 46.02 2.18 67.56
CA THR PA 93 46.44 0.79 67.72
C THR PA 93 47.72 0.75 68.53
N PHE PA 94 47.67 0.12 69.70
CA PHE PA 94 48.83 -0.11 70.53
C PHE PA 94 49.27 -1.55 70.39
N SER PA 95 50.59 -1.78 70.49
CA SER PA 95 51.11 -3.13 70.43
C SER PA 95 52.38 -3.18 71.28
N PHE PA 96 52.33 -3.90 72.39
CA PHE PA 96 53.46 -4.03 73.29
C PHE PA 96 54.01 -5.45 73.20
N THR PA 97 55.27 -5.60 73.61
CA THR PA 97 55.90 -6.91 73.54
C THR PA 97 55.30 -7.84 74.60
N GLN PA 98 55.49 -9.13 74.39
CA GLN PA 98 55.00 -10.13 75.34
C GLN PA 98 55.67 -9.93 76.71
N TYR PA 99 56.92 -9.45 76.74
CA TYR PA 99 57.62 -9.13 77.97
C TYR PA 99 57.41 -7.69 78.44
N SER PA 100 56.34 -7.03 78.01
CA SER PA 100 56.11 -5.64 78.41
C SER PA 100 55.63 -5.57 79.86
N THR PA 101 56.09 -4.54 80.57
CA THR PA 101 55.72 -4.29 81.95
C THR PA 101 54.45 -3.45 82.03
N ASP PA 102 53.77 -3.54 83.18
CA ASP PA 102 52.54 -2.78 83.38
C ASP PA 102 52.78 -1.28 83.24
N GLU PA 103 53.85 -0.77 83.84
CA GLU PA 103 54.11 0.66 83.81
C GLU PA 103 54.36 1.15 82.39
N GLU PA 104 55.05 0.36 81.57
CA GLU PA 104 55.26 0.75 80.17
C GLU PA 104 53.93 1.03 79.49
N ARG PA 105 52.94 0.18 79.74
CA ARG PA 105 51.66 0.28 79.05
C ARG PA 105 50.92 1.55 79.45
N ALA PA 106 50.87 1.83 80.76
CA ALA PA 106 50.20 3.05 81.23
C ALA PA 106 50.91 4.31 80.76
N PHE PA 107 52.24 4.27 80.63
CA PHE PA 107 52.97 5.45 80.20
C PHE PA 107 52.57 5.82 78.76
N VAL PA 108 52.59 4.83 77.86
CA VAL PA 108 52.15 5.07 76.49
C VAL PA 108 50.68 5.47 76.45
N ARG PA 109 49.92 5.10 77.48
CA ARG PA 109 48.50 5.44 77.51
C ARG PA 109 48.31 6.92 77.84
N THR PA 110 48.96 7.39 78.90
CA THR PA 110 48.81 8.79 79.27
C THR PA 110 49.57 9.70 78.32
N GLU PA 111 50.65 9.20 77.71
CA GLU PA 111 51.36 10.00 76.71
C GLU PA 111 50.47 10.35 75.55
N LEU PA 112 49.66 9.40 75.08
CA LEU PA 112 48.74 9.69 73.99
C LEU PA 112 47.62 10.62 74.46
N ALA PA 113 47.14 10.42 75.68
CA ALA PA 113 46.11 11.30 76.22
C ALA PA 113 46.62 12.73 76.37
N ALA PA 114 47.84 12.87 76.90
CA ALA PA 114 48.43 14.21 77.03
C ALA PA 114 48.82 14.77 75.66
N LEU PA 115 49.28 13.91 74.74
CA LEU PA 115 49.67 14.40 73.43
C LEU PA 115 48.47 14.90 72.63
N LEU PA 116 47.29 14.36 72.88
CA LEU PA 116 46.08 14.82 72.18
C LEU PA 116 45.64 16.21 72.61
N ALA PA 117 46.23 16.76 73.68
CA ALA PA 117 45.87 18.09 74.16
C ALA PA 117 47.01 19.08 74.06
N SER PA 118 48.16 18.69 73.50
CA SER PA 118 49.27 19.62 73.37
C SER PA 118 49.00 20.62 72.26
N PRO PA 119 49.34 21.91 72.47
CA PRO PA 119 49.14 22.95 71.44
C PRO PA 119 49.51 22.52 70.04
N LEU PA 120 50.58 21.73 69.91
CA LEU PA 120 51.03 21.28 68.60
C LEU PA 120 49.96 20.45 67.90
N LEU PA 121 49.37 19.50 68.63
CA LEU PA 121 48.31 18.66 68.05
C LEU PA 121 47.02 19.43 67.83
N ILE PA 122 46.82 20.58 68.48
CA ILE PA 122 45.62 21.38 68.25
C ILE PA 122 45.55 21.84 66.80
N ASP PA 123 46.62 22.45 66.30
CA ASP PA 123 46.63 22.93 64.92
C ASP PA 123 46.84 21.80 63.91
N ALA PA 124 47.33 20.64 64.35
CA ALA PA 124 47.43 19.50 63.44
C ALA PA 124 46.06 18.89 63.18
N ILE PA 125 45.14 19.00 64.13
CA ILE PA 125 43.83 18.38 64.02
C ILE PA 125 42.76 19.39 63.64
N ASP PA 126 42.71 20.53 64.32
CA ASP PA 126 41.59 21.46 64.14
C ASP PA 126 41.79 22.40 62.96
N GLN PA 127 43.00 22.93 62.79
CA GLN PA 127 43.31 23.78 61.66
C GLN PA 127 43.99 23.00 60.54
N LEU PA 128 44.33 21.73 60.81
CA LEU PA 128 44.92 20.81 59.86
C LEU PA 128 46.11 21.43 59.14
N ASN PA 129 47.03 21.97 59.94
CA ASN PA 129 48.29 22.44 59.43
C ASN PA 129 49.41 21.71 60.15
N PRO PA 130 50.39 21.18 59.42
CA PRO PA 130 51.41 20.34 60.05
C PRO PA 130 52.31 21.17 60.95
N ALA PA 131 53.18 20.44 61.64
CA ALA PA 131 54.26 21.07 62.37
C ALA PA 131 55.21 21.74 61.39
N TYR PA 132 55.57 22.98 61.69
CA TYR PA 132 56.38 23.81 60.81
C TYR PA 132 57.44 24.60 61.57
N ALA QA 1 30.39 -22.48 86.40
CA ALA QA 1 29.64 -21.52 87.20
C ALA QA 1 30.11 -20.10 86.91
N LYS QA 2 29.89 -19.19 87.86
CA LYS QA 2 30.33 -17.82 87.70
C LYS QA 2 31.85 -17.73 87.84
N LEU QA 3 32.45 -16.81 87.09
CA LEU QA 3 33.90 -16.65 87.07
C LEU QA 3 34.38 -15.81 88.25
N GLU QA 4 34.59 -16.46 89.39
CA GLU QA 4 35.11 -15.78 90.57
C GLU QA 4 36.64 -15.96 90.62
N THR QA 5 37.26 -15.34 91.61
CA THR QA 5 38.68 -15.53 91.87
C THR QA 5 38.89 -16.77 92.73
N VAL QA 6 39.40 -17.84 92.12
CA VAL QA 6 39.59 -19.12 92.79
C VAL QA 6 40.98 -19.16 93.42
N THR QA 7 41.08 -19.78 94.59
CA THR QA 7 42.33 -19.88 95.34
C THR QA 7 42.50 -21.33 95.80
N LEU QA 8 43.49 -22.01 95.23
CA LEU QA 8 43.78 -23.40 95.59
C LEU QA 8 44.78 -23.42 96.75
N GLY QA 9 44.40 -24.08 97.85
CA GLY QA 9 45.25 -24.20 99.01
C GLY QA 9 45.76 -25.62 99.21
N ASN QA 10 46.74 -25.73 100.11
CA ASN QA 10 47.39 -27.00 100.44
C ASN QA 10 47.86 -27.68 99.15
N ILE QA 11 48.78 -26.99 98.48
CA ILE QA 11 49.20 -27.33 97.13
C ILE QA 11 50.71 -27.44 97.11
N GLY QA 12 51.22 -28.18 96.13
CA GLY QA 12 52.65 -28.31 95.95
C GLY QA 12 53.15 -29.66 96.45
N LYS QA 13 54.44 -29.90 96.21
CA LYS QA 13 55.05 -31.13 96.68
C LYS QA 13 54.92 -31.23 98.20
N ASP QA 14 55.28 -30.16 98.92
CA ASP QA 14 55.14 -30.16 100.38
C ASP QA 14 53.68 -30.24 100.79
N GLY QA 15 52.79 -29.54 100.09
CA GLY QA 15 51.42 -29.44 100.50
C GLY QA 15 51.12 -28.26 101.40
N LYS QA 16 52.08 -27.38 101.63
CA LYS QA 16 51.90 -26.22 102.50
C LYS QA 16 51.98 -24.91 101.71
N GLN QA 17 51.49 -24.92 100.48
CA GLN QA 17 51.47 -23.73 99.65
C GLN QA 17 50.03 -23.37 99.30
N THR QA 18 49.86 -22.21 98.69
CA THR QA 18 48.57 -21.73 98.23
C THR QA 18 48.80 -20.97 96.94
N LEU QA 19 47.76 -20.89 96.12
CA LEU QA 19 47.89 -20.29 94.80
C LEU QA 19 46.63 -19.51 94.46
N VAL QA 20 46.79 -18.23 94.13
CA VAL QA 20 45.68 -17.33 93.85
C VAL QA 20 45.63 -17.09 92.35
N LEU QA 21 44.44 -17.22 91.77
CA LEU QA 21 44.20 -17.07 90.34
C LEU QA 21 43.02 -16.12 90.14
N ASN QA 22 43.31 -14.90 89.71
CA ASN QA 22 42.24 -13.93 89.47
C ASN QA 22 41.63 -14.12 88.08
N PRO QA 23 40.34 -13.81 87.94
CA PRO QA 23 39.68 -13.97 86.64
C PRO QA 23 40.16 -12.94 85.63
N ARG QA 24 40.17 -13.35 84.35
CA ARG QA 24 40.57 -12.47 83.26
C ARG QA 24 39.51 -12.42 82.15
N GLY QA 25 38.28 -12.86 82.41
CA GLY QA 25 37.22 -12.75 81.44
C GLY QA 25 37.06 -13.97 80.57
N VAL QA 26 36.14 -13.85 79.61
CA VAL QA 26 35.81 -14.94 78.71
C VAL QA 26 36.34 -14.62 77.30
N ASN QA 27 36.37 -15.66 76.46
CA ASN QA 27 36.80 -15.55 75.06
C ASN QA 27 35.60 -15.89 74.17
N PRO QA 28 34.81 -14.89 73.78
CA PRO QA 28 33.58 -15.19 73.02
C PRO QA 28 33.80 -15.74 71.62
N THR QA 29 35.03 -15.66 71.09
CA THR QA 29 35.31 -16.27 69.78
C THR QA 29 35.82 -17.70 69.90
N ASN QA 30 36.81 -17.92 70.77
CA ASN QA 30 37.31 -19.28 70.98
C ASN QA 30 36.40 -20.08 71.89
N GLY QA 31 35.50 -19.42 72.60
CA GLY QA 31 34.64 -20.10 73.56
C GLY QA 31 35.38 -20.73 74.71
N VAL QA 32 36.44 -20.09 75.19
CA VAL QA 32 37.24 -20.62 76.28
C VAL QA 32 37.39 -19.52 77.33
N ALA QA 33 37.04 -19.83 78.57
CA ALA QA 33 37.29 -18.89 79.66
C ALA QA 33 38.73 -19.03 80.10
N SER QA 34 39.28 -17.94 80.63
CA SER QA 34 40.66 -17.95 81.06
C SER QA 34 40.81 -17.10 82.32
N LEU QA 35 41.73 -17.52 83.17
CA LEU QA 35 42.08 -16.78 84.37
C LEU QA 35 43.49 -17.19 84.76
N SER QA 36 44.20 -16.27 85.39
CA SER QA 36 45.64 -16.43 85.54
C SER QA 36 46.09 -15.90 86.88
N GLN QA 37 47.19 -16.46 87.37
CA GLN QA 37 47.83 -15.92 88.56
C GLN QA 37 48.42 -14.55 88.22
N ALA QA 38 48.06 -13.54 88.99
CA ALA QA 38 48.44 -12.15 88.72
C ALA QA 38 49.95 -11.96 88.84
N GLY QA 39 50.62 -11.75 87.70
CA GLY QA 39 52.05 -11.56 87.68
C GLY QA 39 52.39 -10.24 86.99
N ALA QA 40 53.65 -9.81 87.19
CA ALA QA 40 54.08 -8.53 86.64
C ALA QA 40 53.99 -8.53 85.12
N VAL QA 41 54.78 -9.36 84.47
CA VAL QA 41 54.88 -9.46 83.02
C VAL QA 41 53.91 -10.54 82.52
N PRO QA 42 53.14 -10.27 81.46
CA PRO QA 42 52.17 -11.29 80.99
C PRO QA 42 52.80 -12.64 80.66
N ALA QA 43 54.07 -12.66 80.26
CA ALA QA 43 54.69 -13.94 79.92
C ALA QA 43 55.02 -14.75 81.17
N LEU QA 44 55.34 -14.06 82.27
CA LEU QA 44 55.77 -14.74 83.48
C LEU QA 44 54.63 -15.47 84.17
N GLU QA 45 53.39 -14.99 84.04
CA GLU QA 45 52.32 -15.44 84.91
C GLU QA 45 51.86 -16.86 84.58
N LYS QA 46 51.41 -17.56 85.63
CA LYS QA 46 50.73 -18.83 85.43
C LYS QA 46 49.33 -18.58 84.87
N ARG QA 47 48.77 -19.56 84.18
CA ARG QA 47 47.44 -19.39 83.62
C ARG QA 47 46.73 -20.74 83.56
N VAL QA 48 45.40 -20.68 83.66
CA VAL QA 48 44.54 -21.85 83.47
C VAL QA 48 43.32 -21.40 82.70
N THR QA 49 42.75 -22.33 81.92
CA THR QA 49 41.63 -22.02 81.03
C THR QA 49 40.61 -23.15 81.08
N VAL QA 50 39.32 -22.79 81.17
CA VAL QA 50 38.24 -23.76 81.23
C VAL QA 50 37.28 -23.47 80.08
N SER QA 51 36.79 -24.53 79.44
CA SER QA 51 35.90 -24.39 78.30
C SER QA 51 34.99 -25.61 78.18
N VAL QA 52 33.72 -25.37 77.83
CA VAL QA 52 32.77 -26.44 77.55
C VAL QA 52 32.18 -26.21 76.16
N SER QA 53 31.95 -27.30 75.43
CA SER QA 53 31.42 -27.24 74.07
C SER QA 53 30.20 -28.13 73.90
N GLN QA 54 29.15 -27.58 73.27
CA GLN QA 54 27.96 -28.34 72.93
C GLN QA 54 28.18 -29.27 71.75
N PRO QA 55 27.35 -30.31 71.62
CA PRO QA 55 27.49 -31.22 70.50
C PRO QA 55 26.91 -30.59 69.24
N SER QA 56 27.70 -30.58 68.17
CA SER QA 56 27.25 -30.01 66.92
C SER QA 56 27.11 -31.16 65.93
N ARG QA 57 27.37 -30.90 64.65
CA ARG QA 57 27.27 -32.00 63.71
C ARG QA 57 28.57 -32.77 63.56
N ASN QA 58 29.62 -32.35 64.27
CA ASN QA 58 30.88 -33.09 64.29
C ASN QA 58 30.74 -34.31 65.19
N ARG QA 59 30.79 -34.10 66.50
CA ARG QA 59 30.60 -35.14 67.50
C ARG QA 59 29.38 -34.77 68.35
N LYS QA 60 28.48 -35.71 68.57
CA LYS QA 60 27.29 -35.38 69.35
C LYS QA 60 27.41 -35.85 70.80
N ASN QA 61 28.55 -35.48 71.39
CA ASN QA 61 28.88 -35.65 72.80
C ASN QA 61 29.47 -34.35 73.33
N TYR QA 62 29.27 -34.11 74.62
CA TYR QA 62 29.81 -32.89 75.21
C TYR QA 62 31.29 -33.10 75.48
N LYS QA 63 32.06 -32.03 75.39
CA LYS QA 63 33.50 -32.08 75.63
C LYS QA 63 33.88 -30.83 76.42
N VAL QA 64 34.52 -31.05 77.56
CA VAL QA 64 35.03 -29.99 78.42
C VAL QA 64 36.51 -30.24 78.66
N GLN QA 65 37.30 -29.17 78.62
CA GLN QA 65 38.74 -29.29 78.74
C GLN QA 65 39.28 -28.09 79.49
N VAL QA 66 40.19 -28.36 80.42
CA VAL QA 66 40.89 -27.34 81.18
C VAL QA 66 42.38 -27.49 80.91
N LYS QA 67 43.06 -26.35 80.77
CA LYS QA 67 44.49 -26.33 80.52
C LYS QA 67 45.20 -25.61 81.67
N ILE QA 68 46.42 -26.05 81.97
CA ILE QA 68 47.27 -25.44 82.98
C ILE QA 68 48.61 -25.11 82.32
N GLN QA 69 49.13 -23.91 82.59
CA GLN QA 69 50.38 -23.46 81.99
C GLN QA 69 51.19 -22.73 83.05
N ASN QA 70 52.28 -23.34 83.51
CA ASN QA 70 53.14 -22.75 84.54
C ASN QA 70 54.52 -22.46 83.95
N PRO QA 71 54.84 -21.22 83.62
CA PRO QA 71 56.18 -20.90 83.13
C PRO QA 71 57.16 -20.67 84.28
N THR QA 72 58.45 -20.58 83.92
CA THR QA 72 59.49 -20.28 84.88
C THR QA 72 60.55 -19.39 84.24
N ALA QA 73 61.19 -18.57 85.05
CA ALA QA 73 62.12 -17.55 84.61
C ALA QA 73 63.40 -17.63 85.44
N CYS QA 74 64.37 -16.79 85.10
CA CYS QA 74 65.63 -16.67 85.81
C CYS QA 74 65.63 -15.37 86.63
N THR QA 75 66.82 -14.90 87.00
CA THR QA 75 67.00 -13.71 87.82
C THR QA 75 68.23 -12.90 87.46
N ALA QA 76 69.28 -13.51 86.91
CA ALA QA 76 70.56 -12.84 86.68
C ALA QA 76 71.02 -12.94 85.24
N ASN QA 77 70.10 -12.89 84.27
CA ASN QA 77 70.54 -13.00 82.88
C ASN QA 77 70.88 -11.62 82.32
N GLY QA 78 70.04 -10.63 82.63
CA GLY QA 78 70.25 -9.25 82.21
C GLY QA 78 69.91 -8.31 83.35
N SER QA 79 69.36 -8.87 84.42
CA SER QA 79 68.92 -8.16 85.63
C SER QA 79 67.84 -7.13 85.33
N CYS QA 80 67.47 -6.99 84.05
CA CYS QA 80 66.40 -6.08 83.66
C CYS QA 80 65.03 -6.72 83.88
N ASP QA 81 64.74 -7.75 83.12
CA ASP QA 81 63.49 -8.51 83.19
C ASP QA 81 63.80 -9.97 82.84
N PRO QA 82 63.53 -10.90 83.75
CA PRO QA 82 63.82 -12.31 83.50
C PRO QA 82 63.06 -12.86 82.29
N SER QA 83 63.69 -13.82 81.63
CA SER QA 83 63.13 -14.47 80.45
C SER QA 83 62.67 -15.87 80.83
N VAL QA 84 61.63 -16.35 80.14
CA VAL QA 84 61.08 -17.67 80.41
C VAL QA 84 61.98 -18.72 79.78
N THR QA 85 62.41 -19.68 80.59
CA THR QA 85 63.38 -20.69 80.18
C THR QA 85 62.74 -22.00 79.76
N ARG QA 86 61.69 -22.41 80.47
CA ARG QA 86 61.03 -23.67 80.21
C ARG QA 86 59.58 -23.52 80.64
N GLN QA 87 58.75 -24.48 80.22
CA GLN QA 87 57.34 -24.45 80.52
C GLN QA 87 56.93 -25.79 81.16
N ALA QA 88 55.74 -25.81 81.72
CA ALA QA 88 55.15 -27.03 82.26
C ALA QA 88 53.68 -27.02 81.88
N TYR QA 89 53.22 -28.10 81.25
CA TYR QA 89 51.89 -28.09 80.68
C TYR QA 89 51.03 -29.18 81.30
N ALA QA 90 49.74 -28.87 81.42
CA ALA QA 90 48.75 -29.83 81.88
C ALA QA 90 47.43 -29.47 81.21
N ASP QA 91 46.75 -30.50 80.72
CA ASP QA 91 45.43 -30.30 80.11
C ASP QA 91 44.63 -31.60 80.16
N VAL QA 92 43.40 -31.51 80.63
CA VAL QA 92 42.51 -32.65 80.65
C VAL QA 92 41.45 -32.40 79.59
N THR QA 93 40.75 -33.48 79.22
CA THR QA 93 39.59 -33.35 78.36
C THR QA 93 38.60 -34.43 78.74
N PHE QA 94 37.43 -34.01 79.18
CA PHE QA 94 36.33 -34.90 79.51
C PHE QA 94 35.34 -34.93 78.35
N SER QA 95 34.72 -36.09 78.17
CA SER QA 95 33.70 -36.22 77.12
C SER QA 95 32.67 -37.23 77.61
N PHE QA 96 31.47 -36.75 77.87
CA PHE QA 96 30.37 -37.58 78.33
C PHE QA 96 29.32 -37.65 77.22
N THR QA 97 28.46 -38.67 77.33
CA THR QA 97 27.41 -38.87 76.33
C THR QA 97 26.35 -37.79 76.51
N GLN QA 98 25.55 -37.60 75.46
CA GLN QA 98 24.48 -36.62 75.52
C GLN QA 98 23.48 -36.99 76.61
N TYR QA 99 23.24 -38.29 76.80
CA TYR QA 99 22.38 -38.80 77.88
C TYR QA 99 23.15 -39.11 79.17
N SER QA 100 24.30 -38.51 79.41
CA SER QA 100 25.08 -38.84 80.60
C SER QA 100 24.40 -38.32 81.86
N THR QA 101 24.50 -39.11 82.94
CA THR QA 101 23.89 -38.76 84.21
C THR QA 101 24.78 -37.84 85.03
N ASP QA 102 24.15 -37.12 85.96
CA ASP QA 102 24.87 -36.18 86.81
C ASP QA 102 25.93 -36.88 87.64
N GLU QA 103 25.57 -37.98 88.32
CA GLU QA 103 26.54 -38.66 89.18
C GLU QA 103 27.68 -39.24 88.38
N GLU QA 104 27.40 -39.78 87.19
CA GLU QA 104 28.47 -40.27 86.33
C GLU QA 104 29.51 -39.19 86.10
N ARG QA 105 29.05 -37.95 85.92
CA ARG QA 105 29.96 -36.86 85.59
C ARG QA 105 30.86 -36.52 86.77
N ALA QA 106 30.27 -36.38 87.97
CA ALA QA 106 31.04 -36.08 89.16
C ALA QA 106 31.98 -37.22 89.54
N PHE QA 107 31.57 -38.46 89.29
CA PHE QA 107 32.41 -39.60 89.65
C PHE QA 107 33.70 -39.57 88.83
N VAL QA 108 33.58 -39.35 87.51
CA VAL QA 108 34.78 -39.23 86.68
C VAL QA 108 35.62 -38.02 87.10
N ARG QA 109 34.99 -37.00 87.68
CA ARG QA 109 35.76 -35.84 88.11
C ARG QA 109 36.52 -36.13 89.40
N THR QA 110 35.83 -36.66 90.40
CA THR QA 110 36.52 -36.95 91.67
C THR QA 110 37.48 -38.11 91.52
N GLU QA 111 37.21 -39.05 90.60
CA GLU QA 111 38.18 -40.10 90.33
C GLU QA 111 39.50 -39.51 89.86
N LEU QA 112 39.44 -38.49 89.00
CA LEU QA 112 40.66 -37.85 88.56
C LEU QA 112 41.35 -37.13 89.71
N ALA QA 113 40.57 -36.47 90.58
CA ALA QA 113 41.16 -35.81 91.73
C ALA QA 113 41.80 -36.81 92.68
N ALA QA 114 41.12 -37.93 92.95
CA ALA QA 114 41.69 -38.96 93.82
C ALA QA 114 42.82 -39.70 93.13
N LEU QA 115 42.73 -39.90 91.82
CA LEU QA 115 43.80 -40.60 91.10
C LEU QA 115 45.09 -39.78 91.06
N LEU QA 116 44.97 -38.45 91.11
CA LEU QA 116 46.16 -37.60 91.13
C LEU QA 116 46.92 -37.67 92.44
N ALA QA 117 46.35 -38.28 93.48
CA ALA QA 117 46.98 -38.39 94.79
C ALA QA 117 47.31 -39.83 95.16
N SER QA 118 47.06 -40.78 94.27
CA SER QA 118 47.37 -42.17 94.59
C SER QA 118 48.88 -42.41 94.49
N PRO QA 119 49.45 -43.20 95.42
CA PRO QA 119 50.90 -43.49 95.38
C PRO QA 119 51.47 -43.78 94.00
N LEU QA 120 50.70 -44.49 93.17
CA LEU QA 120 51.18 -44.85 91.84
C LEU QA 120 51.44 -43.61 91.00
N LEU QA 121 50.48 -42.68 90.98
CA LEU QA 121 50.63 -41.47 90.19
C LEU QA 121 51.67 -40.51 90.76
N ILE QA 122 52.02 -40.65 92.04
CA ILE QA 122 53.06 -39.81 92.61
C ILE QA 122 54.40 -40.06 91.91
N ASP QA 123 54.80 -41.33 91.81
CA ASP QA 123 56.04 -41.68 91.12
C ASP QA 123 55.90 -41.64 89.61
N ALA QA 124 54.68 -41.71 89.08
CA ALA QA 124 54.49 -41.61 87.64
C ALA QA 124 54.66 -40.19 87.16
N ILE QA 125 54.37 -39.21 88.01
CA ILE QA 125 54.41 -37.81 87.63
C ILE QA 125 55.68 -37.15 88.13
N ASP QA 126 56.02 -37.37 89.40
CA ASP QA 126 57.13 -36.64 90.01
C ASP QA 126 58.46 -37.32 89.73
N GLN QA 127 58.50 -38.65 89.79
CA GLN QA 127 59.71 -39.42 89.55
C GLN QA 127 59.78 -39.94 88.11
N LEU QA 128 58.69 -39.82 87.36
CA LEU QA 128 58.59 -40.19 85.94
C LEU QA 128 59.14 -41.60 85.68
N ASN QA 129 58.65 -42.57 86.45
CA ASN QA 129 58.96 -43.96 86.17
C ASN QA 129 57.67 -44.76 86.03
N PRO QA 130 57.55 -45.58 84.99
CA PRO QA 130 56.31 -46.33 84.78
C PRO QA 130 56.12 -47.38 85.85
N ALA QA 131 54.97 -48.04 85.81
CA ALA QA 131 54.78 -49.19 86.69
C ALA QA 131 55.73 -50.33 86.29
N TYR QA 132 56.45 -50.86 87.27
CA TYR QA 132 57.42 -51.92 86.99
C TYR QA 132 57.41 -52.96 88.09
N ALA RA 1 55.70 -46.06 89.84
CA ALA RA 1 56.09 -46.92 90.95
C ALA RA 1 55.72 -48.37 90.68
N LYS RA 2 55.60 -49.17 91.74
CA LYS RA 2 55.17 -50.54 91.60
C LYS RA 2 53.68 -50.58 91.32
N LEU RA 3 53.26 -51.53 90.50
CA LEU RA 3 51.84 -51.63 90.12
C LEU RA 3 51.08 -52.37 91.20
N GLU RA 4 50.62 -51.64 92.21
CA GLU RA 4 49.88 -52.23 93.31
C GLU RA 4 48.38 -52.12 93.06
N THR RA 5 47.59 -52.66 93.98
CA THR RA 5 46.14 -52.49 93.95
C THR RA 5 45.79 -51.16 94.61
N VAL RA 6 45.41 -50.18 93.80
CA VAL RA 6 45.10 -48.85 94.29
C VAL RA 6 43.64 -48.78 94.66
N THR RA 7 43.34 -48.07 95.75
CA THR RA 7 41.97 -47.94 96.25
C THR RA 7 41.71 -46.46 96.52
N LEU RA 8 40.87 -45.86 95.68
CA LEU RA 8 40.50 -44.46 95.86
C LEU RA 8 39.26 -44.39 96.73
N GLY RA 9 39.36 -43.65 97.84
CA GLY RA 9 38.24 -43.46 98.74
C GLY RA 9 37.72 -42.03 98.68
N ASN RA 10 36.56 -41.84 99.29
CA ASN RA 10 35.88 -40.55 99.34
C ASN RA 10 35.75 -39.96 97.94
N ILE RA 11 34.99 -40.68 97.12
CA ILE RA 11 34.87 -40.45 95.69
C ILE RA 11 33.40 -40.34 95.36
N GLY RA 12 33.09 -39.68 94.25
CA GLY RA 12 31.71 -39.55 93.80
C GLY RA 12 31.12 -38.19 94.12
N LYS RA 13 29.89 -37.99 93.64
CA LYS RA 13 29.19 -36.74 93.93
C LYS RA 13 29.08 -36.51 95.43
N ASP RA 14 28.60 -37.51 96.16
CA ASP RA 14 28.51 -37.37 97.61
C ASP RA 14 29.89 -37.22 98.24
N GLY RA 15 30.87 -37.94 97.72
CA GLY RA 15 32.16 -37.99 98.36
C GLY RA 15 32.24 -39.10 99.38
N LYS RA 16 31.20 -39.94 99.46
CA LYS RA 16 31.12 -41.04 100.41
C LYS RA 16 31.07 -42.38 99.69
N GLN RA 17 31.78 -42.50 98.59
CA GLN RA 17 31.87 -43.74 97.82
C GLN RA 17 33.32 -44.19 97.79
N THR RA 18 33.55 -45.40 97.28
CA THR RA 18 34.89 -45.95 97.20
C THR RA 18 35.03 -46.76 95.93
N LEU RA 19 36.26 -46.90 95.45
CA LEU RA 19 36.51 -47.60 94.20
C LEU RA 19 37.83 -48.35 94.31
N VAL RA 20 37.79 -49.66 94.10
CA VAL RA 20 38.97 -50.53 94.21
C VAL RA 20 39.38 -50.95 92.81
N LEU RA 21 40.67 -50.84 92.52
CA LEU RA 21 41.22 -51.12 91.19
C LEU RA 21 42.43 -52.04 91.30
N ASN RA 22 42.26 -53.32 90.93
CA ASN RA 22 43.41 -54.21 90.92
C ASN RA 22 44.22 -54.04 89.64
N PRO RA 23 45.52 -54.26 89.70
CA PRO RA 23 46.37 -54.07 88.53
C PRO RA 23 46.13 -55.10 87.44
N ARG RA 24 46.36 -54.67 86.19
CA ARG RA 24 46.25 -55.53 85.03
C ARG RA 24 47.54 -55.55 84.20
N GLY RA 25 48.65 -55.07 84.76
CA GLY RA 25 49.91 -55.25 84.07
C GLY RA 25 50.24 -54.11 83.13
N VAL RA 26 51.32 -54.30 82.38
CA VAL RA 26 51.76 -53.32 81.39
C VAL RA 26 51.47 -53.89 80.01
N ASN RA 27 51.60 -53.03 78.99
CA ASN RA 27 51.35 -53.41 77.62
C ASN RA 27 52.66 -53.37 76.85
N PRO RA 28 53.34 -54.50 76.65
CA PRO RA 28 54.69 -54.47 76.06
C PRO RA 28 54.73 -53.90 74.65
N THR RA 29 53.59 -53.70 74.00
CA THR RA 29 53.57 -53.00 72.72
C THR RA 29 53.33 -51.51 72.91
N ASN RA 30 52.30 -51.14 73.65
CA ASN RA 30 51.97 -49.74 73.90
C ASN RA 30 52.83 -49.11 74.99
N GLY RA 31 53.48 -49.90 75.83
CA GLY RA 31 54.23 -49.34 76.93
C GLY RA 31 53.36 -48.56 77.90
N VAL RA 32 52.16 -49.06 78.18
CA VAL RA 32 51.21 -48.38 79.04
C VAL RA 32 50.74 -49.36 80.10
N ALA RA 33 50.79 -48.93 81.35
CA ALA RA 33 50.24 -49.73 82.44
C ALA RA 33 48.72 -49.57 82.47
N SER RA 34 48.06 -50.60 82.96
CA SER RA 34 46.60 -50.62 83.02
C SER RA 34 46.16 -51.32 84.30
N LEU RA 35 45.02 -50.88 84.80
CA LEU RA 35 44.39 -51.47 85.97
C LEU RA 35 42.91 -51.15 85.89
N SER RA 36 42.10 -52.00 86.52
CA SER RA 36 40.67 -52.04 86.22
C SER RA 36 39.86 -52.19 87.49
N GLN RA 37 38.59 -51.78 87.39
CA GLN RA 37 37.66 -51.89 88.50
C GLN RA 37 37.43 -53.34 88.91
N ALA RA 38 37.56 -53.59 90.20
CA ALA RA 38 37.43 -54.94 90.76
C ALA RA 38 36.02 -55.45 90.59
N GLY RA 39 35.66 -55.81 89.35
CA GLY RA 39 34.32 -56.26 89.05
C GLY RA 39 34.35 -57.59 88.33
N ALA RA 40 33.17 -58.21 88.26
CA ALA RA 40 33.04 -59.51 87.64
C ALA RA 40 33.46 -59.47 86.19
N VAL RA 41 32.77 -58.67 85.37
CA VAL RA 41 32.96 -58.67 83.92
C VAL RA 41 34.03 -57.71 83.42
N PRO RA 42 34.96 -58.18 82.58
CA PRO RA 42 35.96 -57.26 81.99
C PRO RA 42 35.34 -56.20 81.10
N ALA RA 43 34.24 -56.52 80.43
CA ALA RA 43 33.59 -55.56 79.54
C ALA RA 43 32.82 -54.51 80.33
N LEU RA 44 32.24 -54.91 81.46
CA LEU RA 44 31.44 -54.01 82.27
C LEU RA 44 32.30 -53.00 83.02
N GLU RA 45 33.52 -53.38 83.38
CA GLU RA 45 34.27 -52.63 84.38
C GLU RA 45 34.83 -51.33 83.84
N LYS RA 46 34.92 -50.34 84.73
CA LYS RA 46 35.68 -49.13 84.46
C LYS RA 46 37.16 -49.42 84.58
N ARG RA 47 37.96 -48.61 83.90
CA ARG RA 47 39.39 -48.85 83.84
C ARG RA 47 40.13 -47.52 83.65
N VAL RA 48 41.39 -47.49 84.11
CA VAL RA 48 42.26 -46.33 83.92
C VAL RA 48 43.65 -46.82 83.53
N THR RA 49 44.37 -45.97 82.79
CA THR RA 49 45.66 -46.33 82.22
C THR RA 49 46.66 -45.19 82.40
N VAL RA 50 47.88 -45.53 82.78
CA VAL RA 50 48.94 -44.56 83.05
C VAL RA 50 50.12 -44.86 82.14
N SER RA 51 50.77 -43.81 81.64
CA SER RA 51 51.90 -43.99 80.74
C SER RA 51 52.86 -42.83 80.87
N VAL RA 52 54.16 -43.14 80.87
CA VAL RA 52 55.21 -42.15 80.88
C VAL RA 52 56.13 -42.43 79.70
N SER RA 53 56.65 -41.37 79.09
CA SER RA 53 57.53 -41.50 77.93
C SER RA 53 58.84 -40.74 78.13
N GLN RA 54 59.98 -41.41 77.82
CA GLN RA 54 61.32 -40.82 77.76
C GLN RA 54 61.36 -39.97 76.50
N PRO RA 55 62.48 -39.32 76.09
CA PRO RA 55 62.36 -38.42 74.93
C PRO RA 55 62.08 -39.24 73.68
N SER RA 56 60.97 -38.96 73.00
CA SER RA 56 60.39 -39.93 72.07
C SER RA 56 61.02 -39.81 70.68
N ARG RA 57 60.26 -40.23 69.66
CA ARG RA 57 60.74 -40.21 68.29
C ARG RA 57 60.44 -38.90 67.59
N ASN RA 58 59.36 -38.22 68.00
CA ASN RA 58 58.99 -36.91 67.48
C ASN RA 58 59.76 -35.77 68.17
N ARG RA 59 59.46 -35.50 69.44
CA ARG RA 59 60.07 -34.42 70.23
C ARG RA 59 60.94 -34.96 71.38
N LYS RA 60 61.76 -34.07 71.96
CA LYS RA 60 62.62 -34.41 73.09
C LYS RA 60 62.17 -33.77 74.42
N ASN RA 61 60.91 -33.94 74.79
CA ASN RA 61 60.35 -33.50 76.06
C ASN RA 61 59.56 -34.63 76.70
N TYR RA 62 59.53 -34.65 78.03
CA TYR RA 62 58.86 -35.75 78.71
C TYR RA 62 57.36 -35.52 78.71
N LYS RA 63 56.60 -36.62 78.60
CA LYS RA 63 55.15 -36.56 78.55
C LYS RA 63 54.56 -37.74 79.31
N VAL RA 64 53.66 -37.45 80.24
CA VAL RA 64 52.94 -38.47 81.01
C VAL RA 64 51.44 -38.22 80.82
N GLN RA 65 50.69 -39.29 80.66
CA GLN RA 65 49.26 -39.22 80.33
C GLN RA 65 48.51 -40.34 81.02
N VAL RA 66 47.38 -39.98 81.64
CA VAL RA 66 46.49 -40.95 82.26
C VAL RA 66 45.13 -40.82 81.58
N LYS RA 67 44.49 -41.96 81.34
CA LYS RA 67 43.17 -42.00 80.74
C LYS RA 67 42.19 -42.71 81.67
N ILE RA 68 40.94 -42.26 81.64
CA ILE RA 68 39.85 -42.85 82.40
C ILE RA 68 38.72 -43.21 81.45
N GLN RA 69 38.14 -44.39 81.64
CA GLN RA 69 37.05 -44.85 80.79
C GLN RA 69 36.02 -45.55 81.68
N ASN RA 70 34.89 -44.90 81.92
CA ASN RA 70 33.84 -45.44 82.78
C ASN RA 70 32.56 -45.71 81.98
N PRO RA 71 32.27 -46.95 81.63
CA PRO RA 71 31.01 -47.27 80.95
C PRO RA 71 29.88 -47.51 81.94
N THR RA 72 28.67 -47.64 81.39
CA THR RA 72 27.48 -47.94 82.16
C THR RA 72 26.59 -48.86 81.35
N ALA RA 73 25.79 -49.68 82.05
CA ALA RA 73 25.05 -50.76 81.41
C ALA RA 73 23.58 -50.76 81.81
N CYS RA 74 22.84 -51.69 81.23
CA CYS RA 74 21.44 -51.93 81.52
C CYS RA 74 21.23 -53.44 81.58
N THR RA 75 20.37 -53.86 82.50
CA THR RA 75 20.16 -55.27 82.82
C THR RA 75 18.88 -55.83 82.16
N ALA RA 76 18.18 -55.03 81.35
CA ALA RA 76 16.89 -55.45 80.81
C ALA RA 76 16.87 -55.64 79.31
N ASN RA 77 17.87 -55.14 78.57
CA ASN RA 77 17.89 -55.28 77.11
C ASN RA 77 17.86 -56.76 76.72
N GLY RA 78 18.96 -57.48 77.01
CA GLY RA 78 19.02 -58.90 76.74
C GLY RA 78 18.58 -59.76 77.91
N SER RA 79 18.26 -59.12 79.04
CA SER RA 79 17.82 -59.74 80.29
C SER RA 79 18.60 -61.00 80.63
N CYS RA 80 19.85 -61.09 80.17
CA CYS RA 80 20.75 -62.18 80.56
C CYS RA 80 22.02 -61.56 81.12
N ASP RA 81 22.80 -60.95 80.22
CA ASP RA 81 24.06 -60.27 80.52
C ASP RA 81 23.99 -58.80 80.10
N PRO RA 82 24.21 -57.85 81.02
CA PRO RA 82 24.09 -56.42 80.69
C PRO RA 82 25.02 -55.95 79.58
N SER RA 83 24.50 -55.02 78.77
CA SER RA 83 25.22 -54.40 77.67
C SER RA 83 25.48 -52.93 78.01
N VAL RA 84 26.59 -52.39 77.50
CA VAL RA 84 26.98 -51.02 77.77
C VAL RA 84 26.20 -50.07 76.87
N THR RA 85 25.56 -49.07 77.47
CA THR RA 85 24.72 -48.12 76.75
C THR RA 85 25.45 -46.83 76.39
N ARG RA 86 26.28 -46.33 77.29
CA ARG RA 86 27.05 -45.12 77.07
C ARG RA 86 28.31 -45.20 77.92
N GLN RA 87 29.27 -44.34 77.62
CA GLN RA 87 30.52 -44.35 78.35
C GLN RA 87 30.83 -42.93 78.82
N ALA RA 88 31.87 -42.80 79.65
CA ALA RA 88 32.34 -41.50 80.12
C ALA RA 88 33.85 -41.49 80.01
N TYR RA 89 34.39 -40.45 79.40
CA TYR RA 89 35.80 -40.44 79.03
C TYR RA 89 36.53 -39.34 79.79
N ALA RA 90 37.78 -39.62 80.14
CA ALA RA 90 38.66 -38.66 80.77
C ALA RA 90 40.09 -38.98 80.40
N ASP RA 91 40.88 -37.96 80.07
CA ASP RA 91 42.29 -38.15 79.78
C ASP RA 91 43.06 -36.86 80.08
N VAL RA 92 44.16 -36.99 80.78
CA VAL RA 92 45.03 -35.87 81.05
C VAL RA 92 46.30 -36.09 80.25
N THR RA 93 47.06 -35.02 80.05
CA THR RA 93 48.38 -35.17 79.44
C THR RA 93 49.27 -34.08 80.00
N PHE RA 94 50.33 -34.48 80.69
CA PHE RA 94 51.34 -33.58 81.20
C PHE RA 94 52.55 -33.63 80.30
N SER RA 95 53.21 -32.49 80.15
CA SER RA 95 54.43 -32.43 79.36
C SER RA 95 55.32 -31.35 79.96
N PHE RA 96 56.42 -31.77 80.56
CA PHE RA 96 57.37 -30.85 81.15
C PHE RA 96 58.65 -30.85 80.32
N THR RA 97 59.43 -29.78 80.49
CA THR RA 97 60.66 -29.67 79.73
C THR RA 97 61.68 -30.67 80.29
N GLN RA 98 62.69 -30.97 79.48
CA GLN RA 98 63.73 -31.89 79.92
C GLN RA 98 64.44 -31.36 81.16
N TYR RA 99 64.53 -30.03 81.31
CA TYR RA 99 65.10 -29.39 82.50
C TYR RA 99 64.09 -29.14 83.61
N SER RA 100 62.98 -29.87 83.66
CA SER RA 100 61.99 -29.62 84.70
C SER RA 100 62.47 -30.17 86.04
N THR RA 101 62.18 -29.42 87.10
CA THR RA 101 62.56 -29.79 88.46
C THR RA 101 61.51 -30.71 89.09
N ASP RA 102 61.97 -31.46 90.10
CA ASP RA 102 61.08 -32.40 90.79
C ASP RA 102 59.89 -31.68 91.41
N GLU RA 103 60.14 -30.59 92.13
CA GLU RA 103 59.05 -29.88 92.81
C GLU RA 103 58.07 -29.28 91.80
N GLU RA 104 58.58 -28.77 90.67
CA GLU RA 104 57.72 -28.19 89.64
C GLU RA 104 56.64 -29.16 89.19
N ARG RA 105 57.01 -30.44 89.06
CA ARG RA 105 56.08 -31.43 88.52
C ARG RA 105 54.90 -31.65 89.46
N ALA RA 106 55.18 -31.77 90.77
CA ALA RA 106 54.12 -31.95 91.75
C ALA RA 106 53.20 -30.73 91.81
N PHE RA 107 53.75 -29.53 91.57
CA PHE RA 107 52.92 -28.33 91.61
C PHE RA 107 51.82 -28.40 90.54
N VAL RA 108 52.21 -28.73 89.31
CA VAL RA 108 51.23 -28.92 88.25
C VAL RA 108 50.32 -30.10 88.56
N ARG RA 109 50.80 -31.04 89.38
CA ARG RA 109 50.02 -32.22 89.75
C ARG RA 109 48.95 -31.89 90.78
N THR RA 110 49.32 -31.23 91.88
CA THR RA 110 48.34 -30.88 92.90
C THR RA 110 47.44 -29.75 92.45
N GLU RA 111 47.94 -28.87 91.57
CA GLU RA 111 47.09 -27.83 91.00
C GLU RA 111 45.92 -28.45 90.27
N LEU RA 112 46.16 -29.53 89.52
CA LEU RA 112 45.07 -30.21 88.83
C LEU RA 112 44.14 -30.89 89.81
N ALA RA 113 44.68 -31.49 90.88
CA ALA RA 113 43.85 -32.16 91.86
C ALA RA 113 42.94 -31.17 92.58
N ALA RA 114 43.49 -30.02 92.99
CA ALA RA 114 42.66 -29.01 93.63
C ALA RA 114 41.73 -28.33 92.65
N LEU RA 115 42.17 -28.14 91.40
CA LEU RA 115 41.32 -27.50 90.41
C LEU RA 115 40.11 -28.35 90.06
N LEU RA 116 40.23 -29.68 90.19
CA LEU RA 116 39.11 -30.57 89.95
C LEU RA 116 38.03 -30.48 91.04
N ALA RA 117 38.32 -29.81 92.15
CA ALA RA 117 37.36 -29.66 93.23
C ALA RA 117 36.97 -28.21 93.50
N SER RA 118 37.46 -27.26 92.71
CA SER RA 118 37.12 -25.86 92.92
C SER RA 118 35.70 -25.58 92.47
N PRO RA 119 34.93 -24.78 93.23
CA PRO RA 119 33.55 -24.44 92.86
C PRO RA 119 33.33 -24.15 91.39
N LEU RA 120 34.31 -23.51 90.75
CA LEU RA 120 34.19 -23.16 89.34
C LEU RA 120 34.05 -24.40 88.47
N LEU RA 121 34.90 -25.41 88.70
CA LEU RA 121 34.87 -26.64 87.91
C LEU RA 121 33.68 -27.54 88.24
N ILE RA 122 33.00 -27.33 89.37
CA ILE RA 122 31.83 -28.14 89.68
C ILE RA 122 30.75 -27.97 88.62
N ASP RA 123 30.39 -26.73 88.29
CA ASP RA 123 29.37 -26.50 87.26
C ASP RA 123 29.90 -26.71 85.85
N ALA RA 124 31.22 -26.69 85.67
CA ALA RA 124 31.77 -26.99 84.34
C ALA RA 124 31.71 -28.48 84.05
N ILE RA 125 31.75 -29.32 85.08
CA ILE RA 125 31.79 -30.76 84.91
C ILE RA 125 30.42 -31.38 85.17
N ASP RA 126 29.77 -31.00 86.26
CA ASP RA 126 28.53 -31.67 86.67
C ASP RA 126 27.31 -31.09 85.99
N GLN RA 127 27.21 -29.77 85.90
CA GLN RA 127 26.11 -29.11 85.22
C GLN RA 127 26.45 -28.73 83.79
N LEU RA 128 27.72 -28.89 83.41
CA LEU RA 128 28.22 -28.63 82.06
C LEU RA 128 27.82 -27.24 81.57
N ASN RA 129 28.06 -26.25 82.41
CA ASN RA 129 27.89 -24.86 82.04
C ASN RA 129 29.20 -24.12 82.25
N PRO RA 130 29.65 -23.33 81.27
CA PRO RA 130 30.98 -22.75 81.32
C PRO RA 130 31.11 -21.67 82.39
N ALA RA 131 32.35 -21.21 82.54
CA ALA RA 131 32.62 -20.02 83.34
C ALA RA 131 32.04 -18.80 82.65
N TYR RA 132 31.37 -17.97 83.44
CA TYR RA 132 30.65 -16.82 82.93
C TYR RA 132 30.84 -15.57 83.79
N ALA SA 1 69.73 -60.18 86.72
CA ALA SA 1 69.15 -60.48 88.03
C ALA SA 1 68.06 -59.48 88.40
N LYS SA 2 67.80 -59.34 89.69
CA LYS SA 2 66.79 -58.41 90.17
C LYS SA 2 67.28 -56.98 90.03
N LEU SA 3 66.34 -56.08 89.72
CA LEU SA 3 66.65 -54.66 89.56
C LEU SA 3 66.64 -53.98 90.92
N GLU SA 4 67.75 -54.11 91.64
CA GLU SA 4 67.90 -53.47 92.94
C GLU SA 4 68.68 -52.16 92.75
N THR SA 5 68.91 -51.45 93.85
CA THR SA 5 69.73 -50.25 93.80
C THR SA 5 71.21 -50.64 93.88
N VAL SA 6 71.90 -50.51 92.74
CA VAL SA 6 73.30 -50.89 92.62
C VAL SA 6 74.17 -49.69 92.96
N THR SA 7 75.28 -49.95 93.65
CA THR SA 7 76.21 -48.92 94.11
C THR SA 7 77.62 -49.36 93.75
N LEU SA 8 78.27 -48.65 92.82
CA LEU SA 8 79.62 -49.00 92.41
C LEU SA 8 80.65 -48.29 93.30
N GLY SA 9 81.56 -49.09 93.86
CA GLY SA 9 82.63 -48.58 94.69
C GLY SA 9 83.97 -48.71 93.98
N ASN SA 10 84.97 -48.05 94.56
CA ASN SA 10 86.32 -48.00 94.00
C ASN SA 10 86.28 -47.53 92.55
N ILE SA 11 85.80 -46.29 92.40
CA ILE SA 11 85.49 -45.71 91.11
C ILE SA 11 86.17 -44.35 91.04
N GLY SA 12 86.40 -43.88 89.82
CA GLY SA 12 86.96 -42.56 89.64
C GLY SA 12 88.45 -42.59 89.31
N LYS SA 13 88.98 -41.40 89.02
CA LYS SA 13 90.39 -41.27 88.74
C LYS SA 13 91.21 -41.79 89.93
N ASP SA 14 90.87 -41.33 91.14
CA ASP SA 14 91.58 -41.79 92.33
C ASP SA 14 91.35 -43.29 92.56
N GLY SA 15 90.14 -43.77 92.29
CA GLY SA 15 89.75 -45.11 92.61
C GLY SA 15 89.14 -45.26 93.98
N LYS SA 16 88.92 -44.15 94.68
CA LYS SA 16 88.35 -44.13 96.02
C LYS SA 16 87.02 -43.38 96.04
N GLN SA 17 86.25 -43.46 94.97
CA GLN SA 17 84.94 -42.80 94.88
C GLN SA 17 83.84 -43.84 94.72
N THR SA 18 82.60 -43.36 94.73
CA THR SA 18 81.43 -44.21 94.59
C THR SA 18 80.36 -43.49 93.80
N LEU SA 19 79.48 -44.28 93.20
CA LEU SA 19 78.38 -43.77 92.38
C LEU SA 19 77.20 -44.68 92.61
N VAL SA 20 76.07 -44.10 93.03
CA VAL SA 20 74.87 -44.87 93.35
C VAL SA 20 73.85 -44.68 92.24
N LEU SA 21 73.26 -45.78 91.80
CA LEU SA 21 72.32 -45.80 90.70
C LEU SA 21 71.10 -46.58 91.16
N ASN SA 22 70.02 -45.87 91.46
CA ASN SA 22 68.77 -46.49 91.86
C ASN SA 22 67.98 -46.96 90.63
N PRO SA 23 67.19 -48.01 90.76
CA PRO SA 23 66.43 -48.51 89.61
C PRO SA 23 65.35 -47.54 89.17
N ARG SA 24 65.08 -47.54 87.87
CA ARG SA 24 64.03 -46.73 87.28
C ARG SA 24 63.05 -47.58 86.48
N GLY SA 25 63.09 -48.91 86.65
CA GLY SA 25 62.14 -49.79 86.02
C GLY SA 25 62.62 -50.28 84.68
N VAL SA 26 61.76 -51.06 84.02
CA VAL SA 26 62.08 -51.57 82.70
C VAL SA 26 61.17 -50.89 81.67
N ASN SA 27 61.57 -51.00 80.41
CA ASN SA 27 60.78 -50.48 79.30
C ASN SA 27 60.40 -51.67 78.44
N PRO SA 28 59.24 -52.28 78.68
CA PRO SA 28 58.89 -53.52 77.96
C PRO SA 28 58.70 -53.33 76.47
N THR SA 29 58.70 -52.09 75.97
CA THR SA 29 58.63 -51.84 74.53
C THR SA 29 60.02 -51.85 73.91
N ASN SA 30 60.96 -51.10 74.50
CA ASN SA 30 62.34 -51.11 74.02
C ASN SA 30 63.08 -52.36 74.47
N GLY SA 31 62.55 -53.07 75.46
CA GLY SA 31 63.23 -54.24 76.01
C GLY SA 31 64.55 -53.90 76.68
N VAL SA 32 64.63 -52.75 77.33
CA VAL SA 32 65.85 -52.29 77.97
C VAL SA 32 65.54 -51.92 79.40
N ALA SA 33 66.29 -52.48 80.34
CA ALA SA 33 66.20 -52.01 81.71
C ALA SA 33 67.07 -50.76 81.84
N SER SA 34 66.67 -49.87 82.73
CA SER SA 34 67.38 -48.63 82.90
C SER SA 34 67.36 -48.24 84.36
N LEU SA 35 68.44 -47.60 84.79
CA LEU SA 35 68.57 -47.09 86.14
C LEU SA 35 69.57 -45.95 86.12
N SER SA 36 69.39 -45.00 87.04
CA SER SA 36 70.09 -43.73 86.93
C SER SA 36 70.48 -43.24 88.31
N GLN SA 37 71.55 -42.46 88.35
CA GLN SA 37 71.92 -41.80 89.59
C GLN SA 37 70.86 -40.73 89.90
N ALA SA 38 70.31 -40.80 91.11
CA ALA SA 38 69.19 -39.96 91.51
C ALA SA 38 69.59 -38.49 91.55
N GLY SA 39 69.14 -37.71 90.56
CA GLY SA 39 69.43 -36.30 90.50
C GLY SA 39 68.16 -35.48 90.39
N ALA SA 40 68.30 -34.18 90.64
CA ALA SA 40 67.16 -33.29 90.62
C ALA SA 40 66.53 -33.23 89.24
N VAL SA 41 67.27 -32.73 88.26
CA VAL SA 41 66.78 -32.52 86.90
C VAL SA 41 67.03 -33.77 86.07
N PRO SA 42 66.06 -34.25 85.31
CA PRO SA 42 66.29 -35.46 84.50
C PRO SA 42 67.44 -35.35 83.53
N ALA SA 43 67.73 -34.15 83.03
CA ALA SA 43 68.80 -34.00 82.04
C ALA SA 43 70.17 -34.09 82.68
N LEU SA 44 70.30 -33.59 83.91
CA LEU SA 44 71.58 -33.50 84.58
C LEU SA 44 72.09 -34.86 85.05
N GLU SA 45 71.20 -35.79 85.35
CA GLU SA 45 71.61 -36.99 86.09
C GLU SA 45 72.40 -37.97 85.22
N LYS SA 46 73.29 -38.72 85.87
CA LYS SA 46 73.99 -39.81 85.20
C LYS SA 46 73.02 -40.97 84.96
N ARG SA 47 73.34 -41.80 83.96
CA ARG SA 47 72.46 -42.92 83.65
C ARG SA 47 73.24 -44.06 83.02
N VAL SA 48 72.76 -45.28 83.25
CA VAL SA 48 73.27 -46.49 82.60
C VAL SA 48 72.09 -47.41 82.30
N THR SA 49 72.22 -48.20 81.23
CA THR SA 49 71.14 -49.05 80.73
C THR SA 49 71.69 -50.41 80.33
N VAL SA 50 70.96 -51.48 80.69
CA VAL SA 50 71.35 -52.85 80.37
C VAL SA 50 70.23 -53.51 79.58
N SER SA 51 70.60 -54.32 78.59
CA SER SA 51 69.61 -54.97 77.73
C SER SA 51 70.15 -56.30 77.23
N VAL SA 52 69.27 -57.31 77.20
CA VAL SA 52 69.58 -58.61 76.62
C VAL SA 52 68.52 -58.96 75.58
N SER SA 53 68.95 -59.60 74.49
CA SER SA 53 68.05 -60.02 73.42
C SER SA 53 68.24 -61.50 73.09
N GLN SA 54 67.14 -62.24 73.02
CA GLN SA 54 67.15 -63.64 72.61
C GLN SA 54 67.34 -63.73 71.10
N PRO SA 55 67.76 -64.88 70.57
CA PRO SA 55 68.02 -64.93 69.12
C PRO SA 55 66.71 -64.91 68.35
N SER SA 56 66.54 -63.91 67.50
CA SER SA 56 65.29 -63.77 66.79
C SER SA 56 65.33 -64.60 65.49
N ARG SA 57 64.53 -64.20 64.51
CA ARG SA 57 64.49 -64.89 63.24
C ARG SA 57 65.49 -64.29 62.28
N ASN SA 58 65.89 -63.05 62.52
CA ASN SA 58 66.86 -62.30 61.73
C ASN SA 58 68.23 -62.90 62.04
N ARG SA 59 68.76 -62.62 63.23
CA ARG SA 59 70.07 -63.12 63.65
C ARG SA 59 69.91 -64.06 64.84
N LYS SA 60 70.57 -65.22 64.76
CA LYS SA 60 70.54 -66.24 65.82
C LYS SA 60 71.79 -66.17 66.70
N ASN SA 61 72.01 -64.99 67.26
CA ASN SA 61 73.09 -64.78 68.21
C ASN SA 61 72.52 -64.10 69.44
N TYR SA 62 73.05 -64.45 70.61
CA TYR SA 62 72.65 -63.77 71.82
C TYR SA 62 73.41 -62.47 71.87
N LYS SA 63 72.77 -61.40 72.34
CA LYS SA 63 73.46 -60.12 72.40
C LYS SA 63 72.99 -59.36 73.63
N VAL SA 64 73.96 -58.93 74.44
CA VAL SA 64 73.72 -58.11 75.62
C VAL SA 64 74.56 -56.85 75.49
N GLN SA 65 73.98 -55.72 75.85
CA GLN SA 65 74.63 -54.43 75.66
C GLN SA 65 74.28 -53.53 76.84
N VAL SA 66 75.30 -52.86 77.38
CA VAL SA 66 75.11 -51.88 78.44
C VAL SA 66 75.65 -50.55 77.95
N LYS SA 67 74.94 -49.48 78.28
CA LYS SA 67 75.31 -48.12 77.90
C LYS SA 67 75.53 -47.28 79.15
N ILE SA 68 76.45 -46.33 79.05
CA ILE SA 68 76.74 -45.39 80.12
C ILE SA 68 76.62 -43.98 79.54
N GLN SA 69 75.97 -43.10 80.30
CA GLN SA 69 75.76 -41.72 79.84
C GLN SA 69 75.95 -40.78 81.02
N ASN SA 70 77.08 -40.08 81.04
CA ASN SA 70 77.41 -39.13 82.11
C ASN SA 70 77.49 -37.72 81.56
N PRO SA 71 76.48 -36.87 81.81
CA PRO SA 71 76.56 -35.48 81.36
C PRO SA 71 77.30 -34.61 82.36
N THR SA 72 77.54 -33.34 82.00
CA THR SA 72 78.19 -32.39 82.90
C THR SA 72 77.51 -31.03 82.74
N ALA SA 73 77.49 -30.26 83.83
CA ALA SA 73 76.70 -29.04 83.85
C ALA SA 73 77.52 -27.86 84.36
N CYS SA 74 76.93 -26.68 84.26
CA CYS SA 74 77.52 -25.44 84.76
C CYS SA 74 76.43 -24.57 85.35
N THR SA 75 76.74 -23.88 86.44
CA THR SA 75 75.80 -22.99 87.13
C THR SA 75 76.05 -21.51 86.81
N ALA SA 76 76.97 -21.23 85.89
CA ALA SA 76 77.36 -19.85 85.60
C ALA SA 76 77.35 -19.50 84.12
N ASN SA 77 77.04 -20.45 83.21
CA ASN SA 77 76.96 -20.15 81.78
C ASN SA 77 75.56 -19.67 81.44
N GLY SA 78 74.58 -20.15 82.21
CA GLY SA 78 73.22 -19.71 82.16
C GLY SA 78 73.12 -19.20 83.59
N SER SA 79 73.12 -17.88 83.73
CA SER SA 79 73.20 -17.23 85.03
C SER SA 79 71.96 -17.36 85.92
N CYS SA 80 71.28 -18.50 85.85
CA CYS SA 80 70.15 -18.74 86.74
C CYS SA 80 70.07 -20.20 87.16
N ASP SA 81 69.87 -21.07 86.17
CA ASP SA 81 69.70 -22.51 86.35
C ASP SA 81 70.93 -23.25 85.81
N PRO SA 82 71.04 -24.58 85.98
CA PRO SA 82 72.19 -25.26 85.40
C PRO SA 82 71.88 -25.93 84.08
N SER SA 83 72.78 -25.80 83.11
CA SER SA 83 72.61 -26.39 81.79
C SER SA 83 73.67 -27.46 81.57
N VAL SA 84 73.32 -28.48 80.79
CA VAL SA 84 74.26 -29.54 80.45
C VAL SA 84 75.18 -29.02 79.35
N THR SA 85 76.48 -29.06 79.61
CA THR SA 85 77.47 -28.50 78.69
C THR SA 85 78.12 -29.52 77.78
N ARG SA 86 78.40 -30.72 78.28
CA ARG SA 86 79.10 -31.74 77.52
C ARG SA 86 78.61 -33.10 77.97
N GLN SA 87 78.92 -34.13 77.18
CA GLN SA 87 78.51 -35.49 77.49
C GLN SA 87 79.72 -36.42 77.48
N ALA SA 88 79.52 -37.61 78.04
CA ALA SA 88 80.51 -38.69 78.01
C ALA SA 88 79.77 -39.99 77.78
N TYR SA 89 80.19 -40.76 76.78
CA TYR SA 89 79.42 -41.92 76.36
C TYR SA 89 80.26 -43.18 76.49
N ALA SA 90 79.60 -44.28 76.87
CA ALA SA 90 80.24 -45.59 76.91
C ALA SA 90 79.18 -46.65 76.68
N ASP SA 91 79.50 -47.64 75.85
CA ASP SA 91 78.59 -48.76 75.63
C ASP SA 91 79.38 -49.98 75.15
N VAL SA 92 79.10 -51.13 75.76
CA VAL SA 92 79.73 -52.38 75.34
C VAL SA 92 78.65 -53.20 74.67
N THR SA 93 79.08 -54.22 73.93
CA THR SA 93 78.14 -55.17 73.35
C THR SA 93 78.81 -56.53 73.28
N PHE SA 94 78.25 -57.50 74.01
CA PHE SA 94 78.69 -58.88 74.00
C PHE SA 94 77.75 -59.71 73.14
N SER SA 95 78.30 -60.75 72.51
CA SER SA 95 77.49 -61.64 71.69
C SER SA 95 78.11 -63.03 71.75
N PHE SA 96 77.40 -63.96 72.38
CA PHE SA 96 77.85 -65.33 72.51
C PHE SA 96 76.96 -66.26 71.68
N THR SA 97 77.51 -67.45 71.40
CA THR SA 97 76.84 -68.44 70.57
C THR SA 97 75.70 -69.10 71.35
N GLN SA 98 74.78 -69.73 70.60
CA GLN SA 98 73.69 -70.45 71.24
C GLN SA 98 74.22 -71.63 72.05
N TYR SA 99 75.27 -72.29 71.56
CA TYR SA 99 75.95 -73.36 72.29
C TYR SA 99 77.13 -72.85 73.12
N SER SA 100 77.15 -71.57 73.47
CA SER SA 100 78.27 -71.04 74.22
C SER SA 100 78.20 -71.51 75.67
N THR SA 101 79.37 -71.77 76.26
CA THR SA 101 79.41 -72.28 77.61
C THR SA 101 79.31 -71.14 78.62
N ASP SA 102 78.86 -71.49 79.82
CA ASP SA 102 78.71 -70.50 80.88
C ASP SA 102 80.05 -69.84 81.21
N GLU SA 103 81.10 -70.65 81.39
CA GLU SA 103 82.41 -70.10 81.76
C GLU SA 103 82.98 -69.20 80.68
N GLU SA 104 82.77 -69.55 79.39
CA GLU SA 104 83.25 -68.67 78.32
C GLU SA 104 82.72 -67.27 78.51
N ARG SA 105 81.46 -67.17 78.93
CA ARG SA 105 80.79 -65.87 79.07
C ARG SA 105 81.44 -65.04 80.18
N ALA SA 106 81.64 -65.66 81.35
CA ALA SA 106 82.28 -64.96 82.46
C ALA SA 106 83.72 -64.57 82.15
N PHE SA 107 84.42 -65.37 81.36
CA PHE SA 107 85.80 -65.07 81.02
C PHE SA 107 85.87 -63.75 80.25
N VAL SA 108 85.01 -63.59 79.25
CA VAL SA 108 84.91 -62.33 78.52
C VAL SA 108 84.50 -61.20 79.44
N ARG SA 109 83.79 -61.52 80.53
CA ARG SA 109 83.36 -60.49 81.46
C ARG SA 109 84.50 -59.99 82.32
N THR SA 110 85.25 -60.90 82.95
CA THR SA 110 86.36 -60.48 83.79
C THR SA 110 87.53 -59.99 82.95
N GLU SA 111 87.68 -60.51 81.72
CA GLU SA 111 88.73 -60.01 80.84
C GLU SA 111 88.55 -58.53 80.57
N LEU SA 112 87.31 -58.09 80.32
CA LEU SA 112 87.07 -56.67 80.09
C LEU SA 112 87.27 -55.87 81.37
N ALA SA 113 86.87 -56.42 82.52
CA ALA SA 113 87.06 -55.71 83.78
C ALA SA 113 88.54 -55.49 84.07
N ALA SA 114 89.36 -56.53 83.86
CA ALA SA 114 90.80 -56.38 84.05
C ALA SA 114 91.43 -55.55 82.95
N LEU SA 115 90.92 -55.66 81.72
CA LEU SA 115 91.48 -54.89 80.61
C LEU SA 115 91.24 -53.40 80.80
N LEU SA 116 90.16 -53.02 81.47
CA LEU SA 116 89.91 -51.61 81.75
C LEU SA 116 90.87 -51.04 82.78
N ALA SA 117 91.67 -51.89 83.45
CA ALA SA 117 92.62 -51.45 84.46
C ALA SA 117 94.07 -51.67 84.06
N SER SA 118 94.32 -52.18 82.86
CA SER SA 118 95.69 -52.38 82.43
C SER SA 118 96.34 -51.04 82.07
N PRO SA 119 97.60 -50.84 82.45
CA PRO SA 119 98.31 -49.59 82.12
C PRO SA 119 98.07 -49.10 80.69
N LEU SA 120 98.02 -50.03 79.74
CA LEU SA 120 97.85 -49.67 78.34
C LEU SA 120 96.51 -48.97 78.11
N LEU SA 121 95.42 -49.55 78.63
CA LEU SA 121 94.11 -48.95 78.43
C LEU SA 121 93.93 -47.67 79.23
N ILE SA 122 94.77 -47.46 80.26
CA ILE SA 122 94.71 -46.20 80.99
C ILE SA 122 95.06 -45.04 80.06
N ASP SA 123 96.14 -45.18 79.30
CA ASP SA 123 96.51 -44.15 78.34
C ASP SA 123 95.62 -44.15 77.10
N ALA SA 124 94.92 -45.25 76.84
CA ALA SA 124 93.99 -45.27 75.72
C ALA SA 124 92.71 -44.50 76.04
N ILE SA 125 92.32 -44.47 77.31
CA ILE SA 125 91.08 -43.84 77.73
C ILE SA 125 91.32 -42.49 78.36
N ASP SA 126 92.30 -42.41 79.26
CA ASP SA 126 92.50 -41.20 80.04
C ASP SA 126 93.36 -40.18 79.30
N GLN SA 127 94.45 -40.63 78.69
CA GLN SA 127 95.34 -39.75 77.94
C GLN SA 127 95.11 -39.80 76.43
N LEU SA 128 94.29 -40.75 75.95
CA LEU SA 128 93.90 -40.86 74.55
C LEU SA 128 95.09 -40.83 73.61
N ASN SA 129 96.09 -41.65 73.90
CA ASN SA 129 97.20 -41.82 72.96
C ASN SA 129 97.30 -43.30 72.60
N PRO SA 130 97.43 -43.64 71.32
CA PRO SA 130 97.42 -45.05 70.94
C PRO SA 130 98.67 -45.74 71.46
N ALA SA 131 98.67 -47.07 71.32
CA ALA SA 131 99.88 -47.82 71.59
C ALA SA 131 100.94 -47.51 70.54
N TYR SA 132 102.14 -47.17 71.01
CA TYR SA 132 103.23 -46.84 70.09
C TYR SA 132 104.54 -47.40 70.63
N ALA TA 1 99.95 -45.85 75.69
CA ALA TA 1 101.30 -46.13 76.15
C ALA TA 1 102.02 -47.09 75.22
N LYS TA 2 103.04 -47.76 75.73
CA LYS TA 2 103.78 -48.76 74.99
C LYS TA 2 102.96 -50.04 74.88
N LEU TA 3 103.08 -50.72 73.74
CA LEU TA 3 102.41 -52.00 73.53
C LEU TA 3 103.25 -53.08 74.21
N GLU TA 4 103.03 -53.24 75.51
CA GLU TA 4 103.80 -54.19 76.29
C GLU TA 4 103.06 -55.53 76.39
N THR TA 5 103.69 -56.50 77.04
CA THR TA 5 103.04 -57.78 77.33
C THR TA 5 102.25 -57.63 78.62
N VAL TA 6 100.92 -57.54 78.48
CA VAL TA 6 100.01 -57.34 79.60
C VAL TA 6 99.54 -58.68 80.11
N THR TA 7 99.36 -58.78 81.42
CA THR TA 7 98.93 -60.02 82.07
C THR TA 7 97.78 -59.67 83.01
N LEU TA 8 96.58 -60.11 82.67
CA LEU TA 8 95.40 -59.87 83.49
C LEU TA 8 95.26 -61.01 84.49
N GLY TA 9 95.19 -60.65 85.77
CA GLY TA 9 95.02 -61.62 86.84
C GLY TA 9 93.64 -61.53 87.48
N ASN TA 10 93.35 -62.54 88.30
CA ASN TA 10 92.05 -62.67 88.97
C ASN TA 10 90.91 -62.57 87.96
N ILE TA 11 90.90 -63.54 87.06
CA ILE TA 11 90.04 -63.54 85.89
C ILE TA 11 89.30 -64.87 85.87
N GLY TA 12 88.13 -64.90 85.24
CA GLY TA 12 87.37 -66.11 85.14
C GLY TA 12 86.23 -66.15 86.14
N LYS TA 13 85.43 -67.21 86.04
CA LYS TA 13 84.33 -67.39 86.97
C LYS TA 13 84.83 -67.45 88.42
N ASP TA 14 85.80 -68.32 88.69
CA ASP TA 14 86.34 -68.44 90.05
C ASP TA 14 87.08 -67.18 90.46
N GLY TA 15 87.80 -66.55 89.53
CA GLY TA 15 88.67 -65.46 89.88
C GLY TA 15 90.09 -65.87 90.18
N LYS TA 16 90.43 -67.13 89.94
CA LYS TA 16 91.78 -67.64 90.19
C LYS TA 16 92.45 -68.07 88.89
N GLN TA 17 92.19 -67.34 87.81
CA GLN TA 17 92.83 -67.61 86.53
C GLN TA 17 93.66 -66.41 86.11
N THR TA 18 94.45 -66.60 85.06
CA THR TA 18 95.31 -65.56 84.54
C THR TA 18 95.38 -65.71 83.03
N LEU TA 19 95.68 -64.60 82.35
CA LEU TA 19 95.72 -64.58 80.91
C LEU TA 19 96.87 -63.68 80.48
N VAL TA 20 97.78 -64.22 79.69
CA VAL TA 20 98.99 -63.52 79.27
C VAL TA 20 98.82 -63.11 77.82
N LEU TA 21 99.14 -61.84 77.53
CA LEU TA 21 98.92 -61.26 76.20
C LEU TA 21 100.18 -60.55 75.72
N ASN TA 22 100.86 -61.14 74.73
CA ASN TA 22 102.00 -60.49 74.10
C ASN TA 22 101.52 -59.49 73.06
N PRO TA 23 102.31 -58.43 72.81
CA PRO TA 23 101.90 -57.43 71.84
C PRO TA 23 101.89 -57.98 70.42
N ARG TA 24 101.00 -57.42 69.60
CA ARG TA 24 100.87 -57.80 68.20
C ARG TA 24 101.01 -56.61 67.27
N GLY TA 25 101.42 -55.45 67.77
CA GLY TA 25 101.69 -54.32 66.90
C GLY TA 25 100.45 -53.53 66.58
N VAL TA 26 100.62 -52.56 65.70
CA VAL TA 26 99.50 -51.77 65.20
C VAL TA 26 99.29 -52.16 63.74
N ASN TA 27 98.17 -51.70 63.20
CA ASN TA 27 97.86 -51.96 61.79
C ASN TA 27 97.95 -50.62 61.09
N PRO TA 28 99.08 -50.32 60.44
CA PRO TA 28 99.30 -48.95 59.93
C PRO TA 28 98.28 -48.49 58.92
N THR TA 29 97.42 -49.37 58.42
CA THR TA 29 96.31 -48.94 57.58
C THR TA 29 95.08 -48.64 58.42
N ASN TA 30 94.73 -49.54 59.33
CA ASN TA 30 93.57 -49.37 60.21
C ASN TA 30 93.84 -48.42 61.36
N GLY TA 31 95.10 -48.17 61.71
CA GLY TA 31 95.39 -47.35 62.87
C GLY TA 31 94.86 -47.96 64.15
N VAL TA 32 94.94 -49.28 64.26
CA VAL TA 32 94.41 -50.02 65.41
C VAL TA 32 95.52 -50.93 65.94
N ALA TA 33 95.74 -50.85 67.25
CA ALA TA 33 96.66 -51.75 67.92
C ALA TA 33 95.98 -53.08 68.18
N SER TA 34 96.78 -54.14 68.24
CA SER TA 34 96.29 -55.47 68.46
C SER TA 34 97.30 -56.22 69.31
N LEU TA 35 96.81 -57.19 70.08
CA LEU TA 35 97.67 -58.05 70.87
C LEU TA 35 96.91 -59.35 71.11
N SER TA 36 97.66 -60.41 71.38
CA SER TA 36 97.09 -61.75 71.27
C SER TA 36 97.49 -62.59 72.47
N GLN TA 37 96.64 -63.58 72.76
CA GLN TA 37 96.86 -64.49 73.86
C GLN TA 37 98.11 -65.35 73.63
N ALA TA 38 98.97 -65.41 74.64
CA ALA TA 38 100.24 -66.11 74.54
C ALA TA 38 100.02 -67.59 74.33
N GLY TA 39 99.62 -67.95 73.11
CA GLY TA 39 99.35 -69.31 72.76
C GLY TA 39 100.11 -69.70 71.50
N ALA TA 40 100.14 -71.00 71.24
CA ALA TA 40 100.88 -71.53 70.11
C ALA TA 40 100.34 -71.01 68.78
N VAL TA 41 99.11 -71.33 68.46
CA VAL TA 41 98.52 -71.10 67.13
C VAL TA 41 97.88 -69.72 67.08
N PRO TA 42 98.13 -68.93 66.03
CA PRO TA 42 97.44 -67.63 65.89
C PRO TA 42 95.94 -67.78 65.68
N ALA TA 43 95.49 -68.89 65.07
CA ALA TA 43 94.05 -69.04 64.85
C ALA TA 43 93.33 -69.36 66.15
N LEU TA 44 93.96 -70.16 66.99
CA LEU TA 44 93.33 -70.59 68.23
C LEU TA 44 93.30 -69.47 69.25
N GLU TA 45 94.26 -68.56 69.22
CA GLU TA 45 94.45 -67.65 70.33
C GLU TA 45 93.37 -66.58 70.37
N LYS TA 46 93.02 -66.15 71.58
CA LYS TA 46 92.17 -64.98 71.76
C LYS TA 46 92.97 -63.72 71.49
N ARG TA 47 92.25 -62.65 71.17
CA ARG TA 47 92.88 -61.38 70.80
C ARG TA 47 92.00 -60.23 71.28
N VAL TA 48 92.65 -59.09 71.53
CA VAL TA 48 91.97 -57.84 71.86
C VAL TA 48 92.66 -56.73 71.09
N THR TA 49 91.90 -55.69 70.75
CA THR TA 49 92.38 -54.60 69.91
C THR TA 49 91.90 -53.26 70.45
N VAL TA 50 92.79 -52.29 70.50
CA VAL TA 50 92.51 -50.96 71.02
C VAL TA 50 92.82 -49.92 69.95
N SER TA 51 91.99 -48.88 69.88
CA SER TA 51 92.16 -47.83 68.88
C SER TA 51 91.62 -46.52 69.41
N VAL TA 52 92.34 -45.43 69.13
CA VAL TA 52 91.91 -44.08 69.48
C VAL TA 52 91.92 -43.24 68.21
N SER TA 53 90.95 -42.34 68.07
CA SER TA 53 90.80 -41.53 66.86
C SER TA 53 90.67 -40.03 67.15
N GLN TA 54 91.41 -39.23 66.38
CA GLN TA 54 91.29 -37.77 66.41
C GLN TA 54 89.98 -37.36 65.71
N PRO TA 55 89.50 -36.13 65.92
CA PRO TA 55 88.20 -35.74 65.33
C PRO TA 55 88.33 -35.54 63.83
N SER TA 56 87.19 -35.59 63.12
CA SER TA 56 87.27 -35.45 61.67
C SER TA 56 86.11 -34.70 61.01
N ARG TA 57 85.75 -35.16 59.80
CA ARG TA 57 84.71 -34.51 59.02
C ARG TA 57 83.31 -35.02 59.34
N ASN TA 58 83.21 -36.25 59.85
CA ASN TA 58 81.92 -36.77 60.27
C ASN TA 58 81.49 -36.09 61.57
N ARG TA 59 82.14 -36.45 62.67
CA ARG TA 59 81.92 -35.82 63.96
C ARG TA 59 83.26 -35.39 64.56
N LYS TA 60 83.25 -34.28 65.29
CA LYS TA 60 84.44 -33.73 65.96
C LYS TA 60 84.44 -34.10 67.44
N ASN TA 61 84.39 -35.41 67.70
CA ASN TA 61 84.47 -35.97 69.05
C ASN TA 61 85.48 -37.11 69.08
N TYR TA 62 86.15 -37.25 70.21
CA TYR TA 62 87.16 -38.29 70.34
C TYR TA 62 86.46 -39.60 70.62
N LYS TA 63 87.00 -40.69 70.07
CA LYS TA 63 86.38 -41.99 70.22
C LYS TA 63 87.44 -43.09 70.33
N VAL TA 64 87.34 -43.90 71.38
CA VAL TA 64 88.22 -45.03 71.62
C VAL TA 64 87.36 -46.28 71.78
N GLN TA 65 87.84 -47.39 71.20
CA GLN TA 65 87.07 -48.63 71.13
C GLN TA 65 88.00 -49.83 71.28
N VAL TA 66 87.59 -50.80 72.10
CA VAL TA 66 88.32 -52.05 72.28
C VAL TA 66 87.40 -53.21 71.91
N LYS TA 67 87.97 -54.21 71.24
CA LYS TA 67 87.26 -55.43 70.85
C LYS TA 67 87.96 -56.64 71.47
N ILE TA 68 87.16 -57.66 71.80
CA ILE TA 68 87.65 -58.92 72.34
C ILE TA 68 87.09 -60.06 71.48
N GLN TA 69 87.95 -61.05 71.20
CA GLN TA 69 87.57 -62.20 70.38
C GLN TA 69 88.15 -63.45 71.01
N ASN TA 70 87.29 -64.25 71.66
CA ASN TA 70 87.73 -65.49 72.30
C ASN TA 70 87.08 -66.70 71.63
N PRO TA 71 87.79 -67.40 70.76
CA PRO TA 71 87.25 -68.61 70.14
C PRO TA 71 87.50 -69.85 71.00
N THR TA 72 86.90 -70.96 70.56
CA THR TA 72 87.07 -72.25 71.22
C THR TA 72 87.15 -73.34 70.15
N ALA TA 73 87.79 -74.45 70.51
CA ALA TA 73 88.15 -75.47 69.53
C ALA TA 73 87.68 -76.86 69.93
N CYS TA 74 87.87 -77.79 69.01
CA CYS TA 74 87.55 -79.21 69.17
C CYS TA 74 88.65 -80.02 68.51
N THR TA 75 88.94 -81.18 69.11
CA THR TA 75 90.01 -82.05 68.63
C THR TA 75 89.56 -83.45 68.22
N ALA TA 76 88.42 -83.95 68.72
CA ALA TA 76 88.10 -85.37 68.56
C ALA TA 76 87.75 -85.74 67.11
N ASN TA 77 87.14 -84.84 66.34
CA ASN TA 77 86.77 -85.24 64.98
C ASN TA 77 87.87 -84.96 63.97
N GLY TA 78 88.61 -83.85 64.11
CA GLY TA 78 89.68 -83.59 63.16
C GLY TA 78 90.96 -84.26 63.61
N SER TA 79 90.99 -84.67 64.88
CA SER TA 79 92.09 -85.43 65.49
C SER TA 79 93.49 -85.01 65.04
N CYS TA 80 93.60 -83.95 64.24
CA CYS TA 80 94.89 -83.45 63.82
C CYS TA 80 95.06 -82.00 64.26
N ASP TA 81 94.35 -81.06 63.63
CA ASP TA 81 94.45 -79.64 63.97
C ASP TA 81 93.12 -79.17 64.54
N PRO TA 82 93.06 -78.68 65.78
CA PRO TA 82 91.78 -78.23 66.33
C PRO TA 82 91.19 -77.08 65.52
N SER TA 83 89.88 -77.13 65.31
CA SER TA 83 89.14 -76.13 64.56
C SER TA 83 88.20 -75.36 65.49
N VAL TA 84 87.93 -74.12 65.14
CA VAL TA 84 87.08 -73.25 65.95
C VAL TA 84 85.62 -73.63 65.74
N THR TA 85 84.92 -73.90 66.84
CA THR TA 85 83.52 -74.32 66.80
C THR TA 85 82.56 -73.17 67.03
N ARG TA 86 82.90 -72.27 67.95
CA ARG TA 86 82.08 -71.11 68.27
C ARG TA 86 83.01 -70.04 68.81
N GLN TA 87 82.51 -68.81 68.87
CA GLN TA 87 83.31 -67.69 69.32
C GLN TA 87 82.55 -66.90 70.39
N ALA TA 88 83.24 -65.96 71.00
CA ALA TA 88 82.67 -65.07 72.00
C ALA TA 88 83.16 -63.66 71.72
N TYR TA 89 82.23 -62.72 71.64
CA TYR TA 89 82.54 -61.37 71.16
C TYR TA 89 82.33 -60.35 72.26
N ALA TA 90 83.13 -59.30 72.22
CA ALA TA 90 83.01 -58.17 73.11
C ALA TA 90 83.48 -56.94 72.35
N ASP TA 91 82.75 -55.83 72.51
CA ASP TA 91 83.11 -54.59 71.83
C ASP TA 91 82.60 -53.40 72.64
N VAL TA 92 83.49 -52.47 72.96
CA VAL TA 92 83.12 -51.26 73.68
C VAL TA 92 83.27 -50.08 72.72
N THR TA 93 82.65 -48.96 73.08
CA THR TA 93 82.90 -47.72 72.36
C THR TA 93 82.74 -46.55 73.32
N PHE TA 94 83.82 -45.82 73.55
CA PHE TA 94 83.82 -44.61 74.33
C PHE TA 94 83.86 -43.41 73.40
N SER TA 95 83.20 -42.33 73.79
CA SER TA 95 83.23 -41.12 72.98
C SER TA 95 83.10 -39.91 73.88
N PHE TA 96 84.17 -39.13 73.99
CA PHE TA 96 84.16 -37.92 74.79
C PHE TA 96 84.27 -36.69 73.89
N THR TA 97 83.80 -35.56 74.39
CA THR TA 97 83.81 -34.32 73.66
C THR TA 97 85.21 -33.71 73.65
N GLN TA 98 85.42 -32.74 72.75
CA GLN TA 98 86.69 -32.03 72.72
C GLN TA 98 86.96 -31.30 74.02
N TYR TA 99 85.91 -30.81 74.70
CA TYR TA 99 86.03 -30.19 76.02
C TYR TA 99 85.87 -31.18 77.17
N SER TA 100 86.13 -32.46 76.94
CA SER TA 100 86.02 -33.42 78.03
C SER TA 100 87.21 -33.28 78.96
N THR TA 101 86.94 -33.38 80.26
CA THR TA 101 87.96 -33.27 81.28
C THR TA 101 88.63 -34.61 81.52
N ASP TA 102 89.83 -34.55 82.10
CA ASP TA 102 90.58 -35.77 82.38
C ASP TA 102 89.78 -36.67 83.32
N GLU TA 103 89.24 -36.10 84.41
CA GLU TA 103 88.49 -36.90 85.38
C GLU TA 103 87.23 -37.48 84.76
N GLU TA 104 86.54 -36.73 83.89
CA GLU TA 104 85.35 -37.26 83.22
C GLU TA 104 85.68 -38.58 82.54
N ARG TA 105 86.85 -38.65 81.91
CA ARG TA 105 87.23 -39.82 81.14
C ARG TA 105 87.47 -41.03 82.03
N ALA TA 106 88.26 -40.83 83.10
CA ALA TA 106 88.56 -41.92 84.02
C ALA TA 106 87.33 -42.41 84.76
N PHE TA 107 86.38 -41.52 85.04
CA PHE TA 107 85.18 -41.91 85.77
C PHE TA 107 84.37 -42.92 84.96
N VAL TA 108 84.15 -42.62 83.67
CA VAL TA 108 83.47 -43.55 82.77
C VAL TA 108 84.27 -44.83 82.61
N ARG TA 109 85.58 -44.78 82.80
CA ARG TA 109 86.42 -45.96 82.65
C ARG TA 109 86.25 -46.93 83.82
N THR TA 110 86.40 -46.43 85.05
CA THR TA 110 86.24 -47.30 86.21
C THR TA 110 84.78 -47.65 86.44
N GLU TA 111 83.85 -46.79 86.00
CA GLU TA 111 82.43 -47.12 86.08
C GLU TA 111 82.14 -48.40 85.31
N LEU TA 112 82.75 -48.55 84.14
CA LEU TA 112 82.57 -49.78 83.37
C LEU TA 112 83.23 -50.96 84.05
N ALA TA 113 84.43 -50.75 84.62
CA ALA TA 113 85.12 -51.82 85.33
C ALA TA 113 84.32 -52.29 86.54
N ALA TA 114 83.80 -51.34 87.32
CA ALA TA 114 82.97 -51.71 88.46
C ALA TA 114 81.62 -52.26 88.02
N LEU TA 115 81.07 -51.74 86.92
CA LEU TA 115 79.80 -52.22 86.42
C LEU TA 115 79.90 -53.65 85.91
N LEU TA 116 81.09 -54.06 85.45
CA LEU TA 116 81.28 -55.43 84.99
C LEU TA 116 81.26 -56.44 86.14
N ALA TA 117 81.33 -56.02 87.39
CA ALA TA 117 81.34 -56.95 88.52
C ALA TA 117 80.13 -56.81 89.42
N SER TA 118 79.18 -55.95 89.09
CA SER TA 118 78.01 -55.79 89.92
C SER TA 118 77.06 -56.98 89.76
N PRO TA 119 76.43 -57.45 90.87
CA PRO TA 119 75.48 -58.57 90.81
C PRO TA 119 74.53 -58.54 89.62
N LEU TA 120 74.08 -57.34 89.25
CA LEU TA 120 73.13 -57.21 88.14
C LEU TA 120 73.73 -57.73 86.83
N LEU TA 121 74.95 -57.31 86.51
CA LEU TA 121 75.60 -57.75 85.29
C LEU TA 121 76.08 -59.20 85.36
N ILE TA 122 76.18 -59.78 86.55
CA ILE TA 122 76.58 -61.19 86.66
C ILE TA 122 75.54 -62.09 86.00
N ASP TA 123 74.27 -61.93 86.37
CA ASP TA 123 73.21 -62.71 85.73
C ASP TA 123 72.85 -62.18 84.36
N ALA TA 124 73.24 -60.94 84.05
CA ALA TA 124 73.01 -60.41 82.71
C ALA TA 124 73.95 -61.03 81.70
N ILE TA 125 75.15 -61.42 82.13
CA ILE TA 125 76.17 -61.95 81.24
C ILE TA 125 76.26 -63.46 81.34
N ASP TA 126 76.31 -64.00 82.57
CA ASP TA 126 76.63 -65.41 82.73
C ASP TA 126 75.39 -66.29 82.61
N GLN TA 127 74.27 -65.89 83.20
CA GLN TA 127 73.00 -66.59 83.06
C GLN TA 127 72.13 -65.95 81.99
N LEU TA 128 72.56 -64.80 81.49
CA LEU TA 128 71.91 -64.07 80.40
C LEU TA 128 70.42 -63.88 80.67
N ASN TA 129 70.10 -63.35 81.84
CA ASN TA 129 68.74 -62.98 82.15
C ASN TA 129 68.69 -61.50 82.49
N PRO TA 130 67.74 -60.75 81.93
CA PRO TA 130 67.74 -59.30 82.13
C PRO TA 130 67.40 -58.91 83.55
N ALA TA 131 67.50 -57.61 83.80
CA ALA TA 131 67.04 -57.03 85.04
C ALA TA 131 65.52 -57.11 85.14
N TYR TA 132 65.04 -57.52 86.32
CA TYR TA 132 63.62 -57.69 86.57
C TYR TA 132 63.23 -57.17 87.95
N ALA UA 1 44.71 -95.26 81.55
CA ALA UA 1 44.18 -96.52 82.04
C ALA UA 1 42.72 -96.70 81.66
N LYS UA 2 42.02 -97.52 82.44
CA LYS UA 2 40.61 -97.77 82.20
C LYS UA 2 39.81 -96.51 82.57
N LEU UA 3 38.75 -96.28 81.81
CA LEU UA 3 37.91 -95.09 82.00
C LEU UA 3 36.94 -95.31 83.15
N GLU UA 4 37.43 -95.05 84.36
CA GLU UA 4 36.59 -95.19 85.55
C GLU UA 4 35.97 -93.83 85.88
N THR UA 5 35.18 -93.78 86.95
CA THR UA 5 34.61 -92.51 87.38
C THR UA 5 35.63 -91.76 88.24
N VAL UA 6 36.21 -90.71 87.66
CA VAL UA 6 37.24 -89.92 88.31
C VAL UA 6 36.59 -88.77 89.07
N THR UA 7 37.14 -88.47 90.24
CA THR UA 7 36.62 -87.42 91.13
C THR UA 7 37.79 -86.55 91.57
N LEU UA 8 37.80 -85.30 91.11
CA LEU UA 8 38.87 -84.36 91.45
C LEU UA 8 38.54 -83.59 92.72
N GLY UA 9 39.48 -83.61 93.67
CA GLY UA 9 39.34 -82.89 94.91
C GLY UA 9 40.25 -81.67 94.97
N ASN UA 10 40.01 -80.84 95.98
CA ASN UA 10 40.74 -79.59 96.17
C ASN UA 10 40.67 -78.75 94.89
N ILE UA 11 39.44 -78.39 94.54
CA ILE UA 11 39.14 -77.78 93.26
C ILE UA 11 38.33 -76.51 93.53
N GLY UA 12 38.40 -75.58 92.59
CA GLY UA 12 37.68 -74.33 92.69
C GLY UA 12 38.62 -73.20 93.08
N LYS UA 13 38.09 -71.98 93.03
CA LYS UA 13 38.93 -70.84 93.42
C LYS UA 13 39.39 -70.99 94.87
N ASP UA 14 38.44 -71.22 95.78
CA ASP UA 14 38.77 -71.37 97.20
C ASP UA 14 39.61 -72.61 97.44
N GLY UA 15 39.35 -73.69 96.70
CA GLY UA 15 39.96 -74.96 96.98
C GLY UA 15 39.14 -75.85 97.88
N LYS UA 16 37.91 -75.45 98.18
CA LYS UA 16 37.00 -76.20 99.03
C LYS UA 16 35.79 -76.72 98.26
N GLN UA 17 35.99 -77.05 97.00
CA GLN UA 17 34.96 -77.62 96.14
C GLN UA 17 35.41 -79.00 95.66
N THR UA 18 34.49 -79.71 95.01
CA THR UA 18 34.76 -81.04 94.49
C THR UA 18 33.98 -81.21 93.19
N LEU UA 19 34.47 -82.11 92.33
CA LEU UA 19 33.89 -82.30 91.01
C LEU UA 19 33.95 -83.78 90.65
N VAL UA 20 32.78 -84.36 90.33
CA VAL UA 20 32.65 -85.77 90.00
C VAL UA 20 32.40 -85.88 88.50
N LEU UA 21 33.14 -86.79 87.85
CA LEU UA 21 33.09 -86.96 86.40
C LEU UA 21 32.88 -88.43 86.05
N ASN UA 22 31.68 -88.77 85.61
CA ASN UA 22 31.38 -90.11 85.15
C ASN UA 22 31.85 -90.29 83.70
N PRO UA 23 32.24 -91.51 83.31
CA PRO UA 23 32.70 -91.72 81.93
C PRO UA 23 31.53 -91.61 80.95
N ARG UA 24 31.85 -91.13 79.74
CA ARG UA 24 30.83 -90.96 78.71
C ARG UA 24 31.21 -91.68 77.41
N GLY UA 25 32.17 -92.59 77.47
CA GLY UA 25 32.50 -93.43 76.34
C GLY UA 25 33.60 -92.89 75.46
N VAL UA 26 33.86 -93.64 74.39
CA VAL UA 26 34.90 -93.29 73.44
C VAL UA 26 34.25 -92.86 72.12
N ASN UA 27 35.07 -92.26 71.25
CA ASN UA 27 34.65 -91.83 69.92
C ASN UA 27 35.42 -92.68 68.92
N PRO UA 28 34.84 -93.79 68.44
CA PRO UA 28 35.62 -94.71 67.60
C PRO UA 28 36.09 -94.12 66.28
N THR UA 29 35.61 -92.94 65.91
CA THR UA 29 36.11 -92.23 64.74
C THR UA 29 37.26 -91.31 65.09
N ASN UA 30 37.07 -90.48 66.12
CA ASN UA 30 38.11 -89.55 66.55
C ASN UA 30 39.18 -90.22 67.40
N GLY UA 31 38.91 -91.40 67.94
CA GLY UA 31 39.85 -92.02 68.87
C GLY UA 31 40.04 -91.17 70.10
N VAL UA 32 38.97 -90.51 70.56
CA VAL UA 32 39.03 -89.61 71.70
C VAL UA 32 37.94 -90.03 72.67
N ALA UA 33 38.33 -90.31 73.90
CA ALA UA 33 37.39 -90.57 74.98
C ALA UA 33 36.88 -89.27 75.56
N SER UA 34 35.68 -89.33 76.14
CA SER UA 34 35.04 -88.17 76.73
C SER UA 34 34.32 -88.60 78.00
N LEU UA 35 34.24 -87.67 78.95
CA LEU UA 35 33.55 -87.92 80.20
C LEU UA 35 33.09 -86.59 80.76
N SER UA 36 32.01 -86.62 81.54
CA SER UA 36 31.32 -85.38 81.89
C SER UA 36 30.82 -85.43 83.31
N GLN UA 37 30.71 -84.25 83.92
CA GLN UA 37 30.04 -84.11 85.19
C GLN UA 37 28.54 -84.29 84.98
N ALA UA 38 27.94 -85.21 85.73
CA ALA UA 38 26.53 -85.56 85.59
C ALA UA 38 25.65 -84.40 85.97
N GLY UA 39 25.00 -83.76 84.98
CA GLY UA 39 24.15 -82.63 85.22
C GLY UA 39 22.74 -82.87 84.68
N ALA UA 40 21.80 -82.02 85.11
CA ALA UA 40 20.41 -82.18 84.73
C ALA UA 40 20.25 -82.12 83.22
N VAL UA 41 20.52 -80.97 82.62
CA VAL UA 41 20.41 -80.77 81.18
C VAL UA 41 21.78 -81.05 80.58
N PRO UA 42 21.89 -81.82 79.50
CA PRO UA 42 23.21 -82.11 78.92
C PRO UA 42 24.00 -80.88 78.49
N ALA UA 43 23.34 -79.77 78.19
CA ALA UA 43 24.08 -78.58 77.74
C ALA UA 43 24.82 -77.92 78.89
N LEU UA 44 24.22 -77.93 80.09
CA LEU UA 44 24.84 -77.27 81.23
C LEU UA 44 26.06 -78.02 81.73
N GLU UA 45 26.14 -79.33 81.50
CA GLU UA 45 27.10 -80.15 82.21
C GLU UA 45 28.52 -79.85 81.73
N LYS UA 46 29.47 -79.96 82.66
CA LYS UA 46 30.88 -79.87 82.32
C LYS UA 46 31.34 -81.16 81.66
N ARG UA 47 32.37 -81.06 80.83
CA ARG UA 47 32.91 -82.24 80.16
C ARG UA 47 34.37 -82.00 79.79
N VAL UA 48 35.14 -83.09 79.74
CA VAL UA 48 36.54 -83.06 79.32
C VAL UA 48 36.82 -84.27 78.43
N THR UA 49 37.83 -84.13 77.56
CA THR UA 49 38.16 -85.16 76.57
C THR UA 49 39.65 -85.36 76.50
N VAL UA 50 40.08 -86.63 76.46
CA VAL UA 50 41.48 -87.02 76.42
C VAL UA 50 41.72 -87.88 75.19
N SER UA 51 42.90 -87.75 74.57
CA SER UA 51 43.24 -88.50 73.37
C SER UA 51 44.73 -88.81 73.37
N VAL UA 52 45.08 -90.02 72.93
CA VAL UA 52 46.46 -90.48 72.82
C VAL UA 52 46.72 -90.96 71.41
N SER UA 53 47.96 -90.74 70.94
CA SER UA 53 48.34 -91.09 69.58
C SER UA 53 48.39 -92.60 69.35
N GLN UA 54 49.03 -92.97 68.24
CA GLN UA 54 49.14 -94.35 67.80
C GLN UA 54 50.14 -95.14 68.62
N PRO UA 55 49.75 -96.29 69.17
CA PRO UA 55 50.69 -97.13 69.91
C PRO UA 55 51.57 -97.98 69.00
N SER UA 56 51.83 -97.51 67.78
CA SER UA 56 52.63 -98.32 66.86
C SER UA 56 53.94 -97.64 66.49
N ARG UA 57 54.37 -97.78 65.24
CA ARG UA 57 55.63 -97.24 64.75
C ARG UA 57 55.48 -96.50 63.43
N ASN UA 58 54.25 -96.06 63.10
CA ASN UA 58 53.97 -95.38 61.85
C ASN UA 58 54.41 -93.90 61.85
N ARG UA 59 54.07 -93.15 62.90
CA ARG UA 59 54.27 -91.69 62.91
C ARG UA 59 55.37 -91.24 63.88
N LYS UA 60 56.20 -90.34 63.36
CA LYS UA 60 57.43 -89.84 63.99
C LYS UA 60 57.23 -89.24 65.38
N ASN UA 61 56.04 -88.74 65.71
CA ASN UA 61 55.85 -88.13 67.02
C ASN UA 61 54.64 -88.71 67.73
N TYR UA 62 54.47 -88.24 68.97
CA TYR UA 62 53.41 -88.67 69.85
C TYR UA 62 52.59 -87.44 70.27
N LYS UA 63 51.30 -87.65 70.50
CA LYS UA 63 50.39 -86.58 70.88
C LYS UA 63 49.41 -87.08 71.93
N VAL UA 64 49.35 -86.40 73.05
CA VAL UA 64 48.31 -86.61 74.05
C VAL UA 64 47.70 -85.25 74.32
N GLN UA 65 46.38 -85.19 74.40
CA GLN UA 65 45.71 -83.90 74.47
C GLN UA 65 44.46 -84.02 75.34
N VAL UA 66 44.28 -83.05 76.23
CA VAL UA 66 43.07 -82.96 77.05
C VAL UA 66 42.40 -81.63 76.75
N LYS UA 67 41.07 -81.66 76.69
CA LYS UA 67 40.27 -80.47 76.46
C LYS UA 67 39.34 -80.29 77.65
N ILE UA 68 39.05 -79.03 77.99
CA ILE UA 68 38.11 -78.70 79.05
C ILE UA 68 37.06 -77.76 78.48
N GLN UA 69 35.79 -78.04 78.78
CA GLN UA 69 34.69 -77.22 78.29
C GLN UA 69 33.66 -77.07 79.41
N ASN UA 70 33.62 -75.91 80.03
CA ASN UA 70 32.72 -75.62 81.15
C ASN UA 70 31.75 -74.53 80.74
N PRO UA 71 30.51 -74.87 80.39
CA PRO UA 71 29.53 -73.85 80.02
C PRO UA 71 28.79 -73.25 81.21
N THR UA 72 28.02 -72.20 80.92
CA THR UA 72 27.18 -71.52 81.89
C THR UA 72 25.89 -71.08 81.21
N ALA UA 73 24.81 -71.00 82.00
CA ALA UA 73 23.48 -70.73 81.46
C ALA UA 73 22.79 -69.61 82.25
N CYS UA 74 21.64 -69.18 81.73
CA CYS UA 74 20.80 -68.18 82.37
C CYS UA 74 19.35 -68.60 82.14
N THR UA 75 18.51 -68.41 83.16
CA THR UA 75 17.14 -68.95 83.14
C THR UA 75 16.07 -67.92 82.78
N ALA UA 76 16.13 -66.73 83.35
CA ALA UA 76 15.07 -65.74 83.21
C ALA UA 76 15.09 -65.16 81.80
N ASN UA 77 14.22 -65.67 80.94
CA ASN UA 77 14.17 -65.23 79.55
C ASN UA 77 12.75 -65.43 79.04
N GLY UA 78 12.57 -65.15 77.75
CA GLY UA 78 11.31 -65.42 77.09
C GLY UA 78 11.38 -66.85 76.65
N SER UA 79 11.59 -67.73 77.62
CA SER UA 79 11.72 -69.17 77.37
C SER UA 79 11.53 -69.89 78.69
N CYS UA 80 11.57 -71.21 78.64
CA CYS UA 80 11.42 -72.07 79.80
C CYS UA 80 12.74 -72.78 80.09
N ASP UA 81 13.26 -73.51 79.13
CA ASP UA 81 14.54 -74.20 79.29
C ASP UA 81 15.68 -73.20 79.20
N PRO UA 82 16.54 -73.12 80.22
CA PRO UA 82 17.67 -72.18 80.17
C PRO UA 82 18.58 -72.50 79.00
N SER UA 83 19.11 -71.44 78.38
CA SER UA 83 20.00 -71.56 77.24
C SER UA 83 21.42 -71.17 77.64
N VAL UA 84 22.39 -71.81 76.99
CA VAL UA 84 23.79 -71.55 77.29
C VAL UA 84 24.23 -70.26 76.61
N THR UA 85 24.71 -69.31 77.42
CA THR UA 85 25.10 -67.98 76.99
C THR UA 85 26.60 -67.81 76.79
N ARG UA 86 27.40 -68.47 77.62
CA ARG UA 86 28.85 -68.32 77.59
C ARG UA 86 29.51 -69.64 77.94
N GLN UA 87 30.77 -69.77 77.54
CA GLN UA 87 31.55 -70.95 77.84
C GLN UA 87 32.95 -70.55 78.31
N ALA UA 88 33.71 -71.54 78.78
CA ALA UA 88 35.10 -71.34 79.18
C ALA UA 88 35.88 -72.53 78.67
N TYR UA 89 36.97 -72.27 77.96
CA TYR UA 89 37.67 -73.31 77.21
C TYR UA 89 39.09 -73.51 77.72
N ALA UA 90 39.56 -74.75 77.61
CA ALA UA 90 40.93 -75.11 77.92
C ALA UA 90 41.33 -76.26 77.01
N ASP UA 91 42.56 -76.21 76.50
CA ASP UA 91 43.08 -77.26 75.62
C ASP UA 91 44.59 -77.34 75.77
N VAL UA 92 45.10 -78.54 76.05
CA VAL UA 92 46.53 -78.77 76.14
C VAL UA 92 46.95 -79.65 74.98
N THR UA 93 48.25 -79.67 74.70
CA THR UA 93 48.80 -80.62 73.75
C THR UA 93 50.22 -80.94 74.15
N PHE UA 94 50.47 -82.20 74.47
CA PHE UA 94 51.82 -82.68 74.75
C PHE UA 94 52.33 -83.46 73.55
N SER UA 95 53.63 -83.40 73.33
CA SER UA 95 54.23 -84.14 72.21
C SER UA 95 55.64 -84.56 72.57
N PHE UA 96 55.86 -85.86 72.72
CA PHE UA 96 57.16 -86.40 73.05
C PHE UA 96 57.70 -87.21 71.87
N THR UA 97 59.02 -87.38 71.88
CA THR UA 97 59.74 -88.10 70.84
C THR UA 97 59.54 -89.59 70.97
N GLN UA 98 59.85 -90.30 69.88
CA GLN UA 98 59.82 -91.76 69.90
C GLN UA 98 60.77 -92.33 70.94
N TYR UA 99 61.90 -91.65 71.16
CA TYR UA 99 62.89 -92.02 72.17
C TYR UA 99 62.69 -91.32 73.51
N SER UA 100 61.49 -90.81 73.81
CA SER UA 100 61.29 -90.12 75.07
C SER UA 100 61.22 -91.12 76.22
N THR UA 101 61.84 -90.75 77.34
CA THR UA 101 61.89 -91.59 78.53
C THR UA 101 60.67 -91.35 79.42
N ASP UA 102 60.39 -92.36 80.26
CA ASP UA 102 59.27 -92.25 81.19
C ASP UA 102 59.44 -91.06 82.13
N GLU UA 103 60.65 -90.89 82.67
CA GLU UA 103 60.90 -89.79 83.60
C GLU UA 103 60.71 -88.43 82.94
N GLU UA 104 61.15 -88.30 81.68
CA GLU UA 104 60.96 -87.05 80.95
C GLU UA 104 59.49 -86.66 80.87
N ARG UA 105 58.63 -87.64 80.64
CA ARG UA 105 57.21 -87.38 80.41
C ARG UA 105 56.53 -86.84 81.67
N ALA UA 106 56.80 -87.48 82.81
CA ALA UA 106 56.19 -87.04 84.06
C ALA UA 106 56.64 -85.65 84.46
N PHE UA 107 57.88 -85.28 84.12
CA PHE UA 107 58.38 -83.96 84.50
C PHE UA 107 57.56 -82.86 83.82
N VAL UA 108 57.33 -83.00 82.50
CA VAL UA 108 56.49 -82.04 81.80
C VAL UA 108 55.07 -82.07 82.33
N ARG UA 109 54.65 -83.20 82.89
CA ARG UA 109 53.31 -83.31 83.43
C ARG UA 109 53.20 -82.57 84.76
N THR UA 110 54.13 -82.86 85.69
CA THR UA 110 54.07 -82.23 87.00
C THR UA 110 54.48 -80.77 86.94
N GLU UA 111 55.33 -80.39 85.97
CA GLU UA 111 55.66 -78.98 85.82
C GLU UA 111 54.41 -78.15 85.54
N LEU UA 112 53.53 -78.63 84.67
CA LEU UA 112 52.30 -77.92 84.38
C LEU UA 112 51.37 -77.92 85.59
N ALA UA 113 51.31 -79.04 86.32
CA ALA UA 113 50.47 -79.09 87.51
C ALA UA 113 50.95 -78.11 88.56
N ALA UA 114 52.26 -78.05 88.78
CA ALA UA 114 52.81 -77.08 89.72
C ALA UA 114 52.76 -75.66 89.15
N LEU UA 115 52.93 -75.52 87.84
CA LEU UA 115 52.89 -74.21 87.21
C LEU UA 115 51.49 -73.59 87.28
N LEU UA 116 50.44 -74.43 87.33
CA LEU UA 116 49.09 -73.91 87.46
C LEU UA 116 48.80 -73.33 88.84
N ALA UA 117 49.71 -73.51 89.80
CA ALA UA 117 49.52 -72.98 91.14
C ALA UA 117 50.52 -71.88 91.48
N SER UA 118 51.39 -71.52 90.53
CA SER UA 118 52.37 -70.46 90.76
C SER UA 118 51.70 -69.09 90.70
N PRO UA 119 52.06 -68.17 91.59
CA PRO UA 119 51.50 -66.81 91.57
C PRO UA 119 51.38 -66.20 90.18
N LEU UA 120 52.38 -66.47 89.33
CA LEU UA 120 52.39 -65.89 87.98
C LEU UA 120 51.18 -66.35 87.18
N LEU UA 121 50.90 -67.66 87.18
CA LEU UA 121 49.77 -68.17 86.41
C LEU UA 121 48.44 -67.83 87.06
N ILE UA 122 48.42 -67.49 88.34
CA ILE UA 122 47.18 -67.06 88.99
C ILE UA 122 46.69 -65.76 88.37
N ASP UA 123 47.57 -64.76 88.26
CA ASP UA 123 47.18 -63.48 87.67
C ASP UA 123 47.06 -63.51 86.16
N ALA UA 124 47.68 -64.49 85.50
CA ALA UA 124 47.52 -64.61 84.05
C ALA UA 124 46.18 -65.25 83.69
N ILE UA 125 45.66 -66.10 84.55
CA ILE UA 125 44.44 -66.86 84.27
C ILE UA 125 43.24 -66.26 84.98
N ASP UA 126 43.38 -65.92 86.26
CA ASP UA 126 42.21 -65.52 87.04
C ASP UA 126 41.88 -64.06 86.86
N GLN UA 127 42.89 -63.20 86.87
CA GLN UA 127 42.71 -61.76 86.68
C GLN UA 127 43.01 -61.31 85.25
N LEU UA 128 43.52 -62.21 84.42
CA LEU UA 128 43.81 -61.97 83.00
C LEU UA 128 44.69 -60.75 82.82
N ASN UA 129 45.81 -60.73 83.54
CA ASN UA 129 46.81 -59.70 83.36
C ASN UA 129 48.13 -60.38 83.00
N PRO UA 130 48.85 -59.90 81.99
CA PRO UA 130 50.02 -60.62 81.50
C PRO UA 130 51.18 -60.63 82.47
N ALA UA 131 52.15 -61.48 82.15
CA ALA UA 131 53.44 -61.42 82.82
C ALA UA 131 54.12 -60.12 82.41
N TYR UA 132 54.62 -59.38 83.38
CA TYR UA 132 55.18 -58.07 83.09
C TYR UA 132 56.43 -57.77 83.90
N ALA VA 1 50.48 -59.82 87.34
CA ALA VA 1 51.50 -60.86 87.22
C ALA VA 1 52.86 -60.26 86.91
N LYS VA 2 53.58 -59.86 87.96
CA LYS VA 2 54.93 -59.36 87.76
C LYS VA 2 55.85 -60.53 87.41
N LEU VA 3 56.85 -60.26 86.58
CA LEU VA 3 57.76 -61.31 86.13
C LEU VA 3 58.80 -61.55 87.23
N GLU VA 4 58.43 -62.40 88.19
CA GLU VA 4 59.28 -62.71 89.33
C GLU VA 4 60.06 -64.00 89.06
N THR VA 5 60.90 -64.37 90.02
CA THR VA 5 61.61 -65.65 90.00
C THR VA 5 60.72 -66.74 90.60
N VAL VA 6 60.24 -67.63 89.74
CA VAL VA 6 59.30 -68.69 90.15
C VAL VA 6 60.08 -69.93 90.57
N THR VA 7 59.59 -70.60 91.61
CA THR VA 7 60.20 -71.81 92.14
C THR VA 7 59.10 -72.84 92.38
N LEU VA 8 59.07 -73.88 91.54
CA LEU VA 8 58.08 -74.95 91.65
C LEU VA 8 58.62 -76.10 92.49
N GLY VA 9 57.86 -76.51 93.50
CA GLY VA 9 58.20 -77.65 94.33
C GLY VA 9 57.28 -78.83 94.06
N ASN VA 10 57.68 -79.98 94.59
CA ASN VA 10 56.95 -81.25 94.46
C ASN VA 10 56.68 -81.57 92.97
N ILE VA 11 57.77 -81.80 92.26
CA ILE VA 11 57.77 -81.97 90.82
C ILE VA 11 58.51 -83.28 90.52
N GLY VA 12 58.18 -83.87 89.38
CA GLY VA 12 58.85 -85.10 88.96
C GLY VA 12 57.98 -86.32 89.23
N LYS VA 13 58.48 -87.46 88.74
CA LYS VA 13 57.79 -88.73 88.97
C LYS VA 13 57.64 -89.02 90.47
N ASP VA 14 58.75 -88.96 91.21
CA ASP VA 14 58.70 -89.20 92.64
C ASP VA 14 57.90 -88.10 93.36
N GLY VA 15 58.02 -86.87 92.90
CA GLY VA 15 57.44 -85.75 93.59
C GLY VA 15 58.37 -85.11 94.59
N LYS VA 16 59.64 -85.51 94.62
CA LYS VA 16 60.63 -84.98 95.54
C LYS VA 16 61.72 -84.20 94.82
N GLN VA 17 61.36 -83.51 93.76
CA GLN VA 17 62.26 -82.63 93.02
C GLN VA 17 61.73 -81.21 93.08
N THR VA 18 62.53 -80.28 92.59
CA THR VA 18 62.16 -78.87 92.57
C THR VA 18 62.72 -78.24 91.31
N LEU VA 19 62.10 -77.15 90.87
CA LEU VA 19 62.48 -76.51 89.62
C LEU VA 19 62.40 -75.00 89.77
N VAL VA 20 63.52 -74.32 89.52
CA VAL VA 20 63.64 -72.88 89.65
C VAL VA 20 63.70 -72.27 88.26
N LEU VA 21 62.92 -71.21 88.02
CA LEU VA 21 62.81 -70.58 86.71
C LEU VA 21 63.00 -69.08 86.85
N ASN VA 22 64.14 -68.58 86.39
CA ASN VA 22 64.40 -67.14 86.39
C ASN VA 22 63.74 -66.48 85.18
N PRO VA 23 63.35 -65.22 85.33
CA PRO VA 23 62.71 -64.51 84.21
C PRO VA 23 63.69 -64.21 83.10
N ARG VA 24 63.17 -64.19 81.88
CA ARG VA 24 63.97 -63.86 80.70
C ARG VA 24 63.37 -62.72 79.89
N GLY VA 25 62.43 -61.97 80.45
CA GLY VA 25 61.92 -60.79 79.79
C GLY VA 25 60.73 -61.06 78.90
N VAL VA 26 60.30 -60.01 78.21
CA VAL VA 26 59.17 -60.07 77.30
C VAL VA 26 59.68 -59.95 75.87
N ASN VA 27 58.79 -60.25 74.93
CA ASN VA 27 59.11 -60.11 73.50
C ASN VA 27 58.20 -59.03 72.94
N PRO VA 28 58.65 -57.77 72.89
CA PRO VA 28 57.74 -56.68 72.51
C PRO VA 28 57.18 -56.79 71.10
N THR VA 29 57.69 -57.70 70.27
CA THR VA 29 57.12 -57.95 68.96
C THR VA 29 56.05 -59.03 69.04
N ASN VA 30 56.37 -60.15 69.70
CA ASN VA 30 55.43 -61.25 69.86
C ASN VA 30 54.41 -60.98 70.96
N GLY VA 31 54.69 -60.03 71.85
CA GLY VA 31 53.81 -59.78 73.00
C GLY VA 31 53.68 -60.99 73.89
N VAL VA 32 54.77 -61.74 74.05
CA VAL VA 32 54.77 -62.97 74.82
C VAL VA 32 55.91 -62.90 75.82
N ALA VA 33 55.61 -63.16 77.09
CA ALA VA 33 56.64 -63.29 78.09
C ALA VA 33 57.26 -64.68 78.05
N SER VA 34 58.53 -64.75 78.43
CA SER VA 34 59.23 -66.03 78.45
C SER VA 34 60.19 -66.00 79.62
N LEU VA 35 60.42 -67.17 80.20
CA LEU VA 35 61.36 -67.29 81.30
C LEU VA 35 61.83 -68.74 81.35
N SER VA 36 63.05 -68.94 81.88
CA SER VA 36 63.73 -70.21 81.68
C SER VA 36 64.48 -70.64 82.93
N GLN VA 37 64.63 -71.95 83.08
CA GLN VA 37 65.47 -72.51 84.11
C GLN VA 37 66.94 -72.23 83.80
N ALA VA 38 67.66 -71.67 84.76
CA ALA VA 38 69.05 -71.27 84.57
C ALA VA 38 69.95 -72.48 84.37
N GLY VA 39 70.47 -72.65 83.15
CA GLY VA 39 71.34 -73.76 82.83
C GLY VA 39 72.67 -73.29 82.27
N ALA VA 40 73.63 -74.22 82.22
CA ALA VA 40 74.97 -73.89 81.75
C ALA VA 40 74.92 -73.42 80.30
N VAL VA 41 74.54 -74.30 79.39
CA VAL VA 41 74.46 -73.99 77.97
C VAL VA 41 73.04 -73.54 77.70
N PRO VA 42 72.83 -72.44 76.97
CA PRO VA 42 71.46 -71.96 76.72
C PRO VA 42 70.57 -72.97 76.03
N ALA VA 43 71.12 -73.87 75.22
CA ALA VA 43 70.29 -74.83 74.51
C ALA VA 43 69.77 -75.91 75.46
N LEU VA 44 70.56 -76.28 76.46
CA LEU VA 44 70.18 -77.35 77.37
C LEU VA 44 69.04 -76.96 78.30
N GLU VA 45 68.89 -75.68 78.60
CA GLU VA 45 68.02 -75.25 79.69
C GLU VA 45 66.53 -75.35 79.31
N LYS VA 46 65.71 -75.56 80.34
CA LYS VA 46 64.26 -75.60 80.21
C LYS VA 46 63.70 -74.20 79.94
N ARG VA 47 62.48 -74.14 79.40
CA ARG VA 47 61.87 -72.86 79.10
C ARG VA 47 60.35 -72.96 79.19
N VAL VA 48 59.72 -71.85 79.55
CA VAL VA 48 58.27 -71.69 79.55
C VAL VA 48 57.91 -70.27 79.10
N THR VA 49 56.73 -70.14 78.51
CA THR VA 49 56.27 -68.86 77.96
C THR VA 49 54.80 -68.64 78.29
N VAL VA 50 54.46 -67.44 78.76
CA VAL VA 50 53.10 -67.09 79.12
C VAL VA 50 52.70 -65.82 78.36
N SER VA 51 51.47 -65.80 77.86
CA SER VA 51 50.95 -64.64 77.14
C SER VA 51 49.43 -64.60 77.26
N VAL VA 52 48.88 -63.42 77.49
CA VAL VA 52 47.44 -63.20 77.47
C VAL VA 52 47.16 -62.01 76.56
N SER VA 53 46.03 -62.07 75.85
CA SER VA 53 45.59 -61.00 74.97
C SER VA 53 45.40 -59.70 75.73
N GLN VA 54 45.80 -58.58 75.11
CA GLN VA 54 45.74 -57.30 75.80
C GLN VA 54 44.27 -56.89 76.02
N PRO VA 55 43.95 -56.36 77.25
CA PRO VA 55 42.55 -56.15 77.67
C PRO VA 55 41.78 -54.95 77.16
N SER VA 56 41.47 -54.96 75.85
CA SER VA 56 40.62 -53.89 75.33
C SER VA 56 39.36 -54.52 74.73
N ARG VA 57 38.78 -53.89 73.72
CA ARG VA 57 37.53 -54.38 73.14
C ARG VA 57 37.63 -54.91 71.74
N ASN VA 58 38.71 -54.61 71.02
CA ASN VA 58 38.72 -54.77 69.56
C ASN VA 58 38.77 -56.25 69.16
N ARG VA 59 37.68 -56.71 68.57
CA ARG VA 59 37.50 -58.03 67.93
C ARG VA 59 38.11 -59.22 68.69
N LYS VA 60 37.66 -59.46 69.91
CA LYS VA 60 38.26 -60.60 70.57
C LYS VA 60 37.55 -60.97 71.86
N ASN VA 61 37.85 -62.19 72.30
CA ASN VA 61 37.48 -62.71 73.60
C ASN VA 61 38.81 -63.22 74.14
N TYR VA 62 39.08 -62.92 75.41
CA TYR VA 62 40.44 -63.07 75.92
C TYR VA 62 40.97 -64.49 75.72
N LYS VA 63 42.27 -64.56 75.44
CA LYS VA 63 42.96 -65.81 75.15
C LYS VA 63 44.34 -65.78 75.80
N VAL VA 64 44.61 -66.78 76.62
CA VAL VA 64 45.89 -66.95 77.29
C VAL VA 64 46.40 -68.36 77.01
N GLN VA 65 47.70 -68.47 76.76
CA GLN VA 65 48.31 -69.73 76.37
C GLN VA 65 49.69 -69.82 76.99
N VAL VA 66 50.01 -70.98 77.54
CA VAL VA 66 51.31 -71.27 78.11
C VAL VA 66 51.94 -72.43 77.35
N LYS VA 67 53.24 -72.31 77.09
CA LYS VA 67 54.01 -73.36 76.43
C LYS VA 67 55.14 -73.80 77.35
N ILE VA 68 55.46 -75.08 77.29
CA ILE VA 68 56.58 -75.66 78.04
C ILE VA 68 57.48 -76.38 77.05
N GLN VA 69 58.79 -76.18 77.18
CA GLN VA 69 59.76 -76.81 76.30
C GLN VA 69 60.96 -77.24 77.12
N ASN VA 70 61.07 -78.55 77.37
CA ASN VA 70 62.18 -79.12 78.14
C ASN VA 70 62.98 -80.03 77.23
N PRO VA 71 64.14 -79.58 76.76
CA PRO VA 71 64.98 -80.43 75.89
C PRO VA 71 65.90 -81.33 76.69
N THR VA 72 66.54 -82.25 75.98
CA THR VA 72 67.54 -83.15 76.53
C THR VA 72 68.63 -83.35 75.48
N ALA VA 73 69.85 -83.61 75.95
CA ALA VA 73 71.03 -83.61 75.09
C ALA VA 73 71.85 -84.88 75.31
N CYS VA 74 72.92 -85.02 74.52
CA CYS VA 74 73.81 -86.15 74.66
C CYS VA 74 75.26 -85.71 74.50
N THR VA 75 76.15 -86.30 75.29
CA THR VA 75 77.58 -86.05 75.20
C THR VA 75 78.32 -87.16 74.48
N ALA VA 76 77.79 -88.39 74.50
CA ALA VA 76 78.49 -89.56 73.98
C ALA VA 76 78.55 -89.55 72.45
N ASN VA 77 79.32 -88.64 71.88
CA ASN VA 77 79.46 -88.55 70.43
C ASN VA 77 80.90 -88.18 70.10
N GLY VA 78 81.12 -87.65 68.91
CA GLY VA 78 82.46 -87.25 68.52
C GLY VA 78 82.79 -85.81 68.85
N SER VA 79 81.87 -84.90 68.56
CA SER VA 79 82.10 -83.49 68.84
C SER VA 79 82.14 -83.23 70.34
N CYS VA 80 82.65 -82.06 70.70
CA CYS VA 80 82.71 -81.66 72.11
C CYS VA 80 81.38 -81.10 72.59
N ASP VA 81 80.95 -79.99 72.01
CA ASP VA 81 79.70 -79.34 72.42
C ASP VA 81 78.50 -80.29 72.31
N PRO VA 82 77.81 -80.57 73.42
CA PRO VA 82 76.65 -81.47 73.38
C PRO VA 82 75.52 -80.95 72.49
N SER VA 83 74.86 -81.87 71.79
CA SER VA 83 73.76 -81.56 70.89
C SER VA 83 72.44 -82.08 71.45
N VAL VA 84 71.35 -81.38 71.11
CA VAL VA 84 70.02 -81.76 71.56
C VAL VA 84 69.48 -82.89 70.68
N THR VA 85 69.06 -83.98 71.31
CA THR VA 85 68.62 -85.17 70.60
C THR VA 85 67.10 -85.25 70.44
N ARG VA 86 66.36 -84.86 71.45
CA ARG VA 86 64.91 -84.96 71.42
C ARG VA 86 64.33 -83.88 72.33
N GLN VA 87 63.03 -83.65 72.21
CA GLN VA 87 62.31 -82.63 72.97
C GLN VA 87 61.13 -83.23 73.71
N ALA VA 88 60.57 -82.40 74.59
CA ALA VA 88 59.32 -82.71 75.29
C ALA VA 88 58.53 -81.41 75.30
N TYR VA 89 57.31 -81.45 74.79
CA TYR VA 89 56.55 -80.25 74.55
C TYR VA 89 55.25 -80.26 75.34
N ALA VA 90 54.81 -79.06 75.70
CA ALA VA 90 53.53 -78.86 76.36
C ALA VA 90 53.01 -77.52 75.91
N ASP VA 91 51.73 -77.45 75.61
CA ASP VA 91 51.13 -76.20 75.15
C ASP VA 91 49.67 -76.22 75.57
N VAL VA 92 49.25 -75.19 76.29
CA VAL VA 92 47.86 -75.00 76.67
C VAL VA 92 47.33 -73.76 75.95
N THR VA 93 46.01 -73.68 75.86
CA THR VA 93 45.38 -72.46 75.35
C THR VA 93 44.02 -72.31 76.02
N PHE VA 94 43.87 -71.24 76.77
CA PHE VA 94 42.62 -70.91 77.43
C PHE VA 94 41.95 -69.79 76.65
N SER VA 95 40.62 -69.81 76.62
CA SER VA 95 39.86 -68.78 75.93
C SER VA 95 38.53 -68.60 76.64
N PHE VA 96 38.35 -67.44 77.27
CA PHE VA 96 37.13 -67.13 78.00
C PHE VA 96 36.34 -66.04 77.30
N THR VA 97 35.06 -65.95 77.65
CA THR VA 97 34.16 -65.00 77.04
C THR VA 97 34.45 -63.58 77.53
N GLN VA 98 33.96 -62.60 76.77
CA GLN VA 98 34.10 -61.21 77.15
C GLN VA 98 33.38 -60.93 78.47
N TYR VA 99 32.24 -61.59 78.68
CA TYR VA 99 31.47 -61.51 79.92
C TYR VA 99 31.80 -62.62 80.92
N SER VA 100 32.99 -63.22 80.85
CA SER VA 100 33.30 -64.34 81.74
C SER VA 100 33.56 -63.83 83.16
N THR VA 101 33.11 -64.60 84.14
CA THR VA 101 33.26 -64.24 85.55
C THR VA 101 34.62 -64.68 86.09
N ASP VA 102 35.04 -63.99 87.15
CA ASP VA 102 36.34 -64.29 87.77
C ASP VA 102 36.40 -65.72 88.30
N GLU VA 103 35.38 -66.14 89.05
CA GLU VA 103 35.40 -67.47 89.66
C GLU VA 103 35.38 -68.58 88.61
N GLU VA 104 34.60 -68.39 87.53
CA GLU VA 104 34.57 -69.38 86.45
C GLU VA 104 35.96 -69.66 85.91
N ARG VA 105 36.78 -68.61 85.83
CA ARG VA 105 38.11 -68.72 85.25
C ARG VA 105 38.98 -69.63 86.11
N ALA VA 106 38.95 -69.43 87.44
CA ALA VA 106 39.71 -70.27 88.35
C ALA VA 106 39.24 -71.72 88.28
N PHE VA 107 37.96 -71.92 88.00
CA PHE VA 107 37.43 -73.28 87.90
C PHE VA 107 38.13 -74.03 86.77
N VAL VA 108 38.25 -73.40 85.60
CA VAL VA 108 38.99 -73.99 84.50
C VAL VA 108 40.46 -74.16 84.88
N ARG VA 109 40.97 -73.32 85.80
CA ARG VA 109 42.37 -73.40 86.18
C ARG VA 109 42.61 -74.57 87.14
N THR VA 110 41.82 -74.67 88.20
CA THR VA 110 42.02 -75.74 89.17
C THR VA 110 41.56 -77.08 88.61
N GLU VA 111 40.58 -77.08 87.70
CA GLU VA 111 40.19 -78.33 87.07
C GLU VA 111 41.36 -78.95 86.31
N LEU VA 112 42.12 -78.13 85.60
CA LEU VA 112 43.30 -78.64 84.90
C LEU VA 112 44.40 -79.06 85.87
N ALA VA 113 44.58 -78.29 86.95
CA ALA VA 113 45.61 -78.63 87.93
C ALA VA 113 45.32 -79.97 88.59
N ALA VA 114 44.06 -80.19 88.99
CA ALA VA 114 43.69 -81.47 89.56
C ALA VA 114 43.65 -82.57 88.50
N LEU VA 115 43.24 -82.22 87.28
CA LEU VA 115 43.20 -83.21 86.20
C LEU VA 115 44.60 -83.65 85.81
N LEU VA 116 45.59 -82.80 85.99
CA LEU VA 116 46.96 -83.23 85.73
C LEU VA 116 47.46 -84.21 86.79
N ALA VA 117 46.72 -84.39 87.88
CA ALA VA 117 47.13 -85.32 88.92
C ALA VA 117 46.17 -86.49 89.11
N SER VA 118 45.10 -86.57 88.31
CA SER VA 118 44.19 -87.71 88.48
C SER VA 118 44.82 -88.97 87.86
N PRO VA 119 44.68 -90.12 88.53
CA PRO VA 119 45.22 -91.39 88.01
C PRO VA 119 45.03 -91.60 86.52
N LEU VA 120 43.89 -91.15 85.97
CA LEU VA 120 43.60 -91.37 84.55
C LEU VA 120 44.67 -90.74 83.67
N LEU VA 121 44.96 -89.45 83.89
CA LEU VA 121 46.01 -88.81 83.09
C LEU VA 121 47.40 -89.26 83.52
N ILE VA 122 47.55 -89.83 84.72
CA ILE VA 122 48.86 -90.36 85.10
C ILE VA 122 49.28 -91.45 84.12
N ASP VA 123 48.38 -92.39 83.83
CA ASP VA 123 48.67 -93.43 82.86
C ASP VA 123 48.54 -92.93 81.41
N ALA VA 124 47.83 -91.82 81.19
CA ALA VA 124 47.67 -91.23 79.86
C ALA VA 124 48.88 -90.42 79.41
N ILE VA 125 49.61 -89.82 80.34
CA ILE VA 125 50.74 -88.97 80.00
C ILE VA 125 52.07 -89.69 80.23
N ASP VA 126 52.20 -90.41 81.36
CA ASP VA 126 53.52 -90.93 81.71
C ASP VA 126 53.80 -92.22 80.96
N GLN VA 127 52.82 -93.13 80.94
CA GLN VA 127 52.87 -94.37 80.18
C GLN VA 127 52.02 -94.30 78.91
N LEU VA 128 51.30 -93.20 78.70
CA LEU VA 128 50.49 -92.97 77.50
C LEU VA 128 49.52 -94.13 77.24
N ASN VA 129 48.69 -94.41 78.25
CA ASN VA 129 47.63 -95.38 78.09
C ASN VA 129 46.32 -94.63 77.88
N PRO VA 130 45.62 -94.84 76.77
CA PRO VA 130 44.40 -94.07 76.52
C PRO VA 130 43.26 -94.52 77.44
N ALA VA 131 42.22 -93.70 77.48
CA ALA VA 131 40.98 -94.13 78.13
C ALA VA 131 40.27 -95.17 77.29
N TYR VA 132 39.91 -96.28 77.92
CA TYR VA 132 39.27 -97.37 77.23
C TYR VA 132 38.19 -98.07 78.05
N ALA WA 1 -71.40 -1.46 -4.01
CA ALA WA 1 -71.96 -1.52 -2.65
C ALA WA 1 -71.98 -2.94 -2.11
N LYS WA 2 -72.87 -3.18 -1.16
CA LYS WA 2 -73.03 -4.50 -0.57
C LYS WA 2 -73.66 -5.44 -1.57
N LEU WA 3 -73.28 -6.71 -1.49
CA LEU WA 3 -73.74 -7.74 -2.43
C LEU WA 3 -75.15 -8.17 -2.05
N GLU WA 4 -76.14 -7.47 -2.59
CA GLU WA 4 -77.54 -7.74 -2.31
C GLU WA 4 -78.12 -8.71 -3.35
N THR WA 5 -79.39 -9.08 -3.16
CA THR WA 5 -80.12 -9.89 -4.14
C THR WA 5 -80.72 -8.96 -5.19
N VAL WA 6 -80.14 -8.97 -6.39
CA VAL WA 6 -80.54 -8.09 -7.47
C VAL WA 6 -81.62 -8.75 -8.32
N THR WA 7 -82.58 -7.95 -8.77
CA THR WA 7 -83.68 -8.42 -9.62
C THR WA 7 -83.81 -7.46 -10.79
N LEU WA 8 -83.46 -7.93 -11.99
CA LEU WA 8 -83.52 -7.13 -13.20
C LEU WA 8 -84.87 -7.29 -13.89
N GLY WA 9 -85.52 -6.16 -14.18
CA GLY WA 9 -86.77 -6.14 -14.89
C GLY WA 9 -86.61 -5.62 -16.31
N ASN WA 10 -87.67 -5.80 -17.10
CA ASN WA 10 -87.70 -5.40 -18.51
C ASN WA 10 -86.52 -5.99 -19.28
N ILE WA 11 -86.51 -7.31 -19.33
CA ILE WA 11 -85.39 -8.08 -19.86
C ILE WA 11 -85.94 -9.08 -20.86
N GLY WA 12 -85.09 -9.49 -21.80
CA GLY WA 12 -85.48 -10.50 -22.76
C GLY WA 12 -85.80 -9.90 -24.12
N LYS WA 13 -86.05 -10.81 -25.07
CA LYS WA 13 -86.42 -10.39 -26.42
C LYS WA 13 -87.70 -9.55 -26.40
N ASP WA 14 -88.74 -10.06 -25.73
CA ASP WA 14 -89.99 -9.31 -25.63
C ASP WA 14 -89.82 -8.03 -24.82
N GLY WA 15 -89.00 -8.08 -23.77
CA GLY WA 15 -88.88 -6.98 -22.85
C GLY WA 15 -89.82 -7.07 -21.66
N LYS WA 16 -90.53 -8.19 -21.52
CA LYS WA 16 -91.49 -8.40 -20.44
C LYS WA 16 -91.09 -9.55 -19.53
N GLN WA 17 -89.79 -9.71 -19.28
CA GLN WA 17 -89.31 -10.73 -18.37
C GLN WA 17 -88.60 -10.09 -17.18
N THR WA 18 -88.24 -10.95 -16.23
CA THR WA 18 -87.55 -10.54 -15.02
C THR WA 18 -86.54 -11.63 -14.66
N LEU WA 19 -85.49 -11.23 -13.94
CA LEU WA 19 -84.41 -12.14 -13.60
C LEU WA 19 -83.92 -11.81 -12.21
N VAL WA 20 -83.93 -12.81 -11.33
CA VAL WA 20 -83.54 -12.67 -9.93
C VAL WA 20 -82.18 -13.31 -9.75
N LEU WA 21 -81.26 -12.59 -9.08
CA LEU WA 21 -79.89 -13.03 -8.90
C LEU WA 21 -79.51 -12.90 -7.42
N ASN WA 22 -79.44 -14.03 -6.72
CA ASN WA 22 -78.99 -14.03 -5.33
C ASN WA 22 -77.47 -14.01 -5.26
N PRO WA 23 -76.91 -13.41 -4.21
CA PRO WA 23 -75.45 -13.37 -4.10
C PRO WA 23 -74.89 -14.74 -3.78
N ARG WA 24 -73.68 -15.00 -4.29
CA ARG WA 24 -73.03 -16.29 -4.05
C ARG WA 24 -71.62 -16.11 -3.50
N GLY WA 25 -71.29 -14.92 -2.98
CA GLY WA 25 -70.05 -14.66 -2.28
C GLY WA 25 -68.97 -14.09 -3.16
N VAL WA 26 -67.81 -13.90 -2.53
CA VAL WA 26 -66.63 -13.33 -3.17
C VAL WA 26 -65.56 -14.41 -3.33
N ASN WA 27 -64.54 -14.09 -4.10
CA ASN WA 27 -63.40 -14.97 -4.32
C ASN WA 27 -62.17 -14.34 -3.69
N PRO WA 28 -61.81 -14.72 -2.45
CA PRO WA 28 -60.74 -14.00 -1.74
C PRO WA 28 -59.37 -14.12 -2.38
N THR WA 29 -59.18 -15.02 -3.35
CA THR WA 29 -57.93 -15.07 -4.09
C THR WA 29 -57.99 -14.23 -5.36
N ASN WA 30 -59.06 -14.42 -6.15
CA ASN WA 30 -59.23 -13.69 -7.40
C ASN WA 30 -59.74 -12.27 -7.19
N GLY WA 31 -60.29 -11.97 -6.01
CA GLY WA 31 -60.86 -10.66 -5.79
C GLY WA 31 -62.04 -10.36 -6.70
N VAL WA 32 -62.86 -11.36 -6.98
CA VAL WA 32 -64.00 -11.22 -7.88
C VAL WA 32 -65.24 -11.70 -7.16
N ALA WA 33 -66.26 -10.86 -7.14
CA ALA WA 33 -67.55 -11.26 -6.61
C ALA WA 33 -68.33 -12.04 -7.66
N SER WA 34 -69.21 -12.91 -7.20
CA SER WA 34 -70.03 -13.71 -8.09
C SER WA 34 -71.41 -13.88 -7.48
N LEU WA 35 -72.41 -13.96 -8.35
CA LEU WA 35 -73.78 -14.19 -7.96
C LEU WA 35 -74.52 -14.78 -9.14
N SER WA 36 -75.55 -15.56 -8.85
CA SER WA 36 -76.16 -16.41 -9.86
C SER WA 36 -77.67 -16.45 -9.67
N GLN WA 37 -78.38 -16.66 -10.78
CA GLN WA 37 -79.81 -16.91 -10.71
C GLN WA 37 -80.04 -18.29 -10.09
N ALA WA 38 -80.87 -18.35 -9.06
CA ALA WA 38 -81.12 -19.57 -8.29
C ALA WA 38 -81.82 -20.62 -9.15
N GLY WA 39 -81.11 -21.70 -9.51
CA GLY WA 39 -81.66 -22.75 -10.33
C GLY WA 39 -81.56 -24.10 -9.65
N ALA WA 40 -82.29 -25.07 -10.21
CA ALA WA 40 -82.34 -26.41 -9.62
C ALA WA 40 -80.95 -27.05 -9.59
N VAL WA 41 -80.39 -27.32 -10.75
CA VAL WA 41 -79.08 -27.95 -10.88
C VAL WA 41 -78.06 -26.82 -10.98
N PRO WA 42 -76.94 -26.88 -10.26
CA PRO WA 42 -75.96 -25.78 -10.34
C PRO WA 42 -75.42 -25.53 -11.75
N ALA WA 43 -75.40 -26.54 -12.61
CA ALA WA 43 -74.86 -26.33 -13.96
C ALA WA 43 -75.83 -25.54 -14.84
N LEU WA 44 -77.14 -25.74 -14.66
CA LEU WA 44 -78.11 -25.08 -15.52
C LEU WA 44 -78.22 -23.60 -15.24
N GLU WA 45 -77.95 -23.18 -14.01
CA GLU WA 45 -78.32 -21.82 -13.62
C GLU WA 45 -77.40 -20.79 -14.25
N LYS WA 46 -77.97 -19.62 -14.54
CA LYS WA 46 -77.23 -18.48 -15.03
C LYS WA 46 -76.42 -17.86 -13.90
N ARG WA 47 -75.33 -17.18 -14.27
CA ARG WA 47 -74.49 -16.52 -13.29
C ARG WA 47 -73.78 -15.34 -13.94
N VAL WA 48 -73.45 -14.35 -13.12
CA VAL WA 48 -72.69 -13.18 -13.54
C VAL WA 48 -71.68 -12.84 -12.45
N THR WA 49 -70.57 -12.22 -12.86
CA THR WA 49 -69.48 -11.94 -11.94
C THR WA 49 -69.00 -10.52 -12.16
N VAL WA 50 -68.81 -9.78 -11.06
CA VAL WA 50 -68.36 -8.40 -11.09
C VAL WA 50 -67.10 -8.27 -10.27
N SER WA 51 -66.16 -7.46 -10.77
CA SER WA 51 -64.89 -7.23 -10.10
C SER WA 51 -64.39 -5.84 -10.44
N VAL WA 52 -63.80 -5.18 -9.45
CA VAL WA 52 -63.16 -3.88 -9.68
C VAL WA 52 -61.71 -4.02 -9.25
N SER WA 53 -61.07 -2.90 -8.93
CA SER WA 53 -59.69 -2.88 -8.47
C SER WA 53 -59.66 -2.20 -7.11
N GLN WA 54 -58.95 -2.80 -6.16
CA GLN WA 54 -58.83 -2.20 -4.85
C GLN WA 54 -57.96 -0.96 -4.94
N PRO WA 55 -58.39 0.17 -4.37
CA PRO WA 55 -57.66 1.43 -4.57
C PRO WA 55 -56.34 1.47 -3.81
N SER WA 56 -55.25 1.77 -4.53
CA SER WA 56 -53.95 1.83 -3.87
C SER WA 56 -53.42 3.27 -3.88
N ARG WA 57 -52.10 3.43 -3.89
CA ARG WA 57 -51.52 4.76 -3.84
C ARG WA 57 -51.21 5.33 -5.22
N ASN WA 58 -50.13 4.86 -5.84
CA ASN WA 58 -49.69 5.33 -7.15
C ASN WA 58 -49.64 4.17 -8.16
N ARG WA 59 -49.15 4.51 -9.35
CA ARG WA 59 -48.93 3.61 -10.47
C ARG WA 59 -50.01 2.54 -10.66
N LYS WA 60 -51.20 2.96 -11.08
CA LYS WA 60 -52.27 2.02 -11.35
C LYS WA 60 -53.22 2.62 -12.38
N ASN WA 61 -53.99 1.75 -13.00
CA ASN WA 61 -55.09 2.13 -13.86
C ASN WA 61 -56.26 1.32 -13.32
N TYR WA 62 -57.42 1.94 -13.20
CA TYR WA 62 -58.52 1.24 -12.60
C TYR WA 62 -59.20 0.36 -13.64
N LYS WA 63 -59.66 -0.80 -13.19
CA LYS WA 63 -60.29 -1.75 -14.10
C LYS WA 63 -61.46 -2.41 -13.40
N VAL WA 64 -62.63 -2.34 -14.04
CA VAL WA 64 -63.84 -3.00 -13.58
C VAL WA 64 -64.34 -3.88 -14.72
N GLN WA 65 -64.77 -5.08 -14.38
CA GLN WA 65 -65.14 -6.06 -15.39
C GLN WA 65 -66.30 -6.89 -14.87
N VAL WA 66 -67.32 -7.06 -15.71
CA VAL WA 66 -68.46 -7.92 -15.42
C VAL WA 66 -68.53 -8.98 -16.51
N LYS WA 67 -68.82 -10.21 -16.11
CA LYS WA 67 -68.98 -11.32 -17.02
C LYS WA 67 -70.39 -11.89 -16.87
N ILE WA 68 -70.94 -12.38 -17.97
CA ILE WA 68 -72.24 -13.03 -17.97
C ILE WA 68 -72.08 -14.41 -18.59
N GLN WA 69 -72.70 -15.41 -17.99
CA GLN WA 69 -72.61 -16.79 -18.49
C GLN WA 69 -73.98 -17.45 -18.35
N ASN WA 70 -74.67 -17.62 -19.47
CA ASN WA 70 -75.98 -18.26 -19.49
C ASN WA 70 -75.87 -19.55 -20.30
N PRO WA 71 -75.77 -20.70 -19.65
CA PRO WA 71 -75.71 -21.97 -20.38
C PRO WA 71 -77.10 -22.51 -20.66
N THR WA 72 -77.14 -23.56 -21.47
CA THR WA 72 -78.39 -24.27 -21.74
C THR WA 72 -78.12 -25.77 -21.83
N ALA WA 73 -79.09 -26.55 -21.38
CA ALA WA 73 -78.97 -27.99 -21.25
C ALA WA 73 -80.21 -28.62 -21.87
N CYS WA 74 -80.24 -29.95 -21.98
CA CYS WA 74 -81.43 -30.60 -22.54
C CYS WA 74 -81.77 -31.93 -21.87
N THR WA 75 -82.37 -32.83 -22.65
CA THR WA 75 -82.86 -34.13 -22.20
C THR WA 75 -82.89 -35.07 -23.41
N ALA WA 76 -83.52 -36.23 -23.23
CA ALA WA 76 -83.60 -37.27 -24.26
C ALA WA 76 -82.23 -37.70 -24.82
N ASN WA 77 -81.19 -37.68 -23.99
CA ASN WA 77 -79.86 -38.16 -24.42
C ASN WA 77 -79.75 -39.64 -24.06
N GLY WA 78 -79.53 -39.91 -22.78
CA GLY WA 78 -79.47 -41.27 -22.26
C GLY WA 78 -80.42 -41.30 -21.08
N SER WA 79 -81.53 -40.58 -21.25
CA SER WA 79 -82.59 -40.44 -20.24
C SER WA 79 -82.02 -40.14 -18.86
N CYS WA 80 -80.92 -39.39 -18.78
CA CYS WA 80 -80.33 -39.06 -17.49
C CYS WA 80 -80.29 -37.57 -17.20
N ASP WA 81 -79.41 -37.21 -16.25
CA ASP WA 81 -79.17 -35.85 -15.81
C ASP WA 81 -78.79 -34.94 -16.97
N PRO WA 82 -79.48 -33.83 -17.17
CA PRO WA 82 -79.22 -32.97 -18.33
C PRO WA 82 -77.77 -32.50 -18.42
N SER WA 83 -77.25 -32.47 -19.65
CA SER WA 83 -75.90 -32.01 -19.93
C SER WA 83 -75.96 -30.70 -20.71
N VAL WA 84 -74.97 -29.85 -20.48
CA VAL WA 84 -74.90 -28.55 -21.15
C VAL WA 84 -74.33 -28.74 -22.55
N THR WA 85 -75.08 -28.27 -23.56
CA THR WA 85 -74.71 -28.43 -24.96
C THR WA 85 -74.00 -27.21 -25.52
N ARG WA 86 -74.44 -26.02 -25.14
CA ARG WA 86 -73.86 -24.79 -25.64
C ARG WA 86 -74.01 -23.73 -24.56
N GLN WA 87 -73.23 -22.66 -24.70
CA GLN WA 87 -73.19 -21.61 -23.71
C GLN WA 87 -73.35 -20.25 -24.39
N ALA WA 88 -73.52 -19.21 -23.58
CA ALA WA 88 -73.63 -17.84 -24.07
C ALA WA 88 -72.77 -16.94 -23.20
N TYR WA 89 -71.93 -16.12 -23.84
CA TYR WA 89 -70.90 -15.38 -23.13
C TYR WA 89 -71.14 -13.88 -23.25
N ALA WA 90 -70.74 -13.17 -22.20
CA ALA WA 90 -70.73 -11.72 -22.19
C ALA WA 90 -69.62 -11.26 -21.27
N ASP WA 91 -68.86 -10.26 -21.70
CA ASP WA 91 -67.79 -9.73 -20.86
C ASP WA 91 -67.49 -8.29 -21.26
N VAL WA 92 -67.52 -7.38 -20.29
CA VAL WA 92 -67.12 -5.99 -20.53
C VAL WA 92 -65.86 -5.74 -19.72
N THR WA 93 -65.15 -4.67 -20.08
CA THR WA 93 -64.04 -4.20 -19.27
C THR WA 93 -63.93 -2.69 -19.44
N PHE WA 94 -64.11 -1.96 -18.34
CA PHE WA 94 -63.95 -0.51 -18.32
C PHE WA 94 -62.60 -0.19 -17.67
N SER WA 95 -61.97 0.89 -18.13
CA SER WA 95 -60.69 1.28 -17.56
C SER WA 95 -60.57 2.80 -17.62
N PHE WA 96 -60.60 3.45 -16.47
CA PHE WA 96 -60.45 4.89 -16.36
C PHE WA 96 -59.14 5.24 -15.66
N THR WA 97 -58.68 6.46 -15.90
CA THR WA 97 -57.43 6.99 -15.36
C THR WA 97 -57.62 7.33 -13.87
N GLN WA 98 -56.49 7.42 -13.16
CA GLN WA 98 -56.53 7.83 -11.76
C GLN WA 98 -57.08 9.24 -11.59
N TYR WA 99 -56.86 10.12 -12.57
CA TYR WA 99 -57.42 11.46 -12.53
C TYR WA 99 -58.79 11.56 -13.21
N SER WA 100 -59.49 10.45 -13.38
CA SER WA 100 -60.78 10.48 -14.04
C SER WA 100 -61.84 11.05 -13.10
N THR WA 101 -62.76 11.83 -13.67
CA THR WA 101 -63.81 12.43 -12.86
C THR WA 101 -64.96 11.46 -12.70
N ASP WA 102 -65.73 11.65 -11.63
CA ASP WA 102 -66.86 10.78 -11.37
C ASP WA 102 -67.87 10.81 -12.51
N GLU WA 103 -68.21 12.01 -12.99
CA GLU WA 103 -69.20 12.14 -14.05
C GLU WA 103 -68.76 11.44 -15.33
N GLU WA 104 -67.47 11.53 -15.66
CA GLU WA 104 -66.94 10.83 -16.84
C GLU WA 104 -67.28 9.35 -16.77
N ARG WA 105 -67.21 8.78 -15.58
CA ARG WA 105 -67.39 7.35 -15.40
C ARG WA 105 -68.82 6.93 -15.70
N ALA WA 106 -69.80 7.66 -15.16
CA ALA WA 106 -71.21 7.36 -15.41
C ALA WA 106 -71.59 7.54 -16.87
N PHE WA 107 -70.96 8.49 -17.55
CA PHE WA 107 -71.28 8.74 -18.95
C PHE WA 107 -70.95 7.52 -19.80
N VAL WA 108 -69.76 6.95 -19.62
CA VAL WA 108 -69.38 5.72 -20.31
C VAL WA 108 -70.29 4.57 -19.92
N ARG WA 109 -70.90 4.65 -18.73
CA ARG WA 109 -71.78 3.58 -18.26
C ARG WA 109 -73.11 3.60 -19.00
N THR WA 110 -73.75 4.78 -19.06
CA THR WA 110 -75.04 4.87 -19.75
C THR WA 110 -74.89 4.79 -21.27
N GLU WA 111 -73.74 5.20 -21.80
CA GLU WA 111 -73.52 5.08 -23.24
C GLU WA 111 -73.60 3.63 -23.69
N LEU WA 112 -72.99 2.72 -22.94
CA LEU WA 112 -73.09 1.31 -23.26
C LEU WA 112 -74.49 0.78 -23.02
N ALA WA 113 -75.15 1.23 -21.94
CA ALA WA 113 -76.51 0.80 -21.65
C ALA WA 113 -77.47 1.26 -22.74
N ALA WA 114 -77.35 2.52 -23.16
CA ALA WA 114 -78.20 3.01 -24.25
C ALA WA 114 -77.78 2.41 -25.59
N LEU WA 115 -76.48 2.18 -25.78
CA LEU WA 115 -76.02 1.56 -27.03
C LEU WA 115 -76.51 0.13 -27.15
N LEU WA 116 -76.73 -0.55 -26.03
CA LEU WA 116 -77.22 -1.92 -26.07
C LEU WA 116 -78.67 -2.02 -26.50
N ALA WA 117 -79.40 -0.91 -26.56
CA ALA WA 117 -80.79 -0.92 -27.00
C ALA WA 117 -81.00 -0.14 -28.28
N SER WA 118 -79.95 0.40 -28.88
CA SER WA 118 -80.00 1.14 -30.12
C SER WA 118 -80.19 0.19 -31.31
N PRO WA 119 -81.01 0.59 -32.30
CA PRO WA 119 -81.22 -0.24 -33.49
C PRO WA 119 -79.97 -0.92 -34.04
N LEU WA 120 -78.83 -0.22 -34.01
CA LEU WA 120 -77.60 -0.77 -34.56
C LEU WA 120 -77.18 -2.02 -33.82
N LEU WA 121 -77.14 -1.96 -32.49
CA LEU WA 121 -76.73 -3.12 -31.69
C LEU WA 121 -77.79 -4.21 -31.67
N ILE WA 122 -79.06 -3.89 -31.98
CA ILE WA 122 -80.08 -4.94 -32.04
C ILE WA 122 -79.74 -5.93 -33.14
N ASP WA 123 -79.47 -5.43 -34.35
CA ASP WA 123 -79.10 -6.29 -35.46
C ASP WA 123 -77.65 -6.75 -35.37
N ALA WA 124 -76.83 -6.06 -34.60
CA ALA WA 124 -75.45 -6.50 -34.40
C ALA WA 124 -75.36 -7.70 -33.46
N ILE WA 125 -76.29 -7.82 -32.52
CA ILE WA 125 -76.25 -8.87 -31.50
C ILE WA 125 -77.22 -9.99 -31.81
N ASP WA 126 -78.46 -9.64 -32.16
CA ASP WA 126 -79.51 -10.65 -32.29
C ASP WA 126 -79.49 -11.30 -33.66
N GLN WA 127 -79.26 -10.51 -34.71
CA GLN WA 127 -79.20 -11.03 -36.07
C GLN WA 127 -77.77 -11.31 -36.52
N LEU WA 128 -76.79 -10.92 -35.71
CA LEU WA 128 -75.37 -11.15 -35.96
C LEU WA 128 -74.99 -10.73 -37.37
N ASN WA 129 -75.35 -9.50 -37.72
CA ASN WA 129 -74.95 -8.88 -38.95
C ASN WA 129 -74.20 -7.59 -38.67
N PRO WA 130 -73.05 -7.37 -39.30
CA PRO WA 130 -72.22 -6.21 -38.93
C PRO WA 130 -72.84 -4.89 -39.36
N ALA WA 131 -72.26 -3.83 -38.84
CA ALA WA 131 -72.54 -2.50 -39.38
C ALA WA 131 -71.89 -2.42 -40.76
N TYR WA 132 -72.65 -1.94 -41.73
CA TYR WA 132 -72.20 -1.93 -43.12
C TYR WA 132 -72.59 -0.66 -43.88
N ALA XA 1 -77.32 -3.92 -38.83
CA ALA XA 1 -77.94 -3.39 -40.04
C ALA XA 1 -77.06 -2.37 -40.72
N LYS XA 2 -77.68 -1.48 -41.51
CA LYS XA 2 -76.95 -0.44 -42.19
C LYS XA 2 -76.48 0.60 -41.18
N LEU XA 3 -75.34 1.22 -41.48
CA LEU XA 3 -74.67 2.17 -40.58
C LEU XA 3 -75.37 3.53 -40.66
N GLU XA 4 -76.37 3.71 -39.80
CA GLU XA 4 -77.14 4.95 -39.78
C GLU XA 4 -76.54 5.91 -38.74
N THR XA 5 -77.12 7.10 -38.64
CA THR XA 5 -76.76 8.07 -37.60
C THR XA 5 -77.56 7.75 -36.33
N VAL XA 6 -76.88 7.20 -35.34
CA VAL XA 6 -77.51 6.78 -34.09
C VAL XA 6 -77.47 7.91 -33.08
N THR XA 7 -78.55 8.05 -32.32
CA THR XA 7 -78.67 9.09 -31.30
C THR XA 7 -79.19 8.43 -30.02
N LEU XA 8 -78.33 8.34 -29.01
CA LEU XA 8 -78.70 7.74 -27.73
C LEU XA 8 -79.24 8.81 -26.79
N GLY XA 9 -80.43 8.57 -26.24
CA GLY XA 9 -81.05 9.47 -25.31
C GLY XA 9 -81.04 8.90 -23.89
N ASN XA 10 -81.37 9.77 -22.95
CA ASN XA 10 -81.36 9.44 -21.51
C ASN XA 10 -80.01 8.86 -21.12
N ILE XA 11 -78.99 9.71 -21.26
CA ILE XA 11 -77.60 9.31 -21.13
C ILE XA 11 -76.95 10.25 -20.13
N GLY XA 12 -75.89 9.78 -19.50
CA GLY XA 12 -75.19 10.58 -18.53
C GLY XA 12 -75.54 10.16 -17.11
N LYS XA 13 -74.84 10.77 -16.15
CA LYS XA 13 -75.12 10.48 -14.74
C LYS XA 13 -76.57 10.81 -14.41
N ASP XA 14 -77.00 12.04 -14.75
CA ASP XA 14 -78.38 12.44 -14.48
C ASP XA 14 -79.36 11.63 -15.30
N GLY XA 15 -79.01 11.30 -16.54
CA GLY XA 15 -79.94 10.68 -17.45
C GLY XA 15 -80.70 11.68 -18.28
N LYS XA 16 -80.30 12.96 -18.23
CA LYS XA 16 -80.97 14.02 -18.95
C LYS XA 16 -80.08 14.60 -20.05
N GLN XA 17 -79.25 13.75 -20.65
CA GLN XA 17 -78.40 14.14 -21.76
C GLN XA 17 -78.74 13.28 -22.98
N THR XA 18 -78.15 13.65 -24.11
CA THR XA 18 -78.31 12.96 -25.38
C THR XA 18 -76.98 12.99 -26.10
N LEU XA 19 -76.79 12.03 -27.00
CA LEU XA 19 -75.51 11.88 -27.68
C LEU XA 19 -75.74 11.46 -29.13
N VAL XA 20 -75.17 12.24 -30.05
CA VAL XA 20 -75.34 12.02 -31.48
C VAL XA 20 -74.05 11.41 -32.02
N LEU XA 21 -74.19 10.32 -32.78
CA LEU XA 21 -73.04 9.57 -33.31
C LEU XA 21 -73.25 9.33 -34.81
N ASN XA 22 -72.52 10.10 -35.62
CA ASN XA 22 -72.54 9.93 -37.06
C ASN XA 22 -71.57 8.84 -37.52
N PRO XA 23 -71.90 8.15 -38.60
CA PRO XA 23 -71.03 7.06 -39.07
C PRO XA 23 -69.71 7.55 -39.66
N ARG XA 24 -68.67 6.73 -39.52
CA ARG XA 24 -67.37 7.01 -40.09
C ARG XA 24 -66.85 5.89 -40.97
N GLY XA 25 -67.69 4.96 -41.39
CA GLY XA 25 -67.30 3.94 -42.35
C GLY XA 25 -66.77 2.68 -41.71
N VAL XA 26 -66.32 1.77 -42.57
CA VAL XA 26 -65.80 0.49 -42.16
C VAL XA 26 -64.30 0.45 -42.39
N ASN XA 27 -63.64 -0.57 -41.83
CA ASN XA 27 -62.21 -0.79 -41.99
C ASN XA 27 -62.03 -2.07 -42.78
N PRO XA 28 -61.86 -2.01 -44.10
CA PRO XA 28 -61.89 -3.24 -44.91
C PRO XA 28 -60.78 -4.23 -44.60
N THR XA 29 -59.77 -3.86 -43.81
CA THR XA 29 -58.76 -4.82 -43.39
C THR XA 29 -59.14 -5.47 -42.06
N ASN XA 30 -59.51 -4.64 -41.07
CA ASN XA 30 -59.89 -5.15 -39.76
C ASN XA 30 -61.32 -5.69 -39.73
N GLY XA 31 -62.13 -5.35 -40.72
CA GLY XA 31 -63.52 -5.77 -40.71
C GLY XA 31 -64.32 -5.22 -39.54
N VAL XA 32 -64.04 -3.98 -39.16
CA VAL XA 32 -64.69 -3.34 -38.02
C VAL XA 32 -65.24 -2.00 -38.47
N ALA XA 33 -66.53 -1.79 -38.23
CA ALA XA 33 -67.14 -0.50 -38.47
C ALA XA 33 -66.88 0.43 -37.30
N SER XA 34 -66.89 1.73 -37.59
CA SER XA 34 -66.65 2.74 -36.57
C SER XA 34 -67.52 3.95 -36.86
N LEU XA 35 -67.92 4.63 -35.79
CA LEU XA 35 -68.70 5.85 -35.89
C LEU XA 35 -68.48 6.67 -34.63
N SER XA 36 -68.62 7.99 -34.76
CA SER XA 36 -68.13 8.90 -33.74
C SER XA 36 -69.08 10.08 -33.58
N GLN XA 37 -69.09 10.65 -32.38
CA GLN XA 37 -69.77 11.90 -32.15
C GLN XA 37 -68.98 13.02 -32.82
N ALA XA 38 -69.66 13.80 -33.67
CA ALA XA 38 -69.02 14.85 -34.45
C ALA XA 38 -68.51 15.97 -33.55
N GLY XA 39 -67.18 16.11 -33.46
CA GLY XA 39 -66.57 17.11 -32.62
C GLY XA 39 -65.65 18.02 -33.42
N ALA XA 40 -65.26 19.14 -32.78
CA ALA XA 40 -64.43 20.15 -33.45
C ALA XA 40 -63.11 19.54 -33.91
N VAL XA 41 -62.29 19.12 -32.96
CA VAL XA 41 -60.98 18.54 -33.25
C VAL XA 41 -61.18 17.03 -33.35
N PRO XA 42 -60.61 16.37 -34.37
CA PRO XA 42 -60.79 14.91 -34.48
C PRO XA 42 -60.29 14.14 -33.28
N ALA XA 43 -59.30 14.69 -32.55
CA ALA XA 43 -58.76 13.96 -31.40
C ALA XA 43 -59.74 13.99 -30.23
N LEU XA 44 -60.48 15.09 -30.07
CA LEU XA 44 -61.36 15.25 -28.93
C LEU XA 44 -62.59 14.35 -29.01
N GLU XA 45 -63.01 13.97 -30.21
CA GLU XA 45 -64.34 13.40 -30.38
C GLU XA 45 -64.46 12.00 -29.76
N LYS XA 46 -65.65 11.69 -29.27
CA LYS XA 46 -65.96 10.35 -28.80
C LYS XA 46 -66.13 9.42 -29.99
N ARG XA 47 -65.87 8.12 -29.78
CA ARG XA 47 -66.05 7.16 -30.86
C ARG XA 47 -66.41 5.81 -30.27
N VAL XA 48 -67.14 5.01 -31.07
CA VAL XA 48 -67.46 3.63 -30.72
C VAL XA 48 -67.31 2.79 -31.98
N THR XA 49 -66.99 1.50 -31.79
CA THR XA 49 -66.70 0.61 -32.90
C THR XA 49 -67.40 -0.72 -32.67
N VAL XA 50 -68.03 -1.23 -33.73
CA VAL XA 50 -68.78 -2.49 -33.66
C VAL XA 50 -68.20 -3.44 -34.70
N SER XA 51 -68.09 -4.71 -34.33
CA SER XA 51 -67.58 -5.73 -35.23
C SER XA 51 -68.21 -7.07 -34.84
N VAL XA 52 -68.59 -7.84 -35.84
CA VAL XA 52 -69.10 -9.19 -35.63
C VAL XA 52 -68.28 -10.10 -36.52
N SER XA 53 -68.05 -11.32 -36.05
CA SER XA 53 -67.49 -12.34 -36.93
C SER XA 53 -68.39 -12.41 -38.16
N GLN XA 54 -67.79 -12.43 -39.35
CA GLN XA 54 -68.63 -12.42 -40.54
C GLN XA 54 -69.39 -13.74 -40.68
N PRO XA 55 -70.54 -13.72 -41.36
CA PRO XA 55 -71.43 -14.88 -41.30
C PRO XA 55 -71.63 -15.65 -42.60
N SER XA 56 -70.72 -16.58 -42.93
CA SER XA 56 -70.91 -17.35 -44.15
C SER XA 56 -70.54 -18.82 -44.01
N ARG XA 57 -69.30 -19.13 -43.63
CA ARG XA 57 -68.92 -20.53 -43.61
C ARG XA 57 -69.26 -21.19 -42.28
N ASN XA 58 -69.05 -22.50 -42.25
CA ASN XA 58 -69.28 -23.27 -41.03
C ASN XA 58 -68.18 -23.05 -40.01
N ARG XA 59 -66.93 -23.00 -40.45
CA ARG XA 59 -65.82 -22.79 -39.53
C ARG XA 59 -65.98 -21.43 -38.89
N LYS XA 60 -66.60 -21.39 -37.70
CA LYS XA 60 -66.81 -20.13 -37.00
C LYS XA 60 -67.15 -20.44 -35.54
N ASN XA 61 -66.98 -19.42 -34.71
CA ASN XA 61 -67.37 -19.50 -33.31
C ASN XA 61 -68.21 -18.30 -32.89
N TYR XA 62 -68.37 -17.31 -33.76
CA TYR XA 62 -69.17 -16.11 -33.57
C TYR XA 62 -68.85 -15.30 -32.32
N LYS XA 63 -68.31 -14.10 -32.53
CA LYS XA 63 -67.97 -13.14 -31.48
C LYS XA 63 -68.28 -11.74 -31.98
N VAL XA 64 -69.00 -10.97 -31.17
CA VAL XA 64 -69.31 -9.57 -31.43
C VAL XA 64 -68.79 -8.73 -30.28
N GLN XA 65 -68.20 -7.58 -30.63
CA GLN XA 65 -67.58 -6.71 -29.64
C GLN XA 65 -67.79 -5.26 -30.04
N VAL XA 66 -68.15 -4.44 -29.06
CA VAL XA 66 -68.25 -2.99 -29.25
C VAL XA 66 -67.28 -2.34 -28.27
N LYS XA 67 -66.61 -1.29 -28.75
CA LYS XA 67 -65.66 -0.54 -27.95
C LYS XA 67 -66.14 0.91 -27.82
N ILE XA 68 -65.83 1.53 -26.67
CA ILE XA 68 -66.12 2.93 -26.45
C ILE XA 68 -64.83 3.62 -26.04
N GLN XA 69 -64.60 4.80 -26.60
CA GLN XA 69 -63.39 5.60 -26.32
C GLN XA 69 -63.84 7.05 -26.18
N ASN XA 70 -63.90 7.53 -24.95
CA ASN XA 70 -64.31 8.90 -24.66
C ASN XA 70 -63.12 9.62 -24.04
N PRO XA 71 -62.39 10.42 -24.81
CA PRO XA 71 -61.27 11.17 -24.26
C PRO XA 71 -61.71 12.50 -23.69
N THR XA 72 -60.77 13.14 -22.99
CA THR XA 72 -60.98 14.48 -22.46
C THR XA 72 -59.68 15.25 -22.58
N ALA XA 73 -59.79 16.55 -22.77
CA ALA XA 73 -58.65 17.40 -23.06
C ALA XA 73 -58.71 18.64 -22.16
N CYS XA 74 -57.65 19.44 -22.24
CA CYS XA 74 -57.57 20.68 -21.50
C CYS XA 74 -56.90 21.71 -22.38
N THR XA 75 -57.30 22.99 -22.25
CA THR XA 75 -56.67 24.04 -23.04
C THR XA 75 -55.16 24.04 -22.81
N ALA XA 76 -54.71 23.53 -21.67
CA ALA XA 76 -53.32 23.49 -21.24
C ALA XA 76 -52.67 24.85 -21.33
N ASN XA 77 -51.42 24.87 -21.81
CA ASN XA 77 -50.72 26.13 -21.98
C ASN XA 77 -50.03 26.22 -23.33
N GLY XA 78 -50.29 25.27 -24.23
CA GLY XA 78 -49.73 25.34 -25.56
C GLY XA 78 -50.36 26.42 -26.42
N SER XA 79 -51.42 27.06 -25.90
CA SER XA 79 -52.14 28.19 -26.48
C SER XA 79 -52.89 27.94 -27.80
N CYS XA 80 -52.53 26.91 -28.55
CA CYS XA 80 -53.19 26.64 -29.83
C CYS XA 80 -53.91 25.31 -29.83
N ASP XA 81 -53.21 24.20 -29.63
CA ASP XA 81 -53.86 22.91 -29.69
C ASP XA 81 -54.01 22.33 -28.29
N PRO XA 82 -55.24 22.24 -27.76
CA PRO XA 82 -55.42 21.54 -26.48
C PRO XA 82 -55.07 20.07 -26.69
N SER XA 83 -54.45 19.47 -25.68
CA SER XA 83 -54.04 18.08 -25.78
C SER XA 83 -54.83 17.16 -24.85
N VAL XA 84 -54.95 15.91 -25.28
CA VAL XA 84 -55.72 14.93 -24.54
C VAL XA 84 -54.94 14.50 -23.30
N THR XA 85 -55.58 14.61 -22.14
CA THR XA 85 -54.95 14.31 -20.87
C THR XA 85 -55.24 12.90 -20.38
N ARG XA 86 -56.47 12.43 -20.57
CA ARG XA 86 -56.85 11.11 -20.12
C ARG XA 86 -58.01 10.62 -20.97
N GLN XA 87 -58.28 9.32 -20.89
CA GLN XA 87 -59.34 8.69 -21.64
C GLN XA 87 -60.26 7.89 -20.71
N ALA XA 88 -61.35 7.41 -21.28
CA ALA XA 88 -62.29 6.53 -20.61
C ALA XA 88 -62.64 5.42 -21.58
N TYR XA 89 -62.50 4.17 -21.13
CA TYR XA 89 -62.55 3.02 -22.02
C TYR XA 89 -63.73 2.12 -21.69
N ALA XA 90 -64.26 1.49 -22.72
CA ALA XA 90 -65.30 0.48 -22.57
C ALA XA 90 -65.11 -0.51 -23.70
N ASP XA 91 -65.21 -1.80 -23.38
CA ASP XA 91 -65.04 -2.84 -24.39
C ASP XA 91 -65.82 -4.05 -23.92
N VAL XA 92 -66.70 -4.56 -24.78
CA VAL XA 92 -67.47 -5.77 -24.50
C VAL XA 92 -67.01 -6.87 -25.43
N THR XA 93 -67.35 -8.11 -25.07
CA THR XA 93 -67.15 -9.22 -25.99
C THR XA 93 -68.23 -10.25 -25.72
N PHE XA 94 -69.08 -10.47 -26.71
CA PHE XA 94 -70.09 -11.51 -26.68
C PHE XA 94 -69.63 -12.66 -27.56
N SER XA 95 -69.97 -13.88 -27.17
CA SER XA 95 -69.59 -15.05 -27.97
C SER XA 95 -70.66 -16.10 -27.79
N PHE XA 96 -71.39 -16.39 -28.85
CA PHE XA 96 -72.43 -17.40 -28.82
C PHE XA 96 -72.00 -18.61 -29.64
N THR XA 97 -72.65 -19.74 -29.36
CA THR XA 97 -72.33 -20.99 -30.01
C THR XA 97 -72.82 -20.99 -31.45
N GLN XA 98 -72.28 -21.93 -32.24
CA GLN XA 98 -72.69 -22.09 -33.62
C GLN XA 98 -74.18 -22.42 -33.70
N TYR XA 99 -74.68 -23.19 -32.74
CA TYR XA 99 -76.10 -23.53 -32.61
C TYR XA 99 -76.87 -22.58 -31.69
N SER XA 100 -76.41 -21.35 -31.50
CA SER XA 100 -77.08 -20.46 -30.56
C SER XA 100 -78.43 -19.99 -31.12
N THR XA 101 -79.42 -19.88 -30.23
CA THR XA 101 -80.78 -19.48 -30.58
C THR XA 101 -80.93 -17.97 -30.61
N ASP XA 102 -81.95 -17.51 -31.34
CA ASP XA 102 -82.23 -16.08 -31.45
C ASP XA 102 -82.53 -15.48 -30.08
N GLU XA 103 -83.41 -16.10 -29.30
CA GLU XA 103 -83.80 -15.55 -28.01
C GLU XA 103 -82.64 -15.53 -27.02
N GLU XA 104 -81.80 -16.58 -27.01
CA GLU XA 104 -80.65 -16.59 -26.11
C GLU XA 104 -79.80 -15.35 -26.31
N ARG XA 105 -79.64 -14.92 -27.55
CA ARG XA 105 -78.77 -13.78 -27.85
C ARG XA 105 -79.34 -12.50 -27.25
N ALA XA 106 -80.64 -12.27 -27.44
CA ALA XA 106 -81.28 -11.09 -26.87
C ALA XA 106 -81.25 -11.11 -25.35
N PHE XA 107 -81.32 -12.30 -24.75
CA PHE XA 107 -81.29 -12.39 -23.30
C PHE XA 107 -79.95 -11.92 -22.76
N VAL XA 108 -78.85 -12.41 -23.33
CA VAL XA 108 -77.51 -11.95 -22.93
C VAL XA 108 -77.32 -10.47 -23.23
N ARG XA 109 -78.05 -9.94 -24.22
CA ARG XA 109 -77.92 -8.53 -24.55
C ARG XA 109 -78.64 -7.66 -23.54
N THR XA 110 -79.92 -7.96 -23.27
CA THR XA 110 -80.69 -7.15 -22.34
C THR XA 110 -80.24 -7.37 -20.90
N GLU XA 111 -79.71 -8.55 -20.59
CA GLU XA 111 -79.18 -8.76 -19.25
C GLU XA 111 -78.08 -7.76 -18.94
N LEU XA 112 -77.18 -7.52 -19.90
CA LEU XA 112 -76.14 -6.52 -19.72
C LEU XA 112 -76.73 -5.12 -19.70
N ALA XA 113 -77.73 -4.87 -20.53
CA ALA XA 113 -78.36 -3.55 -20.56
C ALA XA 113 -79.02 -3.23 -19.23
N ALA XA 114 -79.75 -4.20 -18.65
CA ALA XA 114 -80.35 -4.00 -17.34
C ALA XA 114 -79.29 -3.99 -16.24
N LEU XA 115 -78.26 -4.83 -16.38
CA LEU XA 115 -77.21 -4.88 -15.37
C LEU XA 115 -76.38 -3.62 -15.34
N LEU XA 116 -76.24 -2.92 -16.47
CA LEU XA 116 -75.51 -1.66 -16.48
C LEU XA 116 -76.27 -0.54 -15.80
N ALA XA 117 -77.55 -0.73 -15.48
CA ALA XA 117 -78.34 0.27 -14.80
C ALA XA 117 -78.80 -0.18 -13.41
N SER XA 118 -78.40 -1.38 -12.97
CA SER XA 118 -78.77 -1.91 -11.67
C SER XA 118 -77.98 -1.22 -10.56
N PRO XA 119 -78.63 -0.92 -9.42
CA PRO XA 119 -77.94 -0.29 -8.28
C PRO XA 119 -76.55 -0.84 -7.98
N LEU XA 120 -76.37 -2.16 -8.11
CA LEU XA 120 -75.09 -2.78 -7.81
C LEU XA 120 -73.99 -2.25 -8.71
N LEU XA 121 -74.24 -2.23 -10.02
CA LEU XA 121 -73.23 -1.76 -10.98
C LEU XA 121 -73.03 -0.26 -10.93
N ILE XA 122 -73.96 0.50 -10.36
CA ILE XA 122 -73.77 1.94 -10.21
C ILE XA 122 -72.57 2.22 -9.32
N ASP XA 123 -72.51 1.59 -8.14
CA ASP XA 123 -71.37 1.76 -7.26
C ASP XA 123 -70.14 0.99 -7.73
N ALA XA 124 -70.32 0.01 -8.62
CA ALA XA 124 -69.18 -0.69 -9.18
C ALA XA 124 -68.45 0.17 -10.19
N ILE XA 125 -69.16 1.08 -10.85
CA ILE XA 125 -68.62 1.90 -11.91
C ILE XA 125 -68.32 3.32 -11.43
N ASP XA 126 -69.27 3.93 -10.73
CA ASP XA 126 -69.19 5.35 -10.39
C ASP XA 126 -68.40 5.62 -9.13
N GLN XA 127 -68.60 4.82 -8.07
CA GLN XA 127 -67.88 4.96 -6.82
C GLN XA 127 -66.70 4.00 -6.71
N LEU XA 128 -66.57 3.08 -7.66
CA LEU XA 128 -65.46 2.13 -7.75
C LEU XA 128 -65.26 1.38 -6.44
N ASN XA 129 -66.34 0.80 -5.97
CA ASN XA 129 -66.28 -0.08 -4.83
C ASN XA 129 -66.83 -1.44 -5.23
N PRO XA 130 -66.11 -2.53 -4.91
CA PRO XA 130 -66.53 -3.85 -5.39
C PRO XA 130 -67.78 -4.31 -4.67
N ALA XA 131 -68.32 -5.41 -5.18
CA ALA XA 131 -69.34 -6.12 -4.43
C ALA XA 131 -68.67 -6.76 -3.22
N TYR XA 132 -69.25 -6.56 -2.06
CA TYR XA 132 -68.65 -7.00 -0.82
C TYR XA 132 -69.66 -7.55 0.18
N ALA YA 1 62.62 30.92 51.55
CA ALA YA 1 63.16 30.61 52.87
C ALA YA 1 62.33 29.55 53.58
N LYS YA 2 62.42 29.53 54.90
CA LYS YA 2 61.64 28.59 55.69
C LYS YA 2 60.17 29.00 55.65
N LEU YA 3 59.30 28.00 55.70
CA LEU YA 3 57.85 28.18 55.54
C LEU YA 3 57.23 28.65 56.85
N GLU YA 4 57.23 29.97 57.08
CA GLU YA 4 56.66 30.53 58.28
C GLU YA 4 55.20 30.93 58.04
N THR YA 5 54.54 31.43 59.07
CA THR YA 5 53.19 31.98 58.93
C THR YA 5 53.29 33.46 58.51
N VAL YA 6 53.01 33.73 57.25
CA VAL YA 6 53.10 35.09 56.72
C VAL YA 6 51.74 35.75 56.83
N THR YA 7 51.74 37.05 57.14
CA THR YA 7 50.51 37.82 57.29
C THR YA 7 50.65 39.11 56.49
N LEU YA 8 49.85 39.23 55.43
CA LEU YA 8 49.86 40.41 54.58
C LEU YA 8 48.93 41.46 55.16
N GLY YA 9 49.43 42.70 55.22
CA GLY YA 9 48.62 43.82 55.65
C GLY YA 9 48.33 44.73 54.46
N ASN YA 10 47.35 45.61 54.67
CA ASN YA 10 46.87 46.56 53.65
C ASN YA 10 46.44 45.87 52.35
N ILE YA 11 45.37 45.07 52.43
CA ILE YA 11 44.84 44.29 51.32
C ILE YA 11 43.36 44.62 51.22
N GLY YA 12 42.81 44.38 50.03
CA GLY YA 12 41.39 44.58 49.78
C GLY YA 12 41.16 45.84 48.95
N LYS YA 13 39.89 46.00 48.58
CA LYS YA 13 39.51 47.18 47.82
C LYS YA 13 39.88 48.44 48.58
N ASP YA 14 39.47 48.52 49.86
CA ASP YA 14 39.83 49.67 50.68
C ASP YA 14 41.33 49.73 50.93
N GLY YA 15 41.96 48.57 51.11
CA GLY YA 15 43.34 48.54 51.53
C GLY YA 15 43.49 48.50 53.03
N LYS YA 16 42.39 48.31 53.75
CA LYS YA 16 42.37 48.33 55.20
C LYS YA 16 42.03 46.96 55.77
N GLN YA 17 42.46 45.89 55.12
CA GLN YA 17 42.26 44.53 55.60
C GLN YA 17 43.61 43.86 55.83
N THR YA 18 43.55 42.66 56.42
CA THR YA 18 44.73 41.87 56.72
C THR YA 18 44.37 40.40 56.48
N LEU YA 19 45.38 39.59 56.19
CA LEU YA 19 45.15 38.21 55.82
C LEU YA 19 46.25 37.33 56.40
N VAL YA 20 45.85 36.30 57.14
CA VAL YA 20 46.79 35.40 57.82
C VAL YA 20 46.81 34.07 57.07
N LEU YA 21 48.02 33.58 56.79
CA LEU YA 21 48.22 32.36 56.01
C LEU YA 21 49.20 31.45 56.74
N ASN YA 22 48.70 30.41 57.38
CA ASN YA 22 49.54 29.42 58.03
C ASN YA 22 50.06 28.40 57.03
N PRO YA 23 51.25 27.86 57.27
CA PRO YA 23 51.81 26.87 56.33
C PRO YA 23 51.05 25.56 56.35
N ARG YA 24 51.03 24.90 55.19
CA ARG YA 24 50.33 23.62 55.07
C ARG YA 24 51.25 22.54 54.52
N GLY YA 25 52.56 22.75 54.54
CA GLY YA 25 53.52 21.72 54.19
C GLY YA 25 53.95 21.74 52.74
N VAL YA 26 54.75 20.74 52.40
CA VAL YA 26 55.28 20.57 51.06
C VAL YA 26 54.60 19.38 50.40
N ASN YA 27 54.77 19.28 49.08
CA ASN YA 27 54.24 18.17 48.30
C ASN YA 27 55.46 17.42 47.75
N PRO YA 28 55.93 16.37 48.44
CA PRO YA 28 57.21 15.76 48.06
C PRO YA 28 57.25 15.09 46.69
N THR YA 29 56.11 14.85 46.04
CA THR YA 29 56.14 14.36 44.67
C THR YA 29 56.09 15.51 43.67
N ASN YA 30 55.15 16.45 43.88
CA ASN YA 30 55.01 17.59 42.99
C ASN YA 30 56.08 18.65 43.24
N GLY YA 31 56.75 18.61 44.38
CA GLY YA 31 57.74 19.61 44.71
C GLY YA 31 57.17 21.01 44.83
N VAL YA 32 55.97 21.13 45.40
CA VAL YA 32 55.30 22.41 45.53
C VAL YA 32 54.91 22.58 46.99
N ALA YA 33 55.33 23.69 47.57
CA ALA YA 33 54.87 24.07 48.90
C ALA YA 33 53.51 24.73 48.81
N SER YA 34 52.73 24.59 49.88
CA SER YA 34 51.40 25.16 49.93
C SER YA 34 51.12 25.65 51.33
N LEU YA 35 50.31 26.70 51.41
CA LEU YA 35 49.90 27.25 52.70
C LEU YA 35 48.56 27.95 52.50
N SER YA 36 47.77 28.00 53.57
CA SER YA 36 46.37 28.35 53.44
C SER YA 36 45.92 29.22 54.59
N GLN YA 37 44.93 30.06 54.32
CA GLN YA 37 44.25 30.82 55.35
C GLN YA 37 43.40 29.86 56.19
N ALA YA 38 43.61 29.86 57.50
CA ALA YA 38 42.94 28.93 58.41
C ALA YA 38 41.44 29.24 58.48
N GLY YA 39 40.62 28.38 57.88
CA GLY YA 39 39.19 28.59 57.84
C GLY YA 39 38.43 27.43 58.47
N ALA YA 40 37.14 27.65 58.72
CA ALA YA 40 36.31 26.65 59.40
C ALA YA 40 36.27 25.35 58.60
N VAL YA 41 35.66 25.39 57.42
CA VAL YA 41 35.55 24.22 56.55
C VAL YA 41 36.72 24.30 55.58
N PRO YA 42 37.44 23.20 55.34
CA PRO YA 42 38.62 23.25 54.45
C PRO YA 42 38.35 23.70 53.03
N ALA YA 43 37.13 23.49 52.51
CA ALA YA 43 36.89 23.82 51.10
C ALA YA 43 36.82 25.32 50.87
N LEU YA 44 36.21 26.06 51.79
CA LEU YA 44 36.05 27.50 51.60
C LEU YA 44 37.35 28.28 51.78
N GLU YA 45 38.31 27.76 52.53
CA GLU YA 45 39.42 28.59 52.95
C GLU YA 45 40.32 28.95 51.76
N LYS YA 46 40.93 30.13 51.84
CA LYS YA 46 41.87 30.55 50.81
C LYS YA 46 43.18 29.78 50.94
N ARG YA 47 43.89 29.64 49.82
CA ARG YA 47 45.18 28.97 49.83
C ARG YA 47 46.03 29.49 48.68
N VAL YA 48 47.34 29.45 48.86
CA VAL YA 48 48.31 29.85 47.84
C VAL YA 48 49.48 28.86 47.84
N THR YA 49 50.14 28.73 46.69
CA THR YA 49 51.20 27.75 46.51
C THR YA 49 52.37 28.37 45.78
N VAL YA 50 53.58 28.10 46.27
CA VAL YA 50 54.81 28.62 45.68
C VAL YA 50 55.72 27.45 45.33
N SER YA 51 56.39 27.54 44.19
CA SER YA 51 57.30 26.50 43.72
C SER YA 51 58.38 27.16 42.85
N VAL YA 52 59.63 26.72 43.00
CA VAL YA 52 60.72 27.21 42.18
C VAL YA 52 61.37 25.99 41.53
N SER YA 53 62.64 26.08 41.16
CA SER YA 53 63.37 25.01 40.50
C SER YA 53 64.57 24.71 41.38
N GLN YA 54 64.77 23.43 41.67
CA GLN YA 54 65.77 23.06 42.66
C GLN YA 54 67.16 23.19 42.01
N PRO YA 55 68.22 23.50 42.74
CA PRO YA 55 69.47 23.89 42.07
C PRO YA 55 70.26 22.71 41.51
N SER YA 56 70.52 22.80 40.21
CA SER YA 56 71.31 21.81 39.48
C SER YA 56 71.70 22.43 38.13
N ARG YA 57 71.71 21.61 37.07
CA ARG YA 57 72.17 22.14 35.80
C ARG YA 57 71.52 21.57 34.54
N ASN YA 58 71.02 20.33 34.59
CA ASN YA 58 70.46 19.67 33.42
C ASN YA 58 69.04 20.20 33.11
N ARG YA 59 68.86 20.69 31.88
CA ARG YA 59 67.54 21.10 31.34
C ARG YA 59 66.84 22.15 32.22
N LYS YA 60 67.62 23.07 32.80
CA LYS YA 60 67.01 24.10 33.64
C LYS YA 60 67.17 25.51 33.08
N ASN YA 61 66.04 26.20 33.00
CA ASN YA 61 65.91 27.65 32.81
C ASN YA 61 64.95 27.98 33.93
N TYR YA 62 65.50 28.41 35.07
CA TYR YA 62 64.74 28.51 36.30
C TYR YA 62 63.35 29.10 36.10
N LYS YA 63 62.39 28.58 36.86
CA LYS YA 63 60.99 28.95 36.79
C LYS YA 63 60.40 28.95 38.19
N VAL YA 64 59.80 30.07 38.55
CA VAL YA 64 59.14 30.25 39.84
C VAL YA 64 57.70 30.67 39.57
N GLN YA 65 56.78 30.09 40.33
CA GLN YA 65 55.36 30.32 40.09
C GLN YA 65 54.62 30.28 41.42
N VAL YA 66 53.74 31.26 41.62
CA VAL YA 66 52.87 31.31 42.78
C VAL YA 66 51.43 31.26 42.27
N LYS YA 67 50.58 30.53 42.98
CA LYS YA 67 49.19 30.38 42.61
C LYS YA 67 48.31 30.87 43.74
N ILE YA 68 47.16 31.45 43.40
CA ILE YA 68 46.17 31.90 44.36
C ILE YA 68 44.82 31.28 44.00
N GLN YA 69 44.10 30.80 45.02
CA GLN YA 69 42.78 30.19 44.84
C GLN YA 69 41.88 30.65 45.99
N ASN YA 70 40.97 31.56 45.69
CA ASN YA 70 40.05 32.12 46.70
C ASN YA 70 38.62 31.72 46.34
N PRO YA 71 38.04 30.72 47.00
CA PRO YA 71 36.67 30.35 46.73
C PRO YA 71 35.67 31.14 47.56
N THR YA 72 34.39 30.98 47.20
CA THR YA 72 33.28 31.56 47.95
C THR YA 72 32.10 30.59 47.91
N ALA YA 73 31.28 30.63 48.95
CA ALA YA 73 30.21 29.66 49.16
C ALA YA 73 28.91 30.39 49.47
N CYS YA 74 27.83 29.62 49.61
CA CYS YA 74 26.51 30.16 49.93
C CYS YA 74 25.83 29.20 50.91
N THR YA 75 24.54 29.44 51.16
CA THR YA 75 23.75 28.63 52.08
C THR YA 75 22.91 27.58 51.35
N ALA YA 76 22.59 27.84 50.07
CA ALA YA 76 21.77 26.99 49.22
C ALA YA 76 20.30 26.85 49.64
N ASN YA 77 19.95 27.29 50.85
CA ASN YA 77 18.58 27.23 51.35
C ASN YA 77 17.88 25.87 51.26
N GLY YA 78 18.57 24.86 50.68
CA GLY YA 78 17.98 23.54 50.56
C GLY YA 78 18.93 22.51 51.09
N SER YA 79 20.12 22.98 51.42
CA SER YA 79 21.17 22.16 51.99
C SER YA 79 21.43 22.61 53.42
N CYS YA 80 22.40 21.94 54.03
CA CYS YA 80 22.87 22.22 55.38
C CYS YA 80 24.33 22.65 55.34
N ASP YA 81 25.18 21.80 54.79
CA ASP YA 81 26.60 22.11 54.68
C ASP YA 81 26.82 22.99 53.47
N PRO YA 82 27.34 24.20 53.63
CA PRO YA 82 27.56 25.09 52.48
C PRO YA 82 28.55 24.51 51.47
N SER YA 83 28.23 24.71 50.20
CA SER YA 83 29.06 24.26 49.09
C SER YA 83 29.65 25.47 48.37
N VAL YA 84 30.84 25.29 47.81
CA VAL YA 84 31.54 26.35 47.09
C VAL YA 84 30.92 26.50 45.70
N THR YA 85 30.51 27.72 45.37
CA THR YA 85 29.81 27.99 44.11
C THR YA 85 30.73 28.48 43.00
N ARG YA 86 31.69 29.33 43.35
CA ARG YA 86 32.59 29.92 42.37
C ARG YA 86 33.91 30.25 43.06
N GLN YA 87 34.95 30.43 42.25
CA GLN YA 87 36.29 30.73 42.77
C GLN YA 87 36.87 31.92 42.03
N ALA YA 88 38.04 32.34 42.50
CA ALA YA 88 38.81 33.41 41.88
C ALA YA 88 40.25 32.92 41.81
N TYR YA 89 40.86 33.00 40.64
CA TYR YA 89 42.11 32.33 40.37
C TYR YA 89 43.20 33.36 40.08
N ALA YA 90 44.42 33.05 40.52
CA ALA YA 90 45.57 33.87 40.21
C ALA YA 90 46.81 32.99 40.18
N ASP YA 91 47.66 33.18 39.18
CA ASP YA 91 48.91 32.45 39.08
C ASP YA 91 49.92 33.24 38.27
N VAL YA 92 51.14 33.32 38.78
CA VAL YA 92 52.22 33.97 38.07
C VAL YA 92 53.17 32.89 37.60
N THR YA 93 54.01 33.25 36.63
CA THR YA 93 55.12 32.39 36.25
C THR YA 93 56.26 33.28 35.80
N PHE YA 94 57.34 33.26 36.55
CA PHE YA 94 58.56 33.96 36.21
C PHE YA 94 59.56 32.95 35.67
N SER YA 95 60.39 33.39 34.74
CA SER YA 95 61.41 32.52 34.19
C SER YA 95 62.61 33.38 33.81
N PHE YA 96 63.71 33.17 34.54
CA PHE YA 96 64.93 33.91 34.29
C PHE YA 96 65.97 32.97 33.69
N THR YA 97 66.97 33.58 33.06
CA THR YA 97 68.01 32.81 32.39
C THR YA 97 68.92 32.16 33.43
N GLN YA 98 69.66 31.14 32.99
CA GLN YA 98 70.59 30.45 33.86
C GLN YA 98 71.66 31.41 34.38
N TYR YA 99 72.07 32.37 33.56
CA TYR YA 99 73.01 33.43 33.94
C TYR YA 99 72.32 34.72 34.43
N SER YA 100 71.09 34.64 34.93
CA SER YA 100 70.38 35.85 35.32
C SER YA 100 70.98 36.46 36.59
N THR YA 101 70.99 37.79 36.63
CA THR YA 101 71.60 38.53 37.74
C THR YA 101 70.63 38.65 38.91
N ASP YA 102 71.22 38.87 40.09
CA ASP YA 102 70.42 39.04 41.31
C ASP YA 102 69.49 40.23 41.19
N GLU YA 103 70.00 41.38 40.75
CA GLU YA 103 69.18 42.58 40.67
C GLU YA 103 68.06 42.46 39.63
N GLU YA 104 68.35 41.82 38.50
CA GLU YA 104 67.30 41.63 37.48
C GLU YA 104 66.08 40.95 38.07
N ARG YA 105 66.30 39.97 38.95
CA ARG YA 105 65.19 39.19 39.50
C ARG YA 105 64.29 40.07 40.37
N ALA YA 106 64.90 40.86 41.25
CA ALA YA 106 64.11 41.75 42.11
C ALA YA 106 63.41 42.84 41.30
N PHE YA 107 64.02 43.30 40.21
CA PHE YA 107 63.41 44.35 39.41
C PHE YA 107 62.10 43.86 38.80
N VAL YA 108 62.12 42.67 38.18
CA VAL YA 108 60.89 42.09 37.65
C VAL YA 108 59.89 41.80 38.76
N ARG YA 109 60.38 41.62 39.99
CA ARG YA 109 59.49 41.34 41.12
C ARG YA 109 58.78 42.61 41.57
N THR YA 110 59.54 43.68 41.79
CA THR YA 110 58.92 44.93 42.25
C THR YA 110 58.13 45.60 41.14
N GLU YA 111 58.52 45.38 39.88
CA GLU YA 111 57.74 45.93 38.77
C GLU YA 111 56.32 45.39 38.79
N LEU YA 112 56.16 44.09 39.06
CA LEU YA 112 54.83 43.51 39.16
C LEU YA 112 54.10 44.03 40.40
N ALA YA 113 54.82 44.19 41.50
CA ALA YA 113 54.20 44.69 42.72
C ALA YA 113 53.68 46.12 42.52
N ALA YA 114 54.49 46.98 41.89
CA ALA YA 114 54.03 48.34 41.61
C ALA YA 114 52.99 48.35 40.50
N LEU YA 115 53.15 47.48 39.49
CA LEU YA 115 52.18 47.41 38.41
C LEU YA 115 50.85 46.86 38.90
N LEU YA 116 50.87 46.02 39.93
CA LEU YA 116 49.64 45.46 40.47
C LEU YA 116 48.83 46.49 41.24
N ALA YA 117 49.41 47.66 41.53
CA ALA YA 117 48.71 48.72 42.23
C ALA YA 117 48.56 49.98 41.39
N SER YA 118 49.03 49.96 40.12
CA SER YA 118 48.93 51.11 39.24
C SER YA 118 47.50 51.27 38.72
N PRO YA 119 47.00 52.51 38.63
CA PRO YA 119 45.65 52.76 38.11
C PRO YA 119 45.25 51.94 36.89
N LEU YA 120 46.19 51.74 35.97
CA LEU YA 120 45.86 50.99 34.75
C LEU YA 120 45.44 49.56 35.08
N LEU YA 121 46.21 48.88 35.92
CA LEU YA 121 45.89 47.50 36.29
C LEU YA 121 44.70 47.41 37.23
N ILE YA 122 44.35 48.48 37.94
CA ILE YA 122 43.15 48.46 38.76
C ILE YA 122 41.91 48.30 37.89
N ASP YA 123 41.79 49.13 36.86
CA ASP YA 123 40.65 49.00 35.96
C ASP YA 123 40.76 47.79 35.04
N ALA YA 124 41.96 47.24 34.87
CA ALA YA 124 42.08 46.01 34.11
C ALA YA 124 41.58 44.82 34.91
N ILE YA 125 41.69 44.89 36.22
CA ILE YA 125 41.33 43.80 37.12
C ILE YA 125 40.00 44.05 37.82
N ASP YA 126 39.79 45.27 38.34
CA ASP YA 126 38.63 45.52 39.19
C ASP YA 126 37.38 45.81 38.37
N GLN YA 127 37.52 46.59 37.30
CA GLN YA 127 36.41 46.92 36.41
C GLN YA 127 36.36 46.04 35.17
N LEU YA 128 37.38 45.20 34.97
CA LEU YA 128 37.47 44.27 33.85
C LEU YA 128 37.27 44.98 32.52
N ASN YA 129 38.01 46.05 32.34
CA ASN YA 129 38.03 46.74 31.06
C ASN YA 129 39.46 46.80 30.54
N PRO YA 130 39.69 46.45 29.28
CA PRO YA 130 41.06 46.37 28.79
C PRO YA 130 41.72 47.74 28.68
N ALA YA 131 43.03 47.70 28.47
CA ALA YA 131 43.73 48.91 28.08
C ALA YA 131 43.32 49.25 26.65
N TYR YA 132 42.97 50.51 26.44
CA TYR YA 132 42.44 50.93 25.16
C TYR YA 132 42.96 52.27 24.69
N ALA ZA 1 41.41 50.87 31.80
CA ALA ZA 1 41.05 52.26 31.47
C ALA ZA 1 41.78 52.74 30.23
N LYS ZA 2 41.92 54.06 30.12
CA LYS ZA 2 42.63 54.66 29.00
C LYS ZA 2 44.11 54.35 29.11
N LEU ZA 3 44.76 54.17 27.96
CA LEU ZA 3 46.18 53.81 27.91
C LEU ZA 3 47.02 55.06 28.11
N GLU ZA 4 47.30 55.37 29.37
CA GLU ZA 4 48.08 56.56 29.71
C GLU ZA 4 49.56 56.20 29.85
N THR ZA 5 50.38 57.22 30.10
CA THR ZA 5 51.80 57.03 30.42
C THR ZA 5 51.95 56.78 31.92
N VAL ZA 6 52.23 55.52 32.27
CA VAL ZA 6 52.32 55.11 33.67
C VAL ZA 6 53.75 55.22 34.15
N THR ZA 7 53.92 55.60 35.42
CA THR ZA 7 55.22 55.76 36.06
C THR ZA 7 55.18 55.03 37.40
N LEU ZA 8 55.93 53.93 37.48
CA LEU ZA 8 55.99 53.11 38.70
C LEU ZA 8 57.10 53.56 39.63
N GLY ZA 9 56.76 53.76 40.90
CA GLY ZA 9 57.71 54.11 41.93
C GLY ZA 9 57.96 52.94 42.87
N ASN ZA 10 58.99 53.08 43.69
CA ASN ZA 10 59.42 52.06 44.65
C ASN ZA 10 59.66 50.72 43.98
N ILE ZA 11 60.67 50.71 43.11
CA ILE ZA 11 61.01 49.58 42.27
C ILE ZA 11 62.49 49.29 42.49
N GLY ZA 12 62.89 48.04 42.25
CA GLY ZA 12 64.28 47.67 42.35
C GLY ZA 12 64.60 46.92 43.63
N LYS ZA 13 65.86 46.48 43.72
CA LYS ZA 13 66.34 45.79 44.91
C LYS ZA 13 66.18 46.62 46.16
N ASP ZA 14 66.69 47.86 46.14
CA ASP ZA 14 66.60 48.75 47.30
C ASP ZA 14 65.16 49.14 47.61
N GLY ZA 15 64.33 49.30 46.59
CA GLY ZA 15 63.00 49.82 46.74
C GLY ZA 15 62.90 51.32 46.51
N LYS ZA 16 63.99 51.96 46.12
CA LYS ZA 16 64.05 53.38 45.80
C LYS ZA 16 64.48 53.53 44.34
N GLN ZA 17 63.54 53.38 43.42
CA GLN ZA 17 63.79 53.57 42.01
C GLN ZA 17 62.44 53.82 41.33
N THR ZA 18 62.50 54.16 40.04
CA THR ZA 18 61.30 54.48 39.28
C THR ZA 18 61.44 54.00 37.84
N LEU ZA 19 60.30 53.76 37.21
CA LEU ZA 19 60.24 53.23 35.84
C LEU ZA 19 59.06 53.85 35.12
N VAL ZA 20 59.33 54.49 33.98
CA VAL ZA 20 58.33 55.20 33.19
C VAL ZA 20 57.99 54.38 31.96
N LEU ZA 21 56.70 54.22 31.68
CA LEU ZA 21 56.21 53.38 30.59
C LEU ZA 21 55.22 54.13 29.71
N ASN ZA 22 55.65 54.48 28.48
CA ASN ZA 22 54.81 55.12 27.49
C ASN ZA 22 53.94 54.10 26.75
N PRO ZA 23 52.75 54.49 26.30
CA PRO ZA 23 51.89 53.56 25.57
C PRO ZA 23 52.43 53.26 24.19
N ARG ZA 24 52.17 52.04 23.72
CA ARG ZA 24 52.59 51.60 22.39
C ARG ZA 24 51.44 51.07 21.55
N GLY ZA 25 50.19 51.34 21.94
CA GLY ZA 25 49.03 50.98 21.16
C GLY ZA 25 48.46 49.63 21.51
N VAL ZA 26 47.44 49.25 20.74
CA VAL ZA 26 46.75 47.98 20.91
C VAL ZA 26 47.10 47.06 19.74
N ASN ZA 27 46.76 45.77 19.89
CA ASN ZA 27 46.99 44.76 18.86
C ASN ZA 27 45.63 44.26 18.37
N PRO ZA 28 45.09 44.83 17.28
CA PRO ZA 28 43.73 44.46 16.86
C PRO ZA 28 43.59 43.01 16.40
N THR ZA 29 44.70 42.29 16.21
CA THR ZA 29 44.63 40.87 15.91
C THR ZA 29 44.65 40.01 17.18
N ASN ZA 30 45.63 40.25 18.04
CA ASN ZA 30 45.76 39.52 19.29
C ASN ZA 30 44.80 40.01 20.37
N GLY ZA 31 44.24 41.21 20.21
CA GLY ZA 31 43.39 41.78 21.24
C GLY ZA 31 44.13 42.04 22.53
N VAL ZA 32 45.39 42.44 22.45
CA VAL ZA 32 46.23 42.68 23.61
C VAL ZA 32 46.83 44.07 23.48
N ALA ZA 33 46.67 44.87 24.53
CA ALA ZA 33 47.35 46.16 24.56
C ALA ZA 33 48.80 45.97 25.00
N SER ZA 34 49.66 46.87 24.55
CA SER ZA 34 51.08 46.80 24.86
C SER ZA 34 51.61 48.22 25.04
N LEU ZA 35 52.60 48.34 25.92
CA LEU ZA 35 53.26 49.61 26.16
C LEU ZA 35 54.65 49.32 26.73
N SER ZA 36 55.58 50.25 26.50
CA SER ZA 36 56.98 49.96 26.76
C SER ZA 36 57.67 51.18 27.33
N GLN ZA 37 58.71 50.90 28.12
CA GLN ZA 37 59.61 51.96 28.57
C GLN ZA 37 60.45 52.44 27.39
N ALA ZA 38 60.47 53.76 27.18
CA ALA ZA 38 61.15 54.36 26.05
C ALA ZA 38 62.66 54.16 26.12
N GLY ZA 39 63.23 53.32 25.24
CA GLY ZA 39 64.64 53.04 25.25
C GLY ZA 39 65.30 53.36 23.91
N ALA ZA 40 66.63 53.39 23.94
CA ALA ZA 40 67.41 53.74 22.76
C ALA ZA 40 67.13 52.79 21.61
N VAL ZA 41 67.52 51.54 21.76
CA VAL ZA 41 67.32 50.51 20.75
C VAL ZA 41 66.01 49.80 21.05
N PRO ZA 42 65.14 49.58 20.06
CA PRO ZA 42 63.86 48.91 20.37
C PRO ZA 42 64.01 47.55 21.02
N ALA ZA 43 65.11 46.85 20.78
CA ALA ZA 43 65.30 45.52 21.36
C ALA ZA 43 65.65 45.58 22.85
N LEU ZA 44 66.43 46.59 23.24
CA LEU ZA 44 66.88 46.68 24.63
C LEU ZA 44 65.77 47.07 25.59
N GLU ZA 45 64.75 47.78 25.11
CA GLU ZA 45 63.82 48.44 26.01
C GLU ZA 45 62.92 47.43 26.73
N LYS ZA 46 62.50 47.81 27.94
CA LYS ZA 46 61.56 47.02 28.71
C LYS ZA 46 60.17 47.04 28.08
N ARG ZA 47 59.37 46.02 28.39
CA ARG ZA 47 58.05 45.88 27.81
C ARG ZA 47 57.11 45.20 28.78
N VAL ZA 48 55.83 45.58 28.70
CA VAL ZA 48 54.76 44.94 29.44
C VAL ZA 48 53.52 44.91 28.55
N THR ZA 49 52.66 43.91 28.77
CA THR ZA 49 51.47 43.75 27.96
C THR ZA 49 50.31 43.41 28.87
N VAL ZA 50 49.18 44.09 28.68
CA VAL ZA 50 47.98 43.88 29.47
C VAL ZA 50 46.85 43.54 28.52
N SER ZA 51 46.02 42.59 28.91
CA SER ZA 51 44.90 42.14 28.10
C SER ZA 51 43.84 41.61 29.04
N VAL ZA 52 42.59 41.85 28.68
CA VAL ZA 52 41.47 41.31 29.44
C VAL ZA 52 40.76 40.43 28.43
N SER ZA 53 39.58 39.94 28.76
CA SER ZA 53 38.80 39.12 27.84
C SER ZA 53 37.53 39.90 27.60
N GLN ZA 54 37.19 40.11 26.34
CA GLN ZA 54 36.36 41.25 26.00
C GLN ZA 54 34.92 41.01 26.45
N PRO ZA 55 34.27 42.02 27.03
CA PRO ZA 55 32.87 41.84 27.42
C PRO ZA 55 32.05 41.90 26.14
N SER ZA 56 31.75 40.74 25.59
CA SER ZA 56 31.07 40.64 24.31
C SER ZA 56 29.67 40.02 24.55
N ARG ZA 57 29.62 38.74 24.91
CA ARG ZA 57 28.34 38.10 25.19
C ARG ZA 57 28.28 37.70 26.67
N ASN ZA 58 27.22 36.97 27.01
CA ASN ZA 58 27.04 36.46 28.36
C ASN ZA 58 27.95 35.27 28.64
N ARG ZA 59 27.75 34.14 27.95
CA ARG ZA 59 28.57 32.94 28.13
C ARG ZA 59 30.05 33.33 28.26
N LYS ZA 60 30.56 33.43 29.49
CA LYS ZA 60 31.94 33.83 29.65
C LYS ZA 60 32.58 33.26 30.90
N ASN ZA 61 33.90 33.08 30.78
CA ASN ZA 61 34.80 32.73 31.87
C ASN ZA 61 35.88 33.78 31.69
N TYR ZA 62 35.90 34.80 32.56
CA TYR ZA 62 36.74 35.95 32.31
C TYR ZA 62 38.20 35.65 32.63
N LYS ZA 63 39.10 36.24 31.84
CA LYS ZA 63 40.54 36.06 31.97
C LYS ZA 63 41.28 37.35 31.65
N VAL ZA 64 42.14 37.79 32.58
CA VAL ZA 64 43.01 38.95 32.40
C VAL ZA 64 44.43 38.50 32.69
N GLN ZA 65 45.38 38.97 31.87
CA GLN ZA 65 46.75 38.49 31.98
C GLN ZA 65 47.71 39.64 31.67
N VAL ZA 66 48.77 39.74 32.46
CA VAL ZA 66 49.84 40.71 32.27
C VAL ZA 66 51.14 39.96 32.05
N LYS ZA 67 51.94 40.44 31.09
CA LYS ZA 67 53.23 39.87 30.78
C LYS ZA 67 54.29 40.95 30.95
N ILE ZA 68 55.48 40.55 31.40
CA ILE ZA 68 56.64 41.44 31.51
C ILE ZA 68 57.82 40.79 30.78
N GLN ZA 69 58.55 41.61 30.02
CA GLN ZA 69 59.69 41.13 29.24
C GLN ZA 69 60.79 42.18 29.34
N ASN ZA 70 61.81 41.89 30.15
CA ASN ZA 70 62.92 42.81 30.38
C ASN ZA 70 64.22 42.21 29.85
N PRO ZA 71 64.71 42.66 28.70
CA PRO ZA 71 65.98 42.13 28.19
C PRO ZA 71 67.19 42.87 28.74
N THR ZA 72 68.35 42.28 28.47
CA THR ZA 72 69.63 42.88 28.80
C THR ZA 72 70.63 42.51 27.71
N ALA ZA 73 71.59 43.39 27.48
CA ALA ZA 73 72.52 43.25 26.37
C ALA ZA 73 73.96 43.43 26.84
N CYS ZA 74 74.88 43.20 25.89
CA CYS ZA 74 76.30 43.35 26.07
C CYS ZA 74 76.87 43.95 24.78
N THR ZA 75 77.89 44.78 24.92
CA THR ZA 75 78.36 45.61 23.80
C THR ZA 75 79.57 45.05 23.04
N ALA ZA 76 80.69 44.77 23.71
CA ALA ZA 76 81.96 44.45 23.04
C ALA ZA 76 82.08 43.07 22.41
N ASN ZA 77 80.97 42.52 21.91
CA ASN ZA 77 80.98 41.20 21.28
C ASN ZA 77 81.09 41.25 19.76
N GLY ZA 78 80.51 42.27 19.15
CA GLY ZA 78 80.51 42.47 17.72
C GLY ZA 78 81.03 43.88 17.54
N SER ZA 79 81.29 44.49 18.69
CA SER ZA 79 81.82 45.85 18.85
C SER ZA 79 81.13 46.85 17.95
N CYS ZA 80 79.94 46.48 17.48
CA CYS ZA 80 79.12 47.38 16.68
C CYS ZA 80 77.72 47.51 17.26
N ASP ZA 81 76.98 46.41 17.23
CA ASP ZA 81 75.60 46.36 17.67
C ASP ZA 81 75.46 45.52 18.93
N PRO ZA 82 75.00 46.08 20.06
CA PRO ZA 82 74.81 45.25 21.24
C PRO ZA 82 73.77 44.18 20.98
N SER ZA 83 74.03 42.97 21.49
CA SER ZA 83 73.13 41.85 21.29
C SER ZA 83 72.48 41.44 22.62
N VAL ZA 84 71.24 40.96 22.54
CA VAL ZA 84 70.51 40.52 23.73
C VAL ZA 84 71.01 39.13 24.11
N THR ZA 85 71.45 38.99 25.35
CA THR ZA 85 72.08 37.77 25.83
C THR ZA 85 71.13 36.89 26.62
N ARG ZA 86 70.30 37.53 27.44
CA ARG ZA 86 69.34 36.83 28.28
C ARG ZA 86 68.19 37.79 28.54
N GLN ZA 87 67.08 37.23 29.00
CA GLN ZA 87 65.90 38.03 29.29
C GLN ZA 87 65.38 37.69 30.68
N ALA ZA 88 64.36 38.42 31.10
CA ALA ZA 88 63.70 38.17 32.36
C ALA ZA 88 62.20 38.23 32.09
N TYR ZA 89 61.50 37.19 32.51
CA TYR ZA 89 60.13 36.98 32.12
C TYR ZA 89 59.20 37.06 33.31
N ALA ZA 90 57.99 37.52 33.05
CA ALA ZA 90 56.93 37.54 34.05
C ALA ZA 90 55.61 37.35 33.31
N ASP ZA 91 54.74 36.52 33.89
CA ASP ZA 91 53.44 36.29 33.28
C ASP ZA 91 52.45 35.93 34.37
N VAL ZA 92 51.36 36.69 34.44
CA VAL ZA 92 50.26 36.40 35.36
C VAL ZA 92 49.04 36.07 34.52
N THR ZA 93 48.09 35.39 35.13
CA THR ZA 93 46.78 35.20 34.51
C THR ZA 93 45.76 35.05 35.62
N PHE ZA 94 44.83 35.99 35.68
CA PHE ZA 94 43.73 35.93 36.63
C PHE ZA 94 42.49 35.47 35.89
N SER ZA 95 41.63 34.72 36.59
CA SER ZA 95 40.41 34.24 35.97
C SER ZA 95 39.33 34.16 37.04
N PHE ZA 96 38.33 35.01 36.92
CA PHE ZA 96 37.20 35.06 37.83
C PHE ZA 96 35.95 34.56 37.11
N THR ZA 97 34.97 34.17 37.91
CA THR ZA 97 33.73 33.64 37.36
C THR ZA 97 32.91 34.76 36.73
N GLN ZA 98 31.96 34.36 35.88
CA GLN ZA 98 31.05 35.33 35.29
C GLN ZA 98 30.26 36.01 36.40
N TYR ZA 99 29.96 35.29 37.48
CA TYR ZA 99 29.28 35.85 38.65
C TYR ZA 99 30.22 36.46 39.68
N SER ZA 100 31.43 36.87 39.30
CA SER ZA 100 32.37 37.42 40.28
C SER ZA 100 31.99 38.83 40.70
N THR ZA 101 32.18 39.14 41.98
CA THR ZA 101 31.90 40.45 42.55
C THR ZA 101 33.11 41.37 42.42
N ASP ZA 102 32.84 42.67 42.48
CA ASP ZA 102 33.91 43.67 42.40
C ASP ZA 102 34.91 43.49 43.53
N GLU ZA 103 34.43 43.34 44.76
CA GLU ZA 103 35.33 43.22 45.90
C GLU ZA 103 36.20 41.97 45.81
N GLU ZA 104 35.63 40.85 45.35
CA GLU ZA 104 36.42 39.64 45.19
C GLU ZA 104 37.63 39.88 44.29
N ARG ZA 105 37.42 40.65 43.23
CA ARG ZA 105 38.47 40.86 42.22
C ARG ZA 105 39.63 41.67 42.78
N ALA ZA 106 39.34 42.77 43.47
CA ALA ZA 106 40.41 43.59 44.05
C ALA ZA 106 41.16 42.84 45.14
N PHE ZA 107 40.46 41.96 45.85
CA PHE ZA 107 41.10 41.20 46.92
C PHE ZA 107 42.21 40.29 46.37
N VAL ZA 108 41.90 39.55 45.29
CA VAL ZA 108 42.91 38.73 44.64
C VAL ZA 108 44.03 39.58 44.04
N ARG ZA 109 43.74 40.82 43.65
CA ARG ZA 109 44.78 41.65 43.05
C ARG ZA 109 45.73 42.20 44.11
N THR ZA 110 45.18 42.73 45.21
CA THR ZA 110 46.03 43.23 46.28
C THR ZA 110 46.72 42.09 47.03
N GLU ZA 111 46.11 40.90 47.08
CA GLU ZA 111 46.78 39.77 47.70
C GLU ZA 111 48.11 39.46 47.02
N LEU ZA 112 48.11 39.45 45.68
CA LEU ZA 112 49.35 39.19 44.95
C LEU ZA 112 50.32 40.36 45.09
N ALA ZA 113 49.82 41.59 45.10
CA ALA ZA 113 50.70 42.75 45.25
C ALA ZA 113 51.41 42.71 46.60
N ALA ZA 114 50.68 42.39 47.67
CA ALA ZA 114 51.31 42.25 48.98
C ALA ZA 114 52.17 40.99 49.03
N LEU ZA 115 51.75 39.93 48.35
CA LEU ZA 115 52.52 38.70 48.34
C LEU ZA 115 53.86 38.87 47.63
N LEU ZA 116 53.93 39.78 46.65
CA LEU ZA 116 55.19 40.06 45.96
C LEU ZA 116 56.20 40.76 46.84
N ALA ZA 117 55.77 41.26 48.01
CA ALA ZA 117 56.66 41.90 48.97
C ALA ZA 117 56.75 41.13 50.28
N SER ZA 118 56.11 39.97 50.37
CA SER ZA 118 56.14 39.18 51.58
C SER ZA 118 57.49 38.48 51.74
N PRO ZA 119 58.02 38.41 52.98
CA PRO ZA 119 59.28 37.72 53.23
C PRO ZA 119 59.46 36.41 52.48
N LEU ZA 120 58.37 35.64 52.34
CA LEU ZA 120 58.46 34.33 51.70
C LEU ZA 120 58.88 34.45 50.24
N LEU ZA 121 58.19 35.31 49.48
CA LEU ZA 121 58.52 35.46 48.06
C LEU ZA 121 59.80 36.26 47.83
N ILE ZA 122 60.30 37.00 48.83
CA ILE ZA 122 61.58 37.68 48.66
C ILE ZA 122 62.68 36.66 48.42
N ASP ZA 123 62.78 35.65 49.28
CA ASP ZA 123 63.76 34.59 49.11
C ASP ZA 123 63.34 33.58 48.05
N ALA ZA 124 62.05 33.54 47.70
CA ALA ZA 124 61.61 32.65 46.63
C ALA ZA 124 62.01 33.18 45.26
N ILE ZA 125 62.17 34.48 45.12
CA ILE ZA 125 62.45 35.08 43.83
C ILE ZA 125 63.90 35.47 43.68
N ASP ZA 126 64.45 36.15 44.68
CA ASP ZA 126 65.78 36.75 44.53
C ASP ZA 126 66.88 35.75 44.85
N GLN ZA 127 66.66 34.91 45.87
CA GLN ZA 127 67.62 33.87 46.21
C GLN ZA 127 67.26 32.54 45.56
N LEU ZA 128 66.10 32.48 44.90
CA LEU ZA 128 65.64 31.31 44.17
C LEU ZA 128 65.72 30.05 45.04
N ASN ZA 129 65.15 30.15 46.24
CA ASN ZA 129 65.05 29.01 47.12
C ASN ZA 129 63.60 28.75 47.49
N PRO ZA 130 63.12 27.52 47.40
CA PRO ZA 130 61.70 27.26 47.63
C PRO ZA 130 61.31 27.42 49.10
N ALA ZA 131 60.01 27.39 49.33
CA ALA ZA 131 59.51 27.26 50.68
C ALA ZA 131 59.83 25.85 51.17
N TYR ZA 132 60.38 25.76 52.38
CA TYR ZA 132 60.85 24.48 52.89
C TYR ZA 132 60.54 24.29 54.37
N ALA AB 1 -35.08 -60.84 -142.06
CA ALA AB 1 -34.74 -61.65 -143.23
C ALA AB 1 -33.33 -61.38 -143.72
N LYS AB 2 -33.11 -61.66 -145.00
CA LYS AB 2 -31.82 -61.43 -145.64
C LYS AB 2 -31.60 -59.93 -145.80
N LEU AB 3 -30.33 -59.53 -145.74
CA LEU AB 3 -29.93 -58.13 -145.80
C LEU AB 3 -29.98 -57.63 -147.24
N GLU AB 4 -31.15 -57.14 -147.65
CA GLU AB 4 -31.35 -56.67 -149.02
C GLU AB 4 -31.07 -55.17 -149.11
N THR AB 5 -31.18 -54.62 -150.32
CA THR AB 5 -31.05 -53.19 -150.55
C THR AB 5 -32.40 -52.52 -150.31
N VAL AB 6 -32.50 -51.79 -149.21
CA VAL AB 6 -33.75 -51.14 -148.82
C VAL AB 6 -33.82 -49.75 -149.42
N THR AB 7 -35.01 -49.36 -149.87
CA THR AB 7 -35.25 -48.06 -150.48
C THR AB 7 -36.52 -47.50 -149.86
N LEU AB 8 -36.38 -46.46 -149.05
CA LEU AB 8 -37.52 -45.82 -148.40
C LEU AB 8 -38.06 -44.71 -149.30
N GLY AB 9 -39.36 -44.78 -149.58
CA GLY AB 9 -40.03 -43.77 -150.37
C GLY AB 9 -40.95 -42.92 -149.50
N ASN AB 10 -41.39 -41.82 -150.09
CA ASN AB 10 -42.24 -40.83 -149.41
C ASN AB 10 -41.60 -40.42 -148.08
N ILE AB 11 -40.41 -39.84 -148.21
CA ILE AB 11 -39.53 -39.55 -147.09
C ILE AB 11 -39.10 -38.09 -147.18
N GLY AB 12 -38.67 -37.54 -146.04
CA GLY AB 12 -38.21 -36.18 -146.01
C GLY AB 12 -39.22 -35.26 -145.38
N LYS AB 13 -38.80 -34.00 -145.21
CA LYS AB 13 -39.68 -32.98 -144.63
C LYS AB 13 -40.96 -32.84 -145.45
N ASP AB 14 -40.81 -32.59 -146.76
CA ASP AB 14 -41.97 -32.48 -147.64
C ASP AB 14 -42.68 -33.81 -147.81
N GLY AB 15 -41.93 -34.91 -147.84
CA GLY AB 15 -42.46 -36.20 -148.21
C GLY AB 15 -42.26 -36.53 -149.66
N LYS AB 16 -41.47 -35.74 -150.40
CA LYS AB 16 -41.21 -35.97 -151.81
C LYS AB 16 -39.74 -36.35 -152.03
N GLN AB 17 -39.17 -37.08 -151.09
CA GLN AB 17 -37.82 -37.60 -151.23
C GLN AB 17 -37.86 -39.13 -151.15
N THR AB 18 -36.71 -39.72 -151.40
CA THR AB 18 -36.50 -41.16 -151.34
C THR AB 18 -35.09 -41.38 -150.81
N LEU AB 19 -34.86 -42.53 -150.22
CA LEU AB 19 -33.56 -42.80 -149.60
C LEU AB 19 -33.21 -44.26 -149.86
N VAL AB 20 -32.05 -44.47 -150.48
CA VAL AB 20 -31.58 -45.80 -150.85
C VAL AB 20 -30.48 -46.20 -149.89
N LEU AB 21 -30.59 -47.40 -149.33
CA LEU AB 21 -29.64 -47.90 -148.33
C LEU AB 21 -29.20 -49.30 -148.75
N ASN AB 22 -27.99 -49.41 -149.26
CA ASN AB 22 -27.45 -50.71 -149.61
C ASN AB 22 -26.85 -51.37 -148.37
N PRO AB 23 -26.86 -52.70 -148.32
CA PRO AB 23 -26.32 -53.39 -147.14
C PRO AB 23 -24.81 -53.23 -147.03
N ARG AB 24 -24.34 -53.21 -145.77
CA ARG AB 24 -22.93 -53.06 -145.48
C ARG AB 24 -22.38 -54.19 -144.60
N GLY AB 25 -23.11 -55.29 -144.50
CA GLY AB 25 -22.63 -56.47 -143.81
C GLY AB 25 -23.00 -56.54 -142.35
N VAL AB 26 -22.48 -57.59 -141.70
CA VAL AB 26 -22.75 -57.84 -140.30
C VAL AB 26 -21.49 -57.59 -139.49
N ASN AB 27 -21.64 -57.54 -138.17
CA ASN AB 27 -20.53 -57.37 -137.24
C ASN AB 27 -20.45 -58.65 -136.43
N PRO AB 28 -19.61 -59.62 -136.84
CA PRO AB 28 -19.65 -60.96 -136.22
C PRO AB 28 -19.24 -60.99 -134.75
N THR AB 29 -18.67 -59.91 -134.21
CA THR AB 29 -18.39 -59.87 -132.79
C THR AB 29 -19.56 -59.29 -132.01
N ASN AB 30 -20.07 -58.15 -132.48
CA ASN AB 30 -21.19 -57.48 -131.85
C ASN AB 30 -22.53 -58.13 -132.21
N GLY AB 31 -22.56 -58.94 -133.26
CA GLY AB 31 -23.82 -59.53 -133.71
C GLY AB 31 -24.83 -58.51 -134.16
N VAL AB 32 -24.37 -57.43 -134.80
CA VAL AB 32 -25.25 -56.37 -135.26
C VAL AB 32 -24.97 -56.11 -136.74
N ALA AB 33 -26.03 -56.15 -137.54
CA ALA AB 33 -25.93 -55.80 -138.94
C ALA AB 33 -26.00 -54.28 -139.11
N SER AB 34 -25.40 -53.81 -140.19
CA SER AB 34 -25.36 -52.39 -140.50
C SER AB 34 -25.49 -52.20 -142.00
N LEU AB 35 -26.11 -51.09 -142.40
CA LEU AB 35 -26.24 -50.73 -143.80
C LEU AB 35 -26.42 -49.23 -143.91
N SER AB 36 -26.00 -48.68 -145.04
CA SER AB 36 -25.83 -47.24 -145.17
C SER AB 36 -26.23 -46.80 -146.57
N GLN AB 37 -26.64 -45.54 -146.67
CA GLN AB 37 -26.89 -44.94 -147.97
C GLN AB 37 -25.54 -44.73 -148.67
N ALA AB 38 -25.44 -45.24 -149.91
CA ALA AB 38 -24.19 -45.19 -150.68
C ALA AB 38 -23.84 -43.75 -151.00
N GLY AB 39 -22.82 -43.21 -150.34
CA GLY AB 39 -22.43 -41.83 -150.52
C GLY AB 39 -20.98 -41.69 -150.96
N ALA AB 40 -20.64 -40.46 -151.37
CA ALA AB 40 -19.31 -40.18 -151.90
C ALA AB 40 -18.22 -40.51 -150.87
N VAL AB 41 -18.21 -39.79 -149.76
CA VAL AB 41 -17.21 -39.96 -148.72
C VAL AB 41 -17.74 -40.97 -147.71
N PRO AB 42 -16.96 -41.97 -147.31
CA PRO AB 42 -17.49 -42.96 -146.35
C PRO AB 42 -17.94 -42.35 -145.04
N ALA AB 43 -17.29 -41.27 -144.60
CA ALA AB 43 -17.66 -40.63 -143.34
C ALA AB 43 -18.93 -39.79 -143.47
N LEU AB 44 -19.14 -39.18 -144.63
CA LEU AB 44 -20.26 -38.25 -144.80
C LEU AB 44 -21.60 -38.98 -144.84
N GLU AB 45 -21.62 -40.24 -145.31
CA GLU AB 45 -22.89 -40.88 -145.63
C GLU AB 45 -23.66 -41.28 -144.37
N LYS AB 46 -24.99 -41.26 -144.49
CA LYS AB 46 -25.88 -41.73 -143.44
C LYS AB 46 -25.87 -43.26 -143.35
N ARG AB 47 -26.20 -43.77 -142.16
CA ARG AB 47 -26.15 -45.20 -141.87
C ARG AB 47 -27.21 -45.57 -140.84
N VAL AB 48 -27.65 -46.84 -140.87
CA VAL AB 48 -28.58 -47.42 -139.89
C VAL AB 48 -28.14 -48.83 -139.54
N THR AB 49 -28.50 -49.28 -138.32
CA THR AB 49 -28.07 -50.57 -137.79
C THR AB 49 -29.20 -51.29 -137.06
N VAL AB 50 -29.33 -52.60 -137.30
CA VAL AB 50 -30.37 -53.44 -136.70
C VAL AB 50 -29.73 -54.64 -135.99
N SER AB 51 -30.29 -55.02 -134.83
CA SER AB 51 -29.83 -56.14 -134.02
C SER AB 51 -31.03 -56.69 -133.24
N VAL AB 52 -31.12 -58.02 -133.11
CA VAL AB 52 -32.32 -58.55 -132.45
C VAL AB 52 -32.14 -59.52 -131.27
N SER AB 53 -30.92 -59.72 -130.77
CA SER AB 53 -30.73 -60.67 -129.66
C SER AB 53 -31.24 -62.06 -130.01
N GLN AB 54 -30.36 -62.89 -130.42
CA GLN AB 54 -30.67 -63.99 -131.32
C GLN AB 54 -31.36 -65.18 -130.64
N PRO AB 55 -32.23 -65.89 -131.40
CA PRO AB 55 -32.97 -67.01 -130.82
C PRO AB 55 -32.18 -68.30 -130.79
N SER AB 56 -32.01 -68.84 -129.58
CA SER AB 56 -31.28 -70.04 -129.18
C SER AB 56 -31.08 -69.93 -127.68
N ARG AB 57 -31.11 -71.08 -126.99
CA ARG AB 57 -31.06 -71.13 -125.53
C ARG AB 57 -32.27 -70.45 -124.90
N ASN AB 58 -33.12 -69.87 -125.74
CA ASN AB 58 -34.40 -69.28 -125.33
C ASN AB 58 -34.21 -68.16 -124.30
N ARG AB 59 -33.64 -67.05 -124.76
CA ARG AB 59 -33.54 -65.85 -123.93
C ARG AB 59 -34.94 -65.39 -123.54
N LYS AB 60 -35.11 -65.05 -122.27
CA LYS AB 60 -36.43 -64.67 -121.76
C LYS AB 60 -36.63 -63.16 -121.74
N ASN AB 61 -35.67 -62.41 -122.27
CA ASN AB 61 -35.79 -60.97 -122.44
C ASN AB 61 -35.35 -60.67 -123.86
N TYR AB 62 -36.27 -60.74 -124.82
CA TYR AB 62 -35.89 -60.48 -126.19
C TYR AB 62 -35.77 -58.97 -126.37
N LYS AB 63 -34.76 -58.55 -127.14
CA LYS AB 63 -34.50 -57.14 -127.32
C LYS AB 63 -34.02 -56.88 -128.74
N VAL AB 64 -34.69 -55.95 -129.41
CA VAL AB 64 -34.34 -55.49 -130.75
C VAL AB 64 -34.19 -53.97 -130.71
N GLN AB 65 -33.18 -53.48 -131.40
CA GLN AB 65 -32.89 -52.05 -131.39
C GLN AB 65 -32.37 -51.67 -132.77
N VAL AB 66 -32.89 -50.57 -133.30
CA VAL AB 66 -32.42 -50.00 -134.55
C VAL AB 66 -31.89 -48.61 -134.24
N LYS AB 67 -30.78 -48.26 -134.88
CA LYS AB 67 -30.16 -46.96 -134.71
C LYS AB 67 -30.11 -46.27 -136.07
N ILE AB 68 -30.26 -44.95 -136.04
CA ILE AB 68 -30.12 -44.11 -137.23
C ILE AB 68 -29.06 -43.07 -136.92
N GLN AB 69 -28.14 -42.87 -137.86
CA GLN AB 69 -27.04 -41.93 -137.66
C GLN AB 69 -26.80 -41.21 -138.99
N ASN AB 70 -27.28 -39.97 -139.07
CA ASN AB 70 -27.18 -39.17 -140.30
C ASN AB 70 -26.32 -37.95 -140.02
N PRO AB 71 -25.07 -37.92 -140.44
CA PRO AB 71 -24.24 -36.74 -140.24
C PRO AB 71 -24.40 -35.72 -141.36
N THR AB 72 -23.82 -34.55 -141.15
CA THR AB 72 -23.81 -33.48 -142.14
C THR AB 72 -22.47 -32.74 -142.08
N ALA AB 73 -22.07 -32.18 -143.22
CA ALA AB 73 -20.74 -31.58 -143.37
C ALA AB 73 -20.85 -30.19 -144.00
N CYS AB 74 -19.69 -29.51 -144.06
CA CYS AB 74 -19.55 -28.21 -144.71
C CYS AB 74 -18.22 -28.20 -145.43
N THR AB 75 -18.17 -27.54 -146.60
CA THR AB 75 -16.97 -27.58 -147.43
C THR AB 75 -16.09 -26.34 -147.36
N ALA AB 76 -16.68 -25.14 -147.20
CA ALA AB 76 -15.95 -23.88 -147.28
C ALA AB 76 -15.25 -23.56 -145.96
N ASN AB 77 -14.09 -24.18 -145.73
CA ASN AB 77 -13.39 -23.85 -144.49
C ASN AB 77 -11.89 -23.70 -144.67
N GLY AB 78 -11.30 -24.62 -145.44
CA GLY AB 78 -9.89 -24.65 -145.74
C GLY AB 78 -9.82 -24.88 -147.23
N SER AB 79 -11.01 -25.04 -147.82
CA SER AB 79 -11.19 -25.30 -149.24
C SER AB 79 -10.42 -26.55 -149.68
N CYS AB 80 -10.34 -27.53 -148.78
CA CYS AB 80 -9.68 -28.79 -149.06
C CYS AB 80 -10.63 -29.98 -148.95
N ASP AB 81 -10.72 -30.56 -147.75
CA ASP AB 81 -11.54 -31.73 -147.48
C ASP AB 81 -12.70 -31.36 -146.58
N PRO AB 82 -13.96 -31.52 -147.00
CA PRO AB 82 -15.08 -31.22 -146.11
C PRO AB 82 -15.04 -32.13 -144.89
N SER AB 83 -15.30 -31.55 -143.72
CA SER AB 83 -15.33 -32.28 -142.47
C SER AB 83 -16.74 -32.28 -141.90
N VAL AB 84 -17.07 -33.33 -141.16
CA VAL AB 84 -18.39 -33.44 -140.55
C VAL AB 84 -18.43 -32.53 -139.32
N THR AB 85 -19.41 -31.63 -139.29
CA THR AB 85 -19.54 -30.62 -138.24
C THR AB 85 -20.48 -31.04 -137.12
N ARG AB 86 -21.57 -31.71 -137.45
CA ARG AB 86 -22.56 -32.13 -136.48
C ARG AB 86 -23.23 -33.39 -136.99
N GLN AB 87 -23.91 -34.09 -136.08
CA GLN AB 87 -24.57 -35.33 -136.44
C GLN AB 87 -26.02 -35.28 -135.98
N ALA AB 88 -26.79 -36.29 -136.38
CA ALA AB 88 -28.17 -36.43 -135.94
C ALA AB 88 -28.36 -37.89 -135.57
N TYR AB 89 -28.88 -38.13 -134.38
CA TYR AB 89 -28.91 -39.47 -133.80
C TYR AB 89 -30.35 -39.92 -133.61
N ALA AB 90 -30.55 -41.22 -133.76
CA ALA AB 90 -31.82 -41.85 -133.50
C ALA AB 90 -31.53 -43.25 -133.00
N ASP AB 91 -32.25 -43.66 -131.97
CA ASP AB 91 -32.06 -44.99 -131.40
C ASP AB 91 -33.36 -45.44 -130.77
N VAL AB 92 -33.84 -46.61 -131.17
CA VAL AB 92 -35.02 -47.20 -130.58
C VAL AB 92 -34.57 -48.46 -129.86
N THR AB 93 -35.42 -48.94 -128.96
CA THR AB 93 -35.17 -50.23 -128.35
C THR AB 93 -36.52 -50.87 -128.03
N PHE AB 94 -36.80 -51.99 -128.66
CA PHE AB 94 -37.98 -52.77 -128.35
C PHE AB 94 -37.55 -53.94 -127.49
N SER AB 95 -38.41 -54.34 -126.56
CA SER AB 95 -38.11 -55.46 -125.71
C SER AB 95 -39.42 -56.14 -125.36
N PHE AB 96 -39.62 -57.35 -125.86
CA PHE AB 96 -40.82 -58.10 -125.59
C PHE AB 96 -40.49 -59.28 -124.69
N THR AB 97 -41.51 -59.77 -124.00
CA THR AB 97 -41.34 -60.87 -123.09
C THR AB 97 -41.16 -62.17 -123.88
N GLN AB 98 -40.63 -63.18 -123.20
CA GLN AB 98 -40.46 -64.48 -123.84
C GLN AB 98 -41.81 -65.05 -124.26
N TYR AB 99 -42.86 -64.78 -123.49
CA TYR AB 99 -44.21 -65.22 -123.82
C TYR AB 99 -44.97 -64.23 -124.70
N SER AB 100 -44.28 -63.36 -125.43
CA SER AB 100 -44.96 -62.36 -126.25
C SER AB 100 -45.58 -62.99 -127.49
N THR AB 101 -46.77 -62.50 -127.84
CA THR AB 101 -47.50 -62.95 -129.02
C THR AB 101 -47.05 -62.18 -130.25
N ASP AB 102 -47.27 -62.79 -131.42
CA ASP AB 102 -46.88 -62.15 -132.67
C ASP AB 102 -47.61 -60.81 -132.85
N GLU AB 103 -48.92 -60.80 -132.60
CA GLU AB 103 -49.70 -59.58 -132.79
C GLU AB 103 -49.26 -58.46 -131.87
N GLU AB 104 -48.92 -58.79 -130.61
CA GLU AB 104 -48.44 -57.76 -129.69
C GLU AB 104 -47.26 -57.02 -130.27
N ARG AB 105 -46.37 -57.75 -130.94
CA ARG AB 105 -45.13 -57.17 -131.44
C ARG AB 105 -45.42 -56.19 -132.57
N ALA AB 106 -46.27 -56.61 -133.52
CA ALA AB 106 -46.61 -55.73 -134.64
C ALA AB 106 -47.37 -54.50 -134.18
N PHE AB 107 -48.17 -54.61 -133.11
CA PHE AB 107 -48.93 -53.47 -132.64
C PHE AB 107 -47.99 -52.36 -132.18
N VAL AB 108 -47.01 -52.71 -131.35
CA VAL AB 108 -45.99 -51.75 -130.91
C VAL AB 108 -45.17 -51.23 -132.09
N ARG AB 109 -45.08 -51.99 -133.18
CA ARG AB 109 -44.29 -51.57 -134.33
C ARG AB 109 -45.00 -50.47 -135.10
N THR AB 110 -46.27 -50.70 -135.47
CA THR AB 110 -46.99 -49.68 -136.23
C THR AB 110 -47.37 -48.50 -135.34
N GLU AB 111 -47.55 -48.73 -134.04
CA GLU AB 111 -47.82 -47.62 -133.14
C GLU AB 111 -46.70 -46.61 -133.18
N LEU AB 112 -45.45 -47.07 -133.18
CA LEU AB 112 -44.32 -46.15 -133.28
C LEU AB 112 -44.29 -45.51 -134.67
N ALA AB 113 -44.59 -46.29 -135.70
CA ALA AB 113 -44.61 -45.74 -137.06
C ALA AB 113 -45.72 -44.71 -137.21
N ALA AB 114 -46.91 -44.99 -136.69
CA ALA AB 114 -47.99 -44.00 -136.75
C ALA AB 114 -47.73 -42.84 -135.80
N LEU AB 115 -47.12 -43.10 -134.65
CA LEU AB 115 -46.83 -42.04 -133.70
C LEU AB 115 -45.80 -41.06 -134.23
N LEU AB 116 -44.91 -41.51 -135.11
CA LEU AB 116 -43.92 -40.60 -135.69
C LEU AB 116 -44.53 -39.62 -136.68
N ALA AB 117 -45.78 -39.79 -137.08
CA ALA AB 117 -46.39 -38.88 -138.03
C ALA AB 117 -47.55 -38.10 -137.44
N SER AB 118 -47.86 -38.32 -136.16
CA SER AB 118 -48.93 -37.57 -135.50
C SER AB 118 -48.46 -36.16 -135.17
N PRO AB 119 -49.34 -35.16 -135.33
CA PRO AB 119 -48.99 -33.76 -134.99
C PRO AB 119 -48.17 -33.59 -133.72
N LEU AB 120 -48.45 -34.39 -132.69
CA LEU AB 120 -47.75 -34.25 -131.41
C LEU AB 120 -46.25 -34.47 -131.58
N LEU AB 121 -45.86 -35.57 -132.23
CA LEU AB 121 -44.45 -35.84 -132.44
C LEU AB 121 -43.84 -34.92 -133.48
N ILE AB 122 -44.65 -34.30 -134.34
CA ILE AB 122 -44.12 -33.34 -135.30
C ILE AB 122 -43.51 -32.15 -134.56
N ASP AB 123 -44.25 -31.58 -133.61
CA ASP AB 123 -43.72 -30.48 -132.83
C ASP AB 123 -42.72 -30.94 -131.78
N ALA AB 124 -42.73 -32.23 -131.43
CA ALA AB 124 -41.74 -32.76 -130.50
C ALA AB 124 -40.38 -32.96 -131.17
N ILE AB 125 -40.37 -33.25 -132.47
CA ILE AB 125 -39.15 -33.55 -133.19
C ILE AB 125 -38.68 -32.38 -134.03
N ASP AB 126 -39.59 -31.76 -134.78
CA ASP AB 126 -39.19 -30.74 -135.74
C ASP AB 126 -39.06 -29.38 -135.07
N GLN AB 127 -39.99 -29.05 -134.17
CA GLN AB 127 -39.97 -27.78 -133.47
C GLN AB 127 -39.33 -27.88 -132.09
N LEU AB 128 -39.05 -29.10 -131.62
CA LEU AB 128 -38.41 -29.36 -130.33
C LEU AB 128 -39.10 -28.61 -129.20
N ASN AB 129 -40.43 -28.77 -129.12
CA ASN AB 129 -41.20 -28.24 -128.01
C ASN AB 129 -42.00 -29.36 -127.35
N PRO AB 130 -42.01 -29.45 -126.03
CA PRO AB 130 -42.62 -30.62 -125.37
C PRO AB 130 -44.13 -30.65 -125.49
N ALA AB 131 -44.67 -31.80 -125.12
CA ALA AB 131 -46.10 -31.89 -124.89
C ALA AB 131 -46.42 -31.12 -123.62
N TYR AB 132 -47.43 -30.26 -123.68
CA TYR AB 132 -47.74 -29.41 -122.54
C TYR AB 132 -49.24 -29.24 -122.32
N ALA BB 1 -46.49 -29.46 -128.79
CA ALA BB 1 -47.47 -28.41 -128.48
C ALA BB 1 -48.64 -29.00 -127.71
N LYS BB 2 -49.80 -28.37 -127.87
CA LYS BB 2 -51.08 -28.80 -127.31
C LYS BB 2 -51.14 -30.28 -126.99
N LEU BB 3 -51.58 -30.60 -125.77
CA LEU BB 3 -51.75 -31.99 -125.35
C LEU BB 3 -53.15 -32.42 -125.78
N GLU BB 4 -53.28 -32.83 -127.03
CA GLU BB 4 -54.58 -33.17 -127.59
C GLU BB 4 -54.86 -34.66 -127.45
N THR BB 5 -56.06 -35.05 -127.87
CA THR BB 5 -56.44 -36.45 -127.97
C THR BB 5 -55.99 -36.96 -129.35
N VAL BB 6 -54.95 -37.78 -129.35
CA VAL BB 6 -54.36 -38.26 -130.58
C VAL BB 6 -55.04 -39.57 -130.99
N THR BB 7 -55.22 -39.74 -132.30
CA THR BB 7 -55.87 -40.92 -132.85
C THR BB 7 -55.00 -41.46 -133.97
N LEU BB 8 -54.37 -42.62 -133.72
CA LEU BB 8 -53.52 -43.27 -134.72
C LEU BB 8 -54.35 -44.26 -135.51
N GLY BB 9 -54.32 -44.12 -136.84
CA GLY BB 9 -55.02 -45.02 -137.73
C GLY BB 9 -54.07 -45.92 -138.51
N ASN BB 10 -54.66 -46.95 -139.12
CA ASN BB 10 -53.95 -47.96 -139.90
C ASN BB 10 -52.78 -48.54 -139.11
N ILE BB 11 -53.14 -49.21 -138.02
CA ILE BB 11 -52.19 -49.68 -137.03
C ILE BB 11 -52.45 -51.16 -136.80
N GLY BB 12 -51.41 -51.89 -136.40
CA GLY BB 12 -51.57 -53.30 -136.11
C GLY BB 12 -51.05 -54.18 -137.24
N LYS BB 13 -51.08 -55.49 -136.97
CA LYS BB 13 -50.68 -56.48 -137.97
C LYS BB 13 -51.48 -56.33 -139.26
N ASP BB 14 -52.81 -56.29 -139.13
CA ASP BB 14 -53.66 -56.12 -140.30
C ASP BB 14 -53.45 -54.76 -140.95
N GLY BB 15 -53.25 -53.73 -140.14
CA GLY BB 15 -53.24 -52.38 -140.65
C GLY BB 15 -54.62 -51.78 -140.68
N LYS BB 16 -55.60 -52.49 -140.13
CA LYS BB 16 -57.00 -52.10 -140.14
C LYS BB 16 -57.53 -51.83 -138.73
N GLN BB 17 -56.68 -51.32 -137.85
CA GLN BB 17 -57.06 -50.94 -136.50
C GLN BB 17 -56.79 -49.46 -136.28
N THR BB 18 -57.26 -48.97 -135.13
CA THR BB 18 -57.08 -47.58 -134.73
C THR BB 18 -56.92 -47.54 -133.22
N LEU BB 19 -56.24 -46.51 -132.73
CA LEU BB 19 -55.95 -46.40 -131.31
C LEU BB 19 -56.02 -44.94 -130.89
N VAL BB 20 -56.84 -44.64 -129.89
CA VAL BB 20 -57.09 -43.28 -129.41
C VAL BB 20 -56.38 -43.11 -128.08
N LEU BB 21 -55.68 -41.99 -127.91
CA LEU BB 21 -54.88 -41.71 -126.72
C LEU BB 21 -55.23 -40.34 -126.16
N ASN BB 22 -55.92 -40.32 -125.03
CA ASN BB 22 -56.28 -39.12 -124.28
C ASN BB 22 -55.11 -38.66 -123.43
N PRO BB 23 -55.01 -37.36 -123.14
CA PRO BB 23 -53.90 -36.85 -122.34
C PRO BB 23 -53.97 -37.38 -120.91
N ARG BB 24 -52.79 -37.51 -120.30
CA ARG BB 24 -52.66 -38.03 -118.94
C ARG BB 24 -51.95 -37.04 -118.03
N GLY BB 25 -51.78 -35.80 -118.46
CA GLY BB 25 -51.17 -34.78 -117.64
C GLY BB 25 -49.66 -34.75 -117.81
N VAL BB 26 -49.02 -33.87 -117.04
CA VAL BB 26 -47.57 -33.75 -117.07
C VAL BB 26 -47.02 -34.26 -115.75
N ASN BB 27 -45.71 -34.51 -115.74
CA ASN BB 27 -44.98 -34.94 -114.54
C ASN BB 27 -43.97 -33.87 -114.21
N PRO BB 28 -44.32 -32.89 -113.36
CA PRO BB 28 -43.43 -31.73 -113.13
C PRO BB 28 -42.12 -32.08 -112.42
N THR BB 29 -41.98 -33.29 -111.89
CA THR BB 29 -40.71 -33.71 -111.30
C THR BB 29 -39.80 -34.34 -112.36
N ASN BB 30 -40.35 -35.27 -113.13
CA ASN BB 30 -39.61 -35.92 -114.21
C ASN BB 30 -39.51 -35.04 -115.44
N GLY BB 31 -40.34 -34.01 -115.54
CA GLY BB 31 -40.37 -33.17 -116.72
C GLY BB 31 -40.76 -33.92 -117.97
N VAL BB 32 -41.66 -34.89 -117.85
CA VAL BB 32 -42.09 -35.71 -118.98
C VAL BB 32 -43.62 -35.72 -119.02
N ALA BB 33 -44.17 -35.39 -120.17
CA ALA BB 33 -45.60 -35.56 -120.38
C ALA BB 33 -45.92 -36.99 -120.75
N SER BB 34 -47.13 -37.42 -120.42
CA SER BB 34 -47.55 -38.78 -120.68
C SER BB 34 -49.02 -38.77 -121.08
N LEU BB 35 -49.40 -39.76 -121.90
CA LEU BB 35 -50.79 -39.91 -122.29
C LEU BB 35 -51.03 -41.36 -122.69
N SER BB 36 -52.27 -41.81 -122.49
CA SER BB 36 -52.59 -43.23 -122.54
C SER BB 36 -53.96 -43.44 -123.17
N GLN BB 37 -54.16 -44.61 -123.74
CA GLN BB 37 -55.49 -44.99 -124.19
C GLN BB 37 -56.35 -45.25 -122.96
N ALA BB 38 -57.50 -44.58 -122.89
CA ALA BB 38 -58.40 -44.66 -121.73
C ALA BB 38 -59.00 -46.05 -121.63
N GLY BB 39 -58.60 -46.82 -120.61
CA GLY BB 39 -59.07 -48.17 -120.42
C GLY BB 39 -59.75 -48.34 -119.08
N ALA BB 40 -60.43 -49.48 -118.92
CA ALA BB 40 -61.21 -49.73 -117.72
C ALA BB 40 -60.31 -49.70 -116.48
N VAL BB 41 -59.40 -50.65 -116.37
CA VAL BB 41 -58.48 -50.73 -115.24
C VAL BB 41 -57.21 -50.00 -115.64
N PRO BB 42 -56.66 -49.13 -114.80
CA PRO BB 42 -55.44 -48.40 -115.19
C PRO BB 42 -54.27 -49.29 -115.52
N ALA BB 43 -54.19 -50.49 -114.96
CA ALA BB 43 -53.05 -51.36 -115.22
C ALA BB 43 -53.10 -51.94 -116.63
N LEU BB 44 -54.31 -52.23 -117.11
CA LEU BB 44 -54.43 -52.87 -118.42
C LEU BB 44 -54.11 -51.89 -119.55
N GLU BB 45 -54.34 -50.60 -119.35
CA GLU BB 45 -54.31 -49.69 -120.49
C GLU BB 45 -52.87 -49.43 -120.95
N LYS BB 46 -52.70 -49.28 -122.26
CA LYS BB 46 -51.42 -48.88 -122.81
C LYS BB 46 -51.21 -47.38 -122.62
N ARG BB 47 -49.93 -46.98 -122.63
CA ARG BB 47 -49.60 -45.58 -122.43
C ARG BB 47 -48.29 -45.27 -123.15
N VAL BB 48 -48.12 -44.01 -123.53
CA VAL BB 48 -46.92 -43.52 -124.17
C VAL BB 48 -46.54 -42.18 -123.54
N THR BB 49 -45.25 -41.86 -123.57
CA THR BB 49 -44.73 -40.69 -122.88
C THR BB 49 -43.77 -39.95 -123.80
N VAL BB 50 -43.91 -38.63 -123.87
CA VAL BB 50 -43.07 -37.78 -124.71
C VAL BB 50 -42.41 -36.73 -123.84
N SER BB 51 -41.13 -36.46 -124.11
CA SER BB 51 -40.38 -35.45 -123.38
C SER BB 51 -39.29 -34.91 -124.29
N VAL BB 52 -39.05 -33.60 -124.23
CA VAL BB 52 -37.94 -33.01 -124.97
C VAL BB 52 -37.10 -32.28 -123.93
N SER BB 53 -36.38 -31.25 -124.36
CA SER BB 53 -35.58 -30.43 -123.47
C SER BB 53 -35.97 -28.96 -123.65
N GLN BB 54 -36.34 -28.29 -122.55
CA GLN BB 54 -36.65 -26.87 -122.62
C GLN BB 54 -35.37 -26.04 -122.62
N PRO BB 55 -35.09 -25.27 -123.66
CA PRO BB 55 -33.83 -24.49 -123.74
C PRO BB 55 -33.82 -23.23 -122.87
N SER BB 56 -33.67 -23.42 -121.55
CA SER BB 56 -33.63 -22.25 -120.67
C SER BB 56 -32.28 -21.52 -120.79
N ARG BB 57 -31.20 -22.28 -121.00
CA ARG BB 57 -29.86 -21.72 -121.14
C ARG BB 57 -29.09 -22.48 -122.21
N ASN BB 58 -28.13 -21.79 -122.84
CA ASN BB 58 -27.30 -22.34 -123.92
C ASN BB 58 -26.20 -23.28 -123.39
N ARG BB 59 -26.61 -24.30 -122.65
CA ARG BB 59 -25.67 -25.32 -122.15
C ARG BB 59 -26.05 -26.74 -122.59
N LYS BB 60 -26.94 -26.89 -123.57
CA LYS BB 60 -27.46 -28.20 -123.89
C LYS BB 60 -26.97 -28.85 -125.19
N ASN BB 61 -27.47 -30.06 -125.42
CA ASN BB 61 -27.39 -30.79 -126.70
C ASN BB 61 -28.75 -31.50 -126.79
N TYR BB 62 -29.66 -30.98 -127.62
CA TYR BB 62 -31.06 -31.37 -127.51
C TYR BB 62 -31.27 -32.87 -127.62
N LYS BB 63 -32.21 -33.38 -126.82
CA LYS BB 63 -32.55 -34.79 -126.77
C LYS BB 63 -34.05 -34.94 -126.51
N VAL BB 64 -34.71 -35.71 -127.37
CA VAL BB 64 -36.13 -36.03 -127.25
C VAL BB 64 -36.29 -37.55 -127.23
N GLN BB 65 -37.20 -38.02 -126.38
CA GLN BB 65 -37.38 -39.45 -126.17
C GLN BB 65 -38.85 -39.73 -125.97
N VAL BB 66 -39.34 -40.75 -126.68
CA VAL BB 66 -40.71 -41.23 -126.54
C VAL BB 66 -40.65 -42.67 -126.09
N LYS BB 67 -41.58 -43.04 -125.20
CA LYS BB 67 -41.67 -44.40 -124.69
C LYS BB 67 -43.04 -44.97 -125.01
N ILE BB 68 -43.09 -46.27 -125.25
CA ILE BB 68 -44.33 -47.00 -125.45
C ILE BB 68 -44.37 -48.16 -124.48
N GLN BB 69 -45.51 -48.36 -123.83
CA GLN BB 69 -45.67 -49.43 -122.85
C GLN BB 69 -47.06 -50.02 -123.03
N ASN BB 70 -47.13 -51.20 -123.64
CA ASN BB 70 -48.40 -51.88 -123.91
C ASN BB 70 -48.45 -53.19 -123.14
N PRO BB 71 -49.16 -53.25 -122.02
CA PRO BB 71 -49.26 -54.49 -121.24
C PRO BB 71 -50.40 -55.40 -121.69
N THR BB 72 -50.38 -56.61 -121.13
CA THR BB 72 -51.45 -57.58 -121.32
C THR BB 72 -51.64 -58.35 -120.01
N ALA BB 73 -52.88 -58.79 -119.78
CA ALA BB 73 -53.29 -59.40 -118.52
C ALA BB 73 -54.10 -60.65 -118.79
N CYS BB 74 -54.46 -61.36 -117.72
CA CYS BB 74 -55.32 -62.53 -117.88
C CYS BB 74 -56.32 -62.61 -116.73
N THR BB 75 -57.57 -62.93 -117.05
CA THR BB 75 -58.63 -63.11 -116.06
C THR BB 75 -58.85 -64.60 -115.95
N ALA BB 76 -57.98 -65.27 -115.21
CA ALA BB 76 -58.03 -66.72 -115.14
C ALA BB 76 -58.67 -67.15 -113.83
N ASN BB 77 -58.79 -68.47 -113.66
CA ASN BB 77 -59.35 -69.03 -112.43
C ASN BB 77 -58.74 -68.40 -111.19
N GLY BB 78 -57.49 -67.96 -111.28
CA GLY BB 78 -56.83 -67.39 -110.13
C GLY BB 78 -57.00 -65.89 -109.96
N SER BB 79 -57.29 -65.50 -108.71
CA SER BB 79 -57.25 -64.12 -108.23
C SER BB 79 -58.22 -63.16 -108.91
N CYS BB 80 -59.38 -63.64 -109.39
CA CYS BB 80 -60.46 -62.84 -109.96
C CYS BB 80 -60.13 -61.50 -110.65
N ASP BB 81 -58.89 -61.03 -110.51
CA ASP BB 81 -58.43 -59.72 -111.00
C ASP BB 81 -57.45 -59.90 -112.15
N PRO BB 82 -57.71 -59.31 -113.31
CA PRO BB 82 -56.78 -59.43 -114.43
C PRO BB 82 -55.38 -58.90 -114.13
N SER BB 83 -54.52 -59.72 -113.54
CA SER BB 83 -53.17 -59.26 -113.26
C SER BB 83 -52.35 -59.20 -114.55
N VAL BB 84 -51.42 -58.26 -114.61
CA VAL BB 84 -50.59 -58.10 -115.80
C VAL BB 84 -49.52 -59.18 -115.78
N THR BB 85 -49.45 -59.95 -116.86
CA THR BB 85 -48.55 -61.10 -116.95
C THR BB 85 -47.24 -60.79 -117.66
N ARG BB 86 -47.32 -60.00 -118.72
CA ARG BB 86 -46.15 -59.65 -119.49
C ARG BB 86 -46.43 -58.30 -120.14
N GLN BB 87 -45.38 -57.64 -120.60
CA GLN BB 87 -45.52 -56.32 -121.21
C GLN BB 87 -44.75 -56.30 -122.53
N ALA BB 88 -44.93 -55.21 -123.28
CA ALA BB 88 -44.21 -54.98 -124.53
C ALA BB 88 -43.73 -53.55 -124.51
N TYR BB 89 -42.43 -53.35 -124.75
CA TYR BB 89 -41.80 -52.07 -124.50
C TYR BB 89 -41.26 -51.47 -125.78
N ALA BB 90 -41.29 -50.14 -125.82
CA ALA BB 90 -40.67 -49.40 -126.91
C ALA BB 90 -40.23 -48.04 -126.39
N ASP BB 91 -39.03 -47.62 -126.78
CA ASP BB 91 -38.54 -46.30 -126.42
C ASP BB 91 -37.52 -45.86 -127.47
N VAL BB 92 -37.68 -44.64 -127.97
CA VAL BB 92 -36.74 -44.08 -128.92
C VAL BB 92 -35.97 -42.98 -128.21
N THR BB 93 -34.86 -42.60 -128.81
CA THR BB 93 -34.13 -41.43 -128.33
C THR BB 93 -33.50 -40.74 -129.52
N PHE BB 94 -33.93 -39.52 -129.77
CA PHE BB 94 -33.35 -38.68 -130.80
C PHE BB 94 -32.48 -37.65 -130.11
N SER BB 95 -31.38 -37.28 -130.76
CA SER BB 95 -30.49 -36.28 -130.18
C SER BB 95 -29.81 -35.54 -131.32
N PHE BB 96 -30.15 -34.26 -131.46
CA PHE BB 96 -29.57 -33.42 -132.49
C PHE BB 96 -28.64 -32.39 -131.87
N THR BB 97 -27.75 -31.87 -132.70
CA THR BB 97 -26.77 -30.90 -132.27
C THR BB 97 -27.42 -29.54 -132.04
N GLN BB 98 -26.71 -28.67 -131.32
CA GLN BB 98 -27.20 -27.31 -131.08
C GLN BB 98 -27.40 -26.56 -132.39
N TYR BB 99 -26.54 -26.82 -133.38
CA TYR BB 99 -26.64 -26.20 -134.70
C TYR BB 99 -27.43 -27.01 -135.71
N SER BB 100 -28.32 -27.91 -135.27
CA SER BB 100 -29.06 -28.72 -136.22
C SER BB 100 -30.14 -27.89 -136.91
N THR BB 101 -30.32 -28.12 -138.20
CA THR BB 101 -31.33 -27.42 -138.98
C THR BB 101 -32.68 -28.11 -138.87
N ASP BB 102 -33.75 -27.36 -139.13
CA ASP BB 102 -35.09 -27.91 -139.04
C ASP BB 102 -35.27 -29.09 -140.00
N GLU BB 103 -34.84 -28.92 -141.25
CA GLU BB 103 -35.05 -29.97 -142.25
C GLU BB 103 -34.30 -31.24 -141.87
N GLU BB 104 -33.09 -31.11 -141.32
CA GLU BB 104 -32.34 -32.27 -140.86
C GLU BB 104 -33.14 -33.09 -139.86
N ARG BB 105 -33.88 -32.40 -138.99
CA ARG BB 105 -34.62 -33.06 -137.92
C ARG BB 105 -35.76 -33.91 -138.50
N ALA BB 106 -36.51 -33.34 -139.45
CA ALA BB 106 -37.62 -34.07 -140.06
C ALA BB 106 -37.14 -35.28 -140.84
N PHE BB 107 -35.96 -35.22 -141.43
CA PHE BB 107 -35.45 -36.34 -142.21
C PHE BB 107 -35.24 -37.56 -141.32
N VAL BB 108 -34.58 -37.37 -140.18
CA VAL BB 108 -34.41 -38.47 -139.23
C VAL BB 108 -35.77 -38.93 -138.71
N ARG BB 109 -36.77 -38.07 -138.74
CA ARG BB 109 -38.09 -38.43 -138.25
C ARG BB 109 -38.82 -39.33 -139.24
N THR BB 110 -38.88 -38.93 -140.52
CA THR BB 110 -39.56 -39.75 -141.50
C THR BB 110 -38.74 -41.00 -141.84
N GLU BB 111 -37.42 -40.93 -141.71
CA GLU BB 111 -36.60 -42.12 -141.92
C GLU BB 111 -36.99 -43.22 -140.95
N LEU BB 112 -37.21 -42.87 -139.68
CA LEU BB 112 -37.62 -43.88 -138.72
C LEU BB 112 -39.05 -44.35 -139.00
N ALA BB 113 -39.94 -43.44 -139.39
CA ALA BB 113 -41.31 -43.83 -139.70
C ALA BB 113 -41.36 -44.77 -140.89
N ALA BB 114 -40.61 -44.45 -141.96
CA ALA BB 114 -40.57 -45.33 -143.12
C ALA BB 114 -39.79 -46.61 -142.83
N LEU BB 115 -38.73 -46.51 -142.01
CA LEU BB 115 -37.95 -47.69 -141.69
C LEU BB 115 -38.76 -48.70 -140.87
N LEU BB 116 -39.75 -48.22 -140.12
CA LEU BB 116 -40.61 -49.13 -139.37
C LEU BB 116 -41.54 -49.92 -140.26
N ALA BB 117 -41.64 -49.59 -141.56
CA ALA BB 117 -42.53 -50.33 -142.45
C ALA BB 117 -41.79 -51.07 -143.55
N SER BB 118 -40.46 -51.01 -143.60
CA SER BB 118 -39.70 -51.74 -144.61
C SER BB 118 -39.65 -53.23 -144.27
N PRO BB 119 -39.77 -54.12 -145.28
CA PRO BB 119 -39.68 -55.57 -145.05
C PRO BB 119 -38.59 -55.98 -144.08
N LEU BB 120 -37.44 -55.29 -144.10
CA LEU BB 120 -36.32 -55.65 -143.24
C LEU BB 120 -36.72 -55.56 -141.77
N LEU BB 121 -37.31 -54.43 -141.36
CA LEU BB 121 -37.73 -54.28 -139.97
C LEU BB 121 -38.98 -55.10 -139.65
N ILE BB 122 -39.75 -55.48 -140.66
CA ILE BB 122 -40.92 -56.35 -140.43
C ILE BB 122 -40.48 -57.69 -139.87
N ASP BB 123 -39.51 -58.33 -140.53
CA ASP BB 123 -39.01 -59.61 -140.05
C ASP BB 123 -38.09 -59.46 -138.84
N ALA BB 124 -37.54 -58.27 -138.61
CA ALA BB 124 -36.72 -58.03 -137.43
C ALA BB 124 -37.55 -57.86 -136.17
N ILE BB 125 -38.77 -57.34 -136.30
CA ILE BB 125 -39.61 -57.02 -135.16
C ILE BB 125 -40.67 -58.08 -134.94
N ASP BB 126 -41.34 -58.50 -136.01
CA ASP BB 126 -42.49 -59.39 -135.86
C ASP BB 126 -42.04 -60.84 -135.74
N GLN BB 127 -41.03 -61.22 -136.52
CA GLN BB 127 -40.47 -62.55 -136.46
C GLN BB 127 -39.21 -62.62 -135.60
N LEU BB 128 -38.67 -61.46 -135.19
CA LEU BB 128 -37.47 -61.37 -134.36
C LEU BB 128 -36.33 -62.21 -134.94
N ASN BB 129 -36.03 -61.97 -136.21
CA ASN BB 129 -34.90 -62.59 -136.87
C ASN BB 129 -33.95 -61.53 -137.40
N PRO BB 130 -32.65 -61.66 -137.18
CA PRO BB 130 -31.74 -60.56 -137.53
C PRO BB 130 -31.56 -60.38 -139.03
N ALA BB 131 -30.97 -59.23 -139.35
CA ALA BB 131 -30.41 -59.03 -140.67
C ALA BB 131 -29.16 -59.90 -140.78
N TYR BB 132 -29.04 -60.63 -141.88
CA TYR BB 132 -27.97 -61.60 -142.00
C TYR BB 132 -27.30 -61.70 -143.36
N ALA CB 1 -10.79 -17.88 72.45
CA ALA CB 1 -12.22 -17.71 72.64
C ALA CB 1 -12.82 -16.82 71.57
N LYS CB 2 -13.95 -16.20 71.89
CA LYS CB 2 -14.59 -15.28 70.98
C LYS CB 2 -13.75 -14.01 70.88
N LEU CB 3 -13.74 -13.41 69.69
CA LEU CB 3 -12.91 -12.24 69.42
C LEU CB 3 -13.55 -11.00 70.01
N GLU CB 4 -13.23 -10.72 71.27
CA GLU CB 4 -13.77 -9.56 71.98
C GLU CB 4 -12.84 -8.37 71.81
N THR CB 5 -13.22 -7.23 72.39
CA THR CB 5 -12.37 -6.05 72.40
C THR CB 5 -11.37 -6.15 73.56
N VAL CB 6 -10.11 -6.43 73.23
CA VAL CB 6 -9.06 -6.63 74.22
C VAL CB 6 -8.36 -5.30 74.50
N THR CB 7 -8.00 -5.10 75.77
CA THR CB 7 -7.33 -3.87 76.23
C THR CB 7 -6.16 -4.28 77.12
N LEU CB 8 -4.93 -4.02 76.64
CA LEU CB 8 -3.72 -4.35 77.37
C LEU CB 8 -3.29 -3.19 78.27
N GLY CB 9 -3.07 -3.51 79.55
CA GLY CB 9 -2.60 -2.55 80.52
C GLY CB 9 -1.14 -2.81 80.89
N ASN CB 10 -0.55 -1.84 81.59
CA ASN CB 10 0.85 -1.85 81.97
C ASN CB 10 1.75 -2.10 80.76
N ILE CB 11 1.69 -1.13 79.84
CA ILE CB 11 2.30 -1.29 78.54
C ILE CB 11 3.18 -0.07 78.29
N GLY CB 12 4.17 -0.24 77.42
CA GLY CB 12 5.03 0.87 77.05
C GLY CB 12 6.38 0.81 77.77
N LYS CB 13 7.25 1.74 77.36
CA LYS CB 13 8.56 1.84 78.01
C LYS CB 13 8.41 2.08 79.51
N ASP CB 14 7.62 3.10 79.88
CA ASP CB 14 7.40 3.40 81.29
C ASP CB 14 6.66 2.26 81.97
N GLY CB 15 5.74 1.63 81.26
CA GLY CB 15 4.87 0.63 81.84
C GLY CB 15 3.58 1.21 82.38
N LYS CB 16 3.34 2.49 82.14
CA LYS CB 16 2.13 3.17 82.60
C LYS CB 16 1.30 3.66 81.42
N GLN CB 17 1.25 2.88 80.35
CA GLN CB 17 0.41 3.17 79.19
C GLN CB 17 -0.61 2.05 79.03
N THR CB 18 -1.54 2.25 78.10
CA THR CB 18 -2.59 1.28 77.82
C THR CB 18 -2.87 1.30 76.33
N LEU CB 19 -3.41 0.17 75.84
CA LEU CB 19 -3.63 -0.01 74.41
C LEU CB 19 -4.93 -0.78 74.21
N VAL CB 20 -5.84 -0.20 73.45
CA VAL CB 20 -7.16 -0.79 73.20
C VAL CB 20 -7.18 -1.32 71.79
N LEU CB 21 -7.66 -2.56 71.63
CA LEU CB 21 -7.65 -3.25 70.35
C LEU CB 21 -9.04 -3.83 70.06
N ASN CB 22 -9.78 -3.19 69.14
CA ASN CB 22 -11.05 -3.76 68.75
C ASN CB 22 -10.85 -4.85 67.71
N PRO CB 23 -11.71 -5.86 67.70
CA PRO CB 23 -11.56 -6.93 66.71
C PRO CB 23 -11.87 -6.41 65.31
N ARG CB 24 -11.17 -6.95 64.32
CA ARG CB 24 -11.37 -6.51 62.95
C ARG CB 24 -11.63 -7.69 62.00
N GLY CB 25 -11.99 -8.85 62.57
CA GLY CB 25 -12.45 -10.00 61.82
C GLY CB 25 -11.36 -11.01 61.49
N VAL CB 26 -11.80 -12.06 60.80
CA VAL CB 26 -10.94 -13.16 60.41
C VAL CB 26 -10.78 -13.15 58.89
N ASN CB 27 -9.85 -13.97 58.41
CA ASN CB 27 -9.62 -14.12 56.97
C ASN CB 27 -10.01 -15.54 56.58
N PRO CB 28 -11.22 -15.76 56.06
CA PRO CB 28 -11.68 -17.14 55.82
C PRO CB 28 -10.87 -17.90 54.79
N THR CB 29 -9.95 -17.25 54.08
CA THR CB 29 -9.04 -17.95 53.19
C THR CB 29 -7.77 -18.38 53.91
N ASN CB 30 -7.13 -17.43 54.60
CA ASN CB 30 -5.91 -17.74 55.35
C ASN CB 30 -6.20 -18.39 56.69
N GLY CB 31 -7.43 -18.32 57.17
CA GLY CB 31 -7.74 -18.85 58.49
C GLY CB 31 -7.01 -18.14 59.59
N VAL CB 32 -6.87 -16.82 59.49
CA VAL CB 32 -6.12 -16.02 60.45
C VAL CB 32 -7.02 -14.92 60.97
N ALA CB 33 -7.10 -14.81 62.29
CA ALA CB 33 -7.82 -13.72 62.91
C ALA CB 33 -6.95 -12.47 62.95
N SER CB 34 -7.61 -11.31 62.94
CA SER CB 34 -6.91 -10.04 62.97
C SER CB 34 -7.72 -9.06 63.78
N LEU CB 35 -7.02 -8.15 64.44
CA LEU CB 35 -7.63 -7.07 65.20
C LEU CB 35 -6.62 -5.95 65.35
N SER CB 36 -7.13 -4.73 65.47
CA SER CB 36 -6.28 -3.55 65.37
C SER CB 36 -6.73 -2.50 66.36
N GLN CB 37 -5.78 -1.69 66.82
CA GLN CB 37 -6.09 -0.53 67.63
C GLN CB 37 -6.75 0.52 66.73
N ALA CB 38 -7.92 1.01 67.14
CA ALA CB 38 -8.71 1.94 66.35
C ALA CB 38 -7.99 3.28 66.21
N GLY CB 39 -7.53 3.59 64.99
CA GLY CB 39 -6.80 4.81 64.73
C GLY CB 39 -7.47 5.64 63.64
N ALA CB 40 -7.01 6.89 63.51
CA ALA CB 40 -7.60 7.82 62.55
C ALA CB 40 -7.50 7.26 61.14
N VAL CB 41 -6.28 7.12 60.63
CA VAL CB 41 -6.04 6.60 59.28
C VAL CB 41 -5.85 5.09 59.42
N PRO CB 42 -6.52 4.28 58.60
CA PRO CB 42 -6.38 2.82 58.75
C PRO CB 42 -4.97 2.28 58.54
N ALA CB 43 -4.15 2.94 57.73
CA ALA CB 43 -2.81 2.43 57.48
C ALA CB 43 -1.89 2.69 58.66
N LEU CB 44 -2.06 3.82 59.35
CA LEU CB 44 -1.16 4.22 60.42
C LEU CB 44 -1.35 3.36 61.67
N GLU CB 45 -2.54 2.80 61.87
CA GLU CB 45 -2.91 2.23 63.17
C GLU CB 45 -2.14 0.94 63.45
N LYS CB 46 -1.92 0.65 64.73
CA LYS CB 46 -1.32 -0.62 65.10
C LYS CB 46 -2.31 -1.76 64.89
N ARG CB 47 -1.77 -2.96 64.67
CA ARG CB 47 -2.58 -4.15 64.48
C ARG CB 47 -1.78 -5.38 64.90
N VAL CB 48 -2.51 -6.43 65.32
CA VAL CB 48 -1.92 -7.72 65.66
C VAL CB 48 -2.83 -8.81 65.09
N THR CB 49 -2.24 -9.96 64.77
CA THR CB 49 -2.96 -11.06 64.13
C THR CB 49 -2.57 -12.38 64.81
N VAL CB 50 -3.57 -13.20 65.11
CA VAL CB 50 -3.38 -14.47 65.79
C VAL CB 50 -3.95 -15.59 64.93
N SER CB 51 -3.28 -16.74 64.93
CA SER CB 51 -3.71 -17.88 64.12
C SER CB 51 -3.31 -19.16 64.83
N VAL CB 52 -4.20 -20.16 64.81
CA VAL CB 52 -3.95 -21.48 65.36
C VAL CB 52 -4.24 -22.51 64.27
N SER CB 53 -3.49 -23.61 64.30
CA SER CB 53 -3.78 -24.73 63.41
C SER CB 53 -5.13 -25.32 63.77
N GLN CB 54 -5.96 -25.61 62.78
CA GLN CB 54 -7.32 -26.10 63.05
C GLN CB 54 -7.33 -27.52 63.60
N PRO CB 55 -7.85 -27.75 64.80
CA PRO CB 55 -7.79 -29.10 65.41
C PRO CB 55 -8.83 -30.04 64.80
N SER CB 56 -8.35 -31.01 64.01
CA SER CB 56 -9.26 -31.98 63.40
C SER CB 56 -8.85 -33.41 63.74
N ARG CB 57 -8.10 -34.13 62.84
CA ARG CB 57 -7.72 -35.42 63.06
C ARG CB 57 -6.19 -35.53 63.13
N ASN CB 58 -5.53 -36.11 62.13
CA ASN CB 58 -4.08 -36.21 62.15
C ASN CB 58 -3.45 -34.86 61.82
N ARG CB 59 -2.74 -34.31 62.80
CA ARG CB 59 -2.11 -33.02 62.70
C ARG CB 59 -0.59 -33.15 62.76
N LYS CB 60 0.09 -32.40 61.89
CA LYS CB 60 1.54 -32.37 61.81
C LYS CB 60 2.09 -31.36 62.83
N ASN CB 61 1.71 -31.60 64.09
CA ASN CB 61 2.11 -30.83 65.26
C ASN CB 61 1.42 -29.48 65.28
N TYR CB 62 0.44 -29.34 66.18
CA TYR CB 62 -0.34 -28.11 66.31
C TYR CB 62 0.59 -26.90 66.33
N LYS CB 63 0.16 -25.80 65.72
CA LYS CB 63 0.99 -24.61 65.67
C LYS CB 63 0.14 -23.36 65.82
N VAL CB 64 0.61 -22.45 66.68
CA VAL CB 64 0.01 -21.14 66.89
C VAL CB 64 1.04 -20.05 66.65
N GLN CB 65 0.61 -18.97 65.99
CA GLN CB 65 1.51 -17.88 65.63
C GLN CB 65 0.75 -16.57 65.72
N VAL CB 66 1.35 -15.58 66.37
CA VAL CB 66 0.81 -14.23 66.45
C VAL CB 66 1.84 -13.29 65.85
N LYS CB 67 1.36 -12.29 65.11
CA LYS CB 67 2.22 -11.29 64.50
C LYS CB 67 1.83 -9.91 65.01
N ILE CB 68 2.81 -9.03 65.14
CA ILE CB 68 2.61 -7.65 65.54
C ILE CB 68 3.24 -6.73 64.51
N GLN CB 69 2.53 -5.69 64.11
CA GLN CB 69 3.05 -4.69 63.18
C GLN CB 69 2.58 -3.32 63.66
N ASN CB 70 3.50 -2.55 64.22
CA ASN CB 70 3.18 -1.20 64.71
C ASN CB 70 3.95 -0.20 63.88
N PRO CB 71 3.33 0.45 62.91
CA PRO CB 71 4.01 1.45 62.10
C PRO CB 71 4.01 2.85 62.72
N THR CB 72 4.79 3.73 62.09
CA THR CB 72 4.91 5.13 62.48
C THR CB 72 5.03 5.97 61.23
N ALA CB 73 4.61 7.24 61.33
CA ALA CB 73 4.46 8.11 60.16
C ALA CB 73 5.19 9.44 60.40
N CYS CB 74 5.21 10.27 59.34
CA CYS CB 74 5.81 11.60 59.35
C CYS CB 74 4.88 12.53 58.56
N THR CB 75 5.18 13.83 58.57
CA THR CB 75 4.25 14.77 57.93
C THR CB 75 4.87 15.88 57.10
N ALA CB 76 6.11 16.28 57.43
CA ALA CB 76 6.70 17.48 56.86
C ALA CB 76 7.14 17.30 55.41
N ASN CB 77 7.08 18.42 54.66
CA ASN CB 77 7.47 18.71 53.28
C ASN CB 77 6.40 18.41 52.25
N GLY CB 78 5.29 17.75 52.61
CA GLY CB 78 4.29 17.47 51.60
C GLY CB 78 2.94 17.96 52.05
N SER CB 79 2.86 18.36 53.34
CA SER CB 79 1.70 18.99 53.97
C SER CB 79 0.38 18.42 53.47
N CYS CB 80 0.30 17.14 53.12
CA CYS CB 80 -1.03 16.67 52.76
C CYS CB 80 -1.47 15.49 53.60
N ASP CB 81 -0.98 14.30 53.24
CA ASP CB 81 -1.31 13.05 53.90
C ASP CB 81 -0.08 12.45 54.55
N PRO CB 82 -0.07 12.19 55.86
CA PRO CB 82 1.12 11.60 56.47
C PRO CB 82 1.42 10.25 55.83
N SER CB 83 2.70 10.00 55.59
CA SER CB 83 3.13 8.77 54.97
C SER CB 83 3.91 7.94 55.99
N VAL CB 84 3.80 6.62 55.86
CA VAL CB 84 4.48 5.71 56.78
C VAL CB 84 5.95 5.60 56.37
N THR CB 85 6.84 5.89 57.31
CA THR CB 85 8.28 5.85 57.07
C THR CB 85 8.90 4.55 57.53
N ARG CB 86 8.45 4.03 58.68
CA ARG CB 86 8.96 2.77 59.20
C ARG CB 86 7.86 2.10 60.01
N GLN CB 87 8.01 0.79 60.17
CA GLN CB 87 7.13 -0.04 60.98
C GLN CB 87 8.00 -0.96 61.84
N ALA CB 88 7.36 -1.71 62.74
CA ALA CB 88 8.08 -2.62 63.63
C ALA CB 88 7.37 -3.96 63.69
N TYR CB 89 8.14 -5.04 63.57
CA TYR CB 89 7.61 -6.39 63.41
C TYR CB 89 7.85 -7.24 64.65
N ALA CB 90 6.89 -8.11 64.91
CA ALA CB 90 7.00 -9.11 65.97
C ALA CB 90 6.14 -10.28 65.56
N ASP CB 91 6.67 -11.50 65.73
CA ASP CB 91 5.87 -12.69 65.43
C ASP CB 91 6.41 -13.85 66.26
N VAL CB 92 5.53 -14.59 66.91
CA VAL CB 92 5.92 -15.77 67.66
C VAL CB 92 5.44 -16.99 66.88
N THR CB 93 6.02 -18.15 67.19
CA THR CB 93 5.51 -19.40 66.64
C THR CB 93 5.77 -20.50 67.65
N PHE CB 94 4.68 -21.08 68.15
CA PHE CB 94 4.71 -22.22 69.05
C PHE CB 94 4.32 -23.46 68.26
N SER CB 95 4.87 -24.61 68.64
CA SER CB 95 4.53 -25.84 67.96
C SER CB 95 4.60 -26.98 68.96
N PHE CB 96 3.45 -27.56 69.29
CA PHE CB 96 3.36 -28.67 70.22
C PHE CB 96 2.93 -29.93 69.48
N THR CB 97 3.26 -31.08 70.09
CA THR CB 97 2.92 -32.38 69.54
C THR CB 97 1.44 -32.68 69.75
N GLN CB 98 0.93 -33.65 68.98
CA GLN CB 98 -0.43 -34.10 69.22
C GLN CB 98 -0.59 -34.67 70.62
N TYR CB 99 0.47 -35.26 71.17
CA TYR CB 99 0.49 -35.77 72.53
C TYR CB 99 0.95 -34.75 73.58
N SER CB 100 0.88 -33.45 73.29
CA SER CB 100 1.32 -32.44 74.25
C SER CB 100 0.31 -32.27 75.38
N THR CB 101 0.81 -32.04 76.60
CA THR CB 101 -0.05 -31.87 77.75
C THR CB 101 -0.49 -30.41 77.88
N ASP CB 102 -1.63 -30.22 78.55
CA ASP CB 102 -2.13 -28.86 78.79
C ASP CB 102 -1.14 -28.05 79.61
N GLU CB 103 -0.59 -28.65 80.68
CA GLU CB 103 0.33 -27.93 81.55
C GLU CB 103 1.58 -27.50 80.81
N GLU CB 104 2.08 -28.36 79.91
CA GLU CB 104 3.25 -28.02 79.11
C GLU CB 104 3.04 -26.72 78.34
N ARG CB 105 1.83 -26.53 77.81
CA ARG CB 105 1.53 -25.40 76.93
C ARG CB 105 1.59 -24.07 77.68
N ALA CB 106 0.96 -24.01 78.87
CA ALA CB 106 0.97 -22.77 79.63
C ALA CB 106 2.38 -22.40 80.07
N PHE CB 107 3.24 -23.39 80.33
CA PHE CB 107 4.61 -23.09 80.74
C PHE CB 107 5.35 -22.36 79.63
N VAL CB 108 5.26 -22.88 78.40
CA VAL CB 108 5.87 -22.21 77.25
C VAL CB 108 5.25 -20.83 77.04
N ARG CB 109 4.00 -20.65 77.49
CA ARG CB 109 3.34 -19.36 77.32
C ARG CB 109 3.87 -18.35 78.31
N THR CB 110 3.88 -18.71 79.61
CA THR CB 110 4.34 -17.76 80.61
C THR CB 110 5.86 -17.59 80.58
N GLU CB 111 6.61 -18.64 80.22
CA GLU CB 111 8.06 -18.50 80.13
C GLU CB 111 8.45 -17.41 79.15
N LEU CB 112 7.76 -17.34 78.02
CA LEU CB 112 8.03 -16.28 77.05
C LEU CB 112 7.60 -14.93 77.61
N ALA CB 113 6.47 -14.89 78.33
CA ALA CB 113 6.03 -13.64 78.93
C ALA CB 113 7.02 -13.14 79.97
N ALA CB 114 7.50 -14.04 80.84
CA ALA CB 114 8.48 -13.63 81.84
C ALA CB 114 9.84 -13.36 81.21
N LEU CB 115 10.20 -14.12 80.18
CA LEU CB 115 11.48 -13.89 79.51
C LEU CB 115 11.49 -12.55 78.79
N LEU CB 116 10.31 -12.08 78.35
CA LEU CB 116 10.22 -10.77 77.74
C LEU CB 116 10.40 -9.63 78.74
N ALA CB 117 10.38 -9.93 80.04
CA ALA CB 117 10.54 -8.90 81.06
C ALA CB 117 11.81 -9.09 81.89
N SER CB 118 12.63 -10.08 81.60
CA SER CB 118 13.87 -10.29 82.34
C SER CB 118 14.92 -9.27 81.87
N PRO CB 119 15.74 -8.75 82.80
CA PRO CB 119 16.80 -7.81 82.43
C PRO CB 119 17.53 -8.16 81.14
N LEU CB 120 17.72 -9.47 80.91
CA LEU CB 120 18.46 -9.92 79.74
C LEU CB 120 17.78 -9.49 78.45
N LEU CB 121 16.47 -9.74 78.33
CA LEU CB 121 15.76 -9.35 77.11
C LEU CB 121 15.53 -7.85 77.01
N ILE CB 122 15.63 -7.12 78.12
CA ILE CB 122 15.51 -5.66 78.05
C ILE CB 122 16.64 -5.10 77.21
N ASP CB 123 17.87 -5.52 77.48
CA ASP CB 123 19.01 -5.07 76.71
C ASP CB 123 19.12 -5.74 75.35
N ALA CB 124 18.49 -6.90 75.17
CA ALA CB 124 18.47 -7.54 73.86
C ALA CB 124 17.48 -6.88 72.91
N ILE CB 125 16.41 -6.31 73.45
CA ILE CB 125 15.35 -5.76 72.64
C ILE CB 125 15.44 -4.24 72.54
N ASP CB 126 15.65 -3.56 73.68
CA ASP CB 126 15.58 -2.11 73.72
C ASP CB 126 16.89 -1.45 73.33
N GLN CB 127 18.02 -1.98 73.81
CA GLN CB 127 19.34 -1.46 73.46
C GLN CB 127 20.02 -2.25 72.36
N LEU CB 128 19.43 -3.38 71.96
CA LEU CB 128 19.93 -4.22 70.87
C LEU CB 128 21.40 -4.56 71.08
N ASN CB 129 21.71 -5.08 72.27
CA ASN CB 129 23.03 -5.60 72.55
C ASN CB 129 22.92 -7.06 72.94
N PRO CB 130 23.73 -7.95 72.37
CA PRO CB 130 23.54 -9.38 72.60
C PRO CB 130 23.88 -9.79 74.02
N ALA CB 131 23.49 -11.02 74.34
CA ALA CB 131 24.01 -11.66 75.53
C ALA CB 131 25.49 -11.95 75.30
N TYR CB 132 26.32 -11.58 76.25
CA TYR CB 132 27.76 -11.69 76.07
C TYR CB 132 28.49 -12.13 77.33
N ALA DB 1 22.73 -7.46 77.67
CA ALA DB 1 23.83 -7.23 78.61
C ALA DB 1 24.69 -8.45 78.75
N LYS DB 2 25.37 -8.54 79.90
CA LYS DB 2 26.21 -9.69 80.20
C LYS DB 2 25.34 -10.91 80.47
N LEU DB 3 25.86 -12.08 80.12
CA LEU DB 3 25.13 -13.34 80.25
C LEU DB 3 25.14 -13.80 81.70
N GLU DB 4 24.18 -13.30 82.49
CA GLU DB 4 24.08 -13.64 83.90
C GLU DB 4 23.13 -14.83 84.09
N THR DB 5 22.97 -15.26 85.33
CA THR DB 5 22.01 -16.31 85.68
C THR DB 5 20.63 -15.70 85.89
N VAL DB 6 19.72 -15.95 84.95
CA VAL DB 6 18.37 -15.41 84.98
C VAL DB 6 17.44 -16.39 85.69
N THR DB 7 16.52 -15.85 86.49
CA THR DB 7 15.55 -16.63 87.25
C THR DB 7 14.18 -16.01 87.05
N LEU DB 8 13.30 -16.69 86.32
CA LEU DB 8 11.96 -16.21 86.06
C LEU DB 8 10.97 -16.68 87.11
N GLY DB 9 10.24 -15.72 87.70
CA GLY DB 9 9.22 -15.99 88.67
C GLY DB 9 7.83 -15.77 88.07
N ASN DB 10 6.81 -16.20 88.81
CA ASN DB 10 5.41 -16.12 88.38
C ASN DB 10 5.24 -16.79 87.02
N ILE DB 11 5.50 -18.10 87.02
CA ILE DB 11 5.60 -18.86 85.79
C ILE DB 11 4.68 -20.06 85.94
N GLY DB 12 4.20 -20.61 84.81
CA GLY DB 12 3.42 -21.83 84.89
C GLY DB 12 1.92 -21.61 84.78
N LYS DB 13 1.20 -22.74 84.74
CA LYS DB 13 -0.26 -22.74 84.71
C LYS DB 13 -0.81 -21.97 85.91
N ASP DB 14 -0.36 -22.32 87.11
CA ASP DB 14 -0.83 -21.63 88.31
C ASP DB 14 -0.39 -20.18 88.32
N GLY DB 15 0.82 -19.91 87.82
CA GLY DB 15 1.42 -18.61 87.93
C GLY DB 15 2.25 -18.46 89.18
N LYS DB 16 2.39 -19.55 89.94
CA LYS DB 16 3.14 -19.57 91.20
C LYS DB 16 4.33 -20.52 91.12
N GLN DB 17 4.99 -20.61 89.96
CA GLN DB 17 6.18 -21.44 89.80
C GLN DB 17 7.37 -20.55 89.45
N THR DB 18 8.55 -21.17 89.41
CA THR DB 18 9.79 -20.47 89.11
C THR DB 18 10.70 -21.37 88.29
N LEU DB 19 11.58 -20.74 87.52
CA LEU DB 19 12.48 -21.46 86.62
C LEU DB 19 13.81 -20.74 86.60
N VAL DB 20 14.88 -21.46 86.92
CA VAL DB 20 16.22 -20.91 87.01
C VAL DB 20 17.01 -21.37 85.79
N LEU DB 21 17.69 -20.43 85.13
CA LEU DB 21 18.42 -20.71 83.90
C LEU DB 21 19.84 -20.17 83.99
N ASN DB 22 20.81 -21.07 84.13
CA ASN DB 22 22.20 -20.66 84.14
C ASN DB 22 22.70 -20.43 82.71
N PRO DB 23 23.64 -19.51 82.53
CA PRO DB 23 24.16 -19.27 81.18
C PRO DB 23 24.96 -20.46 80.70
N ARG DB 24 24.91 -20.69 79.40
CA ARG DB 24 25.62 -21.82 78.82
C ARG DB 24 26.52 -21.40 77.66
N GLY DB 25 26.80 -20.10 77.55
CA GLY DB 25 27.77 -19.58 76.60
C GLY DB 25 27.18 -19.15 75.27
N VAL DB 26 28.08 -18.73 74.38
CA VAL DB 26 27.73 -18.25 73.06
C VAL DB 26 28.17 -19.25 72.00
N ASN DB 27 27.69 -19.04 70.78
CA ASN DB 27 28.03 -19.88 69.63
C ASN DB 27 28.80 -19.02 68.62
N PRO DB 28 30.14 -19.07 68.63
CA PRO DB 28 30.92 -18.12 67.79
C PRO DB 28 30.72 -18.27 66.30
N THR DB 29 30.06 -19.33 65.83
CA THR DB 29 29.74 -19.43 64.41
C THR DB 29 28.36 -18.83 64.11
N ASN DB 30 27.35 -19.23 64.88
CA ASN DB 30 25.99 -18.75 64.69
C ASN DB 30 25.78 -17.37 65.28
N GLY DB 31 26.64 -16.91 66.17
CA GLY DB 31 26.43 -15.61 66.80
C GLY DB 31 25.17 -15.58 67.64
N VAL DB 32 24.87 -16.67 68.32
CA VAL DB 32 23.65 -16.79 69.13
C VAL DB 32 24.05 -17.24 70.52
N ALA DB 33 23.56 -16.50 71.52
CA ALA DB 33 23.74 -16.92 72.90
C ALA DB 33 22.70 -17.97 73.27
N SER DB 34 23.07 -18.81 74.23
CA SER DB 34 22.19 -19.86 74.70
C SER DB 34 22.38 -20.03 76.20
N LEU DB 35 21.30 -20.40 76.88
CA LEU DB 35 21.36 -20.68 78.30
C LEU DB 35 20.20 -21.60 78.67
N SER DB 36 20.41 -22.41 79.70
CA SER DB 36 19.51 -23.53 79.94
C SER DB 36 19.33 -23.75 81.43
N GLN DB 37 18.18 -24.30 81.79
CA GLN DB 37 17.93 -24.73 83.16
C GLN DB 37 18.78 -25.97 83.46
N ALA DB 38 19.57 -25.90 84.53
CA ALA DB 38 20.48 -26.99 84.89
C ALA DB 38 19.71 -28.23 85.32
N GLY DB 39 19.77 -29.30 84.53
CA GLY DB 39 19.08 -30.53 84.82
C GLY DB 39 20.06 -31.69 84.89
N ALA DB 40 19.56 -32.81 85.41
CA ALA DB 40 20.41 -33.99 85.61
C ALA DB 40 20.99 -34.45 84.28
N VAL DB 41 20.14 -34.90 83.37
CA VAL DB 41 20.57 -35.38 82.06
C VAL DB 41 20.50 -34.18 81.10
N PRO DB 42 21.53 -33.93 80.30
CA PRO DB 42 21.51 -32.76 79.41
C PRO DB 42 20.36 -32.76 78.41
N ALA DB 43 19.85 -33.93 78.01
CA ALA DB 43 18.80 -33.94 77.00
C ALA DB 43 17.46 -33.50 77.56
N LEU DB 44 17.19 -33.83 78.82
CA LEU DB 44 15.88 -33.53 79.39
C LEU DB 44 15.71 -32.04 79.67
N GLU DB 45 16.81 -31.31 79.90
CA GLU DB 45 16.71 -29.98 80.48
C GLU DB 45 16.17 -28.97 79.48
N LYS DB 46 15.51 -27.94 80.03
CA LYS DB 46 14.97 -26.82 79.26
C LYS DB 46 16.10 -25.93 78.75
N ARG DB 47 15.83 -25.21 77.66
CA ARG DB 47 16.82 -24.30 77.08
C ARG DB 47 16.13 -23.14 76.39
N VAL DB 48 16.83 -22.00 76.33
CA VAL DB 48 16.40 -20.83 75.57
C VAL DB 48 17.64 -20.23 74.90
N THR DB 49 17.42 -19.57 73.77
CA THR DB 49 18.51 -19.00 72.98
C THR DB 49 18.11 -17.61 72.51
N VAL DB 50 19.00 -16.63 72.67
CA VAL DB 50 18.76 -15.25 72.26
C VAL DB 50 19.87 -14.80 71.32
N SER DB 51 19.52 -14.04 70.30
CA SER DB 51 20.49 -13.55 69.34
C SER DB 51 20.03 -12.23 68.75
N VAL DB 52 20.95 -11.29 68.59
CA VAL DB 52 20.70 -10.03 67.89
C VAL DB 52 21.75 -9.90 66.81
N SER DB 53 21.36 -9.34 65.67
CA SER DB 53 22.33 -9.10 64.61
C SER DB 53 23.30 -8.03 65.11
N GLN DB 54 24.61 -8.26 64.93
CA GLN DB 54 25.56 -7.27 65.44
C GLN DB 54 26.51 -6.51 64.51
N PRO DB 55 26.49 -6.65 63.14
CA PRO DB 55 27.49 -5.90 62.37
C PRO DB 55 27.19 -4.41 62.44
N SER DB 56 28.00 -3.67 63.20
CA SER DB 56 27.70 -2.27 63.45
C SER DB 56 27.91 -1.40 62.22
N ARG DB 57 28.72 -1.85 61.26
CA ARG DB 57 29.05 -1.08 60.06
C ARG DB 57 27.84 -0.47 59.36
N ASN DB 58 27.10 -1.29 58.61
CA ASN DB 58 25.93 -0.78 57.90
C ASN DB 58 24.96 -1.96 57.71
N ARG DB 59 24.08 -2.13 58.69
CA ARG DB 59 23.00 -3.10 58.61
C ARG DB 59 21.84 -2.60 57.78
N LYS DB 60 21.13 -3.56 57.15
CA LYS DB 60 19.88 -3.25 56.47
C LYS DB 60 18.81 -2.89 57.50
N ASN DB 61 18.55 -3.81 58.42
CA ASN DB 61 17.66 -3.67 59.57
C ASN DB 61 18.05 -4.73 60.58
N TYR DB 62 17.95 -4.40 61.86
CA TYR DB 62 18.34 -5.32 62.91
C TYR DB 62 17.23 -6.32 63.18
N LYS DB 63 17.62 -7.52 63.61
CA LYS DB 63 16.67 -8.59 63.88
C LYS DB 63 17.11 -9.31 65.16
N VAL DB 64 16.16 -9.47 66.08
CA VAL DB 64 16.36 -10.20 67.33
C VAL DB 64 15.32 -11.30 67.44
N GLN DB 65 15.75 -12.47 67.90
CA GLN DB 65 14.92 -13.65 67.99
C GLN DB 65 15.32 -14.44 69.24
N VAL DB 66 14.32 -14.89 69.98
CA VAL DB 66 14.53 -15.78 71.11
C VAL DB 66 13.77 -17.07 70.82
N LYS DB 67 14.39 -18.19 71.15
CA LYS DB 67 13.80 -19.50 70.98
C LYS DB 67 13.72 -20.18 72.34
N ILE DB 68 12.65 -20.96 72.54
CA ILE DB 68 12.46 -21.76 73.74
C ILE DB 68 12.21 -23.20 73.32
N GLN DB 69 12.86 -24.15 74.00
CA GLN DB 69 12.66 -25.56 73.71
C GLN DB 69 12.59 -26.32 75.03
N ASN DB 70 11.39 -26.75 75.40
CA ASN DB 70 11.18 -27.50 76.64
C ASN DB 70 10.72 -28.89 76.27
N PRO DB 71 11.60 -29.88 76.25
CA PRO DB 71 11.18 -31.26 75.96
C PRO DB 71 10.76 -32.00 77.23
N THR DB 72 10.23 -33.20 77.02
CA THR DB 72 9.83 -34.09 78.10
C THR DB 72 10.11 -35.53 77.70
N ALA DB 73 10.34 -36.38 78.69
CA ALA DB 73 10.84 -37.73 78.50
C ALA DB 73 9.95 -38.73 79.25
N CYS DB 74 10.26 -40.02 79.09
CA CYS DB 74 9.52 -41.08 79.77
C CYS DB 74 10.50 -42.12 80.32
N THR DB 75 10.17 -42.66 81.50
CA THR DB 75 11.06 -43.57 82.21
C THR DB 75 10.68 -45.05 82.14
N ALA DB 76 9.38 -45.37 82.03
CA ALA DB 76 8.86 -46.73 82.14
C ALA DB 76 9.14 -47.62 80.93
N ASN DB 77 10.32 -47.50 80.32
CA ASN DB 77 10.63 -48.29 79.15
C ASN DB 77 11.29 -49.63 79.48
N GLY DB 78 12.63 -49.68 79.44
CA GLY DB 78 13.31 -50.94 79.73
C GLY DB 78 14.42 -50.83 80.78
N SER DB 79 14.05 -50.39 81.97
CA SER DB 79 14.98 -50.20 83.09
C SER DB 79 16.30 -49.56 82.65
N CYS DB 80 16.26 -48.72 81.61
CA CYS DB 80 17.45 -47.98 81.17
C CYS DB 80 17.30 -46.46 81.11
N ASP DB 81 18.00 -45.86 80.14
CA ASP DB 81 18.09 -44.41 79.93
C ASP DB 81 16.79 -43.81 79.41
N PRO DB 82 16.21 -42.83 80.12
CA PRO DB 82 14.96 -42.21 79.64
C PRO DB 82 15.14 -41.53 78.30
N SER DB 83 14.13 -41.66 77.44
CA SER DB 83 14.14 -41.07 76.11
C SER DB 83 13.10 -39.97 76.01
N VAL DB 84 13.41 -38.95 75.20
CA VAL DB 84 12.51 -37.83 74.99
C VAL DB 84 11.43 -38.20 73.99
N THR DB 85 10.17 -38.02 74.37
CA THR DB 85 9.03 -38.39 73.55
C THR DB 85 8.47 -37.22 72.75
N ARG DB 86 8.43 -36.02 73.34
CA ARG DB 86 7.89 -34.85 72.65
C ARG DB 86 8.58 -33.62 73.21
N GLN DB 87 8.45 -32.51 72.48
CA GLN DB 87 9.01 -31.23 72.88
C GLN DB 87 7.92 -30.17 72.80
N ALA DB 88 8.28 -28.96 73.24
CA ALA DB 88 7.41 -27.79 73.15
C ALA DB 88 8.27 -26.66 72.63
N TYR DB 89 7.80 -25.99 71.58
CA TYR DB 89 8.64 -25.07 70.83
C TYR DB 89 8.08 -23.66 70.94
N ALA DB 90 8.98 -22.69 70.91
CA ALA DB 90 8.61 -21.29 70.90
C ALA DB 90 9.67 -20.51 70.16
N ASP DB 91 9.25 -19.56 69.32
CA ASP DB 91 10.20 -18.73 68.59
C ASP DB 91 9.57 -17.40 68.24
N VAL DB 92 10.23 -16.31 68.62
CA VAL DB 92 9.81 -14.97 68.25
C VAL DB 92 10.86 -14.41 67.31
N THR DB 93 10.50 -13.36 66.57
CA THR DB 93 11.47 -12.63 65.77
C THR DB 93 11.03 -11.19 65.66
N PHE DB 94 11.86 -10.27 66.16
CA PHE DB 94 11.62 -8.85 66.05
C PHE DB 94 12.54 -8.29 64.97
N SER DB 95 12.08 -7.26 64.26
CA SER DB 95 12.89 -6.64 63.23
C SER DB 95 12.54 -5.16 63.16
N PHE DB 96 13.48 -4.30 63.53
CA PHE DB 96 13.27 -2.87 63.52
C PHE DB 96 14.12 -2.19 62.45
N THR DB 97 13.69 -0.98 62.09
CA THR DB 97 14.34 -0.16 61.07
C THR DB 97 15.64 0.44 61.61
N GLN DB 98 16.50 0.89 60.68
CA GLN DB 98 17.73 1.57 61.08
C GLN DB 98 17.44 2.85 61.84
N TYR DB 99 16.36 3.54 61.49
CA TYR DB 99 15.93 4.75 62.18
C TYR DB 99 14.95 4.47 63.31
N SER DB 100 14.95 3.26 63.86
CA SER DB 100 13.98 2.93 64.91
C SER DB 100 14.33 3.63 66.22
N THR DB 101 13.30 4.11 66.90
CA THR DB 101 13.46 4.82 68.17
C THR DB 101 13.53 3.85 69.33
N ASP DB 102 14.14 4.31 70.42
CA ASP DB 102 14.30 3.48 71.61
C ASP DB 102 12.94 3.05 72.18
N GLU DB 103 12.01 4.01 72.32
CA GLU DB 103 10.72 3.69 72.93
C GLU DB 103 9.90 2.72 72.08
N GLU DB 104 9.93 2.87 70.74
CA GLU DB 104 9.19 1.96 69.88
C GLU DB 104 9.54 0.51 70.15
N ARG DB 105 10.82 0.25 70.42
CA ARG DB 105 11.29 -1.11 70.63
C ARG DB 105 10.67 -1.69 71.89
N ALA DB 106 10.67 -0.92 72.98
CA ALA DB 106 10.05 -1.37 74.22
C ALA DB 106 8.54 -1.55 74.06
N PHE DB 107 7.92 -0.74 73.21
CA PHE DB 107 6.48 -0.84 73.00
C PHE DB 107 6.13 -2.20 72.41
N VAL DB 108 6.83 -2.61 71.35
CA VAL DB 108 6.65 -3.93 70.76
C VAL DB 108 7.03 -5.03 71.74
N ARG DB 109 7.92 -4.72 72.68
CA ARG DB 109 8.36 -5.72 73.64
C ARG DB 109 7.30 -6.00 74.69
N THR DB 110 6.82 -4.94 75.34
CA THR DB 110 5.84 -5.13 76.40
C THR DB 110 4.48 -5.52 75.84
N GLU DB 111 4.16 -5.06 74.62
CA GLU DB 111 2.90 -5.44 74.01
C GLU DB 111 2.77 -6.94 73.88
N LEU DB 112 3.85 -7.61 73.51
CA LEU DB 112 3.83 -9.06 73.43
C LEU DB 112 3.70 -9.69 74.82
N ALA DB 113 4.38 -9.10 75.81
CA ALA DB 113 4.30 -9.62 77.18
C ALA DB 113 2.88 -9.51 77.73
N ALA DB 114 2.24 -8.36 77.53
CA ALA DB 114 0.86 -8.21 77.97
C ALA DB 114 -0.09 -9.03 77.11
N LEU DB 115 0.21 -9.16 75.82
CA LEU DB 115 -0.63 -9.97 74.94
C LEU DB 115 -0.56 -11.44 75.32
N LEU DB 116 0.58 -11.89 75.87
CA LEU DB 116 0.69 -13.28 76.31
C LEU DB 116 -0.13 -13.53 77.57
N ALA DB 117 -0.66 -12.50 78.21
CA ALA DB 117 -1.47 -12.67 79.41
C ALA DB 117 -2.92 -12.22 79.22
N SER DB 118 -3.29 -11.79 78.01
CA SER DB 118 -4.65 -11.36 77.72
C SER DB 118 -5.56 -12.59 77.59
N PRO DB 119 -6.79 -12.51 78.12
CA PRO DB 119 -7.74 -13.63 77.99
C PRO DB 119 -7.77 -14.27 76.61
N LEU DB 120 -7.65 -13.45 75.58
CA LEU DB 120 -7.72 -13.94 74.20
C LEU DB 120 -6.60 -14.92 73.89
N LEU DB 121 -5.35 -14.54 74.20
CA LEU DB 121 -4.21 -15.41 73.91
C LEU DB 121 -4.12 -16.58 74.88
N ILE DB 122 -4.78 -16.51 76.04
CA ILE DB 122 -4.80 -17.64 76.96
C ILE DB 122 -5.48 -18.83 76.32
N ASP DB 123 -6.66 -18.62 75.73
CA ASP DB 123 -7.37 -19.70 75.07
C ASP DB 123 -6.74 -20.08 73.74
N ALA DB 124 -5.89 -19.22 73.19
CA ALA DB 124 -5.16 -19.56 71.98
C ALA DB 124 -4.03 -20.55 72.27
N ILE DB 125 -3.51 -20.54 73.48
CA ILE DB 125 -2.34 -21.35 73.82
C ILE DB 125 -2.75 -22.60 74.57
N ASP DB 126 -3.58 -22.44 75.60
CA ASP DB 126 -3.89 -23.54 76.51
C ASP DB 126 -5.05 -24.39 76.02
N GLN DB 127 -6.09 -23.76 75.47
CA GLN DB 127 -7.23 -24.47 74.91
C GLN DB 127 -7.15 -24.67 73.42
N LEU DB 128 -6.16 -24.05 72.77
CA LEU DB 128 -5.91 -24.19 71.33
C LEU DB 128 -7.18 -23.93 70.52
N ASN DB 129 -7.83 -22.81 70.80
CA ASN DB 129 -8.96 -22.39 70.02
C ASN DB 129 -8.73 -21.01 69.45
N PRO DB 130 -8.97 -20.80 68.15
CA PRO DB 130 -8.66 -19.51 67.54
C PRO DB 130 -9.62 -18.42 67.99
N ALA DB 131 -9.27 -17.20 67.62
CA ALA DB 131 -10.23 -16.11 67.71
C ALA DB 131 -11.31 -16.36 66.66
N TYR DB 132 -12.56 -16.24 67.06
CA TYR DB 132 -13.65 -16.61 66.16
C TYR DB 132 -14.82 -15.64 66.21
N ALA EB 1 -39.44 -70.62 59.98
CA ALA EB 1 -40.49 -69.72 60.45
C ALA EB 1 -39.95 -68.31 60.61
N LYS EB 2 -40.62 -67.54 61.46
CA LYS EB 2 -40.20 -66.18 61.76
C LYS EB 2 -38.90 -66.21 62.55
N LEU EB 3 -38.05 -65.22 62.30
CA LEU EB 3 -36.74 -65.18 62.92
C LEU EB 3 -36.89 -64.66 64.35
N GLU EB 4 -37.20 -65.57 65.27
CA GLU EB 4 -37.40 -65.25 66.67
C GLU EB 4 -36.10 -65.43 67.44
N THR EB 5 -36.14 -65.11 68.74
CA THR EB 5 -35.02 -65.34 69.64
C THR EB 5 -35.08 -66.77 70.18
N VAL EB 6 -34.19 -67.62 69.69
CA VAL EB 6 -34.15 -69.02 70.07
C VAL EB 6 -33.24 -69.21 71.27
N THR EB 7 -33.66 -70.09 72.19
CA THR EB 7 -32.91 -70.37 73.41
C THR EB 7 -32.81 -71.88 73.57
N LEU EB 8 -31.61 -72.42 73.40
CA LEU EB 8 -31.37 -73.85 73.53
C LEU EB 8 -31.00 -74.22 74.97
N GLY EB 9 -31.72 -75.18 75.52
CA GLY EB 9 -31.45 -75.70 76.84
C GLY EB 9 -30.85 -77.09 76.77
N ASN EB 10 -30.36 -77.55 77.93
CA ASN EB 10 -29.71 -78.85 78.07
C ASN EB 10 -28.58 -79.00 77.06
N ILE EB 11 -27.59 -78.12 77.20
CA ILE EB 11 -26.51 -77.99 76.22
C ILE EB 11 -25.19 -78.04 76.96
N GLY EB 12 -24.14 -78.42 76.22
CA GLY EB 12 -22.80 -78.50 76.77
C GLY EB 12 -22.39 -79.93 77.05
N LYS EB 13 -21.11 -80.09 77.41
CA LYS EB 13 -20.62 -81.44 77.75
C LYS EB 13 -21.43 -82.03 78.89
N ASP EB 14 -21.57 -81.28 79.99
CA ASP EB 14 -22.36 -81.74 81.12
C ASP EB 14 -23.82 -81.87 80.76
N GLY EB 15 -24.31 -80.97 79.91
CA GLY EB 15 -25.73 -80.91 79.59
C GLY EB 15 -26.52 -79.96 80.47
N LYS EB 16 -25.85 -79.16 81.29
CA LYS EB 16 -26.50 -78.23 82.20
C LYS EB 16 -26.21 -76.78 81.85
N GLN EB 17 -26.11 -76.47 80.57
CA GLN EB 17 -25.91 -75.10 80.11
C GLN EB 17 -27.09 -74.67 79.25
N THR EB 18 -27.10 -73.40 78.90
CA THR EB 18 -28.14 -72.79 78.07
C THR EB 18 -27.47 -71.76 77.18
N LEU EB 19 -28.11 -71.48 76.04
CA LEU EB 19 -27.54 -70.57 75.05
C LEU EB 19 -28.67 -69.76 74.43
N VAL EB 20 -28.56 -68.45 74.50
CA VAL EB 20 -29.57 -67.51 74.02
C VAL EB 20 -29.06 -66.88 72.74
N LEU EB 21 -29.91 -66.85 71.72
CA LEU EB 21 -29.54 -66.36 70.39
C LEU EB 21 -30.58 -65.37 69.88
N ASN EB 22 -30.22 -64.09 69.88
CA ASN EB 22 -31.08 -63.06 69.32
C ASN EB 22 -30.93 -63.00 67.81
N PRO EB 23 -31.97 -62.61 67.09
CA PRO EB 23 -31.88 -62.55 65.63
C PRO EB 23 -30.96 -61.42 65.17
N ARG EB 24 -30.31 -61.65 64.03
CA ARG EB 24 -29.41 -60.66 63.45
C ARG EB 24 -29.78 -60.33 62.01
N GLY EB 25 -30.97 -60.71 61.56
CA GLY EB 25 -31.47 -60.31 60.25
C GLY EB 25 -31.13 -61.29 59.15
N VAL EB 26 -31.51 -60.91 57.94
CA VAL EB 26 -31.28 -61.70 56.75
C VAL EB 26 -30.22 -61.01 55.90
N ASN EB 27 -29.70 -61.75 54.92
CA ASN EB 27 -28.71 -61.21 53.99
C ASN EB 27 -29.36 -61.21 52.61
N PRO EB 28 -29.96 -60.10 52.19
CA PRO EB 28 -30.77 -60.12 50.95
C PRO EB 28 -29.99 -60.43 49.68
N THR EB 29 -28.66 -60.44 49.71
CA THR EB 29 -27.89 -60.86 48.55
C THR EB 29 -27.59 -62.36 48.60
N ASN EB 30 -27.07 -62.83 49.74
CA ASN EB 30 -26.73 -64.24 49.90
C ASN EB 30 -27.95 -65.11 50.16
N GLY EB 31 -29.07 -64.53 50.55
CA GLY EB 31 -30.23 -65.33 50.90
C GLY EB 31 -29.97 -66.23 52.09
N VAL EB 32 -29.22 -65.74 53.08
CA VAL EB 32 -28.85 -66.53 54.24
C VAL EB 32 -29.26 -65.75 55.48
N ALA EB 33 -30.01 -66.39 56.37
CA ALA EB 33 -30.33 -65.80 57.65
C ALA EB 33 -29.20 -66.02 58.63
N SER EB 34 -29.10 -65.10 59.58
CA SER EB 34 -28.07 -65.20 60.60
C SER EB 34 -28.62 -64.66 61.91
N LEU EB 35 -28.16 -65.24 63.01
CA LEU EB 35 -28.51 -64.78 64.34
C LEU EB 35 -27.41 -65.24 65.28
N SER EB 36 -27.19 -64.48 66.35
CA SER EB 36 -25.99 -64.65 67.15
C SER EB 36 -26.31 -64.46 68.61
N GLN EB 37 -25.53 -65.13 69.46
CA GLN EB 37 -25.58 -64.91 70.89
C GLN EB 37 -25.01 -63.54 71.22
N ALA EB 38 -25.79 -62.73 71.93
CA ALA EB 38 -25.41 -61.35 72.26
C ALA EB 38 -24.24 -61.35 73.23
N GLY EB 39 -23.06 -60.91 72.77
CA GLY EB 39 -21.88 -60.89 73.58
C GLY EB 39 -21.31 -59.47 73.66
N ALA EB 40 -20.36 -59.29 74.59
CA ALA EB 40 -19.78 -57.98 74.82
C ALA EB 40 -19.16 -57.44 73.54
N VAL EB 41 -18.12 -58.10 73.05
CA VAL EB 41 -17.44 -57.70 71.82
C VAL EB 41 -18.11 -58.47 70.68
N PRO EB 42 -18.45 -57.82 69.57
CA PRO EB 42 -19.10 -58.57 68.48
C PRO EB 42 -18.26 -59.73 67.94
N ALA EB 43 -16.93 -59.64 68.03
CA ALA EB 43 -16.10 -60.73 67.54
C ALA EB 43 -16.15 -61.94 68.48
N LEU EB 44 -16.29 -61.68 69.79
CA LEU EB 44 -16.23 -62.75 70.78
C LEU EB 44 -17.46 -63.64 70.72
N GLU EB 45 -18.59 -63.10 70.26
CA GLU EB 45 -19.86 -63.78 70.41
C GLU EB 45 -20.00 -64.96 69.44
N LYS EB 46 -20.76 -65.97 69.87
CA LYS EB 46 -21.12 -67.10 69.02
C LYS EB 46 -22.18 -66.69 68.00
N ARG EB 47 -22.22 -67.40 66.88
CA ARG EB 47 -23.21 -67.09 65.85
C ARG EB 47 -23.53 -68.34 65.03
N VAL EB 48 -24.75 -68.37 64.48
CA VAL EB 48 -25.21 -69.45 63.59
C VAL EB 48 -26.02 -68.85 62.44
N THR EB 49 -26.05 -69.58 61.32
CA THR EB 49 -26.68 -69.11 60.09
C THR EB 49 -27.51 -70.23 59.47
N VAL EB 50 -28.72 -69.88 59.02
CA VAL EB 50 -29.67 -70.82 58.41
C VAL EB 50 -30.05 -70.33 57.03
N SER EB 51 -30.18 -71.26 56.07
CA SER EB 51 -30.56 -70.91 54.71
C SER EB 51 -31.28 -72.07 54.03
N VAL EB 52 -32.35 -71.75 53.29
CA VAL EB 52 -33.08 -72.72 52.45
C VAL EB 52 -33.19 -72.13 51.05
N SER EB 53 -33.18 -72.99 50.03
CA SER EB 53 -33.15 -72.53 48.65
C SER EB 53 -34.31 -73.07 47.81
N GLN EB 54 -34.94 -72.15 47.06
CA GLN EB 54 -36.00 -72.45 46.08
C GLN EB 54 -35.38 -73.11 44.86
N PRO EB 55 -36.20 -73.73 43.98
CA PRO EB 55 -35.58 -74.43 42.84
C PRO EB 55 -35.01 -73.41 41.87
N SER EB 56 -33.71 -73.53 41.60
CA SER EB 56 -32.99 -72.61 40.73
C SER EB 56 -33.02 -73.13 39.30
N ARG EB 57 -32.42 -72.36 38.40
CA ARG EB 57 -32.38 -72.76 36.99
C ARG EB 57 -31.26 -73.75 36.76
N ASN EB 58 -30.24 -73.70 37.62
CA ASN EB 58 -29.16 -74.68 37.60
C ASN EB 58 -29.69 -75.99 38.19
N ARG EB 59 -29.99 -76.00 39.48
CA ARG EB 59 -30.53 -77.15 40.19
C ARG EB 59 -31.95 -76.87 40.69
N LYS EB 60 -32.86 -77.85 40.51
CA LYS EB 60 -34.26 -77.75 40.91
C LYS EB 60 -34.55 -78.40 42.26
N ASN EB 61 -33.72 -79.32 42.71
CA ASN EB 61 -33.86 -79.91 44.03
C ASN EB 61 -33.53 -78.88 45.11
N TYR EB 62 -34.21 -79.00 46.25
CA TYR EB 62 -34.07 -78.06 47.35
C TYR EB 62 -32.83 -78.36 48.17
N LYS EB 63 -32.25 -77.31 48.76
CA LYS EB 63 -31.05 -77.39 49.57
C LYS EB 63 -31.18 -76.48 50.79
N VAL EB 64 -30.97 -77.06 51.97
CA VAL EB 64 -30.98 -76.33 53.23
C VAL EB 64 -29.67 -76.60 53.96
N GLN EB 65 -29.11 -75.55 54.56
CA GLN EB 65 -27.80 -75.63 55.18
C GLN EB 65 -27.76 -74.72 56.41
N VAL EB 66 -27.23 -75.25 57.52
CA VAL EB 66 -27.03 -74.47 58.74
C VAL EB 66 -25.55 -74.48 59.05
N LYS EB 67 -25.04 -73.35 59.52
CA LYS EB 67 -23.64 -73.23 59.93
C LYS EB 67 -23.58 -72.77 61.39
N ILE EB 68 -22.55 -73.25 62.08
CA ILE EB 68 -22.24 -72.85 63.45
C ILE EB 68 -20.79 -72.38 63.49
N GLN EB 69 -20.56 -71.26 64.17
CA GLN EB 69 -19.21 -70.72 64.30
C GLN EB 69 -19.05 -70.23 65.72
N ASN EB 70 -18.28 -70.97 66.51
CA ASN EB 70 -18.04 -70.60 67.90
C ASN EB 70 -16.56 -70.25 68.00
N PRO EB 71 -16.21 -68.98 68.03
CA PRO EB 71 -14.81 -68.61 68.20
C PRO EB 71 -14.45 -68.64 69.67
N THR EB 72 -13.15 -68.46 69.93
CA THR EB 72 -12.65 -68.40 71.28
C THR EB 72 -11.60 -67.31 71.31
N ALA EB 73 -11.46 -66.67 72.46
CA ALA EB 73 -10.63 -65.49 72.54
C ALA EB 73 -9.67 -65.67 73.69
N CYS EB 74 -8.67 -64.79 73.76
CA CYS EB 74 -7.75 -64.82 74.87
C CYS EB 74 -7.48 -63.37 75.18
N THR EB 75 -7.41 -63.04 76.46
CA THR EB 75 -7.23 -61.64 76.84
C THR EB 75 -5.78 -61.37 77.14
N ALA EB 76 -5.04 -62.40 77.53
CA ALA EB 76 -3.63 -62.23 77.86
C ALA EB 76 -2.76 -62.09 76.61
N ASN EB 77 -3.33 -62.21 75.41
CA ASN EB 77 -2.51 -62.20 74.19
C ASN EB 77 -2.34 -60.82 73.58
N GLY EB 78 -3.46 -60.26 73.09
CA GLY EB 78 -3.42 -58.94 72.51
C GLY EB 78 -2.94 -57.89 73.50
N SER EB 79 -2.72 -58.28 74.77
CA SER EB 79 -2.20 -57.39 75.80
C SER EB 79 -2.80 -56.02 75.66
N CYS EB 80 -4.08 -56.01 75.25
CA CYS EB 80 -4.80 -54.77 74.98
C CYS EB 80 -6.29 -54.99 74.73
N ASP EB 81 -6.61 -55.53 73.56
CA ASP EB 81 -7.96 -55.86 73.14
C ASP EB 81 -7.96 -57.38 73.00
N PRO EB 82 -8.81 -58.11 73.70
CA PRO EB 82 -8.75 -59.58 73.58
C PRO EB 82 -8.91 -59.98 72.13
N SER EB 83 -8.05 -60.88 71.69
CA SER EB 83 -8.01 -61.29 70.29
C SER EB 83 -8.47 -62.74 70.16
N VAL EB 84 -9.07 -63.04 69.01
CA VAL EB 84 -9.56 -64.39 68.74
C VAL EB 84 -8.37 -65.25 68.31
N THR EB 85 -8.14 -66.33 69.05
CA THR EB 85 -7.03 -67.25 68.80
C THR EB 85 -7.46 -68.46 67.99
N ARG EB 86 -8.67 -68.94 68.26
CA ARG EB 86 -9.18 -70.11 67.58
C ARG EB 86 -10.70 -70.01 67.49
N GLN EB 87 -11.26 -70.76 66.55
CA GLN EB 87 -12.69 -70.88 66.37
C GLN EB 87 -13.04 -72.36 66.26
N ALA EB 88 -14.34 -72.65 66.26
CA ALA EB 88 -14.81 -74.01 66.03
C ALA EB 88 -15.99 -73.93 65.10
N TYR EB 89 -15.96 -74.70 64.02
CA TYR EB 89 -16.92 -74.56 62.95
C TYR EB 89 -17.75 -75.83 62.84
N ALA EB 90 -19.01 -75.63 62.45
CA ALA EB 90 -19.93 -76.71 62.21
C ALA EB 90 -20.88 -76.27 61.12
N ASP EB 91 -21.16 -77.18 60.18
CA ASP EB 91 -22.12 -76.90 59.13
C ASP EB 91 -22.74 -78.20 58.64
N VAL EB 92 -24.07 -78.21 58.52
CA VAL EB 92 -24.76 -79.36 57.97
C VAL EB 92 -25.23 -78.93 56.59
N THR EB 93 -25.56 -79.92 55.77
CA THR EB 93 -26.18 -79.62 54.49
C THR EB 93 -27.12 -80.76 54.16
N PHE EB 94 -28.40 -80.44 54.11
CA PHE EB 94 -29.43 -81.38 53.70
C PHE EB 94 -29.83 -81.04 52.28
N SER EB 95 -30.17 -82.05 51.51
CA SER EB 95 -30.63 -81.83 50.14
C SER EB 95 -31.64 -82.91 49.82
N PHE EB 96 -32.90 -82.50 49.68
CA PHE EB 96 -33.96 -83.43 49.32
C PHE EB 96 -34.45 -83.14 47.91
N THR EB 97 -35.08 -84.16 47.33
CA THR EB 97 -35.62 -84.06 45.99
C THR EB 97 -36.90 -83.23 45.98
N GLN EB 98 -37.29 -82.78 44.79
CA GLN EB 98 -38.53 -82.02 44.64
C GLN EB 98 -39.75 -82.85 45.03
N TYR EB 99 -39.71 -84.15 44.83
CA TYR EB 99 -40.77 -85.06 45.26
C TYR EB 99 -40.57 -85.62 46.67
N SER EB 100 -39.81 -84.94 47.52
CA SER EB 100 -39.56 -85.45 48.86
C SER EB 100 -40.78 -85.28 49.75
N THR EB 101 -41.03 -86.28 50.59
CA THR EB 101 -42.18 -86.25 51.49
C THR EB 101 -41.82 -85.53 52.78
N ASP EB 102 -42.85 -84.99 53.45
CA ASP EB 102 -42.65 -84.26 54.69
C ASP EB 102 -42.05 -85.17 55.77
N GLU EB 103 -42.62 -86.37 55.94
CA GLU EB 103 -42.15 -87.26 57.00
C GLU EB 103 -40.71 -87.70 56.76
N GLU EB 104 -40.35 -87.96 55.50
CA GLU EB 104 -38.97 -88.31 55.17
C GLU EB 104 -38.00 -87.25 55.68
N ARG EB 105 -38.39 -85.98 55.54
CA ARG EB 105 -37.51 -84.88 55.89
C ARG EB 105 -37.23 -84.84 57.39
N ALA EB 106 -38.30 -84.94 58.20
CA ALA EB 106 -38.13 -84.96 59.65
C ALA EB 106 -37.35 -86.18 60.09
N PHE EB 107 -37.49 -87.29 59.37
CA PHE EB 107 -36.77 -88.51 59.71
C PHE EB 107 -35.27 -88.29 59.60
N VAL EB 108 -34.82 -87.73 58.48
CA VAL EB 108 -33.40 -87.37 58.33
C VAL EB 108 -32.99 -86.30 59.33
N ARG EB 109 -33.95 -85.48 59.77
CA ARG EB 109 -33.63 -84.41 60.72
C ARG EB 109 -33.43 -84.95 62.11
N THR EB 110 -34.37 -85.76 62.61
CA THR EB 110 -34.22 -86.30 63.96
C THR EB 110 -33.11 -87.34 64.01
N GLU EB 111 -32.86 -88.02 62.89
CA GLU EB 111 -31.75 -88.97 62.85
C GLU EB 111 -30.44 -88.27 63.18
N LEU EB 112 -30.23 -87.07 62.65
CA LEU EB 112 -29.02 -86.33 62.96
C LEU EB 112 -28.99 -85.90 64.42
N ALA EB 113 -30.15 -85.51 64.97
CA ALA EB 113 -30.22 -85.11 66.37
C ALA EB 113 -29.91 -86.29 67.28
N ALA EB 114 -30.49 -87.46 66.99
CA ALA EB 114 -30.19 -88.65 67.76
C ALA EB 114 -28.78 -89.16 67.48
N LEU EB 115 -28.31 -89.03 66.23
CA LEU EB 115 -26.96 -89.49 65.89
C LEU EB 115 -25.91 -88.62 66.58
N LEU EB 116 -26.21 -87.34 66.83
CA LEU EB 116 -25.29 -86.49 67.56
C LEU EB 116 -25.21 -86.81 69.04
N ALA EB 117 -26.12 -87.64 69.55
CA ALA EB 117 -26.13 -88.03 70.95
C ALA EB 117 -25.85 -89.50 71.16
N SER EB 118 -25.58 -90.24 70.09
CA SER EB 118 -25.28 -91.65 70.20
C SER EB 118 -23.87 -91.84 70.75
N PRO EB 119 -23.66 -92.83 71.63
CA PRO EB 119 -22.32 -93.10 72.18
C PRO EB 119 -21.18 -93.02 71.17
N LEU EB 120 -21.43 -93.50 69.95
CA LEU EB 120 -20.40 -93.53 68.92
C LEU EB 120 -19.94 -92.12 68.56
N LEU EB 121 -20.88 -91.22 68.28
CA LEU EB 121 -20.51 -89.86 67.89
C LEU EB 121 -19.96 -89.06 69.05
N ILE EB 122 -20.25 -89.44 70.29
CA ILE EB 122 -19.64 -88.76 71.43
C ILE EB 122 -18.13 -88.96 71.43
N ASP EB 123 -17.70 -90.21 71.26
CA ASP EB 123 -16.29 -90.54 71.22
C ASP EB 123 -15.65 -90.17 69.88
N ALA EB 124 -16.45 -89.98 68.83
CA ALA EB 124 -15.91 -89.55 67.54
C ALA EB 124 -15.58 -88.06 67.53
N ILE EB 125 -16.29 -87.26 68.32
CA ILE EB 125 -16.16 -85.81 68.29
C ILE EB 125 -15.34 -85.29 69.46
N ASP EB 126 -15.64 -85.75 70.68
CA ASP EB 126 -15.03 -85.16 71.87
C ASP EB 126 -13.65 -85.75 72.12
N GLN EB 127 -13.48 -87.04 71.87
CA GLN EB 127 -12.17 -87.67 72.00
C GLN EB 127 -11.43 -87.71 70.68
N LEU EB 128 -12.09 -87.32 69.59
CA LEU EB 128 -11.50 -87.23 68.24
C LEU EB 128 -10.80 -88.54 67.88
N ASN EB 129 -11.52 -89.64 68.05
CA ASN EB 129 -11.06 -90.94 67.64
C ASN EB 129 -12.05 -91.54 66.66
N PRO EB 130 -11.60 -92.06 65.51
CA PRO EB 130 -12.55 -92.53 64.50
C PRO EB 130 -13.28 -93.79 64.94
N ALA EB 131 -14.30 -94.13 64.17
CA ALA EB 131 -14.93 -95.44 64.33
C ALA EB 131 -13.97 -96.51 63.84
N TYR EB 132 -13.80 -97.56 64.63
CA TYR EB 132 -12.82 -98.59 64.30
C TYR EB 132 -13.30 -100.01 64.60
N ALA FB 1 -15.10 -94.42 69.31
CA ALA FB 1 -14.89 -95.68 70.00
C ALA FB 1 -15.01 -96.86 69.06
N LYS FB 2 -15.33 -98.03 69.62
CA LYS FB 2 -15.52 -99.23 68.82
C LYS FB 2 -16.80 -99.11 68.00
N LEU FB 3 -16.77 -99.68 66.81
CA LEU FB 3 -17.89 -99.60 65.88
C LEU FB 3 -18.94 -100.62 66.31
N GLU FB 4 -19.83 -100.20 67.21
CA GLU FB 4 -20.85 -101.11 67.74
C GLU FB 4 -22.13 -101.02 66.91
N THR FB 5 -23.13 -101.83 67.28
CA THR FB 5 -24.46 -101.74 66.70
C THR FB 5 -25.25 -100.67 67.45
N VAL FB 6 -25.46 -99.53 66.80
CA VAL FB 6 -26.12 -98.39 67.41
C VAL FB 6 -27.61 -98.45 67.15
N THR FB 7 -28.40 -98.05 68.14
CA THR FB 7 -29.86 -98.04 68.04
C THR FB 7 -30.36 -96.69 68.55
N LEU FB 8 -30.85 -95.86 67.64
CA LEU FB 8 -31.34 -94.54 67.98
C LEU FB 8 -32.83 -94.55 68.31
N GLY FB 9 -33.17 -93.97 69.46
CA GLY FB 9 -34.54 -93.84 69.91
C GLY FB 9 -34.99 -92.39 69.75
N ASN FB 10 -36.29 -92.18 69.96
CA ASN FB 10 -36.92 -90.87 69.80
C ASN FB 10 -36.66 -90.30 68.40
N ILE FB 11 -37.18 -90.99 67.39
CA ILE FB 11 -36.87 -90.68 66.00
C ILE FB 11 -38.19 -90.54 65.25
N GLY FB 12 -38.16 -89.77 64.16
CA GLY FB 12 -39.33 -89.60 63.31
C GLY FB 12 -40.02 -88.27 63.56
N LYS FB 13 -41.00 -87.96 62.72
CA LYS FB 13 -41.77 -86.74 62.92
C LYS FB 13 -42.48 -86.79 64.27
N ASP FB 14 -43.20 -87.90 64.53
CA ASP FB 14 -43.89 -88.04 65.81
C ASP FB 14 -42.89 -88.08 66.96
N GLY FB 15 -41.72 -88.67 66.75
CA GLY FB 15 -40.72 -88.80 67.80
C GLY FB 15 -40.78 -90.07 68.62
N LYS FB 16 -41.65 -91.01 68.25
CA LYS FB 16 -41.82 -92.26 68.98
C LYS FB 16 -41.45 -93.47 68.12
N GLN FB 17 -40.42 -93.33 67.28
CA GLN FB 17 -39.94 -94.42 66.43
C GLN FB 17 -38.52 -94.80 66.85
N THR FB 18 -38.00 -95.85 66.22
CA THR FB 18 -36.66 -96.36 66.52
C THR FB 18 -36.01 -96.82 65.23
N LEU FB 19 -34.68 -96.80 65.22
CA LEU FB 19 -33.90 -97.15 64.04
C LEU FB 19 -32.64 -97.87 64.50
N VAL FB 20 -32.44 -99.08 63.99
CA VAL FB 20 -31.30 -99.92 64.37
C VAL FB 20 -30.30 -99.93 63.22
N LEU FB 21 -29.03 -99.72 63.53
CA LEU FB 21 -27.96 -99.62 62.54
C LEU FB 21 -26.81 -100.54 62.93
N ASN FB 22 -26.67 -101.65 62.19
CA ASN FB 22 -25.59 -102.60 62.40
C ASN FB 22 -24.32 -102.11 61.73
N PRO FB 23 -23.15 -102.48 62.27
CA PRO FB 23 -21.89 -102.03 61.67
C PRO FB 23 -21.68 -102.67 60.31
N ARG FB 24 -21.06 -101.91 59.41
CA ARG FB 24 -20.79 -102.42 58.07
C ARG FB 24 -19.31 -102.27 57.70
N GLY FB 25 -18.44 -102.02 58.68
CA GLY FB 25 -17.01 -102.01 58.47
C GLY FB 25 -16.43 -100.64 58.16
N VAL FB 26 -15.13 -100.67 57.91
CA VAL FB 26 -14.36 -99.47 57.60
C VAL FB 26 -13.93 -99.51 56.13
N ASN FB 27 -13.44 -98.37 55.65
CA ASN FB 27 -12.92 -98.26 54.29
C ASN FB 27 -11.43 -97.99 54.43
N PRO FB 28 -10.58 -99.02 54.41
CA PRO FB 28 -9.15 -98.81 54.71
C PRO FB 28 -8.42 -97.93 53.71
N THR FB 29 -9.02 -97.63 52.57
CA THR FB 29 -8.42 -96.68 51.62
C THR FB 29 -8.90 -95.25 51.88
N ASN FB 30 -10.22 -95.07 51.99
CA ASN FB 30 -10.80 -93.75 52.23
C ASN FB 30 -10.70 -93.33 53.68
N GLY FB 31 -10.46 -94.27 54.59
CA GLY FB 31 -10.43 -93.95 56.01
C GLY FB 31 -11.75 -93.47 56.55
N VAL FB 32 -12.85 -94.05 56.07
CA VAL FB 32 -14.20 -93.65 56.49
C VAL FB 32 -14.95 -94.90 56.92
N ALA FB 33 -15.48 -94.87 58.13
CA ALA FB 33 -16.33 -95.95 58.60
C ALA FB 33 -17.76 -95.77 58.11
N SER FB 34 -18.46 -96.88 57.96
CA SER FB 34 -19.84 -96.86 57.51
C SER FB 34 -20.59 -97.97 58.23
N LEU FB 35 -21.88 -97.72 58.47
CA LEU FB 35 -22.74 -98.72 59.08
C LEU FB 35 -24.17 -98.40 58.66
N SER FB 36 -25.00 -99.44 58.58
CA SER FB 36 -26.28 -99.31 57.90
C SER FB 36 -27.34 -100.11 58.61
N GLN FB 37 -28.58 -99.64 58.48
CA GLN FB 37 -29.75 -100.40 58.93
C GLN FB 37 -29.96 -101.60 58.02
N ALA FB 38 -29.99 -102.79 58.60
CA ALA FB 38 -30.10 -104.04 57.86
C ALA FB 38 -31.47 -104.18 57.20
N GLY FB 39 -31.49 -104.19 55.86
CA GLY FB 39 -32.72 -104.30 55.11
C GLY FB 39 -32.66 -105.49 54.16
N ALA FB 40 -33.83 -105.85 53.63
CA ALA FB 40 -33.91 -107.00 52.72
C ALA FB 40 -32.99 -106.80 51.54
N VAL FB 41 -33.27 -105.80 50.71
CA VAL FB 41 -32.46 -105.48 49.54
C VAL FB 41 -31.43 -104.44 49.99
N PRO FB 42 -30.15 -104.60 49.63
CA PRO FB 42 -29.14 -103.62 50.07
C PRO FB 42 -29.40 -102.20 49.59
N ALA FB 43 -30.12 -102.03 48.47
CA ALA FB 43 -30.33 -100.68 47.95
C ALA FB 43 -31.29 -99.87 48.81
N LEU FB 44 -32.31 -100.52 49.38
CA LEU FB 44 -33.30 -99.80 50.16
C LEU FB 44 -32.74 -99.31 51.50
N GLU FB 45 -31.73 -99.97 52.03
CA GLU FB 45 -31.37 -99.75 53.42
C GLU FB 45 -30.74 -98.38 53.63
N LYS FB 46 -30.98 -97.82 54.82
CA LYS FB 46 -30.38 -96.57 55.23
C LYS FB 46 -28.90 -96.76 55.56
N ARG FB 47 -28.12 -95.68 55.46
CA ARG FB 47 -26.70 -95.77 55.74
C ARG FB 47 -26.20 -94.46 56.32
N VAL FB 48 -25.16 -94.55 57.14
CA VAL FB 48 -24.46 -93.40 57.71
C VAL FB 48 -22.96 -93.69 57.72
N THR FB 49 -22.16 -92.63 57.66
CA THR FB 49 -20.72 -92.74 57.56
C THR FB 49 -20.06 -91.74 58.50
N VAL FB 50 -19.03 -92.19 59.21
CA VAL FB 50 -18.29 -91.36 60.16
C VAL FB 50 -16.82 -91.39 59.76
N SER FB 51 -16.15 -90.24 59.86
CA SER FB 51 -14.73 -90.15 59.52
C SER FB 51 -14.08 -89.06 60.35
N VAL FB 52 -12.90 -89.37 60.91
CA VAL FB 52 -12.09 -88.43 61.69
C VAL FB 52 -10.67 -88.42 61.16
N SER FB 53 -10.03 -87.25 61.21
CA SER FB 53 -8.63 -87.11 60.82
C SER FB 53 -7.76 -87.49 62.01
N GLN FB 54 -7.36 -88.76 62.09
CA GLN FB 54 -6.52 -89.29 63.17
C GLN FB 54 -5.04 -88.91 63.04
N PRO FB 55 -4.38 -89.14 61.90
CA PRO FB 55 -2.91 -88.92 61.81
C PRO FB 55 -2.44 -87.61 62.43
N SER FB 56 -1.47 -87.72 63.34
CA SER FB 56 -0.94 -86.56 64.06
C SER FB 56 0.34 -86.01 63.44
N ARG FB 57 1.10 -86.83 62.72
CA ARG FB 57 2.33 -86.36 62.09
C ARG FB 57 2.15 -85.85 60.67
N ASN FB 58 1.15 -86.33 59.94
CA ASN FB 58 0.94 -85.83 58.57
C ASN FB 58 0.26 -84.45 58.57
N ARG FB 59 -1.05 -84.39 58.79
CA ARG FB 59 -1.75 -83.09 58.83
C ARG FB 59 -2.37 -82.89 60.21
N LYS FB 60 -2.06 -81.75 60.84
CA LYS FB 60 -2.60 -81.42 62.16
C LYS FB 60 -3.69 -80.34 62.17
N ASN FB 61 -4.73 -80.52 61.38
CA ASN FB 61 -5.94 -79.72 61.50
C ASN FB 61 -7.10 -80.70 61.49
N TYR FB 62 -7.83 -80.78 62.59
CA TYR FB 62 -8.80 -81.85 62.72
C TYR FB 62 -10.14 -81.51 62.08
N LYS FB 63 -10.73 -82.53 61.45
CA LYS FB 63 -12.01 -82.43 60.76
C LYS FB 63 -12.75 -83.76 60.92
N VAL FB 64 -14.00 -83.69 61.38
CA VAL FB 64 -14.88 -84.85 61.47
C VAL FB 64 -16.13 -84.55 60.68
N GLN FB 65 -16.61 -85.56 59.94
CA GLN FB 65 -17.74 -85.38 59.05
C GLN FB 65 -18.56 -86.66 59.07
N VAL FB 66 -19.87 -86.50 59.22
CA VAL FB 66 -20.83 -87.60 59.20
C VAL FB 66 -21.82 -87.35 58.07
N LYS FB 67 -22.16 -88.41 57.35
CA LYS FB 67 -23.10 -88.34 56.24
C LYS FB 67 -24.28 -89.26 56.51
N ILE FB 68 -25.46 -88.86 56.06
CA ILE FB 68 -26.66 -89.68 56.13
C ILE FB 68 -27.22 -89.81 54.73
N GLN FB 69 -27.63 -91.03 54.37
CA GLN FB 69 -28.15 -91.32 53.04
C GLN FB 69 -29.34 -92.27 53.21
N ASN FB 70 -30.54 -91.73 53.05
CA ASN FB 70 -31.77 -92.51 53.22
C ASN FB 70 -32.47 -92.60 51.87
N PRO FB 71 -32.41 -93.74 51.20
CA PRO FB 71 -33.11 -93.86 49.93
C PRO FB 71 -34.58 -94.21 50.12
N THR FB 72 -35.30 -94.15 49.00
CA THR FB 72 -36.70 -94.51 48.94
C THR FB 72 -36.92 -95.22 47.61
N ALA FB 73 -37.89 -96.12 47.59
CA ALA FB 73 -38.07 -96.99 46.45
C ALA FB 73 -39.53 -96.96 46.01
N CYS FB 74 -39.77 -97.62 44.89
CA CYS FB 74 -41.11 -97.77 44.35
C CYS FB 74 -41.22 -99.19 43.83
N THR FB 75 -42.41 -99.77 43.97
CA THR FB 75 -42.61 -101.16 43.57
C THR FB 75 -43.24 -101.29 42.19
N ALA FB 76 -44.03 -100.30 41.78
CA ALA FB 76 -44.81 -100.37 40.54
C ALA FB 76 -44.02 -100.10 39.27
N ASN FB 77 -42.88 -99.41 39.34
CA ASN FB 77 -42.26 -98.97 38.09
C ASN FB 77 -41.30 -100.01 37.50
N GLY FB 78 -40.55 -100.72 38.36
CA GLY FB 78 -39.69 -101.76 37.84
C GLY FB 78 -40.41 -103.06 37.58
N SER FB 79 -41.69 -103.12 37.96
CA SER FB 79 -42.58 -104.26 37.75
C SER FB 79 -41.89 -105.58 38.00
N CYS FB 80 -40.93 -105.62 38.94
CA CYS FB 80 -40.28 -106.86 39.36
C CYS FB 80 -39.42 -106.65 40.60
N ASP FB 81 -38.35 -105.89 40.45
CA ASP FB 81 -37.45 -105.55 41.54
C ASP FB 81 -37.62 -104.06 41.79
N PRO FB 82 -38.02 -103.65 42.99
CA PRO FB 82 -38.27 -102.23 43.24
C PRO FB 82 -37.03 -101.40 42.94
N SER FB 83 -37.26 -100.23 42.34
CA SER FB 83 -36.20 -99.32 41.96
C SER FB 83 -36.21 -98.09 42.85
N VAL FB 84 -35.02 -97.55 43.11
CA VAL FB 84 -34.87 -96.36 43.95
C VAL FB 84 -35.19 -95.13 43.10
N THR FB 85 -36.17 -94.34 43.55
CA THR FB 85 -36.63 -93.18 42.82
C THR FB 85 -36.03 -91.88 43.32
N ARG FB 86 -35.87 -91.74 44.63
CA ARG FB 86 -35.33 -90.52 45.22
C ARG FB 86 -34.60 -90.88 46.51
N GLN FB 87 -33.77 -89.94 46.96
CA GLN FB 87 -33.01 -90.11 48.18
C GLN FB 87 -33.18 -88.86 49.04
N ALA FB 88 -32.65 -88.94 50.27
CA ALA FB 88 -32.63 -87.81 51.18
C ALA FB 88 -31.23 -87.78 51.78
N TYR FB 89 -30.58 -86.63 51.72
CA TYR FB 89 -29.16 -86.53 52.02
C TYR FB 89 -28.96 -85.65 53.25
N ALA FB 90 -27.90 -85.98 53.98
CA ALA FB 90 -27.48 -85.18 55.12
C ALA FB 90 -25.98 -85.29 55.20
N ASP FB 91 -25.32 -84.16 55.47
CA ASP FB 91 -23.87 -84.14 55.58
C ASP FB 91 -23.49 -83.03 56.54
N VAL FB 92 -22.73 -83.39 57.58
CA VAL FB 92 -22.21 -82.43 58.53
C VAL FB 92 -20.69 -82.39 58.37
N THR FB 93 -20.10 -81.31 58.86
CA THR FB 93 -18.65 -81.24 58.93
C THR FB 93 -18.26 -80.36 60.10
N PHE FB 94 -17.56 -80.95 61.06
CA PHE FB 94 -16.99 -80.21 62.17
C PHE FB 94 -15.51 -80.02 61.89
N SER FB 95 -14.97 -78.89 62.32
CA SER FB 95 -13.56 -78.61 62.13
C SER FB 95 -13.10 -77.76 63.31
N PHE FB 96 -12.28 -78.35 64.15
CA PHE FB 96 -11.75 -77.67 65.32
C PHE FB 96 -10.27 -77.40 65.13
N THR FB 97 -9.77 -76.44 65.90
CA THR FB 97 -8.37 -76.07 65.80
C THR FB 97 -7.50 -77.17 66.39
N GLN FB 98 -6.22 -77.15 66.01
CA GLN FB 98 -5.26 -78.08 66.58
C GLN FB 98 -5.17 -77.91 68.09
N TYR FB 99 -5.31 -76.66 68.56
CA TYR FB 99 -5.33 -76.32 69.98
C TYR FB 99 -6.75 -76.24 70.58
N SER FB 100 -7.73 -76.92 70.00
CA SER FB 100 -9.09 -76.86 70.50
C SER FB 100 -9.24 -77.65 71.80
N THR FB 101 -10.07 -77.12 72.71
CA THR FB 101 -10.32 -77.72 74.01
C THR FB 101 -11.43 -78.78 73.92
N ASP FB 102 -11.42 -79.70 74.88
CA ASP FB 102 -12.41 -80.77 74.91
C ASP FB 102 -13.84 -80.23 75.03
N GLU FB 103 -14.07 -79.33 75.99
CA GLU FB 103 -15.42 -78.81 76.21
C GLU FB 103 -15.90 -78.02 75.01
N GLU FB 104 -15.00 -77.27 74.35
CA GLU FB 104 -15.39 -76.54 73.14
C GLU FB 104 -16.02 -77.49 72.14
N ARG FB 105 -15.47 -78.69 72.01
CA ARG FB 105 -15.92 -79.65 71.01
C ARG FB 105 -17.33 -80.13 71.31
N ALA FB 106 -17.59 -80.52 72.57
CA ALA FB 106 -18.93 -80.96 72.95
C ALA FB 106 -19.95 -79.84 72.83
N PHE FB 107 -19.53 -78.60 73.09
CA PHE FB 107 -20.45 -77.47 72.98
C PHE FB 107 -20.92 -77.29 71.54
N VAL FB 108 -19.98 -77.30 70.59
CA VAL FB 108 -20.35 -77.24 69.17
C VAL FB 108 -21.17 -78.47 68.78
N ARG FB 109 -20.98 -79.59 69.48
CA ARG FB 109 -21.70 -80.81 69.15
C ARG FB 109 -23.14 -80.76 69.62
N THR FB 110 -23.35 -80.43 70.90
CA THR FB 110 -24.71 -80.39 71.43
C THR FB 110 -25.47 -79.18 70.92
N GLU FB 111 -24.77 -78.11 70.56
CA GLU FB 111 -25.45 -76.95 69.98
C GLU FB 111 -26.20 -77.34 68.73
N LEU FB 112 -25.58 -78.14 67.86
CA LEU FB 112 -26.24 -78.58 66.65
C LEU FB 112 -27.37 -79.55 66.98
N ALA FB 113 -27.16 -80.43 67.98
CA ALA FB 113 -28.21 -81.36 68.37
C ALA FB 113 -29.42 -80.62 68.91
N ALA FB 114 -29.19 -79.61 69.75
CA ALA FB 114 -30.30 -78.79 70.22
C ALA FB 114 -30.84 -77.90 69.11
N LEU FB 115 -29.96 -77.43 68.22
CA LEU FB 115 -30.41 -76.61 67.10
C LEU FB 115 -31.23 -77.41 66.10
N LEU FB 116 -30.98 -78.72 65.99
CA LEU FB 116 -31.79 -79.59 65.14
C LEU FB 116 -33.20 -79.81 65.69
N ALA FB 117 -33.45 -79.43 66.93
CA ALA FB 117 -34.76 -79.57 67.54
C ALA FB 117 -35.40 -78.24 67.89
N SER FB 118 -34.75 -77.13 67.54
CA SER FB 118 -35.30 -75.82 67.84
C SER FB 118 -36.46 -75.51 66.90
N PRO FB 119 -37.54 -74.86 67.41
CA PRO FB 119 -38.68 -74.48 66.55
C PRO FB 119 -38.28 -73.89 65.21
N LEU FB 120 -37.20 -73.09 65.19
CA LEU FB 120 -36.77 -72.46 63.95
C LEU FB 120 -36.36 -73.49 62.91
N LEU FB 121 -35.51 -74.45 63.30
CA LEU FB 121 -35.05 -75.47 62.36
C LEU FB 121 -36.12 -76.49 62.02
N ILE FB 122 -37.17 -76.62 62.85
CA ILE FB 122 -38.28 -77.51 62.50
C ILE FB 122 -38.98 -77.01 61.25
N ASP FB 123 -39.33 -75.72 61.23
CA ASP FB 123 -39.95 -75.13 60.05
C ASP FB 123 -38.96 -74.90 58.92
N ALA FB 124 -37.65 -74.88 59.23
CA ALA FB 124 -36.64 -74.78 58.19
C ALA FB 124 -36.47 -76.08 57.43
N ILE FB 125 -36.74 -77.21 58.08
CA ILE FB 125 -36.47 -78.53 57.50
C ILE FB 125 -37.74 -79.16 56.96
N ASP FB 126 -38.81 -79.18 57.77
CA ASP FB 126 -40.01 -79.91 57.41
C ASP FB 126 -40.95 -79.11 56.52
N GLN FB 127 -41.10 -77.81 56.78
CA GLN FB 127 -41.92 -76.94 55.96
C GLN FB 127 -41.12 -76.18 54.91
N LEU FB 128 -39.79 -76.29 54.97
CA LEU FB 128 -38.88 -75.70 54.00
C LEU FB 128 -39.16 -74.21 53.82
N ASN FB 129 -39.18 -73.49 54.92
CA ASN FB 129 -39.33 -72.05 54.87
C ASN FB 129 -38.13 -71.37 55.54
N PRO FB 130 -37.53 -70.36 54.90
CA PRO FB 130 -36.32 -69.77 55.47
C PRO FB 130 -36.66 -68.95 56.71
N ALA FB 131 -35.62 -68.60 57.44
CA ALA FB 131 -35.77 -67.61 58.49
C ALA FB 131 -35.98 -66.24 57.86
N TYR FB 132 -36.96 -65.51 58.37
CA TYR FB 132 -37.31 -64.22 57.79
C TYR FB 132 -37.68 -63.15 58.82
N ALA GB 1 115.55 0.93 44.75
CA ALA GB 1 115.28 1.01 46.18
C ALA GB 1 113.89 1.57 46.47
N LYS GB 2 113.74 2.13 47.67
CA LYS GB 2 112.49 2.74 48.08
C LYS GB 2 112.31 4.05 47.31
N LEU GB 3 111.06 4.39 47.04
CA LEU GB 3 110.72 5.55 46.22
C LEU GB 3 110.82 6.82 47.07
N GLU GB 4 112.02 7.40 47.16
CA GLU GB 4 112.19 8.62 47.93
C GLU GB 4 112.05 9.84 47.02
N THR GB 5 112.15 11.03 47.61
CA THR GB 5 112.13 12.27 46.84
C THR GB 5 113.53 12.57 46.32
N VAL GB 6 113.73 12.39 45.02
CA VAL GB 6 115.02 12.56 44.38
C VAL GB 6 115.16 14.01 43.92
N THR GB 7 116.37 14.55 44.06
CA THR GB 7 116.69 15.93 43.68
C THR GB 7 117.99 15.90 42.88
N LEU GB 8 117.88 16.18 41.58
CA LEU GB 8 119.05 16.19 40.70
C LEU GB 8 119.66 17.59 40.67
N GLY GB 9 120.96 17.66 40.95
CA GLY GB 9 121.70 18.89 40.91
C GLY GB 9 122.67 18.93 39.73
N ASN GB 10 123.23 20.11 39.50
CA ASN GB 10 124.16 20.37 38.40
C ASN GB 10 123.52 19.93 37.08
N ILE GB 11 122.41 20.57 36.75
CA ILE GB 11 121.54 20.13 35.67
C ILE GB 11 121.26 21.32 34.75
N GLY GB 12 120.91 21.00 33.51
CA GLY GB 12 120.55 22.03 32.55
C GLY GB 12 121.67 22.31 31.56
N LYS GB 13 121.33 23.13 30.55
CA LYS GB 13 122.32 23.55 29.56
C LYS GB 13 123.50 24.22 30.23
N ASP GB 14 123.23 25.20 31.10
CA ASP GB 14 124.30 25.87 31.83
C ASP GB 14 124.99 24.91 32.78
N GLY GB 15 124.23 23.99 33.37
CA GLY GB 15 124.73 23.14 34.42
C GLY GB 15 124.56 23.71 35.80
N LYS GB 16 123.86 24.85 35.90
CA LYS GB 16 123.64 25.53 37.18
C LYS GB 16 122.17 25.55 37.56
N GLN GB 17 121.46 24.49 37.24
CA GLN GB 17 120.05 24.33 37.59
C GLN GB 17 119.88 23.09 38.48
N THR GB 18 118.66 22.92 38.97
CA THR GB 18 118.30 21.79 39.82
C THR GB 18 116.88 21.38 39.50
N LEU GB 19 116.56 20.12 39.79
CA LEU GB 19 115.24 19.58 39.48
C LEU GB 19 114.84 18.62 40.59
N VAL GB 20 113.69 18.89 41.21
CA VAL GB 20 113.18 18.11 42.33
C VAL GB 20 112.01 17.28 41.83
N LEU GB 21 112.04 15.99 42.15
CA LEU GB 21 111.01 15.04 41.69
C LEU GB 21 110.52 14.24 42.90
N ASN GB 22 109.31 14.55 43.35
CA ASN GB 22 108.69 13.83 44.44
C ASN GB 22 108.07 12.53 43.95
N PRO GB 23 108.01 11.51 44.81
CA PRO GB 23 107.42 10.23 44.39
C PRO GB 23 105.92 10.37 44.17
N ARG GB 24 105.41 9.62 43.20
CA ARG GB 24 103.99 9.64 42.91
C ARG GB 24 103.38 8.24 42.88
N GLY GB 25 104.07 7.25 43.47
CA GLY GB 25 103.52 5.92 43.66
C GLY GB 25 103.84 4.96 42.54
N VAL GB 26 103.24 3.78 42.65
CA VAL GB 26 103.44 2.71 41.69
C VAL GB 26 102.16 2.55 40.87
N ASN GB 27 102.26 1.80 39.78
CA ASN GB 27 101.12 1.49 38.92
C ASN GB 27 100.89 -0.01 39.04
N PRO GB 28 100.03 -0.45 39.97
CA PRO GB 28 99.92 -1.90 40.25
C PRO GB 28 99.37 -2.73 39.10
N THR GB 29 98.85 -2.12 38.06
CA THR GB 29 98.42 -2.86 36.87
C THR GB 29 99.56 -2.96 35.87
N ASN GB 30 100.20 -1.83 35.57
CA ASN GB 30 101.33 -1.80 34.65
C ASN GB 30 102.62 -2.28 35.31
N GLY GB 31 102.66 -2.33 36.63
CA GLY GB 31 103.87 -2.69 37.35
C GLY GB 31 105.01 -1.72 37.12
N VAL GB 32 104.71 -0.42 37.02
CA VAL GB 32 105.70 0.61 36.76
C VAL GB 32 105.54 1.70 37.81
N ALA GB 33 106.64 2.06 38.47
CA ALA GB 33 106.64 3.19 39.37
C ALA GB 33 106.78 4.49 38.59
N SER GB 34 106.23 5.55 39.15
CA SER GB 34 106.26 6.85 38.49
C SER GB 34 106.42 7.94 39.54
N LEU GB 35 107.09 9.02 39.16
CA LEU GB 35 107.25 10.18 40.02
C LEU GB 35 107.50 11.40 39.16
N SER GB 36 107.13 12.57 39.68
CA SER GB 36 107.03 13.77 38.86
C SER GB 36 107.49 14.99 39.66
N GLN GB 37 107.99 15.99 38.93
CA GLN GB 37 108.30 17.28 39.51
C GLN GB 37 107.02 18.01 39.91
N ALA GB 38 106.96 18.45 41.17
CA ALA GB 38 105.78 19.10 41.72
C ALA GB 38 105.56 20.45 41.04
N GLY GB 39 104.52 20.54 40.21
CA GLY GB 39 104.22 21.76 39.47
C GLY GB 39 102.80 22.23 39.75
N ALA GB 40 102.54 23.48 39.33
CA ALA GB 40 101.23 24.09 39.57
C ALA GB 40 100.12 23.28 38.92
N VAL GB 41 100.12 23.22 37.59
CA VAL GB 41 99.12 22.47 36.84
C VAL GB 41 99.70 21.08 36.59
N PRO GB 42 98.94 20.01 36.82
CA PRO GB 42 99.49 18.66 36.64
C PRO GB 42 99.95 18.36 35.22
N ALA GB 43 99.36 18.97 34.20
CA ALA GB 43 99.78 18.68 32.83
C ALA GB 43 101.11 19.33 32.51
N LEU GB 44 101.37 20.49 33.08
CA LEU GB 44 102.59 21.23 32.75
C LEU GB 44 103.83 20.57 33.35
N GLU GB 45 103.67 19.80 34.43
CA GLU GB 45 104.81 19.37 35.22
C GLU GB 45 105.61 18.26 34.54
N LYS GB 46 106.90 18.23 34.86
CA LYS GB 46 107.81 17.18 34.39
C LYS GB 46 107.55 15.87 35.14
N ARG GB 47 107.89 14.75 34.50
CA ARG GB 47 107.72 13.44 35.14
C ARG GB 47 108.69 12.43 34.53
N VAL GB 48 109.04 11.42 35.34
CA VAL GB 48 109.87 10.29 34.92
C VAL GB 48 109.31 8.99 35.51
N THR GB 49 109.59 7.87 34.85
CA THR GB 49 109.04 6.57 35.23
C THR GB 49 110.11 5.49 35.16
N VAL GB 50 110.19 4.65 36.20
CA VAL GB 50 111.17 3.57 36.28
C VAL GB 50 110.46 2.24 36.51
N SER GB 51 110.96 1.18 35.86
CA SER GB 51 110.37 -0.16 35.97
C SER GB 51 111.44 -1.22 35.73
N VAL GB 52 111.37 -2.33 36.47
CA VAL GB 52 112.26 -3.47 36.21
C VAL GB 52 111.43 -4.73 35.99
N SER GB 53 112.07 -5.90 36.15
CA SER GB 53 111.41 -7.19 36.01
C SER GB 53 111.60 -7.94 37.33
N GLN GB 54 111.14 -9.19 37.37
CA GLN GB 54 111.20 -9.99 38.58
C GLN GB 54 111.09 -11.46 38.13
N PRO GB 55 111.55 -12.41 39.00
CA PRO GB 55 111.62 -13.81 38.54
C PRO GB 55 110.28 -14.52 38.39
N SER GB 56 109.81 -14.60 37.15
CA SER GB 56 108.58 -15.29 36.83
C SER GB 56 108.91 -16.45 35.87
N ARG GB 57 107.87 -17.14 35.42
CA ARG GB 57 108.04 -18.33 34.59
C ARG GB 57 108.11 -18.05 33.09
N ASN GB 58 107.67 -16.88 32.62
CA ASN GB 58 107.66 -16.68 31.17
C ASN GB 58 109.07 -16.56 30.59
N ARG GB 59 109.70 -15.39 30.70
CA ARG GB 59 111.06 -15.21 30.18
C ARG GB 59 112.05 -14.84 31.26
N LYS GB 60 113.21 -15.51 31.25
CA LYS GB 60 114.24 -15.25 32.25
C LYS GB 60 115.37 -14.35 31.77
N ASN GB 61 115.03 -13.17 31.24
CA ASN GB 61 116.01 -12.12 30.97
C ASN GB 61 115.46 -10.84 31.57
N TYR GB 62 116.32 -10.09 32.23
CA TYR GB 62 115.86 -8.92 32.95
C TYR GB 62 115.80 -7.69 32.05
N LYS GB 63 114.83 -6.82 32.33
CA LYS GB 63 114.64 -5.60 31.57
C LYS GB 63 114.28 -4.47 32.52
N VAL GB 64 115.04 -3.37 32.45
CA VAL GB 64 114.78 -2.15 33.19
C VAL GB 64 114.70 -1.02 32.19
N GLN GB 65 113.73 -0.12 32.40
CA GLN GB 65 113.46 0.94 31.46
C GLN GB 65 113.04 2.19 32.23
N VAL GB 66 113.62 3.33 31.87
CA VAL GB 66 113.24 4.61 32.43
C VAL GB 66 112.77 5.49 31.30
N LYS GB 67 111.71 6.25 31.56
CA LYS GB 67 111.16 7.20 30.60
C LYS GB 67 111.15 8.59 31.22
N ILE GB 68 111.36 9.59 30.36
CA ILE GB 68 111.30 10.99 30.74
C ILE GB 68 110.31 11.69 29.82
N GLN GB 69 109.45 12.53 30.40
CA GLN GB 69 108.47 13.28 29.62
C GLN GB 69 108.40 14.69 30.20
N ASN GB 70 108.98 15.65 29.49
CA ASN GB 70 109.00 17.04 29.92
C ASN GB 70 108.20 17.85 28.89
N PRO GB 71 106.95 18.19 29.18
CA PRO GB 71 106.16 19.00 28.25
C PRO GB 71 106.41 20.49 28.45
N THR GB 72 105.86 21.27 27.53
CA THR GB 72 105.93 22.73 27.56
C THR GB 72 104.59 23.29 27.10
N ALA GB 73 104.24 24.48 27.59
CA ALA GB 73 102.91 25.01 27.35
C ALA GB 73 102.99 26.44 26.82
N CYS GB 74 101.85 26.96 26.39
CA CYS GB 74 101.72 28.35 25.95
C CYS GB 74 100.39 28.84 26.46
N THR GB 75 100.38 30.06 27.03
CA THR GB 75 99.20 30.57 27.71
C THR GB 75 98.43 31.62 26.92
N ALA GB 76 99.10 32.36 26.04
CA ALA GB 76 98.56 33.59 25.46
C ALA GB 76 97.49 33.39 24.38
N ASN GB 77 97.06 32.17 24.07
CA ASN GB 77 96.10 32.06 22.95
C ASN GB 77 94.63 32.10 23.38
N GLY GB 78 94.28 31.45 24.50
CA GLY GB 78 92.90 31.43 24.93
C GLY GB 78 92.60 32.44 26.01
N SER GB 79 93.63 33.16 26.43
CA SER GB 79 93.58 34.13 27.51
C SER GB 79 92.81 33.60 28.71
N CYS GB 80 92.82 32.28 28.91
CA CYS GB 80 92.21 31.72 30.11
C CYS GB 80 93.15 30.75 30.84
N ASP GB 81 93.36 29.58 30.24
CA ASP GB 81 94.19 28.50 30.81
C ASP GB 81 95.16 27.94 29.78
N PRO GB 82 96.46 27.94 30.08
CA PRO GB 82 97.45 27.42 29.13
C PRO GB 82 97.23 25.94 28.81
N SER GB 83 97.47 25.60 27.54
CA SER GB 83 97.38 24.23 27.05
C SER GB 83 98.78 23.77 26.67
N VAL GB 84 99.02 22.46 26.81
CA VAL GB 84 100.33 21.91 26.47
C VAL GB 84 100.42 21.77 24.96
N THR GB 85 101.44 22.40 24.38
CA THR GB 85 101.65 22.45 22.93
C THR GB 85 102.65 21.41 22.43
N ARG GB 86 103.66 21.10 23.24
CA ARG GB 86 104.75 20.22 22.84
C ARG GB 86 105.27 19.46 24.05
N GLN GB 87 105.95 18.34 23.78
CA GLN GB 87 106.58 17.52 24.80
C GLN GB 87 108.01 17.25 24.37
N ALA GB 88 108.77 16.65 25.27
CA ALA GB 88 110.11 16.18 24.97
C ALA GB 88 110.20 14.80 25.58
N TYR GB 89 110.61 13.82 24.80
CA TYR GB 89 110.49 12.43 25.19
C TYR GB 89 111.88 11.82 25.33
N ALA GB 90 112.01 10.92 26.29
CA ALA GB 90 113.23 10.15 26.47
C ALA GB 90 112.85 8.82 27.09
N ASP GB 91 113.45 7.73 26.59
CA ASP GB 91 113.21 6.42 27.17
C ASP GB 91 114.44 5.57 26.90
N VAL GB 92 114.94 4.91 27.94
CA VAL GB 92 116.05 4.00 27.81
C VAL GB 92 115.50 2.60 28.05
N THR GB 93 116.26 1.61 27.63
CA THR GB 93 115.91 0.24 27.96
C THR GB 93 117.20 -0.53 28.12
N PHE GB 94 117.44 -1.01 29.33
CA PHE GB 94 118.57 -1.88 29.61
C PHE GB 94 118.03 -3.30 29.68
N SER GB 95 118.85 -4.24 29.23
CA SER GB 95 118.45 -5.65 29.29
C SER GB 95 119.70 -6.47 29.50
N PHE GB 96 119.82 -7.08 30.66
CA PHE GB 96 120.96 -7.92 30.97
C PHE GB 96 120.53 -9.37 31.03
N THR GB 97 121.49 -10.26 30.84
CA THR GB 97 121.22 -11.68 30.84
C THR GB 97 120.94 -12.19 32.24
N GLN GB 98 120.37 -13.39 32.30
CA GLN GB 98 120.08 -14.03 33.58
C GLN GB 98 121.35 -14.27 34.39
N TYR GB 99 122.47 -14.55 33.72
CA TYR GB 99 123.75 -14.72 34.40
C TYR GB 99 124.56 -13.43 34.50
N SER GB 100 123.92 -12.26 34.40
CA SER GB 100 124.69 -11.02 34.37
C SER GB 100 125.28 -10.70 35.74
N THR GB 101 126.52 -10.19 35.74
CA THR GB 101 127.21 -9.83 36.97
C THR GB 101 126.85 -8.41 37.37
N ASP GB 102 127.01 -8.14 38.67
CA ASP GB 102 126.70 -6.82 39.20
C ASP GB 102 127.58 -5.76 38.57
N GLU GB 103 128.90 -6.00 38.49
CA GLU GB 103 129.80 -4.98 37.97
C GLU GB 103 129.54 -4.67 36.50
N GLU GB 104 129.22 -5.69 35.70
CA GLU GB 104 128.89 -5.46 34.30
C GLU GB 104 127.74 -4.47 34.16
N ARG GB 105 126.77 -4.55 35.07
CA ARG GB 105 125.57 -3.73 34.98
C ARG GB 105 125.90 -2.26 35.17
N ALA GB 106 126.71 -1.95 36.18
CA ALA GB 106 127.10 -0.55 36.44
C ALA GB 106 127.91 0.03 35.29
N PHE GB 107 128.68 -0.81 34.59
CA PHE GB 107 129.51 -0.33 33.49
C PHE GB 107 128.63 0.27 32.39
N VAL GB 108 127.59 -0.47 31.99
CA VAL GB 108 126.63 0.05 31.02
C VAL GB 108 125.90 1.27 31.56
N ARG GB 109 125.81 1.40 32.88
CA ARG GB 109 125.10 2.52 33.48
C ARG GB 109 125.92 3.80 33.39
N THR GB 110 127.19 3.75 33.82
CA THR GB 110 128.02 4.95 33.78
C THR GB 110 128.44 5.29 32.36
N GLU GB 111 128.55 4.28 31.48
CA GLU GB 111 128.84 4.58 30.09
C GLU GB 111 127.77 5.45 29.47
N LEU GB 112 126.49 5.14 29.75
CA LEU GB 112 125.40 5.97 29.24
C LEU GB 112 125.39 7.34 29.91
N ALA GB 113 125.67 7.39 31.21
CA ALA GB 113 125.70 8.67 31.91
C ALA GB 113 126.81 9.56 31.38
N ALA GB 114 128.01 9.02 31.19
CA ALA GB 114 129.11 9.80 30.65
C ALA GB 114 128.92 10.10 29.16
N LEU GB 115 128.31 9.17 28.41
CA LEU GB 115 128.13 9.37 26.99
C LEU GB 115 127.19 10.53 26.65
N LEU GB 116 126.24 10.84 27.53
CA LEU GB 116 125.37 11.99 27.27
C LEU GB 116 126.07 13.33 27.45
N ALA GB 117 127.31 13.34 27.95
CA ALA GB 117 128.05 14.58 28.14
C ALA GB 117 129.27 14.69 27.24
N SER GB 118 129.52 13.71 26.38
CA SER GB 118 130.65 13.67 25.46
C SER GB 118 130.40 14.59 24.26
N PRO GB 119 131.45 15.29 23.78
CA PRO GB 119 131.32 16.15 22.58
C PRO GB 119 130.51 15.56 21.44
N LEU GB 120 130.61 14.25 21.22
CA LEU GB 120 129.86 13.62 20.13
C LEU GB 120 128.36 13.80 20.35
N LEU GB 121 127.89 13.47 21.54
CA LEU GB 121 126.49 13.63 21.88
C LEU GB 121 126.11 15.09 22.09
N ILE GB 122 127.08 15.99 22.23
CA ILE GB 122 126.75 17.40 22.42
C ILE GB 122 125.97 17.93 21.23
N ASP GB 123 126.50 17.74 20.03
CA ASP GB 123 125.76 18.12 18.83
C ASP GB 123 124.70 17.10 18.43
N ALA GB 124 124.77 15.87 18.95
CA ALA GB 124 123.76 14.87 18.61
C ALA GB 124 122.44 15.11 19.32
N ILE GB 125 122.46 15.67 20.53
CA ILE GB 125 121.24 15.86 21.30
C ILE GB 125 120.77 17.30 21.25
N ASP GB 126 121.69 18.25 21.48
CA ASP GB 126 121.29 19.64 21.61
C ASP GB 126 121.19 20.31 20.25
N GLN GB 127 122.14 20.03 19.37
CA GLN GB 127 122.16 20.56 18.02
C GLN GB 127 121.62 19.60 16.99
N LEU GB 128 121.31 18.36 17.39
CA LEU GB 128 120.77 17.34 16.49
C LEU GB 128 121.63 17.21 15.26
N ASN GB 129 122.90 16.94 15.51
CA ASN GB 129 123.89 16.75 14.48
C ASN GB 129 124.40 15.32 14.51
N PRO GB 130 124.35 14.59 13.40
CA PRO GB 130 124.76 13.19 13.44
C PRO GB 130 126.26 13.06 13.60
N ALA GB 131 126.69 11.86 13.96
CA ALA GB 131 128.10 11.54 13.82
C ALA GB 131 128.37 11.34 12.33
N TYR GB 132 129.40 12.01 11.83
CA TYR GB 132 129.68 11.95 10.40
C TYR GB 132 131.18 11.92 10.10
N ALA HB 1 108.52 -55.85 66.32
CA ALA HB 1 108.33 -55.04 67.52
C ALA HB 1 108.30 -53.56 67.17
N LYS HB 2 108.61 -52.72 68.15
CA LYS HB 2 108.65 -51.28 67.95
C LYS HB 2 109.85 -50.94 67.08
N LEU HB 3 109.68 -49.93 66.23
CA LEU HB 3 110.73 -49.55 65.27
C LEU HB 3 111.78 -48.68 65.96
N GLU HB 4 112.74 -49.34 66.60
CA GLU HB 4 113.83 -48.62 67.24
C GLU HB 4 115.01 -48.56 66.27
N THR HB 5 116.09 -47.90 66.69
CA THR HB 5 117.32 -47.87 65.90
C THR HB 5 118.16 -49.12 66.20
N VAL HB 6 118.17 -50.04 65.26
CA VAL HB 6 118.89 -51.31 65.40
C VAL HB 6 120.27 -51.15 64.81
N THR HB 7 121.26 -51.80 65.43
CA THR HB 7 122.66 -51.70 65.03
C THR HB 7 123.24 -53.11 64.93
N LEU HB 8 123.58 -53.52 63.70
CA LEU HB 8 124.14 -54.84 63.46
C LEU HB 8 125.66 -54.80 63.59
N GLY HB 9 126.20 -55.68 64.43
CA GLY HB 9 127.62 -55.80 64.61
C GLY HB 9 128.14 -57.11 64.02
N ASN HB 10 129.46 -57.19 63.93
CA ASN HB 10 130.16 -58.35 63.36
C ASN HB 10 129.60 -58.67 61.97
N ILE HB 11 129.79 -57.71 61.07
CA ILE HB 11 129.17 -57.73 59.75
C ILE HB 11 130.25 -57.51 58.70
N GLY HB 12 130.00 -58.02 57.50
CA GLY HB 12 130.93 -57.83 56.40
C GLY HB 12 131.80 -59.05 56.15
N LYS HB 13 132.55 -58.98 55.06
CA LYS HB 13 133.50 -60.05 54.75
C LYS HB 13 134.49 -60.25 55.89
N ASP HB 14 135.11 -59.15 56.35
CA ASP HB 14 136.08 -59.24 57.44
C ASP HB 14 135.44 -59.76 58.71
N GLY HB 15 134.20 -59.35 58.98
CA GLY HB 15 133.54 -59.64 60.24
C GLY HB 15 133.83 -58.62 61.30
N LYS HB 16 134.53 -57.54 60.95
CA LYS HB 16 134.89 -56.47 61.88
C LYS HB 16 134.25 -55.15 61.50
N GLN HB 17 133.04 -55.18 60.98
CA GLN HB 17 132.31 -53.97 60.64
C GLN HB 17 131.01 -53.90 61.43
N THR HB 18 130.35 -52.75 61.36
CA THR HB 18 129.10 -52.50 62.05
C THR HB 18 128.24 -51.59 61.18
N LEU HB 19 126.94 -51.66 61.38
CA LEU HB 19 125.99 -50.91 60.55
C LEU HB 19 124.83 -50.45 61.42
N VAL HB 20 124.60 -49.13 61.44
CA VAL HB 20 123.56 -48.50 62.24
C VAL HB 20 122.43 -48.06 61.31
N LEU HB 21 121.19 -48.37 61.69
CA LEU HB 21 120.02 -48.11 60.86
C LEU HB 21 118.94 -47.40 61.68
N ASN HB 22 118.71 -46.11 61.40
CA ASN HB 22 117.65 -45.35 62.06
C ASN HB 22 116.30 -45.62 61.40
N PRO HB 23 115.22 -45.55 62.17
CA PRO HB 23 113.88 -45.81 61.60
C PRO HB 23 113.46 -44.70 60.65
N ARG HB 24 112.68 -45.09 59.64
CA ARG HB 24 112.17 -44.14 58.65
C ARG HB 24 110.66 -44.17 58.47
N GLY HB 25 109.92 -44.81 59.38
CA GLY HB 25 108.47 -44.77 59.35
C GLY HB 25 107.84 -45.90 58.56
N VAL HB 26 106.52 -45.85 58.48
CA VAL HB 26 105.75 -46.86 57.78
C VAL HB 26 105.14 -46.25 56.51
N ASN HB 27 104.66 -47.12 55.62
CA ASN HB 27 103.97 -46.73 54.39
C ASN HB 27 102.54 -47.25 54.51
N PRO HB 28 101.59 -46.43 54.98
CA PRO HB 28 100.24 -46.93 55.24
C PRO HB 28 99.50 -47.43 54.01
N THR HB 29 100.04 -47.22 52.81
CA THR HB 29 99.48 -47.79 51.60
C THR HB 29 100.06 -49.18 51.34
N ASN HB 30 101.39 -49.30 51.39
CA ASN HB 30 102.05 -50.58 51.19
C ASN HB 30 102.00 -51.47 52.42
N GLY HB 31 101.74 -50.90 53.60
CA GLY HB 31 101.78 -51.67 54.84
C GLY HB 31 103.16 -52.22 55.12
N VAL HB 32 104.20 -51.47 54.78
CA VAL HB 32 105.59 -51.90 54.94
C VAL HB 32 106.34 -50.82 55.68
N ALA HB 33 107.04 -51.21 56.74
CA ALA HB 33 107.96 -50.30 57.42
C ALA HB 33 109.28 -50.27 56.68
N SER HB 34 109.99 -49.15 56.81
CA SER HB 34 111.26 -48.98 56.13
C SER HB 34 112.20 -48.22 57.06
N LEU HB 35 113.48 -48.53 56.94
CA LEU HB 35 114.50 -47.84 57.72
C LEU HB 35 115.83 -47.95 56.98
N SER HB 36 116.70 -46.97 57.21
CA SER HB 36 117.89 -46.81 56.39
C SER HB 36 119.05 -46.37 57.27
N GLN HB 37 120.26 -46.73 56.85
CA GLN HB 37 121.45 -46.20 57.50
C GLN HB 37 121.60 -44.73 57.14
N ALA HB 38 121.79 -43.89 58.15
CA ALA HB 38 121.87 -42.44 57.96
C ALA HB 38 123.10 -42.05 57.13
N GLY HB 39 122.87 -41.61 55.88
CA GLY HB 39 123.94 -41.23 54.99
C GLY HB 39 123.75 -39.80 54.51
N ALA HB 40 124.81 -39.25 53.92
CA ALA HB 40 124.79 -37.86 53.47
C ALA HB 40 123.69 -37.63 52.44
N VAL HB 41 123.83 -38.25 51.28
CA VAL HB 41 122.86 -38.11 50.20
C VAL HB 41 121.87 -39.27 50.33
N PRO HB 42 120.57 -39.02 50.26
CA PRO HB 42 119.59 -40.13 50.41
C PRO HB 42 119.74 -41.23 49.38
N ALA HB 43 120.27 -40.95 48.19
CA ALA HB 43 120.35 -41.97 47.16
C ALA HB 43 121.44 -43.00 47.47
N LEU HB 44 122.56 -42.55 48.03
CA LEU HB 44 123.68 -43.46 48.27
C LEU HB 44 123.41 -44.41 49.43
N GLU HB 45 122.58 -44.01 50.39
CA GLU HB 45 122.52 -44.71 51.66
C GLU HB 45 121.86 -46.08 51.54
N LYS HB 46 122.28 -46.99 52.41
CA LYS HB 46 121.68 -48.31 52.51
C LYS HB 46 120.32 -48.23 53.18
N ARG HB 47 119.45 -49.19 52.86
CA ARG HB 47 118.14 -49.24 53.47
C ARG HB 47 117.60 -50.67 53.44
N VAL HB 48 116.75 -51.00 54.41
CA VAL HB 48 116.06 -52.28 54.49
C VAL HB 48 114.62 -52.04 54.93
N THR HB 49 113.73 -52.96 54.54
CA THR HB 49 112.29 -52.81 54.76
C THR HB 49 111.69 -54.11 55.29
N VAL HB 50 110.82 -53.99 56.29
CA VAL HB 50 110.18 -55.13 56.96
C VAL HB 50 108.67 -54.97 56.90
N SER HB 51 107.96 -56.09 56.67
CA SER HB 51 106.50 -56.10 56.60
C SER HB 51 105.95 -57.46 57.00
N VAL HB 52 104.84 -57.48 57.74
CA VAL HB 52 104.17 -58.74 58.06
C VAL HB 52 102.71 -58.61 57.62
N SER HB 53 101.86 -59.56 58.03
CA SER HB 53 100.44 -59.56 57.70
C SER HB 53 99.60 -59.63 58.97
N GLN HB 54 98.29 -59.45 58.81
CA GLN HB 54 97.31 -59.47 59.90
C GLN HB 54 96.02 -60.18 59.48
N PRO HB 55 95.14 -60.62 60.44
CA PRO HB 55 94.00 -61.47 60.06
C PRO HB 55 92.89 -60.75 59.30
N SER HB 56 92.85 -60.94 57.97
CA SER HB 56 91.83 -60.36 57.11
C SER HB 56 91.07 -61.49 56.39
N ARG HB 57 90.26 -61.12 55.40
CA ARG HB 57 89.41 -62.09 54.70
C ARG HB 57 90.04 -62.74 53.48
N ASN HB 58 91.06 -62.15 52.87
CA ASN HB 58 91.57 -62.78 51.66
C ASN HB 58 92.29 -64.08 51.99
N ARG HB 59 93.52 -64.01 52.46
CA ARG HB 59 94.22 -65.19 52.91
C ARG HB 59 94.56 -65.05 54.38
N LYS HB 60 94.26 -66.09 55.15
CA LYS HB 60 94.53 -66.08 56.58
C LYS HB 60 95.94 -66.58 56.87
N ASN HB 61 96.54 -67.32 55.93
CA ASN HB 61 97.93 -67.73 56.09
C ASN HB 61 98.84 -66.51 56.04
N TYR HB 62 99.86 -66.52 56.89
CA TYR HB 62 100.78 -65.39 57.03
C TYR HB 62 101.97 -65.45 56.07
N LYS HB 63 102.43 -64.26 55.68
CA LYS HB 63 103.63 -64.05 54.86
C LYS HB 63 104.35 -62.83 55.41
N VAL HB 64 105.65 -62.99 55.70
CA VAL HB 64 106.52 -61.90 56.13
C VAL HB 64 107.73 -61.84 55.21
N GLN HB 65 108.15 -60.63 54.87
CA GLN HB 65 109.24 -60.43 53.93
C GLN HB 65 110.07 -59.23 54.36
N VAL HB 66 111.38 -59.39 54.29
CA VAL HB 66 112.32 -58.30 54.52
C VAL HB 66 113.12 -58.11 53.25
N LYS HB 67 113.40 -56.86 52.91
CA LYS HB 67 114.17 -56.53 51.73
C LYS HB 67 115.43 -55.77 52.15
N ILE HB 68 116.50 -55.98 51.39
CA ILE HB 68 117.75 -55.27 51.57
C ILE HB 68 118.11 -54.63 50.24
N GLN HB 69 118.50 -53.36 50.27
CA GLN HB 69 118.90 -52.65 49.06
C GLN HB 69 120.10 -51.79 49.43
N ASN HB 70 121.28 -52.22 48.99
CA ASN HB 70 122.50 -51.49 49.29
C ASN HB 70 123.06 -50.96 47.97
N PRO HB 71 122.83 -49.70 47.64
CA PRO HB 71 123.39 -49.15 46.40
C PRO HB 71 124.79 -48.60 46.62
N THR HB 72 125.45 -48.31 45.50
CA THR HB 72 126.75 -47.70 45.50
C THR HB 72 126.86 -46.77 44.30
N ALA HB 73 127.70 -45.74 44.43
CA ALA HB 73 127.76 -44.65 43.48
C ALA HB 73 129.22 -44.40 43.09
N CYS HB 74 129.42 -43.48 42.15
CA CYS HB 74 130.77 -43.07 41.77
C CYS HB 74 130.78 -41.57 41.65
N THR HB 75 131.87 -40.95 42.08
CA THR HB 75 131.95 -39.49 42.15
C THR HB 75 132.81 -38.84 41.06
N ALA HB 76 133.86 -39.53 40.58
CA ALA HB 76 134.86 -38.94 39.72
C ALA HB 76 134.46 -38.78 38.26
N ASN HB 77 133.18 -38.93 37.89
CA ASN HB 77 132.86 -38.97 36.46
C ASN HB 77 132.52 -37.61 35.87
N GLY HB 78 131.85 -36.75 36.63
CA GLY HB 78 131.42 -35.46 36.11
C GLY HB 78 131.73 -34.29 37.02
N SER HB 79 132.30 -34.58 38.19
CA SER HB 79 132.64 -33.56 39.18
C SER HB 79 131.47 -32.60 39.41
N CYS HB 80 130.25 -33.13 39.34
CA CYS HB 80 129.05 -32.36 39.60
C CYS HB 80 128.32 -32.89 40.82
N ASP HB 81 127.85 -34.12 40.77
CA ASP HB 81 127.13 -34.77 41.87
C ASP HB 81 127.20 -36.27 41.64
N PRO HB 82 127.74 -37.04 42.59
CA PRO HB 82 127.91 -38.48 42.34
C PRO HB 82 126.59 -39.15 42.01
N SER HB 83 126.64 -40.07 41.05
CA SER HB 83 125.46 -40.79 40.59
C SER HB 83 125.54 -42.26 40.98
N VAL HB 84 124.39 -42.85 41.26
CA VAL HB 84 124.33 -44.25 41.63
C VAL HB 84 124.40 -45.08 40.35
N THR HB 85 125.38 -45.97 40.27
CA THR HB 85 125.64 -46.76 39.09
C THR HB 85 125.04 -48.16 39.17
N ARG HB 86 125.06 -48.75 40.35
CA ARG HB 86 124.65 -50.13 40.56
C ARG HB 86 124.16 -50.31 41.99
N GLN HB 87 123.43 -51.41 42.22
CA GLN HB 87 122.91 -51.77 43.52
C GLN HB 87 123.24 -53.23 43.83
N ALA HB 88 122.87 -53.63 45.03
CA ALA HB 88 122.94 -55.02 45.48
C ALA HB 88 121.61 -55.28 46.17
N TYR HB 89 120.92 -56.34 45.75
CA TYR HB 89 119.53 -56.54 46.15
C TYR HB 89 119.39 -57.81 46.98
N ALA HB 90 118.46 -57.76 47.92
CA ALA HB 90 118.14 -58.92 48.72
C ALA HB 90 116.70 -58.83 49.19
N ASP HB 91 115.99 -59.96 49.15
CA ASP HB 91 114.64 -60.02 49.70
C ASP HB 91 114.35 -61.45 50.13
N VAL HB 92 113.84 -61.62 51.33
CA VAL HB 92 113.44 -62.93 51.82
C VAL HB 92 111.93 -62.93 51.84
N THR HB 93 111.36 -64.13 51.91
CA THR HB 93 109.93 -64.24 52.10
C THR HB 93 109.67 -65.48 52.93
N PHE HB 94 109.13 -65.27 54.11
CA PHE HB 94 108.71 -66.36 54.98
C PHE HB 94 107.21 -66.46 54.86
N SER HB 95 106.70 -67.68 54.92
CA SER HB 95 105.25 -67.89 54.85
C SER HB 95 104.94 -69.12 55.67
N PHE HB 96 104.25 -68.92 56.78
CA PHE HB 96 103.89 -70.03 57.64
C PHE HB 96 102.39 -70.24 57.57
N THR HB 97 101.98 -71.46 57.93
CA THR HB 97 100.58 -71.83 57.91
C THR HB 97 99.85 -71.13 59.05
N GLN HB 98 98.53 -71.10 58.93
CA GLN HB 98 97.71 -70.50 59.97
C GLN HB 98 97.91 -71.20 61.32
N TYR HB 99 98.12 -72.51 61.30
CA TYR HB 99 98.29 -73.27 62.52
C TYR HB 99 99.74 -73.37 62.96
N SER HB 100 100.60 -72.48 62.50
CA SER HB 100 102.01 -72.57 62.83
C SER HB 100 102.31 -72.13 64.25
N THR HB 101 103.20 -72.86 64.91
CA THR HB 101 103.64 -72.56 66.26
C THR HB 101 104.84 -71.62 66.23
N ASP HB 102 105.04 -70.88 67.32
CA ASP HB 102 106.18 -69.97 67.39
C ASP HB 102 107.51 -70.71 67.28
N GLU HB 103 107.63 -71.84 67.97
CA GLU HB 103 108.89 -72.58 67.96
C GLU HB 103 109.24 -73.03 66.54
N GLU HB 104 108.23 -73.46 65.77
CA GLU HB 104 108.44 -73.80 64.37
C GLU HB 104 109.02 -72.62 63.60
N ARG HB 105 108.53 -71.42 63.91
CA ARG HB 105 108.89 -70.21 63.19
C ARG HB 105 110.35 -69.84 63.42
N ALA HB 106 110.81 -69.88 64.68
CA ALA HB 106 112.20 -69.55 64.98
C ALA HB 106 113.16 -70.52 64.32
N PHE HB 107 112.75 -71.77 64.14
CA PHE HB 107 113.63 -72.76 63.52
C PHE HB 107 113.96 -72.36 62.09
N VAL HB 108 112.95 -71.96 61.32
CA VAL HB 108 113.19 -71.49 59.95
C VAL HB 108 114.04 -70.23 59.94
N ARG HB 109 114.01 -69.46 61.02
CA ARG HB 109 114.81 -68.24 61.10
C ARG HB 109 116.27 -68.55 61.33
N THR HB 110 116.56 -69.34 62.37
CA THR HB 110 117.94 -69.64 62.70
C THR HB 110 118.54 -70.59 61.67
N GLU HB 111 117.72 -71.41 61.03
CA GLU HB 111 118.21 -72.20 59.92
C GLU HB 111 118.70 -71.29 58.80
N LEU HB 112 117.93 -70.24 58.48
CA LEU HB 112 118.38 -69.30 57.46
C LEU HB 112 119.54 -68.46 57.95
N ALA HB 113 119.52 -68.05 59.22
CA ALA HB 113 120.60 -67.24 59.77
C ALA HB 113 121.92 -68.02 59.79
N ALA HB 114 121.86 -69.27 60.23
CA ALA HB 114 123.06 -70.11 60.23
C ALA HB 114 123.44 -70.52 58.82
N LEU HB 115 122.44 -70.72 57.94
CA LEU HB 115 122.75 -71.11 56.57
C LEU HB 115 123.45 -69.99 55.82
N LEU HB 116 123.22 -68.73 56.22
CA LEU HB 116 123.93 -67.63 55.58
C LEU HB 116 125.40 -67.62 55.93
N ALA HB 117 125.84 -68.40 56.91
CA ALA HB 117 127.24 -68.45 57.30
C ALA HB 117 127.88 -69.80 57.06
N SER HB 118 127.15 -70.77 56.50
CA SER HB 118 127.71 -72.08 56.25
C SER HB 118 128.63 -72.04 55.03
N PRO HB 119 129.78 -72.74 55.09
CA PRO HB 119 130.73 -72.76 53.97
C PRO HB 119 130.10 -72.88 52.58
N LEU HB 120 129.06 -73.71 52.46
CA LEU HB 120 128.42 -73.91 51.15
C LEU HB 120 127.80 -72.62 50.64
N LEU HB 121 127.01 -71.96 51.47
CA LEU HB 121 126.38 -70.71 51.04
C LEU HB 121 127.38 -69.56 50.98
N ILE HB 122 128.55 -69.73 51.61
CA ILE HB 122 129.59 -68.70 51.52
C ILE HB 122 130.01 -68.50 50.08
N ASP HB 123 130.32 -69.61 49.39
CA ASP HB 123 130.73 -69.54 47.99
C ASP HB 123 129.58 -69.30 47.03
N ALA HB 124 128.34 -69.55 47.45
CA ALA HB 124 127.20 -69.26 46.58
C ALA HB 124 126.89 -67.77 46.54
N ILE HB 125 127.19 -67.05 47.61
CA ILE HB 125 126.82 -65.64 47.74
C ILE HB 125 128.02 -64.74 47.47
N ASP HB 126 129.16 -65.07 48.06
CA ASP HB 126 130.33 -64.22 47.97
C ASP HB 126 131.14 -64.52 46.71
N GLN HB 127 131.29 -65.80 46.39
CA GLN HB 127 132.04 -66.22 45.23
C GLN HB 127 131.16 -66.51 44.02
N LEU HB 128 129.83 -66.57 44.17
CA LEU HB 128 128.90 -66.78 43.06
C LEU HB 128 129.26 -68.00 42.20
N ASN HB 129 129.48 -69.13 42.87
CA ASN HB 129 129.66 -70.40 42.17
C ASN HB 129 128.66 -71.40 42.72
N PRO HB 130 127.95 -72.15 41.87
CA PRO HB 130 126.86 -72.99 42.36
C PRO HB 130 127.33 -74.18 43.17
N ALA HB 131 126.36 -74.77 43.86
CA ALA HB 131 126.52 -76.09 44.42
C ALA HB 131 126.44 -77.12 43.30
N TYR HB 132 127.39 -78.05 43.28
CA TYR HB 132 127.46 -79.04 42.21
C TYR HB 132 127.85 -80.44 42.64
#